data_1XI5
#
_entry.id   1XI5
#
_cell.length_a   1.0
_cell.length_b   1.0
_cell.length_c   1.0
_cell.angle_alpha   90.00
_cell.angle_beta   90.00
_cell.angle_gamma   90.00
#
_symmetry.space_group_name_H-M   'P 1'
#
loop_
_entity.id
_entity.type
_entity.pdbx_description
1 polymer 'Clathrin heavy chain'
2 polymer 'Auxilin J-domain'
#
loop_
_entity_poly.entity_id
_entity_poly.type
_entity_poly.pdbx_seq_one_letter_code
_entity_poly.pdbx_strand_id
1 'polypeptide(L)'
;MAQILPIRFQEHLQLQNLGINPANIGFSTLTMESDKFICIREKVGEQAQVVIIDMNDPSNPIRRPISADSAIMNPASKVI
ALKAGKTLQIFNIEMKSKMKAHTMTDDVTFWKWISLNTVALVTDNAVYHWSMEGESQPVKMFDRHSSLAGCQIINYRTDA
KQKWLLLTGISAQQNRVVGAMQLYSVDRKVSQPIEGHAASFAQFKMEGNAEESTLFCFAVRGQAGGKLHIIEVGTPPTGN
QPFPKKAVDVFFPPEAQNDFPVAMQISEKHDVVFLITKYGYIHLYDLETGTCIYMNRISGETIFVTAPHEATAGIIGVNR
KGQVLSVCVEEENIIPYITNVLQNPDLALRMAVRNNLAGAEELFARKFNALFAQGNYSEAAKVAANAPKGILRTPDTIRR
FQSVPAQPGQTSPLLQYFGILLDQGQLNKYESLELCRPVLQQGRKQLLEKWLKEDKLECSEELGDLVKSVDPTLALSVYL
RANVPNKVIQCFAETGQVQKIVLYAKKVGYTPDWIFLLRNVMRISPDQGQQFAQMLVQDEEPLADITQIVDVFMEYNLIQ
QCTAFLLDALKNNRPSEGPLQTRLLEMNLMHAPQVADAILGNQMFTHYDRAHIAQLCEKAGLLQRALEHFTDLYDIKRAV
VHTHLLNPEWLVNYFGSLSVEDSLECLRAMLSANIRQNLQICVQVASKYHEQLSTQSLIELFESFKSFEGLFYFLGSIVN
FSQDPDVHFKYIQAACKTGQIKEVERICRESNCYDPERVKNFLKEAKLTDQLPLIIVCDRFDFVHDLVLYLYRNNLQKYI
EIYVQKVNPSRLPVVIGGLLDVDCSEDVIKNLILVVRGQFSTDELVAEVEKRNRLKLLLPWLEARIHEGCEEPATHNALA
KIYIDSNNNPERFLRENPYYDSRVVGKYCEKRDPHLACVAYERGQCDLELINVCNENSLFKSLSRYLVRRKDPELWGSVL
LESNPYRRPLIDQVVQTALSETQDPEEVSVTVKAFMTADLPNELIELLEKIVLDNSVFSEHRNLQNLLILTAIKADRTRV
MEYINRLDNYDAPDIANIAISNELFEEAFAIFRKFDVNTSAVQVLIEHIGNLDRAYEFAERCNEPAVWSQLAKAQLQKGM
VKEAIDSYIKADDPSSYMEVVQAANTSGNWEELVKYLQMARKKARESYVETELIFALAKTNRLAELEEFINGPNNAHIQQ
VGDRCYDEKMYDAAKLLYNNVSNFGRLASTLVHLGEYQAAVDGARKANSTRTWKEVCFACVDGKEFRLAQMCGLHIVVHA
DELEELINYYQDRGYFEELITMLEAALGLERAHMGMFTELAILYSKFKPQKMREHLELFWSRVNIPKVLRAAEQAHLWAE
LVFLYDKYEEYDNAIITMMNHPTDAWKEGQFKDIITKVANVELYYRAIQFYLEFKPLLLNDLLMVLSPRLDHTRAVNYFS
KVKQLPLVKPYLRSVQNHNNKSVNESLNNLFITEEDYQALRTSIDAYDNFDNISLAQRLEKHELIEFRRIAAYLFKGNNR
WKQSVELCKKDSLYKDAMQYASESKDTELAEELLQWFLQEEKRECFGACLFTCYDLLRPDVVLETAWRHNIMDFAMPYFI
QVMKEYLTKVDKLDASESLRKEEEQATETQ
;
A,B,C,D,E,F,G,H,I
2 'polypeptide(L)'
;PRTIAEMRKEEMAKEMDPEKLKILEWIEGKERNIRALLSTMHTVLWAGETKWKPVGMADLVTPEQVKKVYRKAVLVVHPD
KATGQPYEQYAKMIFMELNDAWSEFENQGQKPLY
;
J,K,L,M,N,O,P,Q,R
#
# COMPACT_ATOMS: atom_id res chain seq x y z
CA MET A 1 -41.42 -104.00 -24.68
CA ALA A 2 -39.05 -102.17 -22.29
CA GLN A 3 -40.82 -101.66 -19.02
CA ILE A 4 -39.12 -99.18 -16.74
CA LEU A 5 -37.60 -95.93 -17.84
CA PRO A 6 -33.81 -96.20 -17.15
CA ILE A 7 -32.98 -92.53 -17.96
CA ARG A 8 -34.51 -89.09 -17.36
CA PHE A 9 -34.93 -86.80 -20.36
CA GLN A 10 -35.26 -83.19 -19.10
CA GLU A 11 -35.64 -79.84 -20.89
CA HIS A 12 -33.91 -77.20 -18.78
CA LEU A 13 -34.89 -74.18 -20.79
CA GLN A 14 -36.27 -73.23 -24.19
CA LEU A 15 -34.10 -70.54 -25.71
CA GLN A 16 -36.65 -68.80 -27.84
CA ASN A 17 -38.58 -68.15 -24.61
CA LEU A 18 -35.64 -65.86 -23.89
CA GLY A 19 -36.48 -64.29 -27.15
CA ILE A 20 -33.33 -65.50 -28.91
CA ASN A 21 -33.27 -65.34 -32.69
CA PRO A 22 -33.30 -69.00 -33.79
CA ALA A 23 -30.98 -68.00 -36.58
CA ASN A 24 -28.43 -67.70 -33.83
CA ILE A 25 -28.88 -71.11 -32.25
CA GLY A 26 -26.10 -72.86 -34.08
CA PHE A 27 -22.55 -74.20 -33.94
CA SER A 28 -21.01 -70.91 -34.87
CA THR A 29 -23.12 -68.59 -32.84
CA LEU A 30 -23.92 -70.71 -29.82
CA THR A 31 -21.39 -72.26 -27.49
CA MET A 32 -21.67 -74.43 -24.41
CA GLU A 33 -18.21 -75.04 -22.76
CA SER A 34 -19.78 -76.38 -19.59
CA ASP A 35 -23.26 -76.78 -18.09
CA LYS A 36 -22.69 -73.42 -16.37
CA PHE A 37 -23.28 -70.91 -19.19
CA ILE A 38 -24.57 -70.75 -22.71
CA CYS A 39 -23.30 -67.94 -24.86
CA ILE A 40 -24.96 -66.64 -28.03
CA ARG A 41 -23.60 -64.00 -30.40
CA GLU A 42 -26.56 -61.95 -31.85
CA LYS A 43 -26.75 -58.90 -34.13
CA VAL A 44 -29.66 -57.07 -32.57
CA GLY A 45 -30.66 -54.68 -35.26
CA GLU A 46 -27.44 -53.50 -36.81
CA GLN A 47 -25.67 -54.03 -33.49
CA ALA A 48 -23.66 -57.02 -32.35
CA GLN A 49 -23.90 -58.43 -28.87
CA VAL A 50 -23.25 -61.45 -26.72
CA VAL A 51 -25.95 -62.99 -24.67
CA ILE A 52 -24.66 -64.99 -21.72
CA ILE A 53 -27.06 -67.36 -20.10
CA ASP A 54 -26.03 -68.51 -16.67
CA MET A 55 -27.67 -71.82 -16.21
CA ASN A 56 -28.12 -71.01 -12.59
CA ASP A 57 -30.84 -68.43 -13.28
CA PRO A 58 -31.43 -68.88 -16.98
CA SER A 59 -34.43 -66.65 -16.74
CA ASN A 60 -32.10 -63.73 -16.83
CA PRO A 61 -29.48 -63.53 -19.62
CA ILE A 62 -26.58 -60.97 -19.54
CA ARG A 63 -26.26 -59.03 -22.81
CA ARG A 64 -23.24 -56.97 -23.95
CA PRO A 65 -22.45 -55.28 -27.26
CA ILE A 66 -19.43 -57.13 -28.31
CA SER A 67 -18.28 -57.64 -31.85
CA ALA A 68 -16.36 -60.90 -31.90
CA ASP A 69 -15.77 -63.58 -34.49
CA SER A 70 -16.33 -65.88 -31.53
CA ALA A 71 -16.94 -66.01 -27.80
CA ILE A 72 -16.61 -68.86 -25.34
CA MET A 73 -17.17 -68.60 -21.60
CA ASN A 74 -15.06 -70.07 -18.83
CA PRO A 75 -16.23 -73.45 -17.68
CA ALA A 76 -16.75 -71.99 -14.27
CA SER A 77 -16.18 -68.32 -13.84
CA LYS A 78 -17.59 -65.19 -15.39
CA VAL A 79 -14.55 -64.87 -17.63
CA ILE A 80 -15.09 -64.86 -21.41
CA ALA A 81 -12.68 -65.36 -24.27
CA LEU A 82 -13.45 -63.18 -27.27
CA LYS A 83 -11.75 -63.54 -30.60
CA ALA A 84 -11.52 -60.69 -33.07
CA GLY A 85 -10.08 -62.31 -36.15
CA LYS A 86 -6.58 -62.91 -34.79
CA THR A 87 -6.63 -60.91 -31.62
CA LEU A 88 -7.66 -63.15 -28.77
CA GLN A 89 -8.89 -61.45 -25.60
CA ILE A 90 -9.85 -62.92 -22.19
CA PHE A 91 -12.17 -60.47 -20.43
CA ASN A 92 -13.76 -60.58 -17.00
CA ILE A 93 -17.51 -60.22 -17.61
CA GLU A 94 -17.99 -60.13 -13.84
CA MET A 95 -16.05 -56.93 -13.20
CA LYS A 96 -15.78 -55.75 -16.79
CA SER A 97 -11.96 -55.73 -16.65
CA LYS A 98 -9.76 -56.96 -19.50
CA MET A 99 -7.73 -59.88 -18.23
CA LYS A 100 -5.38 -60.61 -21.11
CA ALA A 101 -5.01 -60.63 -24.90
CA HIS A 102 -2.80 -61.86 -27.71
CA THR A 103 -2.69 -61.48 -31.45
CA MET A 104 -2.07 -64.85 -32.88
CA THR A 105 0.22 -65.07 -35.93
CA ASP A 106 -2.23 -67.24 -37.80
CA ASP A 107 -6.00 -67.35 -37.28
CA VAL A 108 -7.39 -69.56 -34.56
CA THR A 109 -9.53 -71.96 -36.43
CA PHE A 110 -11.35 -73.52 -33.46
CA TRP A 111 -10.76 -72.93 -29.75
CA LYS A 112 -12.23 -74.07 -26.45
CA TRP A 113 -11.70 -74.02 -22.73
CA ILE A 114 -10.12 -77.33 -21.73
CA SER A 115 -10.21 -76.42 -18.10
CA LEU A 116 -10.96 -73.88 -15.46
CA ASN A 117 -8.21 -71.69 -16.82
CA THR A 118 -6.72 -72.77 -20.10
CA VAL A 119 -8.03 -72.16 -23.61
CA ALA A 120 -7.02 -74.38 -26.56
CA LEU A 121 -6.31 -72.58 -29.84
CA VAL A 122 -6.41 -74.63 -32.94
CA THR A 123 -4.57 -73.16 -35.82
CA ASP A 124 -4.48 -74.42 -39.30
CA ASN A 125 -1.20 -76.08 -38.35
CA ALA A 126 -1.01 -76.33 -34.60
CA VAL A 127 -2.81 -76.59 -31.29
CA TYR A 128 -1.65 -74.29 -28.45
CA HIS A 129 -2.85 -73.95 -24.87
CA TRP A 130 -3.25 -70.47 -23.36
CA SER A 131 -3.57 -70.06 -19.61
CA MET A 132 -5.82 -67.22 -18.52
CA GLU A 133 -3.27 -66.79 -15.76
CA GLY A 134 -0.46 -64.25 -15.75
CA GLU A 135 1.50 -62.58 -18.49
CA SER A 136 2.04 -65.98 -20.11
CA GLN A 137 1.42 -66.40 -23.82
CA PRO A 138 -0.01 -69.31 -25.95
CA VAL A 139 2.16 -72.47 -25.82
CA LYS A 140 2.26 -74.85 -28.79
CA MET A 141 1.50 -78.44 -27.67
CA PHE A 142 1.79 -80.09 -31.02
CA ASP A 143 1.44 -79.76 -34.76
CA ARG A 144 -1.60 -80.87 -36.62
CA HIS A 145 -1.24 -84.30 -38.10
CA SER A 146 -1.82 -84.50 -41.83
CA SER A 147 -4.79 -86.79 -41.83
CA LEU A 148 -6.69 -83.77 -40.61
CA ALA A 149 -5.70 -81.46 -43.46
CA GLY A 150 -8.63 -79.49 -44.81
CA CYS A 151 -10.92 -80.94 -42.10
CA GLN A 152 -13.71 -79.01 -40.48
CA ILE A 153 -12.41 -79.04 -36.87
CA ILE A 154 -15.31 -79.95 -34.59
CA ASN A 155 -13.73 -80.69 -31.24
CA TYR A 156 -10.65 -80.87 -29.03
CA ARG A 157 -10.38 -82.86 -25.81
CA THR A 158 -7.81 -83.71 -23.17
CA ASP A 159 -7.48 -86.33 -20.48
CA ALA A 160 -7.72 -85.08 -16.88
CA LYS A 161 -3.98 -84.79 -16.67
CA GLN A 162 -3.68 -83.07 -20.05
CA LYS A 163 -1.08 -85.62 -20.97
CA TRP A 164 -3.12 -86.98 -23.95
CA LEU A 165 -4.79 -84.54 -26.33
CA LEU A 166 -7.29 -85.38 -29.07
CA LEU A 167 -8.23 -83.29 -32.09
CA THR A 168 -11.24 -84.12 -34.33
CA GLY A 169 -12.34 -82.90 -37.66
CA ILE A 170 -14.78 -84.22 -40.25
CA SER A 171 -14.79 -84.36 -44.03
CA ALA A 172 -17.42 -85.04 -46.67
CA GLN A 173 -15.37 -87.59 -48.37
CA GLN A 174 -16.95 -89.30 -51.24
CA ASN A 175 -20.52 -88.78 -50.00
CA ARG A 176 -20.00 -89.58 -46.22
CA VAL A 177 -19.09 -87.36 -43.30
CA VAL A 178 -15.85 -88.98 -42.39
CA GLY A 179 -14.25 -88.06 -39.03
CA ALA A 180 -10.54 -87.68 -38.41
CA MET A 181 -8.97 -87.73 -34.98
CA GLN A 182 -5.40 -87.01 -33.94
CA LEU A 183 -4.44 -88.49 -30.58
CA TYR A 184 -1.23 -86.77 -29.37
CA SER A 185 0.88 -88.05 -26.49
CA VAL A 186 2.43 -85.23 -24.49
CA ASP A 187 4.83 -87.21 -22.39
CA ARG A 188 5.88 -89.59 -25.20
CA LYS A 189 5.84 -86.74 -27.74
CA VAL A 190 4.21 -89.06 -30.33
CA SER A 191 0.95 -88.64 -32.18
CA GLN A 192 -1.38 -91.00 -34.05
CA PRO A 193 -4.34 -90.81 -36.38
CA ILE A 194 -7.66 -92.60 -35.65
CA GLU A 195 -10.88 -92.54 -37.67
CA GLY A 196 -13.40 -91.35 -35.17
CA HIS A 197 -16.53 -89.36 -34.91
CA ALA A 198 -16.86 -88.66 -31.22
CA ALA A 199 -14.82 -89.47 -28.11
CA SER A 200 -14.03 -88.62 -24.54
CA PHE A 201 -11.48 -89.71 -21.90
CA ALA A 202 -12.36 -91.09 -18.47
CA GLN A 203 -10.64 -91.96 -15.21
CA PHE A 204 -11.69 -95.42 -14.12
CA LYS A 205 -10.34 -97.40 -11.20
CA MET A 206 -10.65 -101.05 -12.22
CA GLU A 207 -11.83 -103.75 -9.86
CA GLY A 208 -8.79 -104.71 -7.85
CA ASN A 209 -6.41 -101.87 -8.79
CA ALA A 210 -5.47 -98.95 -6.59
CA GLU A 211 -5.08 -96.45 -9.29
CA GLU A 212 -7.47 -95.08 -11.84
CA SER A 213 -6.82 -96.00 -15.37
CA THR A 214 -7.14 -93.26 -17.94
CA LEU A 215 -9.41 -94.44 -20.67
CA PHE A 216 -10.05 -93.00 -24.09
CA CYS A 217 -13.38 -93.87 -25.57
CA PHE A 218 -14.34 -93.08 -29.10
CA ALA A 219 -17.02 -93.95 -31.59
CA VAL A 220 -17.27 -93.97 -35.32
CA ARG A 221 -19.35 -95.17 -38.15
CA GLY A 222 -17.08 -96.57 -40.87
CA GLN A 223 -17.49 -98.98 -43.79
CA ALA A 224 -17.81 -101.78 -41.26
CA GLY A 225 -20.49 -99.89 -39.48
CA GLY A 226 -20.33 -97.99 -36.27
CA LYS A 227 -18.24 -99.15 -33.41
CA LEU A 228 -17.30 -97.86 -30.03
CA HIS A 229 -13.82 -98.43 -28.60
CA ILE A 230 -12.74 -98.06 -24.98
CA ILE A 231 -8.98 -98.35 -24.48
CA GLU A 232 -6.54 -97.49 -21.68
CA VAL A 233 -4.15 -94.79 -22.68
CA GLY A 234 -0.48 -94.83 -21.63
CA THR A 235 1.23 -96.98 -18.96
CA PRO A 236 -0.81 -98.37 -16.10
CA PRO A 237 0.07 -96.99 -12.72
CA THR A 238 2.72 -99.28 -11.37
CA GLY A 239 0.98 -102.21 -9.73
CA ASN A 240 -2.18 -101.91 -11.80
CA GLN A 241 -3.50 -104.71 -13.93
CA PRO A 242 -4.05 -103.28 -17.34
CA PHE A 243 -7.55 -102.51 -18.64
CA PRO A 244 -8.50 -104.82 -21.48
CA LYS A 245 -9.21 -102.70 -24.55
CA LYS A 246 -12.89 -102.99 -25.62
CA ALA A 247 -14.84 -102.67 -28.89
CA VAL A 248 -18.59 -102.78 -29.33
CA ASP A 249 -20.67 -101.88 -32.33
CA VAL A 250 -23.09 -98.98 -32.16
CA PHE A 251 -26.30 -99.72 -33.97
CA PHE A 252 -28.02 -97.54 -36.51
CA PRO A 253 -31.51 -98.37 -37.65
CA PRO A 254 -32.36 -98.37 -41.36
CA GLU A 255 -34.42 -95.24 -40.81
CA ALA A 256 -31.20 -93.79 -39.40
CA GLN A 257 -29.95 -93.65 -42.98
CA ASN A 258 -26.77 -91.71 -42.80
CA ASP A 259 -26.60 -90.97 -39.10
CA PHE A 260 -23.20 -90.97 -37.35
CA PRO A 261 -21.80 -90.16 -33.87
CA VAL A 262 -21.64 -86.54 -32.96
CA ALA A 263 -21.10 -86.18 -29.21
CA MET A 264 -20.00 -88.22 -26.21
CA GLN A 265 -19.78 -87.62 -22.50
CA ILE A 266 -19.12 -90.15 -19.83
CA SER A 267 -20.55 -90.21 -16.35
CA GLU A 268 -17.77 -90.73 -13.89
CA LYS A 269 -20.41 -91.10 -11.24
CA HIS A 270 -22.01 -94.14 -13.00
CA ASP A 271 -19.31 -95.24 -15.50
CA VAL A 272 -21.72 -94.98 -18.36
CA VAL A 273 -20.90 -93.63 -21.80
CA PHE A 274 -23.44 -91.30 -23.35
CA LEU A 275 -23.37 -91.13 -27.14
CA ILE A 276 -25.49 -88.75 -29.26
CA THR A 277 -25.85 -89.20 -33.03
CA LYS A 278 -26.37 -86.62 -35.77
CA TYR A 279 -30.11 -87.39 -36.02
CA GLY A 280 -30.91 -86.98 -32.35
CA TYR A 281 -30.41 -90.56 -31.03
CA ILE A 282 -28.93 -91.38 -27.65
CA HIS A 283 -27.15 -94.53 -26.42
CA LEU A 284 -25.83 -95.46 -23.03
CA TYR A 285 -22.97 -97.95 -22.82
CA ASP A 286 -21.28 -99.44 -19.79
CA LEU A 287 -17.81 -97.86 -19.62
CA GLU A 288 -16.01 -100.90 -18.26
CA THR A 289 -17.42 -103.49 -20.66
CA GLY A 290 -18.86 -101.51 -23.49
CA THR A 291 -22.17 -103.25 -23.07
CA CYS A 292 -25.04 -101.30 -24.62
CA ILE A 293 -27.54 -100.47 -21.91
CA TYR A 294 -30.06 -98.25 -23.67
CA MET A 295 -30.87 -96.53 -26.98
CA ASN A 296 -33.67 -94.23 -28.05
CA ARG A 297 -34.35 -91.08 -29.89
CA ILE A 298 -34.78 -87.88 -27.96
CA SER A 299 -34.50 -85.21 -30.63
CA GLY A 300 -35.36 -84.96 -34.29
CA GLU A 301 -33.29 -81.84 -34.66
CA THR A 302 -29.52 -82.15 -34.10
CA ILE A 303 -27.99 -81.56 -30.66
CA PHE A 304 -25.08 -79.47 -31.96
CA VAL A 305 -23.31 -78.92 -28.68
CA THR A 306 -23.06 -80.74 -25.37
CA ALA A 307 -21.27 -81.01 -22.08
CA PRO A 308 -21.26 -83.13 -19.12
CA HIS A 309 -24.14 -82.34 -16.73
CA GLU A 310 -22.56 -82.20 -13.34
CA ALA A 311 -25.72 -82.19 -11.28
CA THR A 312 -26.88 -85.46 -12.67
CA ALA A 313 -23.68 -86.92 -14.01
CA GLY A 314 -25.33 -87.03 -17.40
CA ILE A 315 -25.20 -85.13 -20.62
CA ILE A 316 -26.75 -81.71 -21.51
CA GLY A 317 -26.88 -80.16 -24.96
CA VAL A 318 -28.78 -77.73 -27.16
CA ASN A 319 -30.49 -78.51 -30.44
CA ARG A 320 -31.65 -76.42 -33.38
CA LYS A 321 -35.05 -75.55 -31.88
CA GLY A 322 -33.36 -73.97 -28.90
CA GLN A 323 -34.09 -76.77 -26.53
CA VAL A 324 -31.52 -77.18 -23.82
CA LEU A 325 -31.96 -80.95 -23.20
CA SER A 326 -30.36 -83.32 -20.83
CA VAL A 327 -30.24 -87.12 -20.27
CA CYS A 328 -28.98 -89.10 -17.31
CA VAL A 329 -29.24 -92.47 -15.53
CA GLU A 330 -32.27 -92.71 -13.26
CA GLU A 331 -30.38 -94.13 -10.29
CA GLU A 332 -33.42 -95.82 -8.99
CA ASN A 333 -34.49 -97.54 -12.23
CA ILE A 334 -31.28 -98.67 -13.92
CA ILE A 335 -30.31 -101.73 -11.88
CA PRO A 336 -33.98 -102.99 -12.18
CA TYR A 337 -33.94 -102.15 -15.89
CA ILE A 338 -30.71 -104.13 -16.54
CA THR A 339 -32.12 -107.07 -14.56
CA ASN A 340 -35.65 -107.16 -16.02
CA VAL A 341 -35.57 -105.49 -19.43
CA LEU A 342 -31.91 -106.34 -20.30
CA GLN A 343 -32.28 -109.58 -18.43
CA ASN A 344 -28.66 -109.25 -17.50
CA PRO A 345 -28.49 -109.71 -13.70
CA ASP A 346 -24.79 -110.11 -13.79
CA LEU A 347 -24.21 -106.68 -15.35
CA ALA A 348 -26.88 -105.46 -12.92
CA LEU A 349 -25.18 -106.70 -9.76
CA ARG A 350 -21.80 -105.48 -10.92
CA MET A 351 -23.00 -102.08 -11.89
CA ALA A 352 -25.00 -102.02 -8.59
CA VAL A 353 -22.11 -102.80 -6.27
CA ARG A 354 -19.60 -100.91 -8.40
CA ASN A 355 -21.75 -97.82 -8.20
CA ASN A 356 -23.66 -98.33 -5.03
CA LEU A 357 -26.94 -98.16 -6.87
CA ALA A 358 -30.14 -99.84 -5.71
CA GLY A 359 -32.54 -102.37 -7.12
CA ALA A 360 -30.64 -105.61 -6.79
CA GLU A 361 -31.51 -106.34 -3.17
CA GLU A 362 -33.15 -109.71 -3.90
CA LEU A 363 -30.26 -110.87 -6.01
CA PHE A 364 -27.85 -109.97 -3.22
CA ALA A 365 -29.72 -111.75 -0.46
CA ARG A 366 -30.01 -114.71 -2.83
CA LYS A 367 -26.26 -114.60 -3.53
CA PHE A 368 -25.43 -114.29 0.17
CA ASN A 369 -27.78 -117.07 1.14
CA ALA A 370 -26.32 -119.21 -1.61
CA LEU A 371 -22.74 -118.81 -0.50
CA PHE A 372 -23.85 -119.49 3.10
CA ALA A 373 -24.83 -123.08 2.27
CA GLN A 374 -21.65 -123.83 0.43
CA GLY A 375 -20.47 -122.48 3.75
CA ASN A 376 -18.11 -120.03 2.10
CA TYR A 377 -18.71 -117.68 4.95
CA SER A 378 -15.88 -115.63 3.58
CA GLU A 379 -17.39 -115.08 0.18
CA ALA A 380 -20.78 -114.65 1.82
CA ALA A 381 -19.40 -111.83 4.00
CA LYS A 382 -17.72 -110.10 1.09
CA VAL A 383 -21.18 -109.89 -0.47
CA ALA A 384 -22.85 -108.48 2.65
CA ALA A 385 -20.00 -106.04 3.16
CA ASN A 386 -20.18 -104.70 -0.39
CA ALA A 387 -23.80 -105.00 -1.46
CA PRO A 388 -25.19 -101.39 -1.87
CA LYS A 389 -27.11 -99.15 0.45
CA GLY A 390 -26.20 -101.37 3.40
CA ILE A 391 -28.78 -103.88 2.48
CA LEU A 392 -26.98 -106.84 4.26
CA ARG A 393 -24.97 -104.95 6.91
CA THR A 394 -27.65 -105.93 9.33
CA PRO A 395 -27.91 -107.21 12.93
CA ASP A 396 -29.58 -110.18 11.50
CA THR A 397 -26.60 -110.64 9.23
CA ILE A 398 -24.37 -110.59 12.32
CA ARG A 399 -26.80 -113.06 14.06
CA ARG A 400 -26.39 -115.31 11.05
CA PHE A 401 -22.61 -115.45 11.25
CA GLN A 402 -22.79 -115.57 15.02
CA SER A 403 -24.78 -118.81 14.76
CA VAL A 404 -22.30 -121.03 12.96
CA PRO A 405 -19.80 -122.74 15.23
CA ALA A 406 -16.07 -122.25 15.08
CA GLN A 407 -14.82 -125.75 14.19
CA PRO A 408 -11.29 -126.18 15.62
CA GLY A 409 -8.63 -124.43 13.54
CA GLN A 410 -9.55 -121.48 11.26
CA THR A 411 -11.25 -118.21 12.25
CA SER A 412 -14.98 -117.79 13.07
CA PRO A 413 -17.29 -116.77 10.25
CA LEU A 414 -18.24 -113.78 12.37
CA LEU A 415 -14.75 -112.71 13.17
CA GLN A 416 -14.12 -113.33 9.49
CA TYR A 417 -16.97 -110.99 8.48
CA PHE A 418 -15.87 -108.35 11.01
CA GLY A 419 -12.47 -108.71 9.46
CA ILE A 420 -13.81 -107.75 6.06
CA LEU A 421 -15.69 -104.85 7.50
CA LEU A 422 -12.70 -103.55 9.49
CA ASP A 423 -10.76 -103.64 6.24
CA GLN A 424 -13.55 -102.15 4.24
CA GLY A 425 -13.71 -99.34 6.75
CA GLN A 426 -15.42 -98.15 9.91
CA LEU A 427 -18.04 -100.21 11.81
CA ASN A 428 -21.40 -98.81 13.12
CA LYS A 429 -22.73 -98.68 16.60
CA TYR A 430 -24.21 -102.19 16.63
CA GLU A 431 -21.24 -103.77 14.90
CA SER A 432 -18.75 -102.10 17.15
CA LEU A 433 -20.70 -103.33 20.17
CA GLU A 434 -20.88 -106.90 18.83
CA LEU A 435 -17.21 -106.82 17.93
CA CYS A 436 -16.11 -105.42 21.27
CA ARG A 437 -18.31 -107.26 23.74
CA PRO A 438 -16.38 -110.59 23.62
CA VAL A 439 -12.86 -109.04 23.26
CA LEU A 440 -13.57 -106.92 26.32
CA GLN A 441 -14.33 -110.09 28.26
CA GLN A 442 -11.17 -111.73 26.93
CA GLY A 443 -9.14 -109.02 28.71
CA ARG A 444 -8.01 -107.78 25.36
CA LYS A 445 -7.54 -104.05 26.04
CA GLN A 446 -4.74 -103.41 23.68
CA LEU A 447 -6.86 -104.68 20.74
CA LEU A 448 -9.80 -102.40 21.30
CA GLU A 449 -7.22 -99.65 21.92
CA LYS A 450 -5.87 -100.06 18.41
CA TRP A 451 -9.29 -100.38 16.83
CA LEU A 452 -10.10 -97.09 18.61
CA LYS A 453 -6.94 -95.22 17.59
CA GLU A 454 -7.04 -96.40 14.03
CA ASP A 455 -10.49 -94.89 14.37
CA LYS A 456 -12.37 -98.06 13.34
CA LEU A 457 -15.19 -98.08 15.96
CA GLU A 458 -18.15 -95.75 16.10
CA CYS A 459 -17.68 -95.93 18.93
CA SER A 460 -20.88 -95.78 20.96
CA GLU A 461 -21.88 -95.45 24.63
CA GLU A 462 -22.85 -99.12 24.49
CA LEU A 463 -19.65 -100.49 22.94
CA GLY A 464 -18.08 -98.53 25.75
CA ASP A 465 -20.28 -100.04 28.45
CA LEU A 466 -19.24 -103.43 27.07
CA VAL A 467 -15.59 -102.55 27.35
CA LYS A 468 -16.10 -101.05 30.81
CA SER A 469 -17.02 -104.62 31.79
CA VAL A 470 -13.45 -105.55 30.97
CA ASP A 471 -11.43 -102.36 30.92
CA PRO A 472 -13.12 -99.42 32.59
CA THR A 473 -9.99 -97.54 31.47
CA LEU A 474 -10.35 -98.64 27.81
CA ALA A 475 -13.96 -97.38 28.07
CA LEU A 476 -13.18 -93.66 28.52
CA SER A 477 -11.38 -93.99 25.25
CA VAL A 478 -14.52 -95.10 23.33
CA TYR A 479 -16.79 -92.82 25.29
CA LEU A 480 -14.54 -89.86 24.71
CA ARG A 481 -15.09 -90.83 21.03
CA ALA A 482 -18.66 -91.79 21.49
CA ASN A 483 -21.69 -90.07 23.38
CA VAL A 484 -19.68 -86.63 25.47
CA PRO A 485 -22.93 -91.61 27.52
CA ASN A 486 -21.03 -89.72 30.16
CA LYS A 487 -23.23 -90.75 33.01
CA VAL A 488 -22.95 -94.38 32.09
CA ILE A 489 -19.18 -94.29 31.82
CA GLN A 490 -18.72 -92.73 35.21
CA CYS A 491 -21.13 -95.14 36.68
CA PHE A 492 -19.65 -98.58 36.42
CA ALA A 493 -16.33 -96.90 36.24
CA GLU A 494 -15.91 -96.75 39.91
CA THR A 495 -12.71 -98.25 38.72
CA GLY A 496 -11.03 -96.54 35.83
CA GLN A 497 -8.38 -94.02 35.03
CA VAL A 498 -8.43 -90.89 37.10
CA GLN A 499 -7.65 -88.60 34.22
CA LYS A 500 -10.59 -89.76 32.16
CA ILE A 501 -12.86 -89.54 35.14
CA VAL A 502 -11.98 -85.96 35.86
CA LEU A 503 -12.90 -84.93 32.34
CA TYR A 504 -16.08 -86.95 31.93
CA ALA A 505 -17.53 -86.46 35.38
CA LYS A 506 -18.22 -82.82 34.58
CA LYS A 507 -20.17 -83.83 31.50
CA VAL A 508 -22.41 -86.14 33.51
CA GLY A 509 -23.89 -86.31 32.81
CA TYR A 510 -24.35 -87.51 35.06
CA THR A 511 -23.22 -85.94 38.27
CA PRO A 512 -23.56 -89.00 40.48
CA ASP A 513 -20.80 -90.58 38.45
CA TRP A 514 -18.53 -88.05 40.07
CA ILE A 515 -19.47 -89.25 43.52
CA PHE A 516 -18.90 -92.77 42.35
CA LEU A 517 -15.56 -91.74 40.92
CA LEU A 518 -14.48 -90.21 44.17
CA ARG A 519 -15.21 -93.42 45.95
CA ASN A 520 -13.02 -95.28 43.53
CA VAL A 521 -10.22 -92.84 43.92
CA MET A 522 -10.69 -92.99 47.63
CA ARG A 523 -7.53 -97.25 47.87
CA ILE A 524 -7.23 -97.33 44.14
CA SER A 525 -4.58 -96.84 41.52
CA PRO A 526 -4.57 -93.28 42.63
CA ASP A 527 -3.08 -92.72 46.02
CA GLN A 528 -2.01 -89.90 48.26
CA GLY A 529 0.62 -87.54 47.02
CA GLN A 530 0.24 -86.06 43.61
CA GLN A 531 -2.00 -88.46 41.80
CA PHE A 532 -5.44 -88.62 40.38
CA ALA A 533 -6.78 -88.78 43.90
CA GLN A 534 -6.69 -85.11 44.78
CA MET A 535 -6.30 -83.80 41.28
CA LEU A 536 -9.48 -85.57 40.34
CA VAL A 537 -11.31 -83.61 42.96
CA GLN A 538 -10.08 -80.42 41.37
CA ASP A 539 -11.66 -80.98 37.98
CA GLU A 540 -14.73 -82.23 39.78
CA GLU A 541 -14.89 -78.93 41.57
CA PRO A 542 -18.98 -78.90 41.47
CA LEU A 543 -19.95 -81.86 42.88
CA ALA A 544 -21.60 -85.08 43.90
CA ASP A 545 -21.47 -86.45 46.78
CA ILE A 546 -18.83 -84.58 48.77
CA THR A 547 -19.35 -86.97 51.64
CA GLN A 548 -18.99 -89.84 49.20
CA ILE A 549 -15.64 -88.69 47.97
CA VAL A 550 -14.29 -88.28 51.47
CA ASP A 551 -15.83 -91.52 52.62
CA VAL A 552 -13.91 -93.33 49.96
CA PHE A 553 -10.67 -91.65 50.94
CA MET A 554 -11.14 -92.36 54.62
CA GLU A 555 -11.68 -96.09 54.30
CA TYR A 556 -8.59 -96.28 52.18
CA ASN A 557 -6.81 -94.35 54.93
CA LEU A 558 -5.86 -91.98 52.13
CA ILE A 559 -6.65 -89.19 54.60
CA GLN A 560 -3.30 -87.51 54.14
CA GLN A 561 -4.00 -87.23 50.42
CA CYS A 562 -7.60 -86.29 50.96
CA THR A 563 -6.58 -83.33 53.03
CA ALA A 564 -4.01 -82.38 50.40
CA PHE A 565 -6.53 -82.23 47.59
CA LEU A 566 -9.02 -80.34 49.66
CA LEU A 567 -6.46 -77.61 49.88
CA ASP A 568 -6.61 -77.42 46.10
CA ALA A 569 -10.38 -77.38 46.19
CA LEU A 570 -10.59 -74.17 48.16
CA LYS A 571 -8.71 -72.41 45.41
CA ASN A 572 -11.33 -73.21 42.85
CA ASN A 573 -13.61 -70.35 43.68
CA ARG A 574 -16.65 -71.71 41.93
CA PRO A 575 -15.98 -75.25 42.88
CA SER A 576 -15.67 -74.25 46.49
CA GLU A 577 -18.46 -75.31 48.75
CA GLY A 578 -19.03 -73.56 54.39
CA PRO A 579 -20.35 -77.02 54.76
CA LEU A 580 -17.49 -78.25 52.64
CA GLN A 581 -14.92 -77.09 55.14
CA THR A 582 -16.97 -78.37 58.01
CA ARG A 583 -17.33 -81.81 56.50
CA LEU A 584 -13.70 -82.01 55.49
CA LEU A 585 -12.37 -81.40 58.93
CA GLU A 586 -14.84 -83.82 60.43
CA MET A 587 -13.77 -86.48 58.00
CA ASN A 588 -10.17 -85.65 58.64
CA LEU A 589 -10.57 -86.16 62.32
CA MET A 590 -11.66 -89.76 62.02
CA HIS A 591 -9.86 -90.33 58.73
CA ALA A 592 -6.50 -88.74 59.37
CA PRO A 593 -5.90 -86.59 62.34
CA GLN A 594 -2.56 -85.36 61.09
CA VAL A 595 -4.34 -83.37 58.43
CA ALA A 596 -6.95 -82.18 60.88
CA ASP A 597 -4.77 -79.59 62.54
CA ALA A 598 -3.32 -78.16 59.35
CA ILE A 599 -6.78 -77.68 57.94
CA LEU A 600 -7.65 -75.81 61.07
CA GLY A 601 -4.89 -73.45 60.35
CA ASN A 602 -5.66 -73.16 56.68
CA GLN A 603 -9.34 -72.45 56.73
CA MET A 604 -10.95 -74.49 59.37
CA PHE A 605 -10.96 -71.52 61.58
CA THR A 606 -12.71 -68.93 59.46
CA HIS A 607 -15.14 -70.90 57.39
CA TYR A 608 -16.19 -73.86 59.40
CA ASP A 609 -19.08 -74.77 61.65
CA ARG A 610 -16.91 -74.47 64.73
CA ALA A 611 -19.34 -76.04 67.12
CA HIS A 612 -19.67 -79.13 64.99
CA ILE A 613 -15.96 -79.57 64.54
CA ALA A 614 -15.29 -79.33 68.22
CA GLN A 615 -17.67 -82.10 69.10
CA LEU A 616 -15.98 -84.22 66.50
CA CYS A 617 -12.53 -83.44 67.88
CA GLU A 618 -13.67 -84.27 71.37
CA LYS A 619 -14.62 -87.73 70.28
CA ALA A 620 -11.41 -87.66 68.28
CA GLY A 621 -9.13 -87.11 71.26
CA LEU A 622 -7.71 -84.27 69.19
CA LEU A 623 -7.37 -82.14 72.33
CA GLN A 624 -4.24 -80.36 71.12
CA ARG A 625 -6.34 -79.06 68.22
CA ALA A 626 -9.44 -78.74 70.40
CA LEU A 627 -7.64 -76.11 72.40
CA GLU A 628 -6.89 -74.31 69.17
CA HIS A 629 -10.55 -74.21 68.22
CA PHE A 630 -11.61 -73.23 71.68
CA THR A 631 -9.08 -70.48 71.72
CA ASP A 632 -10.25 -69.06 68.39
CA LEU A 633 -13.83 -69.76 69.41
CA TYR A 634 -12.93 -67.46 72.28
CA ASP A 635 -14.22 -70.09 74.58
CA ILE A 636 -11.13 -69.70 76.72
CA LYS A 637 -12.56 -71.34 79.79
CA ARG A 638 -12.99 -74.49 77.77
CA ALA A 639 -9.52 -74.32 76.34
CA VAL A 640 -8.04 -74.14 79.80
CA VAL A 641 -10.21 -76.89 81.19
CA HIS A 642 -9.16 -79.12 78.32
CA THR A 643 -5.55 -78.18 78.78
CA HIS A 644 -5.93 -79.26 82.36
CA LEU A 645 -6.80 -82.81 81.45
CA LEU A 646 -4.03 -83.09 78.91
CA ASN A 647 -1.12 -80.75 79.31
CA PRO A 648 -1.24 -77.66 77.27
CA GLU A 649 1.65 -75.70 75.93
CA TRP A 650 3.43 -73.48 78.41
CA LEU A 651 3.16 -70.21 76.53
CA VAL A 652 -0.50 -70.63 75.68
CA ASN A 653 -1.41 -71.34 79.25
CA TYR A 654 -0.22 -67.95 80.37
CA PHE A 655 -2.11 -66.07 77.71
CA GLY A 656 -5.36 -68.00 77.77
CA SER A 657 -5.79 -68.23 81.51
CA LEU A 658 -6.06 -64.49 81.85
CA SER A 659 -8.48 -64.45 78.97
CA VAL A 660 -10.67 -66.64 81.10
CA GLU A 661 -12.60 -63.71 82.45
CA ASP A 662 -15.52 -65.96 83.04
CA SER A 663 -14.19 -68.18 85.74
CA LEU A 664 -11.98 -66.84 88.48
CA GLU A 665 -12.05 -70.27 90.08
CA CYS A 666 -10.16 -71.66 87.16
CA LEU A 667 -7.22 -69.67 88.39
CA ARG A 668 -7.29 -71.39 91.74
CA ALA A 669 -7.83 -74.69 90.04
CA MET A 670 -4.87 -74.00 87.81
CA LEU A 671 -2.57 -73.16 90.66
CA SER A 672 -3.29 -76.48 92.24
CA ALA A 673 -2.55 -78.27 89.02
CA ASN A 674 0.53 -76.19 88.47
CA ILE A 675 1.83 -76.91 91.91
CA ARG A 676 2.04 -80.52 90.97
CA GLN A 677 3.23 -80.74 87.41
CA ASN A 678 5.79 -78.01 87.75
CA LEU A 679 6.99 -75.76 90.56
CA GLN A 680 8.73 -73.40 88.21
CA ILE A 681 5.70 -72.86 86.07
CA CYS A 682 3.65 -71.99 89.11
CA VAL A 683 5.77 -69.06 90.13
CA GLN A 684 5.62 -67.50 86.70
CA VAL A 685 1.96 -68.33 86.31
CA ALA A 686 1.21 -66.92 89.72
CA SER A 687 2.31 -63.50 88.63
CA LYS A 688 -0.30 -63.12 85.87
CA TYR A 689 -1.96 -63.19 88.12
CA HIS A 690 -4.29 -63.57 90.90
CA GLU A 691 -8.12 -62.76 90.87
CA GLN A 692 -7.87 -63.76 94.31
CA LEU A 693 -8.54 -64.41 98.00
CA SER A 694 -8.49 -68.11 97.72
CA THR A 695 -6.84 -66.91 100.34
CA GLN A 696 -6.51 -69.93 102.64
CA SER A 697 -7.36 -72.39 99.92
CA LEU A 698 -4.81 -70.73 97.72
CA ILE A 699 -2.06 -71.18 100.26
CA GLU A 700 -3.18 -74.66 101.19
CA LEU A 701 -2.79 -75.58 97.54
CA PHE A 702 0.71 -74.14 97.48
CA GLU A 703 1.77 -76.19 100.45
CA SER A 704 0.61 -79.53 99.08
CA PHE A 705 2.57 -78.82 95.91
CA LYS A 706 5.40 -78.18 98.31
CA SER A 707 6.04 -74.95 96.58
CA PHE A 708 6.73 -73.18 99.83
CA GLU A 709 9.33 -71.02 98.17
CA GLY A 710 7.02 -69.86 95.42
CA LEU A 711 4.09 -69.18 97.69
CA PHE A 712 6.30 -66.94 99.75
CA TYR A 713 7.62 -65.21 96.66
CA PHE A 714 4.12 -64.59 95.30
CA LEU A 715 2.89 -63.01 98.49
CA GLY A 716 5.97 -60.85 98.35
CA SER A 717 4.74 -59.32 95.12
CA ILE A 718 1.16 -58.93 96.25
CA VAL A 719 2.17 -56.97 99.31
CA ASN A 720 3.54 -54.26 97.08
CA PHE A 721 0.08 -53.50 95.87
CA SER A 722 -2.78 -52.91 98.25
CA GLN A 723 -3.52 -56.04 100.17
CA ASP A 724 -3.21 -56.66 102.30
CA PRO A 725 -1.67 -57.74 105.50
CA ASP A 726 -2.45 -61.31 104.61
CA VAL A 727 0.21 -61.20 101.97
CA HIS A 728 2.92 -59.77 104.21
CA PHE A 729 1.85 -62.30 106.80
CA LYS A 730 2.20 -65.21 104.41
CA TYR A 731 5.48 -63.97 102.96
CA ILE A 732 7.25 -63.86 106.27
CA GLN A 733 5.96 -67.28 107.22
CA ALA A 734 7.20 -68.77 103.98
CA ALA A 735 10.43 -66.89 104.30
CA CYS A 736 11.10 -68.45 107.64
CA LYS A 737 11.06 -72.00 106.37
CA THR A 738 12.05 -71.14 102.80
CA GLY A 739 14.77 -68.54 103.31
CA GLN A 740 15.73 -67.47 106.79
CA ILE A 741 18.06 -64.75 105.59
CA LYS A 742 15.17 -62.95 103.93
CA GLU A 743 13.07 -63.28 107.07
CA VAL A 744 14.97 -60.54 108.87
CA GLU A 745 14.92 -57.79 106.28
CA ARG A 746 11.26 -58.32 105.65
CA ILE A 747 10.26 -57.96 109.28
CA CYS A 748 12.36 -54.87 109.45
CA ARG A 749 10.19 -53.05 106.93
CA GLU A 750 7.01 -55.19 107.05
CA SER A 751 6.57 -55.81 110.78
CA ASN A 752 3.88 -53.16 110.94
CA CYS A 753 1.53 -54.78 108.46
CA TYR A 754 1.66 -58.40 109.53
CA ASP A 755 -0.32 -60.33 112.16
CA PRO A 756 2.52 -60.55 114.64
CA GLU A 757 1.25 -63.45 116.69
CA ARG A 758 1.37 -65.72 113.71
CA VAL A 759 4.77 -64.44 112.63
CA LYS A 760 6.06 -65.40 116.02
CA ASN A 761 4.72 -68.91 116.01
CA PHE A 762 6.46 -69.34 112.69
CA LEU A 763 9.70 -67.95 114.06
CA LYS A 764 9.51 -70.18 117.10
CA GLU A 765 9.40 -73.25 114.94
CA ALA A 766 12.00 -71.58 112.78
CA LYS A 767 14.54 -71.13 115.55
CA LEU A 768 14.70 -67.60 114.16
CA THR A 769 15.67 -66.39 117.64
CA ASP A 770 17.48 -63.30 116.51
CA GLN A 771 14.30 -62.14 114.75
CA LEU A 772 11.89 -63.36 117.40
CA PRO A 773 13.08 -60.88 119.91
CA LEU A 774 12.89 -58.21 117.31
CA ILE A 775 9.19 -58.83 116.98
CA ILE A 776 8.69 -59.54 120.63
CA VAL A 777 10.46 -56.36 121.53
CA CYS A 778 8.76 -54.38 118.80
CA ASP A 779 5.25 -55.11 117.74
CA ARG A 780 4.85 -57.58 120.51
CA PHE A 781 5.22 -55.44 121.73
CA ASP A 782 5.75 -58.56 123.73
CA PHE A 783 9.02 -57.60 125.29
CA VAL A 784 8.89 -60.51 127.68
CA HIS A 785 8.79 -62.91 124.76
CA ASP A 786 11.65 -61.29 122.97
CA LEU A 787 13.88 -61.53 125.99
CA VAL A 788 13.21 -65.19 126.56
CA LEU A 789 14.02 -65.71 122.92
CA TYR A 790 17.16 -63.63 123.32
CA LEU A 791 18.19 -65.95 126.08
CA TYR A 792 18.11 -68.60 123.44
CA ARG A 793 20.36 -66.35 121.36
CA ASN A 794 20.53 -62.65 120.48
CA ASN A 795 22.69 -59.54 120.61
CA LEU A 796 23.75 -57.75 123.75
CA GLN A 797 22.84 -54.23 122.77
CA LYS A 798 19.20 -54.83 121.99
CA TYR A 799 19.20 -57.07 125.00
CA ILE A 800 20.15 -54.25 127.31
CA GLU A 801 17.31 -52.08 126.05
CA ILE A 802 14.47 -54.63 125.88
CA TYR A 803 15.30 -56.20 129.20
CA VAL A 804 14.22 -53.09 131.05
CA GLN A 805 10.90 -52.83 129.25
CA LYS A 806 10.02 -56.36 130.22
CA VAL A 807 10.97 -61.32 134.49
CA ASN A 808 10.56 -63.65 138.84
CA PRO A 809 13.40 -61.25 139.07
CA SER A 810 15.82 -64.14 139.13
CA ARG A 811 15.65 -63.74 135.38
CA LEU A 812 17.57 -60.56 135.89
CA PRO A 813 20.49 -62.51 137.24
CA VAL A 814 20.20 -65.07 134.52
CA VAL A 815 20.19 -62.26 132.02
CA ILE A 816 23.18 -60.50 133.47
CA GLY A 817 25.15 -63.66 133.16
CA GLY A 818 23.88 -64.15 129.66
CA LEU A 819 25.01 -60.76 128.53
CA LEU A 820 28.34 -61.14 130.23
CA ASP A 821 28.95 -64.71 129.17
CA VAL A 822 27.72 -64.25 125.69
CA ASP A 823 29.68 -61.76 123.73
CA CYS A 824 27.23 -59.06 124.58
CA SER A 825 29.05 -55.82 124.68
CA GLU A 826 30.13 -54.67 128.07
CA ASP A 827 28.44 -51.46 127.15
CA VAL A 828 25.43 -53.52 126.25
CA ILE A 829 25.72 -55.22 129.57
CA LYS A 830 26.05 -51.89 131.28
CA ASN A 831 23.12 -50.56 129.34
CA LEU A 832 21.13 -53.56 130.42
CA ILE A 833 22.36 -53.40 133.97
CA LEU A 834 21.24 -52.95 137.91
CA VAL A 835 17.87 -54.58 137.55
CA VAL A 836 19.64 -57.89 137.14
CA ARG A 837 21.64 -57.43 140.29
CA GLY A 838 18.52 -56.62 142.20
CA GLN A 839 -70.54 -21.70 23.85
CA PHE A 840 -70.03 -25.38 23.50
CA SER A 841 -67.67 -27.46 21.45
CA THR A 842 -64.50 -27.77 20.82
CA ASP A 843 -61.78 -30.29 20.17
CA GLU A 844 -61.20 -28.79 16.76
CA LEU A 845 -60.61 -25.40 18.26
CA VAL A 846 -58.19 -26.86 20.75
CA ALA A 847 -56.34 -28.92 18.20
CA GLU A 848 -55.84 -25.89 16.01
CA VAL A 849 -54.65 -23.81 18.91
CA GLU A 850 -52.23 -26.43 20.16
CA LYS A 851 -50.22 -27.05 17.02
CA ARG A 852 -50.12 -23.35 16.47
CA ASN A 853 -48.44 -23.13 19.86
CA ARG A 854 -51.41 -20.84 20.39
CA LEU A 855 -49.88 -21.62 24.34
CA LYS A 856 -49.94 -18.36 26.24
CA LEU A 857 -53.40 -17.60 24.81
CA LEU A 858 -54.56 -21.18 24.71
CA LEU A 859 -54.43 -21.40 28.44
CA PRO A 860 -56.84 -18.53 28.79
CA TRP A 861 -59.37 -19.86 26.33
CA LEU A 862 -59.55 -23.12 28.20
CA GLU A 863 -60.11 -21.04 31.26
CA ALA A 864 -63.42 -19.91 29.79
CA ARG A 865 -64.36 -23.28 28.32
CA ILE A 866 -64.49 -24.86 31.74
CA HIS A 867 -67.60 -22.85 32.43
CA GLU A 868 -69.34 -24.46 29.48
CA GLY A 869 -71.81 -27.12 30.51
CA CYS A 870 -70.51 -29.13 27.58
CA GLU A 871 -67.13 -29.14 29.35
CA GLU A 872 -63.82 -32.87 30.73
CA PRO A 873 -60.89 -33.69 32.89
CA ALA A 874 -58.78 -34.04 29.80
CA THR A 875 -59.03 -30.33 29.35
CA HIS A 876 -58.26 -29.49 32.92
CA ASN A 877 -55.24 -31.68 33.00
CA ALA A 878 -53.98 -30.22 29.76
CA LEU A 879 -54.44 -26.66 30.90
CA ALA A 880 -52.52 -27.04 34.09
CA LYS A 881 -49.59 -28.68 32.42
CA ILE A 882 -49.45 -25.99 29.78
CA TYR A 883 -49.92 -23.52 32.60
CA ILE A 884 -46.92 -25.07 34.26
CA ASP A 885 -45.05 -23.15 31.62
CA SER A 886 -46.69 -19.94 32.83
CA ASN A 887 -46.27 -20.60 36.53
CA ASN A 888 -48.43 -17.94 38.12
CA ASN A 889 -51.67 -19.34 36.77
CA PRO A 890 -51.19 -22.91 37.86
CA GLU A 891 -51.65 -22.29 41.55
CA ARG A 892 -55.13 -20.89 41.16
CA PHE A 893 -55.91 -23.52 38.60
CA LEU A 894 -55.29 -26.45 40.88
CA ARG A 895 -57.26 -24.66 43.50
CA GLU A 896 -60.07 -24.14 41.05
CA ASN A 897 -60.53 -27.57 39.60
CA PRO A 898 -60.24 -30.82 41.35
CA TYR A 899 -60.95 -32.78 38.21
CA TYR A 900 -57.49 -33.29 36.88
CA ASP A 901 -55.44 -36.42 36.27
CA SER A 902 -54.07 -34.63 39.07
CA ARG A 903 -51.19 -36.84 38.09
CA VAL A 904 -50.61 -34.94 34.91
CA VAL A 905 -50.85 -31.57 36.55
CA GLY A 906 -48.42 -32.57 39.23
CA LYS A 907 -45.68 -33.51 36.83
CA TYR A 908 -46.17 -30.18 35.18
CA CYS A 909 -46.10 -28.45 38.54
CA GLU A 910 -43.01 -30.42 39.41
CA LYS A 911 -41.15 -28.49 36.78
CA ARG A 912 -42.66 -25.39 38.33
CA ASP A 913 -42.78 -24.28 41.94
CA PRO A 914 -43.67 -26.65 44.66
CA HIS A 915 -46.13 -24.42 46.49
CA LEU A 916 -48.96 -25.46 44.24
CA ALA A 917 -47.72 -29.02 44.34
CA CYS A 918 -48.34 -29.22 48.04
CA VAL A 919 -51.89 -28.11 47.48
CA ALA A 920 -52.49 -30.74 44.85
CA TYR A 921 -50.75 -33.45 46.80
CA GLU A 922 -52.95 -32.45 49.68
CA ARG A 923 -56.16 -32.74 47.68
CA GLY A 924 -54.80 -35.78 45.88
CA GLN A 925 -54.62 -37.17 49.34
CA CYS A 926 -51.06 -38.09 48.59
CA ASP A 927 -50.08 -36.87 52.03
CA LEU A 928 -46.65 -38.43 52.04
CA GLU A 929 -45.77 -36.37 49.02
CA LEU A 930 -47.14 -33.23 50.58
CA ILE A 931 -44.95 -33.64 53.61
CA ASN A 932 -41.72 -34.46 51.89
CA VAL A 933 -42.18 -31.58 49.50
CA CYS A 934 -43.10 -29.39 52.44
CA ASN A 935 -39.87 -30.41 54.07
CA GLU A 936 -38.08 -28.16 51.67
CA ASN A 937 -40.60 -25.44 52.38
CA SER A 938 -44.03 -25.39 53.96
CA LEU A 939 -46.39 -23.93 56.52
CA PHE A 940 -46.31 -25.20 60.05
CA LYS A 941 -50.04 -25.36 60.52
CA SER A 942 -50.72 -27.48 57.50
CA LEU A 943 -47.82 -29.68 58.48
CA SER A 944 -49.41 -30.55 61.76
CA ARG A 945 -52.60 -31.69 60.06
CA TYR A 946 -51.12 -33.61 57.14
CA LEU A 947 -48.25 -35.32 58.91
CA VAL A 948 -50.70 -37.48 60.79
CA ARG A 949 -52.29 -38.70 57.59
CA ARG A 950 -48.92 -39.84 56.27
CA LYS A 951 -48.76 -43.56 55.64
CA ASP A 952 -45.04 -44.01 56.16
CA PRO A 953 -44.47 -43.50 59.81
CA GLU A 954 -40.77 -43.12 59.06
CA LEU A 955 -41.53 -39.60 57.93
CA TRP A 956 -42.35 -38.80 61.51
CA GLY A 957 -38.82 -39.55 62.57
CA SER A 958 -37.66 -37.56 59.59
CA VAL A 959 -39.82 -34.61 60.53
CA LEU A 960 -38.76 -34.62 64.14
CA LEU A 961 -35.20 -34.32 62.98
CA GLU A 962 -36.24 -31.60 60.62
CA SER A 963 -37.82 -29.64 63.42
CA ASN A 964 -35.06 -29.97 65.97
CA PRO A 965 -32.15 -28.75 63.92
CA TYR A 966 -34.29 -26.07 62.51
CA ARG A 967 -33.79 -23.14 64.73
CA ARG A 968 -37.26 -22.74 65.64
CA PRO A 969 -39.27 -21.89 68.27
CA LEU A 970 -42.00 -23.08 70.73
CA ILE A 971 -45.08 -21.41 71.82
CA ASP A 972 -48.47 -22.00 70.34
CA GLN A 973 -49.18 -25.33 68.77
CA VAL A 974 -45.77 -26.46 67.63
CA VAL A 975 -43.45 -29.04 69.05
CA GLN A 976 -45.65 -29.82 72.00
CA THR A 977 -48.85 -29.94 70.03
CA ALA A 978 -47.12 -31.72 67.20
CA LEU A 979 -45.61 -34.26 69.52
CA SER A 980 -49.04 -35.14 70.79
CA GLU A 981 -50.26 -36.01 67.33
CA THR A 982 -47.16 -37.94 66.42
CA GLN A 983 -47.05 -39.36 69.64
CA ASP A 984 -45.66 -42.51 67.91
CA PRO A 985 -43.54 -42.70 67.04
CA GLU A 986 -39.44 -42.23 66.93
CA GLU A 987 -36.14 -40.95 65.81
CA VAL A 988 -36.92 -39.75 69.17
CA SER A 989 -33.35 -38.80 69.91
CA VAL A 990 -33.37 -36.40 66.99
CA THR A 991 -36.08 -34.34 68.53
CA VAL A 992 -34.38 -34.54 71.91
CA LYS A 993 -31.01 -33.53 70.57
CA ALA A 994 -32.56 -30.46 69.04
CA PHE A 995 -34.25 -29.52 72.27
CA MET A 996 -31.12 -29.89 74.34
CA THR A 997 -28.91 -27.66 72.19
CA ALA A 998 -31.66 -25.09 72.28
CA ASP A 999 -31.36 -25.34 76.05
CA LEU A 1000 -35.04 -26.06 75.74
CA PRO A 1001 -35.16 -29.05 78.15
CA ASN A 1002 -36.95 -26.66 81.70
CA GLU A 1003 -39.16 -28.15 79.00
CA LEU A 1004 -37.09 -31.29 78.60
CA ILE A 1005 -37.92 -32.31 82.11
CA GLU A 1006 -41.56 -31.49 81.55
CA LEU A 1007 -41.92 -33.77 78.55
CA LEU A 1008 -40.12 -36.64 80.22
CA GLU A 1009 -42.48 -36.52 83.12
CA LYS A 1010 -45.29 -37.12 80.65
CA ILE A 1011 -43.37 -39.84 78.86
CA VAL A 1012 -43.21 -42.18 81.80
CA LEU A 1013 -46.95 -42.60 81.97
CA ASP A 1014 -47.53 -42.36 78.26
CA ASN A 1015 -47.77 -45.76 76.70
CA SER A 1016 -48.67 -43.88 73.56
CA VAL A 1017 -45.28 -42.31 73.77
CA PHE A 1018 -42.27 -44.55 74.39
CA SER A 1019 -43.17 -46.95 77.14
CA GLU A 1020 -41.57 -46.37 80.46
CA HIS A 1021 -38.04 -47.60 80.47
CA ARG A 1022 -35.05 -47.49 82.73
CA ASN A 1023 -33.29 -44.93 80.62
CA LEU A 1024 -35.99 -42.34 81.04
CA GLN A 1025 -36.28 -42.82 84.74
CA ASN A 1026 -32.54 -42.64 84.97
CA LEU A 1027 -32.32 -39.35 83.16
CA LEU A 1028 -35.25 -37.71 84.88
CA ILE A 1029 -33.88 -38.16 88.33
CA LEU A 1030 -30.49 -36.85 87.27
CA THR A 1031 -32.00 -33.79 85.76
CA ALA A 1032 -34.26 -33.46 88.74
CA ILE A 1033 -31.40 -33.21 91.16
CA LYS A 1034 -29.78 -30.26 89.45
CA ALA A 1035 -33.00 -28.88 87.97
CA ASP A 1036 -35.52 -29.40 90.75
CA ARG A 1037 -34.28 -30.88 94.00
CA THR A 1038 -37.70 -30.95 95.56
CA ARG A 1039 -38.96 -33.36 92.92
CA VAL A 1040 -35.88 -35.52 93.24
CA MET A 1041 -37.17 -37.04 96.47
CA GLU A 1042 -40.65 -37.93 95.28
CA TYR A 1043 -39.31 -39.39 92.11
CA ILE A 1044 -36.91 -41.75 93.83
CA ASN A 1045 -39.57 -43.45 95.85
CA ARG A 1046 -41.59 -43.94 92.67
CA LEU A 1047 -38.35 -44.59 90.82
CA ASP A 1048 -37.97 -48.32 91.41
CA ASN A 1049 -36.12 -49.41 88.31
CA TYR A 1050 -33.36 -46.92 88.02
CA ASP A 1051 -29.64 -47.31 87.43
CA ALA A 1052 -28.89 -46.47 91.03
CA PRO A 1053 -25.23 -45.80 90.76
CA ASP A 1054 -26.06 -43.05 88.34
CA ILE A 1055 -28.43 -41.41 90.77
CA ALA A 1056 -26.03 -41.61 93.61
CA ASN A 1057 -23.20 -39.74 92.03
CA ILE A 1058 -25.81 -37.25 90.94
CA ALA A 1059 -27.16 -36.76 94.46
CA ILE A 1060 -23.69 -36.61 95.91
CA SER A 1061 -22.95 -33.78 93.58
CA ASN A 1062 -25.99 -31.90 94.68
CA GLU A 1063 -25.94 -32.38 98.44
CA LEU A 1064 -29.00 -34.62 98.37
CA PHE A 1065 -28.05 -36.17 101.75
CA GLU A 1066 -31.44 -37.37 102.90
CA GLU A 1067 -32.21 -38.78 99.47
CA ALA A 1068 -28.75 -40.27 99.24
CA PHE A 1069 -29.38 -42.21 102.38
CA ALA A 1070 -32.59 -43.54 100.90
CA ILE A 1071 -30.86 -44.84 97.79
CA PHE A 1072 -27.92 -46.18 99.69
CA ARG A 1073 -30.46 -47.95 101.81
CA LYS A 1074 -32.24 -49.55 98.88
CA PHE A 1075 -29.00 -50.16 97.03
CA ASP A 1076 -28.15 -52.05 100.16
CA VAL A 1077 -24.85 -50.09 100.74
CA ASN A 1078 -24.51 -49.89 104.75
CA THR A 1079 -20.98 -48.53 104.80
CA SER A 1080 -22.17 -45.68 102.64
CA ALA A 1081 -25.14 -45.00 104.85
CA VAL A 1082 -22.96 -44.59 107.88
CA GLN A 1083 -20.35 -42.51 106.13
CA VAL A 1084 -22.98 -40.18 104.82
CA LEU A 1085 -24.53 -40.18 108.26
CA ILE A 1086 -21.32 -38.96 109.73
CA GLU A 1087 -21.28 -35.82 107.62
CA HIS A 1088 -24.91 -34.96 108.16
CA ILE A 1089 -26.20 -35.99 111.50
CA GLY A 1090 -28.89 -38.43 110.60
CA ASN A 1091 -30.55 -40.13 113.53
CA LEU A 1092 -29.05 -41.83 116.53
CA ASP A 1093 -31.37 -44.81 116.49
CA ARG A 1094 -30.75 -45.77 112.90
CA ALA A 1095 -27.07 -45.32 113.46
CA TYR A 1096 -27.08 -48.03 116.07
CA GLU A 1097 -28.75 -50.49 113.74
CA PHE A 1098 -26.80 -49.80 110.56
CA ALA A 1099 -23.35 -49.55 112.06
CA GLU A 1100 -23.32 -53.21 112.91
CA ARG A 1101 -24.14 -54.18 109.35
CA CYS A 1102 -21.09 -52.25 108.16
CA ASN A 1103 -18.56 -54.53 106.53
CA GLU A 1104 -15.49 -52.46 107.33
CA PRO A 1105 -14.71 -52.65 110.97
CA ALA A 1106 -12.62 -49.53 110.60
CA VAL A 1107 -15.83 -47.60 110.51
CA TRP A 1108 -16.35 -48.44 114.14
CA SER A 1109 -13.16 -46.77 115.22
CA GLN A 1110 -13.92 -43.83 112.99
CA LEU A 1111 -17.44 -43.86 114.36
CA ALA A 1112 -16.24 -43.87 117.92
CA LYS A 1113 -14.23 -40.79 117.23
CA ALA A 1114 -17.18 -39.08 115.64
CA GLN A 1115 -19.35 -39.70 118.65
CA LEU A 1116 -16.46 -38.79 120.83
CA GLN A 1117 -16.19 -35.38 119.28
CA LYS A 1118 -19.89 -34.77 118.83
CA GLY A 1119 -20.90 -36.15 122.17
CA MET A 1120 -19.08 -38.64 124.34
CA VAL A 1121 -21.94 -39.05 126.72
CA LYS A 1122 -25.46 -40.21 126.00
CA GLU A 1123 -24.28 -41.29 122.61
CA ALA A 1124 -20.88 -42.91 122.61
CA ILE A 1125 -21.75 -45.02 125.60
CA ASP A 1126 -24.84 -46.44 124.00
CA SER A 1127 -23.01 -46.76 120.73
CA TYR A 1128 -20.14 -48.61 122.34
CA ILE A 1129 -22.39 -51.32 123.63
CA LYS A 1130 -23.58 -52.10 120.14
CA ALA A 1131 -20.02 -51.94 118.88
CA ASP A 1132 -17.01 -51.97 118.66
CA ASP A 1133 -13.96 -54.06 119.21
CA PRO A 1134 -11.69 -53.97 119.19
CA SER A 1135 -9.05 -53.58 122.02
CA SER A 1136 -7.56 -50.11 122.12
CA TYR A 1137 -4.14 -46.71 125.32
CA MET A 1138 -2.81 -43.58 126.96
CA GLU A 1139 -5.43 -41.31 125.49
CA VAL A 1140 -8.27 -43.67 126.11
CA VAL A 1141 -7.45 -43.86 129.78
CA GLN A 1142 -6.79 -40.16 129.84
CA ALA A 1143 -10.25 -39.51 128.49
CA ALA A 1144 -11.81 -41.80 131.06
CA ASN A 1145 -10.16 -40.08 133.96
CA THR A 1146 -11.02 -36.57 132.88
CA SER A 1147 -14.63 -37.58 132.54
CA GLY A 1148 -14.10 -38.67 136.09
CA ASN A 1149 -15.59 -42.03 135.36
CA TRP A 1150 -12.86 -44.07 136.96
CA GLU A 1151 -15.39 -46.65 137.97
CA GLU A 1152 -16.32 -47.29 134.38
CA LEU A 1153 -12.80 -47.40 133.10
CA VAL A 1154 -11.70 -49.92 135.66
CA LYS A 1155 -14.78 -51.93 134.79
CA TYR A 1156 -14.00 -52.13 131.07
CA LEU A 1157 -10.38 -53.00 131.62
CA GLN A 1158 -11.57 -55.92 133.63
CA MET A 1159 -13.39 -57.22 130.56
CA ALA A 1160 -10.61 -56.15 128.21
CA ARG A 1161 -8.04 -58.37 129.82
CA LYS A 1162 -9.83 -61.44 128.65
CA LYS A 1163 -10.28 -60.28 125.07
CA ALA A 1164 -6.76 -59.18 124.48
CA ARG A 1165 -4.00 -59.18 126.93
CA GLU A 1166 -1.19 -56.97 126.48
CA SER A 1167 0.26 -54.45 128.12
CA TYR A 1168 -1.08 -51.07 127.32
CA VAL A 1169 -4.53 -51.98 128.50
CA GLU A 1170 -3.42 -53.80 131.62
CA THR A 1171 -1.00 -51.03 132.43
CA GLU A 1172 -3.90 -48.63 132.10
CA LEU A 1173 -6.23 -50.54 134.39
CA ILE A 1174 -3.71 -50.68 137.15
CA PHE A 1175 -3.04 -46.98 136.97
CA ALA A 1176 -6.71 -46.24 137.11
CA LEU A 1177 -7.18 -48.64 139.95
CA ALA A 1178 -4.66 -46.88 142.07
CA LYS A 1179 -5.85 -43.40 141.15
CA THR A 1180 -9.55 -43.87 141.26
CA ASN A 1181 -9.17 -44.65 144.89
CA ARG A 1182 -9.85 -48.23 144.13
CA LEU A 1183 -6.56 -49.31 145.55
CA ALA A 1184 -7.98 -52.58 146.75
CA GLU A 1185 -8.46 -53.65 143.18
CA LEU A 1186 -4.91 -52.59 142.40
CA GLU A 1187 -3.38 -55.30 144.54
CA GLU A 1188 -5.09 -58.34 143.09
CA PHE A 1189 -4.69 -57.06 139.60
CA ILE A 1190 -0.96 -56.67 139.88
CA ASN A 1191 -0.60 -60.19 141.05
CA GLY A 1192 -2.16 -61.87 138.11
CA PRO A 1193 -1.00 -59.79 135.24
CA ASN A 1194 2.74 -59.87 134.67
CA ASN A 1195 2.14 -58.18 131.35
CA ALA A 1196 2.28 -54.53 132.16
CA HIS A 1197 4.87 -51.84 132.09
CA ILE A 1198 6.34 -52.07 135.55
CA GLN A 1199 8.02 -48.72 135.59
CA GLN A 1200 4.88 -46.84 134.77
CA VAL A 1201 2.88 -48.90 137.22
CA GLY A 1202 5.39 -48.17 139.95
CA ASP A 1203 5.31 -44.45 139.36
CA ARG A 1204 1.59 -44.81 139.77
CA CYS A 1205 1.84 -46.59 143.12
CA TYR A 1206 4.54 -44.21 144.23
CA ASP A 1207 2.17 -41.30 144.10
CA GLU A 1208 -0.57 -43.56 145.44
CA LYS A 1209 1.33 -44.58 148.56
CA MET A 1210 1.01 -48.26 147.78
CA TYR A 1211 3.80 -49.06 150.28
CA ASP A 1212 2.40 -52.51 151.09
CA ALA A 1213 1.80 -53.44 147.45
CA ALA A 1214 5.15 -52.27 146.02
CA LYS A 1215 6.76 -54.08 148.96
CA LEU A 1216 5.74 -57.29 147.19
CA LEU A 1217 6.33 -55.96 143.67
CA TYR A 1218 9.87 -54.82 144.42
CA ASN A 1219 10.26 -58.14 146.26
CA ASN A 1220 9.75 -60.48 143.27
CA VAL A 1221 11.58 -58.27 140.74
CA SER A 1222 14.06 -58.22 143.63
CA ASN A 1223 15.01 -54.54 143.44
CA PHE A 1224 16.22 -54.55 147.03
CA GLY A 1225 17.20 -50.93 146.43
CA ARG A 1226 13.56 -49.95 146.88
CA LEU A 1227 12.40 -53.13 148.67
CA ALA A 1228 14.48 -52.00 151.64
CA SER A 1229 13.57 -48.37 151.06
CA THR A 1230 9.82 -49.07 151.24
CA LEU A 1231 10.18 -51.56 154.13
CA VAL A 1232 11.58 -48.66 156.18
CA HIS A 1233 8.91 -46.27 154.89
CA LEU A 1234 6.65 -49.01 156.33
CA GLY A 1235 8.23 -49.17 159.79
CA GLU A 1236 9.37 -52.76 159.16
CA TYR A 1237 12.93 -51.84 160.16
CA GLN A 1238 14.61 -55.13 161.02
CA ALA A 1239 13.60 -56.54 157.61
CA ALA A 1240 14.56 -53.33 155.81
CA VAL A 1241 18.10 -53.97 157.05
CA ASP A 1242 17.90 -57.30 155.26
CA GLY A 1243 16.93 -55.69 151.99
CA ALA A 1244 19.82 -53.26 152.38
CA ARG A 1245 22.10 -56.25 152.87
CA LYS A 1246 20.93 -57.98 149.70
CA ALA A 1247 20.92 -54.58 147.95
CA ASN A 1248 24.59 -54.28 148.97
CA SER A 1249 24.72 -50.55 148.25
CA THR A 1250 26.28 -47.71 150.25
CA ARG A 1251 23.87 -44.88 149.41
CA THR A 1252 21.29 -47.50 150.38
CA TRP A 1253 22.61 -48.33 153.85
CA LYS A 1254 22.59 -44.57 154.45
CA GLU A 1255 18.84 -44.34 153.80
CA VAL A 1256 18.15 -47.34 156.05
CA CYS A 1257 20.65 -46.47 158.78
CA PHE A 1258 19.54 -42.85 159.00
CA ALA A 1259 15.85 -43.75 159.09
CA CYS A 1260 16.58 -46.67 161.45
CA VAL A 1261 18.01 -43.89 163.67
CA ASP A 1262 15.02 -41.57 163.29
CA GLY A 1263 12.94 -44.51 164.48
CA LYS A 1264 15.35 -44.79 167.41
CA GLU A 1265 16.20 -48.40 166.50
CA PHE A 1266 19.81 -48.57 167.53
CA ARG A 1267 21.17 -52.11 167.76
CA LEU A 1268 19.92 -52.17 164.18
CA ALA A 1269 21.11 -48.72 163.12
CA GLN A 1270 24.47 -49.89 164.47
CA MET A 1271 25.08 -53.12 162.53
CA CYS A 1272 23.41 -51.14 159.73
CA GLY A 1273 25.98 -48.42 160.32
CA LEU A 1274 29.12 -50.54 160.38
CA HIS A 1275 28.74 -50.88 156.63
CA ILE A 1276 29.21 -47.12 156.27
CA VAL A 1277 32.01 -46.04 158.64
CA VAL A 1278 34.54 -48.06 156.66
CA HIS A 1279 33.88 -45.66 153.80
CA ALA A 1280 -61.52 -19.64 47.67
CA ASP A 1281 -60.25 -16.33 46.28
CA GLU A 1282 -63.93 -15.36 46.05
CA LEU A 1283 -65.60 -16.94 49.12
CA GLU A 1284 -64.90 -13.93 51.34
CA GLU A 1285 -66.37 -11.10 49.26
CA LEU A 1286 -69.45 -13.28 48.70
CA ILE A 1287 -69.89 -13.65 52.47
CA ASN A 1288 -68.96 -10.08 53.42
CA TYR A 1289 -71.62 -9.01 50.93
CA TYR A 1290 -74.45 -11.24 52.27
CA GLN A 1291 -73.37 -9.97 55.72
CA ASP A 1292 -73.73 -6.19 55.44
CA ARG A 1293 -77.03 -6.68 53.58
CA GLY A 1294 -77.84 -8.45 56.84
CA TYR A 1295 -78.96 -11.60 55.08
CA PHE A 1296 -77.16 -13.93 57.46
CA GLU A 1297 -80.09 -16.35 57.43
CA GLU A 1298 -79.86 -17.09 53.71
CA LEU A 1299 -76.06 -16.98 53.58
CA ILE A 1300 -75.99 -19.93 55.96
CA THR A 1301 -78.78 -21.68 54.04
CA MET A 1302 -76.66 -21.66 50.89
CA LEU A 1303 -73.49 -22.89 52.55
CA GLU A 1304 -75.79 -25.63 53.91
CA ALA A 1305 -75.99 -26.95 50.31
CA ALA A 1306 -72.50 -26.00 49.14
CA LEU A 1307 -71.09 -28.56 51.55
CA GLY A 1308 -72.42 -31.17 49.14
CA LEU A 1309 -70.60 -29.69 46.14
CA GLU A 1310 -67.78 -31.84 44.75
CA ARG A 1311 -65.52 -28.75 44.84
CA ALA A 1312 -66.33 -27.94 48.50
CA HIS A 1313 -63.30 -26.59 50.36
CA MET A 1314 -61.82 -25.79 53.78
CA GLY A 1315 -62.77 -22.11 53.63
CA MET A 1316 -66.42 -23.12 53.36
CA PHE A 1317 -66.58 -25.47 56.34
CA THR A 1318 -64.52 -23.02 58.42
CA GLU A 1319 -66.96 -20.20 57.60
CA LEU A 1320 -70.11 -22.18 58.20
CA ALA A 1321 -68.93 -23.15 61.67
CA ILE A 1322 -68.09 -19.53 62.52
CA LEU A 1323 -71.50 -18.34 61.29
CA TYR A 1324 -73.25 -21.20 63.10
CA SER A 1325 -71.59 -20.14 66.34
CA LYS A 1326 -72.96 -16.61 66.34
CA PHE A 1327 -76.28 -17.44 64.59
CA LYS A 1328 -77.19 -21.10 65.22
CA PRO A 1329 -75.18 -22.46 68.15
CA GLN A 1330 -77.25 -25.63 68.37
CA LYS A 1331 -75.95 -26.63 64.92
CA MET A 1332 -72.35 -25.57 65.72
CA ARG A 1333 -71.84 -28.94 67.43
CA GLU A 1334 -73.05 -31.63 64.99
CA HIS A 1335 -71.12 -29.61 62.39
CA LEU A 1336 -67.74 -29.98 64.10
CA GLU A 1337 -68.87 -33.52 64.86
CA LEU A 1338 -68.62 -34.27 61.10
CA PHE A 1339 -66.31 -31.67 59.55
CA TRP A 1340 -63.78 -30.84 62.27
CA SER A 1341 -61.06 -32.26 60.04
CA ARG A 1342 -61.95 -30.12 57.03
CA VAL A 1343 -61.69 -26.77 58.85
CA ASN A 1344 -59.11 -24.22 60.09
CA ILE A 1345 -59.25 -25.14 63.79
CA PRO A 1346 -57.54 -22.12 65.32
CA LYS A 1347 -60.05 -19.79 63.70
CA VAL A 1348 -63.08 -21.91 64.70
CA LEU A 1349 -61.80 -21.97 68.28
CA ARG A 1350 -61.39 -18.19 68.63
CA ALA A 1351 -64.99 -18.28 67.32
CA ALA A 1352 -66.45 -20.52 70.07
CA GLU A 1353 -64.27 -18.79 72.65
CA GLN A 1354 -66.01 -15.58 71.63
CA ALA A 1355 -69.37 -17.45 71.58
CA HIS A 1356 -68.97 -19.22 74.95
CA LEU A 1357 -69.74 -22.66 73.45
CA TRP A 1358 -67.64 -24.42 76.07
CA ALA A 1359 -68.91 -27.93 75.27
CA GLU A 1360 -67.67 -27.62 71.68
CA LEU A 1361 -64.52 -25.73 72.63
CA VAL A 1362 -63.43 -28.82 74.57
CA PHE A 1363 -64.23 -31.00 71.58
CA LEU A 1364 -61.86 -29.09 69.31
CA TYR A 1365 -59.22 -28.36 71.98
CA ASP A 1366 -59.33 -32.12 72.26
CA LYS A 1367 -58.92 -32.85 68.53
CA TYR A 1368 -56.37 -30.05 68.04
CA GLU A 1369 -54.51 -31.95 70.77
CA GLU A 1370 -54.43 -28.85 72.99
CA TYR A 1371 -55.25 -31.00 76.04
CA ASP A 1372 -54.15 -28.53 78.74
CA ASN A 1373 -56.83 -26.21 77.34
CA ALA A 1374 -59.57 -28.83 77.14
CA ILE A 1375 -59.01 -29.52 80.84
CA ILE A 1376 -58.75 -25.91 81.96
CA THR A 1377 -62.02 -25.36 80.07
CA MET A 1378 -63.91 -28.36 81.47
CA MET A 1379 -62.83 -27.01 84.87
CA ASN A 1380 -64.15 -23.45 84.61
CA HIS A 1381 -67.36 -24.37 82.79
CA PRO A 1382 -68.24 -27.77 84.28
CA THR A 1383 -71.98 -27.67 83.75
CA ASP A 1384 -71.46 -27.36 79.95
CA ALA A 1385 -68.09 -28.93 79.14
CA TRP A 1386 -67.17 -31.29 81.97
CA LYS A 1387 -67.83 -35.00 81.43
CA GLU A 1388 -66.55 -37.60 83.95
CA GLY A 1389 -65.24 -40.07 81.40
CA GLN A 1390 -63.38 -37.82 79.02
CA PHE A 1391 -61.85 -35.86 81.89
CA LYS A 1392 -60.15 -39.10 82.95
CA ASP A 1393 -58.84 -39.53 79.40
CA ILE A 1394 -57.60 -36.03 78.59
CA ILE A 1395 -56.12 -35.18 82.01
CA THR A 1396 -53.44 -37.76 81.25
CA LYS A 1397 -52.31 -36.16 77.97
CA VAL A 1398 -51.92 -32.87 79.89
CA ALA A 1399 -48.41 -31.38 79.62
CA ASN A 1400 -48.29 -29.04 82.59
CA VAL A 1401 -48.50 -31.58 85.45
CA GLU A 1402 -49.52 -28.85 87.87
CA LEU A 1403 -52.99 -29.23 86.41
CA TYR A 1404 -53.18 -32.55 88.28
CA TYR A 1405 -52.97 -30.85 91.66
CA ARG A 1406 -55.32 -28.20 90.34
CA ALA A 1407 -57.74 -30.92 89.24
CA ILE A 1408 -57.42 -32.90 92.48
CA GLN A 1409 -58.57 -29.75 94.25
CA PHE A 1410 -61.47 -29.22 91.84
CA TYR A 1411 -62.80 -32.78 92.09
CA LEU A 1412 -62.25 -32.75 95.85
CA GLU A 1413 -64.30 -29.61 96.44
CA PHE A 1414 -67.18 -30.28 94.00
CA LYS A 1415 -66.98 -34.03 93.10
CA PRO A 1416 -65.87 -36.18 96.10
CA LEU A 1417 -66.97 -39.61 94.91
CA LEU A 1418 -65.03 -39.26 91.68
CA LEU A 1419 -61.81 -38.10 93.39
CA ASN A 1420 -60.49 -41.60 93.99
CA ASP A 1421 -61.01 -42.99 90.49
CA LEU A 1422 -59.43 -39.77 89.23
CA LEU A 1423 -56.52 -40.15 91.56
CA MET A 1424 -55.94 -43.64 90.21
CA VAL A 1425 -55.30 -42.23 86.73
CA LEU A 1426 -53.10 -39.42 88.03
CA SER A 1427 -50.89 -41.86 90.02
CA PRO A 1428 -48.00 -42.36 87.52
CA ARG A 1429 -47.07 -38.67 87.44
CA LEU A 1430 -48.47 -37.61 90.80
CA ASP A 1431 -46.09 -36.51 93.60
CA HIS A 1432 -47.77 -38.67 96.29
CA THR A 1433 -45.99 -36.97 99.16
CA ARG A 1434 -47.26 -33.67 97.82
CA ALA A 1435 -50.69 -35.23 97.33
CA VAL A 1436 -50.99 -36.77 100.75
CA ASN A 1437 -49.79 -33.59 102.43
CA TYR A 1438 -52.61 -31.60 100.79
CA PHE A 1439 -55.34 -34.10 101.69
CA SER A 1440 -53.97 -34.11 105.24
CA LYS A 1441 -53.89 -30.32 105.69
CA VAL A 1442 -57.36 -30.40 104.13
CA LYS A 1443 -58.26 -33.17 106.64
CA GLN A 1444 -59.68 -35.40 103.93
CA LEU A 1445 -57.47 -38.50 104.24
CA PRO A 1446 -60.35 -40.86 105.07
CA LEU A 1447 -61.81 -40.18 101.61
CA VAL A 1448 -58.69 -40.95 99.65
CA LYS A 1449 -58.11 -44.19 101.48
CA PRO A 1450 -58.60 -46.39 98.34
CA TYR A 1451 -55.88 -44.35 96.66
CA LEU A 1452 -53.58 -44.51 99.65
CA ARG A 1453 -53.65 -48.30 99.68
CA SER A 1454 -53.14 -48.26 95.88
CA VAL A 1455 -49.91 -46.29 96.44
CA GLN A 1456 -48.62 -47.39 99.84
CA ASN A 1457 -46.52 -50.03 98.06
CA HIS A 1458 -44.07 -47.18 97.33
CA ASN A 1459 -43.11 -47.34 101.02
CA ASN A 1460 -43.69 -43.62 101.03
CA LYS A 1461 -43.52 -42.05 104.50
CA SER A 1462 -46.34 -39.52 104.54
CA VAL A 1463 -48.36 -42.34 102.96
CA ASN A 1464 -47.75 -44.96 105.65
CA GLU A 1465 -48.04 -42.48 108.50
CA SER A 1466 -51.19 -41.14 106.91
CA LEU A 1467 -52.53 -44.58 106.10
CA ASN A 1468 -51.75 -45.96 109.58
CA ASN A 1469 -53.63 -43.14 111.33
CA LEU A 1470 -56.67 -44.42 109.47
CA PHE A 1471 -56.34 -48.03 110.50
CA ILE A 1472 -56.02 -46.67 114.00
CA THR A 1473 -59.05 -44.36 114.08
CA GLU A 1474 -61.01 -47.19 112.55
CA GLU A 1475 -59.67 -49.64 115.10
CA ASP A 1476 -58.38 -51.86 112.28
CA TYR A 1477 -55.37 -53.45 114.04
CA GLN A 1478 -54.88 -56.39 111.66
CA ALA A 1479 -54.48 -53.90 108.85
CA LEU A 1480 -52.10 -51.81 110.96
CA ARG A 1481 -49.99 -54.84 111.76
CA THR A 1482 -49.50 -55.72 108.11
CA SER A 1483 -48.78 -52.11 107.20
CA ILE A 1484 -46.00 -51.76 109.74
CA ASP A 1485 -44.82 -55.17 108.58
CA ALA A 1486 -44.78 -54.74 104.81
CA TYR A 1487 -43.76 -51.04 104.73
CA ASP A 1488 -41.19 -49.65 107.17
CA ASN A 1489 -40.90 -45.94 106.38
CA PHE A 1490 -42.48 -44.42 109.50
CA ASP A 1491 -41.69 -43.27 113.05
CA ASN A 1492 -42.22 -46.43 115.13
CA ILE A 1493 -41.41 -44.78 118.45
CA SER A 1494 -43.98 -42.07 117.83
CA LEU A 1495 -46.49 -44.75 116.89
CA ALA A 1496 -45.28 -46.94 119.73
CA GLN A 1497 -45.78 -44.10 122.19
CA ARG A 1498 -49.12 -43.14 120.71
CA LEU A 1499 -50.33 -46.76 120.90
CA GLU A 1500 -48.89 -48.20 124.28
CA LYS A 1501 -51.40 -46.69 126.58
CA HIS A 1502 -54.23 -48.05 124.43
CA GLU A 1503 -57.12 -49.70 126.23
CA LEU A 1504 -57.47 -52.54 123.71
CA ILE A 1505 -55.37 -55.63 124.38
CA GLU A 1506 -54.65 -56.23 120.72
CA PHE A 1507 -52.93 -52.87 120.61
CA ARG A 1508 -51.11 -53.02 123.93
CA ARG A 1509 -49.69 -56.29 122.63
CA ILE A 1510 -48.53 -54.51 119.49
CA ALA A 1511 -46.82 -51.82 121.52
CA ALA A 1512 -44.88 -54.54 123.31
CA TYR A 1513 -44.00 -56.04 119.93
CA LEU A 1514 -42.80 -52.61 118.69
CA PHE A 1515 -40.54 -52.02 121.71
CA LYS A 1516 -39.10 -55.54 120.86
CA GLY A 1517 -39.84 -56.36 117.06
CA ASN A 1518 -37.94 -53.22 116.66
CA ASN A 1519 -35.62 -55.19 118.85
CA ARG A 1520 -36.36 -53.09 121.88
CA TRP A 1521 -36.43 -56.19 124.04
CA LYS A 1522 -35.96 -54.25 127.28
CA GLN A 1523 -39.22 -52.43 126.66
CA SER A 1524 -41.05 -55.50 125.53
CA VAL A 1525 -40.14 -57.21 128.78
CA GLU A 1526 -41.10 -54.24 130.93
CA LEU A 1527 -44.36 -53.99 129.01
CA CYS A 1528 -44.88 -57.71 129.48
CA LYS A 1529 -44.35 -57.22 133.19
CA LYS A 1530 -47.79 -55.46 133.34
CA ASP A 1531 -49.09 -58.09 131.29
CA SER A 1532 -45.84 -59.75 131.22
CA LEU A 1533 -47.38 -63.16 130.59
CA TYR A 1534 -46.04 -66.65 130.94
CA LYS A 1535 -46.28 -67.32 127.24
CA ASP A 1536 -44.19 -65.23 124.79
CA ALA A 1537 -41.98 -64.32 127.69
CA MET A 1538 -40.53 -67.77 127.42
CA GLN A 1539 -40.21 -67.44 123.68
CA TYR A 1540 -38.56 -64.07 123.35
CA ALA A 1541 -36.45 -64.18 126.49
CA SER A 1542 -34.25 -66.59 124.62
CA GLU A 1543 -33.87 -64.05 121.84
CA SER A 1544 -32.99 -61.51 124.54
CA LYS A 1545 -29.97 -60.48 123.34
CA ASP A 1546 -29.13 -59.81 127.00
CA THR A 1547 -28.75 -63.08 128.73
CA GLU A 1548 -28.31 -61.47 132.09
CA LEU A 1549 -31.56 -60.55 131.78
CA ALA A 1550 -31.76 -64.30 132.30
CA GLU A 1551 -30.44 -63.99 135.82
CA GLU A 1552 -32.58 -60.95 136.41
CA LEU A 1553 -35.64 -62.75 135.10
CA LEU A 1554 -34.99 -65.87 137.10
CA GLN A 1555 -34.94 -63.88 140.28
CA TRP A 1556 -37.94 -61.87 139.23
CA PHE A 1557 -40.11 -64.88 138.43
CA LEU A 1558 -39.18 -66.63 141.62
CA GLN A 1559 -39.70 -63.56 143.75
CA GLU A 1560 -42.73 -62.18 141.98
CA GLU A 1561 -44.71 -65.34 142.59
CA LYS A 1562 -43.30 -67.61 139.80
CA ARG A 1563 -44.62 -69.80 139.81
CA GLU A 1564 -41.24 -71.10 139.78
CA CYS A 1565 -41.20 -74.79 140.64
CA PHE A 1566 -43.27 -75.78 137.64
CA GLY A 1567 -41.67 -73.27 135.32
CA ALA A 1568 -38.28 -74.46 136.55
CA CYS A 1569 -39.06 -77.95 135.38
CA LEU A 1570 -40.04 -76.73 131.98
CA PHE A 1571 -37.19 -74.25 132.04
CA THR A 1572 -34.72 -77.05 132.64
CA CYS A 1573 -36.07 -78.71 129.55
CA TYR A 1574 -35.48 -75.66 127.41
CA ASP A 1575 -32.06 -75.33 128.67
CA LEU A 1576 -30.25 -75.03 125.73
CA LEU A 1577 -27.46 -72.15 128.12
CA ARG A 1578 -25.38 -71.29 131.48
CA PRO A 1579 -25.52 -71.97 134.93
CA ASP A 1580 -25.41 -73.91 137.41
CA VAL A 1581 -24.96 -71.10 139.58
CA VAL A 1582 -28.72 -70.83 139.59
CA LEU A 1583 -29.00 -74.39 140.77
CA GLU A 1584 -26.49 -73.80 143.51
CA THR A 1585 -27.93 -70.44 144.42
CA ALA A 1586 -31.43 -71.84 144.48
CA TRP A 1587 -30.35 -74.10 147.30
CA ARG A 1588 -29.67 -71.00 149.34
CA HIS A 1589 -33.37 -70.37 149.03
CA ASN A 1590 -35.77 -73.16 149.68
CA ILE A 1591 -34.99 -75.90 147.16
CA MET A 1592 -38.47 -77.22 147.41
CA ASP A 1593 -38.81 -74.88 144.51
CA PHE A 1594 -35.69 -76.27 143.03
CA ALA A 1595 -37.17 -79.33 141.97
CA MET A 1596 -38.08 -79.55 138.89
CA PRO A 1597 -36.20 -82.27 137.65
CA TYR A 1598 -37.79 -84.25 135.59
CA PHE A 1599 -36.70 -82.53 132.58
CA ILE A 1600 -33.53 -81.42 133.97
CA GLN A 1601 -33.46 -85.24 133.54
CA VAL A 1602 -33.69 -84.79 129.77
CA MET A 1603 -30.63 -82.56 129.81
CA LYS A 1604 -28.76 -85.04 131.90
CA GLU A 1605 -29.66 -87.80 129.35
CA TYR A 1606 -28.12 -85.48 126.80
CA LEU A 1607 -24.79 -85.21 128.65
CA THR A 1608 -24.55 -88.91 129.13
CA LYS A 1609 -25.19 -89.55 125.48
CA VAL A 1610 -22.32 -87.17 124.67
CA ASP A 1611 -19.90 -89.03 126.97
CA LYS A 1612 -20.97 -92.44 125.84
CA LEU A 1613 -20.43 -91.09 122.37
CA ASP A 1614 -16.99 -89.54 122.85
CA ALA A 1615 -16.04 -92.76 124.55
CA SER A 1616 -16.83 -94.86 121.51
CA GLU A 1617 -14.88 -92.29 119.50
CA SER A 1618 -11.68 -92.46 121.59
CA LEU A 1619 -11.93 -96.24 121.67
CA ARG A 1620 -12.28 -96.29 117.86
CA LYS A 1621 -9.00 -94.26 117.79
CA GLU A 1622 -7.11 -96.39 120.28
CA GLU A 1623 -8.07 -99.35 118.17
CA GLU A 1624 -6.48 -97.50 115.22
CA GLN A 1625 -3.15 -96.40 116.71
CA ALA A 1626 -2.98 -99.85 118.22
CA THR A 1627 -3.41 -101.65 114.93
CA GLU A 1628 -0.90 -99.42 113.17
CA THR A 1629 1.90 -99.79 115.76
CA GLN A 1630 1.43 -103.43 115.38
CA MET B 1 89.28 11.29 66.15
CA ALA B 2 88.79 7.56 66.90
CA GLN B 3 86.39 7.24 69.76
CA ILE B 4 86.35 3.80 71.32
CA LEU B 5 89.36 1.68 72.00
CA PRO B 6 89.05 -1.46 69.77
CA ILE B 7 92.05 -3.34 71.26
CA ARG B 8 93.58 -3.94 74.71
CA PHE B 9 97.28 -3.26 75.15
CA GLN B 10 98.52 -5.16 78.24
CA GLU B 11 101.95 -5.53 79.84
CA HIS B 12 102.14 -8.98 81.41
CA LEU B 13 105.48 -8.63 83.09
CA GLN B 14 108.56 -6.45 83.08
CA LEU B 15 111.64 -8.62 82.79
CA GLN B 16 114.12 -6.44 84.58
CA ASN B 17 111.83 -6.70 87.62
CA LEU B 18 112.98 -10.30 87.59
CA GLY B 19 116.41 -8.87 87.69
CA ILE B 20 117.34 -9.99 84.19
CA ASN B 21 120.38 -8.38 82.60
CA PRO B 22 118.96 -6.25 79.77
CA ALA B 23 121.98 -7.22 77.73
CA ASN B 24 120.28 -10.60 77.54
CA ILE B 25 116.88 -9.45 76.31
CA GLY B 26 117.50 -10.02 72.64
CA PHE B 27 116.92 -12.24 69.62
CA SER B 28 119.83 -14.46 70.38
CA THR B 29 119.50 -14.77 74.09
CA LEU B 30 115.74 -14.58 74.54
CA THR B 31 113.22 -16.91 72.99
CA MET B 32 109.45 -17.15 73.10
CA GLU B 33 108.15 -20.31 71.28
CA SER B 34 104.70 -19.94 72.78
CA ASP B 35 102.94 -17.74 75.34
CA LYS B 36 103.75 -20.44 77.92
CA PHE B 37 107.44 -19.79 78.68
CA ILE B 38 110.14 -17.28 78.04
CA CYS B 39 113.69 -18.53 78.12
CA ILE B 40 116.78 -16.37 78.62
CA ARG B 41 120.41 -17.52 78.43
CA GLU B 42 122.50 -15.47 80.97
CA LYS B 43 126.16 -15.62 82.07
CA VAL B 44 125.79 -14.88 85.75
CA GLY B 45 129.28 -13.94 86.74
CA GLU B 46 131.54 -16.24 84.82
CA GLN B 47 128.80 -18.89 84.81
CA ALA B 48 126.26 -19.65 82.13
CA GLN B 49 122.66 -20.42 82.90
CA VAL B 50 119.17 -20.58 81.48
CA VAL B 51 116.35 -18.73 83.07
CA ILE B 52 112.96 -20.19 82.27
CA ILE B 53 109.98 -18.01 82.93
CA ASP B 54 106.69 -19.87 83.04
CA MET B 55 104.11 -17.36 82.13
CA ASN B 56 101.77 -18.99 84.54
CA ASP B 57 103.64 -17.71 87.58
CA PRO B 58 106.16 -15.38 86.04
CA SER B 59 107.06 -14.14 89.47
CA ASN B 60 109.19 -17.20 89.85
CA PRO B 61 111.74 -18.05 87.13
CA ILE B 62 113.57 -21.46 87.01
CA ARG B 63 117.34 -21.07 86.63
CA ARG B 64 119.82 -23.81 85.59
CA PRO B 65 123.51 -23.67 84.75
CA ILE B 66 123.50 -24.72 81.20
CA SER B 67 126.02 -23.78 78.60
CA ALA B 68 124.24 -23.82 75.27
CA ASP B 69 124.63 -21.93 72.03
CA SER B 70 120.85 -21.82 72.19
CA ALA B 71 117.81 -22.97 74.13
CA ILE B 72 114.16 -23.10 73.16
CA MET B 73 111.36 -24.47 75.31
CA ASN B 74 108.50 -26.71 74.26
CA PRO B 75 105.40 -24.83 73.30
CA ALA B 76 103.61 -26.62 76.06
CA SER B 77 105.61 -28.88 78.27
CA LYS B 78 108.61 -28.45 80.51
CA VAL B 79 110.87 -29.93 77.83
CA ILE B 80 113.76 -27.81 76.52
CA ALA B 81 115.91 -28.17 73.43
CA LEU B 82 119.51 -27.17 74.01
CA LYS B 83 122.05 -26.82 71.27
CA ALA B 84 125.76 -27.13 71.88
CA GLY B 85 127.27 -26.14 68.58
CA LYS B 86 126.21 -29.21 66.61
CA THR B 87 125.00 -31.47 69.33
CA LEU B 88 121.28 -30.99 69.77
CA GLN B 89 119.75 -32.21 73.02
CA ILE B 90 116.09 -32.38 74.17
CA PHE B 91 116.01 -32.45 77.97
CA ASN B 92 113.12 -32.72 80.40
CA ILE B 93 113.46 -29.69 82.71
CA GLU B 94 110.53 -31.07 84.72
CA MET B 95 112.22 -34.27 85.86
CA LYS B 96 115.76 -33.37 84.87
CA SER B 97 116.05 -36.40 82.57
CA LYS B 98 117.72 -36.28 79.15
CA MET B 99 115.13 -37.15 76.55
CA LYS B 100 117.14 -37.35 73.34
CA ALA B 101 120.10 -35.91 71.45
CA HIS B 102 121.74 -35.81 68.04
CA THR B 103 124.90 -34.37 66.58
CA MET B 104 123.97 -32.71 63.37
CA THR B 105 126.44 -33.01 60.48
CA ASP B 106 126.28 -29.32 59.78
CA ASP B 107 125.43 -26.58 62.28
CA VAL B 108 121.81 -25.76 62.90
CA THR B 109 121.55 -22.19 61.87
CA PHE B 110 118.09 -21.46 63.30
CA TRP B 111 115.64 -23.85 64.94
CA LYS B 112 112.21 -23.70 66.57
CA TRP B 113 109.41 -25.81 67.90
CA ILE B 114 106.74 -26.04 65.22
CA SER B 115 104.48 -28.02 67.45
CA LEU B 116 103.94 -29.75 70.71
CA ASN B 117 106.62 -32.23 69.82
CA THR B 118 108.65 -31.42 66.77
CA VAL B 119 111.63 -29.08 66.42
CA ALA B 120 112.63 -27.56 63.06
CA LEU B 121 116.37 -27.41 62.36
CA VAL B 122 117.48 -25.02 59.72
CA THR B 123 120.83 -25.79 58.27
CA ASP B 124 122.75 -23.73 55.86
CA ASN B 125 121.30 -25.98 53.17
CA ALA B 126 118.26 -27.72 54.53
CA VAL B 127 115.35 -27.69 56.93
CA TYR B 128 114.69 -30.90 58.96
CA HIS B 129 112.01 -31.74 61.49
CA TRP B 130 112.96 -33.65 64.65
CA SER B 131 110.28 -35.27 66.76
CA MET B 132 110.97 -35.27 70.47
CA GLU B 133 109.35 -38.69 70.38
CA GLY B 134 111.21 -42.00 70.28
CA GLU B 135 114.57 -42.99 68.94
CA SER B 136 113.77 -41.18 65.69
CA GLN B 137 116.31 -38.84 64.18
CA PRO B 138 116.01 -35.50 62.25
CA VAL B 139 114.18 -35.85 58.91
CA LYS B 140 115.00 -33.53 56.00
CA MET B 141 111.83 -31.88 54.63
CA PHE B 142 113.43 -29.86 51.93
CA ASP B 143 116.50 -28.04 50.71
CA ARG B 144 116.95 -24.35 51.08
CA HIS B 145 116.00 -22.45 47.98
CA SER B 146 118.71 -20.22 46.57
CA SER B 147 116.99 -16.91 46.94
CA LEU B 148 117.72 -17.32 50.62
CA ALA B 149 121.47 -17.81 50.25
CA GLY B 150 123.44 -15.78 52.76
CA CYS B 151 120.22 -14.61 54.42
CA GLN B 152 119.88 -14.03 58.14
CA ILE B 153 117.20 -16.65 58.89
CA ILE B 154 114.56 -15.04 61.11
CA ASN B 155 111.65 -17.46 61.10
CA TYR B 156 110.15 -20.76 60.04
CA ARG B 157 106.44 -21.56 60.00
CA THR B 158 104.12 -24.37 59.01
CA ASP B 159 100.43 -24.70 58.28
CA ALA B 160 98.39 -26.70 60.83
CA LYS B 161 98.78 -29.81 58.78
CA GLN B 162 102.51 -29.27 58.21
CA LYS B 163 101.89 -29.76 54.54
CA TRP B 164 103.15 -26.23 53.63
CA LEU B 165 106.35 -24.91 55.21
CA LEU B 166 107.71 -21.38 55.02
CA LEU B 167 111.26 -20.19 55.62
CA THR B 168 112.17 -16.48 55.98
CA GLY B 169 115.41 -14.65 56.00
CA ILE B 170 116.35 -11.01 55.52
CA SER B 171 119.19 -9.23 53.78
CA ALA B 172 120.55 -5.70 53.82
CA GLN B 173 120.49 -5.39 50.14
CA GLN B 174 121.50 -2.12 48.77
CA ASN B 175 120.51 -0.13 51.88
CA ARG B 176 117.11 -1.90 52.70
CA VAL B 177 116.32 -4.90 54.84
CA VAL B 178 114.94 -7.12 52.17
CA GLY B 179 113.06 -10.29 53.25
CA ALA B 180 113.20 -13.61 51.45
CA MET B 181 110.65 -16.36 51.95
CA GLN B 182 110.67 -19.91 50.64
CA LEU B 183 107.22 -21.53 50.56
CA TYR B 184 107.68 -25.32 50.21
CA SER B 185 104.87 -27.71 49.33
CA VAL B 186 105.23 -31.04 51.05
CA ASP B 187 102.60 -33.00 49.20
CA ARG B 188 103.41 -31.50 45.78
CA LYS B 189 107.14 -31.56 46.52
CA VAL B 190 107.55 -28.11 44.90
CA SER B 191 108.92 -24.92 46.41
CA GLN B 192 108.66 -21.23 45.50
CA PRO B 193 110.30 -17.96 46.45
CA ILE B 194 108.29 -14.93 47.69
CA GLU B 195 109.56 -11.54 48.84
CA GLY B 196 108.11 -11.24 52.28
CA HIS B 197 108.83 -9.81 55.63
CA ALA B 198 106.37 -11.53 57.91
CA ALA B 199 103.66 -14.17 57.48
CA SER B 200 101.50 -16.78 59.10
CA PHE B 201 99.02 -19.47 57.97
CA ALA B 202 95.41 -19.74 59.12
CA GLN B 203 92.51 -22.18 58.92
CA PHE B 204 89.41 -20.33 57.80
CA LYS B 205 86.05 -21.83 56.97
CA MET B 206 84.53 -19.52 54.34
CA GLU B 207 80.91 -18.48 54.38
CA GLY B 208 79.05 -21.34 52.74
CA ASN B 209 81.79 -24.00 52.69
CA ALA B 210 81.99 -27.01 54.95
CA GLU B 211 85.69 -27.19 55.14
CA GLU B 212 88.28 -24.78 56.40
CA SER B 213 90.50 -23.28 53.85
CA THR B 214 94.19 -23.07 54.70
CA LEU B 215 95.33 -19.56 54.15
CA PHE B 216 98.82 -18.14 53.98
CA CYS B 217 99.09 -14.50 54.84
CA PHE B 218 102.23 -12.51 54.40
CA ALA B 219 103.35 -8.92 54.42
CA VAL B 220 106.20 -7.03 52.92
CA ARG B 221 107.45 -3.60 52.20
CA GLY B 222 108.92 -3.52 48.69
CA GLN B 223 109.63 -0.80 46.10
CA ALA B 224 105.90 -0.48 45.60
CA GLY B 225 105.41 -0.03 49.28
CA GLY B 226 104.13 -2.46 51.81
CA LYS B 227 101.40 -4.87 51.01
CA LEU B 228 99.68 -7.69 52.75
CA HIS B 229 98.57 -10.79 50.83
CA ILE B 230 96.09 -13.42 52.00
CA ILE B 231 95.90 -16.44 49.68
CA GLU B 232 94.51 -19.98 49.95
CA VAL B 233 97.20 -22.56 49.77
CA GLY B 234 96.74 -25.87 47.92
CA THR B 235 93.49 -27.47 46.63
CA PRO B 236 90.20 -26.56 48.25
CA PRO B 237 88.53 -29.40 50.09
CA THR B 238 86.32 -31.05 47.54
CA GLY B 239 83.05 -29.16 47.45
CA ASN B 240 84.52 -25.89 48.71
CA GLN B 241 84.30 -22.68 46.78
CA PRO B 242 87.79 -21.34 46.54
CA PHE B 243 88.92 -18.39 48.66
CA PRO B 244 89.60 -15.32 46.51
CA LYS B 245 93.23 -14.32 46.97
CA LYS B 246 93.51 -10.84 48.61
CA ALA B 247 96.03 -8.00 48.59
CA VAL B 248 95.93 -4.84 50.68
CA ASP B 249 98.61 -2.27 51.24
CA VAL B 250 100.05 -1.74 54.69
CA PHE B 251 100.67 1.90 55.42
CA PHE B 252 103.83 3.41 56.79
CA PRO B 253 103.83 7.00 57.92
CA PRO B 254 106.63 9.35 56.84
CA GLU B 255 107.95 9.33 60.39
CA ALA B 256 108.08 5.56 59.93
CA GLN B 257 111.07 6.15 57.68
CA ASN B 258 112.45 2.74 57.03
CA ASP B 259 110.06 0.60 59.02
CA PHE B 260 109.05 -2.83 57.69
CA PRO B 261 106.99 -5.86 58.86
CA VAL B 262 108.56 -7.98 61.50
CA ALA B 263 105.93 -10.25 63.04
CA MET B 264 102.44 -11.57 62.35
CA GLN B 265 99.95 -13.68 64.24
CA ILE B 266 96.37 -14.29 63.35
CA SER B 267 93.49 -14.73 65.72
CA GLU B 268 91.54 -17.76 64.75
CA LYS B 269 88.99 -16.76 67.31
CA HIS B 270 88.29 -13.39 65.56
CA ASP B 271 89.83 -13.87 62.08
CA VAL B 272 91.97 -10.81 62.49
CA VAL B 273 95.55 -10.48 61.34
CA PHE B 274 97.96 -8.83 63.75
CA LEU B 275 101.01 -7.25 62.15
CA ILE B 276 103.92 -5.69 64.09
CA THR B 277 106.54 -3.51 62.37
CA LYS B 278 110.22 -2.99 63.16
CA TYR B 279 109.55 0.37 64.89
CA GLY B 280 106.87 -0.86 67.26
CA TYR B 281 103.68 -0.27 65.21
CA ILE B 282 100.69 -2.60 65.23
CA HIS B 283 97.96 -3.15 62.63
CA LEU B 284 94.87 -5.30 62.69
CA TYR B 285 93.46 -6.52 59.38
CA ASP B 286 90.34 -8.55 58.70
CA LEU B 287 91.54 -12.02 57.63
CA GLU B 288 88.78 -12.70 55.14
CA THR B 289 88.89 -9.36 53.28
CA GLY B 290 92.17 -7.83 54.23
CA THR B 291 90.42 -4.70 55.35
CA CYS B 292 92.56 -2.63 57.71
CA ILE B 293 90.72 -2.28 61.00
CA TYR B 294 93.22 -0.50 63.24
CA MET B 295 96.77 0.87 63.40
CA ASN B 296 98.75 2.51 66.17
CA ARG B 297 102.07 2.49 67.83
CA ILE B 298 102.52 0.55 71.00
CA SER B 299 106.28 0.37 71.40
CA GLY B 300 109.19 2.58 70.48
CA GLU B 301 111.62 -0.23 71.05
CA THR B 302 111.38 -3.27 68.75
CA ILE B 303 109.24 -6.27 69.69
CA PHE B 304 111.84 -8.87 68.65
CA VAL B 305 109.80 -11.96 69.35
CA THR B 306 106.14 -12.86 69.46
CA ALA B 307 103.59 -15.62 69.62
CA PRO B 308 99.97 -16.02 69.54
CA HIS B 309 98.32 -15.24 72.89
CA GLU B 310 95.95 -18.06 73.48
CA ALA B 311 94.03 -16.54 76.36
CA THR B 312 92.95 -13.58 74.36
CA ALA B 313 93.41 -14.82 70.84
CA GLY B 314 95.81 -11.95 70.31
CA ILE B 315 99.50 -11.41 70.05
CA ILE B 316 102.17 -11.32 72.83
CA GLY B 317 105.79 -10.33 72.40
CA VAL B 318 108.82 -8.94 74.19
CA ASN B 319 110.72 -5.78 73.31
CA ARG B 320 114.18 -4.47 74.09
CA LYS B 321 113.20 -2.89 77.44
CA GLY B 322 112.06 -6.24 78.71
CA GLN B 323 108.39 -5.52 78.40
CA VAL B 324 106.30 -8.57 77.72
CA LEU B 325 103.43 -6.84 75.83
CA SER B 326 100.27 -8.13 74.33
CA VAL B 327 97.49 -6.80 72.04
CA CYS B 328 94.08 -8.24 71.28
CA VAL B 329 90.57 -7.36 70.05
CA GLU B 330 88.36 -5.94 72.77
CA GLU B 331 85.36 -8.14 71.97
CA GLU B 332 82.99 -5.62 73.35
CA ASN B 333 84.34 -2.56 71.48
CA ILE B 334 85.26 -3.78 68.00
CA ILE B 335 81.87 -4.12 66.31
CA PRO B 336 80.94 -0.58 67.66
CA TYR B 337 84.35 0.70 66.54
CA ILE B 338 83.94 -0.65 62.96
CA THR B 339 80.44 0.84 62.81
CA ASN B 340 81.17 4.29 64.31
CA VAL B 341 84.86 5.03 63.84
CA LEU B 342 85.37 2.95 60.63
CA GLN B 343 81.87 3.83 59.58
CA ASN B 344 81.71 0.45 57.96
CA PRO B 345 78.50 -1.21 59.21
CA ASP B 346 78.68 -3.86 56.61
CA LEU B 347 82.09 -5.11 57.78
CA ALA B 348 80.70 -4.68 61.30
CA LEU B 349 77.64 -6.87 60.82
CA ARG B 350 79.65 -9.51 59.00
CA MET B 351 82.39 -9.63 61.51
CA ALA B 352 79.67 -9.60 64.25
CA VAL B 353 77.68 -12.56 62.97
CA ARG B 354 80.76 -14.36 61.70
CA ASN B 355 82.32 -14.15 65.12
CA ASN B 356 79.34 -13.88 67.38
CA LEU B 357 80.54 -10.58 68.73
CA ALA B 358 78.27 -7.88 70.13
CA GLY B 359 77.56 -4.27 69.38
CA ALA B 360 75.48 -4.47 66.24
CA GLU B 361 72.12 -5.12 67.89
CA GLU B 362 70.42 -2.03 66.42
CA LEU B 363 71.63 -2.82 62.93
CA PHE B 364 70.27 -6.33 63.24
CA ALA B 365 66.83 -5.35 64.46
CA ARG B 366 66.79 -2.75 61.69
CA LYS B 367 67.80 -5.39 59.12
CA PHE B 368 65.19 -7.85 60.42
CA ASN B 369 62.46 -5.24 60.52
CA ALA B 370 63.42 -4.19 57.01
CA LEU B 371 63.17 -7.64 55.52
CA PHE B 372 59.84 -8.12 57.36
CA ALA B 373 58.15 -5.40 55.28
CA GLN B 374 59.42 -6.70 52.01
CA GLY B 375 57.80 -9.72 53.60
CA ASN B 376 60.86 -11.88 52.99
CA TYR B 377 60.05 -13.75 56.15
CA SER B 378 62.66 -16.21 55.09
CA GLU B 379 65.50 -13.75 54.90
CA ALA B 380 64.14 -12.05 58.01
CA ALA B 381 64.36 -15.35 59.94
CA LYS B 382 67.86 -16.09 58.73
CA VAL B 383 68.85 -12.79 60.34
CA ALA B 384 67.15 -13.54 63.65
CA ALA B 385 68.55 -17.04 63.69
CA ASN B 386 72.13 -15.89 63.12
CA ALA B 387 72.40 -12.45 64.71
CA PRO B 388 74.82 -12.78 67.73
CA LYS B 389 74.22 -13.33 71.40
CA GLY B 390 70.65 -14.39 70.69
CA ILE B 391 69.54 -10.86 70.26
CA LEU B 392 66.50 -11.77 68.01
CA ARG B 393 65.82 -15.36 69.14
CA THR B 394 63.06 -13.95 71.23
CA PRO B 395 59.45 -14.82 72.15
CA ASP B 396 58.55 -11.57 70.64
CA THR B 397 60.32 -12.66 67.49
CA ILE B 398 58.17 -15.80 67.49
CA ARG B 399 55.04 -13.63 68.16
CA ARG B 400 56.02 -11.58 65.14
CA PHE B 401 56.15 -14.55 62.77
CA GLN B 402 53.14 -16.06 64.47
CA SER B 403 51.11 -12.98 63.49
CA VAL B 404 51.38 -13.11 59.72
CA PRO B 405 48.81 -15.33 58.05
CA ALA B 406 49.61 -18.37 55.98
CA GLN B 407 48.24 -17.40 52.54
CA PRO B 408 47.22 -20.60 50.69
CA GLY B 409 50.19 -22.49 49.26
CA GLN B 410 53.70 -22.04 50.74
CA THR B 411 54.79 -22.60 54.35
CA SER B 412 54.05 -20.26 57.30
CA PRO B 413 56.64 -17.64 58.17
CA LEU B 414 56.76 -19.18 61.62
CA LEU B 415 57.16 -22.71 60.50
CA GLN B 416 59.69 -21.26 58.09
CA TYR B 417 61.65 -19.62 60.94
CA PHE B 418 61.43 -22.79 63.06
CA GLY B 419 62.75 -24.56 60.03
CA ILE B 420 65.86 -22.40 60.00
CA LEU B 421 66.37 -22.88 63.69
CA LEU B 422 65.92 -26.67 63.52
CA ASP B 423 68.58 -26.66 60.84
CA GLN B 424 70.79 -24.24 62.67
CA GLY B 425 70.57 -26.49 65.69
CA GLN B 426 68.69 -27.13 68.91
CA LEU B 427 65.66 -25.04 70.04
CA ASN B 428 65.19 -23.64 73.62
CA LYS B 429 62.43 -24.25 76.05
CA TYR B 430 60.07 -21.57 74.72
CA GLU B 431 60.73 -22.40 71.08
CA SER B 432 60.27 -26.09 71.60
CA LEU B 433 56.97 -25.39 73.34
CA GLU B 434 55.77 -23.07 70.56
CA LEU B 435 56.89 -25.56 67.93
CA CYS B 436 55.28 -28.55 69.62
CA ARG B 437 51.99 -27.15 70.88
CA PRO B 438 50.21 -27.12 67.46
CA VAL B 439 51.82 -30.37 66.13
CA LEU B 440 50.68 -32.14 69.27
CA GLN B 441 47.12 -31.04 68.54
CA GLN B 442 47.45 -32.16 64.93
CA GLY B 443 47.96 -35.74 66.20
CA ARG B 444 51.45 -35.64 64.83
CA LYS B 445 53.29 -37.95 67.26
CA GLN B 446 55.81 -39.33 64.89
CA LEU B 447 57.08 -35.80 64.09
CA LEU B 448 57.78 -34.77 67.66
CA GLU B 449 59.26 -38.26 68.10
CA LYS B 450 61.87 -37.54 65.45
CA TRP B 451 62.54 -34.04 66.68
CA LEU B 452 63.13 -35.66 70.10
CA LYS B 453 65.40 -38.46 68.89
CA GLU B 454 67.43 -36.26 66.62
CA ASP B 455 67.75 -34.39 69.90
CA LYS B 456 66.40 -31.08 68.56
CA LEU B 457 64.05 -30.07 71.46
CA GLU B 458 65.10 -28.86 74.88
CA CYS B 459 62.85 -30.43 75.71
CA SER B 460 61.04 -28.94 78.70
CA GLU B 461 58.29 -29.97 81.13
CA GLU B 462 56.02 -27.53 79.32
CA LEU B 463 56.69 -28.71 75.74
CA GLY B 464 55.89 -32.07 77.27
CA ASP B 465 52.63 -30.92 78.84
CA LEU B 466 51.69 -29.61 75.40
CA VAL B 467 52.40 -32.95 73.82
CA LYS B 468 50.59 -34.79 76.63
CA SER B 469 47.52 -32.95 75.32
CA VAL B 470 47.93 -34.94 72.12
CA ASP B 471 50.16 -37.89 72.91
CA PRO B 472 50.52 -38.62 76.60
CA THR B 473 52.88 -41.37 75.38
CA LEU B 474 55.00 -38.95 73.29
CA ALA B 475 55.22 -36.82 76.46
CA LEU B 476 57.26 -39.27 78.59
CA SER B 477 59.77 -39.03 75.81
CA VAL B 478 60.27 -35.24 76.20
CA TYR B 479 59.93 -35.37 79.97
CA LEU B 480 62.45 -38.15 80.22
CA ARG B 481 64.65 -35.63 78.32
CA ALA B 482 63.33 -32.65 80.12
CA ASN B 483 62.63 -31.91 83.96
CA VAL B 484 63.36 -35.92 85.85
CA PRO B 485 58.34 -32.14 85.55
CA ASN B 486 57.66 -35.65 86.75
CA LYS B 487 54.58 -34.78 88.70
CA VAL B 488 53.07 -33.00 85.77
CA ILE B 489 53.71 -35.83 83.36
CA GLN B 490 52.09 -38.41 85.57
CA CYS B 491 49.21 -36.15 86.16
CA PHE B 492 47.42 -35.66 82.91
CA ALA B 493 48.94 -38.90 81.83
CA GLU B 494 46.22 -40.94 83.27
CA THR B 495 46.53 -42.23 79.79
CA GLY B 496 50.01 -42.98 78.59
CA GLN B 497 52.47 -45.77 78.20
CA VAL B 498 52.81 -48.06 81.17
CA GLN B 499 56.55 -48.36 80.91
CA LYS B 500 57.13 -44.63 81.09
CA ILE B 501 54.73 -44.32 83.95
CA VAL B 502 56.49 -46.90 86.04
CA LEU B 503 59.77 -45.05 85.74
CA TYR B 504 58.50 -41.51 86.23
CA ALA B 505 55.97 -42.16 88.97
CA LYS B 506 58.81 -42.86 91.40
CA LYS B 507 60.38 -39.51 90.62
CA VAL B 508 57.14 -37.67 91.39
CA GLY B 509 57.44 -36.14 91.90
CA TYR B 510 54.89 -36.26 92.40
CA THR B 511 53.50 -39.28 94.12
CA PRO B 512 49.84 -38.68 93.31
CA ASP B 513 50.70 -39.20 89.69
CA TRP B 514 51.26 -42.81 90.61
CA ILE B 515 47.75 -43.12 91.94
CA PHE B 516 46.51 -41.48 88.79
CA LEU B 517 48.60 -43.88 86.75
CA LEU B 518 47.14 -46.86 88.49
CA ARG B 519 43.68 -45.69 87.66
CA ASN B 520 44.62 -45.47 84.02
CA VAL B 521 46.13 -48.90 84.02
CA MET B 522 43.10 -50.15 85.84
CA ARG B 523 40.59 -50.84 81.23
CA ILE B 524 43.46 -49.34 79.36
CA SER B 525 46.06 -50.43 76.88
CA PRO B 526 47.43 -52.50 79.65
CA ASP B 527 45.28 -55.44 80.57
CA GLN B 528 45.41 -58.51 82.72
CA GLY B 529 48.11 -61.03 82.06
CA GLN B 530 51.64 -59.85 81.76
CA GLN B 531 51.32 -56.24 80.81
CA PHE B 532 51.97 -52.85 82.23
CA ALA B 533 49.01 -53.34 84.50
CA GLN B 534 50.62 -55.42 87.21
CA MET B 535 54.20 -54.72 86.28
CA LEU B 536 53.50 -51.05 86.70
CA VAL B 537 52.50 -51.69 90.26
CA GLN B 538 55.85 -53.31 90.85
CA ASP B 539 57.98 -50.30 90.00
CA GLU B 540 55.49 -48.19 91.89
CA GLU B 541 56.13 -50.32 94.92
CA PRO B 542 55.82 -47.11 97.44
CA LEU B 543 52.79 -45.71 96.74
CA ALA B 544 49.82 -43.48 96.13
CA ASP B 545 46.75 -44.29 96.42
CA ILE B 546 46.63 -48.04 96.85
CA THR B 547 42.87 -47.89 96.90
CA GLN B 548 43.01 -45.81 93.76
CA ILE B 549 45.02 -48.35 91.87
CA VAL B 550 42.70 -51.17 92.83
CA ASP B 551 39.63 -49.07 92.19
CA VAL B 552 40.76 -48.56 88.65
CA PHE B 553 41.37 -52.25 88.15
CA MET B 554 38.03 -53.25 89.60
CA GLU B 555 35.89 -51.04 87.39
CA TYR B 556 37.74 -52.39 84.40
CA ASN B 557 36.98 -55.87 85.74
CA LEU B 558 40.72 -56.38 85.46
CA ILE B 559 40.47 -58.11 88.84
CA GLN B 560 42.21 -61.23 87.64
CA GLN B 561 45.20 -59.13 86.63
CA CYS B 562 45.01 -57.00 89.72
CA THR B 563 45.35 -60.03 91.91
CA ALA B 564 48.23 -61.25 89.78
CA PHE B 565 50.25 -58.09 90.21
CA LEU B 566 49.57 -57.92 93.90
CA LEU B 567 51.36 -61.21 94.15
CA ASP B 568 54.40 -59.47 92.72
CA ALA B 569 53.98 -56.59 95.14
CA LEU B 570 54.43 -58.74 98.20
CA LYS B 571 57.84 -59.73 96.97
CA ASN B 572 59.07 -56.18 96.96
CA ASN B 573 59.97 -56.04 100.60
CA ARG B 574 60.17 -52.30 100.84
CA PRO B 575 57.31 -51.69 98.55
CA SER B 576 55.15 -54.01 100.58
CA GLU B 577 52.46 -52.39 102.63
CA GLY B 578 49.11 -55.28 106.59
CA PRO B 579 46.54 -52.90 105.33
CA LEU B 580 47.70 -53.62 101.82
CA GLN B 581 46.75 -57.26 102.08
CA THR B 582 43.52 -56.41 103.78
CA ARG B 583 42.50 -53.93 101.11
CA LEU B 584 43.54 -56.20 98.28
CA LEU B 585 41.38 -59.06 99.36
CA GLU B 586 38.47 -56.76 99.99
CA MET B 587 38.80 -55.32 96.53
CA ASN B 588 39.19 -58.76 95.10
CA LEU B 589 35.96 -59.90 96.64
CA MET B 590 33.85 -57.34 94.86
CA HIS B 591 36.23 -56.99 91.93
CA ALA B 592 37.05 -60.58 91.14
CA PRO B 593 36.15 -63.34 93.46
CA GLN B 594 38.22 -65.90 91.63
CA VAL B 595 41.35 -64.19 92.85
CA ALA B 596 39.93 -63.81 96.33
CA ASP B 597 40.48 -67.38 97.37
CA ALA B 598 43.97 -67.69 96.00
CA ILE B 599 45.04 -64.59 97.85
CA LEU B 600 43.67 -66.15 100.98
CA GLY B 601 45.99 -69.01 100.47
CA ASN B 602 48.94 -66.87 99.52
CA GLN B 603 48.96 -64.34 102.29
CA MET B 604 45.49 -63.39 103.14
CA PHE B 605 45.62 -65.69 106.05
CA THR B 606 48.69 -64.52 107.87
CA HIS B 607 48.83 -60.83 107.21
CA TYR B 608 45.32 -59.62 106.82
CA ASP B 609 42.73 -58.00 109.03
CA ARG B 610 40.74 -61.20 109.21
CA ALA B 611 37.66 -59.72 110.77
CA HIS B 612 37.36 -57.14 108.04
CA ILE B 613 37.80 -59.63 105.24
CA ALA B 614 35.17 -61.91 106.59
CA GLN B 615 32.51 -59.25 106.66
CA LEU B 616 33.39 -58.44 103.11
CA CYS B 617 33.16 -62.08 102.06
CA GLU B 618 29.81 -62.43 103.77
CA LYS B 619 28.40 -59.67 101.64
CA ALA B 620 30.33 -61.29 98.81
CA GLY B 621 28.58 -64.65 99.05
CA LEU B 622 32.10 -66.06 99.09
CA LEU B 623 31.03 -68.69 101.64
CA GLN B 624 33.38 -71.34 100.32
CA ARG B 625 36.23 -68.97 101.20
CA ALA B 626 34.44 -67.70 104.29
CA LEU B 627 34.70 -71.16 105.73
CA GLU B 628 38.40 -71.07 105.03
CA HIS B 629 38.83 -67.84 106.95
CA PHE B 630 36.65 -69.02 109.76
CA THR B 631 38.59 -72.20 110.01
CA ASP B 632 41.93 -70.40 110.18
CA LEU B 633 40.35 -67.80 112.40
CA TYR B 634 39.64 -70.80 114.59
CA ASP B 635 36.09 -69.69 114.69
CA ILE B 636 34.99 -73.22 113.97
CA LYS B 637 31.43 -72.80 115.14
CA ARG B 638 31.00 -70.15 112.48
CA ALA B 639 32.57 -72.27 109.81
CA VAL B 640 30.14 -75.06 110.51
CA VAL B 641 27.13 -72.80 110.69
CA HIS B 642 28.07 -71.34 107.34
CA THR B 643 28.66 -74.76 105.90
CA HIS B 644 25.19 -75.61 107.01
CA LEU B 645 23.59 -72.97 104.85
CA LEU B 646 25.66 -73.84 101.83
CA ASN B 647 27.10 -77.31 101.71
CA PRO B 648 30.60 -77.64 102.88
CA GLU B 649 33.15 -80.15 101.77
CA TRP B 650 32.79 -83.62 103.18
CA LEU B 651 36.25 -84.00 104.65
CA VAL B 652 36.28 -80.59 106.28
CA ASN B 653 32.97 -81.19 107.96
CA TYR B 654 34.34 -84.11 109.90
CA PHE B 655 37.39 -82.26 111.13
CA GLY B 656 35.81 -78.93 111.93
CA SER B 657 32.72 -80.18 113.69
CA LEU B 658 34.76 -81.77 116.43
CA SER B 659 36.77 -78.61 116.70
CA VAL B 660 33.54 -76.91 117.58
CA GLU B 661 34.13 -77.31 121.28
CA ASP B 662 31.96 -74.32 121.89
CA SER B 663 28.64 -75.61 120.81
CA LEU B 664 27.55 -79.15 121.50
CA GLU B 665 24.17 -78.32 120.02
CA CYS B 666 25.76 -77.85 116.66
CA LEU B 667 26.34 -81.56 116.67
CA ARG B 668 22.66 -82.27 117.07
CA ALA B 669 21.87 -79.63 114.51
CA MET B 670 24.34 -81.21 112.16
CA LEU B 671 22.87 -84.66 112.50
CA SER B 672 19.50 -83.36 111.50
CA ALA B 673 20.97 -81.68 108.46
CA ASN B 674 23.00 -84.74 107.66
CA ILE B 675 20.02 -86.98 107.88
CA ARG B 676 18.52 -85.14 104.99
CA GLN B 677 21.27 -84.35 102.57
CA ASN B 678 22.95 -87.70 102.88
CA LEU B 679 22.30 -90.88 104.83
CA GLN B 680 25.76 -92.21 104.23
CA ILE B 681 27.46 -89.13 105.53
CA CYS B 682 25.44 -89.29 108.70
CA VAL B 683 26.68 -92.70 109.72
CA GLN B 684 30.30 -91.71 109.33
CA VAL B 685 29.71 -88.32 110.90
CA ALA B 686 27.87 -89.90 113.78
CA SER B 687 30.95 -91.77 114.83
CA LYS B 688 33.07 -88.65 115.49
CA TYR B 689 31.10 -88.36 117.47
CA HIS B 690 28.48 -87.64 119.90
CA GLU B 691 28.63 -85.03 122.79
CA GLN B 692 25.36 -86.33 123.50
CA LEU B 693 22.02 -87.20 125.11
CA SER B 694 19.94 -85.48 122.55
CA THR B 695 18.82 -88.48 123.45
CA GLN B 696 15.18 -88.46 122.30
CA SER B 697 15.70 -85.49 120.05
CA LEU B 698 18.69 -87.19 118.58
CA ILE B 699 16.70 -90.27 117.68
CA GLU B 700 13.71 -88.29 116.53
CA LEU B 701 16.00 -86.55 114.10
CA PHE B 702 17.30 -89.87 112.82
CA GLU B 703 13.83 -91.14 112.14
CA SER B 704 12.70 -88.15 110.08
CA PHE B 705 15.79 -88.54 107.95
CA LYS B 706 14.61 -92.09 107.64
CA SER B 707 18.04 -93.24 108.57
CA PHE B 708 16.68 -96.02 110.71
CA GLU B 709 19.57 -98.24 109.78
CA GLY B 710 22.20 -95.70 110.75
CA LEU B 711 20.57 -94.75 114.01
CA PHE B 712 20.59 -98.39 114.99
CA TYR B 713 24.19 -98.77 113.93
CA PHE B 714 25.29 -95.71 115.92
CA LEU B 715 23.67 -96.90 119.11
CA GLY B 716 25.42 -100.16 118.53
CA SER B 717 28.77 -98.43 118.86
CA ILE B 718 27.77 -96.34 121.85
CA VAL B 719 26.71 -99.37 123.84
CA ASN B 720 30.27 -100.62 123.75
CA PHE B 721 31.34 -97.71 125.87
CA SER B 722 29.57 -96.83 129.07
CA GLN B 723 26.06 -95.75 128.36
CA ASP B 724 24.05 -96.70 128.70
CA PRO B 725 21.05 -98.86 128.44
CA ASP B 726 19.44 -96.28 126.22
CA VAL B 727 21.83 -97.20 123.47
CA HIS B 728 21.23 -100.94 123.70
CA PHE B 729 17.56 -100.17 123.86
CA LYS B 730 17.63 -98.08 120.71
CA TYR B 731 19.87 -100.51 118.84
CA ILE B 732 17.53 -103.43 119.25
CA GLN B 733 14.54 -101.36 118.27
CA ALA B 734 16.26 -100.21 115.11
CA ALA B 735 17.50 -103.68 114.44
CA CYS B 736 14.00 -105.02 114.49
CA LYS B 737 12.78 -102.86 111.65
CA THR B 738 16.19 -102.39 110.03
CA GLY B 739 17.68 -105.87 110.23
CA GLN B 740 15.75 -108.67 111.86
CA ILE B 741 18.60 -111.12 111.65
CA LYS B 742 20.71 -108.92 113.89
CA GLU B 743 17.87 -108.57 116.35
CA VAL B 744 18.37 -112.06 117.74
CA GLU B 745 22.08 -112.05 118.41
CA ARG B 746 21.88 -108.71 120.07
CA ILE B 747 19.18 -109.72 122.53
CA CYS B 748 21.18 -112.79 123.29
CA ARG B 749 24.05 -110.76 124.71
CA GLU B 750 22.30 -107.42 125.36
CA SER B 751 18.98 -108.49 126.87
CA ASN B 752 20.23 -107.64 130.34
CA CYS B 753 20.92 -103.98 129.66
CA TYR B 754 17.84 -102.98 127.71
CA ASP B 755 14.41 -101.79 128.83
CA PRO B 756 12.63 -105.01 128.02
CA GLU B 757 9.11 -103.68 127.83
CA ARG B 758 10.01 -101.43 124.98
CA VAL B 759 11.99 -104.14 123.22
CA LYS B 760 8.89 -106.26 123.28
CA ASN B 761 6.58 -103.66 121.83
CA PHE B 762 9.05 -103.32 119.02
CA LEU B 763 9.19 -107.08 118.50
CA LYS B 764 5.43 -107.32 118.50
CA GLU B 765 5.18 -104.91 115.63
CA ALA B 766 8.16 -106.67 114.15
CA LYS B 767 6.55 -110.11 114.08
CA LEU B 768 9.83 -111.15 115.66
CA THR B 769 7.99 -114.01 117.36
CA ASP B 770 10.97 -116.26 117.74
CA GLN B 771 12.74 -113.51 119.69
CA LEU B 772 9.68 -112.30 121.58
CA PRO B 773 9.40 -115.45 123.54
CA LEU B 774 13.07 -115.29 124.25
CA ILE B 775 12.55 -112.01 126.00
CA ILE B 776 9.23 -112.96 127.45
CA VAL B 777 10.70 -116.14 128.81
CA CYS B 778 13.87 -114.45 129.95
CA ASP B 779 13.89 -110.92 131.20
CA ARG B 780 10.16 -110.78 131.07
CA PHE B 781 10.58 -112.57 132.75
CA ASP B 782 7.13 -112.51 131.27
CA PHE B 783 6.85 -116.19 130.55
CA VAL B 784 3.18 -115.88 129.80
CA HIS B 785 3.93 -113.43 127.03
CA ASP B 786 6.63 -115.55 125.51
CA LEU B 787 4.36 -118.53 125.28
CA VAL B 788 1.56 -116.66 123.58
CA LEU B 789 4.15 -115.42 121.15
CA TYR B 790 5.45 -118.95 120.71
CA LEU B 791 1.97 -119.98 119.78
CA TYR B 792 2.35 -117.55 116.95
CA ARG B 793 5.59 -119.35 116.09
CA ASN B 794 8.60 -120.70 117.99
CA ASN B 795 10.66 -123.80 118.72
CA LEU B 796 9.42 -126.84 120.59
CA GLN B 797 12.30 -127.24 123.02
CA LYS B 798 12.16 -123.79 124.55
CA TYR B 799 8.43 -124.18 124.43
CA ILE B 800 8.49 -127.19 126.66
CA GLU B 801 10.54 -125.37 129.29
CA ILE B 802 8.80 -121.99 129.33
CA TYR B 803 5.33 -123.44 129.26
CA VAL B 804 5.72 -124.80 132.76
CA GLN B 805 6.94 -121.52 134.20
CA LYS B 806 3.90 -119.74 132.89
CA VAL B 807 -2.41 -120.23 130.97
CA ASN B 808 -7.28 -120.85 131.61
CA PRO B 809 -5.66 -124.22 131.50
CA SER B 810 -7.27 -124.85 128.14
CA ARG B 811 -4.14 -123.19 126.86
CA LEU B 812 -2.36 -126.31 127.96
CA PRO B 813 -4.32 -128.34 125.46
CA VAL B 814 -3.83 -125.75 122.79
CA VAL B 815 -0.13 -125.84 123.52
CA ILE B 816 0.13 -129.59 123.44
CA GLY B 817 -1.41 -129.60 120.02
CA GLY B 818 0.88 -126.81 118.96
CA LEU B 819 3.99 -128.66 119.97
CA LEU B 820 2.77 -131.85 118.39
CA ASP B 821 1.42 -130.27 115.23
CA VAL B 822 4.29 -127.94 114.76
CA ASP B 823 7.55 -129.66 114.30
CA CYS B 824 8.34 -129.34 117.94
CA SER B 825 10.45 -132.22 118.95
CA GLU B 826 8.64 -135.10 120.51
CA ASP B 827 11.19 -134.78 123.23
CA VAL B 828 10.31 -131.13 123.40
CA ILE B 829 6.69 -132.12 123.56
CA LYS B 830 7.48 -134.61 126.27
CA ASN B 831 9.51 -132.04 128.10
CA LEU B 832 6.61 -129.67 127.87
CA ILE B 833 4.07 -132.30 128.76
CA LEU B 834 1.19 -133.41 131.49
CA VAL B 835 0.12 -129.92 132.36
CA VAL B 836 -1.45 -129.66 128.94
CA ARG B 837 -3.41 -132.84 129.38
CA GLY B 838 -4.70 -131.64 132.68
CA GLN B 839 99.92 -24.27 158.88
CA PHE B 840 97.95 -22.89 156.01
CA SER B 841 98.49 -22.88 152.31
CA THR B 842 99.09 -24.91 149.85
CA ASP B 843 98.30 -25.63 146.24
CA GLU B 844 101.94 -25.19 145.35
CA LEU B 845 102.95 -27.82 147.83
CA VAL B 846 100.35 -30.19 146.47
CA ALA B 847 101.24 -29.56 142.88
CA GLU B 848 104.87 -30.28 143.56
CA VAL B 849 104.04 -33.44 145.44
CA GLU B 850 101.68 -34.72 142.78
CA LYS B 851 103.93 -34.59 139.75
CA ARG B 852 106.68 -36.06 141.84
CA ASN B 853 104.36 -38.99 142.42
CA ARG B 854 105.07 -37.93 145.99
CA LEU B 855 101.66 -40.57 146.27
CA LYS B 856 102.20 -42.81 149.25
CA LEU B 857 103.45 -39.82 151.27
CA LEU B 858 101.19 -37.29 149.62
CA LEU B 859 98.15 -38.98 151.04
CA PRO B 860 99.43 -38.54 154.56
CA TRP B 861 100.26 -34.87 154.19
CA LEU B 862 96.77 -34.15 153.01
CA GLU B 863 95.62 -36.01 156.06
CA ALA B 864 97.14 -33.28 158.20
CA ARG B 865 96.09 -30.41 155.97
CA ILE B 866 92.43 -31.16 156.51
CA HIS B 867 92.84 -29.94 160.06
CA GLU B 868 93.95 -26.54 158.82
CA GLY B 869 91.24 -23.92 159.08
CA CYS B 870 92.40 -22.73 155.68
CA GLU B 871 91.36 -26.15 154.34
CA GLU B 872 88.30 -27.71 150.48
CA PRO B 873 86.40 -30.59 149.06
CA ALA B 874 88.80 -30.66 146.16
CA THR B 875 91.44 -31.90 148.53
CA HIS B 876 89.26 -34.48 150.16
CA ASN B 877 88.14 -35.90 146.88
CA ALA B 878 91.69 -36.05 145.63
CA LEU B 879 92.97 -37.77 148.72
CA ALA B 880 90.45 -40.55 148.68
CA LYS B 881 91.03 -41.34 145.05
CA ILE B 882 94.77 -41.44 145.56
CA TYR B 883 94.06 -43.43 148.68
CA ILE B 884 92.12 -45.84 146.54
CA ASP B 885 95.55 -46.93 145.46
CA SER B 886 96.44 -47.61 149.09
CA ASN B 887 93.21 -49.34 150.02
CA ASN B 888 93.41 -49.54 153.80
CA ASN B 889 93.25 -45.80 154.31
CA PRO B 890 90.24 -45.11 152.18
CA GLU B 891 87.72 -46.69 154.48
CA ARG B 892 88.54 -44.42 157.39
CA PHE B 893 88.81 -41.51 155.04
CA LEU B 894 85.29 -41.74 153.76
CA ARG B 895 84.16 -42.19 157.31
CA GLU B 896 86.10 -39.12 158.31
CA ASN B 897 85.05 -36.60 155.75
CA PRO B 898 81.69 -36.19 154.23
CA TYR B 899 82.84 -33.36 152.03
CA TYR B 900 83.91 -35.21 148.94
CA ASP B 901 82.63 -35.15 145.38
CA SER B 902 81.71 -38.26 146.92
CA ARG B 903 81.38 -39.08 143.25
CA VAL B 904 85.10 -38.92 142.73
CA VAL B 905 85.90 -40.97 145.78
CA GLY B 906 83.44 -43.62 144.80
CA LYS B 907 85.00 -44.25 141.43
CA TYR B 908 88.30 -44.59 143.17
CA CYS B 909 86.77 -46.93 145.72
CA GLU B 910 85.19 -48.85 142.90
CA LYS B 911 88.60 -49.95 141.83
CA ARG B 912 89.19 -50.84 145.46
CA ASP B 913 87.07 -52.87 147.84
CA PRO B 914 83.39 -52.37 148.05
CA HIS B 915 83.12 -52.28 151.83
CA LEU B 916 83.92 -48.61 151.93
CA ALA B 917 81.75 -48.05 148.91
CA CYS B 918 78.70 -49.15 150.79
CA VAL B 919 79.48 -46.63 153.47
CA ALA B 920 79.80 -43.81 150.98
CA TYR B 921 76.79 -44.86 149.00
CA GLU B 922 74.95 -44.90 152.27
CA ARG B 923 76.00 -41.38 153.21
CA GLY B 924 75.65 -40.29 149.61
CA GLN B 925 72.10 -41.38 150.11
CA CYS B 926 72.47 -43.40 146.98
CA ASP B 927 70.66 -46.25 148.66
CA LEU B 928 70.02 -48.23 145.52
CA GLU B 929 73.74 -48.45 144.97
CA LEU B 930 74.36 -49.46 148.55
CA ILE B 931 71.96 -52.36 148.25
CA ASN B 932 73.11 -53.73 144.96
CA VAL B 933 76.71 -53.56 146.04
CA CYS B 934 75.70 -55.14 149.33
CA ASN B 935 74.14 -57.94 147.38
CA GLU B 936 77.58 -59.22 146.66
CA ASN B 937 78.46 -58.79 150.31
CA SER B 938 76.92 -56.86 153.17
CA LEU B 939 75.61 -56.83 156.71
CA PHE B 940 72.08 -57.94 157.38
CA LYS B 941 71.24 -55.19 159.82
CA SER B 942 72.20 -52.36 157.53
CA LEU B 943 70.38 -54.09 154.74
CA SER B 944 67.12 -53.96 156.60
CA ARG B 945 67.39 -50.22 157.11
CA TYR B 946 68.61 -49.19 153.67
CA LEU B 947 66.47 -51.46 151.54
CA VAL B 948 63.43 -49.48 152.50
CA ARG B 949 64.99 -46.25 151.29
CA ARG B 950 65.64 -47.77 147.88
CA LYS B 951 63.82 -45.97 145.08
CA ASP B 952 63.53 -48.89 142.71
CA PRO B 953 61.06 -51.21 144.28
CA GLU B 954 62.26 -53.91 141.91
CA LEU B 955 65.25 -54.36 144.15
CA TRP B 956 62.89 -55.70 146.76
CA GLY B 957 61.96 -58.59 144.54
CA SER B 958 65.61 -59.00 143.80
CA VAL B 959 66.51 -59.05 147.46
CA LEU B 960 63.81 -61.51 148.39
CA LEU B 961 65.25 -63.88 145.84
CA GLU B 962 68.67 -63.19 147.22
CA SER B 963 67.56 -64.09 150.70
CA ASN B 964 65.66 -67.26 149.89
CA PRO B 965 68.30 -69.12 147.97
CA TYR B 966 70.84 -67.99 150.42
CA ARG B 967 71.00 -70.68 152.98
CA ARG B 968 70.20 -68.58 155.79
CA PRO B 969 68.47 -68.57 158.75
CA LEU B 970 65.55 -67.04 160.76
CA ILE B 971 65.43 -65.89 164.24
CA ASP B 972 65.87 -62.32 165.32
CA GLN B 973 64.95 -59.60 162.92
CA VAL B 974 65.47 -61.24 159.56
CA VAL B 975 63.00 -62.56 157.06
CA GLN B 976 60.00 -61.84 159.23
CA THR B 977 61.13 -58.41 160.28
CA ALA B 978 62.39 -57.68 156.81
CA LEU B 979 59.16 -58.79 155.23
CA SER B 980 57.29 -56.31 157.36
CA GLU B 981 59.31 -53.42 156.04
CA THR B 982 59.12 -54.57 152.46
CA GLN B 983 55.75 -55.49 152.88
CA ASP B 984 55.28 -54.39 149.22
CA PRO B 985 56.05 -55.57 147.40
CA GLU B 986 56.83 -58.90 145.09
CA GLU B 987 58.84 -61.51 143.38
CA VAL B 988 56.90 -62.96 146.12
CA SER B 989 57.28 -66.47 144.84
CA VAL B 990 61.02 -66.20 145.11
CA THR B 991 60.84 -65.69 148.82
CA VAL B 992 58.27 -68.46 149.11
CA LYS B 993 60.28 -70.91 147.08
CA ALA B 994 63.22 -70.37 149.35
CA PHE B 995 61.12 -70.93 152.44
CA MET B 996 59.61 -74.14 151.16
CA THR B 997 62.87 -75.85 150.27
CA ALA B 998 64.13 -74.89 153.70
CA ASP B 999 61.09 -76.72 155.00
CA LEU B 1000 60.52 -73.41 156.70
CA PRO B 1001 56.77 -73.10 155.90
CA ASN B 1002 55.31 -74.36 160.10
CA GLU B 1003 56.26 -70.78 159.32
CA LEU B 1004 54.82 -70.81 155.84
CA ILE B 1005 51.39 -71.31 157.23
CA GLU B 1006 51.97 -68.60 159.78
CA LEU B 1007 52.83 -65.96 157.21
CA LEU B 1008 49.94 -66.86 154.97
CA GLU B 1009 47.51 -66.39 157.80
CA LYS B 1010 48.78 -62.83 158.07
CA ILE B 1011 48.67 -62.32 154.32
CA VAL B 1012 44.95 -62.73 154.00
CA LEU B 1013 44.17 -59.73 156.14
CA ASP B 1014 47.15 -57.71 155.03
CA ASN B 1015 46.22 -55.32 152.29
CA SER B 1016 49.74 -54.02 152.69
CA VAL B 1017 50.89 -57.44 151.68
CA PHE B 1018 49.32 -59.07 148.63
CA SER B 1019 45.60 -58.56 148.84
CA GLU B 1020 43.55 -61.56 149.68
CA HIS B 1021 43.13 -63.76 146.69
CA ARG B 1022 41.74 -67.16 145.88
CA ASN B 1023 45.15 -68.68 145.52
CA LEU B 1024 46.17 -67.92 149.07
CA GLN B 1025 42.96 -69.17 150.56
CA ASN B 1026 43.27 -72.24 148.45
CA LEU B 1027 46.74 -73.04 149.65
CA LEU B 1028 46.15 -72.28 153.29
CA ILE B 1029 43.32 -74.71 153.65
CA LEU B 1030 45.30 -77.43 151.93
CA THR B 1031 48.23 -76.91 154.19
CA ALA B 1032 45.89 -76.66 157.11
CA ILE B 1033 44.46 -80.08 156.55
CA LYS B 1034 47.78 -81.85 156.71
CA ALA B 1035 49.46 -79.30 158.96
CA ASP B 1036 46.74 -78.37 161.40
CA ARG B 1037 43.43 -80.16 161.10
CA THR B 1038 41.81 -78.18 163.88
CA ARG B 1039 42.24 -74.96 161.94
CA VAL B 1040 40.95 -76.53 158.76
CA MET B 1041 37.37 -76.33 159.99
CA GLU B 1042 37.39 -72.70 161.07
CA TYR B 1043 39.08 -71.66 157.90
CA ILE B 1044 36.52 -73.27 155.63
CA ASN B 1045 33.61 -71.37 157.07
CA ARG B 1046 35.58 -68.15 156.63
CA LEU B 1047 36.93 -69.53 153.37
CA ASP B 1048 34.19 -68.46 150.98
CA ASN B 1049 36.11 -68.00 147.76
CA TYR B 1050 38.17 -71.11 147.52
CA ASP B 1051 38.75 -73.56 144.70
CA ALA B 1052 36.56 -76.14 146.35
CA PRO B 1053 37.55 -79.15 144.38
CA ASP B 1054 41.06 -78.61 145.63
CA ILE B 1055 39.95 -78.61 149.22
CA ALA B 1056 37.86 -81.67 148.85
CA ASN B 1057 40.55 -83.96 147.61
CA ILE B 1058 42.67 -82.54 150.36
CA ALA B 1059 40.11 -83.31 153.07
CA ILE B 1060 39.43 -86.72 151.64
CA SER B 1061 43.07 -87.48 151.99
CA ASN B 1062 43.09 -86.44 155.57
CA GLU B 1063 39.87 -87.97 156.89
CA LEU B 1064 38.22 -84.58 157.32
CA PHE B 1065 34.73 -86.17 157.19
CA GLU B 1066 32.75 -83.54 159.04
CA GLU B 1067 34.46 -80.78 157.10
CA ALA B 1068 34.06 -82.70 153.88
CA PHE B 1069 30.34 -82.77 154.40
CA ALA B 1070 30.34 -79.03 154.88
CA ILE B 1071 32.12 -78.38 151.60
CA PHE B 1072 30.11 -80.94 149.72
CA ARG B 1073 27.10 -79.16 151.10
CA LYS B 1074 28.20 -75.75 149.89
CA PHE B 1075 29.58 -77.15 146.66
CA ASP B 1076 26.07 -78.40 146.29
CA VAL B 1077 27.17 -82.08 145.75
CA ASN B 1078 24.22 -84.25 147.43
CA THR B 1079 25.39 -87.61 146.13
CA SER B 1080 28.72 -86.96 147.76
CA ALA B 1081 27.13 -85.96 151.03
CA VAL B 1082 25.25 -89.20 151.26
CA GLN B 1083 28.16 -91.35 150.21
CA VAL B 1084 30.37 -89.73 152.79
CA LEU B 1085 27.53 -90.09 155.27
CA ILE B 1086 27.49 -93.78 154.70
CA GLU B 1087 31.08 -94.25 155.78
CA HIS B 1088 30.84 -92.06 158.83
CA ILE B 1089 27.46 -92.10 160.44
CA GLY B 1090 26.37 -88.53 160.14
CA ASN B 1091 22.87 -87.84 161.37
CA LEU B 1092 19.64 -89.62 160.64
CA ASP B 1093 17.59 -86.49 160.14
CA ARG B 1094 19.83 -84.91 157.56
CA ALA B 1095 20.05 -88.22 155.79
CA TYR B 1096 16.33 -88.21 155.19
CA GLU B 1097 16.44 -84.77 153.62
CA PHE B 1098 19.53 -85.15 151.46
CA ALA B 1099 18.88 -88.62 150.13
CA GLU B 1100 15.94 -87.42 148.11
CA ARG B 1101 18.02 -84.73 146.44
CA CYS B 1102 20.44 -87.41 145.27
CA ASN B 1103 20.55 -87.65 141.50
CA GLU B 1104 21.52 -91.29 141.27
CA PRO B 1105 18.66 -93.46 142.27
CA ALA B 1106 21.11 -96.29 142.81
CA VAL B 1107 22.05 -94.61 146.02
CA TRP B 1108 18.66 -95.47 147.40
CA SER B 1109 19.17 -99.17 146.97
CA GLN B 1110 22.67 -98.87 148.36
CA LEU B 1111 21.23 -96.73 151.14
CA ALA B 1112 18.57 -99.27 151.94
CA LYS B 1113 21.24 -101.89 152.38
CA ALA B 1114 23.24 -99.62 154.63
CA GLN B 1115 20.30 -99.03 156.91
CA LEU B 1116 19.46 -102.66 156.65
CA GLN B 1117 22.82 -103.66 158.00
CA LYS B 1118 23.17 -100.85 160.51
CA GLY B 1119 19.61 -100.98 161.70
CA MET B 1120 16.57 -102.28 159.92
CA VAL B 1121 14.17 -100.95 162.48
CA LYS B 1122 13.65 -97.40 163.61
CA GLU B 1123 15.73 -96.31 160.68
CA ALA B 1124 15.07 -98.23 157.53
CA ILE B 1125 11.35 -97.99 158.00
CA ASP B 1126 11.40 -94.24 158.31
CA SER B 1127 13.92 -94.03 155.52
CA TYR B 1128 11.81 -96.17 153.24
CA ILE B 1129 8.89 -93.82 153.45
CA LYS B 1130 11.00 -90.99 152.16
CA ALA B 1131 12.43 -93.23 149.50
CA ASP B 1132 12.89 -95.46 147.51
CA ASP B 1133 11.46 -97.16 144.49
CA PRO B 1134 11.76 -98.94 143.12
CA SER B 1135 10.08 -102.45 142.98
CA SER B 1136 12.31 -105.18 144.33
CA TYR B 1137 12.29 -110.77 145.82
CA MET B 1138 13.10 -113.91 147.74
CA GLU B 1139 15.40 -112.22 150.20
CA VAL B 1140 13.15 -109.26 150.69
CA VAL B 1141 10.27 -111.48 151.68
CA GLN B 1142 12.59 -113.64 153.69
CA ALA B 1143 13.69 -110.64 155.67
CA ALA B 1144 10.12 -109.58 156.29
CA ASN B 1145 9.10 -112.93 157.64
CA THR B 1146 12.05 -113.31 159.98
CA SER B 1147 11.32 -109.91 161.43
CA GLY B 1148 7.93 -111.46 161.95
CA ASN B 1149 6.26 -108.50 160.39
CA TRP B 1150 4.02 -110.43 158.06
CA GLU B 1151 1.38 -107.80 158.41
CA GLU B 1152 3.68 -105.18 157.01
CA LEU B 1153 4.96 -107.27 154.17
CA VAL B 1154 1.49 -108.19 152.98
CA LYS B 1155 0.62 -104.51 153.22
CA TYR B 1156 3.46 -103.36 150.97
CA LEU B 1157 2.85 -106.03 148.39
CA GLN B 1158 -0.64 -104.73 148.12
CA MET B 1159 0.74 -101.35 147.08
CA ALA B 1160 3.51 -102.91 145.00
CA ARG B 1161 1.14 -104.66 142.67
CA LYS B 1162 -0.05 -101.39 141.28
CA LYS B 1163 3.41 -99.93 140.74
CA ALA B 1164 4.91 -102.88 139.01
CA ARG B 1165 3.28 -106.13 138.36
CA GLU B 1166 5.29 -109.08 137.84
CA SER B 1167 5.75 -112.06 139.29
CA TYR B 1168 8.33 -112.13 141.95
CA VAL B 1169 6.50 -109.59 144.04
CA GLU B 1170 3.05 -111.07 143.54
CA THR B 1171 4.39 -114.52 144.18
CA GLU B 1172 5.85 -113.18 147.39
CA LEU B 1173 2.66 -111.58 148.60
CA ILE B 1174 0.67 -114.71 148.17
CA PHE B 1175 3.19 -116.78 150.05
CA ALA B 1176 3.17 -114.32 152.89
CA LEU B 1177 -0.57 -114.19 152.88
CA ALA B 1178 -0.86 -117.88 153.39
CA LYS B 1179 1.89 -118.08 155.97
CA THR B 1180 1.14 -115.04 158.01
CA ASN B 1181 -2.14 -116.65 158.87
CA ARG B 1182 -3.83 -114.19 156.64
CA LEU B 1183 -5.27 -116.91 154.51
CA ALA B 1184 -8.39 -114.93 153.81
CA GLU B 1185 -6.33 -112.47 151.84
CA LEU B 1186 -4.71 -115.32 149.99
CA GLU B 1187 -7.89 -116.30 148.20
CA GLU B 1188 -8.84 -112.98 146.66
CA PHE B 1189 -5.29 -112.26 145.72
CA ILE B 1190 -4.89 -115.46 143.77
CA ASN B 1191 -7.96 -114.72 141.77
CA GLY B 1192 -6.88 -111.43 140.37
CA PRO B 1193 -3.24 -111.95 139.74
CA ASN B 1194 -2.46 -114.56 137.11
CA ASN B 1195 1.10 -113.33 137.12
CA ALA B 1196 2.76 -115.42 139.74
CA HIS B 1197 4.74 -118.57 139.84
CA ILE B 1198 2.07 -121.17 140.29
CA GLN B 1199 4.30 -123.98 141.43
CA GLN B 1200 5.77 -121.99 144.25
CA VAL B 1201 2.40 -120.65 145.25
CA GLY B 1202 0.98 -124.15 145.35
CA ASP B 1203 3.75 -125.46 147.55
CA ARG B 1204 2.85 -122.60 149.81
CA CYS B 1205 -0.85 -123.52 149.97
CA TYR B 1206 0.04 -127.16 150.31
CA ASP B 1207 1.71 -126.56 153.62
CA GLU B 1208 -1.00 -124.03 154.45
CA LYS B 1209 -3.87 -126.47 153.98
CA MET B 1210 -5.59 -124.26 151.46
CA TYR B 1211 -7.75 -127.21 150.30
CA ASP B 1212 -10.66 -124.98 149.30
CA ALA B 1213 -8.49 -122.45 147.47
CA ALA B 1214 -6.30 -124.91 145.51
CA LYS B 1215 -9.56 -126.70 144.62
CA LEU B 1216 -10.29 -123.69 142.40
CA LEU B 1217 -6.67 -123.14 141.35
CA TYR B 1218 -6.18 -126.74 140.21
CA ASN B 1219 -9.63 -126.40 138.62
CA ASN B 1220 -8.82 -123.62 136.11
CA VAL B 1221 -5.30 -124.87 135.30
CA SER B 1222 -7.26 -128.13 135.05
CA ASN B 1223 -4.71 -130.39 136.77
CA PHE B 1224 -7.40 -132.95 137.57
CA GLY B 1225 -4.57 -135.03 139.03
CA ARG B 1226 -4.68 -132.84 142.14
CA LEU B 1227 -8.16 -131.36 141.58
CA ALA B 1228 -9.56 -134.81 142.33
CA SER B 1229 -6.94 -135.43 144.99
CA THR B 1230 -7.89 -132.31 146.96
CA LEU B 1231 -11.65 -132.81 146.38
CA VAL B 1232 -11.29 -136.10 148.30
CA HIS B 1233 -9.08 -134.48 150.93
CA LEU B 1234 -12.14 -132.18 151.21
CA GLY B 1235 -14.75 -134.90 151.63
CA GLU B 1236 -16.38 -133.92 148.32
CA TYR B 1237 -16.23 -137.54 147.14
CA GLN B 1238 -18.77 -137.80 144.33
CA ALA B 1239 -17.10 -134.84 142.56
CA ALA B 1240 -13.60 -136.18 143.25
CA VAL B 1241 -14.63 -139.22 141.18
CA ASP B 1242 -15.33 -136.78 138.35
CA GLY B 1243 -11.88 -135.26 138.57
CA ALA B 1244 -10.38 -138.73 138.52
CA ARG B 1245 -12.40 -139.41 135.37
CA LYS B 1246 -11.13 -136.31 133.59
CA ALA B 1247 -7.66 -137.01 135.03
CA ASN B 1248 -7.89 -140.45 133.38
CA SER B 1249 -4.99 -141.85 135.41
CA THR B 1250 -4.62 -145.22 137.15
CA ARG B 1251 -2.45 -144.22 140.12
CA THR B 1252 -5.09 -141.50 140.46
CA TRP B 1253 -8.17 -143.74 140.61
CA LYS B 1254 -6.30 -145.64 143.31
CA GLU B 1255 -6.03 -142.54 145.52
CA VAL B 1256 -9.72 -141.71 145.00
CA CYS B 1257 -11.03 -145.27 145.20
CA PHE B 1258 -9.07 -146.09 148.33
CA ALA B 1259 -10.07 -142.88 150.09
CA CYS B 1260 -13.65 -143.24 148.78
CA VAL B 1261 -13.48 -146.57 150.66
CA ASP B 1262 -12.06 -145.10 153.85
CA GLY B 1263 -15.03 -142.73 153.78
CA LYS B 1264 -17.22 -145.81 153.38
CA GLU B 1265 -18.67 -144.47 150.11
CA PHE B 1266 -19.21 -147.66 148.20
CA ARG B 1267 -21.47 -147.26 145.16
CA LEU B 1268 -18.85 -144.64 144.33
CA ALA B 1269 -15.75 -146.61 145.35
CA GLN B 1270 -17.20 -149.31 143.09
CA MET B 1271 -17.64 -147.48 139.78
CA CYS B 1272 -14.41 -145.79 140.87
CA GLY B 1273 -12.91 -149.25 141.29
CA LEU B 1274 -13.96 -150.78 137.99
CA HIS B 1275 -11.30 -148.62 136.36
CA ILE B 1276 -8.63 -150.48 138.35
CA VAL B 1277 -9.52 -154.20 138.34
CA VAL B 1278 -8.99 -154.38 134.58
CA HIS B 1279 -5.33 -153.62 135.29
CA ALA B 1280 83.62 -42.97 165.04
CA ASP B 1281 86.89 -44.79 165.78
CA GLU B 1282 87.30 -42.25 168.60
CA LEU B 1283 83.76 -41.66 169.95
CA GLU B 1284 83.98 -44.53 172.45
CA GLU B 1285 87.22 -43.68 174.29
CA LEU B 1286 85.98 -40.08 174.54
CA ILE B 1287 82.78 -41.28 176.23
CA ASN B 1288 84.36 -44.01 178.38
CA TYR B 1289 86.70 -41.28 179.64
CA TYR B 1290 83.99 -38.72 180.55
CA GLN B 1291 82.20 -41.67 182.21
CA ASP B 1292 84.73 -42.93 184.76
CA ARG B 1293 85.55 -39.31 185.69
CA GLY B 1294 81.84 -39.39 186.47
CA TYR B 1295 81.12 -36.33 184.35
CA PHE B 1296 78.01 -37.78 182.78
CA GLU B 1297 76.23 -34.44 183.02
CA GLU B 1298 78.67 -32.59 180.77
CA LEU B 1299 79.23 -35.53 178.41
CA ILE B 1300 75.54 -35.38 177.50
CA THR B 1301 75.68 -31.58 177.26
CA MET B 1302 78.35 -31.80 174.57
CA LEU B 1303 76.61 -34.47 172.53
CA GLU B 1304 73.62 -32.09 172.78
CA ALA B 1305 75.57 -29.73 170.48
CA ALA B 1306 77.42 -32.33 168.39
CA LEU B 1307 74.10 -33.39 166.92
CA GLY B 1308 74.21 -30.12 165.01
CA LEU B 1309 77.63 -30.82 163.52
CA GLU B 1310 77.66 -31.44 159.75
CA ARG B 1311 79.74 -34.59 160.38
CA ALA B 1312 77.32 -35.97 163.02
CA HIS B 1313 77.03 -39.76 162.82
CA MET B 1314 75.02 -42.81 163.92
CA GLY B 1315 77.34 -43.63 166.83
CA MET B 1316 76.55 -40.22 168.33
CA PHE B 1317 72.75 -40.42 168.22
CA THR B 1318 72.88 -44.03 169.43
CA GLU B 1319 75.02 -43.01 172.41
CA LEU B 1320 73.01 -39.97 173.37
CA ALA B 1321 69.83 -42.03 173.51
CA ILE B 1322 71.50 -44.66 175.71
CA LEU B 1323 72.86 -41.98 178.09
CA TYR B 1324 69.50 -40.18 178.11
CA SER B 1325 67.80 -43.40 179.17
CA LYS B 1326 69.87 -43.89 182.31
CA PHE B 1327 70.38 -40.15 183.08
CA LYS B 1328 67.53 -38.13 181.55
CA PRO B 1329 64.59 -40.42 180.70
CA GLN B 1330 62.25 -37.52 180.04
CA LYS B 1331 64.43 -36.52 177.07
CA MET B 1332 64.83 -40.15 175.85
CA ARG B 1333 61.45 -39.83 174.11
CA GLU B 1334 61.56 -36.60 172.06
CA HIS B 1335 65.02 -37.81 171.01
CA LEU B 1336 63.82 -41.05 169.41
CA GLU B 1337 60.90 -38.96 168.17
CA LEU B 1338 63.38 -37.13 165.87
CA PHE B 1339 66.43 -39.35 165.44
CA TRP B 1340 65.09 -42.92 165.59
CA SER B 1341 66.21 -43.39 162.00
CA ARG B 1342 69.79 -42.27 162.62
CA VAL B 1343 70.49 -44.77 165.43
CA ASN B 1344 71.37 -48.45 166.01
CA ILE B 1345 67.93 -49.62 167.13
CA PRO B 1346 68.78 -52.97 168.69
CA LYS B 1347 71.24 -51.31 171.05
CA VAL B 1348 68.84 -48.48 172.00
CA LEU B 1349 66.15 -51.07 172.74
CA ARG B 1350 68.28 -53.21 175.09
CA ALA B 1351 68.87 -49.78 176.70
CA ALA B 1352 65.19 -48.92 177.36
CA GLU B 1353 64.49 -52.53 178.26
CA GLN B 1354 67.10 -52.13 180.99
CA ALA B 1355 65.64 -48.68 181.83
CA HIS B 1356 61.97 -49.74 181.93
CA LEU B 1357 60.90 -46.95 179.51
CA TRP B 1358 57.98 -48.99 178.21
CA ALA B 1359 56.29 -46.10 176.38
CA GLU B 1360 59.41 -45.57 174.23
CA LEU B 1361 60.15 -49.28 173.90
CA VAL B 1362 56.83 -49.65 172.07
CA PHE B 1363 57.73 -46.72 169.86
CA LEU B 1364 60.91 -48.36 168.62
CA TYR B 1365 59.57 -51.94 168.63
CA ASP B 1366 56.99 -50.33 166.37
CA LYS B 1367 59.47 -48.64 164.01
CA TYR B 1368 61.85 -51.62 164.03
CA GLU B 1369 58.75 -53.47 162.83
CA GLU B 1370 58.96 -55.90 165.75
CA TYR B 1371 55.16 -55.70 166.23
CA ASP B 1372 54.71 -58.86 168.31
CA ASN B 1373 56.98 -57.17 170.88
CA ALA B 1374 55.23 -53.80 170.79
CA ILE B 1375 51.98 -55.61 171.63
CA ILE B 1376 53.39 -57.91 174.29
CA THR B 1377 54.86 -54.75 175.86
CA MET B 1378 51.72 -52.61 175.71
CA MET B 1379 50.03 -55.57 177.39
CA ASN B 1380 52.33 -56.00 180.41
CA HIS B 1381 52.83 -52.28 181.02
CA PRO B 1382 49.47 -50.78 180.02
CA THR B 1383 49.56 -47.67 182.18
CA ASP B 1384 52.76 -46.50 180.39
CA ALA B 1385 52.76 -48.06 176.91
CA TRP B 1386 49.17 -49.01 176.05
CA LYS B 1387 47.22 -46.63 173.82
CA GLU B 1388 43.79 -47.62 172.45
CA GLY B 1389 44.36 -46.40 168.92
CA GLN B 1390 47.79 -47.75 168.18
CA PHE B 1391 46.94 -51.09 169.75
CA LYS B 1392 44.26 -51.46 167.06
CA ASP B 1393 46.88 -50.69 164.40
CA ILE B 1394 49.81 -52.82 165.55
CA ILE B 1395 47.84 -55.89 166.67
CA THR B 1396 47.10 -56.50 162.99
CA LYS B 1397 50.75 -56.59 161.88
CA VAL B 1398 51.35 -59.21 164.62
CA ALA B 1399 52.83 -62.46 163.28
CA ASN B 1400 52.01 -64.93 166.02
CA VAL B 1401 48.19 -64.95 165.75
CA GLU B 1402 47.91 -66.45 169.23
CA LEU B 1403 48.45 -62.93 170.50
CA TYR B 1404 44.91 -62.17 169.30
CA TYR B 1405 43.36 -64.61 171.75
CA ARG B 1406 45.81 -63.36 174.35
CA ALA B 1407 44.72 -59.79 173.61
CA ILE B 1408 41.00 -60.63 173.55
CA GLN B 1409 41.48 -61.92 177.08
CA PHE B 1410 43.38 -58.81 178.18
CA TYR B 1411 40.83 -56.34 176.80
CA LEU B 1412 38.00 -58.48 178.14
CA GLU B 1413 39.30 -58.54 181.71
CA PHE B 1414 40.47 -54.91 182.00
CA LYS B 1415 38.85 -53.00 179.05
CA PRO B 1416 35.31 -54.29 178.28
CA LEU B 1417 33.98 -51.38 176.22
CA LEU B 1418 36.90 -51.57 173.82
CA LEU B 1419 36.62 -55.35 173.31
CA ASN B 1420 34.11 -55.11 170.49
CA ASP B 1421 35.91 -52.51 168.38
CA LEU B 1422 39.05 -54.59 168.93
CA LEU B 1423 37.30 -57.74 167.90
CA MET B 1424 36.23 -56.03 164.68
CA VAL B 1425 39.88 -55.57 163.67
CA LEU B 1426 40.84 -59.11 164.68
CA SER B 1427 38.00 -60.65 162.60
CA PRO B 1428 39.92 -61.53 159.38
CA ARG B 1429 42.37 -63.85 161.16
CA LEU B 1430 40.27 -64.75 164.18
CA ASP B 1431 39.03 -68.34 164.64
CA HIS B 1432 35.43 -67.31 165.47
CA THR B 1433 34.43 -70.73 166.73
CA ARG B 1434 37.40 -70.60 169.07
CA ALA B 1435 36.47 -67.03 169.98
CA VAL B 1436 32.83 -67.67 170.66
CA ASN B 1437 33.62 -70.76 172.72
CA TYR B 1438 35.85 -68.69 175.04
CA PHE B 1439 33.32 -65.89 175.51
CA SER B 1440 30.70 -68.55 176.22
CA LYS B 1441 32.72 -70.49 178.80
CA VAL B 1442 33.52 -67.06 180.23
CA LYS B 1443 29.77 -66.29 180.11
CA GLN B 1444 30.33 -62.97 178.36
CA LEU B 1445 28.39 -63.47 175.12
CA PRO B 1446 25.99 -60.57 175.75
CA LEU B 1447 28.94 -58.16 175.58
CA VAL B 1448 30.30 -59.36 172.28
CA LYS B 1449 26.91 -59.22 170.63
CA PRO B 1450 27.94 -56.45 168.11
CA TYR B 1451 30.79 -58.70 167.01
CA LEU B 1452 28.59 -61.75 166.78
CA ARG B 1453 26.21 -60.05 164.38
CA SER B 1454 29.24 -58.75 162.42
CA VAL B 1455 30.35 -62.36 161.94
CA GLN B 1456 27.16 -64.43 161.91
CA ASN B 1457 27.12 -64.08 158.12
CA HIS B 1458 29.70 -66.91 158.11
CA ASN B 1459 26.83 -69.26 159.03
CA ASN B 1460 29.08 -70.45 161.81
CA LYS B 1461 27.38 -72.85 164.24
CA SER B 1462 28.64 -71.77 167.65
CA VAL B 1463 27.91 -68.26 166.38
CA ASN B 1464 24.25 -68.80 165.49
CA GLU B 1465 23.55 -70.96 168.54
CA SER B 1466 25.29 -68.38 170.66
CA LEU B 1467 23.66 -65.47 168.92
CA ASN B 1468 20.18 -67.04 169.07
CA ASN B 1469 20.38 -67.61 172.83
CA LEU B 1470 20.73 -63.85 173.08
CA PHE B 1471 17.71 -62.99 170.97
CA ILE B 1472 15.87 -65.42 173.19
CA THR B 1473 16.94 -64.12 176.62
CA GLU B 1474 16.18 -60.67 175.34
CA GLU B 1475 12.80 -61.78 174.04
CA ASP B 1476 13.74 -60.53 170.55
CA TYR B 1477 11.69 -62.96 168.41
CA GLN B 1478 11.75 -60.98 165.18
CA ALA B 1479 15.53 -61.11 165.30
CA LEU B 1480 15.43 -64.83 166.10
CA ARG B 1481 13.12 -65.49 163.18
CA THR B 1482 15.47 -63.82 160.69
CA SER B 1483 18.49 -65.57 162.19
CA ILE B 1484 17.02 -69.03 161.79
CA ASP B 1485 15.91 -67.92 158.34
CA ALA B 1486 19.11 -66.42 156.94
CA TYR B 1487 21.58 -68.80 158.66
CA ASP B 1488 20.81 -72.51 159.04
CA ASN B 1489 23.77 -74.01 160.92
CA PHE B 1490 22.13 -74.87 164.25
CA ASP B 1491 20.17 -77.60 166.07
CA ASN B 1492 16.53 -76.75 165.26
CA ILE B 1493 15.06 -79.60 167.27
CA SER B 1494 16.98 -78.52 170.36
CA LEU B 1495 15.78 -74.96 169.78
CA ALA B 1496 12.34 -76.23 168.84
CA GLN B 1497 12.15 -78.20 172.07
CA ARG B 1498 13.56 -75.36 174.13
CA LEU B 1499 11.03 -72.92 172.61
CA GLU B 1500 7.67 -74.94 172.28
CA LYS B 1501 6.57 -74.70 175.82
CA HIS B 1502 7.10 -70.93 175.77
CA GLU B 1503 4.38 -68.78 177.29
CA LEU B 1504 4.55 -66.11 174.57
CA ILE B 1505 2.30 -66.70 171.55
CA GLU B 1506 4.84 -65.33 169.10
CA PHE B 1507 7.19 -68.09 170.16
CA ARG B 1508 4.71 -70.93 170.39
CA ARG B 1509 3.83 -70.00 166.81
CA ILE B 1510 7.48 -70.27 165.87
CA ALA B 1511 7.76 -73.70 167.43
CA ALA B 1512 4.88 -74.82 165.25
CA TYR B 1513 6.64 -73.32 162.25
CA LEU B 1514 9.86 -75.19 163.17
CA PHE B 1515 8.11 -78.57 163.47
CA LYS B 1516 6.73 -77.75 159.93
CA GLY B 1517 9.10 -75.09 158.18
CA ASN B 1518 11.55 -77.77 158.87
CA ASN B 1519 8.85 -79.70 157.11
CA ARG B 1520 7.75 -81.42 160.25
CA TRP B 1521 4.12 -80.98 159.24
CA LYS B 1522 2.86 -83.66 161.63
CA GLN B 1523 4.16 -81.66 164.56
CA SER B 1524 2.93 -78.38 163.21
CA VAL B 1525 -0.57 -79.81 162.97
CA GLU B 1526 -0.49 -81.34 166.43
CA LEU B 1527 0.83 -78.04 167.78
CA CYS B 1528 -1.89 -76.22 165.90
CA LYS B 1529 -4.42 -78.53 167.52
CA LYS B 1530 -3.77 -76.70 170.86
CA ASP B 1531 -3.96 -73.62 169.07
CA SER B 1532 -4.60 -75.37 165.95
CA LEU B 1533 -6.40 -72.39 164.41
CA TYR B 1534 -8.71 -72.05 161.48
CA LYS B 1535 -6.27 -69.90 159.57
CA ASP B 1536 -2.86 -71.33 158.54
CA ALA B 1537 -4.33 -74.75 159.03
CA MET B 1538 -6.12 -74.25 155.77
CA GLN B 1539 -2.98 -72.94 154.14
CA TYR B 1540 -0.46 -75.55 155.16
CA ALA B 1541 -2.76 -78.56 155.15
CA SER B 1542 -2.58 -78.36 151.39
CA GLU B 1543 1.21 -78.52 151.59
CA SER B 1544 0.77 -81.53 153.87
CA LYS B 1545 2.64 -83.79 152.14
CA ASP B 1546 0.31 -86.39 153.64
CA THR B 1547 -3.04 -86.03 152.03
CA GLU B 1548 -4.60 -88.61 154.29
CA LEU B 1549 -4.11 -86.35 156.78
CA ALA B 1550 -6.87 -84.78 154.70
CA GLU B 1551 -9.27 -87.53 155.62
CA GLU B 1552 -8.04 -87.47 159.18
CA LEU B 1553 -8.46 -83.72 159.35
CA LEU B 1554 -11.90 -83.76 157.80
CA GLN B 1555 -13.11 -86.12 160.45
CA TRP B 1556 -11.35 -84.19 163.16
CA PHE B 1557 -12.83 -80.83 162.21
CA LEU B 1558 -16.28 -82.22 161.91
CA GLN B 1559 -16.08 -84.14 165.15
CA GLU B 1560 -14.16 -81.59 167.14
CA GLU B 1561 -16.79 -78.94 166.61
CA LYS B 1562 -15.90 -77.78 163.04
CA ARG B 1563 -17.41 -75.79 162.44
CA GLU B 1564 -17.86 -77.83 159.48
CA CYS B 1565 -20.81 -76.63 157.44
CA PHE B 1566 -19.32 -73.23 156.79
CA GLY B 1567 -15.79 -74.52 156.39
CA ALA B 1568 -17.14 -77.18 154.04
CA CYS B 1569 -18.49 -74.51 151.76
CA LEU B 1570 -15.17 -72.75 151.67
CA PHE B 1571 -13.40 -76.07 151.53
CA THR B 1572 -15.36 -77.04 148.44
CA CYS B 1573 -14.14 -73.86 146.85
CA TYR B 1574 -10.51 -74.69 147.52
CA ASP B 1575 -10.95 -78.06 146.16
CA LEU B 1576 -8.29 -78.26 143.93
CA LEU B 1577 -8.06 -82.77 145.09
CA ARG B 1578 -9.93 -86.28 145.84
CA PRO B 1579 -13.05 -87.45 147.00
CA ASP B 1580 -16.17 -87.79 146.76
CA VAL B 1581 -16.07 -90.37 149.26
CA VAL B 1582 -16.29 -87.57 151.77
CA LEU B 1583 -19.44 -86.33 150.16
CA GLU B 1584 -20.95 -89.77 150.17
CA THR B 1585 -19.70 -90.55 153.65
CA ALA B 1586 -20.98 -87.25 154.94
CA TRP B 1587 -24.47 -88.36 154.05
CA ARG B 1588 -24.05 -91.17 156.52
CA HIS B 1589 -23.78 -88.44 159.11
CA ASN B 1590 -26.27 -85.65 159.08
CA ILE B 1591 -25.94 -83.91 155.71
CA MET B 1592 -27.31 -80.75 157.15
CA ASP B 1593 -23.64 -80.19 157.60
CA PHE B 1594 -23.04 -81.33 154.10
CA ALA B 1595 -24.26 -78.36 152.58
CA MET B 1596 -22.11 -76.16 151.65
CA PRO B 1597 -22.66 -75.86 148.17
CA TYR B 1598 -22.45 -72.83 146.98
CA PHE B 1599 -18.92 -73.07 146.10
CA ILE B 1600 -19.00 -76.65 145.44
CA GLN B 1601 -21.03 -74.82 142.73
CA VAL B 1602 -17.85 -73.14 141.51
CA MET B 1603 -16.18 -76.51 141.07
CA LYS B 1604 -19.16 -77.81 139.23
CA GLU B 1605 -18.99 -74.74 136.88
CA TYR B 1606 -15.41 -75.81 136.30
CA LEU B 1607 -16.35 -79.35 135.21
CA THR B 1608 -19.00 -78.12 132.89
CA LYS B 1609 -16.63 -75.70 131.26
CA VAL B 1610 -14.23 -78.61 130.66
CA ASP B 1611 -16.93 -80.69 128.96
CA LYS B 1612 -18.29 -77.85 126.92
CA LEU B 1613 -14.69 -77.29 125.94
CA ASP B 1614 -13.76 -80.86 125.00
CA ALA B 1615 -16.99 -80.97 123.07
CA SER B 1616 -16.01 -78.05 120.87
CA GLU B 1617 -12.65 -79.77 120.45
CA SER B 1618 -14.06 -83.14 119.25
CA LEU B 1619 -16.50 -81.31 116.99
CA ARG B 1620 -13.61 -79.29 115.50
CA LYS B 1621 -11.96 -82.69 114.75
CA GLU B 1622 -15.03 -84.35 113.30
CA GLU B 1623 -15.33 -81.35 111.03
CA GLU B 1624 -11.73 -82.06 109.96
CA GLN B 1625 -11.86 -85.80 109.25
CA ALA B 1626 -15.17 -85.10 107.57
CA THR B 1627 -13.79 -82.49 105.23
CA GLU B 1628 -10.77 -84.62 104.34
CA THR B 1629 -12.72 -87.79 103.49
CA GLN B 1630 -14.76 -85.67 101.25
CA MET C 1 88.59 -192.42 92.93
CA ALA C 2 85.82 -190.38 91.22
CA GLN C 3 83.33 -189.37 93.84
CA ILE C 4 80.07 -188.10 92.39
CA LEU C 5 78.26 -189.60 89.47
CA PRO C 6 78.26 -186.94 86.68
CA ILE C 7 75.93 -188.84 84.28
CA ARG C 8 72.74 -190.95 84.52
CA PHE C 9 72.74 -194.34 82.82
CA GLN C 10 69.11 -195.42 82.26
CA GLU C 11 67.55 -198.47 80.60
CA HIS C 12 64.27 -197.39 79.02
CA LEU C 13 63.06 -200.77 77.91
CA GLN C 14 64.30 -204.30 77.35
CA LEU C 15 63.26 -205.47 73.93
CA GLN C 16 63.03 -209.17 74.56
CA ASN C 17 60.42 -208.34 77.22
CA LEU C 18 58.35 -207.35 74.21
CA GLY C 19 59.06 -210.80 73.00
CA ILE C 20 61.26 -209.69 70.12
CA ASN C 21 63.46 -212.32 68.50
CA PRO C 22 67.02 -211.32 69.44
CA ALA C 23 68.07 -212.43 66.00
CA ASN C 24 66.29 -209.31 64.86
CA ILE C 25 68.00 -206.82 67.14
CA GLY C 26 70.67 -205.70 64.74
CA PHE C 27 71.84 -203.01 62.32
CA SER C 28 69.91 -204.41 59.43
CA THR C 29 66.71 -205.31 61.14
CA LEU C 30 66.49 -202.65 63.83
CA THR C 31 66.44 -198.92 63.23
CA MET C 32 66.25 -195.90 65.50
CA GLU C 33 65.93 -192.61 63.50
CA SER C 34 64.95 -190.65 66.57
CA ASP C 35 64.15 -191.32 70.24
CA LYS C 36 60.48 -191.49 69.19
CA PHE C 37 60.19 -194.96 67.63
CA ILE C 38 62.14 -198.13 67.22
CA CYS C 39 61.31 -200.28 64.25
CA ILE C 40 62.12 -203.98 63.90
CA ARG C 41 61.57 -206.14 60.82
CA GLU C 42 60.66 -209.74 61.95
CA LYS C 43 59.64 -212.91 60.06
CA VAL C 44 57.06 -214.31 62.44
CA GLY C 45 56.78 -217.86 61.30
CA GLU C 46 56.98 -217.75 57.55
CA GLN C 47 55.48 -214.24 57.60
CA ALA C 48 57.25 -210.91 57.49
CA GLN C 49 56.22 -208.00 59.61
CA VAL C 50 57.33 -204.68 61.05
CA VAL C 51 57.13 -204.01 64.72
CA ILE C 52 56.98 -200.33 65.55
CA ILE C 53 57.73 -199.37 69.10
CA ASP C 54 56.59 -195.90 70.04
CA MET C 55 58.82 -194.86 72.83
CA ASN C 56 55.94 -193.05 74.36
CA ASP C 57 54.17 -196.26 75.39
CA PRO C 58 56.75 -198.87 74.57
CA SER C 59 54.67 -201.44 76.36
CA ASN C 60 52.55 -201.65 73.26
CA PRO C 61 54.26 -202.22 69.88
CA ILE C 62 52.36 -201.84 66.53
CA ARG C 63 52.85 -204.84 64.23
CA ARG C 64 52.09 -204.99 60.48
CA PRO C 65 52.83 -207.64 57.87
CA ILE C 66 55.11 -205.81 55.59
CA SER C 67 57.75 -207.34 53.42
CA ALA C 68 60.46 -204.74 53.00
CA ASP C 69 64.19 -204.87 52.47
CA SER C 70 64.16 -202.05 54.98
CA ALA C 71 61.95 -199.77 57.04
CA ILE C 72 62.71 -196.52 58.81
CA MET C 73 60.19 -194.40 60.69
CA ASN C 74 59.77 -190.65 60.59
CA PRO C 75 61.68 -188.85 63.28
CA ALA C 76 58.41 -187.53 64.54
CA SER C 77 55.29 -188.70 62.86
CA LYS C 78 53.67 -192.06 62.26
CA VAL C 79 54.98 -192.09 58.69
CA ILE C 80 57.24 -194.97 57.62
CA ALA C 81 59.53 -195.36 54.64
CA LEU C 82 59.60 -198.88 53.28
CA LYS C 83 62.01 -200.06 50.66
CA ALA C 84 61.29 -203.01 48.41
CA GLY C 85 64.54 -203.52 46.57
CA LYS C 86 64.38 -200.41 44.41
CA THR C 87 60.87 -199.26 44.98
CA LEU C 88 60.83 -196.77 47.82
CA GLN C 89 57.48 -196.11 49.48
CA ILE C 90 56.48 -193.59 52.20
CA PHE C 91 53.35 -194.84 53.94
CA ASN C 92 51.24 -193.32 56.68
CA ILE C 93 51.11 -195.96 59.45
CA GLU C 94 48.71 -193.69 61.33
CA MET C 95 45.91 -193.76 58.77
CA LYS C 96 47.19 -196.64 56.66
CA SER C 97 47.31 -194.48 53.52
CA LYS C 98 50.15 -194.61 50.99
CA MET C 99 51.79 -191.22 50.88
CA LYS C 100 54.27 -191.55 48.03
CA ALA C 101 56.62 -193.92 46.21
CA HIS C 102 59.45 -194.04 43.70
CA THR C 103 61.43 -196.71 41.97
CA MET C 104 65.02 -195.71 42.13
CA THR C 105 67.18 -196.44 39.07
CA ASP C 106 69.90 -197.98 41.18
CA ASP C 107 69.44 -199.62 44.59
CA VAL C 108 69.44 -197.45 47.65
CA THR C 109 72.35 -198.72 49.60
CA PHE C 110 71.66 -196.91 52.89
CA TRP C 111 68.96 -194.35 53.66
CA LYS C 112 67.75 -192.35 56.65
CA TRP C 113 65.47 -189.55 57.67
CA ILE C 114 67.56 -186.38 57.98
CA SER C 115 64.62 -184.40 59.17
CA LEU C 116 60.97 -184.25 59.91
CA ASN C 117 60.23 -184.75 56.25
CA THR C 118 63.17 -185.65 54.10
CA VAL C 119 64.76 -189.06 53.55
CA ALA C 120 68.38 -189.42 52.35
CA LEU C 121 69.00 -192.16 49.78
CA VAL C 122 72.51 -193.32 49.38
CA THR C 123 73.23 -195.02 46.14
CA ASP C 124 76.35 -196.72 45.14
CA ASN C 125 77.27 -193.46 43.39
CA ALA C 126 75.19 -190.69 44.83
CA VAL C 127 73.27 -189.29 47.76
CA TYR C 128 69.77 -187.84 47.07
CA HIS C 129 67.24 -186.22 49.38
CA TRP C 130 63.54 -187.11 49.03
CA SER C 131 60.92 -184.92 50.64
CA MET C 132 57.89 -186.79 51.90
CA GLU C 133 56.00 -183.73 50.72
CA GLY C 134 54.15 -183.43 47.43
CA GLU C 135 54.63 -185.05 44.06
CA SER C 136 58.34 -184.21 44.24
CA GLN C 137 60.90 -186.87 43.42
CA PRO C 138 64.40 -187.68 44.84
CA VAL C 139 66.95 -184.86 44.25
CA LYS C 140 70.65 -185.67 43.87
CA MET C 141 72.76 -183.57 46.29
CA PHE C 142 76.12 -184.89 45.31
CA ASP C 143 78.13 -187.79 43.99
CA ARG C 144 79.96 -190.18 46.20
CA HIS C 145 83.60 -189.31 46.58
CA SER C 146 86.00 -192.08 45.65
CA SER C 147 87.64 -192.58 48.99
CA LEU C 148 84.39 -194.25 49.95
CA ALA C 149 84.38 -196.78 47.11
CA GLY C 150 83.47 -200.26 48.29
CA CYS C 151 82.83 -198.95 51.83
CA GLN C 152 80.15 -200.31 54.10
CA ILE C 153 78.04 -197.13 54.46
CA ILE C 154 77.20 -196.70 58.14
CA ASN C 155 75.83 -193.19 58.44
CA TYR C 156 74.79 -189.93 56.82
CA ARG C 157 74.41 -186.61 58.62
CA THR C 158 73.62 -183.00 57.85
CA ASP C 159 74.06 -179.70 59.63
CA ALA C 160 70.85 -177.99 60.81
CA LYS C 161 70.72 -175.96 57.66
CA GLN C 162 71.45 -178.93 55.41
CA LYS C 163 74.16 -176.89 53.82
CA TRP C 164 76.94 -179.38 54.83
CA LEU C 165 76.39 -183.10 54.37
CA LEU C 166 78.57 -185.92 55.68
CA LEU C 167 78.72 -189.52 54.47
CA THR C 168 80.57 -192.27 56.40
CA GLY C 169 81.57 -195.74 55.53
CA ILE C 170 84.06 -198.19 57.02
CA SER C 171 86.48 -200.70 55.58
CA ALA C 172 88.48 -203.60 56.96
CA GLN C 173 91.65 -202.41 55.52
CA GLN C 174 94.65 -204.38 56.32
CA ASN C 175 93.28 -205.74 59.62
CA ARG C 176 91.63 -202.48 61.01
CA VAL C 177 88.15 -201.08 60.58
CA VAL C 178 89.07 -197.91 58.84
CA GLY C 179 86.36 -195.19 58.50
CA ALA C 180 85.90 -192.93 55.50
CA MET C 181 83.94 -189.72 55.59
CA GLN C 182 82.95 -187.43 52.75
CA LEU C 183 82.12 -183.87 53.85
CA TYR C 184 80.21 -182.15 51.00
CA SER C 185 79.57 -178.40 50.87
CA VAL C 186 76.23 -177.58 49.32
CA ASP C 187 76.64 -173.86 48.89
CA ARG C 188 80.29 -174.05 47.77
CA LYS C 189 79.61 -177.20 45.73
CA VAL C 190 82.91 -178.72 46.91
CA SER C 191 83.53 -181.96 48.74
CA GLN C 192 86.41 -183.35 50.83
CA PRO C 193 87.51 -186.66 52.30
CA ILE C 194 88.27 -187.10 56.04
CA GLU C 195 89.27 -190.24 57.90
CA GLY C 196 86.66 -190.49 60.57
CA HIS C 197 84.75 -192.99 62.54
CA ALA C 198 81.92 -191.00 64.05
CA ALA C 199 80.78 -187.37 63.88
CA SER C 200 77.96 -184.92 64.33
CA PHE C 201 77.35 -181.20 63.67
CA ALA C 202 76.29 -178.66 66.29
CA GLN C 203 75.08 -175.07 66.48
CA PHE C 204 77.10 -173.22 69.09
CA LYS C 205 76.95 -169.52 69.87
CA MET C 206 80.44 -168.60 71.08
CA GLU C 207 81.05 -166.33 74.02
CA GLY C 208 80.75 -162.82 72.64
CA ASN C 209 79.23 -163.56 69.22
CA ALA C 210 75.64 -162.97 68.22
CA GLU C 211 75.33 -165.82 65.89
CA GLU C 212 75.68 -169.53 66.36
CA SER C 213 78.60 -171.13 64.73
CA THR C 214 78.00 -174.40 62.95
CA LEU C 215 80.46 -176.92 64.19
CA PHE C 216 81.38 -180.30 62.81
CA CYS C 217 82.78 -182.70 65.33
CA PHE C 218 84.26 -186.01 64.43
CA ALA C 219 86.30 -188.75 65.99
CA VAL C 220 88.59 -191.42 64.71
CA ARG C 221 91.15 -193.91 65.77
CA GLY C 222 94.05 -193.84 63.30
CA GLN C 223 97.72 -194.87 63.37
CA ALA C 224 98.35 -191.95 65.70
CA GLY C 225 95.63 -193.12 67.95
CA GLY C 226 92.17 -191.77 68.39
CA LYS C 227 91.45 -188.11 68.22
CA LEU C 228 88.42 -185.93 68.32
CA HIS C 229 88.20 -182.78 66.18
CA ILE C 230 85.76 -179.91 66.60
CA ILE C 231 85.90 -177.38 63.76
CA GLU C 232 83.66 -174.56 62.53
CA VAL C 233 82.27 -175.26 59.11
CA GLY C 234 81.88 -172.53 56.48
CA THR C 235 82.04 -168.72 56.92
CA PRO C 236 81.28 -167.20 60.29
CA PRO C 237 78.16 -165.09 60.40
CA THR C 238 79.31 -161.60 59.58
CA GLY C 239 80.51 -160.01 62.78
CA ASN C 240 81.34 -163.29 64.49
CA GLN C 241 84.79 -164.09 65.78
CA PRO C 242 85.72 -167.42 64.33
CA PHE C 243 85.69 -170.58 66.45
CA PRO C 244 89.20 -171.92 66.98
CA LYS C 245 89.37 -175.43 65.54
CA LYS C 246 90.04 -178.02 68.31
CA ALA C 247 91.67 -181.46 68.51
CA VAL C 248 91.80 -183.75 71.52
CA ASP C 249 92.80 -187.37 71.71
CA VAL C 250 90.27 -190.00 72.72
CA PHE C 251 91.78 -192.61 74.96
CA PHE C 252 91.50 -196.34 74.56
CA PRO C 253 92.66 -198.61 77.34
CA PRO C 254 94.87 -201.61 76.56
CA GLU C 255 91.95 -203.89 77.34
CA ALA C 256 90.14 -201.88 74.67
CA GLN C 257 92.29 -203.70 72.15
CA ASN C 258 90.83 -202.79 68.83
CA ASP C 259 87.99 -200.54 69.89
CA PHE C 260 87.11 -197.49 67.75
CA PRO C 261 84.43 -194.76 67.66
CA VAL C 262 81.03 -195.82 66.55
CA ALA C 263 78.49 -193.15 67.47
CA MET C 264 78.32 -189.51 68.52
CA GLN C 265 75.58 -187.15 69.60
CA ILE C 266 76.00 -183.72 71.05
CA SER C 267 73.83 -182.11 73.68
CA GLU C 268 72.90 -178.66 72.53
CA LYS C 269 71.41 -178.12 75.94
CA HIS C 270 74.80 -178.69 77.70
CA ASP C 271 77.36 -178.39 74.85
CA VAL C 272 78.75 -181.79 75.62
CA VAL C 273 79.84 -184.34 73.06
CA PHE C 274 78.81 -187.93 73.70
CA LEU C 275 80.99 -190.54 72.05
CA ILE C 276 80.29 -194.32 72.09
CA THR C 277 82.92 -196.87 71.04
CA LYS C 278 82.54 -200.28 69.41
CA TYR C 279 83.08 -202.11 72.73
CA GLY C 280 80.47 -200.23 74.73
CA TYR C 281 82.51 -197.32 76.17
CA ILE C 282 81.18 -193.80 76.59
CA HIS C 283 83.02 -190.46 76.77
CA LEU C 284 81.75 -186.97 77.36
CA TYR C 285 83.75 -184.06 75.98
CA ASP C 286 83.17 -180.35 76.34
CA LEU C 287 82.03 -179.11 72.91
CA GLU C 288 83.69 -175.72 73.09
CA THR C 289 87.14 -176.86 74.27
CA GLY C 290 87.21 -180.54 73.61
CA THR C 291 88.14 -181.20 77.20
CA CYS C 292 87.38 -184.78 78.24
CA ILE C 293 84.92 -184.70 81.11
CA TYR C 294 84.10 -188.35 81.69
CA MET C 295 84.72 -191.89 80.40
CA ASN C 296 83.40 -195.26 81.45
CA ARG C 297 81.99 -198.43 80.11
CA ILE C 298 78.28 -198.91 80.06
CA SER C 299 77.81 -201.88 77.75
CA GLY C 300 79.80 -204.97 76.91
CA GLU C 301 77.69 -205.61 73.87
CA THR C 302 77.80 -203.03 71.05
CA ILE C 303 75.32 -200.14 70.93
CA PHE C 304 74.64 -200.46 67.19
CA VAL C 305 72.30 -197.53 66.83
CA THR C 306 71.73 -194.25 68.61
CA ALA C 307 70.03 -190.90 68.54
CA PRO C 308 69.91 -187.84 70.52
CA HIS C 309 67.64 -188.16 73.59
CA GLU C 310 65.55 -185.06 73.57
CA ALA C 311 64.11 -185.38 77.04
CA THR C 312 67.46 -185.36 78.67
CA ALA C 313 69.62 -183.82 75.99
CA GLY C 314 71.68 -186.98 76.06
CA ILE C 315 72.16 -190.04 73.96
CA ILE C 316 69.91 -193.15 73.62
CA GLY C 317 70.80 -196.34 71.77
CA VAL C 318 70.12 -200.05 71.57
CA ASN C 319 72.64 -202.85 71.97
CA ARG C 320 72.73 -206.49 70.99
CA LYS C 321 70.91 -207.75 74.12
CA GLY C 322 67.95 -205.57 73.30
CA GLN C 323 68.66 -202.98 75.91
CA VAL C 324 67.48 -199.54 74.99
CA LEU C 325 70.06 -197.51 77.02
CA SER C 326 70.56 -193.86 77.51
CA VAL C 327 73.23 -191.57 79.05
CA CYS C 328 73.05 -187.89 79.92
CA VAL C 329 74.61 -185.18 82.12
CA GLU C 330 73.23 -185.16 85.65
CA GLU C 331 72.64 -181.40 85.79
CA GLU C 332 73.01 -181.36 89.49
CA ASN C 333 76.29 -183.31 89.72
CA ILE C 334 78.40 -182.16 86.78
CA ILE C 335 79.62 -178.75 87.93
CA PRO C 336 80.58 -180.32 91.35
CA TYR C 337 82.19 -183.25 89.51
CA ILE C 338 84.33 -180.96 87.29
CA THR C 339 85.36 -178.95 90.36
CA ASN C 340 86.12 -181.83 92.76
CA VAL C 341 86.90 -184.93 90.70
CA LEU C 342 88.31 -183.11 87.60
CA GLN C 343 89.71 -180.46 89.87
CA ASN C 344 89.08 -178.02 87.09
CA PRO C 345 87.14 -175.09 88.64
CA ASP C 346 87.72 -172.95 85.67
CA LEU C 347 86.00 -175.37 83.27
CA ALA C 348 83.40 -175.76 86.02
CA LEU C 349 82.54 -172.07 86.34
CA ARG C 350 82.49 -171.63 82.59
CA MET C 351 80.33 -174.60 81.94
CA ALA C 352 78.15 -173.47 84.91
CA VAL C 353 77.51 -169.93 83.71
CA ARG C 354 77.47 -170.95 80.06
CA ASN C 355 74.78 -173.49 80.78
CA ASN C 356 73.12 -172.12 83.85
CA LEU C 357 73.93 -175.24 85.78
CA ALA C 358 74.37 -175.37 89.55
CA GLY C 359 77.08 -176.40 91.94
CA ALA C 360 79.55 -173.56 91.68
CA GLU C 361 77.86 -171.21 94.14
CA GLU C 362 80.87 -170.96 96.48
CA LEU C 363 83.24 -170.25 93.64
CA PHE C 364 80.97 -167.48 92.41
CA ALA C 365 80.57 -165.74 95.75
CA ARG C 366 84.34 -166.07 96.14
CA LYS C 367 84.90 -164.58 92.68
CA PHE C 368 82.45 -161.74 93.35
CA ASN C 369 83.91 -160.99 96.76
CA ALA C 370 87.37 -161.03 95.22
CA LEU C 371 86.58 -158.52 92.51
CA PHE C 372 84.85 -156.34 95.14
CA ALA C 373 88.13 -155.69 96.97
CA GLN C 374 90.03 -154.85 93.86
CA GLY C 375 87.00 -152.59 93.70
CA ASN C 376 86.22 -153.64 90.14
CA TYR C 377 82.58 -153.17 90.92
CA SER C 378 81.97 -153.55 87.23
CA GLU C 379 83.54 -156.97 86.92
CA ALA C 380 81.99 -157.89 90.26
CA ALA C 381 78.51 -157.04 88.92
CA LYS C 382 79.03 -158.96 85.71
CA VAL C 383 79.62 -162.01 87.90
CA ALA C 384 76.50 -161.47 90.02
CA ALA C 385 74.43 -160.77 86.95
CA ASN C 386 75.52 -163.94 85.16
CA ALA C 387 76.20 -166.50 87.88
CA PRO C 388 73.52 -169.29 87.53
CA LYS C 389 70.22 -169.85 89.23
CA GLY C 390 70.22 -166.26 90.48
CA ILE C 391 72.63 -167.08 93.20
CA LEU C 392 73.98 -163.43 93.51
CA ARG C 393 70.98 -161.45 92.19
CA THR C 394 70.12 -160.79 95.77
CA PRO C 395 68.91 -157.85 97.91
CA ASP C 396 72.04 -158.29 99.83
CA THR C 397 73.96 -157.98 96.60
CA ILE C 398 72.16 -154.68 95.97
CA ARG C 399 72.90 -153.61 99.61
CA ARG C 400 76.54 -154.34 98.90
CA PHE C 401 76.75 -152.07 95.86
CA GLN C 402 74.52 -149.55 97.58
CA SER C 403 77.13 -149.22 100.34
CA VAL C 404 80.12 -148.02 98.38
CA PRO C 405 80.23 -144.28 97.83
CA ALA C 406 80.15 -142.58 94.47
CA GLN C 407 83.53 -140.79 94.37
CA PRO C 408 83.20 -137.70 92.14
CA GLY C 409 83.24 -138.52 88.43
CA GLN C 410 82.25 -142.02 87.19
CA THR C 411 78.98 -143.86 87.80
CA SER C 412 77.93 -145.54 91.09
CA PRO C 413 78.71 -149.22 91.52
CA LEU C 414 75.00 -149.74 92.04
CA LEU C 415 73.87 -147.83 89.05
CA GLN C 416 76.66 -149.69 87.28
CA TYR C 417 75.25 -153.09 88.38
CA PHE C 418 71.68 -152.03 87.49
CA GLY C 419 73.12 -151.07 84.16
CA ILE C 420 74.36 -154.59 83.56
CA LEU C 421 71.08 -156.05 84.63
CA LEU C 422 69.02 -153.70 82.43
CA ASP C 423 71.18 -154.81 79.54
CA GLN C 424 71.07 -158.43 80.52
CA GLY C 425 67.31 -158.16 80.62
CA GLN C 426 64.33 -157.53 82.87
CA LEU C 427 64.65 -156.65 86.60
CA ASN C 428 62.54 -158.28 89.41
CA LYS C 429 60.24 -156.68 91.87
CA TYR C 430 62.90 -155.76 94.43
CA GLU C 431 65.38 -154.55 91.83
CA SER C 432 62.83 -152.47 90.03
CA LEU C 433 61.84 -150.88 93.34
CA GLU C 434 65.47 -150.14 94.28
CA LEU C 435 66.17 -148.79 90.81
CA CYS C 436 63.08 -146.61 90.72
CA ARG C 437 62.89 -145.22 94.23
CA PRO C 438 65.72 -142.63 93.81
CA VAL C 439 64.91 -141.72 90.13
CA LEU C 440 61.33 -141.04 91.18
CA GLN C 441 62.60 -138.59 93.77
CA GLN C 442 64.89 -136.98 91.20
CA GLY C 443 61.78 -135.98 89.21
CA ARG C 444 62.92 -138.25 86.45
CA LYS C 445 59.58 -139.36 84.95
CA GLN C 446 60.69 -139.75 81.41
CA LEU C 447 63.36 -142.29 82.48
CA LEU C 448 61.05 -144.63 84.32
CA GLU C 449 58.66 -144.14 81.38
CA LYS C 450 61.21 -145.60 78.99
CA TRP C 451 62.21 -148.37 81.35
CA LEU C 452 58.49 -149.21 81.51
CA LYS C 453 57.82 -149.10 77.76
CA GLU C 454 60.92 -151.01 76.85
CA ASP C 455 59.32 -153.39 79.32
CA LYS C 456 62.35 -153.57 81.65
CA LEU C 457 60.60 -153.31 85.08
CA GLU C 458 58.50 -155.96 86.74
CA CYS C 459 56.94 -153.69 87.54
CA SER C 460 55.39 -154.12 90.99
CA GLU C 461 52.83 -152.31 93.18
CA GLU C 462 55.75 -151.15 95.30
CA LEU C 463 57.96 -149.79 92.51
CA GLY C 464 54.79 -147.98 91.59
CA ASP C 465 54.21 -146.60 95.07
CA LEU C 466 57.79 -145.33 94.93
CA VAL C 467 57.13 -143.58 91.65
CA LYS C 468 53.80 -142.22 92.90
CA SER C 469 55.97 -140.32 95.40
CA VAL C 470 57.42 -138.48 92.42
CA ASP C 471 55.04 -138.96 89.53
CA PRO C 472 51.61 -140.18 90.52
CA THR C 473 50.99 -140.17 86.75
CA LEU C 474 54.07 -142.32 85.99
CA ALA C 475 52.72 -144.72 88.65
CA LEU C 476 49.54 -145.81 86.79
CA SER C 477 51.91 -146.89 84.10
CA VAL C 478 53.78 -149.38 86.36
CA TYR C 479 50.64 -150.39 88.21
CA LEU C 480 48.80 -151.00 84.98
CA ARG C 481 51.77 -153.34 84.32
CA ALA C 482 52.05 -154.49 87.85
CA ASN C 483 49.36 -155.70 90.51
CA VAL C 484 45.48 -154.86 88.38
CA PRO C 485 47.97 -152.80 93.78
CA ASN C 486 44.98 -150.89 92.55
CA LYS C 487 43.92 -149.64 95.92
CA VAL C 488 47.35 -148.34 96.65
CA ILE C 489 47.67 -146.50 93.37
CA GLN C 490 44.39 -144.71 93.76
CA CYS C 491 45.27 -143.84 97.26
CA PHE C 492 48.21 -141.54 97.21
CA ALA C 493 47.19 -140.67 93.72
CA GLU C 494 44.86 -138.02 94.79
CA THR C 495 46.96 -136.36 92.20
CA GLY C 496 47.47 -138.23 89.00
CA GLN C 497 46.13 -138.57 85.52
CA VAL C 498 42.40 -138.72 85.21
CA GLN C 499 42.39 -141.38 82.56
CA LYS C 500 44.39 -143.82 84.62
CA ILE C 501 42.26 -143.12 87.64
CA VAL C 502 39.05 -143.91 85.86
CA LEU C 503 40.33 -147.31 84.82
CA TYR C 504 42.00 -148.34 88.08
CA ALA C 505 39.41 -147.01 90.51
CA LYS C 506 36.99 -149.71 89.40
CA LYS C 507 39.55 -152.39 90.17
CA VAL C 508 40.02 -151.10 93.71
CA GLY C 509 40.49 -152.29 94.73
CA TYR C 510 40.04 -150.43 96.47
CA THR C 511 36.90 -148.40 96.22
CA PRO C 512 37.95 -145.58 98.53
CA ASP C 513 40.59 -144.68 96.00
CA TRP C 514 37.75 -143.57 93.80
CA ILE C 515 36.52 -141.16 96.41
CA PHE C 516 40.06 -139.92 96.78
CA LEU C 517 40.31 -139.58 93.04
CA LEU C 518 37.18 -137.52 92.86
CA ARG C 519 38.57 -135.14 95.39
CA ASN C 520 41.66 -134.69 93.28
CA VAL C 521 39.65 -134.10 90.18
CA MET C 522 37.48 -131.73 92.12
CA ARG C 523 40.88 -127.79 91.15
CA ILE C 524 43.23 -130.13 89.45
CA SER C 525 44.59 -130.71 85.99
CA PRO C 526 41.12 -131.68 85.10
CA ASP C 527 38.69 -128.83 85.01
CA GLN C 528 35.16 -128.10 83.96
CA GLY C 529 34.22 -128.66 80.37
CA GLN C 530 35.10 -131.92 78.77
CA GLN C 531 37.97 -133.20 80.82
CA PHE C 532 38.77 -135.97 83.19
CA ALA C 533 36.66 -134.22 85.78
CA GLN C 534 33.23 -135.36 84.69
CA MET C 535 34.36 -138.17 82.47
CA LEU C 536 36.14 -139.68 85.42
CA VAL C 537 32.88 -139.85 87.26
CA GLN C 538 31.42 -141.83 84.41
CA ASP C 539 33.83 -144.72 84.58
CA GLU C 540 33.55 -144.56 88.33
CA GLU C 541 29.84 -145.03 87.97
CA PRO C 542 29.64 -147.35 91.33
CA LEU C 543 31.06 -145.46 93.81
CA ALA C 544 32.87 -144.09 96.80
CA ASP C 545 32.20 -141.39 98.36
CA ILE C 546 29.67 -139.50 96.25
CA THR C 547 29.77 -136.66 98.73
CA GLN C 548 33.54 -136.73 98.52
CA ILE C 549 33.59 -136.31 94.79
CA VAL C 550 31.20 -133.39 94.91
CA ASP C 551 32.96 -131.86 97.87
CA VAL C 552 36.13 -131.74 95.87
CA PHE C 553 34.40 -130.14 92.93
CA MET C 554 32.68 -127.53 95.06
CA GLU C 555 35.78 -126.22 96.79
CA TYR C 556 37.41 -125.89 93.40
CA ASN C 557 34.31 -123.98 92.31
CA LEU C 558 34.21 -126.54 89.50
CA ILE C 559 30.45 -126.65 90.11
CA GLN C 560 29.61 -125.96 86.50
CA GLN C 561 31.62 -129.02 85.49
CA CYS C 562 30.33 -131.07 88.36
CA THR C 563 26.79 -130.55 87.23
CA ALA C 564 27.79 -131.40 83.69
CA PHE C 565 29.26 -134.76 84.61
CA LEU C 566 26.35 -135.64 86.82
CA LEU C 567 24.21 -135.42 83.75
CA ASP C 568 26.36 -138.17 82.28
CA ALA C 569 26.05 -140.19 85.47
CA LEU C 570 22.30 -140.52 85.22
CA LYS C 571 22.70 -142.23 81.90
CA ASN C 572 24.75 -145.02 83.37
CA ASN C 573 21.86 -147.09 84.55
CA ARG C 574 23.82 -149.26 86.89
CA PRO C 575 26.07 -146.53 88.02
CA SER C 576 23.10 -144.38 88.84
CA GLU C 577 22.38 -143.86 92.48
CA GLY C 578 17.52 -141.16 94.56
CA PRO C 579 19.96 -139.94 97.11
CA LEU C 580 22.38 -139.22 94.33
CA GLN C 581 20.08 -136.69 92.75
CA THR C 582 19.23 -135.23 96.08
CA ARG C 583 22.84 -134.76 97.06
CA LEU C 584 23.83 -133.38 93.69
CA LEU C 585 21.32 -130.61 93.73
CA GLU C 586 22.17 -129.76 97.30
CA MET C 587 25.82 -129.53 96.43
CA ASN C 588 24.98 -127.54 93.36
CA LEU C 589 23.10 -125.00 95.36
CA MET C 590 26.06 -124.04 97.49
CA HIS C 591 28.64 -125.02 94.88
CA ALA C 592 27.18 -123.53 91.74
CA PRO C 593 23.71 -122.22 91.62
CA GLN C 594 23.70 -121.87 87.87
CA VAL C 595 23.66 -125.62 87.55
CA ALA C 596 21.06 -125.95 90.27
CA ASP C 597 18.13 -124.90 88.15
CA ALA C 598 19.03 -126.98 85.13
CA ILE C 599 19.32 -130.06 87.27
CA LEU C 600 15.87 -129.32 88.57
CA GLY C 601 14.61 -129.46 85.07
CA ASN C 602 16.59 -132.52 84.14
CA GLN C 603 15.78 -134.84 86.98
CA MET C 604 15.68 -132.92 90.15
CA PHE C 605 11.98 -132.87 89.93
CA THR C 606 11.14 -136.52 89.58
CA HIS C 607 13.81 -138.30 91.52
CA TYR C 608 14.86 -136.05 94.31
CA ASP C 609 14.03 -135.66 97.97
CA ARG C 610 12.04 -132.51 97.28
CA ALA C 611 11.67 -131.45 100.86
CA HIS C 612 15.40 -131.57 101.43
CA ILE C 613 16.23 -129.63 98.31
CA ALA C 614 13.84 -126.88 99.14
CA GLN C 615 15.34 -126.21 102.51
CA LEU C 616 18.70 -126.05 100.84
CA CYS C 617 17.45 -123.61 98.22
CA GLU C 618 15.89 -121.44 100.88
CA LYS C 619 19.24 -121.01 102.52
CA ALA C 620 20.59 -120.66 99.02
CA GLY C 621 18.48 -117.65 98.10
CA LEU C 622 17.59 -119.67 95.02
CA LEU C 623 14.01 -118.39 95.20
CA GLN C 624 13.51 -118.38 91.45
CA ARG C 625 14.14 -122.14 91.54
CA ALA C 626 12.38 -122.50 94.88
CA LEU C 627 9.18 -121.43 93.20
CA GLU C 628 9.78 -124.11 90.62
CA HIS C 629 10.06 -126.80 93.27
CA PHE C 630 7.12 -125.49 95.16
CA THR C 631 5.06 -125.44 92.05
CA ASP C 632 5.92 -129.04 91.16
CA LEU C 633 5.63 -129.94 94.82
CA TYR C 634 2.13 -128.62 94.36
CA ASP C 635 2.72 -126.47 97.34
CA ILE C 636 1.28 -123.53 95.48
CA LYS C 637 0.61 -121.40 98.50
CA ARG C 638 4.31 -121.47 99.24
CA ALA C 639 5.25 -120.65 95.70
CA VAL C 640 3.08 -117.57 95.79
CA VAL C 641 4.27 -116.46 99.18
CA HIS C 642 7.84 -116.75 97.99
CA THR C 643 7.04 -114.93 94.79
CA HIS C 644 5.69 -112.18 96.95
CA LEU C 645 8.98 -111.53 98.62
CA LEU C 646 10.91 -111.62 95.40
CA ASN C 647 8.99 -110.91 92.26
CA PRO C 648 7.81 -113.87 90.39
CA GLU C 649 7.24 -114.17 86.69
CA TRP C 650 4.08 -112.59 85.37
CA LEU C 651 2.64 -115.61 83.63
CA VAL C 652 3.28 -117.98 86.50
CA ASN C 653 1.60 -115.69 88.97
CA TYR C 654 -1.69 -115.94 87.16
CA PHE C 655 -1.66 -119.72 86.97
CA GLY C 656 -0.37 -120.49 90.43
CA SER C 657 -2.50 -118.06 92.38
CA LEU C 658 -5.66 -119.81 91.34
CA SER C 659 -4.09 -123.10 92.20
CA VAL C 660 -3.79 -121.78 95.70
CA GLU C 661 -7.03 -123.34 96.77
CA ASP C 662 -5.79 -123.42 100.29
CA SER C 663 -5.62 -119.78 101.07
CA LEU C 664 -8.22 -117.35 99.84
CA GLU C 665 -6.49 -114.63 101.81
CA CYS C 666 -3.50 -114.92 99.58
CA LEU C 667 -5.65 -113.45 96.87
CA ARG C 668 -6.35 -110.35 98.91
CA ALA C 669 -2.73 -110.19 99.91
CA MET C 670 -1.74 -110.45 96.29
CA LEU C 671 -4.01 -107.66 95.19
CA SER C 672 -2.40 -105.35 97.66
CA ALA C 673 1.02 -106.29 96.42
CA ASN C 674 -0.11 -105.99 92.84
CA ILE C 675 -1.56 -102.59 93.41
CA ARG C 676 1.88 -101.35 94.20
CA GLN C 677 4.28 -103.02 91.86
CA ASN C 678 2.07 -102.72 88.84
CA LEU C 679 -1.34 -101.26 88.12
CA GLN C 680 -1.67 -103.06 84.83
CA ILE C 681 -0.96 -106.44 86.32
CA CYS C 682 -3.62 -105.91 88.93
CA VAL C 683 -6.44 -105.48 86.46
CA GLN C 684 -5.58 -108.67 84.64
CA VAL C 685 -4.90 -110.53 87.86
CA ALA C 686 -8.15 -109.29 89.32
CA SER C 687 -10.11 -111.10 86.70
CA LYS C 688 -8.88 -114.60 87.63
CA TYR C 689 -10.30 -113.93 89.95
CA HIS C 690 -11.83 -113.12 93.15
CA GLU C 691 -12.68 -115.62 96.03
CA GLN C 692 -13.98 -112.66 97.59
CA LEU C 693 -15.76 -110.18 99.88
CA SER C 694 -12.66 -108.53 101.10
CA THR C 695 -15.11 -106.44 100.32
CA GLN C 696 -14.12 -103.20 102.09
CA SER C 697 -10.57 -104.34 102.61
CA LEU C 698 -10.39 -105.26 98.99
CA ILE C 699 -11.42 -101.80 97.88
CA GLU C 700 -9.30 -100.09 100.49
CA LEU C 701 -6.33 -101.90 99.04
CA PHE C 702 -7.22 -100.75 95.55
CA GLU C 703 -7.37 -97.15 96.62
CA SER C 704 -3.94 -97.08 98.27
CA PHE C 705 -2.47 -98.52 95.11
CA LYS C 706 -4.26 -95.65 93.47
CA SER C 707 -5.72 -98.07 91.02
CA PHE C 708 -9.06 -96.33 91.08
CA GLU C 709 -9.61 -97.11 87.45
CA GLY C 710 -8.97 -100.81 87.84
CA LEU C 711 -11.06 -101.19 90.95
CA PHE C 712 -13.97 -99.67 89.10
CA TYR C 713 -13.36 -101.91 86.11
CA PHE C 714 -13.22 -105.04 88.26
CA LEU C 715 -16.49 -104.30 89.97
CA GLY C 716 -17.93 -103.78 86.55
CA SER C 717 -17.24 -107.40 85.70
CA ILE C 718 -18.45 -108.76 89.00
CA VAL C 719 -21.81 -107.09 88.67
CA ASN C 720 -22.50 -109.18 85.61
CA PHE C 721 -22.56 -112.27 87.74
CA SER C 722 -24.65 -112.49 90.86
CA GLN C 723 -23.39 -110.06 93.42
CA ASP C 724 -24.19 -108.13 94.23
CA PRO C 725 -25.21 -104.58 94.65
CA ASP C 726 -21.88 -103.87 96.27
CA VAL C 727 -20.21 -104.27 92.94
CA HIS C 728 -22.54 -101.97 91.04
CA PHE C 729 -22.19 -99.55 93.91
CA LYS C 730 -18.42 -99.58 93.75
CA TYR C 731 -18.32 -99.39 89.96
CA ILE C 732 -20.32 -96.22 89.78
CA GLN C 733 -18.29 -94.59 92.50
CA ALA C 734 -15.07 -95.40 90.73
CA ALA C 735 -16.54 -94.34 87.44
CA CYS C 736 -17.31 -90.93 88.81
CA LYS C 737 -13.75 -90.09 89.65
CA THR C 738 -12.19 -92.41 87.07
CA GLY C 739 -14.37 -91.85 84.03
CA GLN C 740 -17.30 -89.48 84.22
CA ILE C 741 -18.58 -90.35 80.79
CA LYS C 742 -19.16 -93.94 81.86
CA GLU C 743 -20.92 -92.78 85.00
CA VAL C 744 -24.09 -91.86 83.11
CA GLU C 745 -24.68 -94.99 81.09
CA ARG C 746 -24.09 -97.16 84.09
CA ILE C 747 -26.65 -95.41 86.26
CA CYS C 748 -29.07 -95.65 83.42
CA ARG C 749 -29.09 -99.44 83.54
CA GLU C 750 -27.66 -100.04 87.04
CA SER C 751 -29.48 -97.44 89.13
CA ASN C 752 -31.82 -100.09 90.48
CA CYS C 753 -29.17 -102.26 92.05
CA TYR C 754 -26.96 -99.70 93.72
CA ASP C 755 -27.15 -98.05 97.14
CA PRO C 756 -28.34 -94.69 95.85
CA GLU C 757 -27.37 -92.58 98.82
CA ARG C 758 -23.75 -93.42 98.37
CA VAL C 759 -23.90 -92.94 94.62
CA LYS C 760 -25.15 -89.46 95.25
CA ASN C 761 -22.44 -88.48 97.67
CA PHE C 762 -19.97 -89.59 95.06
CA LEU C 763 -21.72 -87.56 92.37
CA LYS C 764 -21.82 -84.51 94.57
CA GLU C 765 -18.09 -84.54 94.95
CA ALA C 766 -17.94 -85.42 91.28
CA LYS C 767 -19.85 -82.36 90.10
CA LEU C 768 -21.77 -84.94 88.10
CA THR C 769 -24.80 -82.64 88.23
CA ASP C 770 -26.43 -83.94 85.10
CA GLN C 771 -26.46 -87.43 86.62
CA LEU C 772 -27.26 -86.34 90.16
CA PRO C 773 -30.68 -85.19 89.26
CA LEU C 774 -31.22 -88.38 87.37
CA ILE C 775 -30.73 -90.31 90.56
CA ILE C 776 -32.43 -87.74 92.72
CA VAL C 777 -35.39 -87.72 90.40
CA CYS C 778 -35.38 -91.47 90.00
CA ASP C 779 -34.37 -93.75 92.78
CA ARG C 780 -34.13 -90.88 95.15
CA PHE C 781 -36.55 -90.88 94.52
CA ASP C 782 -35.27 -87.70 96.05
CA PHE C 783 -36.80 -85.33 93.59
CA VAL C 784 -35.97 -82.36 95.74
CA HIS C 785 -32.30 -83.22 95.54
CA ASP C 786 -32.32 -83.68 91.82
CA LEU C 787 -33.83 -80.29 91.26
CA VAL C 788 -31.34 -78.48 93.42
CA LEU C 789 -28.66 -80.27 91.46
CA TYR C 790 -30.36 -79.30 88.22
CA LEU C 791 -30.15 -75.73 89.34
CA TYR C 792 -26.45 -76.27 89.34
CA ARG C 793 -26.82 -77.56 85.78
CA ASN C 794 -29.20 -79.88 83.90
CA ASN C 795 -31.60 -80.14 80.99
CA LEU C 796 -34.88 -78.28 80.70
CA GLN C 797 -37.11 -81.17 79.75
CA LYS C 798 -36.36 -83.39 82.71
CA TYR C 799 -36.44 -80.25 84.76
CA ILE C 800 -40.02 -79.54 83.83
CA GLU C 801 -41.13 -83.00 84.89
CA ILE C 802 -39.18 -83.42 88.14
CA TYR C 803 -39.93 -79.93 89.37
CA VAL C 804 -43.57 -80.79 89.86
CA GLN C 805 -42.87 -83.95 91.82
CA LYS C 806 -40.73 -82.03 94.25
CA VAL C 807 -39.38 -76.17 97.03
CA ASN C 808 -40.22 -72.30 99.98
CA PRO C 809 -42.09 -71.78 96.80
CA SER C 810 -39.69 -68.99 95.88
CA ARG C 811 -37.73 -71.85 94.37
CA LEU C 812 -40.45 -72.00 91.79
CA PRO C 813 -39.56 -68.54 90.60
CA VAL C 814 -35.90 -69.30 90.71
CA VAL C 815 -36.59 -72.40 88.67
CA ILE C 816 -38.69 -70.64 86.09
CA GLY C 817 -35.88 -68.21 85.50
CA GLY C 818 -33.44 -71.06 85.34
CA LEU C 819 -35.35 -72.88 82.67
CA LEU C 820 -35.90 -69.71 80.71
CA ASP C 821 -32.39 -68.36 81.12
CA VAL C 822 -30.70 -71.64 80.57
CA ASP C 823 -31.35 -73.12 77.22
CA CYS C 824 -34.14 -75.19 78.60
CA SER C 825 -36.66 -75.71 75.91
CA GLU C 826 -39.57 -73.38 75.94
CA ASP C 827 -41.64 -76.48 75.78
CA VAL C 828 -39.65 -77.74 78.71
CA ILE C 829 -40.32 -74.48 80.45
CA LYS C 830 -43.97 -74.77 79.61
CA ASN C 831 -44.00 -78.34 80.79
CA LEU C 832 -42.42 -77.22 84.00
CA ILE C 833 -44.63 -74.20 84.33
CA LEU C 834 -47.48 -72.36 86.69
CA VAL C 835 -46.15 -73.63 89.96
CA VAL C 836 -43.20 -71.33 89.54
CA ARG C 837 -45.37 -68.31 88.98
CA GLY C 838 -47.35 -69.11 92.05
CA GLN C 839 -7.72 -215.36 106.10
CA PHE C 840 -4.56 -213.52 106.89
CA SER C 841 -1.55 -212.63 104.87
CA THR C 842 -0.73 -211.17 102.09
CA ASP C 843 1.81 -208.90 100.49
CA GLU C 844 2.74 -211.64 98.08
CA LEU C 845 -0.80 -211.95 96.91
CA VAL C 846 -1.04 -208.23 96.44
CA ALA C 847 2.25 -207.96 94.63
CA GLU C 848 1.24 -210.66 92.22
CA VAL C 849 -2.12 -209.05 91.60
CA GLU C 850 -0.67 -205.61 91.05
CA LYS C 851 1.87 -206.34 88.34
CA ARG C 852 -0.72 -208.48 86.64
CA ASN C 853 -2.88 -205.35 86.53
CA ARG C 854 -5.17 -207.73 88.37
CA LEU C 855 -6.89 -203.81 88.96
CA LYS C 856 -10.62 -204.14 88.58
CA LEU C 857 -10.55 -207.37 90.60
CA LEU C 858 -7.72 -206.33 92.86
CA LEU C 859 -9.83 -203.60 94.34
CA PRO C 860 -12.46 -206.09 95.43
CA TRP C 861 -10.05 -208.49 97.05
CA LEU C 862 -8.62 -205.72 99.17
CA GLU C 863 -12.17 -204.95 100.09
CA ALA C 864 -12.35 -208.31 101.85
CA ARG C 865 -8.87 -208.18 103.30
CA ILE C 866 -9.71 -205.14 105.37
CA HIS C 867 -11.89 -207.34 107.50
CA GLU C 868 -8.92 -209.53 108.38
CA GLY C 869 -7.60 -208.86 111.85
CA CYS C 870 -4.14 -209.17 110.33
CA GLU C 871 -5.02 -206.12 108.21
CA GLU C 872 -2.74 -201.56 107.38
CA PRO C 873 -3.23 -198.08 106.11
CA ALA C 874 -0.94 -198.87 103.24
CA THR C 875 -3.60 -201.14 101.88
CA HIS C 876 -6.41 -198.68 102.36
CA ASN C 877 -4.55 -195.92 100.67
CA ALA C 878 -3.64 -198.15 97.78
CA LEU C 879 -7.18 -199.36 97.30
CA ALA C 880 -8.73 -195.96 97.12
CA LYS C 881 -6.24 -194.70 94.59
CA ILE C 882 -6.75 -197.73 92.42
CA TYR C 883 -10.43 -197.27 93.03
CA ILE C 884 -10.05 -193.75 91.76
CA ASP C 885 -9.85 -195.48 88.41
CA SER C 886 -13.22 -197.12 89.08
CA ASN C 887 -14.94 -194.04 90.46
CA ASN C 888 -18.14 -195.43 91.91
CA ASN C 889 -16.38 -197.43 94.60
CA PRO C 890 -14.21 -194.68 95.96
CA GLU C 891 -16.98 -192.71 97.60
CA ARG C 892 -18.05 -195.57 99.83
CA PHE C 893 -14.45 -196.44 100.44
CA LEU C 894 -13.50 -193.12 101.93
CA ARG C 895 -16.63 -193.29 103.96
CA GLU C 896 -15.71 -196.74 105.13
CA ASN C 897 -12.14 -196.31 106.23
CA PRO C 898 -10.63 -193.36 107.90
CA TYR C 899 -7.22 -194.93 107.96
CA TYR C 900 -5.78 -193.71 104.71
CA ASP C 901 -2.82 -191.48 103.92
CA SER C 902 -5.87 -189.70 103.24
CA ARG C 903 -3.36 -187.72 101.26
CA VAL C 904 -2.87 -190.50 98.78
CA VAL C 905 -6.56 -191.16 98.38
CA GLY C 906 -7.26 -187.53 97.80
CA LYS C 907 -4.89 -187.21 94.89
CA TYR C 908 -6.54 -190.23 93.39
CA CYS C 909 -9.96 -188.74 94.05
CA GLU C 910 -8.75 -185.50 92.55
CA LYS C 911 -8.56 -187.22 89.22
CA ARG C 912 -12.04 -188.50 89.94
CA ASP C 913 -15.14 -186.65 91.08
CA PRO C 914 -14.98 -184.13 93.80
CA HIS C 915 -18.00 -185.31 95.75
CA LEU C 916 -15.97 -187.87 97.61
CA ALA C 917 -13.15 -185.39 97.94
CA CYS C 918 -15.29 -183.11 100.02
CA VAL C 919 -16.04 -185.98 102.35
CA ALA C 920 -12.38 -186.79 102.78
CA TYR C 921 -11.33 -183.19 103.11
CA GLU C 922 -14.01 -182.91 105.74
CA ARG C 923 -12.74 -185.89 107.72
CA GLY C 924 -9.17 -184.89 106.99
CA GLN C 925 -10.17 -181.74 108.75
CA CYS C 926 -8.79 -179.88 105.82
CA ASP C 927 -11.79 -177.59 105.93
CA LEU C 928 -10.37 -174.95 103.64
CA GLU C 929 -10.10 -177.54 100.92
CA LEU C 930 -13.61 -178.77 101.53
CA ILE C 931 -15.01 -175.31 101.07
CA ASN C 932 -13.14 -174.32 97.98
CA VAL C 933 -13.96 -177.59 96.32
CA CYS C 934 -17.54 -177.16 97.46
CA ASN C 935 -17.55 -173.80 95.78
CA GLU C 936 -17.74 -175.57 92.49
CA ASN C 937 -20.49 -177.77 93.88
CA SER C 938 -21.67 -178.58 97.36
CA LEU C 939 -24.53 -178.84 99.81
CA PHE C 940 -25.69 -175.77 101.64
CA LYS C 941 -26.07 -177.40 105.01
CA SER C 942 -22.58 -178.79 105.15
CA LEU C 943 -21.28 -175.49 103.93
CA SER C 944 -22.69 -173.69 106.91
CA ARG C 945 -20.94 -176.01 109.32
CA TYR C 946 -17.56 -176.26 107.63
CA LEU C 947 -17.11 -172.66 106.58
CA VAL C 948 -16.71 -171.67 110.19
CA ARG C 949 -13.88 -174.11 110.69
CA ARG C 950 -11.98 -172.62 107.76
CA LYS C 951 -8.65 -171.14 108.76
CA ASP C 952 -8.39 -168.55 106.02
CA PRO C 953 -10.99 -166.00 106.82
CA GLU C 954 -10.63 -164.68 103.29
CA LEU C 955 -12.75 -167.58 102.15
CA TRP C 956 -15.63 -165.97 103.97
CA GLY C 957 -15.47 -162.97 101.72
CA SER C 958 -15.15 -165.34 98.83
CA VAL C 959 -18.18 -167.32 99.91
CA LEU C 960 -20.33 -164.27 100.47
CA LEU C 961 -19.64 -163.26 96.92
CA GLU C 962 -20.40 -166.77 95.83
CA SER C 963 -23.75 -166.68 97.55
CA ASN C 964 -24.90 -163.29 96.37
CA PRO C 965 -24.44 -163.69 92.66
CA TYR C 966 -25.81 -167.12 92.90
CA ARG C 967 -29.45 -166.77 92.27
CA ARG C 968 -30.52 -168.24 95.38
CA PRO C 969 -32.92 -167.95 97.82
CA LEU C 970 -33.63 -167.18 101.53
CA ILE C 971 -35.80 -168.91 103.93
CA ASP C 972 -34.63 -171.49 106.38
CA GLN C 973 -31.09 -171.33 107.59
CA VAL C 974 -29.31 -169.69 104.69
CA VAL C 975 -28.00 -166.20 104.28
CA GLN C 976 -29.32 -165.00 107.60
CA THR C 977 -28.21 -168.03 109.53
CA ALA C 978 -24.96 -168.15 107.62
CA LEU C 979 -24.29 -164.50 108.23
CA SER C 980 -24.57 -165.08 111.93
CA GLU C 981 -21.83 -167.68 111.89
CA THR C 982 -19.58 -165.66 109.65
CA GLN C 983 -20.43 -162.72 111.38
CA ASP C 984 -16.80 -161.61 110.70
CA PRO C 985 -16.00 -160.95 108.64
CA GLU C 986 -16.06 -159.02 105.00
CA GLU C 987 -16.19 -158.62 101.31
CA VAL C 988 -19.23 -157.35 102.86
CA SER C 989 -20.23 -155.36 99.82
CA VAL C 990 -20.33 -158.51 97.77
CA THR C 991 -23.06 -159.96 99.89
CA VAL C 992 -24.87 -156.63 99.90
CA LYS C 993 -24.66 -156.20 96.16
CA ALA C 994 -26.24 -159.59 95.70
CA PHE C 995 -29.05 -158.77 98.06
CA MET C 996 -29.84 -155.47 96.41
CA THR C 997 -30.16 -156.81 92.87
CA ALA C 998 -32.40 -159.50 94.24
CA ASP C 999 -34.49 -156.65 95.60
CA LEU C 1000 -33.95 -158.53 98.82
CA PRO C 1001 -33.07 -155.48 101.00
CA ASN C 1002 -37.23 -155.20 103.03
CA GLU C 1003 -34.53 -157.51 104.35
CA LEU C 1004 -31.68 -155.13 103.63
CA ILE C 1005 -33.08 -152.69 106.11
CA GLU C 1006 -33.59 -155.45 108.63
CA LEU C 1007 -29.98 -156.58 108.58
CA LEU C 1008 -28.64 -153.06 108.81
CA GLU C 1009 -30.65 -152.42 111.91
CA LYS C 1010 -28.83 -155.34 113.49
CA ILE C 1011 -25.47 -154.19 112.18
CA VAL C 1012 -25.41 -150.96 114.10
CA LEU C 1013 -25.42 -152.68 117.46
CA ASP C 1014 -23.37 -155.64 116.35
CA ASN C 1015 -19.73 -155.17 117.20
CA SER C 1016 -19.35 -158.72 116.00
CA VAL C 1017 -20.52 -157.50 112.66
CA PHE C 1018 -18.95 -154.35 111.22
CA SER C 1019 -18.79 -151.79 113.96
CA GLU C 1020 -21.20 -148.93 113.75
CA HIS C 1021 -20.02 -146.41 111.26
CA ARG C 1022 -21.32 -143.28 109.61
CA ASN C 1023 -21.95 -145.02 106.35
CA LEU C 1024 -24.40 -147.47 107.81
CA GLN C 1025 -26.30 -144.87 109.71
CA ASN C 1026 -26.37 -142.77 106.62
CA LEU C 1027 -27.85 -145.48 104.48
CA LEU C 1028 -30.37 -146.71 107.00
CA ILE C 1029 -32.04 -143.39 107.40
CA LEU C 1030 -32.22 -142.91 103.67
CA THR C 1031 -33.80 -146.26 103.18
CA ALA C 1032 -36.02 -145.61 106.14
CA ILE C 1033 -37.52 -142.53 104.62
CA LYS C 1034 -38.72 -144.25 101.48
CA ALA C 1035 -39.08 -147.68 103.07
CA ASP C 1036 -40.51 -146.91 106.49
CA ARG C 1037 -41.27 -143.30 107.30
CA THR C 1038 -42.37 -144.06 110.83
CA ARG C 1039 -38.93 -145.37 111.70
CA VAL C 1040 -37.23 -142.42 110.07
CA MET C 1041 -38.08 -140.18 113.00
CA GLU C 1042 -36.86 -142.44 115.77
CA TYR C 1043 -33.69 -143.17 113.92
CA ILE C 1044 -32.75 -139.53 113.48
CA ASN C 1045 -32.78 -138.78 117.16
CA ARG C 1046 -30.58 -141.80 117.76
CA LEU C 1047 -28.74 -140.98 114.55
CA ASP C 1048 -26.14 -138.56 115.86
CA ASN C 1049 -23.27 -139.13 113.48
CA TYR C 1050 -24.90 -139.05 110.11
CA ASP C 1051 -24.02 -137.23 106.92
CA ALA C 1052 -26.84 -134.77 107.41
CA PRO C 1053 -26.98 -133.29 103.99
CA ASP C 1054 -27.73 -136.74 102.69
CA ILE C 1055 -30.64 -137.17 105.04
CA ALA C 1056 -32.08 -133.82 104.24
CA ASN C 1057 -32.43 -134.29 100.54
CA ILE C 1058 -33.87 -137.66 101.36
CA ALA C 1059 -36.50 -136.24 103.72
CA ILE C 1060 -37.30 -133.42 101.34
CA SER C 1061 -38.06 -135.99 98.74
CA ASN C 1062 -40.38 -137.82 101.02
CA GLU C 1063 -42.31 -134.99 102.66
CA LEU C 1064 -40.68 -135.62 106.03
CA PHE C 1065 -41.47 -132.04 107.16
CA GLU C 1066 -41.42 -132.51 110.92
CA GLU C 1067 -38.27 -134.57 110.71
CA ALA C 1068 -36.75 -132.13 108.28
CA PHE C 1069 -37.17 -129.38 110.80
CA ALA C 1070 -35.40 -131.48 113.37
CA ILE C 1071 -32.37 -132.03 111.17
CA PHE C 1072 -32.29 -128.47 109.96
CA ARG C 1073 -32.36 -127.54 113.59
CA LYS C 1074 -29.41 -129.74 114.52
CA PHE C 1075 -27.60 -128.93 111.30
CA ASP C 1076 -27.98 -125.41 112.54
CA VAL C 1077 -29.68 -124.18 109.28
CA ASN C 1078 -32.28 -121.36 110.53
CA THR C 1079 -33.17 -120.07 107.08
CA SER C 1080 -34.17 -123.58 106.15
CA ALA C 1081 -36.23 -124.02 109.26
CA VAL C 1082 -38.28 -120.98 108.51
CA GLN C 1083 -38.70 -121.76 104.85
CA VAL C 1084 -39.89 -125.23 105.66
CA LEU C 1085 -42.08 -123.72 108.33
CA ILE C 1086 -43.76 -121.56 105.78
CA GLU C 1087 -44.94 -124.51 103.72
CA HIS C 1088 -46.16 -126.54 106.65
CA ILE C 1089 -47.46 -124.47 109.47
CA GLY C 1090 -45.15 -125.35 112.27
CA ASN C 1091 -45.70 -123.43 115.46
CA LEU C 1092 -46.10 -119.73 116.05
CA ASP C 1093 -43.87 -119.57 119.08
CA ARG C 1094 -40.87 -121.22 117.48
CA ALA C 1095 -41.36 -119.05 114.46
CA TYR C 1096 -40.81 -115.96 116.52
CA GLU C 1097 -37.54 -117.24 117.91
CA PHE C 1098 -36.03 -118.69 114.74
CA ALA C 1099 -36.94 -115.91 112.36
CA GLU C 1100 -34.57 -113.52 114.04
CA ARG C 1101 -31.69 -115.93 113.66
CA CYS C 1102 -32.30 -116.02 109.92
CA ASN C 1103 -29.36 -114.64 107.99
CA GLU C 1104 -31.30 -113.43 104.98
CA PRO C 1105 -33.33 -110.43 105.85
CA ALA C 1106 -35.44 -111.07 102.78
CA VAL C 1107 -37.09 -113.82 104.71
CA TRP C 1108 -38.68 -111.23 106.92
CA SER C 1109 -40.48 -109.57 104.07
CA GLN C 1110 -41.48 -112.93 102.70
CA LEU C 1111 -42.49 -113.91 106.22
CA ALA C 1112 -44.59 -110.82 106.65
CA LYS C 1113 -46.49 -111.70 103.53
CA ALA C 1114 -47.04 -115.23 104.73
CA GLN C 1115 -48.52 -114.05 107.99
CA LEU C 1116 -50.40 -111.43 106.11
CA GLN C 1117 -52.12 -114.00 103.98
CA LYS C 1118 -52.54 -116.63 106.68
CA GLY C 1119 -53.55 -114.22 109.37
CA MET C 1120 -52.81 -110.54 109.64
CA VAL C 1121 -54.11 -110.28 113.15
CA LYS C 1122 -52.96 -112.11 116.23
CA GLU C 1123 -49.96 -113.25 114.29
CA ALA C 1124 -48.50 -110.62 112.06
CA ILE C 1125 -48.71 -108.01 114.76
CA ASP C 1126 -46.79 -110.10 117.23
CA SER C 1127 -44.42 -111.17 114.51
CA TYR C 1128 -43.78 -107.61 113.45
CA ILE C 1129 -42.57 -106.63 116.85
CA LYS C 1130 -39.89 -109.27 116.74
CA ALA C 1131 -39.03 -108.27 113.21
CA ASP C 1132 -38.69 -106.78 110.60
CA ASP C 1133 -37.20 -103.72 109.05
CA PRO C 1134 -37.13 -102.54 107.10
CA SER C 1135 -39.02 -99.37 105.89
CA SER C 1136 -41.73 -100.18 103.39
CA TYR C 1137 -46.19 -97.80 100.55
CA MET C 1138 -49.56 -97.48 98.93
CA GLU C 1139 -50.62 -101.02 99.68
CA VAL C 1140 -49.29 -100.98 103.19
CA VAL C 1141 -51.35 -97.95 104.04
CA GLN C 1142 -54.26 -99.36 102.13
CA ALA C 1143 -54.15 -102.47 104.24
CA ALA C 1144 -54.00 -100.45 107.44
CA ASN C 1145 -57.03 -98.42 106.58
CA THR C 1146 -59.19 -101.34 105.56
CA SER C 1147 -58.40 -103.04 108.82
CA GLY C 1148 -59.68 -99.80 110.21
CA ASN C 1149 -56.68 -99.47 112.41
CA TRP C 1150 -55.88 -95.90 111.54
CA GLU C 1151 -54.60 -95.32 115.01
CA GLU C 1152 -51.97 -97.97 114.59
CA LEU C 1153 -50.88 -96.87 111.17
CA VAL C 1154 -50.41 -93.28 112.22
CA LYS C 1155 -48.46 -94.58 115.20
CA TYR C 1156 -45.98 -96.59 113.12
CA LEU C 1157 -45.43 -93.82 110.63
CA GLN C 1158 -44.42 -91.68 113.52
CA MET C 1159 -41.62 -94.13 114.30
CA ALA C 1160 -40.87 -94.74 110.64
CA ARG C 1161 -39.95 -91.16 109.96
CA LYS C 1162 -36.92 -91.44 112.13
CA LYS C 1163 -35.67 -94.68 110.64
CA ALA C 1164 -35.98 -93.70 107.05
CA ARG C 1165 -37.32 -90.53 105.73
CA GLU C 1166 -38.62 -90.38 102.36
CA SER C 1167 -41.52 -89.71 100.86
CA TYR C 1168 -43.78 -92.64 100.41
CA VAL C 1169 -43.98 -93.27 104.12
CA GLU C 1170 -44.39 -89.64 105.12
CA THR C 1171 -46.94 -89.12 102.39
CA GLU C 1172 -48.79 -92.10 103.79
CA LEU C 1173 -48.81 -90.87 107.35
CA ILE C 1174 -50.25 -87.55 106.42
CA PHE C 1175 -53.01 -89.12 104.40
CA ALA C 1176 -53.90 -91.38 107.25
CA LEU C 1177 -53.78 -88.53 109.68
CA ALA C 1178 -56.32 -86.58 107.77
CA LYS C 1179 -58.57 -89.54 107.08
CA THR C 1180 -58.47 -91.26 110.41
CA ASN C 1181 -60.07 -88.19 111.84
CA ARG C 1182 -56.81 -87.34 113.43
CA LEU C 1183 -56.63 -84.04 111.66
CA ALA C 1184 -54.88 -82.41 114.55
CA GLU C 1185 -51.87 -84.57 113.91
CA LEU C 1186 -52.03 -83.70 110.23
CA GLU C 1187 -51.10 -80.07 110.81
CA GLU C 1188 -47.92 -80.51 112.80
CA PHE C 1189 -46.77 -83.30 110.59
CA ILE C 1190 -47.04 -81.27 107.45
CA ASN C 1191 -44.95 -78.55 108.92
CA GLY C 1192 -41.91 -80.60 109.67
CA PRO C 1193 -41.74 -82.93 106.77
CA ASN C 1194 -41.10 -81.25 103.44
CA ASN C 1195 -40.44 -84.66 101.99
CA ALA C 1196 -43.81 -85.81 100.83
CA HIS C 1197 -45.75 -85.77 97.64
CA ILE C 1198 -47.59 -82.50 97.87
CA GLN C 1199 -50.15 -83.19 95.23
CA GLN C 1200 -51.33 -86.37 96.84
CA VAL C 1201 -51.33 -84.79 100.26
CA GLY C 1202 -53.42 -81.91 98.99
CA ASP C 1203 -56.00 -84.18 97.42
CA ARG C 1204 -56.18 -85.76 100.83
CA CYS C 1205 -56.81 -82.47 102.64
CA TYR C 1206 -59.19 -81.39 99.93
CA ASP C 1207 -61.57 -84.19 100.78
CA GLU C 1208 -60.75 -83.67 104.45
CA LYS C 1209 -61.74 -80.02 104.50
CA MET C 1210 -58.38 -78.92 105.83
CA TYR C 1211 -59.12 -75.30 104.79
CA ASP C 1212 -56.98 -73.83 107.57
CA ALA C 1213 -54.05 -76.17 106.96
CA ALA C 1214 -53.90 -75.90 103.15
CA LYS C 1215 -54.19 -72.14 103.66
CA LEU C 1216 -50.63 -72.33 105.00
CA LEU C 1217 -49.49 -75.06 102.60
CA TYR C 1218 -50.64 -73.17 99.51
CA ASN C 1219 -49.11 -70.10 101.15
CA ASN C 1220 -45.47 -71.27 101.25
CA VAL C 1221 -45.56 -73.07 97.88
CA SER C 1222 -47.23 -69.77 96.95
CA ASN C 1223 -49.96 -71.19 94.70
CA PHE C 1224 -52.08 -68.07 95.14
CA GLY C 1225 -54.50 -69.72 92.73
CA ARG C 1226 -55.77 -71.87 95.59
CA LEU C 1227 -54.41 -69.73 98.46
CA ALA C 1228 -57.01 -67.12 97.50
CA SER C 1229 -59.57 -69.79 96.67
CA THR C 1230 -59.35 -71.36 100.14
CA LEU C 1231 -59.14 -67.98 101.92
CA VAL C 1232 -62.59 -67.24 100.50
CA HIS C 1233 -63.84 -70.74 101.32
CA LEU C 1234 -62.69 -69.64 104.82
CA GLY C 1235 -64.59 -66.34 104.94
CA GLU C 1236 -61.31 -64.41 105.07
CA TYR C 1237 -62.44 -62.24 102.16
CA GLN C 1238 -60.27 -59.12 102.31
CA ALA C 1239 -57.13 -61.31 102.31
CA ALA C 1240 -58.51 -63.59 99.58
CA VAL C 1241 -58.57 -60.50 97.37
CA ASP C 1242 -54.84 -60.20 98.06
CA GLY C 1243 -54.18 -63.74 96.96
CA ALA C 1244 -56.16 -63.11 93.79
CA ARG C 1245 -53.96 -60.06 93.20
CA LYS C 1246 -50.72 -62.02 93.55
CA ALA C 1247 -52.34 -64.86 91.59
CA ASN C 1248 -52.99 -62.33 88.81
CA SER C 1249 -55.49 -64.57 87.03
CA THR C 1250 -58.86 -63.75 85.46
CA ARG C 1251 -60.71 -67.02 86.09
CA THR C 1252 -59.39 -66.48 89.61
CA TRP C 1253 -60.79 -62.98 90.21
CA LYS C 1254 -64.11 -64.41 89.06
CA GLU C 1255 -64.12 -67.02 91.86
CA VAL C 1256 -63.17 -64.40 94.46
CA CYS C 1257 -65.37 -61.60 93.13
CA PHE C 1258 -68.43 -63.82 92.81
CA ALA C 1259 -68.01 -65.33 96.26
CA CYS C 1260 -67.10 -61.89 97.68
CA VAL C 1261 -70.57 -60.97 96.34
CA ASP C 1262 -72.33 -63.97 97.82
CA GLY C 1263 -70.86 -62.86 101.15
CA LYS C 1264 -72.29 -59.42 100.40
CA GLU C 1265 -68.84 -57.81 100.68
CA PHE C 1266 -69.12 -55.05 98.12
CA ARG C 1267 -66.39 -52.43 98.40
CA LEU C 1268 -64.22 -55.53 98.04
CA ALA C 1269 -66.23 -57.28 95.32
CA GLN C 1270 -65.94 -53.96 93.48
CA MET C 1271 -62.16 -53.38 93.41
CA CYS C 1272 -62.12 -57.16 92.95
CA GLY C 1273 -64.48 -56.70 90.01
CA LEU C 1274 -62.66 -53.90 88.21
CA HIS C 1275 -60.12 -56.50 87.15
CA ILE C 1276 -62.83 -58.33 85.21
CA VAL C 1277 -64.98 -55.71 83.42
CA VAL C 1278 -62.01 -54.70 81.26
CA HIS C 1279 -62.20 -58.19 79.76
CA ALA C 1280 -23.39 -195.22 107.33
CA ASP C 1281 -25.08 -197.08 104.48
CA GLU C 1282 -25.92 -199.71 107.09
CA LEU C 1283 -26.64 -197.76 110.32
CA GLU C 1284 -30.34 -197.33 109.51
CA GLU C 1285 -31.39 -200.94 108.84
CA LEU C 1286 -29.50 -201.93 112.01
CA ILE C 1287 -31.54 -199.42 114.02
CA ASN C 1288 -34.89 -200.01 112.30
CA TYR C 1289 -34.37 -203.68 113.13
CA TYR C 1290 -33.59 -203.21 116.86
CA GLN C 1291 -36.63 -200.89 116.88
CA ASP C 1292 -39.47 -203.13 115.65
CA ARG C 1293 -38.14 -205.96 117.85
CA GLY C 1294 -38.79 -203.31 120.49
CA TYR C 1295 -35.27 -203.58 121.90
CA PHE C 1296 -34.80 -199.84 122.22
CA GLU C 1297 -33.05 -200.27 125.56
CA GLU C 1298 -30.16 -202.32 124.16
CA LEU C 1299 -29.95 -200.40 120.87
CA ILE C 1300 -29.08 -197.29 122.87
CA THR C 1301 -26.68 -199.27 125.08
CA MET C 1302 -24.65 -200.27 122.04
CA LEU C 1303 -24.51 -196.81 120.51
CA GLU C 1304 -23.31 -195.80 124.00
CA ALA C 1305 -20.09 -197.72 123.22
CA ALA C 1306 -19.90 -197.08 119.47
CA LEU C 1307 -19.29 -193.42 120.21
CA GLY C 1308 -15.83 -194.51 121.33
CA LEU C 1309 -15.06 -196.28 118.06
CA GLU C 1310 -12.35 -194.66 115.94
CA ARG C 1311 -14.70 -194.87 112.94
CA ALA C 1312 -17.64 -193.21 114.78
CA HIS C 1313 -19.66 -190.94 112.48
CA MET C 1314 -22.29 -188.20 112.33
CA GLY C 1315 -25.16 -190.63 111.68
CA MET C 1316 -24.41 -192.30 115.01
CA PHE C 1317 -24.39 -189.19 117.22
CA THR C 1318 -27.48 -187.87 115.41
CA GLU C 1319 -29.33 -191.13 116.07
CA LEU C 1320 -28.33 -191.47 119.69
CA ALA C 1321 -29.62 -187.98 120.45
CA ILE C 1322 -32.95 -188.71 118.75
CA LEU C 1323 -33.34 -191.99 120.66
CA TYR C 1324 -32.29 -190.32 123.92
CA SER C 1325 -35.00 -187.70 123.43
CA LYS C 1326 -37.87 -190.18 123.26
CA PHE C 1327 -36.33 -192.78 125.65
CA LYS C 1328 -33.88 -191.06 128.03
CA PRO C 1329 -34.49 -187.30 128.03
CA GLN C 1330 -32.24 -186.73 131.03
CA LYS C 1331 -29.27 -187.89 128.93
CA MET C 1332 -30.39 -185.89 125.85
CA ARG C 1333 -28.74 -182.81 127.36
CA GLU C 1334 -25.20 -183.83 128.39
CA HIS C 1335 -25.09 -185.52 124.99
CA LEU C 1336 -25.64 -182.34 122.97
CA GLU C 1337 -23.38 -180.72 125.54
CA LEU C 1338 -20.48 -182.77 124.10
CA PHE C 1339 -21.44 -183.84 120.59
CA TRP C 1340 -23.62 -181.01 119.25
CA SER C 1341 -20.97 -180.35 116.61
CA ARG C 1342 -20.87 -183.95 115.36
CA VAL C 1343 -24.61 -184.20 114.61
CA ASN C 1344 -27.22 -183.18 112.00
CA ILE C 1345 -28.77 -180.31 113.95
CA PRO C 1346 -32.00 -179.79 112.00
CA LYS C 1347 -32.99 -183.41 112.59
CA VAL C 1348 -32.10 -183.34 116.30
CA LEU C 1349 -34.18 -180.17 116.70
CA ARG C 1350 -37.35 -181.55 115.09
CA ALA C 1351 -36.69 -184.36 117.61
CA ALA C 1352 -36.69 -182.19 120.76
CA GLU C 1353 -39.51 -180.09 119.34
CA GLN C 1354 -41.51 -183.30 119.19
CA ALA C 1355 -40.20 -184.25 122.67
CA HIS C 1356 -40.85 -180.87 124.36
CA LEU C 1357 -37.25 -180.63 125.68
CA TRP C 1358 -37.35 -176.83 125.63
CA ALA C 1359 -34.16 -176.36 127.68
CA GLU C 1360 -32.14 -178.29 125.08
CA LEU C 1361 -34.02 -176.85 122.12
CA VAL C 1362 -32.71 -173.42 123.14
CA PHE C 1363 -29.21 -174.83 123.42
CA LEU C 1364 -29.19 -176.02 119.81
CA TYR C 1365 -31.26 -173.12 118.41
CA ASP C 1366 -28.45 -171.16 120.00
CA LYS C 1367 -25.57 -173.11 118.44
CA TYR C 1368 -27.35 -173.43 115.07
CA GLU C 1369 -27.40 -169.64 115.32
CA GLU C 1370 -31.19 -169.59 114.98
CA TYR C 1371 -31.42 -166.90 117.70
CA ASP C 1372 -34.95 -165.66 116.93
CA ASN C 1373 -36.08 -169.21 117.75
CA ALA C 1374 -34.05 -169.56 120.94
CA ILE C 1375 -35.73 -166.40 122.22
CA ILE C 1376 -39.25 -167.26 121.10
CA THR C 1377 -38.72 -170.59 122.88
CA MET C 1378 -37.32 -169.21 126.14
CA MET C 1379 -40.40 -166.95 126.09
CA ASN C 1380 -43.13 -169.59 125.76
CA HIS C 1381 -41.48 -172.12 128.07
CA PRO C 1382 -39.76 -169.92 130.66
CA THR C 1383 -39.73 -172.37 133.55
CA ASP C 1384 -37.63 -174.83 131.47
CA ALA C 1385 -35.69 -172.79 128.91
CA TRP C 1386 -35.50 -169.20 130.16
CA LYS C 1387 -32.29 -168.11 131.87
CA GLU C 1388 -31.70 -164.44 132.77
CA GLY C 1389 -28.12 -164.25 131.58
CA GLN C 1390 -28.33 -165.97 128.23
CA PHE C 1391 -31.54 -164.13 127.37
CA LYS C 1392 -29.53 -160.90 127.60
CA ASP C 1393 -26.94 -162.40 125.22
CA ILE C 1394 -29.14 -163.98 122.57
CA ILE C 1395 -31.82 -161.26 122.38
CA THR C 1396 -29.16 -159.06 120.78
CA LYS C 1397 -28.35 -161.45 117.92
CA VAL C 1398 -32.10 -161.55 117.14
CA ALA C 1399 -32.90 -160.55 113.54
CA ASN C 1400 -36.55 -159.60 113.76
CA VAL C 1401 -36.31 -156.53 116.03
CA GLU C 1402 -40.01 -156.77 116.84
CA LEU C 1403 -39.02 -159.46 119.31
CA TYR C 1404 -37.56 -156.68 121.45
CA TYR C 1405 -40.95 -155.08 122.00
CA ARG C 1406 -42.37 -158.56 122.45
CA ALA C 1407 -39.69 -159.30 125.04
CA ILE C 1408 -40.10 -155.94 126.82
CA GLN C 1409 -43.73 -156.90 127.31
CA PHE C 1410 -42.84 -160.38 128.57
CA TYR C 1411 -40.26 -159.19 131.11
CA LEU C 1412 -42.56 -156.35 132.15
CA GLU C 1413 -45.52 -158.60 132.93
CA PHE C 1414 -43.66 -161.49 134.62
CA LYS C 1415 -40.14 -160.17 135.48
CA PRO C 1416 -40.22 -156.47 136.55
CA LEU C 1417 -36.84 -156.20 138.28
CA LEU C 1418 -35.03 -157.52 135.22
CA LEU C 1419 -36.79 -155.18 132.79
CA ASN C 1420 -34.34 -152.33 133.22
CA ASP C 1421 -31.12 -154.32 132.78
CA LEU C 1422 -32.81 -155.90 129.74
CA LEU C 1423 -33.77 -152.54 128.39
CA MET C 1424 -30.14 -151.44 128.67
CA VAL C 1425 -29.09 -154.16 126.21
CA LEU C 1426 -31.97 -153.45 123.83
CA SER C 1427 -31.15 -149.69 123.69
CA PRO C 1428 -29.04 -149.58 120.47
CA ARG C 1429 -31.86 -150.93 118.28
CA LEU C 1430 -34.82 -149.91 120.41
CA ASP C 1431 -37.27 -147.25 119.12
CA HIS C 1432 -37.31 -145.27 122.41
CA THR C 1433 -40.31 -143.17 121.45
CA ARG C 1434 -42.16 -146.39 120.74
CA ALA C 1435 -40.83 -147.84 124.00
CA VAL C 1436 -41.72 -144.91 126.18
CA ASN C 1437 -45.20 -144.67 124.67
CA TYR C 1438 -45.92 -148.30 125.63
CA PHE C 1439 -44.66 -147.94 129.21
CA SER C 1440 -46.75 -144.78 129.50
CA LYS C 1441 -50.00 -146.27 128.19
CA VAL C 1442 -49.19 -149.18 130.51
CA LYS C 1443 -48.59 -146.60 133.29
CA GLN C 1444 -45.26 -148.14 134.23
CA LEU C 1445 -42.87 -145.21 133.66
CA PRO C 1446 -41.69 -145.07 137.28
CA LEU C 1447 -40.20 -148.55 136.87
CA VAL C 1448 -38.20 -147.81 133.75
CA LYS C 1449 -36.74 -144.66 135.21
CA PRO C 1450 -33.10 -146.00 135.17
CA TYR C 1451 -33.53 -146.66 131.46
CA LEU C 1452 -35.09 -143.29 130.80
CA ARG C 1453 -32.12 -141.46 132.28
CA SER C 1454 -29.80 -143.78 130.31
CA VAL C 1455 -31.52 -142.61 127.11
CA GLN C 1456 -32.65 -139.05 127.79
CA ASN C 1457 -29.36 -137.85 126.31
CA HIS C 1458 -31.01 -138.40 122.91
CA ASN C 1459 -33.09 -135.27 123.64
CA ASN C 1460 -36.06 -137.40 122.74
CA LYS C 1461 -39.42 -135.71 123.41
CA SER C 1462 -41.60 -138.45 124.84
CA VAL C 1463 -38.53 -139.26 126.95
CA ASN C 1464 -38.07 -135.81 128.49
CA GLU C 1465 -41.79 -135.23 128.96
CA SER C 1466 -42.06 -138.68 130.46
CA LEU C 1467 -38.93 -138.29 132.53
CA ASN C 1468 -39.92 -134.83 133.80
CA ASN C 1469 -43.32 -136.02 135.02
CA LEU C 1470 -41.36 -138.32 137.28
CA PHE C 1471 -39.11 -135.67 138.77
CA ILE C 1472 -42.31 -133.77 139.40
CA THR C 1473 -44.36 -136.50 141.11
CA GLU C 1474 -41.30 -137.23 143.19
CA GLU C 1475 -40.85 -133.56 144.01
CA ASP C 1476 -37.30 -133.70 142.62
CA TYR C 1477 -36.94 -130.09 141.40
CA GLN C 1478 -33.14 -130.00 141.13
CA ALA C 1479 -33.37 -132.92 138.74
CA LEU C 1480 -36.17 -131.20 136.81
CA ARG C 1481 -34.14 -128.03 136.52
CA THR C 1482 -31.18 -129.83 134.96
CA SER C 1483 -33.44 -131.82 132.65
CA ILE C 1484 -35.11 -128.74 131.21
CA ASP C 1485 -31.64 -127.23 131.02
CA ALA C 1486 -29.66 -129.99 129.32
CA TYR C 1487 -32.48 -131.30 127.06
CA ASP C 1488 -34.91 -128.92 125.37
CA ASN C 1489 -37.35 -131.11 123.43
CA PHE C 1490 -40.55 -130.57 125.43
CA ASP C 1491 -43.58 -128.29 125.77
CA ASN C 1492 -42.39 -125.61 128.22
CA ILE C 1493 -45.67 -123.71 128.25
CA SER C 1494 -47.58 -126.85 129.14
CA LEU C 1495 -45.04 -127.55 131.88
CA ALA C 1496 -44.98 -123.89 132.81
CA GLN C 1497 -48.75 -123.87 133.15
CA ARG C 1498 -48.80 -127.17 135.00
CA LEU C 1499 -46.12 -125.93 137.44
CA GLU C 1500 -46.98 -122.14 138.13
CA LYS C 1501 -49.72 -122.67 140.58
CA HIS C 1502 -47.49 -125.02 142.61
CA GLU C 1503 -47.46 -124.55 146.36
CA LEU C 1504 -43.70 -125.08 146.70
CA ILE C 1505 -41.55 -121.97 146.36
CA GLU C 1506 -38.80 -123.77 144.51
CA PHE C 1507 -41.28 -124.56 141.78
CA ARG C 1508 -43.08 -121.24 141.65
CA ARG C 1509 -39.63 -119.75 141.16
CA ILE C 1510 -39.04 -122.12 138.26
CA ALA C 1511 -42.30 -121.13 136.64
CA ALA C 1512 -41.14 -117.52 136.74
CA TYR C 1513 -37.84 -118.61 135.23
CA LEU C 1514 -39.71 -120.48 132.43
CA PHE C 1515 -41.90 -117.48 131.54
CA LYS C 1516 -38.52 -115.56 131.30
CA GLY C 1517 -35.59 -118.15 130.70
CA ASN C 1518 -37.72 -118.93 127.79
CA ASN C 1519 -37.36 -115.20 127.45
CA ARG C 1520 -40.91 -114.57 128.50
CA TRP C 1521 -39.80 -111.62 130.58
CA LYS C 1522 -43.28 -110.10 130.78
CA GLN C 1523 -44.53 -113.19 132.57
CA SER C 1524 -41.52 -113.45 134.80
CA VAL C 1525 -42.11 -109.90 135.98
CA GLU C 1526 -45.81 -110.40 136.54
CA LEU C 1527 -45.02 -113.61 138.40
CA CYS C 1528 -42.41 -111.77 140.41
CA LYS C 1529 -45.04 -109.19 141.27
CA LYS C 1530 -46.72 -111.82 143.55
CA ASP C 1531 -43.47 -112.64 144.80
CA SER C 1532 -41.93 -110.12 142.66
CA LEU C 1533 -38.94 -109.71 144.98
CA TYR C 1534 -36.32 -107.03 145.31
CA LYS C 1535 -33.55 -109.36 144.25
CA ASP C 1536 -33.57 -110.92 140.75
CA ALA C 1537 -35.93 -108.18 139.72
CA MET C 1538 -32.97 -105.89 139.68
CA GLN C 1539 -30.92 -108.43 137.80
CA TYR C 1540 -33.28 -109.40 135.03
CA ALA C 1541 -34.99 -106.05 134.57
CA SER C 1542 -31.82 -104.96 132.86
CA GLU C 1543 -32.09 -107.89 130.49
CA SER C 1544 -35.70 -106.81 129.90
CA LYS C 1545 -35.61 -106.48 126.50
CA ASP C 1546 -38.32 -103.86 127.02
CA THR C 1547 -36.77 -100.87 128.61
CA GLU C 1548 -40.08 -99.12 128.99
CA LEU C 1549 -40.81 -101.56 131.24
CA ALA C 1550 -38.18 -99.48 133.02
CA GLU C 1551 -40.50 -96.51 133.20
CA GLU C 1552 -43.37 -98.76 134.10
CA LEU C 1553 -41.33 -100.44 136.81
CA LEU C 1554 -40.06 -97.20 138.23
CA GLN C 1555 -43.57 -95.98 138.71
CA TRP C 1556 -44.69 -99.31 140.06
CA PHE C 1557 -41.96 -99.56 142.68
CA LEU C 1558 -42.47 -96.04 143.83
CA GLN C 1559 -46.23 -96.36 143.98
CA GLU C 1560 -46.40 -99.89 145.28
CA GLU C 1561 -44.40 -99.01 148.38
CA LYS C 1562 -40.83 -99.03 146.91
CA ARG C 1563 -39.17 -98.67 148.84
CA GLU C 1564 -37.94 -96.21 146.48
CA CYS C 1565 -35.55 -93.82 148.17
CA PHE C 1566 -33.06 -96.49 149.07
CA GLY C 1567 -33.52 -98.43 145.86
CA ALA C 1568 -33.13 -95.17 143.96
CA CYS C 1569 -29.71 -94.69 145.45
CA LEU C 1570 -28.66 -98.15 144.44
CA PHE C 1571 -30.48 -97.75 141.17
CA THR C 1572 -28.50 -94.63 140.38
CA CYS C 1573 -25.38 -96.67 140.90
CA TYR C 1574 -26.44 -99.30 138.39
CA ASP C 1575 -27.27 -96.74 135.92
CA LEU C 1576 -25.61 -97.90 133.11
CA LEU C 1577 -29.17 -96.17 130.66
CA ARG C 1578 -31.78 -93.15 129.96
CA PRO C 1579 -33.38 -90.55 131.70
CA ASP C 1580 -33.35 -87.85 133.33
CA VAL C 1581 -36.86 -87.49 132.79
CA VAL C 1582 -37.30 -89.66 135.83
CA LEU C 1583 -35.23 -87.27 137.86
CA GLU C 1584 -37.23 -84.32 136.64
CA THR C 1585 -40.51 -86.13 136.95
CA ALA C 1586 -39.65 -87.31 140.43
CA TRP C 1587 -39.53 -83.69 141.50
CA ARG C 1588 -43.18 -83.46 140.60
CA HIS C 1589 -43.71 -85.98 143.34
CA ASN C 1590 -42.04 -85.48 146.65
CA ILE C 1591 -38.29 -85.44 145.99
CA MET C 1592 -37.62 -86.51 149.51
CA ASP C 1593 -37.70 -89.83 147.76
CA PHE C 1594 -35.52 -88.46 145.07
CA ALA C 1595 -32.55 -88.50 147.02
CA MET C 1596 -30.54 -90.99 146.63
CA PRO C 1597 -27.53 -89.48 145.58
CA TYR C 1598 -24.80 -90.77 146.82
CA PHE C 1599 -24.26 -93.08 144.05
CA ILE C 1600 -25.79 -90.94 141.54
CA GLN C 1601 -22.50 -89.34 142.73
CA VAL C 1602 -20.57 -92.25 141.25
CA MET C 1603 -22.17 -91.64 137.87
CA LYS C 1604 -21.40 -87.99 138.08
CA GLU C 1605 -17.70 -88.89 138.84
CA TYR C 1606 -17.88 -90.91 135.65
CA LEU C 1607 -19.04 -87.97 133.51
CA THR C 1608 -16.40 -85.70 134.89
CA LYS C 1609 -13.70 -88.22 134.20
CA VAL C 1610 -14.92 -88.38 130.57
CA ASP C 1611 -14.71 -84.59 130.17
CA LYS C 1612 -11.39 -84.28 131.89
CA LEU C 1613 -10.30 -87.01 129.53
CA ASP C 1614 -11.61 -85.56 126.28
CA ALA C 1615 -10.06 -82.31 127.36
CA SER C 1616 -6.59 -83.79 127.58
CA GLU C 1617 -7.29 -85.36 124.19
CA SER C 1618 -8.23 -82.10 122.40
CA LEU C 1619 -5.31 -80.33 124.06
CA ARG C 1620 -2.97 -83.10 122.84
CA LYS C 1621 -4.32 -82.36 119.32
CA GLU C 1622 -4.07 -78.58 119.53
CA GLU C 1623 -0.49 -79.11 120.58
CA GLU C 1624 -0.07 -81.16 117.38
CA GLN C 1625 -1.64 -78.86 114.78
CA ALA C 1626 0.17 -76.06 116.54
CA THR C 1627 3.57 -77.65 116.25
CA GLU C 1628 3.03 -78.58 112.60
CA THR C 1629 1.90 -75.11 111.45
CA GLN C 1630 4.99 -73.84 113.03
CA MET D 1 47.22 -21.85 55.32
CA ALA D 2 44.78 -23.66 52.97
CA GLN D 3 41.33 -22.33 53.59
CA ILE D 4 38.60 -24.46 52.09
CA LEU D 5 38.50 -28.20 52.12
CA PRO D 6 38.72 -29.35 48.44
CA ILE D 7 38.08 -33.08 49.11
CA ARG D 8 35.82 -35.20 51.34
CA PHE D 9 37.44 -37.90 53.44
CA GLN D 10 34.75 -40.46 54.43
CA GLU D 11 34.88 -43.72 56.41
CA HIS D 12 32.24 -46.04 54.99
CA LEU D 13 32.58 -48.83 57.48
CA GLN D 14 34.92 -50.13 60.15
CA LEU D 15 35.58 -53.79 59.56
CA GLN D 16 36.26 -54.88 63.10
CA ASN D 17 32.75 -53.64 63.92
CA LEU D 18 31.71 -56.57 61.78
CA GLY D 19 33.80 -58.59 64.10
CA ILE D 20 36.46 -59.42 61.53
CA ASN D 21 39.77 -60.75 62.81
CA PRO D 22 42.27 -57.96 62.08
CA ALA D 23 44.79 -60.65 61.26
CA ASN D 24 42.70 -61.12 58.15
CA ILE D 25 42.63 -57.52 56.96
CA GLY D 26 45.52 -57.75 54.57
CA PHE D 27 46.64 -58.05 50.95
CA SER D 28 46.39 -61.79 50.91
CA THR D 29 43.22 -62.27 52.83
CA LEU D 30 41.25 -59.18 51.86
CA THR D 31 40.31 -58.17 48.35
CA MET D 32 38.43 -55.25 46.87
CA GLU D 33 37.88 -55.67 43.06
CA SER D 34 35.32 -52.89 42.96
CA ASP D 35 33.49 -50.62 45.42
CA LYS D 36 30.67 -53.20 45.38
CA PHE D 37 32.01 -55.96 47.65
CA ILE D 38 34.83 -56.67 50.02
CA CYS D 39 35.82 -60.26 50.48
CA ILE D 40 37.77 -61.66 53.46
CA ARG D 41 39.04 -65.22 53.85
CA GLU D 42 38.90 -66.18 57.60
CA LYS D 43 39.62 -69.42 59.51
CA VAL D 44 36.91 -69.28 62.13
CA GLY D 45 38.11 -71.75 64.68
CA GLU D 46 39.62 -74.58 62.70
CA GLN D 47 37.23 -73.83 59.83
CA ALA D 48 37.85 -71.75 56.74
CA GLN D 49 35.30 -69.38 55.34
CA VAL D 50 34.76 -66.40 53.09
CA VAL D 51 33.06 -63.32 54.33
CA ILE D 52 31.53 -61.24 51.57
CA ILE D 53 30.63 -57.70 52.41
CA ASP D 54 28.25 -56.08 49.97
CA MET D 55 28.90 -52.44 50.24
CA ASN D 56 25.26 -51.81 49.68
CA ASP D 57 24.29 -53.10 53.13
CA PRO D 58 27.64 -53.62 54.76
CA SER D 59 25.92 -54.19 58.05
CA ASN D 60 25.23 -57.69 56.91
CA PRO D 61 28.13 -59.82 55.59
CA ILE D 62 27.56 -63.19 53.78
CA ARG D 63 29.71 -66.00 55.20
CA ARG D 64 30.44 -69.37 53.55
CA PRO D 65 32.83 -72.17 54.49
CA ILE D 66 35.12 -72.19 51.58
CA SER D 67 38.69 -73.32 51.60
CA ALA D 68 40.46 -71.36 48.90
CA ASP D 69 43.99 -70.12 48.40
CA SER D 70 42.22 -67.01 47.19
CA ALA D 71 38.84 -65.48 46.44
CA ILE D 72 37.90 -62.41 44.42
CA MET D 73 34.37 -61.24 43.74
CA ASN D 74 32.92 -60.00 40.48
CA PRO D 75 33.09 -56.27 40.07
CA ALA D 76 29.35 -56.25 39.84
CA SER D 77 27.55 -59.47 40.33
CA LYS D 78 27.34 -62.04 43.08
CA VAL D 79 29.79 -64.29 41.23
CA ILE D 80 33.03 -65.24 42.99
CA ALA D 81 36.25 -66.71 41.66
CA LEU D 82 37.86 -69.19 44.04
CA LYS D 83 41.29 -70.62 43.54
CA ALA D 84 42.34 -73.92 45.06
CA GLY D 85 46.03 -74.08 44.31
CA LYS D 86 45.74 -74.62 40.56
CA THR D 87 42.10 -75.32 40.17
CA LEU D 88 40.29 -72.09 39.41
CA GLN D 89 36.53 -72.04 39.97
CA ILE D 90 33.92 -69.33 39.20
CA PHE D 91 30.90 -69.90 41.44
CA ASN D 92 27.59 -68.09 41.65
CA ILE D 93 27.26 -67.02 45.32
CA GLU D 94 23.77 -65.72 44.48
CA MET D 95 22.25 -69.06 43.55
CA LYS D 96 25.01 -71.29 44.88
CA SER D 97 25.60 -72.86 41.45
CA LYS D 98 29.07 -73.62 40.07
CA MET D 99 29.54 -71.58 36.93
CA LYS D 100 32.86 -72.83 35.59
CA ALA D 101 36.31 -74.15 36.53
CA HIS D 102 39.74 -74.89 35.14
CA THR D 103 42.92 -76.42 36.42
CA MET D 104 45.72 -74.25 35.31
CA THR D 105 48.96 -75.97 34.24
CA ASP D 106 51.06 -73.67 36.37
CA ASP D 107 49.91 -71.84 39.51
CA VAL D 108 48.16 -68.54 39.13
CA THR D 109 50.41 -66.17 40.93
CA PHE D 110 48.07 -63.15 41.04
CA TRP D 111 44.64 -62.76 39.45
CA LYS D 112 41.90 -60.14 39.29
CA TRP D 113 38.68 -59.24 37.58
CA ILE D 114 39.46 -56.78 34.80
CA SER D 115 35.84 -56.38 33.94
CA LEU D 116 32.31 -57.42 34.51
CA ASN D 117 33.13 -60.86 33.20
CA THR D 118 36.77 -61.58 32.66
CA VAL D 119 39.40 -62.64 35.19
CA ALA D 120 43.12 -62.08 34.60
CA LEU D 121 45.42 -64.93 35.64
CA VAL D 122 49.01 -64.10 36.14
CA THR D 123 51.32 -67.03 35.94
CA ASP D 124 54.95 -67.06 36.64
CA ASN D 125 55.43 -66.71 32.88
CA ALA D 126 52.24 -65.42 31.37
CA VAL D 127 49.07 -63.42 31.78
CA TYR D 128 45.80 -64.99 30.50
CA HIS D 129 42.25 -63.66 30.46
CA TRP D 130 39.37 -66.00 31.39
CA SER D 131 35.82 -65.05 30.53
CA MET D 132 33.24 -66.20 33.05
CA GLU D 133 31.09 -66.76 29.98
CA GLY D 134 30.56 -70.11 28.27
CA GLU D 135 32.68 -73.21 27.98
CA SER D 136 35.64 -71.03 26.99
CA GLN D 137 38.99 -71.56 28.66
CA PRO D 138 41.81 -69.15 29.74
CA VAL D 139 43.44 -67.32 26.79
CA LYS D 140 47.09 -66.25 26.97
CA MET D 141 47.45 -62.52 26.15
CA PHE D 142 51.16 -62.27 26.50
CA ASP D 143 54.29 -63.56 28.18
CA ARG D 144 55.81 -61.93 31.18
CA HIS D 145 58.63 -59.61 30.27
CA SER D 146 61.91 -60.36 31.99
CA SER D 147 62.31 -57.16 33.92
CA LEU D 148 59.59 -58.57 36.13
CA ALA D 149 61.35 -61.84 36.94
CA GLY D 150 61.16 -62.71 40.61
CA CYS D 151 58.92 -59.67 41.27
CA GLN D 152 56.13 -59.66 43.81
CA ILE D 153 53.20 -59.06 41.43
CA ILE D 154 50.99 -56.36 42.95
CA ASN D 155 48.64 -55.34 40.17
CA TYR D 156 47.34 -55.79 36.65
CA ARG D 157 45.36 -53.21 34.69
CA THR D 158 43.86 -52.73 31.27
CA ASP D 159 42.62 -49.80 29.24
CA ALA D 160 38.85 -49.64 28.63
CA LYS D 161 39.26 -51.38 25.33
CA GLN D 162 41.61 -54.03 26.73
CA LYS D 163 43.99 -53.23 23.94
CA TRP D 164 46.80 -52.14 26.33
CA LEU D 165 47.59 -54.26 29.39
CA LEU D 166 49.89 -53.36 32.27
CA LEU D 167 51.53 -55.68 34.78
CA THR D 168 53.29 -54.42 37.95
CA GLY D 169 55.53 -56.04 40.43
CA ILE D 170 57.91 -54.68 43.06
CA SER D 171 61.31 -55.74 44.31
CA ALA D 172 63.44 -54.88 47.32
CA GLN D 173 66.42 -54.09 45.28
CA GLN D 174 69.37 -52.87 47.12
CA ASN D 175 67.37 -51.44 50.04
CA ARG D 176 64.44 -49.79 48.05
CA VAL D 177 61.09 -51.16 46.94
CA VAL D 178 61.59 -50.85 43.25
CA GLY D 179 58.52 -51.26 40.98
CA ALA D 180 58.53 -52.94 37.59
CA MET D 181 55.80 -52.48 35.03
CA GLN D 182 55.27 -54.26 31.74
CA LEU D 183 53.08 -52.35 29.27
CA TYR D 184 51.91 -54.79 26.56
CA SER D 185 50.28 -53.68 23.31
CA VAL D 186 47.63 -56.11 22.14
CA ASP D 187 47.05 -54.76 18.67
CA ARG D 188 50.73 -54.05 17.95
CA LYS D 189 51.81 -57.25 19.73
CA VAL D 190 54.75 -55.41 21.33
CA SER D 191 55.60 -54.97 24.99
CA GLN D 192 57.80 -52.56 26.94
CA PRO D 193 59.23 -52.22 30.44
CA ILE D 194 58.68 -49.08 32.58
CA GLU D 195 59.83 -48.41 36.13
CA GLY D 196 56.63 -47.60 37.90
CA HIS D 197 54.97 -47.92 41.21
CA ALA D 198 51.34 -47.22 40.48
CA ALA D 199 49.30 -46.42 37.36
CA SER D 200 45.93 -46.37 35.72
CA PHE D 201 44.52 -45.68 32.22
CA ALA D 202 41.88 -43.07 31.42
CA GLN D 203 39.67 -42.03 28.51
CA PHE D 204 39.95 -38.30 28.00
CA LYS D 205 38.44 -36.27 25.20
CA MET D 206 40.82 -33.33 24.68
CA GLU D 207 39.61 -29.81 24.10
CA GLY D 208 38.80 -29.63 20.42
CA ASN D 209 38.91 -33.34 19.51
CA ALA D 210 35.93 -35.53 18.84
CA GLU D 211 37.35 -38.68 20.19
CA GLU D 212 38.60 -39.63 23.59
CA SER D 213 42.24 -40.21 23.92
CA THR D 214 43.32 -43.23 25.93
CA LEU D 215 45.79 -42.12 28.50
CA PHE D 216 48.11 -44.15 30.66
CA CYS D 217 49.16 -42.47 33.86
CA PHE D 218 51.79 -43.85 36.14
CA ALA D 219 53.84 -42.77 39.09
CA VAL D 220 57.11 -43.80 40.57
CA ARG D 221 59.74 -42.79 43.01
CA GLY D 222 63.17 -43.38 41.48
CA GLN D 223 66.69 -42.05 42.08
CA ALA D 224 65.55 -38.75 40.62
CA GLY D 225 62.67 -38.68 43.00
CA GLY D 226 59.04 -39.39 42.36
CA LYS D 227 57.39 -38.37 39.18
CA LEU D 228 54.03 -38.82 37.60
CA HIS D 229 53.67 -39.34 33.85
CA ILE D 230 50.50 -38.98 31.79
CA ILE D 231 50.90 -40.14 28.18
CA GLU D 232 48.52 -41.02 25.34
CA VAL D 233 48.74 -44.65 24.40
CA GLY D 234 48.53 -45.82 20.77
CA THR D 235 47.38 -43.86 17.67
CA PRO D 236 45.03 -40.93 18.09
CA PRO D 237 41.62 -41.43 16.59
CA THR D 238 41.88 -40.16 13.07
CA GLY D 239 41.31 -36.42 13.16
CA ASN D 240 42.41 -36.00 16.76
CA GLN D 241 45.23 -33.72 17.78
CA PRO D 242 47.56 -35.78 19.86
CA PHE D 243 47.71 -35.38 23.64
CA PRO D 244 51.03 -33.89 24.74
CA LYS D 245 52.73 -36.36 27.06
CA LYS D 246 53.10 -34.90 30.61
CA ALA D 247 55.49 -35.37 33.53
CA VAL D 248 55.21 -33.86 36.99
CA ASP D 249 57.09 -34.69 40.12
CA VAL D 250 55.28 -36.11 43.12
CA PHE D 251 56.57 -34.70 46.35
CA PHE D 252 57.59 -36.64 49.41
CA PRO D 253 58.29 -34.82 52.64
CA PRO D 254 61.42 -35.62 54.65
CA GLU D 255 59.23 -37.26 57.27
CA ALA D 256 58.00 -39.41 54.39
CA GLN D 257 61.35 -41.15 54.53
CA ASN D 258 60.99 -44.08 52.24
CA ASP D 259 57.44 -43.64 51.07
CA PHE D 260 56.52 -44.52 47.47
CA PRO D 261 53.36 -44.72 45.28
CA VAL D 262 51.08 -47.59 45.97
CA ALA D 263 47.70 -46.95 44.34
CA MET D 264 46.09 -44.74 41.71
CA GLN D 265 42.59 -44.19 40.46
CA ILE D 266 41.41 -41.47 38.17
CA SER D 267 38.06 -39.74 38.25
CA GLU D 268 36.63 -39.70 34.79
CA LYS D 269 33.92 -37.45 36.13
CA HIS D 270 36.44 -34.74 37.19
CA ASP D 271 39.64 -35.70 35.30
CA VAL D 272 41.61 -35.81 38.49
CA VAL D 273 44.26 -38.36 39.33
CA PHE D 274 44.18 -39.78 42.85
CA LEU D 275 47.49 -41.13 44.10
CA ILE D 276 47.97 -42.95 47.45
CA THR D 277 51.44 -43.58 48.91
CA LYS D 278 52.71 -46.42 51.10
CA TYR D 279 52.53 -44.28 54.27
CA GLY D 280 48.94 -43.15 53.86
CA TYR D 281 49.36 -39.89 51.86
CA ILE D 282 46.99 -38.75 49.14
CA HIS D 283 47.55 -36.44 46.18
CA LEU D 284 45.17 -35.13 43.56
CA TYR D 285 46.58 -34.14 40.18
CA ASP D 286 44.83 -32.63 37.18
CA LEU D 287 44.69 -35.38 34.54
CA GLU D 288 45.09 -33.11 31.53
CA THR D 289 48.04 -31.05 32.80
CA GLY D 290 49.45 -33.02 35.65
CA THR D 291 49.15 -30.01 37.90
CA CYS D 292 49.18 -30.98 41.58
CA ILE D 293 45.95 -29.80 43.14
CA TYR D 294 46.10 -31.19 46.67
CA MET D 295 48.16 -33.35 49.04
CA ASN D 296 47.62 -34.47 52.60
CA ARG D 297 47.81 -37.46 54.81
CA ILE D 298 44.69 -39.40 55.54
CA SER D 299 45.99 -42.63 57.03
CA GLY D 300 48.97 -43.62 59.10
CA GLU D 301 48.39 -47.26 58.35
CA THR D 302 48.76 -48.40 54.72
CA ILE D 303 45.75 -48.47 52.38
CA PHE D 304 46.58 -51.87 50.89
CA VAL D 305 43.78 -52.06 48.37
CA THR D 306 41.65 -49.59 46.47
CA ALA D 307 39.18 -49.08 43.69
CA PRO D 308 37.44 -46.35 42.02
CA HIS D 309 34.43 -45.09 44.01
CA GLU D 310 31.66 -44.81 41.51
CA ALA D 311 29.22 -42.86 43.63
CA THR D 312 31.60 -40.01 44.11
CA ALA D 313 34.02 -40.53 41.26
CA GLY D 314 36.75 -40.80 43.84
CA ILE D 315 38.85 -43.48 45.41
CA ILE D 316 37.91 -46.02 48.15
CA GLY D 317 40.31 -48.36 49.91
CA VAL D 318 40.89 -50.33 53.09
CA ASN D 319 43.80 -49.98 55.48
CA ARG D 320 45.32 -52.18 58.15
CA LYS D 321 42.96 -51.04 60.94
CA GLY D 322 39.99 -52.18 58.92
CA GLN D 323 38.91 -48.73 57.90
CA VAL D 324 37.16 -48.63 54.56
CA LEU D 325 38.11 -45.02 53.58
CA SER D 326 37.29 -42.93 50.61
CA VAL D 327 38.41 -39.56 49.14
CA CYS D 328 36.84 -37.48 46.41
CA VAL D 329 36.61 -33.93 44.99
CA GLU D 330 34.12 -31.75 46.84
CA GLU D 331 32.42 -30.42 43.72
CA GLU D 332 31.39 -27.30 45.46
CA ASN D 333 34.79 -26.39 46.97
CA ILE D 334 37.38 -27.29 44.33
CA ILE D 335 37.02 -24.45 41.83
CA PRO D 336 37.11 -21.93 44.80
CA TYR D 337 40.07 -23.82 46.28
CA ILE D 338 42.09 -23.67 43.00
CA THR D 339 41.29 -19.96 42.68
CA ASN D 340 41.94 -18.87 46.28
CA VAL D 341 44.30 -21.38 47.88
CA LEU D 342 46.13 -22.46 44.66
CA GLN D 343 45.74 -18.96 43.35
CA ASN D 344 45.47 -20.46 39.92
CA PRO D 345 42.31 -18.95 38.33
CA ASP D 346 43.26 -20.18 34.96
CA LEU D 347 43.33 -23.85 36.04
CA ALA D 348 40.17 -23.01 37.96
CA LEU D 349 38.20 -21.68 35.01
CA ARG D 350 39.36 -24.50 32.78
CA MET D 351 38.59 -27.20 35.23
CA ALA D 352 35.24 -25.39 35.91
CA VAL D 353 34.06 -25.22 32.32
CA ARG D 354 35.65 -28.54 31.40
CA ASN D 355 33.76 -30.22 34.19
CA ASN D 356 30.79 -27.99 34.67
CA LEU D 357 31.72 -27.35 38.25
CA ALA D 358 30.79 -24.21 40.18
CA GLY D 359 32.63 -21.50 42.01
CA ALA D 360 34.06 -19.42 39.20
CA GLU D 361 30.98 -17.30 38.52
CA GLU D 362 32.72 -13.96 39.18
CA LEU D 363 35.63 -14.84 36.95
CA PHE D 364 33.24 -15.75 34.15
CA ALA D 365 31.16 -12.59 34.32
CA ARG D 366 34.46 -10.68 34.47
CA LYS D 367 35.75 -12.56 31.42
CA PHE D 368 32.50 -12.01 29.51
CA ASN D 369 32.33 -8.35 30.41
CA ALA D 370 35.95 -7.98 29.38
CA LEU D 371 35.49 -9.49 25.95
CA PHE D 372 32.36 -7.32 25.51
CA ALA D 373 34.40 -4.11 25.54
CA GLN D 374 36.97 -5.36 23.10
CA GLY D 375 33.66 -5.97 21.35
CA ASN D 376 34.57 -9.57 20.58
CA TYR D 377 30.93 -10.43 20.88
CA SER D 378 31.85 -13.78 19.46
CA GLU D 379 34.35 -14.69 22.13
CA ALA D 380 32.07 -13.12 24.71
CA ALA D 381 29.21 -15.44 23.63
CA LYS D 382 31.40 -18.52 23.66
CA VAL D 383 32.03 -17.73 27.32
CA ALA D 384 28.36 -17.28 28.18
CA ALA D 385 27.44 -20.39 26.25
CA ASN D 386 29.99 -22.57 28.02
CA ALA D 387 30.37 -21.12 31.50
CA PRO D 388 28.97 -23.76 34.00
CA LYS D 389 25.60 -24.16 35.62
CA GLY D 390 24.08 -21.73 33.13
CA ILE D 391 25.47 -18.78 34.95
CA LEU D 392 25.45 -16.46 31.82
CA ARG D 393 22.69 -18.09 29.73
CA THR D 394 20.45 -15.38 30.99
CA PRO D 395 17.73 -13.06 29.61
CA ASP D 396 19.92 -10.27 30.66
CA THR D 397 22.69 -11.83 28.62
CA ILE D 398 20.35 -11.83 25.62
CA ARG D 399 19.37 -8.18 26.41
CA ARG D 400 23.06 -7.35 26.38
CA PHE D 401 23.67 -8.75 22.90
CA GLN D 402 20.33 -7.41 21.75
CA SER D 403 21.53 -3.89 22.60
CA VAL D 404 24.53 -3.59 20.32
CA PRO D 405 23.71 -2.47 16.79
CA ALA D 406 24.36 -4.48 13.69
CA GLN D 407 26.84 -2.29 11.79
CA PRO D 408 26.44 -2.96 8.03
CA GLY D 409 28.06 -6.22 6.91
CA GLN D 410 28.67 -9.06 9.43
CA THR D 411 26.11 -10.82 11.61
CA SER D 412 24.50 -9.37 14.79
CA PRO D 413 26.13 -10.15 18.11
CA LEU D 414 22.82 -11.67 19.16
CA LEU D 415 22.33 -13.77 16.13
CA GLN D 416 25.98 -14.64 16.62
CA TYR D 417 25.35 -15.78 20.23
CA PHE D 418 22.21 -17.70 19.20
CA GLY D 419 24.39 -19.29 16.60
CA ILE D 420 26.76 -20.61 19.24
CA LEU D 421 23.91 -21.87 21.32
CA LEU D 422 22.18 -23.61 18.39
CA ASP D 423 25.47 -25.34 17.74
CA GLN D 424 26.09 -26.07 21.37
CA GLY D 425 22.65 -27.62 21.53
CA GLN D 426 19.02 -26.95 22.35
CA LEU D 427 17.69 -23.50 23.40
CA ASN D 428 15.31 -22.90 26.38
CA LYS D 429 11.91 -21.36 26.41
CA TYR D 430 13.05 -17.74 26.64
CA GLU D 431 15.82 -18.17 24.09
CA SER D 432 13.60 -19.93 21.63
CA LEU D 433 11.06 -17.13 21.97
CA GLU D 434 13.70 -14.41 21.48
CA LEU D 435 15.17 -16.30 18.54
CA CYS D 436 11.83 -16.92 16.86
CA ARG D 437 9.98 -13.66 17.42
CA PRO D 438 11.86 -11.66 14.71
CA VAL D 439 12.20 -14.57 12.19
CA LEU D 440 8.45 -15.13 12.44
CA GLN D 441 7.92 -11.50 11.47
CA GLN D 442 10.39 -11.83 8.61
CA GLY D 443 8.06 -14.44 7.04
CA ARG D 444 10.74 -17.01 7.55
CA LYS D 445 8.67 -20.18 8.08
CA GLN D 446 11.04 -22.64 6.58
CA LEU D 447 13.77 -21.57 9.05
CA LEU D 448 11.75 -22.13 12.19
CA GLU D 449 10.55 -25.35 10.55
CA LYS D 450 14.11 -26.66 10.41
CA TRP D 451 14.98 -25.44 13.87
CA LEU D 452 11.88 -27.37 15.02
CA LYS D 453 12.60 -30.59 13.14
CA GLU D 454 16.25 -30.66 14.05
CA ASP D 455 14.65 -30.40 17.48
CA LYS D 456 16.53 -27.23 18.51
CA LEU D 457 13.67 -25.22 20.12
CA GLU D 458 12.01 -25.93 23.43
CA CYS D 459 9.66 -25.10 22.00
CA SER D 460 7.18 -23.26 24.21
CA GLU D 461 3.58 -21.98 23.95
CA GLU D 462 5.04 -18.49 23.73
CA LEU D 463 7.61 -19.13 20.98
CA GLY D 464 4.61 -20.58 19.25
CA ASP D 465 2.41 -17.54 19.81
CA LEU D 466 5.25 -15.50 18.31
CA VAL D 467 5.33 -17.70 15.26
CA LYS D 468 1.53 -17.69 14.99
CA SER D 469 1.98 -13.95 14.37
CA VAL D 470 3.78 -14.90 11.18
CA ASP D 471 2.88 -18.48 10.40
CA PRO D 472 -0.15 -19.76 12.25
CA THR D 473 0.66 -23.03 10.44
CA LEU D 474 4.29 -23.08 11.65
CA ALA D 475 2.86 -22.57 15.16
CA LEU D 476 1.05 -25.93 15.48
CA SER D 477 4.44 -27.41 14.87
CA VAL D 478 6.01 -25.75 17.97
CA TYR D 479 2.88 -26.15 20.03
CA LEU D 480 2.59 -29.79 19.15
CA ARG D 481 6.16 -29.88 20.58
CA ALA D 482 5.46 -27.43 23.29
CA ASN D 483 2.49 -27.05 25.89
CA VAL D 484 -0.42 -30.18 24.48
CA PRO D 485 -0.79 -23.92 25.11
CA ASN D 486 -3.56 -25.51 23.12
CA LYS D 487 -6.08 -22.83 23.80
CA VAL D 488 -3.70 -20.14 22.72
CA ILE D 489 -2.77 -21.86 19.49
CA GLN D 490 -6.34 -22.34 18.42
CA CYS D 491 -7.10 -18.81 19.32
CA PHE D 492 -5.17 -16.58 17.03
CA ALA D 493 -5.06 -19.46 14.66
CA GLU D 494 -8.30 -18.61 13.09
CA THR D 495 -6.01 -19.03 10.18
CA GLY D 496 -3.83 -22.09 10.19
CA GLN D 497 -3.66 -25.59 8.89
CA VAL D 498 -6.81 -27.61 9.22
CA GLN D 499 -5.05 -30.79 10.21
CA LYS D 500 -3.31 -29.21 13.16
CA ILE D 501 -6.49 -27.53 14.23
CA VAL D 502 -8.45 -30.73 14.33
CA LEU D 503 -5.93 -32.32 16.66
CA TYR D 504 -5.34 -29.39 18.98
CA ALA D 505 -8.88 -28.13 19.26
CA LYS D 506 -9.82 -31.20 21.27
CA LYS D 507 -7.04 -30.49 23.74
CA VAL D 508 -8.29 -26.95 24.32
CA GLY D 509 -7.88 -26.41 25.82
CA TYR D 510 -9.47 -24.48 25.10
CA THR D 511 -12.75 -25.30 23.51
CA PRO D 512 -13.50 -21.87 22.10
CA ASP D 513 -10.52 -22.30 19.85
CA TRP D 514 -12.57 -24.90 18.06
CA ILE D 515 -15.32 -22.42 17.37
CA PHE D 516 -12.70 -20.01 16.15
CA LEU D 517 -11.21 -22.73 14.00
CA LEU D 518 -14.54 -23.47 12.41
CA ARG D 519 -14.93 -19.87 11.47
CA ASN D 520 -11.59 -19.94 9.75
CA VAL D 521 -12.40 -23.08 7.90
CA MET D 522 -15.73 -21.59 7.01
CA ARG D 523 -13.55 -19.21 2.80
CA ILE D 524 -10.15 -20.43 3.77
CA SER D 525 -7.53 -22.76 2.45
CA PRO D 526 -9.99 -25.47 3.18
CA ASP D 527 -12.95 -25.50 0.88
CA GLN D 528 -15.90 -27.66 0.06
CA GLY D 529 -15.28 -31.16 -1.13
CA GLN D 530 -12.95 -33.33 0.82
CA GLN D 531 -10.78 -30.91 2.68
CA PHE D 532 -10.10 -29.77 6.16
CA ALA D 533 -13.41 -27.99 6.11
CA GLN D 534 -15.72 -30.89 6.87
CA MET D 535 -13.08 -33.26 8.11
CA LEU D 536 -12.12 -30.70 10.70
CA VAL D 537 -15.62 -30.81 12.05
CA GLN D 538 -15.29 -34.54 12.50
CA ASP D 539 -12.36 -34.46 14.88
CA GLU D 540 -14.02 -31.55 16.61
CA GLU D 541 -17.02 -33.74 17.16
CA PRO D 542 -17.73 -32.09 20.85
CA LEU D 543 -17.92 -28.73 20.30
CA ALA D 544 -17.81 -24.97 20.42
CA ASP D 545 -19.77 -22.96 18.91
CA ILE D 546 -21.80 -25.03 16.48
CA THR D 547 -23.46 -21.89 15.22
CA GLN D 548 -20.03 -20.34 14.84
CA ILE D 549 -18.78 -23.11 12.64
CA VAL D 550 -21.79 -22.94 10.38
CA ASP D 551 -21.77 -19.16 10.35
CA VAL D 552 -18.28 -19.24 8.98
CA PHE D 553 -19.22 -21.73 6.29
CA MET D 554 -22.28 -19.79 5.25
CA GLU D 555 -20.56 -16.47 4.68
CA TYR D 556 -17.99 -18.26 2.58
CA ASN D 557 -20.90 -19.79 0.67
CA LEU D 558 -19.23 -23.09 1.52
CA ILE D 559 -22.73 -24.37 2.25
CA GLN D 560 -22.38 -27.34 -0.04
CA GLN D 561 -19.32 -28.45 1.92
CA CYS D 562 -20.88 -27.59 5.23
CA THR D 563 -23.76 -29.90 4.55
CA ALA D 564 -21.34 -32.59 3.44
CA PHE D 565 -19.38 -32.54 6.67
CA LEU D 566 -22.49 -32.47 8.79
CA LEU D 567 -23.33 -35.80 7.28
CA ASP D 568 -20.09 -37.09 8.75
CA ALA D 569 -20.89 -35.52 12.09
CA LEU D 570 -24.03 -37.56 12.60
CA LYS D 571 -21.97 -40.70 12.41
CA ASN D 572 -19.85 -39.72 15.36
CA ASN D 573 -22.22 -40.95 17.99
CA ARG D 574 -20.69 -39.06 20.86
CA PRO D 575 -19.91 -36.03 18.83
CA SER D 576 -23.48 -35.89 17.65
CA GLU D 577 -25.59 -33.12 19.05
CA GLY D 578 -31.44 -32.62 18.18
CA PRO D 579 -30.57 -28.99 18.16
CA LEU D 580 -27.63 -29.80 15.95
CA GLN D 581 -29.85 -31.08 13.19
CA THR D 582 -32.24 -28.25 13.64
CA ARG D 583 -29.55 -25.62 13.39
CA LEU D 584 -27.87 -27.28 10.44
CA LEU D 585 -30.93 -27.29 8.29
CA GLU D 586 -31.72 -23.74 9.23
CA MET D 587 -28.25 -22.65 8.27
CA ASN D 588 -28.47 -24.67 5.12
CA LEU D 589 -31.61 -22.93 4.07
CA MET D 590 -30.05 -19.49 4.02
CA HIS D 591 -26.54 -20.78 3.36
CA ALA D 592 -27.13 -23.33 0.64
CA PRO D 593 -30.55 -24.50 -0.22
CA GLN D 594 -29.31 -27.33 -2.38
CA VAL D 595 -28.11 -29.10 0.72
CA ALA D 596 -31.28 -28.28 2.57
CA ASP D 597 -33.42 -30.89 0.88
CA ALA D 598 -30.92 -33.70 1.12
CA ILE D 599 -30.52 -33.12 4.82
CA LEU D 600 -34.26 -33.36 5.12
CA GLY D 601 -34.07 -36.77 3.64
CA ASN D 602 -31.07 -37.83 5.66
CA GLN D 603 -32.12 -36.87 9.14
CA MET D 604 -33.92 -33.65 9.03
CA PHE D 605 -37.12 -35.50 9.23
CA THR D 606 -36.66 -37.63 12.29
CA HIS D 607 -34.47 -35.58 14.54
CA TYR D 608 -35.22 -31.99 13.87
CA ASP D 609 -37.39 -29.31 15.40
CA ARG D 610 -39.83 -29.51 12.53
CA ALA D 611 -41.78 -26.42 13.39
CA HIS D 612 -38.65 -24.30 13.44
CA ILE D 613 -37.36 -25.62 10.16
CA ALA D 614 -40.60 -24.95 8.40
CA GLN D 615 -40.69 -21.32 9.34
CA LEU D 616 -37.17 -21.02 8.08
CA CYS D 617 -38.05 -22.70 4.79
CA GLU D 618 -41.03 -20.43 4.35
CA LYS D 619 -38.81 -17.43 4.50
CA ALA D 620 -36.44 -19.44 2.34
CA GLY D 621 -38.87 -19.93 -0.52
CA LEU D 622 -37.94 -23.59 -0.21
CA LEU D 623 -41.56 -24.59 -0.90
CA GLN D 624 -40.64 -27.78 -2.72
CA ARG D 625 -39.01 -28.92 0.54
CA ALA D 626 -41.67 -27.23 2.65
CA LEU D 627 -44.19 -29.60 1.19
CA GLU D 628 -41.93 -32.45 2.18
CA HIS D 629 -41.83 -31.30 5.78
CA PHE D 630 -45.52 -30.62 5.85
CA THR D 631 -46.21 -34.02 4.46
CA ASP D 632 -44.07 -35.77 7.06
CA LEU D 633 -45.38 -33.38 9.68
CA TYR D 634 -48.70 -34.81 8.62
CA ASP D 635 -49.90 -31.32 8.17
CA ILE D 636 -51.37 -32.28 4.83
CA LYS D 637 -53.70 -29.33 4.54
CA ARG D 638 -50.66 -27.08 4.63
CA ALA D 639 -48.80 -29.12 2.09
CA VAL D 640 -51.66 -28.81 -0.34
CA VAL D 641 -52.17 -25.12 0.26
CA HIS D 642 -48.50 -24.55 -0.39
CA THR D 643 -48.60 -26.72 -3.47
CA HIS D 644 -51.39 -24.53 -4.68
CA LEU D 645 -49.28 -21.42 -4.70
CA LEU D 646 -46.37 -23.11 -6.38
CA ASN D 647 -47.15 -26.21 -8.38
CA PRO D 648 -46.64 -29.42 -6.62
CA GLU D 649 -45.72 -32.73 -8.13
CA TRP D 650 -48.50 -34.60 -9.85
CA LEU D 651 -48.25 -37.86 -7.96
CA VAL D 652 -48.02 -36.24 -4.56
CA ASN D 653 -51.08 -34.14 -5.18
CA TYR D 654 -53.24 -37.18 -5.56
CA PHE D 655 -52.03 -38.83 -2.39
CA GLY D 656 -51.90 -35.80 -0.13
CA SER D 657 -55.22 -34.27 -1.08
CA LEU D 658 -57.12 -37.24 0.21
CA SER D 659 -55.05 -37.16 3.35
CA VAL D 660 -56.45 -33.72 3.89
CA GLU D 661 -59.24 -35.00 6.07
CA ASP D 662 -59.39 -31.68 7.75
CA SER D 663 -60.60 -29.51 4.96
CA LEU D 664 -63.17 -30.70 2.49
CA GLU D 665 -63.18 -27.25 0.95
CA CYS D 666 -59.64 -27.77 -0.18
CA LEU D 667 -61.01 -30.30 -2.58
CA ARG D 668 -63.27 -27.77 -4.19
CA ALA D 669 -60.48 -25.25 -4.16
CA MET D 670 -58.24 -27.77 -5.81
CA LEU D 671 -60.66 -28.56 -8.57
CA SER D 672 -60.83 -24.93 -9.49
CA ALA D 673 -57.07 -24.72 -9.61
CA ASN D 674 -56.87 -27.95 -11.52
CA ILE D 675 -59.36 -26.81 -14.05
CA ARG D 676 -56.98 -24.09 -15.05
CA GLN D 677 -53.52 -25.52 -14.98
CA ASN D 678 -54.46 -28.81 -16.52
CA LEU D 679 -57.66 -30.35 -17.82
CA GLN D 680 -56.23 -33.83 -17.85
CA ILE D 681 -55.13 -33.69 -14.27
CA CYS D 682 -58.58 -32.63 -13.20
CA VAL D 683 -60.30 -35.71 -14.53
CA GLN D 684 -57.95 -38.04 -12.74
CA VAL D 685 -57.95 -35.93 -9.61
CA ALA D 686 -61.71 -35.76 -9.67
CA SER D 687 -61.96 -39.47 -9.21
CA LYS D 688 -60.17 -39.56 -5.83
CA TYR D 689 -62.46 -38.11 -5.14
CA HIS D 690 -65.22 -35.96 -4.12
CA GLU D 691 -66.26 -35.06 -0.47
CA GLN D 692 -68.86 -33.24 -2.17
CA LEU D 693 -71.99 -31.26 -3.02
CA SER D 694 -70.19 -28.20 -4.12
CA THR D 695 -72.69 -29.10 -6.10
CA GLN D 696 -73.42 -25.95 -8.11
CA SER D 697 -70.14 -24.36 -7.20
CA LEU D 698 -68.39 -27.52 -8.20
CA ILE D 699 -69.93 -27.48 -11.65
CA GLU D 700 -69.52 -23.75 -12.04
CA LEU D 701 -65.83 -24.26 -11.45
CA PHE D 702 -65.70 -26.97 -14.09
CA GLU D 703 -67.28 -24.74 -16.66
CA SER D 704 -64.88 -21.83 -16.22
CA PHE D 705 -62.00 -24.23 -16.66
CA LYS D 706 -63.84 -25.22 -19.79
CA SER D 707 -63.53 -28.78 -18.77
CA PHE D 708 -67.02 -29.57 -19.94
CA GLU D 709 -65.97 -33.02 -21.00
CA GLY D 710 -64.44 -33.90 -17.67
CA LEU D 711 -67.29 -32.54 -15.61
CA PHE D 712 -69.64 -34.75 -17.58
CA TYR D 713 -67.36 -37.73 -17.17
CA PHE D 714 -67.08 -37.23 -13.40
CA LEU D 715 -70.82 -37.08 -12.90
CA GLY D 716 -70.99 -40.23 -14.91
CA SER D 717 -69.00 -42.04 -12.26
CA ILE D 718 -70.86 -40.53 -9.34
CA VAL D 719 -74.21 -41.67 -10.65
CA ASN D 720 -73.09 -45.25 -10.29
CA PHE D 721 -72.99 -44.83 -6.56
CA SER D 722 -75.89 -43.41 -4.65
CA GLN D 723 -76.44 -39.83 -5.60
CA ASP D 724 -78.02 -38.78 -6.79
CA PRO D 725 -80.12 -37.49 -9.58
CA ASP D 726 -77.98 -34.39 -9.70
CA VAL D 727 -75.17 -36.42 -11.13
CA HIS D 728 -77.24 -38.07 -13.85
CA PHE D 729 -78.69 -34.67 -14.56
CA LYS D 730 -75.29 -33.07 -14.97
CA TYR D 731 -73.88 -35.95 -17.00
CA ILE D 732 -76.54 -35.74 -19.66
CA GLN D 733 -76.20 -32.00 -19.90
CA ALA D 734 -72.48 -32.25 -20.38
CA ALA D 735 -72.91 -35.10 -22.78
CA CYS D 736 -75.10 -33.01 -24.98
CA LYS D 737 -72.50 -30.36 -25.62
CA THR D 738 -69.50 -32.62 -25.02
CA GLY D 739 -70.50 -35.81 -26.81
CA GLN D 740 -73.86 -36.05 -28.50
CA ILE D 741 -73.49 -39.71 -29.32
CA LYS D 742 -73.32 -40.56 -25.63
CA GLU D 743 -76.36 -38.42 -24.93
CA VAL D 744 -78.75 -41.00 -26.37
CA GLU D 745 -77.60 -44.13 -24.59
CA ARG D 746 -77.52 -42.34 -21.30
CA ILE D 747 -81.09 -41.11 -21.52
CA CYS D 748 -82.14 -44.57 -22.48
CA ARG D 749 -81.06 -46.00 -19.14
CA GLU D 750 -80.89 -42.82 -17.02
CA SER D 751 -84.02 -40.95 -18.08
CA ASN D 752 -85.79 -42.02 -14.92
CA CYS D 753 -83.36 -40.45 -12.50
CA TYR D 754 -82.78 -37.06 -14.10
CA ASP D 755 -84.68 -33.77 -13.84
CA PRO D 756 -86.26 -34.01 -17.26
CA GLU D 757 -87.11 -30.36 -17.73
CA ARG D 758 -83.50 -29.39 -17.54
CA VAL D 759 -82.42 -32.24 -19.80
CA LYS D 760 -84.79 -30.91 -22.38
CA ASN D 761 -83.57 -27.35 -22.28
CA PHE D 762 -80.11 -28.73 -22.83
CA LEU D 763 -81.29 -30.87 -25.75
CA LYS D 764 -83.09 -27.93 -27.31
CA GLU D 765 -79.91 -25.92 -27.42
CA ALA D 766 -78.18 -29.11 -28.48
CA LYS D 767 -80.36 -29.70 -31.54
CA LEU D 768 -80.56 -33.21 -30.11
CA THR D 769 -83.97 -33.57 -31.77
CA ASP D 770 -83.90 -37.32 -32.03
CA GLN D 771 -83.43 -37.53 -28.26
CA LEU D 772 -85.74 -34.65 -27.40
CA PRO D 773 -88.78 -36.49 -28.52
CA LEU D 774 -87.61 -39.51 -26.64
CA ILE D 775 -87.77 -37.53 -23.44
CA ILE D 776 -90.82 -35.56 -24.46
CA VAL D 777 -92.61 -38.75 -25.34
CA CYS D 778 -91.32 -40.58 -22.30
CA ASP D 779 -90.76 -38.82 -19.04
CA ARG D 780 -92.26 -35.68 -20.39
CA PHE D 781 -94.17 -37.30 -20.47
CA ASP D 782 -94.54 -34.22 -22.58
CA PHE D 783 -95.71 -35.92 -25.72
CA VAL D 784 -96.64 -32.64 -27.31
CA HIS D 785 -93.07 -31.46 -26.98
CA ASP D 786 -91.61 -34.59 -28.41
CA LEU D 787 -93.75 -34.38 -31.50
CA VAL D 788 -92.86 -30.80 -32.23
CA LEU D 789 -89.26 -31.83 -31.88
CA TYR D 790 -89.88 -34.79 -34.15
CA LEU D 791 -91.16 -32.38 -36.72
CA TYR D 792 -87.73 -30.89 -36.58
CA ARG D 793 -86.39 -34.40 -37.19
CA ASN D 794 -87.11 -37.90 -35.89
CA ASN D 795 -88.11 -41.42 -36.88
CA LEU D 796 -91.45 -42.41 -38.33
CA GLN D 797 -92.22 -45.35 -36.09
CA LYS D 798 -91.97 -43.55 -32.78
CA TYR D 799 -93.72 -40.71 -34.50
CA ILE D 800 -96.76 -42.79 -35.24
CA GLU D 801 -97.09 -43.86 -31.62
CA ILE D 802 -96.41 -40.56 -29.84
CA TYR D 803 -98.56 -38.53 -32.19
CA VAL D 804 -101.70 -40.16 -30.87
CA GLN D 805 -100.84 -39.55 -27.23
CA LYS D 806 -100.41 -35.87 -27.89
CA VAL D 807 -101.96 -30.70 -31.71
CA ASN D 808 -104.93 -27.19 -33.54
CA PRO D 809 -105.58 -30.36 -35.39
CA SER D 810 -103.96 -28.87 -38.47
CA ARG D 811 -100.84 -30.30 -36.93
CA LEU D 812 -102.25 -33.66 -37.81
CA PRO D 813 -102.07 -32.81 -41.46
CA VAL D 814 -98.64 -31.35 -41.09
CA VAL D 815 -97.59 -34.52 -39.36
CA ILE D 816 -99.04 -36.81 -41.96
CA GLY D 817 -97.08 -35.03 -44.60
CA GLY D 818 -94.01 -35.18 -42.44
CA LEU D 819 -94.20 -38.89 -42.00
CA LEU D 820 -94.91 -39.43 -45.65
CA ASP D 821 -92.37 -36.96 -46.94
CA VAL D 822 -89.70 -37.92 -44.53
CA ASP D 823 -88.62 -41.47 -44.84
CA CYS D 824 -90.97 -42.50 -42.10
CA SER D 825 -92.06 -46.00 -42.75
CA GLU D 826 -95.34 -46.36 -44.50
CA ASP D 827 -96.18 -48.69 -41.69
CA VAL D 828 -95.10 -45.96 -39.35
CA ILE D 829 -97.30 -43.59 -41.25
CA LYS D 830 -100.15 -46.05 -41.09
CA ASN D 831 -99.53 -46.56 -37.41
CA LEU D 832 -99.62 -42.83 -36.95
CA ILE D 833 -102.59 -42.38 -39.19
CA LEU D 834 -106.52 -41.08 -39.38
CA VAL D 835 -106.14 -38.38 -36.79
CA VAL D 836 -104.08 -36.43 -39.24
CA ARG D 837 -106.68 -36.67 -41.94
CA GLY D 838 -109.31 -35.46 -39.56
CA GLN D 839 -35.81 -64.90 90.40
CA PHE D 840 -33.85 -62.09 88.91
CA SER D 841 -30.72 -61.93 86.86
CA THR D 842 -29.43 -63.18 84.17
CA ASP D 843 -27.27 -62.37 81.18
CA GLU D 844 -24.77 -64.95 82.28
CA LEU D 845 -27.39 -67.63 82.30
CA VAL D 846 -28.54 -66.62 78.86
CA ALA D 847 -25.05 -66.42 77.45
CA GLU D 848 -24.27 -69.89 78.68
CA VAL D 849 -27.49 -71.27 77.29
CA GLU D 850 -27.05 -69.66 73.91
CA LYS D 851 -23.60 -70.94 72.98
CA ARG D 852 -24.65 -74.32 74.23
CA ASN D 853 -27.42 -74.15 71.67
CA ARG D 854 -29.42 -74.70 74.84
CA LEU D 855 -32.32 -73.44 71.89
CA LYS D 856 -35.38 -75.60 72.32
CA LEU D 857 -35.09 -75.27 76.10
CA LEU D 858 -33.71 -71.75 76.07
CA LEU D 859 -36.92 -70.45 74.62
CA PRO D 860 -38.90 -71.80 77.54
CA TRP D 861 -36.63 -70.36 80.20
CA LEU D 862 -36.98 -66.93 78.71
CA GLU D 863 -40.66 -67.52 78.83
CA ALA D 864 -40.46 -67.56 82.62
CA ARG D 865 -37.94 -64.76 82.91
CA ILE D 866 -40.35 -62.28 81.37
CA HIS D 867 -42.38 -62.48 84.52
CA GLU D 868 -39.43 -61.30 86.57
CA GLY D 869 -39.71 -57.67 87.59
CA CYS D 870 -36.02 -57.42 86.79
CA GLU D 871 -36.93 -58.26 83.19
CA GLU D 872 -35.97 -56.05 78.62
CA PRO D 873 -36.99 -55.88 75.04
CA ALA D 874 -33.69 -57.42 74.10
CA THR D 875 -34.88 -60.63 75.63
CA HIS D 876 -38.27 -60.55 74.00
CA ASN D 877 -36.83 -59.93 70.61
CA ALA D 878 -34.32 -62.70 71.04
CA LEU D 879 -36.91 -65.19 72.17
CA ALA D 880 -39.22 -64.67 69.26
CA LYS D 881 -36.49 -65.03 66.71
CA ILE D 882 -35.25 -68.20 68.32
CA TYR D 883 -38.87 -69.23 68.55
CA ILE D 884 -39.12 -68.65 64.84
CA ASP D 885 -37.21 -71.90 64.67
CA SER D 886 -39.95 -73.57 66.73
CA ASN D 887 -42.88 -72.03 64.89
CA ASN D 888 -45.81 -72.91 67.11
CA ASN D 889 -44.65 -70.77 70.00
CA PRO D 890 -44.05 -67.60 68.09
CA GLU D 891 -47.66 -66.78 67.45
CA ARG D 892 -48.56 -66.65 71.11
CA PHE D 893 -45.34 -64.87 71.84
CA LEU D 894 -46.03 -61.92 69.61
CA ARG D 895 -49.49 -61.82 71.03
CA GLU D 896 -48.05 -61.86 74.52
CA ASN D 897 -45.43 -59.17 74.36
CA PRO D 898 -45.58 -55.98 72.50
CA TYR D 899 -42.12 -54.98 73.58
CA TYR D 900 -40.04 -56.40 70.79
CA ASP D 901 -37.81 -54.77 68.20
CA SER D 902 -40.78 -56.01 66.60
CA ARG D 903 -38.43 -55.63 63.69
CA VAL D 904 -36.28 -58.47 64.83
CA VAL D 905 -39.19 -60.75 65.54
CA GLY D 906 -40.69 -60.07 62.16
CA LYS D 907 -37.64 -61.16 60.25
CA TYR D 908 -37.66 -64.32 62.27
CA CYS D 909 -41.36 -64.78 61.62
CA GLU D 910 -40.71 -64.11 57.97
CA LYS D 911 -38.82 -67.35 57.81
CA ARG D 912 -41.78 -68.88 59.59
CA ASP D 913 -45.48 -68.66 58.82
CA PRO D 914 -47.08 -65.42 57.96
CA HIS D 915 -50.10 -65.75 60.22
CA LEU D 916 -48.22 -64.37 63.16
CA ALA D 917 -46.58 -61.81 60.92
CA CYS D 918 -49.91 -60.23 60.16
CA VAL D 919 -50.54 -59.88 63.86
CA ALA D 920 -47.24 -58.19 64.45
CA TYR D 921 -47.50 -56.00 61.41
CA GLU D 922 -50.89 -55.04 62.69
CA ARG D 923 -49.61 -54.07 66.14
CA GLY D 924 -46.48 -52.62 64.59
CA GLN D 925 -48.95 -50.42 62.82
CA CYS D 926 -47.22 -51.35 59.63
CA ASP D 927 -50.59 -51.73 57.98
CA LEU D 928 -49.29 -51.82 54.44
CA GLU D 929 -47.30 -54.89 55.32
CA LEU D 930 -50.26 -56.52 57.00
CA ILE D 931 -52.36 -56.14 53.90
CA ASN D 932 -49.88 -57.33 51.35
CA VAL D 933 -49.03 -60.33 53.46
CA CYS D 934 -52.73 -60.91 53.97
CA ASN D 935 -53.14 -60.89 50.22
CA GLU D 936 -51.60 -64.28 50.15
CA ASN D 937 -53.86 -65.34 52.99
CA SER D 938 -55.93 -63.46 55.52
CA LEU D 939 -59.26 -62.93 57.20
CA PHE D 940 -61.86 -60.78 55.55
CA LYS D 941 -62.94 -58.94 58.65
CA SER D 942 -59.49 -57.78 59.62
CA LEU D 943 -58.89 -56.82 56.04
CA SER D 944 -61.74 -54.39 56.06
CA ARG D 945 -60.37 -52.61 59.11
CA TYR D 946 -56.70 -52.49 58.19
CA LEU D 947 -57.00 -51.67 54.50
CA VAL D 948 -58.24 -48.23 55.38
CA ARG D 949 -55.20 -47.52 57.50
CA ARG D 950 -52.90 -48.35 54.59
CA LYS D 951 -50.75 -45.44 53.50
CA ASP D 952 -50.32 -46.46 49.88
CA PRO D 953 -53.67 -46.00 48.30
CA GLU D 954 -52.46 -48.09 45.39
CA LEU D 955 -53.06 -51.14 47.53
CA TRP D 956 -56.73 -50.37 47.31
CA GLY D 957 -56.68 -50.87 43.58
CA SER D 958 -54.65 -53.97 44.18
CA VAL D 959 -57.12 -55.29 46.70
CA LEU D 960 -60.12 -54.62 44.53
CA LEU D 961 -58.53 -56.71 41.85
CA GLU D 962 -57.77 -59.34 44.42
CA SER D 963 -61.38 -59.48 45.49
CA ASN D 964 -62.98 -59.57 42.08
CA PRO D 965 -61.11 -62.46 40.56
CA TYR D 966 -61.38 -64.28 43.77
CA ARG D 967 -64.48 -66.31 43.49
CA ARG D 968 -66.12 -64.93 46.39
CA PRO D 969 -69.19 -63.99 47.55
CA LEU D 970 -71.39 -61.06 48.78
CA ILE D 971 -73.67 -60.87 51.66
CA ASP D 972 -72.75 -59.41 54.99
CA GLN D 973 -70.10 -56.77 55.12
CA VAL D 974 -67.97 -57.58 52.13
CA VAL D 975 -67.72 -55.90 48.77
CA GLN D 976 -70.42 -53.39 49.50
CA THR D 977 -69.24 -52.57 52.96
CA ALA D 978 -65.65 -52.65 51.82
CA LEU D 979 -66.36 -50.38 48.90
CA SER D 980 -67.78 -47.82 51.26
CA GLU D 981 -64.58 -47.64 53.23
CA THR D 982 -62.38 -47.56 50.18
CA GLN D 983 -64.62 -45.40 48.55
CA ASP D 984 -61.50 -43.82 46.94
CA PRO D 985 -60.25 -44.83 45.28
CA GLU D 986 -59.56 -46.96 41.82
CA GLU D 987 -58.46 -49.78 39.68
CA VAL D 988 -62.09 -49.44 39.61
CA SER D 989 -62.46 -51.51 36.49
CA VAL D 990 -60.87 -54.45 38.22
CA THR D 991 -63.63 -54.61 40.76
CA VAL D 992 -66.22 -54.09 38.05
CA LYS D 993 -64.80 -56.78 35.81
CA ALA D 994 -65.02 -59.23 38.66
CA PHE D 995 -68.61 -58.33 39.36
CA MET D 996 -69.69 -58.67 35.77
CA THR D 997 -68.29 -62.16 35.23
CA ALA D 998 -69.96 -63.18 38.44
CA ASP D 999 -73.15 -61.93 36.82
CA LEU D 1000 -73.28 -59.88 39.97
CA PRO D 1001 -74.21 -56.52 38.33
CA ASN D 1002 -78.69 -56.71 39.47
CA GLU D 1003 -76.09 -55.35 41.87
CA LEU D 1004 -74.03 -53.66 39.21
CA ILE D 1005 -76.89 -51.35 38.44
CA GLU D 1006 -77.43 -50.71 42.11
CA LEU D 1007 -73.88 -49.54 42.74
CA LEU D 1008 -73.83 -47.33 39.68
CA GLU D 1009 -76.91 -45.54 40.84
CA LYS D 1010 -75.00 -44.63 43.97
CA ILE D 1011 -71.91 -43.67 42.03
CA VAL D 1012 -73.51 -40.81 40.17
CA LEU D 1013 -74.22 -38.84 43.30
CA ASP D 1014 -71.12 -39.97 45.15
CA ASN D 1015 -68.36 -37.44 44.82
CA SER D 1016 -66.53 -39.64 47.28
CA VAL D 1017 -66.72 -42.33 44.67
CA PHE D 1018 -65.75 -41.49 41.10
CA SER D 1019 -67.37 -38.21 40.22
CA GLU D 1020 -70.26 -38.33 37.86
CA HIS D 1021 -69.08 -38.76 34.34
CA ARG D 1022 -70.56 -39.40 30.95
CA ASN D 1023 -69.41 -42.97 30.90
CA LEU D 1024 -71.38 -43.92 33.97
CA GLN D 1025 -74.53 -42.25 32.82
CA ASN D 1026 -74.10 -43.88 29.48
CA LEU D 1027 -73.82 -47.36 30.92
CA LEU D 1028 -76.59 -47.01 33.45
CA ILE D 1029 -79.20 -46.12 30.92
CA LEU D 1030 -78.15 -48.97 28.68
CA THR D 1031 -78.37 -51.43 31.49
CA ALA D 1032 -81.60 -49.84 32.58
CA ILE D 1033 -83.30 -50.50 29.31
CA LYS D 1034 -82.70 -54.21 29.36
CA ALA D 1035 -82.58 -54.51 33.15
CA ASP D 1036 -85.31 -52.15 34.29
CA ARG D 1037 -87.35 -50.41 31.63
CA THR D 1038 -89.37 -48.42 34.12
CA ARG D 1039 -86.25 -46.68 35.38
CA VAL D 1040 -85.04 -46.00 31.87
CA MET D 1041 -87.52 -43.16 31.45
CA GLU D 1042 -86.77 -41.32 34.67
CA TYR D 1043 -83.09 -41.62 34.09
CA ILE D 1044 -83.17 -40.07 30.63
CA ASN D 1045 -84.75 -36.88 31.79
CA ARG D 1046 -82.14 -36.61 34.51
CA LEU D 1047 -79.58 -37.98 32.05
CA ASP D 1048 -78.48 -34.77 30.36
CA ASN D 1049 -74.92 -35.57 29.42
CA TYR D 1050 -75.17 -38.95 27.85
CA ASP D 1051 -73.77 -40.34 24.62
CA ALA D 1052 -77.18 -40.27 23.00
CA PRO D 1053 -76.51 -42.43 20.03
CA ASP D 1054 -75.67 -45.20 22.47
CA ILE D 1055 -78.97 -44.84 24.25
CA ALA D 1056 -80.95 -44.79 21.09
CA ASN D 1057 -79.78 -48.08 19.69
CA ILE D 1058 -80.34 -49.44 23.15
CA ALA D 1059 -83.94 -48.21 23.32
CA ILE D 1060 -84.63 -49.33 19.79
CA SER D 1061 -83.59 -52.77 20.80
CA ASN D 1062 -85.93 -52.78 23.72
CA GLU D 1063 -89.06 -51.21 22.25
CA LEU D 1064 -88.66 -48.05 24.30
CA PHE D 1065 -90.83 -46.08 21.83
CA GLU D 1066 -92.00 -43.27 24.08
CA GLU D 1067 -88.53 -42.81 25.48
CA ALA D 1068 -87.03 -43.07 22.03
CA PHE D 1069 -89.13 -40.16 20.93
CA ALA D 1070 -87.88 -38.15 23.85
CA ILE D 1071 -84.24 -38.72 22.98
CA PHE D 1072 -84.79 -38.22 19.29
CA ARG D 1073 -86.43 -34.99 20.28
CA LYS D 1074 -83.52 -33.79 22.36
CA PHE D 1075 -80.99 -35.19 19.92
CA ASP D 1076 -82.82 -32.96 17.53
CA VAL D 1077 -83.52 -35.83 15.01
CA ASN D 1078 -87.10 -34.90 13.41
CA THR D 1079 -87.03 -37.52 10.68
CA SER D 1080 -86.52 -40.14 13.34
CA ALA D 1081 -89.34 -38.78 15.46
CA VAL D 1082 -91.80 -39.11 12.62
CA GLN D 1083 -90.61 -42.51 11.54
CA VAL D 1084 -90.91 -43.81 15.05
CA LEU D 1085 -94.27 -42.09 15.26
CA ILE D 1086 -95.47 -44.02 12.30
CA GLU D 1087 -94.89 -47.38 13.94
CA HIS D 1088 -96.43 -46.44 17.25
CA ILE D 1089 -99.22 -43.97 16.95
CA GLY D 1090 -97.91 -41.03 18.89
CA ASN D 1091 -100.14 -37.99 18.84
CA LEU D 1092 -101.80 -36.24 15.96
CA ASP D 1093 -100.96 -32.73 17.11
CA ARG D 1094 -97.25 -33.28 17.48
CA ALA D 1095 -97.23 -35.03 14.16
CA TYR D 1096 -98.42 -31.90 12.45
CA GLU D 1097 -95.65 -29.82 13.95
CA PHE D 1098 -92.73 -32.22 13.50
CA ALA D 1099 -93.51 -33.41 10.01
CA GLU D 1100 -92.74 -30.03 8.56
CA ARG D 1101 -89.33 -29.97 10.19
CA CYS D 1102 -88.49 -33.24 8.49
CA ASN D 1103 -85.61 -32.87 6.08
CA GLU D 1104 -86.59 -35.66 3.72
CA PRO D 1105 -89.61 -34.70 1.74
CA ALA D 1106 -90.16 -38.35 0.97
CA VAL D 1107 -91.51 -38.69 4.45
CA TRP D 1108 -94.48 -36.63 3.44
CA SER D 1109 -95.53 -39.04 0.76
CA GLN D 1110 -94.91 -41.93 3.09
CA LEU D 1111 -96.78 -40.01 5.76
CA ALA D 1112 -99.73 -39.40 3.49
CA LYS D 1113 -100.01 -43.09 2.88
CA ALA D 1114 -99.87 -43.81 6.59
CA GLN D 1115 -102.71 -41.44 7.29
CA LEU D 1116 -104.47 -42.74 4.27
CA GLN D 1117 -104.46 -46.25 5.62
CA LYS D 1118 -105.02 -45.35 9.25
CA GLY D 1119 -107.61 -42.72 8.59
CA MET D 1120 -108.15 -40.69 5.46
CA VAL D 1121 -110.64 -38.40 7.08
CA LYS D 1122 -110.20 -36.17 10.07
CA GLU D 1123 -106.51 -36.79 9.84
CA ALA D 1124 -105.19 -36.83 6.33
CA ILE D 1125 -107.13 -33.73 5.42
CA ASP D 1126 -105.70 -31.73 8.27
CA SER D 1127 -102.31 -33.23 7.64
CA TYR D 1128 -102.42 -32.35 3.98
CA ILE D 1129 -102.87 -28.70 4.70
CA LYS D 1130 -99.68 -28.63 6.69
CA ALA D 1131 -97.93 -30.63 4.00
CA ASP D 1132 -97.15 -31.93 1.40
CA ASP D 1133 -96.18 -31.24 -2.15
CA PRO D 1134 -95.76 -32.28 -4.12
CA SER D 1135 -97.93 -32.84 -7.31
CA SER D 1136 -99.19 -36.39 -7.59
CA TYR D 1137 -102.80 -39.73 -10.65
CA MET D 1138 -105.30 -42.44 -11.40
CA GLU D 1139 -105.45 -43.75 -7.88
CA VAL D 1140 -105.56 -40.34 -6.31
CA VAL D 1141 -108.58 -39.40 -8.33
CA GLN D 1142 -110.05 -42.82 -7.78
CA ALA D 1143 -109.79 -42.34 -4.06
CA ALA D 1144 -111.41 -38.93 -4.25
CA ASN D 1145 -114.39 -40.19 -6.16
CA THR D 1146 -115.05 -43.16 -3.93
CA SER D 1147 -115.03 -40.90 -0.93
CA GLY D 1148 -117.63 -39.09 -2.94
CA ASN D 1149 -115.86 -35.83 -2.40
CA TRP D 1150 -115.90 -34.72 -6.01
CA GLU D 1151 -116.22 -31.15 -4.91
CA GLU D 1152 -112.94 -31.34 -3.06
CA LEU D 1153 -111.07 -33.11 -5.79
CA VAL D 1154 -112.10 -30.61 -8.43
CA LYS D 1155 -111.07 -27.89 -6.01
CA TYR D 1156 -107.53 -29.20 -5.52
CA LEU D 1157 -106.97 -29.79 -9.19
CA GLN D 1158 -107.75 -26.18 -9.71
CA MET D 1159 -104.84 -25.26 -7.47
CA ALA D 1160 -102.67 -28.06 -8.81
CA ARG D 1161 -102.68 -26.74 -12.33
CA LYS D 1162 -100.70 -23.74 -11.30
CA LYS D 1163 -98.09 -25.64 -9.33
CA ALA D 1164 -97.35 -28.25 -11.92
CA ARG D 1165 -99.00 -28.63 -15.19
CA GLU D 1166 -98.99 -31.83 -16.87
CA SER D 1167 -101.20 -34.08 -17.91
CA TYR D 1168 -102.16 -36.65 -15.41
CA VAL D 1169 -103.50 -34.06 -13.02
CA GLU D 1170 -105.30 -32.01 -15.63
CA THR D 1171 -106.71 -35.13 -17.17
CA GLU D 1172 -107.97 -36.07 -13.75
CA LEU D 1173 -109.65 -32.76 -13.05
CA ILE D 1174 -111.57 -32.83 -16.25
CA PHE D 1175 -112.81 -36.33 -15.64
CA ALA D 1176 -113.96 -35.39 -12.20
CA LEU D 1177 -115.57 -32.26 -13.48
CA ALA D 1178 -117.71 -34.16 -15.88
CA LYS D 1179 -118.57 -36.93 -13.45
CA THR D 1180 -119.18 -34.94 -10.34
CA ASN D 1181 -122.01 -33.31 -12.15
CA ARG D 1182 -119.96 -30.20 -12.39
CA LEU D 1183 -120.14 -30.21 -16.14
CA ALA D 1184 -120.13 -26.46 -16.30
CA GLU D 1185 -116.60 -26.45 -15.01
CA LEU D 1186 -115.67 -29.07 -17.56
CA GLU D 1187 -116.15 -26.74 -20.49
CA GLU D 1188 -113.91 -23.87 -19.43
CA PHE D 1189 -111.27 -26.22 -18.20
CA ILE D 1190 -110.97 -28.02 -21.48
CA ASN D 1191 -110.47 -24.80 -23.31
CA GLY D 1192 -107.45 -23.63 -21.44
CA PRO D 1193 -105.55 -26.78 -20.86
CA ASN D 1194 -104.30 -28.46 -24.00
CA ASN D 1195 -102.16 -30.68 -21.84
CA ALA D 1196 -104.38 -33.60 -21.10
CA HIS D 1197 -104.94 -36.99 -22.54
CA ILE D 1198 -107.63 -36.34 -25.08
CA GLN D 1199 -108.74 -39.89 -25.55
CA GLN D 1200 -109.41 -40.43 -21.89
CA VAL D 1201 -111.12 -37.09 -21.58
CA GLY D 1202 -113.37 -37.90 -24.51
CA ASP D 1203 -114.40 -41.24 -23.08
CA ARG D 1204 -115.33 -39.26 -20.03
CA CYS D 1205 -117.52 -36.80 -21.93
CA TYR D 1206 -118.97 -39.61 -23.97
CA ASP D 1207 -120.53 -41.15 -20.92
CA GLU D 1208 -121.29 -37.66 -19.63
CA LYS D 1209 -123.28 -36.60 -22.69
CA MET D 1210 -121.12 -33.56 -23.29
CA TYR D 1211 -122.47 -33.27 -26.86
CA ASP D 1212 -122.02 -29.50 -26.97
CA ALA D 1213 -118.51 -29.58 -25.49
CA ALA D 1214 -117.08 -32.42 -27.62
CA LYS D 1215 -118.64 -30.63 -30.61
CA LEU D 1216 -115.93 -28.01 -30.10
CA LEU D 1217 -113.24 -30.49 -29.02
CA TYR D 1218 -113.70 -32.71 -32.07
CA ASN D 1219 -113.86 -29.46 -34.07
CA ASN D 1220 -110.34 -28.17 -33.34
CA VAL D 1221 -108.66 -31.62 -33.42
CA SER D 1222 -110.77 -31.80 -36.58
CA ASN D 1223 -111.96 -35.40 -36.21
CA PHE D 1224 -114.91 -34.77 -38.50
CA GLY D 1225 -115.69 -38.46 -38.05
CA ARG D 1226 -117.20 -37.64 -34.66
CA LEU D 1227 -117.68 -33.89 -35.23
CA ALA D 1228 -120.40 -34.79 -37.72
CA SER D 1229 -121.57 -37.70 -35.59
CA THR D 1230 -122.17 -35.48 -32.54
CA LEU D 1231 -123.62 -32.61 -34.62
CA VAL D 1232 -126.39 -35.04 -35.64
CA HIS D 1233 -126.75 -36.36 -32.10
CA LEU D 1234 -127.32 -32.62 -31.43
CA GLY D 1235 -130.02 -32.08 -34.05
CA GLU D 1236 -127.75 -29.68 -35.95
CA TYR D 1237 -128.34 -31.63 -39.17
CA GLN D 1238 -127.40 -29.26 -41.99
CA ALA D 1239 -123.99 -28.70 -40.37
CA ALA D 1240 -123.53 -32.40 -39.62
CA VAL D 1241 -123.70 -32.94 -43.38
CA ASP D 1242 -120.76 -30.57 -43.64
CA GLY D 1243 -118.71 -32.56 -41.17
CA ALA D 1244 -119.51 -35.72 -43.10
CA ARG D 1245 -118.26 -33.95 -46.23
CA LYS D 1246 -114.95 -32.98 -44.66
CA ALA D 1247 -114.82 -36.42 -43.01
CA ASN D 1248 -115.14 -37.89 -46.52
CA SER D 1249 -116.04 -41.36 -45.22
CA THR D 1250 -118.69 -43.82 -46.40
CA ARG D 1251 -119.59 -45.48 -43.10
CA THR D 1252 -119.85 -41.88 -41.94
CA TRP D 1253 -122.33 -40.63 -44.55
CA LYS D 1254 -124.43 -43.65 -43.57
CA GLU D 1255 -124.68 -42.48 -39.95
CA VAL D 1256 -125.56 -38.94 -41.02
CA CYS D 1257 -127.86 -39.88 -43.90
CA PHE D 1258 -129.79 -42.43 -41.86
CA ALA D 1259 -130.21 -40.09 -38.89
CA CYS D 1260 -130.93 -37.17 -41.24
CA VAL D 1261 -133.79 -39.46 -42.39
CA ASP D 1262 -134.99 -40.31 -38.90
CA GLY D 1263 -135.23 -36.55 -38.36
CA LYS D 1264 -137.25 -36.42 -41.58
CA GLU D 1265 -134.78 -33.97 -43.15
CA PHE D 1266 -134.92 -35.02 -46.76
CA ARG D 1267 -133.39 -32.48 -49.15
CA LEU D 1268 -130.43 -33.02 -46.85
CA ALA D 1269 -130.69 -36.81 -46.48
CA GLN D 1270 -130.76 -36.78 -50.29
CA MET D 1271 -127.58 -34.87 -51.17
CA CYS D 1272 -126.23 -36.74 -48.13
CA GLY D 1273 -127.40 -39.96 -49.76
CA LEU D 1274 -125.97 -39.43 -53.24
CA HIS D 1275 -122.56 -40.15 -51.73
CA ILE D 1276 -123.73 -43.67 -50.85
CA VAL D 1277 -125.75 -45.02 -53.81
CA VAL D 1278 -122.65 -44.97 -56.02
CA HIS D 1279 -121.24 -47.63 -53.71
CA ALA D 1280 -56.09 -63.02 74.98
CA ASP D 1281 -56.00 -66.81 75.34
CA GLU D 1282 -56.90 -66.18 78.99
CA LEU D 1283 -59.29 -63.18 78.95
CA GLU D 1284 -62.40 -65.36 78.51
CA GLU D 1285 -62.00 -67.81 81.41
CA LEU D 1286 -61.19 -64.83 83.65
CA ILE D 1287 -64.46 -63.16 82.66
CA ASN D 1288 -66.62 -66.31 82.61
CA TYR D 1289 -65.36 -66.88 86.17
CA TYR D 1290 -66.18 -63.38 87.52
CA GLN D 1291 -69.55 -63.83 85.79
CA ASP D 1292 -70.95 -67.00 87.38
CA ARG D 1293 -69.73 -65.79 90.79
CA GLY D 1294 -72.04 -62.93 89.86
CA TYR D 1295 -69.37 -60.31 90.47
CA PHE D 1296 -70.17 -58.34 87.33
CA GLU D 1297 -69.70 -55.05 89.19
CA GLU D 1298 -66.05 -55.66 90.02
CA LEU D 1299 -65.24 -57.40 86.72
CA ILE D 1300 -66.12 -54.16 84.93
CA THR D 1301 -64.21 -52.11 87.52
CA MET D 1302 -61.02 -54.00 86.71
CA LEU D 1303 -61.38 -53.75 82.95
CA GLU D 1304 -61.88 -50.02 83.68
CA ALA D 1305 -58.17 -49.93 84.66
CA ALA D 1306 -56.85 -52.56 82.25
CA LEU D 1307 -57.66 -50.22 79.38
CA GLY D 1308 -54.69 -48.19 80.57
CA LEU D 1309 -52.29 -51.13 80.43
CA GLU D 1310 -49.62 -50.91 77.72
CA ARG D 1311 -50.56 -54.45 76.65
CA ALA D 1312 -54.31 -53.68 76.39
CA HIS D 1313 -55.94 -55.51 73.48
CA MET D 1314 -59.02 -55.75 71.27
CA GLY D 1315 -60.61 -58.55 73.31
CA MET D 1316 -60.65 -56.25 76.33
CA PHE D 1317 -62.35 -53.24 74.73
CA THR D 1318 -64.82 -55.56 72.96
CA GLU D 1319 -65.73 -57.20 76.28
CA LEU D 1320 -66.04 -54.00 78.26
CA ALA D 1321 -68.49 -52.59 75.73
CA ILE D 1322 -70.60 -55.76 75.82
CA LEU D 1323 -70.67 -55.75 79.65
CA TYR D 1324 -71.41 -52.01 79.70
CA SER D 1325 -74.41 -52.59 77.45
CA LYS D 1326 -76.15 -55.05 79.77
CA PHE D 1327 -74.87 -53.49 83.07
CA LYS D 1328 -74.08 -49.79 82.52
CA PRO D 1329 -75.74 -48.55 79.31
CA GLN D 1330 -75.01 -44.91 80.09
CA LYS D 1331 -71.27 -45.68 79.80
CA MET D 1332 -71.74 -47.83 76.64
CA ARG D 1333 -71.75 -44.64 74.57
CA GLU D 1334 -68.70 -42.60 75.65
CA HIS D 1335 -66.86 -45.93 75.43
CA LEU D 1336 -67.57 -46.49 71.73
CA GLU D 1337 -66.99 -42.77 71.38
CA LEU D 1338 -63.29 -43.40 72.19
CA PHE D 1339 -62.55 -47.06 71.47
CA TRP D 1340 -64.84 -47.98 68.57
CA SER D 1341 -61.74 -48.60 66.46
CA ARG D 1342 -60.12 -50.99 68.94
CA VAL D 1343 -63.09 -53.40 69.13
CA ASN D 1344 -64.76 -56.26 67.21
CA ILE D 1345 -67.68 -54.27 65.80
CA PRO D 1346 -69.98 -57.09 64.70
CA LYS D 1347 -69.99 -58.53 68.21
CA VAL D 1348 -70.57 -55.15 69.90
CA LEU D 1349 -73.49 -54.52 67.54
CA ARG D 1350 -75.30 -57.81 68.23
CA ALA D 1351 -74.80 -56.64 71.84
CA ALA D 1352 -76.58 -53.26 71.51
CA GLU D 1353 -79.18 -54.85 69.25
CA GLN D 1354 -79.95 -57.18 72.14
CA ALA D 1355 -79.76 -54.20 74.55
CA HIS D 1356 -81.95 -51.80 72.51
CA LEU D 1357 -79.31 -49.00 72.63
CA TRP D 1358 -80.51 -47.56 69.33
CA ALA D 1359 -78.58 -44.28 69.64
CA GLU D 1360 -75.28 -46.19 69.85
CA LEU D 1361 -76.31 -48.82 67.31
CA VAL D 1362 -76.54 -46.03 64.73
CA PHE D 1363 -73.13 -44.77 65.77
CA LEU D 1364 -71.45 -48.09 65.02
CA TYR D 1365 -73.63 -48.99 62.02
CA ASP D 1366 -72.31 -45.64 60.84
CA LYS D 1367 -68.62 -46.35 61.51
CA TYR D 1368 -68.87 -49.96 60.28
CA GLU D 1369 -70.14 -48.27 57.13
CA GLU D 1370 -73.39 -50.26 57.26
CA TYR D 1371 -75.37 -47.14 56.29
CA ASP D 1372 -78.58 -48.85 55.17
CA ASN D 1373 -78.82 -50.16 58.74
CA ALA D 1374 -78.08 -46.83 60.43
CA ILE D 1375 -80.97 -45.32 58.47
CA ILE D 1376 -83.41 -48.18 58.98
CA THR D 1377 -82.59 -47.86 62.70
CA MET D 1378 -82.95 -44.09 62.97
CA MET D 1379 -86.33 -44.63 61.28
CA ASN D 1380 -87.83 -47.21 63.65
CA HIS D 1381 -86.45 -45.63 66.82
CA PRO D 1382 -86.53 -41.91 66.04
CA THR D 1383 -86.82 -40.59 69.58
CA ASP D 1384 -83.46 -42.25 70.50
CA ALA D 1385 -81.44 -42.59 67.29
CA TRP D 1386 -82.80 -40.06 64.77
CA LYS D 1387 -80.89 -36.79 64.39
CA GLU D 1388 -81.81 -34.33 61.60
CA GLY D 1389 -78.27 -33.55 60.53
CA GLN D 1390 -76.73 -36.99 60.38
CA PHE D 1391 -79.79 -38.41 58.66
CA LYS D 1392 -79.06 -36.01 55.79
CA ASP D 1393 -75.47 -37.30 55.70
CA ILE D 1394 -75.99 -41.06 55.95
CA ILE D 1395 -79.10 -41.34 53.74
CA THR D 1396 -76.83 -40.49 50.81
CA LYS D 1397 -74.36 -43.35 51.42
CA VAL D 1398 -77.36 -45.72 51.45
CA ALA D 1399 -77.08 -48.55 48.87
CA ASN D 1400 -80.66 -49.68 48.50
CA VAL D 1401 -82.19 -46.53 46.93
CA GLU D 1402 -85.67 -47.69 47.87
CA LEU D 1403 -84.88 -46.35 51.33
CA TYR D 1404 -85.20 -42.86 49.83
CA TYR D 1405 -88.87 -43.35 49.03
CA ARG D 1406 -89.25 -45.05 52.39
CA ALA D 1407 -87.59 -42.05 54.07
CA ILE D 1408 -89.60 -39.49 52.07
CA GLN D 1409 -92.70 -41.15 53.48
CA PHE D 1410 -91.34 -41.14 57.03
CA TYR D 1411 -90.34 -37.47 57.01
CA LEU D 1412 -93.58 -36.57 55.27
CA GLU D 1413 -95.80 -38.21 57.88
CA PHE D 1414 -93.91 -37.18 61.04
CA LYS D 1415 -91.51 -34.35 60.01
CA PRO D 1416 -93.07 -32.04 57.33
CA LEU D 1417 -90.78 -29.03 57.65
CA LEU D 1418 -87.69 -31.14 57.12
CA LEU D 1419 -89.07 -32.93 54.05
CA ASN D 1420 -87.89 -30.31 51.58
CA ASP D 1421 -84.31 -29.99 52.79
CA LEU D 1422 -84.23 -33.81 52.82
CA LEU D 1423 -85.60 -33.97 49.32
CA MET D 1424 -82.82 -31.64 48.18
CA VAL D 1425 -80.19 -34.19 49.22
CA LEU D 1426 -82.09 -37.12 47.71
CA SER D 1427 -82.43 -35.33 44.32
CA PRO D 1428 -79.43 -36.88 42.43
CA ARG D 1429 -80.73 -40.46 42.79
CA LEU D 1430 -84.42 -39.72 43.22
CA ASP D 1431 -86.91 -40.79 40.50
CA HIS D 1432 -88.72 -37.41 40.42
CA THR D 1433 -91.65 -38.71 38.40
CA ARG D 1434 -92.08 -41.41 41.00
CA ALA D 1435 -91.64 -38.81 43.73
CA VAL D 1436 -94.09 -36.30 42.35
CA ASN D 1437 -96.69 -39.00 41.72
CA TYR D 1438 -96.59 -40.03 45.39
CA PHE D 1439 -96.88 -36.48 46.74
CA SER D 1440 -99.77 -35.93 44.33
CA LYS D 1441 -101.72 -39.06 45.28
CA VAL D 1442 -100.98 -38.03 48.86
CA LYS D 1443 -102.22 -34.51 47.95
CA GLN D 1444 -99.16 -32.86 49.43
CA LEU D 1445 -97.72 -31.03 46.40
CA PRO D 1446 -98.03 -27.57 47.94
CA LEU D 1447 -95.51 -28.60 50.63
CA VAL D 1448 -92.86 -29.86 48.27
CA LYS D 1449 -93.03 -26.77 46.14
CA PRO D 1450 -89.40 -25.66 46.94
CA TYR D 1451 -88.24 -29.06 45.72
CA LEU D 1452 -90.38 -28.94 42.63
CA ARG D 1453 -88.84 -25.67 41.50
CA SER D 1454 -85.39 -27.11 42.33
CA VAL D 1455 -86.10 -29.95 39.89
CA GLN D 1456 -88.40 -28.50 37.25
CA ASN D 1457 -85.32 -27.68 35.19
CA HIS D 1458 -85.39 -31.36 34.14
CA ASN D 1459 -88.42 -30.49 31.98
CA ASN D 1460 -90.09 -33.41 33.65
CA LYS D 1461 -93.79 -33.75 32.81
CA SER D 1462 -95.41 -34.71 36.10
CA VAL D 1463 -93.23 -31.96 37.55
CA ASN D 1464 -94.41 -29.14 35.28
CA GLU D 1465 -98.04 -30.24 35.35
CA SER D 1466 -97.79 -30.57 39.10
CA LEU D 1467 -95.89 -27.33 39.48
CA ASN D 1468 -98.26 -25.39 37.21
CA ASN D 1469 -101.35 -26.47 39.15
CA LEU D 1470 -99.74 -24.70 42.09
CA PHE D 1471 -99.09 -21.42 40.30
CA ILE D 1472 -102.70 -21.64 39.27
CA THR D 1473 -104.32 -22.31 42.65
CA GLU D 1474 -102.16 -19.56 44.04
CA GLU D 1475 -103.14 -17.23 41.22
CA ASP D 1476 -99.46 -16.75 40.33
CA TYR D 1477 -99.78 -16.10 36.57
CA GLN D 1478 -96.36 -14.53 36.02
CA ALA D 1479 -94.82 -17.71 37.39
CA LEU D 1480 -97.11 -19.82 35.21
CA ARG D 1481 -96.15 -17.86 32.13
CA THR D 1482 -92.44 -18.45 32.66
CA SER D 1483 -93.01 -22.12 33.45
CA ILE D 1484 -94.88 -22.79 30.23
CA ASP D 1485 -92.20 -20.73 28.51
CA ALA D 1486 -89.02 -22.28 29.89
CA TYR D 1487 -90.29 -25.89 30.16
CA ASP D 1488 -92.55 -27.40 27.49
CA ASN D 1489 -93.34 -30.93 28.65
CA PHE D 1490 -97.05 -30.60 29.47
CA ASP D 1491 -100.53 -30.80 27.93
CA ASN D 1492 -101.16 -27.25 26.70
CA ILE D 1493 -104.64 -27.96 25.38
CA SER D 1494 -105.72 -29.39 28.71
CA LEU D 1495 -104.25 -26.34 30.43
CA ALA D 1496 -105.62 -24.10 27.71
CA GLN D 1497 -109.09 -25.55 28.21
CA ARG D 1498 -108.81 -25.44 31.97
CA LEU D 1499 -107.70 -21.78 31.86
CA GLU D 1500 -109.83 -20.11 29.00
CA LYS D 1501 -112.99 -19.64 30.91
CA HIS D 1502 -111.05 -17.96 33.74
CA GLU D 1503 -112.52 -14.78 35.17
CA LEU D 1504 -109.17 -13.00 35.46
CA ILE D 1505 -108.07 -11.03 32.40
CA GLU D 1506 -104.43 -11.95 32.81
CA PHE D 1507 -105.40 -15.58 32.36
CA ARG D 1508 -107.94 -15.17 29.58
CA ARG D 1509 -105.14 -13.36 27.76
CA ILE D 1510 -102.87 -16.35 28.32
CA ALA D 1511 -105.47 -18.73 26.96
CA ALA D 1512 -105.55 -16.66 23.79
CA TYR D 1513 -101.77 -16.79 23.67
CA LEU D 1514 -101.86 -20.62 24.10
CA PHE D 1515 -104.36 -21.12 21.25
CA LYS D 1516 -101.86 -18.98 19.17
CA GLY D 1517 -98.28 -19.15 20.85
CA ASN D 1518 -98.88 -22.76 20.29
CA ASN D 1519 -99.56 -21.36 16.86
CA ARG D 1520 -103.26 -21.91 17.15
CA TRP D 1521 -103.91 -18.56 15.52
CA LYS D 1522 -107.49 -19.40 14.61
CA GLN D 1523 -108.33 -19.79 18.28
CA SER D 1524 -106.40 -16.75 19.33
CA VAL D 1525 -108.40 -14.66 16.90
CA GLU D 1526 -111.73 -16.12 17.94
CA LEU D 1527 -110.75 -15.57 21.57
CA CYS D 1528 -109.72 -12.04 20.72
CA LYS D 1529 -113.13 -11.52 19.15
CA LYS D 1530 -114.64 -11.55 22.70
CA ASP D 1531 -111.98 -9.40 23.72
CA SER D 1532 -110.59 -9.37 20.35
CA LEU D 1533 -108.91 -6.00 20.87
CA TYR D 1534 -107.51 -3.46 18.48
CA LYS D 1535 -103.99 -3.95 19.73
CA ASP D 1536 -102.28 -7.36 19.35
CA ALA D 1537 -104.81 -8.16 16.70
CA MET D 1538 -102.86 -5.90 14.41
CA GLN D 1539 -99.61 -7.48 15.50
CA TYR D 1540 -100.41 -11.15 15.20
CA ALA D 1541 -102.75 -10.95 12.22
CA SER D 1542 -99.65 -10.41 10.15
CA GLU D 1543 -98.17 -13.59 11.55
CA SER D 1544 -101.47 -15.29 10.65
CA LYS D 1545 -100.26 -17.80 8.69
CA ASP D 1546 -103.62 -17.59 6.91
CA THR D 1547 -103.72 -14.41 4.96
CA GLU D 1548 -107.30 -14.92 3.94
CA LEU D 1549 -108.03 -14.46 7.23
CA ALA D 1550 -106.97 -11.01 6.06
CA GLU D 1551 -109.97 -10.73 3.79
CA GLU D 1552 -112.16 -12.25 6.45
CA LEU D 1553 -110.84 -9.84 9.04
CA LEU D 1554 -111.19 -6.83 6.82
CA GLN D 1555 -114.82 -7.57 6.32
CA TRP D 1556 -115.32 -8.35 9.96
CA PHE D 1557 -113.77 -5.13 11.23
CA LEU D 1558 -115.69 -3.03 8.78
CA GLN D 1559 -118.97 -4.77 9.48
CA GLU D 1560 -118.55 -5.23 13.19
CA GLU D 1561 -118.15 -1.52 13.77
CA LYS D 1562 -114.47 -1.04 12.75
CA ARG D 1563 -113.80 1.39 13.24
CA GLU D 1564 -112.59 1.08 9.83
CA CYS D 1565 -111.80 4.48 8.36
CA PHE D 1566 -109.14 5.26 10.91
CA GLY D 1567 -107.80 1.73 11.05
CA ALA D 1568 -107.75 1.71 7.26
CA CYS D 1569 -105.41 4.65 7.26
CA LEU D 1570 -103.08 2.95 9.66
CA PHE D 1571 -103.63 -0.32 7.87
CA THR D 1572 -102.52 1.22 4.61
CA CYS D 1573 -99.34 2.24 6.34
CA TYR D 1574 -98.59 -1.28 7.48
CA ASP D 1575 -99.20 -2.59 4.12
CA LEU D 1576 -96.37 -4.52 3.60
CA LEU D 1577 -99.14 -7.40 1.21
CA ARG D 1578 -102.09 -7.95 -1.50
CA PRO D 1579 -104.91 -6.25 -2.77
CA ASP D 1580 -106.27 -3.86 -4.30
CA VAL D 1581 -109.30 -5.77 -4.56
CA VAL D 1582 -110.13 -4.43 -1.14
CA LEU D 1583 -109.75 -0.90 -2.40
CA GLU D 1584 -111.96 -1.61 -5.37
CA THR D 1585 -114.43 -3.60 -3.35
CA ALA D 1586 -114.57 -0.92 -0.70
CA TRP D 1587 -115.93 1.44 -3.32
CA ARG D 1588 -118.90 -0.86 -3.64
CA HIS D 1589 -119.59 0.05 -0.05
CA ASN D 1590 -119.47 3.63 0.99
CA ILE D 1591 -115.94 4.86 0.30
CA MET D 1592 -116.29 7.52 2.89
CA ASP D 1593 -114.75 4.77 4.91
CA PHE D 1594 -112.26 4.19 2.21
CA ALA D 1595 -110.32 7.08 2.93
CA MET D 1596 -107.67 6.70 4.70
CA PRO D 1597 -105.07 7.85 2.61
CA TYR D 1598 -102.72 9.57 4.10
CA PHE D 1599 -100.56 6.70 4.68
CA ILE D 1600 -101.65 4.87 1.74
CA GLN D 1601 -99.65 7.96 0.63
CA VAL D 1602 -96.53 6.51 2.25
CA MET D 1603 -96.91 3.34 0.21
CA LYS D 1604 -97.39 5.33 -2.92
CA GLU D 1605 -94.13 7.27 -2.11
CA TYR D 1606 -92.53 3.85 -1.91
CA LEU D 1607 -93.66 2.81 -5.41
CA THR D 1608 -92.51 6.02 -6.93
CA LYS D 1609 -89.12 5.69 -5.33
CA VAL D 1610 -88.83 2.20 -6.86
CA ASP D 1611 -89.64 3.51 -10.37
CA LYS D 1612 -87.42 6.52 -10.10
CA LEU D 1613 -84.80 4.06 -8.99
CA ASP D 1614 -85.20 1.45 -11.72
CA ALA D 1615 -85.20 4.32 -14.15
CA SER D 1616 -81.76 5.51 -13.07
CA GLU D 1617 -80.68 1.87 -13.32
CA SER D 1618 -81.85 1.33 -16.92
CA LEU D 1619 -80.39 4.70 -17.90
CA ARG D 1620 -77.06 3.70 -16.32
CA LYS D 1621 -77.20 0.58 -18.58
CA GLU D 1622 -78.18 2.37 -21.76
CA GLU D 1623 -75.25 4.66 -21.12
CA GLU D 1624 -73.09 1.49 -20.96
CA GLN D 1625 -74.24 -0.38 -24.08
CA ALA D 1626 -74.11 2.97 -25.81
CA THR D 1627 -70.52 3.67 -24.88
CA GLU D 1628 -69.41 0.17 -25.82
CA THR D 1629 -71.01 0.11 -29.29
CA GLN D 1630 -69.24 3.31 -29.89
CA MET E 1 -62.43 -146.38 -61.08
CA ALA E 2 -61.48 -142.76 -61.93
CA GLN E 3 -64.19 -140.51 -60.62
CA ILE E 4 -64.02 -137.00 -62.00
CA LEU E 5 -63.27 -136.10 -65.56
CA PRO E 6 -59.94 -134.15 -65.55
CA ILE E 7 -60.02 -133.14 -69.25
CA ARG E 8 -62.61 -131.93 -71.80
CA PHE E 9 -62.81 -133.74 -75.11
CA GLN E 10 -64.54 -131.45 -77.66
CA GLU E 11 -65.35 -131.84 -81.36
CA HIS E 12 -65.16 -128.40 -82.96
CA LEU E 13 -66.37 -129.33 -86.39
CA GLN E 14 -66.94 -132.36 -88.60
CA LEU E 15 -65.31 -131.80 -91.94
CA GLN E 16 -67.55 -133.92 -94.09
CA ASN E 17 -70.42 -131.69 -92.92
CA LEU E 18 -68.63 -129.09 -95.00
CA GLY E 19 -68.91 -131.57 -97.76
CA ILE E 20 -65.19 -132.27 -97.95
CA ASN E 21 -64.10 -135.38 -99.83
CA PRO E 22 -62.74 -137.71 -97.12
CA ALA E 23 -60.11 -138.79 -99.60
CA ASN E 24 -58.66 -135.36 -98.96
CA ILE E 25 -58.52 -135.50 -95.17
CA GLY E 26 -54.95 -136.62 -94.87
CA PHE E 27 -51.35 -135.64 -94.13
CA SER E 28 -50.65 -134.58 -97.65
CA THR E 29 -53.84 -132.81 -98.47
CA LEU E 30 -54.81 -131.38 -95.10
CA THR E 31 -52.72 -129.03 -93.03
CA MET E 32 -53.21 -127.36 -89.67
CA GLU E 33 -50.35 -124.87 -88.87
CA SER E 34 -52.28 -123.31 -86.03
CA ASP E 35 -55.78 -123.54 -84.50
CA LYS E 36 -56.74 -120.62 -86.75
CA PHE E 37 -57.22 -122.27 -90.14
CA ILE E 38 -57.41 -125.66 -91.73
CA CYS E 39 -56.47 -125.92 -95.36
CA ILE E 40 -57.48 -128.74 -97.72
CA ARG E 41 -56.32 -129.21 -101.31
CA GLU E 42 -59.21 -130.80 -103.36
CA LYS E 43 -59.64 -131.65 -107.06
CA VAL E 44 -63.27 -130.76 -107.54
CA GLY E 45 -64.12 -132.51 -110.74
CA GLU E 46 -61.09 -132.13 -112.93
CA GLN E 47 -60.27 -128.85 -111.19
CA ALA E 48 -57.88 -128.25 -108.31
CA GLN E 49 -58.69 -125.94 -105.45
CA VAL E 50 -57.81 -125.01 -101.91
CA VAL E 51 -60.42 -124.92 -99.24
CA ILE E 52 -59.49 -122.70 -96.32
CA ILE E 53 -61.44 -123.16 -93.15
CA ASP E 54 -61.14 -120.30 -90.72
CA MET E 55 -61.79 -121.79 -87.38
CA ASN E 56 -63.49 -118.62 -86.36
CA ASP E 57 -66.52 -119.28 -88.57
CA PRO E 58 -65.87 -122.79 -89.79
CA SER E 59 -69.34 -122.90 -91.21
CA ASN E 60 -68.04 -120.97 -94.14
CA PRO E 61 -64.91 -122.24 -95.96
CA ILE E 62 -63.04 -120.09 -98.58
CA ARG E 63 -62.38 -121.98 -101.82
CA ARG E 64 -59.92 -120.99 -104.58
CA PRO E 65 -58.75 -122.84 -107.68
CA ILE E 66 -55.14 -123.25 -106.98
CA SER E 67 -52.93 -125.98 -108.30
CA ALA E 68 -50.20 -126.51 -105.74
CA ASP E 69 -48.14 -129.47 -104.64
CA SER E 70 -48.82 -128.07 -101.20
CA ALA E 71 -50.41 -125.22 -99.28
CA ILE E 72 -49.98 -124.09 -95.70
CA MET E 73 -51.63 -121.06 -94.14
CA ASN E 74 -50.07 -118.48 -91.87
CA PRO E 75 -50.46 -119.24 -88.22
CA ALA E 76 -52.34 -116.02 -87.87
CA SER E 77 -53.03 -114.04 -90.96
CA LYS E 78 -54.80 -114.71 -94.23
CA VAL E 79 -51.47 -115.31 -95.96
CA ILE E 80 -50.89 -118.68 -97.63
CA ALA E 81 -47.72 -120.35 -98.83
CA LEU E 82 -48.20 -122.35 -102.02
CA LYS E 83 -45.61 -124.63 -103.47
CA ALA E 84 -45.53 -125.55 -107.14
CA GLY E 85 -42.86 -128.20 -107.31
CA LYS E 86 -39.88 -125.92 -106.66
CA THR E 87 -41.42 -122.53 -106.96
CA LEU E 88 -42.51 -121.36 -103.53
CA GLN E 89 -45.04 -118.54 -103.40
CA ILE E 90 -46.46 -116.58 -100.42
CA PHE E 91 -49.80 -115.08 -101.44
CA ASN E 92 -52.19 -112.84 -99.55
CA ILE E 93 -55.55 -114.68 -99.63
CA GLU E 94 -57.10 -111.64 -97.90
CA MET E 95 -56.46 -109.16 -100.70
CA LYS E 96 -55.53 -111.62 -103.40
CA SER E 97 -52.10 -110.02 -103.90
CA LYS E 98 -48.90 -112.04 -104.43
CA MET E 99 -46.55 -111.28 -101.57
CA LYS E 100 -43.37 -113.08 -102.58
CA ALA E 101 -41.94 -116.13 -104.35
CA HIS E 102 -38.77 -118.11 -104.86
CA THR E 103 -37.71 -121.07 -106.93
CA MET E 104 -35.74 -123.31 -104.71
CA THR E 105 -32.72 -125.08 -106.24
CA ASP E 106 -33.77 -128.41 -104.85
CA ASP E 107 -37.33 -129.48 -103.98
CA VAL E 108 -38.72 -128.56 -100.61
CA THR E 109 -39.43 -131.86 -99.06
CA PHE E 110 -41.48 -130.65 -96.07
CA TRP E 111 -42.17 -127.08 -94.97
CA LYS E 112 -44.13 -125.30 -92.25
CA TRP E 113 -44.72 -121.94 -90.67
CA ILE E 114 -42.59 -121.73 -87.53
CA SER E 115 -43.98 -118.37 -86.65
CA LEU E 116 -46.17 -115.49 -87.57
CA ASN E 117 -43.91 -114.74 -90.49
CA THR E 118 -41.31 -117.34 -91.26
CA VAL E 119 -41.67 -120.57 -93.22
CA ALA E 120 -39.25 -123.49 -92.75
CA LEU E 121 -38.20 -125.30 -95.94
CA VAL E 122 -36.80 -128.72 -95.54
CA THR E 123 -34.73 -129.89 -98.42
CA ASP E 124 -33.28 -133.26 -98.91
CA ASN E 125 -30.07 -131.82 -97.47
CA ALA E 126 -30.90 -128.68 -95.57
CA VAL E 127 -33.40 -126.70 -93.57
CA TYR E 128 -33.84 -122.98 -94.45
CA HIS E 129 -36.06 -120.30 -92.94
CA TRP E 130 -37.88 -117.86 -95.25
CA SER E 131 -39.36 -114.69 -93.86
CA MET E 132 -42.57 -113.57 -95.53
CA GLU E 133 -41.16 -110.10 -94.99
CA GLY E 134 -39.35 -108.04 -97.62
CA GLU E 135 -37.28 -108.96 -100.61
CA SER E 136 -35.32 -111.41 -98.45
CA GLN E 137 -34.69 -114.92 -99.68
CA PRO E 138 -34.53 -118.36 -97.91
CA VAL E 139 -31.65 -118.60 -95.38
CA LYS E 140 -30.01 -121.97 -94.67
CA MET E 141 -29.97 -122.67 -90.90
CA PHE E 142 -28.26 -126.01 -91.02
CA ASP E 143 -27.60 -129.17 -92.97
CA ARG E 144 -29.53 -132.32 -92.44
CA HIS E 145 -27.75 -134.72 -90.14
CA SER E 146 -27.16 -138.16 -91.60
CA SER E 147 -29.19 -140.18 -89.17
CA LEU E 148 -32.17 -138.74 -91.00
CA ALA E 149 -31.13 -139.88 -94.46
CA GLY E 150 -33.99 -141.41 -96.40
CA CYS E 151 -36.43 -140.56 -93.57
CA GLN E 152 -40.01 -139.54 -94.14
CA ILE E 153 -39.85 -136.02 -92.64
CA ILE E 154 -42.87 -135.55 -90.38
CA ASN E 155 -42.17 -132.41 -88.41
CA TYR E 156 -39.94 -129.43 -87.68
CA ARG E 157 -40.03 -127.37 -84.50
CA THR E 158 -38.20 -124.48 -82.91
CA ASP E 159 -37.89 -123.07 -79.42
CA ALA E 160 -39.51 -119.65 -78.84
CA LYS E 161 -36.25 -117.93 -79.52
CA GLN E 162 -35.51 -120.01 -82.62
CA LYS E 163 -32.12 -120.74 -81.16
CA TRP E 164 -32.73 -124.55 -81.06
CA LEU E 165 -34.30 -126.28 -84.05
CA LEU E 166 -35.54 -129.87 -84.22
CA LEU E 167 -36.14 -131.99 -87.31
CA THR E 168 -38.01 -135.35 -87.18
CA GLY E 169 -38.42 -138.12 -89.63
CA ILE E 170 -39.50 -141.73 -89.30
CA SER E 171 -38.40 -144.97 -90.91
CA ALA E 172 -39.84 -148.46 -91.15
CA GLN E 173 -36.73 -150.08 -89.98
CA GLN E 174 -36.85 -153.74 -89.58
CA ASN E 175 -40.61 -153.88 -88.97
CA ARG E 176 -40.99 -150.79 -86.60
CA VAL E 177 -41.64 -147.15 -87.34
CA VAL E 178 -38.47 -145.75 -85.96
CA GLY E 179 -38.25 -141.95 -85.45
CA ALA E 180 -35.15 -139.85 -86.03
CA MET E 181 -34.69 -136.37 -84.62
CA GLN E 182 -31.95 -133.86 -85.28
CA LEU E 183 -31.59 -131.21 -82.57
CA TYR E 184 -29.52 -128.31 -83.98
CA SER E 185 -28.04 -125.55 -81.83
CA VAL E 186 -28.03 -122.21 -83.61
CA ASP E 187 -25.86 -120.25 -81.24
CA ARG E 188 -23.40 -123.11 -80.59
CA LYS E 189 -23.54 -124.20 -84.25
CA VAL E 190 -23.60 -127.87 -83.17
CA SER E 191 -26.17 -130.54 -83.93
CA GLN E 192 -27.07 -133.90 -82.38
CA PRO E 193 -29.16 -136.94 -83.21
CA ILE E 194 -31.87 -138.28 -80.85
CA GLU E 195 -34.24 -141.20 -81.36
CA GLY E 196 -37.61 -139.62 -80.91
CA HIS E 197 -41.12 -139.85 -82.10
CA ALA E 198 -42.69 -136.61 -80.98
CA ALA E 199 -41.46 -133.51 -79.14
CA SER E 200 -42.02 -129.88 -78.36
CA PHE E 201 -40.14 -127.09 -76.55
CA ALA E 202 -41.51 -125.06 -73.64
CA GLN E 203 -40.62 -121.97 -71.62
CA PHE E 204 -40.86 -122.77 -67.94
CA LYS E 205 -39.89 -120.55 -65.05
CA MET E 206 -38.79 -122.90 -62.27
CA GLU E 207 -39.76 -122.38 -58.66
CA GLY E 208 -37.28 -119.88 -57.32
CA ASN E 209 -35.68 -118.68 -60.57
CA ALA E 210 -36.31 -115.37 -62.25
CA GLU E 211 -35.93 -116.55 -65.74
CA GLU E 212 -37.78 -119.10 -67.78
CA SER E 213 -35.90 -122.16 -68.67
CA THR E 214 -36.26 -123.42 -72.22
CA LEU E 215 -37.21 -127.03 -72.12
CA PHE E 216 -37.23 -129.61 -74.86
CA CYS E 217 -39.59 -132.48 -74.31
CA PHE E 218 -39.68 -135.53 -76.49
CA ALA E 219 -41.16 -138.98 -76.49
CA VAL E 220 -40.31 -142.22 -78.14
CA ARG E 221 -41.05 -145.88 -78.09
CA GLY E 222 -37.79 -147.80 -78.43
CA GLN E 223 -36.62 -151.34 -77.59
CA ALA E 224 -36.80 -150.37 -73.93
CA GLY E 225 -40.32 -149.21 -74.39
CA GLY E 226 -41.65 -145.72 -74.62
CA LYS E 227 -40.22 -142.94 -72.58
CA LEU E 228 -40.72 -139.25 -72.30
CA HIS E 229 -37.78 -136.92 -71.64
CA ILE E 230 -37.95 -133.32 -70.45
CA ILE E 231 -34.58 -131.55 -70.49
CA GLU E 232 -33.40 -127.93 -70.31
CA VAL E 233 -31.73 -126.83 -73.46
CA GLY E 234 -28.68 -124.55 -73.47
CA THR E 235 -27.24 -122.45 -70.60
CA PRO E 236 -29.51 -121.36 -67.78
CA PRO E 237 -30.09 -117.64 -67.56
CA THR E 238 -27.38 -116.35 -65.31
CA GLY E 239 -28.58 -116.75 -61.74
CA ASN E 240 -30.96 -119.60 -62.51
CA GLN E 241 -30.72 -122.96 -60.84
CA PRO E 242 -30.66 -125.50 -63.59
CA PHE E 243 -33.70 -127.64 -64.37
CA PRO E 244 -33.09 -131.29 -63.51
CA LYS E 245 -33.48 -133.34 -66.68
CA LYS E 246 -36.44 -135.78 -66.38
CA ALA E 247 -37.37 -139.16 -67.89
CA VAL E 248 -40.64 -141.01 -67.47
CA ASP E 249 -41.94 -144.00 -69.35
CA VAL E 250 -45.05 -143.71 -71.48
CA PHE E 251 -47.25 -146.75 -71.20
CA PHE E 252 -48.73 -148.73 -74.05
CA PRO E 253 -51.33 -151.35 -73.34
CA PRO E 254 -51.05 -154.80 -74.93
CA GLU E 255 -54.01 -153.95 -77.14
CA ALA E 256 -51.90 -150.98 -78.22
CA GLN E 257 -49.78 -153.45 -80.15
CA ASN E 258 -47.50 -151.33 -82.21
CA ASP E 259 -48.62 -147.88 -81.19
CA PHE E 260 -46.04 -145.09 -80.87
CA PRO E 261 -45.98 -141.31 -80.19
CA VAL E 262 -47.17 -139.12 -82.97
CA ALA E 263 -47.86 -135.62 -81.64
CA MET E 264 -47.12 -133.44 -78.64
CA GLN E 265 -48.15 -130.00 -77.49
CA ILE E 266 -47.56 -128.46 -74.14
CA SER E 267 -49.84 -126.11 -72.29
CA GLU E 268 -47.86 -123.16 -71.10
CA LYS E 269 -50.92 -122.09 -69.19
CA HIS E 270 -50.98 -125.33 -67.10
CA ASP E 271 -47.48 -126.81 -67.67
CA VAL E 272 -48.93 -130.05 -68.87
CA VAL E 273 -47.60 -132.11 -71.73
CA PHE E 274 -50.16 -133.54 -74.13
CA LEU E 275 -49.05 -136.62 -76.03
CA ILE E 276 -51.09 -138.33 -78.80
CA THR E 277 -50.20 -141.81 -80.08
CA LYS E 278 -50.65 -143.35 -83.53
CA TYR E 279 -53.77 -145.30 -82.44
CA GLY E 280 -55.67 -142.36 -81.00
CA TYR E 281 -54.54 -142.41 -77.33
CA ILE E 282 -53.90 -139.30 -75.26
CA HIS E 283 -51.71 -138.77 -72.19
CA LEU E 284 -51.20 -135.74 -70.01
CA TYR E 285 -47.91 -135.41 -68.13
CA ASP E 286 -46.80 -132.77 -65.67
CA LEU E 287 -44.15 -130.69 -67.46
CA GLU E 288 -42.01 -129.99 -64.42
CA THR E 289 -41.84 -133.54 -63.05
CA GLY E 290 -42.93 -135.73 -65.88
CA THR E 291 -45.55 -137.31 -63.69
CA CYS E 292 -48.30 -138.99 -65.72
CA ILE E 293 -51.60 -137.36 -64.86
CA TYR E 294 -54.05 -138.97 -67.26
CA MET E 295 -54.35 -141.43 -70.16
CA ASN E 296 -57.27 -142.54 -72.29
CA ARG E 297 -58.29 -143.17 -75.80
CA ILE E 298 -60.18 -140.50 -77.66
CA SER E 299 -59.95 -141.63 -81.27
CA GLY E 300 -59.76 -144.94 -83.05
CA GLU E 301 -58.69 -143.27 -86.24
CA THR E 302 -55.32 -141.47 -86.23
CA ILE E 303 -55.08 -137.76 -85.40
CA PHE E 304 -52.68 -136.94 -88.24
CA VAL E 305 -52.16 -133.29 -87.46
CA THR E 306 -52.34 -131.09 -84.39
CA ALA E 307 -51.57 -127.73 -82.89
CA PRO E 308 -51.79 -126.05 -79.67
CA HIS E 309 -55.32 -124.84 -78.87
CA GLU E 310 -54.90 -121.32 -77.66
CA ALA E 311 -58.37 -120.81 -76.29
CA THR E 312 -58.07 -123.66 -73.88
CA ALA E 313 -54.34 -124.10 -73.67
CA GLY E 314 -54.84 -127.63 -74.90
CA ILE E 315 -54.36 -129.58 -78.06
CA ILE E 316 -56.53 -129.64 -81.25
CA GLY E 317 -56.11 -132.00 -84.16
CA VAL E 318 -57.93 -133.67 -87.05
CA ASN E 319 -58.32 -137.39 -87.64
CA ARG E 320 -59.15 -139.53 -90.65
CA LYS E 321 -62.94 -139.24 -90.25
CA GLY E 322 -62.72 -135.49 -90.51
CA GLN E 323 -63.24 -134.84 -86.85
CA VAL E 324 -61.55 -131.71 -85.62
CA LEU E 325 -61.01 -132.79 -81.96
CA SER E 326 -59.53 -131.06 -79.01
CA VAL E 327 -58.46 -131.99 -75.45
CA CYS E 328 -57.58 -129.76 -72.53
CA VAL E 329 -57.35 -129.63 -68.71
CA GLU E 330 -60.68 -128.97 -67.04
CA GLU E 331 -59.39 -126.27 -64.69
CA GLU E 332 -62.04 -127.01 -62.20
CA ASN E 333 -61.57 -130.80 -62.02
CA ILE E 334 -57.83 -131.41 -62.25
CA ILE E 335 -56.63 -130.47 -58.77
CA PRO E 336 -59.51 -132.61 -57.28
CA TYR E 337 -58.67 -135.40 -59.73
CA ILE E 338 -54.95 -135.44 -58.73
CA THR E 339 -55.94 -135.44 -55.06
CA ASN E 340 -58.71 -138.06 -55.15
CA VAL E 341 -58.15 -140.27 -58.19
CA LEU E 342 -54.31 -139.90 -58.36
CA GLN E 343 -54.23 -139.71 -54.60
CA ASN E 344 -51.31 -137.40 -54.98
CA PRO E 345 -52.09 -134.31 -52.85
CA ASP E 346 -48.58 -133.10 -53.05
CA LEU E 347 -48.62 -132.89 -56.87
CA ALA E 348 -52.10 -131.42 -56.44
CA LEU E 349 -51.09 -128.58 -54.14
CA ARG E 350 -48.04 -127.79 -56.23
CA MET E 351 -49.85 -127.79 -59.49
CA ALA E 352 -52.64 -125.76 -57.75
CA VAL E 353 -50.44 -122.98 -56.41
CA ARG E 354 -48.10 -123.09 -59.39
CA ASN E 355 -51.03 -122.58 -61.71
CA ASN E 356 -53.53 -120.84 -59.54
CA LEU E 357 -56.04 -123.60 -60.08
CA ALA E 358 -58.80 -124.49 -57.62
CA GLY E 359 -59.83 -127.56 -55.72
CA ALA E 360 -57.24 -127.77 -52.99
CA GLU E 361 -58.85 -125.34 -50.56
CA GLU E 362 -59.15 -127.86 -47.71
CA LEU E 363 -55.56 -128.95 -48.06
CA PHE E 364 -54.43 -125.34 -47.91
CA ALA E 365 -56.41 -124.41 -44.82
CA ARG E 366 -55.13 -127.64 -43.27
CA LYS E 367 -51.53 -126.74 -44.22
CA PHE E 368 -51.92 -123.18 -42.90
CA ASN E 369 -53.53 -124.32 -39.69
CA ALA E 370 -50.78 -126.88 -39.27
CA LEU E 371 -47.94 -124.42 -39.62
CA PHE E 372 -49.79 -122.06 -37.22
CA ALA E 373 -49.40 -124.50 -34.31
CA GLN E 374 -45.75 -125.11 -34.94
CA GLY E 375 -46.02 -121.34 -34.77
CA ASN E 376 -44.11 -120.89 -38.01
CA TYR E 377 -46.17 -117.83 -38.69
CA SER E 378 -43.80 -117.13 -41.49
CA GLU E 379 -44.36 -120.37 -43.33
CA ALA E 380 -48.05 -120.13 -42.47
CA ALA E 381 -48.24 -116.69 -44.15
CA LYS E 382 -46.39 -117.84 -47.24
CA VAL E 383 -49.17 -120.42 -47.65
CA ALA E 384 -51.99 -117.90 -47.23
CA ALA E 385 -50.27 -115.46 -49.53
CA ASN E 386 -49.81 -118.00 -52.32
CA ALA E 387 -52.72 -120.41 -52.03
CA PRO E 388 -54.91 -119.93 -55.20
CA LYS E 389 -58.00 -117.87 -55.83
CA GLY E 390 -57.36 -115.88 -52.66
CA ILE E 391 -58.72 -118.60 -50.52
CA LEU E 392 -56.71 -117.52 -47.35
CA ARG E 393 -56.18 -113.80 -48.09
CA THR E 394 -59.03 -113.18 -45.73
CA PRO E 395 -59.92 -110.73 -42.93
CA ASP E 396 -60.16 -113.70 -40.75
CA THR E 397 -56.66 -114.63 -41.80
CA ILE E 398 -55.53 -111.14 -40.73
CA ARG E 399 -57.50 -111.55 -37.43
CA ARG E 400 -55.62 -114.78 -36.89
CA PHE E 401 -52.18 -113.19 -37.20
CA GLN E 402 -53.40 -110.15 -35.34
CA SER E 403 -54.18 -112.36 -32.34
CA VAL E 404 -50.75 -113.74 -31.57
CA PRO E 405 -48.61 -111.52 -29.38
CA ALA E 406 -45.31 -110.02 -30.40
CA GLN E 407 -42.88 -111.61 -27.90
CA PRO E 408 -39.95 -109.20 -27.37
CA GLY E 409 -37.44 -109.26 -30.23
CA GLN E 410 -38.51 -110.42 -33.73
CA THR E 411 -41.30 -109.01 -35.91
CA SER E 412 -45.05 -109.61 -35.39
CA PRO E 413 -46.66 -112.49 -37.25
CA LEU E 414 -49.00 -109.94 -38.78
CA LEU E 415 -46.38 -107.51 -39.83
CA GLN E 416 -44.57 -110.62 -41.06
CA TYR E 417 -47.56 -111.68 -43.18
CA PHE E 418 -48.06 -108.12 -44.49
CA GLY E 419 -44.40 -108.25 -45.36
CA ILE E 420 -44.95 -111.27 -47.58
CA LEU E 421 -47.92 -109.68 -49.20
CA LEU E 422 -46.14 -106.36 -49.85
CA ASP E 423 -43.42 -108.38 -51.52
CA GLN E 424 -45.83 -110.58 -53.36
CA GLY E 425 -47.53 -107.47 -54.65
CA GLN E 426 -50.34 -105.02 -54.02
CA LEU E 427 -52.67 -105.21 -50.96
CA ASN E 428 -56.52 -104.89 -51.14
CA LYS E 429 -58.76 -102.41 -49.46
CA TYR E 430 -59.09 -104.29 -46.17
CA GLU E 431 -55.42 -105.20 -45.99
CA SER E 432 -54.28 -101.70 -46.76
CA LEU E 433 -56.56 -100.39 -44.03
CA GLU E 434 -55.30 -102.93 -41.47
CA LEU E 435 -51.71 -102.24 -42.47
CA CYS E 436 -52.08 -98.47 -42.33
CA ARG E 437 -54.25 -97.93 -39.28
CA PRO E 438 -51.47 -98.56 -36.68
CA VAL E 439 -48.63 -96.91 -38.71
CA LEU E 440 -50.77 -93.80 -39.05
CA GLN E 441 -51.08 -93.67 -35.28
CA GLN E 442 -47.33 -94.19 -34.89
CA GLY E 443 -46.79 -90.87 -36.74
CA ARG E 444 -45.17 -92.80 -39.52
CA LYS E 445 -46.04 -90.64 -42.55
CA GLN E 446 -42.99 -91.30 -44.59
CA LEU E 447 -43.71 -95.06 -44.52
CA LEU E 448 -47.23 -94.87 -45.86
CA GLU E 449 -45.86 -92.31 -48.34
CA LYS E 450 -43.51 -94.91 -49.78
CA TRP E 451 -46.08 -97.67 -49.74
CA LEU E 452 -48.30 -95.25 -51.71
CA LYS E 453 -45.68 -94.18 -54.25
CA GLU E 454 -44.39 -97.65 -54.84
CA ASP E 455 -48.08 -98.13 -55.52
CA LYS E 456 -48.56 -100.93 -52.95
CA LEU E 457 -51.88 -99.81 -51.33
CA GLU E 458 -55.30 -99.96 -52.89
CA CYS E 459 -55.63 -97.47 -51.51
CA SER E 460 -59.18 -96.94 -50.26
CA GLU E 461 -61.24 -94.10 -48.72
CA GLU E 462 -61.01 -95.98 -45.44
CA LEU E 463 -57.23 -96.57 -45.40
CA GLY E 464 -57.19 -92.86 -46.05
CA ASP E 465 -59.51 -92.01 -43.18
CA LEU E 466 -57.18 -94.05 -40.97
CA VAL E 467 -54.19 -92.07 -42.14
CA LYS E 468 -56.08 -88.78 -41.80
CA SER E 469 -56.16 -89.67 -38.09
CA VAL E 470 -52.38 -89.34 -38.14
CA ASP E 471 -51.47 -87.39 -41.24
CA PRO E 472 -54.36 -85.52 -42.82
CA THR E 473 -51.74 -84.56 -45.43
CA LEU E 474 -50.70 -88.17 -46.09
CA ALA E 475 -54.43 -88.90 -46.57
CA LEU E 476 -54.95 -86.80 -49.74
CA SER E 477 -52.27 -88.98 -51.19
CA VAL E 478 -54.27 -92.24 -50.67
CA TYR E 479 -57.57 -90.59 -51.45
CA LEU E 480 -56.21 -89.10 -54.64
CA ARG E 481 -55.38 -92.77 -55.40
CA ALA E 482 -58.48 -94.12 -53.83
CA ASN E 483 -62.30 -93.05 -54.06
CA VAL E 484 -62.08 -89.23 -56.41
CA PRO E 485 -64.16 -90.63 -50.64
CA ASN E 486 -63.74 -86.97 -51.35
CA LYS E 487 -66.26 -85.81 -48.83
CA VAL E 488 -64.66 -87.83 -46.11
CA ILE E 489 -61.18 -86.57 -46.84
CA GLN E 490 -62.18 -82.96 -46.72
CA CYS E 491 -64.09 -83.56 -43.59
CA PHE E 492 -61.67 -84.50 -40.90
CA ALA E 493 -59.07 -82.74 -42.93
CA GLU E 494 -59.78 -79.43 -41.43
CA THR E 495 -56.09 -79.76 -41.10
CA GLY E 496 -54.23 -80.91 -44.15
CA GLN E 497 -52.33 -79.60 -47.11
CA VAL E 498 -53.88 -76.70 -48.90
CA GLN E 499 -53.02 -77.96 -52.35
CA LYS E 500 -54.78 -81.27 -51.86
CA ILE E 501 -57.77 -79.55 -50.37
CA VAL E 502 -58.23 -77.26 -53.31
CA LEU E 503 -58.36 -80.18 -55.70
CA TYR E 504 -60.54 -82.52 -53.67
CA ALA E 505 -63.01 -79.99 -52.31
CA LYS E 506 -64.47 -79.56 -55.77
CA LYS E 507 -65.08 -83.28 -56.03
CA VAL E 508 -67.01 -83.32 -52.77
CA GLY E 509 -68.10 -84.55 -52.73
CA TYR E 510 -68.82 -83.28 -50.58
CA THR E 511 -69.17 -79.56 -50.65
CA PRO E 512 -69.21 -78.99 -46.90
CA ASP E 513 -65.65 -80.22 -46.83
CA TRP E 514 -64.77 -77.03 -48.62
CA ILE E 515 -66.27 -74.94 -45.88
CA PHE E 516 -64.37 -77.03 -43.39
CA LEU E 517 -61.23 -76.56 -45.42
CA LEU E 518 -61.62 -72.83 -45.42
CA ARG E 519 -61.86 -72.83 -41.69
CA ASN E 520 -58.62 -74.71 -41.46
CA VAL E 521 -56.90 -72.39 -43.82
CA MET E 522 -58.34 -69.50 -41.92
CA ARG E 523 -54.27 -69.70 -38.53
CA ILE E 524 -52.92 -72.74 -40.21
CA SER E 525 -49.90 -73.73 -42.20
CA PRO E 526 -51.25 -71.47 -44.82
CA ASP E 527 -51.03 -67.82 -43.96
CA GLN E 528 -51.52 -64.47 -45.56
CA GLY E 529 -49.46 -63.60 -48.57
CA GLN E 530 -49.27 -66.04 -51.37
CA GLN E 531 -50.08 -69.34 -49.80
CA PHE E 532 -52.78 -71.93 -49.81
CA ALA E 533 -54.94 -69.54 -47.87
CA GLN E 534 -56.20 -67.38 -50.71
CA MET E 535 -55.22 -69.68 -53.51
CA LEU E 536 -57.33 -72.36 -51.94
CA VAL E 537 -60.33 -70.12 -52.22
CA GLN E 538 -59.69 -69.80 -55.92
CA ASP E 539 -60.02 -73.46 -56.75
CA GLU E 540 -62.95 -73.61 -54.40
CA GLU E 541 -64.59 -70.92 -56.45
CA PRO E 542 -68.29 -72.57 -55.96
CA LEU E 543 -68.70 -72.87 -52.58
CA ALA E 544 -69.56 -73.87 -49.05
CA ASP E 545 -69.85 -71.90 -46.56
CA ILE E 546 -68.56 -68.52 -47.65
CA THR E 547 -69.15 -67.21 -44.17
CA GLN E 548 -67.30 -70.20 -42.81
CA ILE E 549 -64.22 -69.51 -44.86
CA VAL E 550 -64.11 -65.88 -43.80
CA ASP E 551 -64.89 -66.73 -40.22
CA VAL E 552 -61.84 -68.91 -40.11
CA PHE E 553 -59.67 -66.21 -41.59
CA MET E 554 -60.94 -63.55 -39.22
CA GLU E 555 -60.25 -65.44 -36.01
CA TYR E 556 -56.75 -66.11 -37.25
CA ASN E 557 -56.49 -62.37 -37.93
CA LEU E 558 -55.53 -63.46 -41.42
CA ILE E 559 -57.77 -60.64 -42.64
CA GLN E 560 -55.08 -59.11 -44.79
CA GLN E 561 -54.74 -62.40 -46.64
CA CYS E 562 -58.45 -62.98 -46.73
CA THR E 563 -58.99 -59.73 -48.52
CA ALA E 564 -56.18 -60.58 -50.90
CA PHE E 565 -57.70 -63.86 -51.97
CA LEU E 566 -61.13 -62.37 -52.34
CA LEU E 567 -59.66 -60.17 -54.99
CA ASP E 568 -58.78 -63.34 -56.87
CA ALA E 569 -62.26 -64.71 -56.34
CA LEU E 570 -63.95 -61.91 -58.22
CA LYS E 571 -61.97 -62.83 -61.29
CA ASN E 572 -63.38 -66.31 -61.39
CA ASN E 573 -66.54 -65.41 -63.20
CA ARG E 574 -68.41 -68.56 -62.38
CA PRO E 575 -67.03 -68.85 -58.94
CA SER E 576 -68.08 -65.30 -58.20
CA GLU E 577 -70.96 -64.88 -55.85
CA GLY E 578 -73.60 -59.70 -54.72
CA PRO E 579 -73.89 -61.21 -51.33
CA LEU E 580 -70.32 -62.34 -51.62
CA GLN E 581 -69.05 -58.81 -51.85
CA THR E 582 -71.35 -57.67 -49.13
CA ARG E 583 -70.23 -60.38 -46.74
CA LEU E 584 -66.57 -59.91 -47.53
CA LEU E 585 -66.53 -56.26 -46.69
CA GLU E 586 -68.49 -56.87 -43.54
CA MET E 587 -66.03 -59.51 -42.46
CA ASN E 588 -63.18 -57.26 -43.40
CA LEU E 589 -64.46 -54.51 -41.21
CA MET E 590 -64.30 -56.55 -38.04
CA HIS E 591 -61.55 -58.84 -39.29
CA ALA E 592 -59.14 -56.39 -40.87
CA PRO E 593 -60.07 -52.85 -41.48
CA GLN E 594 -57.04 -52.15 -43.60
CA VAL E 595 -58.48 -54.34 -46.31
CA ALA E 596 -61.90 -52.83 -45.87
CA ASP E 597 -61.15 -49.61 -47.68
CA ALA E 598 -59.36 -51.19 -50.61
CA ILE E 599 -62.23 -53.53 -51.20
CA LEU E 600 -64.49 -50.53 -51.27
CA GLY E 601 -62.45 -49.18 -54.07
CA ASN E 602 -62.19 -52.45 -55.89
CA GLN E 603 -65.77 -53.57 -55.97
CA MET E 604 -67.39 -52.75 -52.76
CA PHE E 605 -68.91 -49.76 -54.35
CA THR E 606 -70.65 -51.24 -57.34
CA HIS E 607 -71.71 -54.66 -56.22
CA TYR E 608 -72.37 -54.50 -52.55
CA ASP E 609 -75.37 -54.06 -50.34
CA ARG E 610 -74.37 -50.53 -49.48
CA ALA E 611 -76.81 -50.04 -46.67
CA HIS E 612 -75.59 -53.14 -44.89
CA ILE E 613 -71.94 -52.24 -45.22
CA ALA E 614 -72.45 -48.80 -43.84
CA GLN E 615 -74.06 -50.01 -40.67
CA LEU E 616 -71.15 -52.35 -40.25
CA CYS E 617 -68.64 -49.57 -40.78
CA GLU E 618 -70.42 -47.38 -38.29
CA LYS E 619 -69.95 -49.97 -35.63
CA ALA E 620 -66.48 -50.39 -37.04
CA GLY E 621 -65.42 -46.80 -36.48
CA LEU E 622 -64.35 -46.92 -40.12
CA LEU E 623 -65.58 -43.34 -40.61
CA GLN E 624 -62.92 -42.47 -43.16
CA ARG E 625 -64.38 -45.23 -45.33
CA ALA E 626 -67.92 -44.48 -44.19
CA LEU E 627 -67.62 -41.10 -45.83
CA GLU E 628 -66.55 -42.85 -48.99
CA HIS E 629 -69.64 -45.02 -49.00
CA PHE E 630 -71.88 -42.16 -48.13
CA THR E 631 -70.42 -40.11 -50.88
CA ASP E 632 -70.94 -42.83 -53.49
CA LEU E 633 -74.29 -43.60 -51.90
CA TYR E 634 -74.96 -39.99 -52.73
CA ASP E 635 -76.02 -39.54 -49.20
CA ILE E 636 -73.94 -36.40 -48.99
CA LYS E 637 -75.63 -34.97 -45.94
CA ARG E 638 -74.51 -38.04 -44.04
CA ALA E 639 -71.00 -37.83 -45.33
CA VAL E 640 -70.70 -34.29 -44.11
CA VAL E 641 -72.25 -34.99 -40.76
CA HIS E 642 -69.83 -37.84 -40.26
CA THR E 643 -66.94 -35.71 -41.37
CA HIS E 644 -67.99 -33.25 -38.74
CA LEU E 645 -67.47 -35.69 -35.92
CA LEU E 646 -64.15 -36.87 -37.22
CA ASN E 647 -62.29 -34.52 -39.50
CA PRO E 648 -62.72 -35.12 -43.13
CA GLU E 649 -60.29 -34.38 -45.87
CA TRP E 650 -60.02 -30.78 -46.93
CA LEU E 651 -60.69 -31.23 -50.62
CA VAL E 652 -63.66 -33.52 -50.13
CA ASN E 653 -65.31 -31.13 -47.74
CA TYR E 654 -65.54 -28.46 -50.37
CA PHE E 655 -67.06 -30.71 -52.99
CA GLY E 656 -69.47 -32.64 -50.80
CA SER E 657 -70.87 -29.74 -48.83
CA LEU E 658 -72.31 -28.16 -51.92
CA SER E 659 -73.71 -31.49 -52.93
CA VAL E 660 -75.66 -31.38 -49.73
CA GLU E 661 -78.68 -29.88 -51.41
CA ASP E 662 -80.85 -31.36 -48.77
CA SER E 663 -79.75 -29.41 -45.78
CA LEU E 664 -78.91 -25.74 -45.99
CA GLU E 665 -78.42 -25.72 -42.23
CA CYS E 666 -75.45 -27.98 -42.61
CA LEU E 667 -73.72 -25.06 -44.21
CA ARG E 668 -74.23 -22.90 -41.16
CA ALA E 669 -73.26 -25.80 -38.97
CA MET E 670 -70.14 -26.27 -41.01
CA LEU E 671 -69.10 -22.67 -40.76
CA SER E 672 -69.22 -22.86 -37.02
CA ALA E 673 -67.11 -25.97 -37.04
CA ASN E 674 -64.75 -24.45 -39.54
CA ILE E 675 -64.33 -21.33 -37.52
CA ARG E 676 -62.81 -23.41 -34.80
CA GLN E 677 -60.65 -26.02 -36.41
CA ASN E 678 -59.21 -23.71 -39.00
CA LEU E 679 -59.60 -20.04 -39.86
CA GLN E 680 -58.02 -20.45 -43.26
CA ILE E 681 -60.33 -23.22 -44.29
CA CYS E 682 -63.32 -21.13 -43.37
CA VAL E 683 -62.54 -18.34 -45.77
CA GLN E 684 -62.17 -20.70 -48.70
CA VAL E 685 -65.15 -22.76 -47.63
CA ALA E 686 -67.22 -19.64 -47.20
CA SER E 687 -66.91 -18.83 -50.85
CA LYS E 688 -68.62 -22.04 -52.09
CA TYR E 689 -70.76 -20.80 -50.76
CA HIS E 690 -73.57 -19.50 -48.83
CA GLU E 691 -77.27 -20.70 -49.03
CA GLN E 692 -77.74 -18.09 -46.60
CA LEU E 693 -79.22 -15.48 -44.24
CA SER E 694 -78.00 -17.10 -41.13
CA THR E 695 -77.60 -13.81 -41.22
CA GLN E 696 -77.07 -12.88 -37.55
CA SER E 697 -76.33 -16.43 -36.54
CA LEU E 698 -73.87 -16.67 -39.36
CA ILE E 699 -71.97 -13.64 -38.17
CA GLU E 700 -72.23 -14.61 -34.54
CA LEU E 701 -70.56 -17.86 -35.45
CA PHE E 702 -67.77 -16.03 -37.24
CA GLU E 703 -67.05 -13.89 -34.23
CA SER E 704 -66.72 -16.75 -31.76
CA PHE E 705 -64.25 -18.40 -34.11
CA LYS E 706 -62.54 -15.05 -33.96
CA SER E 707 -62.41 -15.04 -37.69
CA PHE E 708 -63.22 -11.37 -37.84
CA GLU E 709 -61.03 -10.94 -40.87
CA GLY E 710 -62.69 -13.71 -42.82
CA LEU E 711 -66.21 -12.68 -41.97
CA PHE E 712 -65.45 -9.24 -43.30
CA TYR E 713 -63.87 -10.68 -46.42
CA PHE E 714 -66.85 -12.94 -47.10
CA LEU E 715 -69.34 -10.13 -46.86
CA GLY E 716 -67.14 -8.25 -49.23
CA SER E 717 -67.78 -10.86 -51.89
CA ILE E 718 -71.49 -11.15 -51.22
CA VAL E 719 -72.03 -7.43 -51.68
CA ASN E 720 -70.93 -7.77 -55.26
CA PHE E 721 -73.97 -9.83 -56.00
CA SER E 722 -77.42 -8.71 -55.04
CA GLN E 723 -77.73 -8.56 -51.30
CA ASP E 724 -77.87 -6.88 -49.83
CA PRO E 725 -77.07 -4.00 -47.62
CA ASP E 726 -76.47 -6.41 -44.79
CA VAL E 727 -73.32 -7.55 -46.48
CA HIS E 728 -71.92 -4.08 -47.06
CA PHE E 729 -72.88 -3.28 -43.53
CA LYS E 730 -71.02 -6.25 -42.12
CA TYR E 731 -67.99 -5.73 -44.33
CA ILE E 732 -67.36 -2.23 -43.14
CA GLN E 733 -67.80 -3.21 -39.53
CA ALA E 734 -65.30 -6.01 -39.89
CA ALA E 735 -62.99 -3.79 -41.84
CA CYS E 736 -62.88 -1.31 -39.02
CA LYS E 737 -61.50 -3.74 -36.50
CA THR E 738 -59.84 -6.04 -39.03
CA GLY E 739 -58.26 -3.58 -41.45
CA GLN E 740 -58.70 0.13 -40.93
CA ILE E 741 -57.05 1.04 -44.19
CA LYS E 742 -59.73 -0.79 -46.13
CA GLU E 743 -62.44 0.91 -44.10
CA VAL E 744 -62.04 4.20 -45.96
CA GLU E 745 -62.16 3.03 -49.54
CA ARG E 746 -65.15 0.89 -48.86
CA ILE E 747 -67.21 3.70 -47.38
CA CYS E 748 -66.25 5.82 -50.30
CA ARG E 749 -68.04 3.55 -52.74
CA GLU E 750 -70.34 1.62 -50.37
CA SER E 751 -71.63 4.35 -48.06
CA ASN E 752 -74.92 4.44 -49.93
CA CYS E 753 -75.86 0.84 -49.32
CA TYR E 754 -74.99 0.42 -45.66
CA ASP E 755 -76.97 1.13 -42.49
CA PRO E 756 -75.04 4.25 -41.56
CA GLU E 757 -75.93 4.38 -37.91
CA ARG E 758 -74.29 1.07 -37.28
CA VAL E 759 -71.27 1.95 -39.38
CA LYS E 760 -70.78 4.94 -37.17
CA ASN E 761 -70.96 3.09 -33.89
CA PHE E 762 -68.30 0.81 -35.28
CA LEU E 763 -66.14 3.74 -36.33
CA LYS E 764 -66.52 5.38 -32.96
CA GLU E 765 -65.10 2.36 -31.23
CA ALA E 766 -62.61 2.17 -34.05
CA LYS E 767 -61.22 5.66 -33.54
CA LEU E 768 -61.72 5.89 -37.29
CA THR E 769 -62.19 9.64 -36.90
CA ASP E 770 -61.12 10.55 -40.40
CA GLN E 771 -63.85 8.28 -41.77
CA LEU E 772 -66.45 9.12 -39.14
CA PRO E 773 -66.82 12.63 -40.34
CA LEU E 774 -67.04 11.38 -43.85
CA ILE E 775 -70.13 9.44 -42.93
CA ILE E 776 -71.42 12.04 -40.57
CA VAL E 777 -71.00 14.70 -43.20
CA CYS E 778 -72.35 12.48 -45.95
CA ASP E 779 -75.04 9.96 -45.30
CA ARG E 780 -75.47 11.20 -41.81
CA PHE E 781 -76.10 13.18 -43.18
CA ASP E 782 -75.27 13.89 -39.59
CA PHE E 783 -73.03 16.83 -40.18
CA VAL E 784 -72.98 17.69 -36.52
CA HIS E 785 -71.52 14.30 -35.73
CA ASP E 786 -68.88 14.51 -38.37
CA LEU E 787 -67.63 17.81 -37.09
CA VAL E 788 -67.33 16.65 -33.53
CA LEU E 789 -65.40 13.70 -34.85
CA TYR E 790 -63.26 16.04 -36.93
CA LEU E 791 -62.44 17.88 -33.78
CA TYR E 792 -60.97 14.63 -32.64
CA ARG E 793 -58.98 14.60 -35.88
CA ASN E 794 -59.67 15.31 -39.56
CA ASN E 795 -58.65 17.44 -42.53
CA LEU E 796 -59.11 21.17 -42.80
CA GLN E 797 -60.71 21.32 -46.23
CA LYS E 798 -63.62 19.02 -45.54
CA TYR E 799 -63.82 20.72 -42.21
CA ILE E 800 -64.44 24.09 -43.75
CA GLU E 801 -67.31 22.75 -45.84
CA ILE E 802 -69.09 20.55 -43.28
CA TYR E 803 -68.83 23.08 -40.50
CA VAL E 804 -71.26 25.38 -42.23
CA GLN E 805 -73.85 22.68 -42.82
CA LYS E 806 -73.88 21.83 -39.16
CA VAL E 807 -72.79 23.93 -32.97
CA ASN E 808 -73.72 26.54 -28.88
CA PRO E 809 -71.89 28.74 -31.29
CA SER E 810 -68.86 28.63 -29.05
CA ARG E 811 -68.05 25.57 -31.10
CA LEU E 812 -67.39 27.94 -33.92
CA PRO E 813 -64.54 29.46 -32.01
CA VAL E 814 -63.27 26.10 -30.96
CA VAL E 815 -63.39 25.05 -34.58
CA ILE E 816 -61.60 28.08 -35.87
CA GLY E 817 -58.78 27.40 -33.51
CA GLY E 818 -58.79 23.77 -34.51
CA LEU E 819 -58.44 24.54 -38.17
CA LEU E 820 -55.78 27.11 -37.52
CA ASP E 821 -53.87 25.11 -34.95
CA VAL E 822 -54.13 21.88 -36.78
CA ASP E 823 -52.52 21.92 -40.13
CA CYS E 824 -55.78 22.71 -41.78
CA SER E 825 -55.11 24.72 -44.83
CA GLU E 826 -55.43 28.43 -44.43
CA ASP E 827 -57.65 28.21 -47.44
CA VAL E 828 -59.54 25.51 -45.63
CA ILE E 829 -59.73 27.78 -42.64
CA LYS E 830 -60.90 30.61 -44.83
CA ASN E 831 -63.41 28.33 -46.48
CA LEU E 832 -64.64 27.34 -43.07
CA ILE E 833 -64.58 30.87 -41.76
CA LEU E 834 -66.86 33.93 -40.20
CA VAL E 835 -69.34 31.69 -38.45
CA VAL E 836 -66.64 30.80 -35.99
CA ARG E 837 -65.86 34.39 -35.23
CA GLY E 838 -69.49 35.10 -34.62
CA GLN E 839 -127.12 -85.72 -107.02
CA PHE E 840 -125.46 -87.21 -104.02
CA SER E 841 -122.12 -88.80 -103.47
CA THR E 842 -118.96 -88.22 -103.92
CA ASP E 843 -115.55 -88.67 -102.40
CA GLU E 844 -114.49 -90.74 -105.35
CA LEU E 845 -115.37 -87.98 -107.72
CA VAL E 846 -113.45 -85.50 -105.63
CA ALA E 847 -110.43 -87.71 -105.26
CA GLU E 848 -110.24 -88.22 -108.99
CA VAL E 849 -110.59 -84.53 -109.66
CA GLU E 850 -107.97 -83.53 -107.12
CA LYS E 851 -105.06 -85.64 -108.30
CA ARG E 852 -105.89 -84.66 -111.82
CA ASN E 853 -105.40 -81.08 -110.69
CA ARG E 854 -108.95 -80.91 -112.04
CA LEU E 855 -108.44 -77.28 -109.76
CA LYS E 856 -110.01 -74.48 -111.73
CA LEU E 857 -112.96 -76.73 -112.58
CA LEU E 858 -112.94 -78.63 -109.31
CA LEU E 859 -113.83 -75.51 -107.43
CA PRO E 860 -116.97 -75.07 -109.46
CA TRP E 861 -118.18 -78.62 -109.06
CA LEU E 862 -117.92 -78.34 -105.32
CA GLU E 863 -119.92 -75.20 -105.66
CA ALA E 864 -122.85 -77.30 -106.87
CA ARG E 865 -122.30 -80.16 -104.46
CA ILE E 866 -122.92 -77.92 -101.47
CA HIS E 867 -126.55 -77.80 -102.50
CA GLU E 868 -126.82 -81.55 -102.19
CA GLY E 869 -128.58 -82.65 -99.04
CA CYS E 870 -125.97 -85.37 -98.80
CA GLU E 871 -123.39 -82.57 -98.45
CA GLU E 872 -119.67 -81.54 -95.01
CA PRO E 873 -117.37 -78.90 -93.70
CA ALA E 874 -114.46 -80.82 -95.10
CA THR E 875 -115.66 -79.90 -98.54
CA HIS E 876 -116.22 -76.28 -97.75
CA ASN E 877 -112.84 -75.87 -96.22
CA ALA E 878 -111.20 -77.56 -99.15
CA LEU E 879 -112.99 -75.44 -101.69
CA ALA E 880 -112.05 -72.15 -100.15
CA LYS E 881 -108.41 -73.04 -99.91
CA ILE E 882 -108.32 -74.19 -103.50
CA TYR E 883 -110.28 -71.07 -104.29
CA ILE E 884 -107.56 -69.10 -102.60
CA ASP E 885 -105.67 -69.89 -105.76
CA SER E 886 -108.46 -68.28 -107.79
CA ASN E 887 -108.94 -65.25 -105.58
CA ASN E 888 -112.15 -63.74 -106.88
CA ASN E 889 -114.31 -66.67 -105.82
CA PRO E 890 -113.12 -66.90 -102.26
CA GLU E 891 -114.79 -63.74 -101.04
CA ARG E 892 -118.26 -64.89 -101.96
CA PHE E 893 -117.46 -68.34 -100.71
CA LEU E 894 -116.68 -67.29 -97.18
CA ARG E 895 -119.75 -65.16 -97.29
CA GLU E 896 -121.76 -68.12 -98.47
CA ASN E 897 -120.77 -70.81 -96.05
CA PRO E 898 -120.05 -70.44 -92.44
CA TYR E 899 -119.22 -74.11 -92.06
CA TYR E 900 -115.52 -74.08 -92.71
CA ASP E 901 -112.56 -74.99 -90.52
CA SER E 902 -112.65 -71.43 -91.01
CA ARG E 903 -109.09 -71.97 -89.92
CA VAL E 904 -108.21 -73.71 -93.12
CA VAL E 905 -109.88 -71.14 -95.30
CA GLY E 906 -108.14 -68.33 -93.53
CA LYS E 907 -104.68 -69.65 -94.19
CA TYR E 908 -105.63 -69.96 -97.81
CA CYS E 909 -107.05 -66.46 -97.79
CA GLU E 910 -103.90 -65.28 -96.09
CA LYS E 911 -102.02 -66.04 -99.24
CA ARG E 912 -104.75 -64.15 -101.05
CA ASP E 913 -106.23 -60.74 -100.36
CA PRO E 914 -107.11 -59.70 -96.90
CA HIS E 915 -110.53 -58.26 -97.69
CA LEU E 916 -112.17 -61.64 -97.40
CA ALA E 917 -110.02 -62.41 -94.41
CA CYS E 918 -111.59 -59.62 -92.46
CA VAL E 919 -114.99 -61.05 -93.20
CA ALA E 920 -114.00 -64.48 -91.99
CA TYR E 921 -112.18 -63.19 -88.97
CA GLU E 922 -115.30 -61.25 -88.21
CA ARG E 923 -117.57 -64.27 -88.43
CA GLY E 924 -114.91 -66.41 -86.79
CA GLN E 925 -115.33 -63.96 -83.99
CA CYS E 926 -111.61 -63.55 -84.03
CA ASP E 927 -112.06 -59.82 -83.65
CA LEU E 928 -108.47 -59.08 -82.76
CA GLU E 929 -107.41 -60.50 -86.09
CA LEU E 930 -110.03 -58.54 -87.93
CA ILE E 931 -108.79 -55.29 -86.49
CA ASN E 932 -105.11 -55.80 -87.02
CA VAL E 933 -105.67 -56.91 -90.56
CA CYS E 934 -108.01 -53.96 -91.01
CA ASN E 935 -105.22 -51.72 -89.84
CA GLU E 936 -103.58 -52.21 -93.15
CA ASN E 937 -106.89 -51.54 -94.86
CA SER E 938 -110.47 -51.53 -93.69
CA LEU E 939 -113.78 -49.73 -93.49
CA PHE E 940 -114.35 -47.21 -90.75
CA LYS E 941 -117.84 -48.31 -89.88
CA SER E 942 -116.97 -51.92 -89.31
CA LEU E 943 -113.96 -50.81 -87.34
CA SER E 944 -116.09 -49.00 -84.85
CA ARG E 945 -118.17 -52.07 -84.17
CA TYR E 946 -115.43 -54.69 -84.03
CA LEU E 947 -112.81 -52.74 -82.12
CA VAL E 948 -114.95 -52.91 -79.03
CA ARG E 949 -115.12 -56.70 -79.20
CA ARG E 950 -111.34 -56.92 -79.27
CA LYS E 951 -109.90 -58.80 -76.31
CA ASP E 952 -106.54 -57.10 -76.21
CA PRO E 953 -107.21 -53.60 -75.07
CA GLU E 954 -103.74 -52.67 -76.27
CA LEU E 955 -105.14 -52.58 -79.75
CA TRP E 956 -107.15 -49.58 -78.71
CA GLY E 957 -104.01 -47.62 -78.06
CA SER E 958 -102.70 -48.93 -81.33
CA VAL E 959 -105.81 -47.86 -83.19
CA LEU E 960 -105.87 -44.40 -81.68
CA LEU E 961 -102.38 -43.89 -82.97
CA GLU E 962 -103.45 -45.26 -86.29
CA SER E 963 -106.26 -42.77 -86.51
CA ASN E 964 -104.38 -39.68 -85.45
CA PRO E 965 -101.50 -39.82 -87.86
CA TYR E 966 -103.85 -40.83 -90.55
CA ARG E 967 -104.88 -37.66 -92.18
CA ARG E 968 -108.42 -38.08 -91.63
CA PRO E 969 -111.26 -36.32 -90.88
CA LEU E 970 -114.10 -35.77 -88.33
CA ILE E 971 -117.72 -35.40 -88.86
CA ASP E 972 -120.21 -38.17 -88.55
CA GLN E 973 -119.43 -41.03 -86.25
CA VAL E 974 -115.66 -41.10 -86.26
CA VAL E 975 -113.18 -39.97 -83.66
CA GLN E 976 -115.81 -38.64 -81.32
CA THR E 977 -118.13 -41.57 -81.67
CA ALA E 978 -115.21 -43.96 -81.63
CA LEU E 979 -113.75 -42.40 -78.57
CA SER E 980 -116.98 -42.98 -76.74
CA GLU E 981 -116.85 -46.69 -77.38
CA THR E 982 -113.19 -46.98 -76.54
CA GLN E 983 -113.60 -44.77 -73.83
CA ASP E 984 -110.90 -46.89 -72.05
CA PRO E 985 -108.66 -46.87 -72.59
CA GLU E 986 -105.04 -45.19 -73.61
CA GLU E 987 -102.08 -44.38 -75.72
CA VAL E 988 -104.11 -41.40 -75.13
CA SER E 989 -101.36 -39.05 -76.12
CA VAL E 990 -101.24 -40.61 -79.56
CA THR E 991 -104.76 -39.58 -80.28
CA VAL E 992 -104.12 -36.15 -78.80
CA LYS E 993 -100.96 -35.59 -80.77
CA ALA E 994 -102.83 -36.32 -83.95
CA PHE E 995 -105.58 -33.89 -83.06
CA MET E 996 -103.21 -31.09 -82.23
CA THR E 997 -101.24 -31.19 -85.47
CA ALA E 998 -104.52 -31.22 -87.30
CA ASP E 999 -105.26 -28.02 -85.40
CA LEU E 1000 -108.31 -29.98 -84.41
CA PRO E 1001 -108.23 -29.12 -80.66
CA ASN E 1002 -111.58 -25.93 -80.87
CA GLU E 1003 -112.38 -29.62 -80.49
CA LEU E 1004 -109.46 -30.35 -78.20
CA ILE E 1005 -110.92 -28.10 -75.59
CA GLU E 1006 -114.32 -29.66 -76.06
CA LEU E 1007 -113.11 -33.18 -75.38
CA LEU E 1008 -111.11 -32.16 -72.35
CA GLU E 1009 -114.13 -30.58 -70.80
CA LYS E 1010 -115.80 -33.98 -71.01
CA ILE E 1011 -112.74 -35.77 -69.71
CA VAL E 1012 -112.74 -34.12 -66.32
CA LEU E 1013 -116.09 -35.58 -65.35
CA ASP E 1014 -115.62 -38.83 -67.19
CA ASN E 1015 -114.39 -41.52 -64.88
CA SER E 1016 -114.86 -43.81 -67.84
CA VAL E 1017 -112.29 -41.72 -69.60
CA PHE E 1018 -109.06 -40.89 -67.78
CA SER E 1019 -109.96 -39.83 -64.28
CA GLU E 1020 -109.63 -36.19 -63.49
CA HIS E 1021 -106.06 -35.29 -62.91
CA ARG E 1022 -104.00 -32.18 -62.39
CA ASN E 1023 -102.55 -32.32 -65.85
CA LEU E 1024 -105.90 -32.03 -67.54
CA GLN E 1025 -107.08 -29.21 -65.39
CA ASN E 1026 -103.80 -27.51 -65.96
CA LEU E 1027 -104.05 -27.70 -69.71
CA LEU E 1028 -107.69 -26.76 -69.96
CA ILE E 1029 -107.28 -23.49 -68.18
CA LEU E 1030 -104.29 -22.60 -70.28
CA THR E 1031 -106.13 -23.29 -73.45
CA ALA E 1032 -109.14 -21.53 -72.06
CA ILE E 1033 -107.30 -18.30 -71.57
CA LYS E 1034 -106.20 -17.99 -75.16
CA ALA E 1035 -109.12 -19.96 -76.60
CA ASP E 1036 -112.06 -18.79 -74.52
CA ARG E 1037 -111.42 -16.14 -71.92
CA THR E 1038 -114.97 -16.17 -70.65
CA ARG E 1039 -114.65 -19.79 -69.58
CA VAL E 1040 -111.29 -19.15 -67.96
CA MET E 1041 -112.94 -17.50 -64.97
CA GLU E 1042 -115.52 -20.18 -64.24
CA TYR E 1043 -112.96 -22.88 -64.60
CA ILE E 1044 -110.57 -21.40 -62.08
CA ASN E 1045 -113.06 -21.38 -59.28
CA ARG E 1046 -113.87 -25.01 -60.03
CA LEU E 1047 -110.18 -25.56 -60.76
CA ASP E 1048 -108.91 -26.33 -57.26
CA ASN E 1049 -106.02 -28.64 -57.99
CA TYR E 1050 -104.14 -26.87 -60.70
CA ASP E 1051 -100.48 -26.08 -61.14
CA ALA E 1052 -101.06 -22.44 -60.35
CA PRO E 1053 -97.84 -21.01 -61.56
CA ASP E 1054 -98.73 -22.33 -64.97
CA ILE E 1055 -102.06 -20.57 -64.96
CA ALA E 1056 -100.63 -17.33 -63.81
CA ASN E 1057 -98.15 -16.86 -66.59
CA ILE E 1058 -100.94 -17.85 -68.90
CA ALA E 1059 -103.33 -15.21 -67.53
CA ILE E 1060 -100.62 -12.60 -67.49
CA SER E 1061 -100.12 -13.21 -71.14
CA ASN E 1062 -103.75 -12.75 -71.86
CA GLU E 1063 -104.65 -9.75 -69.72
CA LEU E 1064 -106.76 -11.84 -67.36
CA PHE E 1065 -106.40 -9.21 -64.59
CA GLU E 1066 -109.46 -10.00 -62.53
CA GLU E 1067 -108.77 -13.71 -62.75
CA ALA E 1068 -105.11 -13.13 -62.05
CA PHE E 1069 -106.02 -11.47 -58.81
CA ALA E 1070 -108.12 -14.46 -57.87
CA ILE E 1071 -105.28 -16.90 -58.39
CA PHE E 1072 -102.73 -14.68 -56.76
CA ARG E 1073 -105.14 -14.53 -53.88
CA LYS E 1074 -105.46 -18.29 -53.57
CA PHE E 1075 -101.80 -18.83 -54.33
CA ASP E 1076 -101.36 -16.58 -51.36
CA VAL E 1077 -99.09 -14.07 -53.28
CA ASN E 1078 -99.99 -10.50 -51.66
CA THR E 1079 -97.18 -8.57 -53.34
CA SER E 1080 -98.49 -9.78 -56.66
CA ALA E 1081 -102.03 -8.81 -55.83
CA VAL E 1082 -101.03 -5.26 -55.11
CA GLN E 1083 -98.77 -4.94 -58.08
CA VAL E 1084 -101.48 -6.18 -60.38
CA LEU E 1085 -103.88 -3.88 -58.58
CA ILE E 1086 -101.73 -0.94 -59.43
CA GLU E 1087 -102.01 -1.52 -63.15
CA HIS E 1088 -105.72 -2.14 -63.16
CA ILE E 1089 -107.57 -0.23 -60.54
CA GLY E 1090 -109.04 -2.94 -58.43
CA ASN E 1091 -110.89 -1.74 -55.36
CA LEU E 1092 -109.87 0.72 -52.71
CA ASP E 1093 -111.10 -1.35 -49.79
CA ARG E 1094 -109.23 -4.50 -50.67
CA ALA E 1095 -106.16 -2.42 -51.32
CA TYR E 1096 -106.12 -1.27 -47.76
CA GLU E 1097 -106.25 -4.79 -46.43
CA PHE E 1098 -103.76 -6.46 -48.76
CA ALA E 1099 -101.12 -3.77 -48.78
CA GLU E 1100 -100.26 -4.41 -45.17
CA ARG E 1101 -99.71 -8.10 -45.85
CA CYS E 1102 -97.16 -7.20 -48.50
CA ASN E 1103 -93.71 -8.44 -47.61
CA GLU E 1104 -91.75 -5.81 -49.49
CA PRO E 1105 -92.03 -2.51 -47.76
CA ALA E 1106 -90.92 -0.85 -50.97
CA VAL E 1107 -94.40 -1.43 -52.25
CA TRP E 1108 -95.67 1.11 -49.78
CA SER E 1109 -93.56 3.89 -51.20
CA GLN E 1110 -94.47 2.82 -54.70
CA LEU E 1111 -98.07 2.60 -53.54
CA ALA E 1112 -97.99 6.06 -52.06
CA LYS E 1113 -96.86 7.42 -55.38
CA ALA E 1114 -99.61 5.58 -57.19
CA GLN E 1115 -102.26 7.05 -54.96
CA LEU E 1116 -100.52 10.34 -55.16
CA GLN E 1117 -100.84 10.43 -58.91
CA LYS E 1118 -104.26 8.84 -59.13
CA GLY E 1119 -105.73 10.75 -56.25
CA MET E 1120 -103.96 12.34 -53.32
CA VAL E 1121 -107.13 13.08 -51.48
CA LYS E 1122 -109.78 10.68 -50.29
CA GLU E 1123 -107.42 7.88 -51.06
CA ALA E 1124 -103.85 8.57 -50.12
CA ILE E 1125 -104.87 9.96 -46.77
CA ASP E 1126 -106.82 6.88 -45.84
CA SER E 1127 -104.11 4.71 -47.30
CA TYR E 1128 -101.42 6.48 -45.35
CA ILE E 1129 -103.04 5.68 -42.06
CA LYS E 1130 -102.89 1.99 -42.80
CA ALA E 1131 -99.33 2.36 -44.02
CA ASP E 1132 -96.52 3.32 -44.52
CA ASP E 1133 -93.27 4.17 -42.85
CA PRO E 1134 -91.23 5.06 -43.27
CA SER E 1135 -89.75 8.62 -42.68
CA SER E 1136 -89.44 10.59 -45.89
CA TYR E 1137 -88.25 15.89 -47.89
CA MET E 1138 -88.42 18.95 -50.07
CA GLU E 1139 -91.05 17.57 -52.38
CA VAL E 1140 -93.13 16.10 -49.61
CA VAL E 1141 -93.38 19.44 -47.88
CA GLN E 1142 -93.88 21.14 -51.20
CA ALA E 1143 -96.83 18.91 -51.90
CA ALA E 1144 -98.32 19.60 -48.50
CA ASN E 1145 -98.15 23.33 -48.90
CA THR E 1146 -99.66 23.42 -52.37
CA SER E 1147 -102.56 21.36 -51.12
CA GLY E 1148 -102.78 24.13 -48.61
CA ASN E 1149 -102.94 21.68 -45.80
CA TRP E 1150 -100.31 23.31 -43.65
CA GLU E 1151 -102.14 22.20 -40.57
CA GLU E 1152 -101.77 18.59 -41.53
CA LEU E 1153 -98.16 18.82 -42.50
CA VAL E 1154 -97.15 20.46 -39.27
CA LYS E 1155 -99.11 17.78 -37.48
CA TYR E 1156 -97.27 14.88 -39.11
CA LEU E 1157 -93.88 16.40 -38.60
CA GLN E 1158 -94.68 16.53 -34.96
CA MET E 1159 -95.08 12.76 -34.97
CA ALA E 1160 -92.19 12.25 -37.37
CA ARG E 1161 -89.64 13.76 -35.04
CA LYS E 1162 -90.04 10.93 -32.64
CA LYS E 1163 -89.77 8.18 -35.23
CA ALA E 1164 -86.71 9.46 -36.96
CA ARG E 1165 -84.90 12.59 -36.22
CA GLU E 1166 -82.85 14.13 -38.76
CA SER E 1167 -82.74 17.02 -40.43
CA TYR E 1168 -84.73 17.10 -43.57
CA VAL E 1169 -87.96 16.42 -41.75
CA GLU E 1170 -87.30 18.79 -38.88
CA THR E 1171 -86.14 21.45 -41.28
CA GLU E 1172 -89.40 20.96 -43.12
CA LEU E 1173 -91.60 21.26 -40.07
CA ILE E 1174 -90.07 24.51 -39.03
CA PHE E 1175 -90.49 26.01 -42.46
CA ALA E 1176 -94.09 24.99 -42.54
CA LEU E 1177 -94.63 26.29 -39.06
CA ALA E 1178 -93.46 29.72 -40.00
CA LYS E 1179 -95.30 29.80 -43.31
CA THR E 1180 -98.57 28.28 -42.31
CA ASN E 1181 -99.04 31.20 -40.02
CA ARG E 1182 -98.39 28.94 -37.14
CA LEU E 1183 -95.47 30.99 -36.00
CA ALA E 1184 -96.15 30.23 -32.39
CA GLU E 1185 -95.24 26.63 -33.00
CA LEU E 1186 -92.10 27.74 -34.80
CA GLU E 1187 -90.51 29.11 -31.66
CA GLU E 1188 -90.75 26.09 -29.41
CA PHE E 1189 -89.77 23.78 -32.19
CA ILE E 1190 -86.58 25.61 -32.92
CA ASN E 1191 -85.54 25.41 -29.34
CA GLY E 1192 -85.63 21.68 -28.99
CA PRO E 1193 -84.36 20.51 -32.30
CA ASN E 1194 -80.76 21.45 -33.02
CA ASN E 1195 -80.86 19.06 -35.94
CA ALA E 1196 -82.03 21.17 -38.79
CA HIS E 1197 -80.45 23.13 -41.54
CA ILE E 1198 -80.04 26.51 -39.96
CA GLN E 1199 -79.49 28.46 -43.12
CA GLN E 1200 -82.69 27.27 -44.70
CA VAL E 1201 -84.60 27.80 -41.50
CA GLY E 1202 -83.32 31.33 -41.24
CA ASP E 1203 -84.31 32.22 -44.77
CA ARG E 1204 -87.71 30.98 -43.75
CA CYS E 1205 -87.93 33.22 -40.68
CA TYR E 1206 -86.47 36.09 -42.64
CA ASP E 1207 -89.45 36.17 -44.92
CA GLU E 1208 -91.67 35.38 -41.94
CA LYS E 1209 -90.53 38.35 -39.88
CA MET E 1210 -89.52 36.19 -36.95
CA TYR E 1211 -87.45 39.07 -35.50
CA ASP E 1212 -87.95 37.91 -31.91
CA ALA E 1213 -87.17 34.27 -32.67
CA ALA E 1214 -84.05 34.79 -34.83
CA LYS E 1215 -82.90 37.21 -32.11
CA LEU E 1216 -82.38 34.12 -29.96
CA LEU E 1217 -81.22 31.88 -32.82
CA TYR E 1218 -78.54 34.31 -33.97
CA ASN E 1219 -77.73 34.75 -30.28
CA ASN E 1220 -76.66 31.16 -29.51
CA VAL E 1221 -74.91 30.57 -32.87
CA SER E 1222 -73.49 33.99 -31.94
CA ASN E 1223 -73.66 35.58 -35.40
CA PHE E 1224 -73.59 39.06 -33.91
CA GLY E 1225 -73.57 40.30 -37.50
CA ARG E 1226 -77.32 39.64 -37.64
CA LEU E 1227 -77.94 39.49 -33.87
CA ALA E 1228 -77.23 43.23 -33.79
CA SER E 1229 -78.96 43.75 -37.11
CA THR E 1230 -82.23 42.21 -35.90
CA LEU E 1231 -82.00 43.84 -32.44
CA VAL E 1232 -82.16 47.20 -34.25
CA HIS E 1233 -84.93 45.97 -36.55
CA LEU E 1234 -86.59 45.28 -33.17
CA GLY E 1235 -86.10 48.74 -31.67
CA GLU E 1236 -83.83 47.30 -28.97
CA TYR E 1237 -81.14 49.87 -29.80
CA GLN E 1238 -78.88 49.99 -26.76
CA ALA E 1239 -78.41 46.20 -26.95
CA ALA E 1240 -77.95 46.27 -30.74
CA VAL E 1241 -74.90 48.44 -30.09
CA ASP E 1242 -73.59 45.60 -27.96
CA GLY E 1243 -74.02 43.08 -30.74
CA ALA E 1244 -72.21 45.44 -33.10
CA ARG E 1245 -69.39 45.60 -30.56
CA LYS E 1246 -69.04 41.83 -30.34
CA ALA E 1247 -69.55 41.64 -34.11
CA ASN E 1248 -66.58 44.03 -34.43
CA SER E 1249 -67.37 44.88 -38.05
CA THR E 1250 -67.34 48.23 -39.85
CA ARG E 1251 -70.14 47.67 -42.38
CA THR E 1252 -71.99 46.49 -39.28
CA TRP E 1253 -71.53 49.62 -37.14
CA LYS E 1254 -72.82 51.53 -40.16
CA GLU E 1255 -76.14 49.62 -40.14
CA VAL E 1256 -76.53 50.12 -36.38
CA CYS E 1257 -75.28 53.71 -36.24
CA PHE E 1258 -77.43 54.83 -39.16
CA ALA E 1259 -80.55 53.15 -37.81
CA CYS E 1260 -79.70 54.31 -34.27
CA VAL E 1261 -79.85 57.77 -35.90
CA ASP E 1262 -83.14 57.18 -37.68
CA GLY E 1263 -84.53 56.28 -34.26
CA LYS E 1264 -83.08 59.56 -33.03
CA GLU E 1265 -80.98 57.76 -30.38
CA PHE E 1266 -77.93 59.96 -30.28
CA ARG E 1267 -75.71 59.34 -27.24
CA LEU E 1268 -75.82 55.81 -28.65
CA ALA E 1269 -75.44 56.69 -32.34
CA GLN E 1270 -72.41 58.69 -31.16
CA MET E 1271 -70.36 56.06 -29.30
CA CYS E 1272 -71.66 53.82 -32.08
CA GLY E 1273 -70.28 56.33 -34.57
CA LEU E 1274 -66.82 56.80 -33.12
CA HIS E 1275 -65.99 53.36 -34.48
CA ILE E 1276 -66.57 54.66 -38.02
CA VAL E 1277 -65.02 58.14 -38.27
CA VAL E 1278 -61.55 56.69 -37.77
CA HIS E 1279 -62.03 54.93 -41.08
CA ALA E 1280 -126.32 -61.41 -99.18
CA ASP E 1281 -125.73 -60.83 -102.91
CA GLU E 1282 -129.31 -62.08 -103.34
CA LEU E 1283 -131.24 -60.74 -100.32
CA GLU E 1284 -132.13 -57.46 -102.04
CA GLU E 1285 -133.72 -58.71 -105.28
CA LEU E 1286 -135.71 -61.20 -103.18
CA ILE E 1287 -137.09 -58.35 -101.07
CA ASN E 1288 -137.55 -55.83 -103.90
CA TYR E 1289 -139.60 -58.56 -105.61
CA TYR E 1290 -141.89 -59.35 -102.64
CA GLN E 1291 -142.27 -55.56 -102.31
CA ASP E 1292 -143.63 -54.51 -105.72
CA ARG E 1293 -145.97 -57.52 -105.68
CA GLY E 1294 -147.11 -55.77 -102.52
CA TYR E 1295 -146.70 -58.88 -100.40
CA PHE E 1296 -145.06 -57.05 -97.52
CA GLU E 1297 -147.02 -59.12 -94.99
CA GLU E 1298 -145.52 -62.44 -96.07
CA LEU E 1299 -142.05 -61.05 -96.78
CA ILE E 1300 -141.79 -60.12 -93.09
CA THR E 1301 -143.27 -63.48 -92.06
CA MET E 1302 -140.44 -65.30 -93.82
CA LEU E 1303 -137.67 -63.15 -92.42
CA GLU E 1304 -139.34 -63.93 -89.06
CA ALA E 1305 -138.11 -67.53 -89.53
CA ALA E 1306 -134.86 -66.81 -91.39
CA LEU E 1307 -133.52 -65.20 -88.24
CA GLY E 1308 -133.28 -68.72 -86.87
CA LEU E 1309 -131.19 -69.99 -89.79
CA GLU E 1310 -127.59 -70.88 -88.94
CA ARG E 1311 -126.46 -68.77 -91.92
CA ALA E 1312 -128.49 -65.69 -90.84
CA HIS E 1313 -126.65 -62.44 -91.60
CA MET E 1314 -126.53 -58.70 -90.94
CA GLY E 1315 -128.44 -57.80 -94.12
CA MET E 1316 -131.39 -59.82 -92.84
CA PHE E 1317 -131.69 -58.26 -89.38
CA THR E 1318 -131.14 -54.79 -90.88
CA GLU E 1319 -133.95 -55.37 -93.38
CA LEU E 1320 -136.41 -56.82 -90.93
CA ALA E 1321 -136.03 -53.81 -88.64
CA ILE E 1322 -136.58 -51.40 -91.55
CA LEU E 1323 -139.71 -53.30 -92.68
CA TYR E 1324 -140.97 -53.54 -89.10
CA SER E 1325 -140.68 -49.76 -88.78
CA LYS E 1326 -142.98 -48.96 -91.69
CA PHE E 1327 -145.26 -52.03 -91.30
CA LYS E 1328 -145.20 -53.24 -87.67
CA PRO E 1329 -143.80 -50.50 -85.41
CA GLN E 1330 -144.82 -52.32 -82.24
CA LYS E 1331 -142.35 -55.10 -83.12
CA MET E 1332 -139.60 -52.64 -84.19
CA ARG E 1333 -138.63 -52.27 -80.52
CA GLU E 1334 -138.26 -55.81 -79.11
CA HIS E 1335 -136.34 -56.49 -82.34
CA LEU E 1336 -133.64 -53.88 -81.71
CA GLU E 1337 -133.85 -55.02 -78.10
CA LEU E 1338 -132.31 -58.37 -79.20
CA PHE E 1339 -130.54 -57.80 -82.51
CA TRP E 1340 -129.25 -54.22 -82.35
CA SER E 1341 -125.72 -55.58 -82.50
CA ARG E 1342 -126.30 -57.66 -85.63
CA VAL E 1343 -127.56 -54.75 -87.77
CA ASN E 1344 -126.31 -51.76 -89.81
CA ILE E 1345 -127.24 -49.05 -87.29
CA PRO E 1346 -127.00 -45.94 -89.48
CA LYS E 1347 -129.52 -47.41 -91.92
CA VAL E 1348 -131.93 -48.54 -89.17
CA LEU E 1349 -131.78 -45.04 -87.66
CA ARG E 1350 -132.61 -43.17 -90.87
CA ALA E 1351 -135.51 -45.69 -90.88
CA ALA E 1352 -136.96 -44.78 -87.46
CA GLU E 1353 -136.23 -41.12 -88.10
CA GLN E 1354 -138.47 -41.44 -91.14
CA ALA E 1355 -140.95 -43.49 -89.05
CA HIS E 1356 -141.05 -41.16 -86.02
CA LEU E 1357 -140.30 -44.03 -83.57
CA TRP E 1358 -138.61 -41.67 -81.11
CA ALA E 1359 -138.51 -44.16 -78.22
CA GLU E 1360 -136.45 -46.59 -80.32
CA LEU E 1361 -134.39 -43.86 -81.98
CA VAL E 1362 -133.05 -42.96 -78.53
CA PHE E 1363 -132.28 -46.61 -77.88
CA LEU E 1364 -130.03 -46.89 -80.93
CA TYR E 1365 -128.61 -43.35 -80.72
CA ASP E 1366 -127.67 -44.58 -77.27
CA LYS E 1367 -126.02 -47.83 -78.40
CA TYR E 1368 -124.38 -46.20 -81.43
CA GLU E 1369 -122.90 -43.91 -78.78
CA GLU E 1370 -124.38 -40.84 -80.50
CA TYR E 1371 -125.37 -39.39 -77.09
CA ASP E 1372 -125.86 -35.77 -78.18
CA ASN E 1373 -128.59 -37.10 -80.49
CA ALA E 1374 -130.26 -39.32 -77.89
CA ILE E 1375 -130.61 -36.25 -75.66
CA ILE E 1376 -131.74 -33.84 -78.37
CA THR E 1377 -134.36 -36.49 -79.24
CA MET E 1378 -135.60 -37.17 -75.72
CA MET E 1379 -135.98 -33.39 -75.49
CA ASN E 1380 -138.16 -32.77 -78.56
CA HIS E 1381 -140.29 -35.89 -78.13
CA PRO E 1382 -140.52 -36.25 -74.34
CA THR E 1383 -143.81 -38.11 -74.13
CA ASP E 1384 -142.34 -40.99 -76.22
CA ALA E 1385 -138.56 -40.96 -75.70
CA TRP E 1386 -137.85 -39.11 -72.45
CA LYS E 1387 -137.19 -41.22 -69.35
CA GLU E 1388 -135.98 -39.59 -66.10
CA GLY E 1389 -133.34 -42.16 -65.28
CA GLN E 1390 -131.62 -42.60 -68.61
CA PHE E 1391 -131.62 -38.86 -69.23
CA LYS E 1392 -129.42 -38.53 -66.13
CA ASP E 1393 -127.09 -41.18 -67.56
CA ILE E 1394 -126.76 -40.05 -71.18
CA ILE E 1395 -126.64 -36.28 -70.56
CA THR E 1396 -123.21 -36.86 -69.03
CA LYS E 1397 -121.71 -38.58 -72.09
CA VAL E 1398 -122.87 -35.58 -74.15
CA ALA E 1399 -120.05 -33.88 -76.07
CA ASN E 1400 -121.47 -30.45 -76.79
CA VAL E 1401 -121.73 -29.09 -73.22
CA GLU E 1402 -124.16 -26.41 -74.37
CA LEU E 1403 -126.80 -29.13 -74.21
CA TYR E 1404 -126.53 -28.88 -70.42
CA TYR E 1405 -127.81 -25.31 -70.38
CA ARG E 1406 -130.35 -26.33 -72.99
CA ALA E 1407 -131.43 -29.22 -70.77
CA ILE E 1408 -131.49 -27.11 -67.59
CA GLN E 1409 -133.97 -24.88 -69.39
CA PHE E 1410 -136.09 -27.83 -70.54
CA TYR E 1411 -136.31 -29.47 -67.12
CA LEU E 1412 -136.91 -26.09 -65.51
CA GLU E 1413 -139.87 -25.20 -67.72
CA PHE E 1414 -141.60 -28.61 -67.82
CA LYS E 1415 -140.06 -30.71 -64.98
CA PRO E 1416 -139.26 -28.57 -61.88
CA LEU E 1417 -138.91 -31.29 -59.25
CA LEU E 1418 -136.32 -33.13 -61.31
CA LEU E 1419 -134.22 -30.02 -61.99
CA ASN E 1420 -132.15 -30.31 -58.84
CA ASP E 1421 -131.22 -33.98 -59.14
CA LEU E 1422 -130.37 -33.21 -62.77
CA LEU E 1423 -128.27 -30.26 -61.78
CA MET E 1424 -126.33 -32.51 -59.41
CA VAL E 1425 -125.17 -34.66 -62.33
CA LEU E 1426 -124.35 -31.66 -64.51
CA SER E 1427 -122.19 -30.04 -61.77
CA PRO E 1428 -118.69 -31.23 -62.88
CA ARG E 1429 -118.92 -29.54 -66.29
CA LEU E 1430 -121.46 -26.85 -65.47
CA ASP E 1431 -120.42 -23.16 -65.50
CA HIS E 1432 -122.08 -22.36 -62.13
CA THR E 1433 -121.79 -18.61 -62.56
CA ARG E 1434 -123.53 -18.98 -65.89
CA ALA E 1435 -126.06 -21.32 -64.27
CA VAL E 1436 -126.85 -19.13 -61.30
CA ASN E 1437 -127.18 -16.06 -63.50
CA TYR E 1438 -129.86 -17.78 -65.60
CA PHE E 1439 -131.87 -19.01 -62.61
CA SER E 1440 -131.65 -15.51 -61.17
CA LYS E 1441 -132.80 -13.67 -64.30
CA VAL E 1442 -135.51 -16.34 -64.46
CA LYS E 1443 -136.22 -15.62 -60.76
CA GLN E 1444 -136.09 -19.29 -59.83
CA LEU E 1445 -133.25 -19.35 -57.28
CA PRO E 1446 -135.42 -20.65 -54.43
CA LEU E 1447 -135.97 -23.87 -56.41
CA VAL E 1448 -132.33 -24.61 -57.06
CA LYS E 1449 -131.38 -24.06 -53.46
CA PRO E 1450 -130.26 -27.73 -52.91
CA TYR E 1451 -127.90 -27.32 -55.85
CA LEU E 1452 -126.61 -23.99 -54.65
CA ARG E 1453 -125.57 -25.41 -51.30
CA SER E 1454 -124.03 -28.40 -53.15
CA VAL E 1455 -121.84 -25.94 -55.07
CA GLN E 1456 -121.29 -22.99 -52.74
CA ASN E 1457 -118.11 -24.68 -51.53
CA HIS E 1458 -116.50 -23.27 -54.71
CA ASN E 1459 -116.63 -19.85 -53.01
CA ASN E 1460 -118.26 -18.67 -56.19
CA LYS E 1461 -119.56 -15.08 -56.00
CA SER E 1462 -122.89 -15.19 -57.81
CA VAL E 1463 -123.44 -18.36 -55.77
CA ASN E 1464 -122.89 -16.84 -52.33
CA GLU E 1465 -124.70 -13.62 -53.16
CA SER E 1466 -127.50 -15.67 -54.62
CA LEU E 1467 -127.49 -18.17 -51.78
CA ASN E 1468 -127.38 -15.46 -49.09
CA ASN E 1469 -130.41 -13.65 -50.49
CA LEU E 1470 -132.27 -16.88 -49.81
CA PHE E 1471 -131.19 -17.24 -46.21
CA ILE E 1472 -132.31 -13.67 -45.85
CA THR E 1473 -135.78 -13.89 -47.41
CA GLU E 1474 -136.29 -17.00 -45.36
CA GLU E 1475 -135.08 -15.27 -42.22
CA ASP E 1476 -132.44 -17.98 -41.74
CA TYR E 1477 -129.72 -15.94 -39.96
CA GLN E 1478 -127.74 -18.85 -38.54
CA ALA E 1479 -127.31 -20.12 -42.07
CA LEU E 1480 -126.35 -16.64 -43.28
CA ARG E 1481 -123.78 -16.30 -40.53
CA THR E 1482 -122.02 -19.52 -41.51
CA SER E 1483 -122.16 -18.64 -45.19
CA ILE E 1484 -120.46 -15.29 -44.73
CA ASP E 1485 -118.04 -17.10 -42.43
CA ALA E 1486 -117.06 -20.11 -44.55
CA TYR E 1487 -117.20 -18.38 -47.97
CA ASP E 1488 -115.97 -14.81 -48.44
CA ASN E 1489 -116.57 -13.96 -52.09
CA PHE E 1490 -119.34 -11.36 -51.77
CA ASP E 1491 -119.99 -7.64 -51.27
CA ASN E 1492 -120.12 -7.29 -47.47
CA ILE E 1493 -120.82 -3.56 -47.51
CA SER E 1494 -123.79 -4.04 -49.82
CA LEU E 1495 -125.03 -6.82 -47.54
CA ALA E 1496 -124.08 -4.79 -44.49
CA GLN E 1497 -126.07 -1.85 -45.78
CA ARG E 1498 -128.99 -4.01 -46.83
CA LEU E 1499 -129.07 -5.70 -43.39
CA GLU E 1500 -128.30 -2.83 -40.80
CA LYS E 1501 -131.69 -1.29 -40.72
CA HIS E 1502 -133.26 -4.71 -40.10
CA GLU E 1503 -135.92 -4.94 -37.42
CA LEU E 1504 -134.68 -8.27 -36.04
CA ILE E 1505 -132.05 -8.05 -33.32
CA GLU E 1506 -130.17 -11.08 -34.56
CA PHE E 1507 -129.56 -9.24 -37.81
CA ARG E 1508 -128.81 -5.81 -36.40
CA ARG E 1509 -126.18 -7.60 -34.33
CA ILE E 1510 -124.75 -9.11 -37.50
CA ALA E 1511 -124.56 -5.73 -39.16
CA ALA E 1512 -122.50 -4.50 -36.24
CA TYR E 1513 -120.29 -7.56 -36.58
CA LEU E 1514 -119.85 -6.85 -40.33
CA PHE E 1515 -118.83 -3.22 -39.78
CA LYS E 1516 -116.24 -4.71 -37.28
CA GLY E 1517 -115.58 -8.50 -38.19
CA ASN E 1518 -114.67 -6.91 -41.41
CA ASN E 1519 -112.60 -4.91 -39.00
CA ARG E 1520 -114.75 -1.86 -39.36
CA TRP E 1521 -114.52 -1.24 -35.63
CA LYS E 1522 -115.59 2.40 -35.91
CA GLN E 1523 -118.92 1.31 -37.34
CA SER E 1524 -119.35 -1.50 -34.91
CA VAL E 1525 -118.97 0.93 -32.04
CA GLU E 1526 -121.32 3.50 -33.53
CA LEU E 1527 -123.83 0.71 -34.17
CA CYS E 1528 -123.33 -0.50 -30.62
CA LYS E 1529 -124.06 3.02 -29.42
CA LYS E 1530 -127.75 2.47 -30.43
CA ASP E 1531 -127.58 -0.75 -28.86
CA SER E 1532 -124.11 -0.17 -27.91
CA LEU E 1533 -124.33 -2.59 -24.98
CA TYR E 1534 -122.18 -3.09 -21.94
CA LYS E 1535 -121.13 -6.56 -23.02
CA ASP E 1536 -119.14 -7.03 -26.27
CA ALA E 1537 -118.23 -3.39 -26.04
CA MET E 1538 -115.81 -4.34 -23.34
CA GLN E 1539 -114.54 -7.25 -25.38
CA TYR E 1540 -113.94 -5.62 -28.73
CA ALA E 1541 -112.89 -2.20 -27.48
CA SER E 1542 -109.64 -3.83 -26.54
CA GLU E 1543 -109.24 -5.08 -30.10
CA SER E 1544 -109.96 -1.50 -31.22
CA LYS E 1545 -107.18 -0.95 -33.09
CA ASP E 1546 -107.65 2.70 -32.13
CA THR E 1547 -106.83 3.06 -28.50
CA GLU E 1548 -107.87 6.68 -28.44
CA LEU E 1549 -111.02 5.51 -28.94
CA ALA E 1550 -110.24 4.46 -25.39
CA GLU E 1551 -110.14 8.04 -24.23
CA GLU E 1552 -113.15 8.86 -26.33
CA LEU E 1553 -115.03 5.90 -24.91
CA LEU E 1554 -114.10 6.65 -21.35
CA GLN E 1555 -115.53 10.10 -21.65
CA TRP E 1556 -118.57 8.82 -23.48
CA PHE E 1557 -119.43 6.17 -20.90
CA LEU E 1558 -118.99 8.54 -18.04
CA GLN E 1559 -120.97 11.30 -19.68
CA GLU E 1560 -123.63 9.16 -21.28
CA GLU E 1561 -124.68 7.71 -17.94
CA LYS E 1562 -121.93 5.06 -17.43
CA ARG E 1563 -122.49 3.73 -15.31
CA GLU E 1564 -119.01 4.52 -14.65
CA CYS E 1565 -118.14 3.87 -11.03
CA PHE E 1566 -118.87 0.18 -11.25
CA GLY E 1567 -117.49 -0.22 -14.73
CA ALA E 1568 -114.40 1.67 -13.60
CA CYS E 1569 -113.76 -0.93 -10.96
CA LEU E 1570 -114.04 -3.71 -13.46
CA PHE E 1571 -112.18 -1.62 -16.00
CA THR E 1572 -109.28 -1.21 -13.62
CA CYS E 1573 -109.14 -4.96 -13.39
CA TYR E 1574 -108.88 -5.38 -17.13
CA ASP E 1575 -106.22 -2.88 -17.32
CA LEU E 1576 -103.82 -4.54 -19.18
CA LEU E 1577 -102.81 -0.38 -21.01
CA ARG E 1578 -102.13 3.58 -20.51
CA PRO E 1579 -103.04 6.18 -18.32
CA ASP E 1580 -103.08 7.58 -15.49
CA VAL E 1581 -104.12 10.64 -17.02
CA VAL E 1582 -107.63 9.31 -16.73
CA LEU E 1583 -107.17 8.85 -13.02
CA GLU E 1584 -105.84 12.34 -12.64
CA THR E 1585 -108.40 13.82 -14.97
CA ALA E 1586 -111.19 11.98 -13.22
CA TRP E 1587 -110.35 13.92 -10.10
CA ARG E 1588 -111.23 17.07 -11.99
CA HIS E 1589 -114.70 15.62 -12.17
CA ASN E 1590 -116.26 14.19 -9.08
CA ILE E 1591 -114.01 11.32 -7.94
CA MET E 1592 -116.88 9.71 -6.18
CA ASP E 1593 -117.05 8.01 -9.51
CA PHE E 1594 -113.36 7.45 -9.40
CA ALA E 1595 -113.51 4.82 -7.00
CA MET E 1596 -113.39 1.80 -8.09
CA PRO E 1597 -110.53 0.46 -6.53
CA TYR E 1598 -110.80 -2.63 -5.51
CA PHE E 1599 -109.45 -4.11 -8.56
CA ILE E 1600 -107.28 -1.29 -9.34
CA GLN E 1601 -105.97 -3.07 -6.20
CA VAL E 1602 -105.23 -6.17 -8.28
CA MET E 1603 -103.11 -4.10 -10.65
CA LYS E 1604 -101.28 -2.56 -7.78
CA GLU E 1605 -100.56 -6.10 -6.40
CA TYR E 1606 -99.10 -6.77 -9.82
CA LEU E 1607 -96.67 -3.81 -9.67
CA THR E 1608 -95.52 -4.71 -6.24
CA LYS E 1609 -94.85 -8.27 -7.25
CA VAL E 1610 -92.70 -6.96 -10.13
CA ASP E 1611 -90.61 -4.79 -7.76
CA LYS E 1612 -90.27 -7.44 -5.14
CA LEU E 1613 -89.17 -9.65 -8.00
CA ASP E 1614 -86.63 -7.33 -9.61
CA ALA E 1615 -85.30 -6.74 -6.15
CA SER E 1616 -84.53 -10.40 -5.59
CA GLU E 1617 -82.94 -10.36 -9.04
CA SER E 1618 -80.56 -7.44 -8.38
CA LEU E 1619 -79.70 -8.89 -4.98
CA ARG E 1620 -78.91 -12.26 -6.64
CA LYS E 1621 -76.50 -10.29 -8.91
CA GLU E 1622 -74.87 -8.26 -6.17
CA GLU E 1623 -74.26 -11.52 -4.39
CA GLU E 1624 -72.52 -12.69 -7.61
CA GLN E 1625 -70.24 -9.74 -8.36
CA ALA E 1626 -69.49 -9.70 -4.65
CA THR E 1627 -68.41 -13.32 -4.52
CA GLU E 1628 -66.28 -12.98 -7.64
CA THR E 1629 -64.36 -9.87 -6.53
CA GLN E 1630 -63.59 -11.75 -3.42
CA MET F 1 7.35 46.62 -126.97
CA ALA F 2 7.47 45.24 -123.39
CA GLN F 3 4.28 46.19 -121.65
CA ILE F 4 4.41 45.73 -117.90
CA LEU F 5 7.33 46.61 -115.72
CA PRO F 6 8.61 43.32 -114.20
CA ILE F 7 11.15 44.91 -111.79
CA ARG F 8 11.31 47.95 -109.46
CA PHE F 9 14.29 50.25 -109.78
CA GLN F 10 14.62 52.28 -106.54
CA GLU F 11 17.16 54.87 -105.36
CA HIS F 12 17.50 54.53 -101.59
CA LEU F 13 19.74 57.47 -100.98
CA GLN F 14 22.02 59.88 -102.82
CA LEU F 15 25.36 60.02 -101.10
CA GLN F 16 26.40 63.51 -102.00
CA ASN F 17 23.23 64.68 -100.23
CA LEU F 18 25.08 63.48 -97.15
CA GLY F 19 27.79 65.77 -98.29
CA ILE F 20 30.23 62.99 -99.14
CA ASN F 21 33.20 63.90 -101.31
CA PRO F 22 32.54 62.10 -104.63
CA ALA F 23 36.26 61.45 -104.81
CA ASN F 24 35.57 58.98 -102.05
CA ILE F 25 32.77 57.05 -103.70
CA GLY F 26 34.85 54.27 -105.12
CA PHE F 27 36.01 50.66 -104.80
CA SER F 28 38.82 51.51 -102.47
CA THR F 29 37.15 54.05 -100.29
CA LEU F 30 33.58 52.79 -100.25
CA THR F 31 32.45 49.38 -99.09
CA MET F 32 29.10 47.66 -98.86
CA GLU F 33 29.35 44.21 -97.14
CA SER F 34 25.60 43.98 -96.69
CA ASP F 35 22.54 46.17 -97.26
CA LYS F 36 22.88 47.24 -93.61
CA PHE F 37 25.74 49.77 -93.72
CA ILE F 38 27.83 51.66 -96.18
CA CYS F 39 31.25 52.74 -95.04
CA ILE F 40 33.33 55.52 -96.59
CA ARG F 41 36.91 56.46 -95.67
CA GLU F 42 37.33 60.30 -96.08
CA LYS F 43 40.21 62.71 -95.35
CA VAL F 44 38.28 65.69 -94.08
CA GLY F 45 40.80 68.44 -94.34
CA GLU F 46 44.09 66.93 -93.33
CA GLN F 47 42.24 64.45 -91.11
CA ALA F 48 41.18 60.91 -91.88
CA GLN F 49 37.84 59.52 -90.85
CA VAL F 50 35.31 56.80 -91.49
CA VAL F 51 31.75 57.61 -92.27
CA ILE F 52 29.36 54.79 -91.47
CA ILE F 53 25.95 54.98 -93.02
CA ASP F 54 23.40 52.72 -91.40
CA MET F 55 20.88 52.05 -94.04
CA ASN F 56 18.21 52.06 -91.42
CA ASP F 57 18.41 55.82 -90.91
CA PRO F 58 20.75 56.87 -93.68
CA SER F 59 19.94 60.46 -92.96
CA ASN F 60 22.38 60.28 -90.12
CA PRO F 61 25.90 58.95 -90.78
CA ILE F 62 28.35 58.08 -87.92
CA ARG F 63 31.79 59.67 -88.40
CA ARG F 64 35.02 58.71 -86.58
CA PRO F 65 38.62 59.79 -87.12
CA ILE F 66 40.22 56.58 -88.06
CA SER F 67 43.27 56.18 -90.18
CA ALA F 68 42.98 52.83 -91.89
CA ASP F 69 44.16 51.42 -95.19
CA SER F 70 40.69 49.91 -95.24
CA ALA F 71 37.49 49.47 -93.28
CA ILE F 72 34.63 47.04 -93.72
CA MET F 73 31.60 46.78 -91.44
CA ASN F 74 29.97 43.65 -90.11
CA PRO F 75 27.13 42.40 -92.23
CA ALA F 76 24.87 42.87 -89.28
CA SER F 77 26.31 44.39 -86.19
CA LYS F 78 28.03 47.64 -85.36
CA VAL F 79 31.43 45.91 -85.48
CA ILE F 80 34.02 47.21 -87.94
CA ALA F 81 37.23 45.66 -89.22
CA LEU F 82 40.00 48.18 -89.74
CA LYS F 83 43.25 47.40 -91.44
CA ALA F 84 46.40 49.38 -90.82
CA GLY F 85 48.81 48.01 -93.37
CA LYS F 86 49.32 44.60 -91.78
CA THR F 87 47.69 45.07 -88.45
CA LEU F 88 44.09 43.96 -88.66
CA GLN F 89 41.74 45.18 -85.94
CA ILE F 90 38.06 44.32 -85.23
CA PHE F 91 36.52 47.16 -83.20
CA ASN F 92 33.08 47.57 -81.73
CA ILE F 93 31.79 50.90 -83.12
CA GLU F 94 28.70 50.47 -80.92
CA MET F 95 30.49 50.61 -77.58
CA LYS F 96 33.84 51.86 -78.83
CA SER F 97 35.68 48.83 -77.43
CA LYS F 98 38.47 47.02 -79.30
CA MET F 99 37.35 43.48 -79.93
CA LYS F 100 40.44 41.84 -81.41
CA ALA F 101 43.50 42.41 -83.59
CA HIS F 102 46.27 40.59 -85.44
CA THR F 103 49.32 41.58 -87.40
CA MET F 104 49.36 39.50 -90.49
CA THR F 105 52.76 38.26 -91.72
CA ASP F 106 52.06 39.38 -95.23
CA ASP F 107 49.70 42.19 -96.28
CA VAL F 108 46.05 41.42 -96.69
CA THR F 109 45.40 42.18 -100.27
CA PHE F 110 41.59 42.06 -100.20
CA TRP F 111 39.31 41.09 -97.32
CA LYS F 112 35.58 40.86 -96.64
CA TRP F 113 33.05 39.63 -94.17
CA ILE F 114 31.75 36.28 -95.39
CA SER F 115 29.30 36.04 -92.56
CA LEU F 116 27.95 37.48 -89.39
CA ASN F 117 31.26 36.85 -87.71
CA THR F 118 34.07 35.80 -89.97
CA VAL F 119 36.34 37.97 -92.11
CA ALA F 120 38.18 36.58 -95.15
CA LEU F 121 41.77 37.78 -95.61
CA VAL F 122 43.24 37.40 -99.01
CA THR F 123 46.97 37.44 -99.08
CA ASP F 124 49.15 37.43 -102.07
CA ASN F 125 49.42 33.67 -101.57
CA ALA F 126 46.57 32.54 -99.40
CA VAL F 127 43.03 33.07 -98.20
CA TYR F 128 42.38 32.81 -94.41
CA HIS F 129 39.19 33.14 -92.41
CA TRP F 130 39.23 35.09 -89.12
CA SER F 131 36.40 34.72 -86.66
CA MET F 132 35.57 37.86 -84.73
CA GLU F 133 34.94 35.46 -81.88
CA GLY F 134 37.38 34.68 -79.09
CA GLU F 135 41.13 34.70 -78.90
CA SER F 136 41.27 32.71 -82.14
CA GLN F 137 43.60 33.80 -84.90
CA PRO F 138 43.32 33.77 -88.76
CA VAL F 139 43.06 30.22 -90.21
CA LYS F 140 44.40 29.48 -93.70
CA MET F 141 41.72 27.78 -95.86
CA PHE F 142 43.74 27.38 -98.97
CA ASP F 143 46.54 28.69 -101.14
CA ARG F 144 45.96 30.89 -104.08
CA HIS F 145 45.89 29.00 -107.32
CA SER F 146 48.36 30.19 -109.94
CA SER F 147 45.93 31.24 -112.60
CA LEU F 148 45.25 34.19 -110.33
CA ALA F 149 48.86 35.36 -110.06
CA GLY F 150 49.19 39.09 -110.47
CA CYS F 151 45.38 39.47 -110.64
CA GLN F 152 43.52 42.42 -109.21
CA ILE F 153 41.42 40.56 -106.60
CA ILE F 154 37.84 41.81 -106.86
CA ASN F 155 35.80 39.38 -104.81
CA TYR F 156 35.60 36.34 -102.55
CA ARG F 157 32.48 34.27 -101.93
CA THR F 158 31.43 31.16 -100.07
CA ASP F 159 28.49 28.80 -100.20
CA ALA F 160 26.13 28.88 -97.19
CA LYS F 161 27.98 26.04 -95.59
CA GLN F 162 31.41 27.53 -96.31
CA LYS F 163 32.40 24.24 -97.81
CA TRP F 164 33.09 25.76 -101.29
CA LEU F 165 35.03 29.01 -101.56
CA LEU F 166 35.51 31.14 -104.66
CA LEU F 167 38.19 33.75 -105.33
CA THR F 168 38.02 36.17 -108.30
CA GLY F 169 40.49 38.49 -109.83
CA ILE F 170 40.69 40.26 -113.19
CA SER F 171 43.51 41.04 -115.58
CA ALA F 172 43.91 43.33 -118.56
CA GLN F 173 45.21 40.66 -120.74
CA GLN F 174 45.92 41.59 -124.24
CA ASN F 175 43.37 44.44 -124.33
CA ARG F 176 40.42 42.71 -122.43
CA VAL F 177 39.56 42.57 -118.75
CA VAL F 178 39.86 38.89 -118.26
CA GLY F 179 38.48 37.39 -115.01
CA ALA F 180 40.04 34.52 -113.09
CA MET F 181 38.20 32.48 -110.52
CA GLN F 182 39.52 29.82 -108.16
CA LEU F 183 36.84 27.45 -106.86
CA TYR F 184 38.25 25.62 -103.80
CA SER F 185 36.61 22.56 -102.24
CA VAL F 186 37.02 22.48 -98.49
CA ASP F 187 35.83 18.97 -97.81
CA ARG F 188 37.54 17.43 -100.86
CA LYS F 189 40.61 19.65 -100.39
CA VAL F 190 40.82 20.22 -104.17
CA SER F 191 40.74 23.46 -106.10
CA GLN F 192 40.02 24.38 -109.73
CA PRO F 193 40.38 27.37 -112.01
CA ILE F 194 37.42 28.83 -113.98
CA GLU F 195 37.34 31.86 -116.25
CA GLY F 196 34.65 33.97 -114.74
CA HIS F 197 33.67 37.52 -114.22
CA ALA F 198 30.97 37.35 -111.59
CA ALA F 199 29.31 34.56 -109.59
CA SER F 200 27.34 33.62 -106.53
CA PHE F 201 26.17 30.38 -104.84
CA ALA F 202 22.56 29.51 -104.05
CA GLN F 203 20.60 26.91 -102.10
CA PHE F 204 17.84 25.54 -104.29
CA LYS F 205 15.51 22.69 -103.48
CA MET F 206 14.65 21.09 -106.82
CA GLU F 207 11.16 19.97 -107.72
CA GLY F 208 10.78 16.56 -106.15
CA ASN F 209 13.85 16.50 -103.88
CA ALA F 210 13.83 16.91 -100.13
CA GLU F 211 17.10 18.63 -99.85
CA GLU F 212 18.38 21.87 -101.23
CA SER F 213 21.02 21.63 -103.81
CA THR F 214 23.93 24.03 -103.52
CA LEU F 215 24.38 25.78 -106.78
CA PHE F 216 27.24 27.87 -108.05
CA CYS F 217 26.33 30.35 -110.71
CA PHE F 218 28.85 32.36 -112.62
CA ALA F 219 29.04 34.56 -115.66
CA VAL F 220 31.74 35.58 -118.03
CA ARG F 221 32.35 37.20 -121.33
CA GLY F 222 35.01 35.22 -123.20
CA GLN F 223 36.05 34.84 -126.86
CA ALA F 224 32.83 32.93 -127.43
CA GLY F 225 30.87 35.73 -125.90
CA GLY F 226 29.28 35.95 -122.53
CA LYS F 227 27.70 32.99 -120.91
CA LEU F 228 26.12 32.20 -117.61
CA HIS F 229 26.57 28.81 -115.98
CA ILE F 230 24.50 27.35 -113.14
CA ILE F 231 25.92 24.08 -111.77
CA GLU F 232 25.37 22.00 -108.62
CA VAL F 233 28.43 21.86 -106.47
CA GLY F 234 29.48 18.70 -104.63
CA THR F 235 27.44 15.52 -103.95
CA PRO F 236 23.67 15.70 -103.92
CA PRO F 237 22.10 15.02 -100.57
CA THR F 238 21.49 11.31 -100.50
CA GLY F 239 18.18 10.66 -102.19
CA ASN F 240 18.26 13.81 -104.30
CA GLN F 241 18.08 13.75 -108.06
CA PRO F 242 21.00 15.76 -109.30
CA PHE F 243 20.52 19.27 -110.71
CA PRO F 244 21.26 19.36 -114.43
CA LYS F 245 24.10 21.81 -115.01
CA LYS F 246 22.93 24.81 -117.13
CA ALA F 247 24.55 27.27 -119.55
CA VAL F 248 22.94 30.29 -121.16
CA ASP F 249 24.53 33.12 -123.04
CA VAL F 250 24.37 36.65 -121.68
CA PHE F 251 23.80 39.18 -124.41
CA PHE F 252 25.75 42.36 -124.96
CA PRO F 253 24.51 44.90 -127.44
CA PRO F 254 26.90 46.42 -129.98
CA GLU F 255 26.71 49.70 -128.10
CA ALA F 256 27.85 47.65 -125.11
CA GLN F 257 31.26 47.55 -126.76
CA ASN F 258 33.52 46.08 -124.18
CA ASP F 259 31.10 45.53 -121.35
CA PHE F 260 31.48 42.44 -119.12
CA PRO F 261 29.88 41.00 -115.94
CA VAL F 262 30.73 42.73 -112.74
CA ALA F 263 28.30 41.65 -110.02
CA MET F 264 25.75 38.96 -109.29
CA GLN F 265 23.27 38.28 -106.53
CA ILE F 266 20.55 35.70 -106.50
CA SER F 267 17.16 36.02 -104.92
CA GLU F 268 16.48 32.97 -102.85
CA LYS F 269 12.97 34.25 -102.40
CA HIS F 270 12.27 34.18 -106.20
CA ASP F 271 15.10 32.00 -107.59
CA VAL F 272 16.17 34.70 -109.96
CA VAL F 273 19.74 35.59 -110.80
CA PHE F 274 20.58 39.28 -110.94
CA LEU F 275 23.56 40.17 -113.09
CA ILE F 276 25.07 43.69 -113.39
CA THR F 277 27.57 44.57 -116.13
CA LYS F 278 30.44 47.06 -116.12
CA TYR F 279 28.42 49.66 -118.10
CA GLY F 280 25.38 49.69 -115.84
CA TYR F 281 23.19 46.96 -117.43
CA ILE F 282 21.03 44.55 -115.47
CA HIS F 283 19.73 41.08 -116.38
CA LEU F 284 17.43 38.73 -114.54
CA TYR F 285 17.74 35.01 -115.23
CA ASP F 286 15.67 32.14 -113.88
CA LEU F 287 17.94 30.25 -111.46
CA GLU F 288 16.58 26.80 -112.20
CA THR F 289 16.65 26.99 -116.01
CA GLY F 290 18.88 29.90 -116.79
CA THR F 291 16.17 31.44 -118.91
CA CYS F 292 16.70 35.17 -119.43
CA ILE F 293 13.70 37.00 -118.03
CA TYR F 294 14.65 40.65 -118.36
CA MET F 295 17.46 43.02 -119.42
CA ASN F 296 17.79 46.78 -119.37
CA ARG F 297 20.12 49.53 -118.46
CA ILE F 298 19.72 51.24 -115.14
CA SER F 299 22.98 53.15 -114.74
CA GLY F 300 25.42 54.79 -117.08
CA GLU F 301 28.01 55.00 -114.36
CA THR F 302 29.38 51.71 -112.97
CA ILE F 303 27.77 50.06 -109.93
CA PHE F 304 31.09 49.23 -108.23
CA VAL F 305 29.70 47.39 -105.24
CA THR F 306 26.58 45.42 -104.45
CA ALA F 307 24.87 43.10 -102.04
CA PRO F 308 21.76 41.23 -101.77
CA HIS F 309 18.82 43.41 -100.71
CA GLU F 310 17.08 41.47 -98.02
CA ALA F 311 13.92 43.51 -97.84
CA THR F 312 13.06 42.90 -101.42
CA ALA F 313 15.12 39.83 -102.19
CA GLY F 314 16.82 41.86 -104.89
CA ILE F 315 20.10 43.56 -105.44
CA ILE F 316 21.37 46.92 -104.06
CA GLY F 317 24.56 48.69 -105.09
CA VAL F 318 26.26 52.06 -105.32
CA ASN F 319 27.59 53.72 -108.46
CA ARG F 320 30.08 56.48 -109.14
CA LYS F 321 27.55 59.34 -108.75
CA GLY F 322 26.79 58.21 -105.24
CA GLN F 323 23.47 56.67 -106.06
CA VAL F 324 22.55 53.78 -103.82
CA LEU F 325 20.34 51.86 -106.31
CA SER F 326 18.38 48.70 -106.02
CA VAL F 327 16.48 46.33 -108.38
CA CYS F 328 14.07 43.54 -107.57
CA VAL F 329 11.20 41.44 -109.00
CA GLU F 330 7.85 43.19 -108.82
CA GLU F 331 5.96 40.21 -107.38
CA GLU F 332 2.75 41.38 -108.85
CA ASN F 333 3.98 41.98 -112.42
CA ILE F 334 6.44 39.18 -113.17
CA ILE F 335 4.15 36.22 -113.79
CA PRO F 336 2.00 38.47 -116.12
CA TYR F 337 5.18 39.76 -117.76
CA ILE F 338 6.51 36.22 -118.48
CA THR F 339 3.11 35.23 -119.87
CA ASN F 340 2.39 38.31 -122.01
CA VAL F 341 5.70 39.95 -122.86
CA LEU F 342 7.89 36.77 -122.75
CA GLN F 343 4.96 34.81 -124.07
CA ASN F 344 6.22 31.93 -122.04
CA PRO F 345 3.22 30.66 -120.01
CA ASP F 346 5.00 27.52 -119.08
CA LEU F 347 7.88 29.36 -117.37
CA ALA F 348 5.17 31.62 -115.93
CA LEU F 349 3.12 28.85 -114.33
CA ARG F 350 6.21 27.13 -113.00
CA MET F 351 7.72 30.22 -111.57
CA ALA F 352 4.22 31.09 -110.19
CA VAL F 353 3.60 27.84 -108.36
CA ARG F 354 7.26 27.41 -107.44
CA ASN F 355 7.27 30.82 -105.83
CA ASN F 356 3.67 31.33 -104.92
CA LEU F 357 3.48 34.43 -107.03
CA ALA F 358 0.30 35.75 -108.62
CA GLY F 359 -0.86 36.54 -112.11
CA ALA F 360 -1.46 33.13 -113.59
CA GLU F 361 -4.95 32.57 -112.21
CA GLU F 362 -6.59 32.14 -115.64
CA LEU F 363 -3.99 29.65 -116.76
CA PHE F 364 -4.53 27.63 -113.61
CA ALA F 365 -8.30 27.47 -113.83
CA ARG F 366 -7.84 26.57 -117.50
CA LYS F 367 -5.36 23.83 -116.58
CA PHE F 368 -7.63 22.49 -113.82
CA ASN F 369 -10.69 22.57 -116.03
CA ALA F 370 -8.72 20.81 -118.75
CA LEU F 371 -7.59 17.96 -116.57
CA PHE F 372 -11.17 17.64 -115.23
CA ALA F 373 -12.48 16.57 -118.65
CA GLN F 374 -9.77 14.05 -119.23
CA GLY F 375 -11.16 13.12 -115.83
CA ASN F 376 -7.71 13.01 -114.28
CA TYR F 377 -9.24 14.17 -111.05
CA SER F 378 -5.94 13.39 -109.46
CA GLU F 379 -3.88 15.67 -111.65
CA ALA F 380 -6.68 18.23 -111.50
CA ALA F 381 -6.50 18.25 -107.67
CA LYS F 382 -2.74 18.55 -107.63
CA VAL F 383 -3.22 21.77 -109.61
CA ALA F 384 -5.86 23.18 -107.27
CA ALA F 385 -3.82 22.19 -104.24
CA ASN F 386 -0.67 23.91 -105.49
CA ALA F 387 -1.82 26.84 -107.59
CA PRO F 388 -0.74 30.07 -105.72
CA LYS F 389 -2.58 32.34 -103.35
CA GLY F 390 -5.26 29.71 -102.84
CA ILE F 391 -6.88 30.53 -106.09
CA LEU F 392 -8.52 27.02 -106.52
CA ARG F 393 -8.74 25.90 -102.86
CA THR F 394 -12.34 26.92 -103.01
CA PRO F 395 -15.74 25.58 -101.83
CA ASP F 396 -16.69 25.55 -105.40
CA THR F 397 -13.65 23.44 -106.09
CA ILE F 398 -14.85 21.01 -103.42
CA ARG F 399 -18.40 21.13 -104.97
CA ARG F 400 -16.81 20.22 -108.27
CA PHE F 401 -15.11 17.09 -106.96
CA GLN F 402 -18.11 16.32 -104.82
CA SER F 403 -20.24 16.11 -107.98
CA VAL F 404 -18.51 13.30 -109.82
CA PRO F 405 -19.66 9.84 -108.82
CA ALA F 406 -17.46 7.19 -107.29
CA GLN F 407 -17.56 4.42 -109.92
CA PRO F 408 -17.03 1.06 -108.16
CA GLY F 409 -13.39 0.42 -107.26
CA GLN F 410 -10.93 3.34 -106.84
CA THR F 411 -11.22 6.31 -104.48
CA SER F 412 -13.56 9.31 -104.94
CA PRO F 413 -12.19 12.36 -106.72
CA LEU F 414 -13.06 14.33 -103.59
CA LEU F 415 -11.48 11.99 -101.16
CA GLN F 416 -8.60 11.98 -103.63
CA TYR F 417 -8.33 15.80 -103.53
CA PHE F 418 -8.64 15.83 -99.72
CA GLY F 419 -5.88 13.28 -99.77
CA ILE F 420 -3.58 15.67 -101.60
CA LEU F 421 -4.45 18.47 -99.28
CA LEU F 422 -3.92 16.38 -96.12
CA ASP F 423 -0.51 15.53 -97.51
CA GLN F 424 0.20 19.04 -98.60
CA GLY F 425 -0.65 20.19 -95.10
CA GLN F 426 -3.45 21.51 -92.91
CA LEU F 427 -7.06 22.00 -94.13
CA ASN F 428 -9.18 25.15 -93.47
CA LYS F 429 -12.46 25.48 -91.72
CA TYR F 430 -14.64 24.66 -94.72
CA GLU F 431 -12.46 21.80 -95.89
CA SER F 432 -12.24 20.27 -92.48
CA LEU F 433 -16.02 20.43 -92.20
CA GLU F 434 -16.54 18.86 -95.64
CA LEU F 435 -13.97 16.20 -94.87
CA CYS F 436 -15.39 15.36 -91.46
CA ARG F 437 -19.12 15.51 -92.03
CA PRO F 438 -19.39 12.11 -93.84
CA VAL F 439 -16.71 10.30 -91.75
CA LEU F 440 -18.55 11.35 -88.61
CA GLN F 441 -21.68 9.72 -89.97
CA GLN F 442 -19.74 6.59 -90.88
CA GLY F 443 -18.98 6.12 -87.16
CA ARG F 444 -15.35 6.69 -87.93
CA LYS F 445 -14.12 8.28 -84.67
CA GLN F 446 -10.64 6.95 -84.69
CA LEU F 447 -9.99 8.57 -88.11
CA LEU F 448 -10.99 12.07 -87.13
CA GLU F 449 -9.04 11.44 -83.90
CA LYS F 450 -5.84 10.93 -85.88
CA TRP F 451 -6.51 13.81 -88.23
CA LEU F 452 -6.94 15.93 -85.06
CA LYS F 453 -3.82 14.72 -83.26
CA GLU F 454 -1.62 14.92 -86.31
CA ASP F 455 -3.02 18.45 -86.20
CA LYS F 456 -4.46 18.36 -89.73
CA LEU F 457 -7.91 19.99 -89.12
CA GLU F 458 -8.58 23.63 -88.36
CA CYS F 459 -10.56 22.52 -86.60
CA SER F 460 -13.66 24.67 -86.35
CA GLU F 461 -16.84 24.81 -84.22
CA GLU F 462 -18.71 23.54 -87.28
CA LEU F 463 -16.46 20.58 -88.12
CA GLY F 464 -17.01 19.81 -84.47
CA ASP F 465 -20.78 20.08 -84.66
CA LEU F 466 -20.59 17.66 -87.58
CA VAL F 467 -18.58 15.21 -85.53
CA LYS F 468 -20.87 15.66 -82.52
CA SER F 469 -23.53 14.16 -84.81
CA VAL F 470 -21.46 10.97 -84.76
CA ASP F 471 -19.12 11.20 -81.81
CA PRO F 472 -20.07 13.82 -79.26
CA THR F 473 -16.86 12.67 -77.54
CA LEU F 474 -14.70 13.16 -80.67
CA ALA F 475 -16.22 16.68 -80.85
CA LEU F 476 -14.66 18.07 -77.62
CA SER F 477 -11.40 17.18 -79.24
CA VAL F 478 -11.97 19.49 -82.28
CA TYR F 479 -13.70 22.13 -80.22
CA LEU F 480 -10.91 22.16 -77.67
CA ARG F 481 -8.78 22.88 -80.79
CA ALA F 482 -11.33 25.05 -82.41
CA ASN F 483 -13.62 28.01 -81.06
CA VAL F 484 -12.79 27.90 -76.64
CA PRO F 485 -18.02 27.17 -80.07
CA ASN F 486 -18.29 26.15 -76.47
CA LYS F 487 -22.00 26.66 -76.22
CA VAL F 488 -22.62 24.58 -79.28
CA ILE F 489 -20.48 21.70 -78.11
CA GLN F 490 -22.18 21.46 -74.77
CA CYS F 491 -25.50 21.67 -76.43
CA PHE F 492 -25.95 18.62 -78.55
CA ALA F 493 -23.44 16.97 -76.33
CA GLU F 494 -25.96 15.89 -73.85
CA THR F 495 -24.05 12.78 -74.56
CA GLY F 496 -20.31 13.07 -74.52
CA GLN F 497 -17.33 12.57 -72.30
CA VAL F 498 -17.66 13.92 -68.81
CA GLN F 499 -14.15 15.26 -68.65
CA LYS F 500 -14.54 17.40 -71.73
CA ILE F 501 -17.88 18.65 -70.53
CA VAL F 502 -16.53 19.81 -67.23
CA LEU F 503 -13.89 21.92 -68.94
CA TYR F 504 -16.01 23.40 -71.72
CA ALA F 505 -19.19 24.04 -69.76
CA LYS F 506 -17.44 26.82 -67.88
CA LYS F 507 -16.50 28.51 -71.13
CA VAL F 508 -20.10 28.51 -72.33
CA GLY F 509 -20.38 29.74 -73.38
CA TYR F 510 -22.82 28.92 -73.03
CA THR F 511 -24.04 28.19 -69.57
CA PRO F 512 -27.14 26.22 -70.54
CA ASP F 513 -24.84 23.60 -71.97
CA TRP F 514 -23.89 22.86 -68.39
CA ILE F 515 -27.48 22.14 -67.48
CA PHE F 516 -27.72 19.96 -70.52
CA LEU F 517 -24.53 18.23 -69.53
CA LEU F 518 -25.83 17.50 -66.07
CA ARG F 519 -28.86 15.87 -67.55
CA ASN F 520 -26.67 13.61 -69.61
CA VAL F 521 -24.54 12.70 -66.68
CA MET F 522 -27.68 12.13 -64.68
CA ARG F 523 -27.97 7.17 -66.52
CA ILE F 524 -25.02 7.74 -68.75
CA SER F 525 -21.49 6.51 -69.08
CA PRO F 526 -20.88 8.27 -65.86
CA ASP F 527 -22.49 6.63 -62.88
CA GLN F 528 -22.50 6.88 -59.14
CA GLY F 529 -19.26 6.41 -57.31
CA GLN F 530 -16.28 8.32 -58.44
CA GLN F 531 -16.99 9.14 -62.02
CA PHE F 532 -17.73 12.11 -64.17
CA ALA F 533 -21.15 12.27 -62.61
CA GLN F 534 -20.29 14.09 -59.40
CA MET F 535 -16.89 15.30 -60.45
CA LEU F 536 -18.52 17.03 -63.37
CA VAL F 537 -20.64 19.00 -60.99
CA GLN F 538 -17.51 20.20 -59.26
CA ASP F 539 -15.97 21.91 -62.25
CA GLU F 540 -19.39 23.22 -63.11
CA GLU F 541 -19.51 24.81 -59.71
CA PRO F 542 -21.48 28.10 -61.12
CA LEU F 543 -24.25 26.85 -62.73
CA ALA F 544 -27.17 26.11 -64.98
CA ASP F 545 -29.84 24.58 -64.17
CA ILE F 546 -29.26 23.10 -60.73
CA THR F 547 -32.68 21.50 -60.87
CA GLN F 548 -31.80 20.15 -64.29
CA ILE F 549 -28.70 18.43 -63.07
CA VAL F 550 -30.51 16.80 -60.19
CA ASP F 551 -33.48 15.92 -62.34
CA VAL F 552 -31.21 13.96 -64.60
CA PHE F 553 -29.64 12.14 -61.71
CA MET F 554 -32.96 11.28 -60.14
CA GLU F 555 -34.51 9.66 -63.20
CA TYR F 556 -31.39 7.58 -63.57
CA ASN F 557 -31.81 6.64 -59.91
CA LEU F 558 -28.25 7.86 -59.58
CA ILE F 559 -29.39 9.51 -56.35
CA GLN F 560 -26.67 7.92 -54.29
CA GLN F 561 -24.08 9.47 -56.59
CA CYS F 562 -25.92 12.73 -56.80
CA THR F 563 -25.79 13.14 -53.07
CA ALA F 564 -22.11 12.24 -53.11
CA PHE F 565 -21.19 14.95 -55.58
CA LEU F 566 -23.26 17.54 -53.81
CA LEU F 567 -21.02 17.00 -50.84
CA ASP F 568 -18.14 18.08 -53.05
CA ALA F 569 -20.11 21.08 -54.25
CA LEU F 570 -20.40 22.61 -50.82
CA LYS F 571 -16.66 22.74 -50.58
CA ASN F 572 -16.35 24.94 -53.61
CA ASN F 573 -16.99 28.19 -51.83
CA ARG F 574 -17.75 30.22 -54.89
CA PRO F 575 -19.56 27.46 -56.63
CA SER F 576 -21.74 26.96 -53.61
CA GLU F 577 -25.32 28.08 -53.95
CA GLY F 578 -29.19 28.22 -49.46
CA PRO F 579 -31.54 27.23 -52.17
CA LEU F 580 -28.98 24.74 -53.37
CA GLN F 581 -29.10 22.81 -50.14
CA THR F 582 -32.84 23.05 -50.02
CA ARG F 583 -33.27 21.72 -53.53
CA LEU F 584 -30.75 18.96 -53.06
CA LEU F 585 -32.44 17.48 -50.07
CA GLU F 586 -35.80 17.72 -51.73
CA MET F 587 -34.49 15.92 -54.76
CA ASN F 588 -32.81 13.40 -52.55
CA LEU F 589 -36.04 12.60 -50.81
CA MET F 590 -37.81 11.49 -53.95
CA HIS F 591 -34.63 10.48 -55.75
CA ALA F 592 -32.77 8.58 -53.07
CA PRO F 593 -33.86 8.64 -49.52
CA GLN F 594 -30.72 6.98 -48.27
CA VAL F 595 -28.79 10.12 -49.07
CA ALA F 596 -31.49 12.29 -47.60
CA ASP F 597 -30.60 11.67 -44.00
CA ALA F 598 -26.87 12.06 -44.41
CA ILE F 599 -27.34 15.39 -46.10
CA LEU F 600 -29.43 16.42 -43.15
CA GLY F 601 -26.51 15.73 -40.95
CA ASN F 602 -24.00 17.35 -43.24
CA GLN F 603 -25.61 20.65 -43.96
CA MET F 604 -29.25 20.17 -44.36
CA PHE F 605 -29.75 21.37 -40.89
CA THR F 606 -27.98 24.69 -40.92
CA HIS F 607 -28.43 25.98 -44.40
CA TYR F 608 -31.68 24.67 -45.67
CA ASP F 609 -35.23 25.95 -45.94
CA ARG F 610 -36.35 23.69 -43.12
CA ALA F 611 -40.04 24.19 -43.61
CA HIS F 612 -39.83 23.18 -47.24
CA ILE F 613 -37.80 20.09 -46.56
CA ALA F 614 -40.16 18.86 -43.94
CA GLN F 615 -43.16 18.97 -46.19
CA LEU F 616 -41.18 17.03 -48.72
CA CYS F 617 -40.15 14.43 -46.15
CA GLU F 618 -43.73 14.07 -45.00
CA LYS F 619 -44.78 13.11 -48.47
CA ALA F 620 -41.61 11.06 -48.56
CA GLY F 621 -42.50 8.89 -45.58
CA LEU F 622 -39.05 9.83 -44.31
CA LEU F 623 -40.40 10.07 -40.76
CA GLN F 624 -37.19 8.87 -39.15
CA ARG F 625 -35.51 11.93 -40.70
CA ALA F 626 -38.61 14.07 -40.19
CA LEU F 627 -38.15 13.68 -36.48
CA GLU F 628 -34.59 14.84 -36.90
CA HIS F 629 -35.68 18.01 -38.64
CA PHE F 630 -38.46 18.62 -36.20
CA THR F 631 -36.10 18.18 -33.34
CA ASP F 632 -33.58 20.66 -34.75
CA LEU F 633 -36.45 22.86 -35.83
CA TYR F 634 -37.25 22.80 -32.14
CA ASP F 635 -40.71 21.81 -33.07
CA ILE F 636 -40.62 19.11 -30.43
CA LYS F 637 -44.34 18.60 -30.23
CA ARG F 638 -44.31 17.62 -33.87
CA ALA F 639 -41.39 15.30 -33.43
CA VAL F 640 -43.20 13.45 -30.71
CA VAL F 641 -46.47 13.29 -32.57
CA HIS F 642 -44.66 11.84 -35.56
CA THR F 643 -42.80 9.41 -33.38
CA HIS F 644 -46.14 8.29 -32.12
CA LEU F 645 -47.32 7.18 -35.50
CA LEU F 646 -44.11 5.40 -36.30
CA ASN F 647 -41.99 4.32 -33.39
CA PRO F 648 -39.25 6.63 -32.46
CA GLU F 649 -35.96 5.75 -30.88
CA TRP F 650 -36.06 5.04 -27.18
CA LEU F 651 -33.44 7.53 -26.07
CA VAL F 652 -34.82 10.39 -28.13
CA ASN F 653 -38.29 9.89 -26.78
CA TYR F 654 -37.16 10.62 -23.26
CA PHE F 655 -35.33 13.79 -24.16
CA GLY F 656 -37.81 15.25 -26.62
CA SER F 657 -40.97 14.62 -24.66
CA LEU F 658 -39.85 16.88 -21.86
CA SER F 659 -38.88 19.46 -24.40
CA VAL F 660 -42.48 19.48 -25.42
CA GLU F 661 -43.31 22.37 -23.16
CA ASP F 662 -46.15 23.27 -25.41
CA SER F 663 -48.42 20.34 -24.90
CA LEU F 664 -48.85 18.73 -21.52
CA GLU F 665 -51.49 16.48 -23.05
CA CYS F 666 -48.87 14.85 -25.18
CA LEU F 667 -47.51 13.39 -21.99
CA ARG F 668 -50.79 11.69 -21.21
CA ALA F 669 -51.11 10.64 -24.80
CA MET F 670 -47.63 9.20 -24.65
CA LEU F 671 -48.29 7.20 -21.55
CA SER F 672 -51.21 5.53 -23.21
CA ALA F 673 -49.10 4.66 -26.21
CA ASN F 674 -46.28 3.53 -23.99
CA ILE F 675 -48.52 1.31 -21.99
CA ARG F 676 -49.17 -0.69 -25.08
CA GLN F 677 -45.95 -0.95 -26.99
CA ASN F 678 -43.80 -1.52 -23.95
CA LEU F 679 -44.43 -1.81 -20.23
CA GLN F 680 -40.79 -1.34 -19.37
CA ILE F 681 -40.48 1.86 -21.30
CA CYS F 682 -43.48 3.28 -19.54
CA VAL F 683 -42.00 3.03 -16.09
CA GLN F 684 -38.84 4.82 -17.10
CA VAL F 685 -40.73 7.33 -19.18
CA ALA F 686 -43.14 7.96 -16.35
CA SER F 687 -40.38 9.27 -14.18
CA LYS F 688 -39.44 12.18 -16.47
CA TYR F 689 -42.03 12.94 -15.72
CA HIS F 690 -45.47 13.95 -15.09
CA GLU F 691 -47.05 17.44 -15.83
CA GLN F 692 -49.95 15.91 -14.37
CA LEU F 693 -53.37 15.23 -12.82
CA SER F 694 -54.63 13.15 -15.64
CA THR F 695 -55.30 11.93 -12.63
CA GLN F 696 -58.11 9.43 -13.28
CA SER F 697 -57.45 9.34 -16.98
CA LEU F 698 -53.82 8.76 -16.27
CA ILE F 699 -54.55 5.74 -14.12
CA GLU F 700 -57.22 4.45 -16.43
CA LEU F 701 -54.62 4.45 -19.17
CA PHE F 702 -52.22 2.51 -16.99
CA GLU F 703 -54.77 -0.16 -16.29
CA SER F 704 -55.66 -0.84 -19.92
CA PHE F 705 -51.98 -1.26 -20.67
CA LYS F 706 -52.11 -3.69 -17.79
CA SER F 707 -49.15 -1.98 -16.31
CA PHE F 708 -50.56 -2.27 -12.83
CA GLU F 709 -47.11 -2.70 -11.39
CA GLY F 710 -45.72 0.40 -13.03
CA LEU F 711 -48.66 2.59 -12.16
CA PHE F 712 -48.20 1.64 -8.54
CA TYR F 713 -44.48 2.28 -8.73
CA PHE F 714 -44.96 5.71 -10.30
CA LEU F 715 -47.38 6.85 -7.64
CA GLY F 716 -44.85 5.67 -5.14
CA SER F 717 -42.38 8.24 -6.42
CA ILE F 718 -44.90 11.05 -6.67
CA VAL F 719 -45.93 10.67 -3.05
CA ASN F 720 -42.44 11.62 -2.00
CA PHE F 721 -42.97 15.06 -3.36
CA SER F 722 -45.98 17.12 -2.46
CA GLN F 723 -49.09 15.51 -3.80
CA ASP F 724 -50.80 14.43 -2.84
CA PRO F 725 -52.90 11.87 -1.15
CA ASP F 726 -54.06 10.66 -4.52
CA VAL F 727 -50.65 9.21 -5.14
CA HIS F 728 -50.41 7.37 -1.84
CA PHE F 729 -53.94 6.19 -2.44
CA LYS F 730 -53.12 4.82 -5.87
CA TYR F 731 -49.86 3.25 -4.73
CA ILE F 732 -51.45 1.16 -2.05
CA GLN F 733 -54.20 0.03 -4.36
CA ALA F 734 -51.71 -1.06 -6.96
CA ALA F 735 -49.54 -2.64 -4.33
CA CYS F 736 -52.38 -4.81 -3.20
CA LYS F 737 -52.87 -6.50 -6.53
CA THR F 738 -49.30 -5.98 -7.74
CA GLY F 739 -47.26 -6.79 -4.66
CA GLN F 740 -48.99 -7.73 -1.44
CA ILE F 741 -45.81 -7.76 0.58
CA LYS F 742 -45.27 -4.07 -0.12
CA GLU F 743 -48.86 -3.31 0.83
CA VAL F 744 -48.16 -3.66 4.55
CA GLU F 745 -45.11 -1.48 4.92
CA ARG F 746 -46.69 1.25 2.92
CA ILE F 747 -49.82 1.44 5.04
CA CYS F 748 -47.64 1.49 8.08
CA ARG F 749 -46.08 4.81 7.11
CA GLU F 750 -48.64 6.08 4.58
CA SER F 751 -51.95 5.23 6.25
CA ASN F 752 -52.38 8.83 7.33
CA CYS F 753 -52.33 10.34 3.87
CA TYR F 754 -54.54 7.95 1.96
CA ASP F 755 -58.32 7.81 1.49
CA PRO F 756 -58.87 4.89 3.81
CA GLU F 757 -62.24 3.79 2.54
CA ARG F 758 -60.84 3.07 -0.86
CA VAL F 759 -57.78 1.35 0.56
CA LYS F 760 -60.09 -0.97 2.38
CA ASN F 761 -62.18 -1.90 -0.62
CA PHE F 762 -58.95 -2.77 -2.34
CA LEU F 763 -57.78 -4.87 0.60
CA LYS F 764 -61.09 -6.67 0.77
CA GLU F 765 -60.75 -7.83 -2.79
CA ALA F 766 -57.10 -8.45 -2.02
CA LYS F 767 -57.75 -10.84 0.86
CA LEU F 768 -55.18 -8.65 2.60
CA THR F 769 -56.85 -9.52 5.90
CA ASP F 770 -53.81 -8.94 8.06
CA GLN F 771 -53.62 -5.38 6.74
CA LEU F 772 -57.36 -4.76 6.66
CA PRO F 773 -57.67 -4.85 10.36
CA LEU F 774 -54.69 -2.61 10.63
CA ILE F 775 -56.56 0.05 8.73
CA ILE F 776 -59.89 -0.79 10.27
CA VAL F 777 -58.39 -0.59 13.71
CA CYS F 778 -56.38 2.49 12.89
CA ASP F 779 -57.64 5.10 10.52
CA ARG F 780 -60.95 3.39 10.29
CA PHE F 781 -60.83 4.03 12.71
CA ASP F 782 -63.35 1.39 11.85
CA PHE F 783 -62.49 -1.01 14.61
CA VAL F 784 -65.55 -3.09 13.93
CA HIS F 785 -64.35 -3.71 10.40
CA ASP F 786 -60.88 -4.65 11.45
CA LEU F 787 -62.14 -7.25 13.85
CA VAL F 788 -64.40 -8.91 11.35
CA LEU F 789 -61.42 -9.02 9.05
CA TYR F 790 -59.30 -10.42 11.85
CA LEU F 791 -61.81 -13.18 12.21
CA TYR F 792 -60.92 -14.02 8.67
CA ARG F 793 -57.29 -14.07 9.79
CA ASN F 794 -55.03 -11.90 11.97
CA ASN F 795 -52.78 -11.88 15.02
CA LEU F 796 -53.91 -12.42 18.57
CA GLN F 797 -52.21 -9.47 20.20
CA LYS F 798 -53.69 -6.76 18.05
CA TYR F 799 -56.89 -8.71 18.27
CA ILE F 800 -57.02 -8.38 22.01
CA GLU F 801 -56.63 -4.62 21.84
CA ILE F 802 -58.96 -3.78 18.95
CA TYR F 803 -61.71 -6.07 20.13
CA VAL F 804 -62.40 -3.87 23.11
CA GLN F 805 -62.61 -0.68 21.07
CA LYS F 806 -65.22 -2.22 18.84
CA VAL F 807 -70.01 -6.73 18.19
CA ASN F 808 -74.47 -8.72 19.02
CA PRO F 809 -72.23 -9.66 21.85
CA SER F 810 -72.22 -13.23 20.63
CA ARG F 811 -69.29 -12.02 18.58
CA LEU F 812 -67.42 -11.85 21.83
CA PRO F 813 -67.75 -15.58 22.25
CA VAL F 814 -66.86 -16.18 18.65
CA VAL F 815 -63.83 -14.02 19.15
CA ILE F 816 -62.70 -15.72 22.31
CA GLY F 817 -62.75 -19.01 20.52
CA GLY F 818 -60.92 -17.49 17.62
CA LEU F 819 -58.13 -16.20 19.74
CA LEU F 820 -57.88 -19.43 21.63
CA ASP F 821 -58.21 -21.71 18.63
CA VAL F 822 -56.00 -19.68 16.43
CA ASP F 823 -52.51 -19.38 17.69
CA CYS F 824 -53.30 -16.10 19.31
CA SER F 825 -51.14 -15.73 22.32
CA GLU F 826 -52.72 -16.70 25.57
CA ASP F 827 -51.57 -13.34 26.74
CA VAL F 828 -53.24 -11.91 23.70
CA ILE F 829 -56.32 -13.85 24.59
CA LYS F 830 -56.10 -12.61 28.14
CA ASN F 831 -55.58 -9.10 26.91
CA LEU F 832 -58.62 -9.47 24.74
CA ILE F 833 -60.63 -11.16 27.42
CA LEU F 834 -64.01 -10.90 29.77
CA VAL F 835 -66.10 -9.09 27.23
CA VAL F 836 -66.23 -12.27 25.21
CA ARG F 837 -67.44 -14.30 28.13
CA GLY F 838 -70.15 -11.80 28.82
CA GLN F 839 -11.09 105.34 -48.30
CA PHE F 840 -12.04 102.92 -50.99
CA SER F 841 -10.13 100.36 -52.92
CA THR F 842 -8.17 97.80 -52.44
CA ASP F 843 -7.31 94.37 -53.72
CA GLU F 844 -3.82 95.53 -54.51
CA LEU F 845 -3.29 96.64 -50.98
CA VAL F 846 -4.55 93.33 -49.69
CA ALA F 847 -2.50 91.29 -52.09
CA GLU F 848 0.64 93.10 -51.08
CA VAL F 849 -0.12 92.68 -47.41
CA GLU F 850 -0.90 89.00 -47.71
CA LYS F 851 2.26 87.76 -49.39
CA ARG F 852 4.23 89.90 -47.02
CA ASN F 853 2.58 87.93 -44.24
CA ARG F 854 1.59 91.46 -43.28
CA LEU F 855 -0.95 88.90 -40.91
CA LYS F 856 -1.12 90.37 -37.45
CA LEU F 857 -1.47 93.86 -38.93
CA LEU F 858 -3.42 92.77 -41.98
CA LEU F 859 -6.29 91.71 -39.82
CA PRO F 860 -6.61 95.16 -38.36
CA TRP F 861 -6.56 96.97 -41.67
CA LEU F 862 -9.40 94.84 -42.93
CA GLU F 863 -11.17 95.77 -39.77
CA ALA F 864 -11.26 99.36 -40.99
CA ARG F 865 -11.99 98.55 -44.60
CA ILE F 866 -15.30 96.96 -43.71
CA HIS F 867 -16.59 100.41 -42.91
CA GLU F 868 -15.88 101.56 -46.44
CA GLY F 869 -18.99 101.77 -48.57
CA CYS F 870 -16.91 100.26 -51.34
CA GLU F 871 -16.55 97.17 -49.14
CA GLU F 872 -17.43 92.13 -49.85
CA PRO F 873 -17.93 88.85 -48.13
CA ALA F 874 -14.64 87.68 -49.55
CA THR F 875 -12.92 90.09 -47.24
CA HIS F 876 -14.92 89.15 -44.20
CA ASN F 877 -14.33 85.49 -44.70
CA ALA F 878 -10.64 86.06 -45.20
CA LEU F 879 -10.29 88.18 -42.10
CA ALA F 880 -11.91 85.72 -39.79
CA LYS F 881 -9.80 82.84 -40.98
CA ILE F 882 -6.64 84.86 -40.60
CA TYR F 883 -8.03 85.99 -37.29
CA ILE F 884 -8.39 82.36 -36.36
CA ASP F 885 -4.65 82.57 -35.95
CA SER F 886 -5.12 85.41 -33.47
CA ASN F 887 -7.98 83.86 -31.55
CA ASN F 888 -9.22 86.73 -29.41
CA ASN F 889 -10.40 88.81 -32.35
CA PRO F 890 -12.42 86.15 -34.07
CA GLU F 891 -15.22 86.03 -31.54
CA ARG F 892 -16.11 89.67 -31.96
CA PHE F 893 -15.63 89.37 -35.67
CA LEU F 894 -18.23 86.71 -36.18
CA ARG F 895 -20.50 88.69 -33.96
CA GLU F 896 -19.84 91.77 -36.03
CA ASN F 897 -20.37 90.52 -39.55
CA PRO F 898 -22.87 88.05 -40.71
CA TYR F 899 -21.64 88.21 -44.26
CA TYR F 900 -19.07 85.48 -44.26
CA ASP F 901 -18.84 82.22 -46.19
CA SER F 902 -19.55 81.53 -42.74
CA ARG F 903 -18.24 78.21 -43.94
CA VAL F 904 -14.75 79.54 -44.32
CA VAL F 905 -14.76 81.27 -40.97
CA GLY F 906 -15.97 78.18 -39.24
CA LYS F 907 -13.13 76.01 -40.44
CA TYR F 908 -10.77 78.66 -39.21
CA CYS F 909 -12.60 78.83 -35.90
CA GLU F 910 -12.50 75.06 -35.75
CA LYS F 911 -8.78 75.28 -35.32
CA ARG F 912 -9.46 77.89 -32.68
CA ASP F 913 -11.82 77.79 -29.72
CA PRO F 914 -15.31 76.54 -30.08
CA HIS F 915 -17.03 79.33 -28.19
CA LEU F 916 -17.19 81.50 -31.27
CA ALA F 917 -18.07 78.48 -33.33
CA CYS F 918 -21.28 78.02 -31.45
CA VAL F 919 -22.20 81.59 -32.20
CA ALA F 920 -21.58 81.16 -35.90
CA TYR F 921 -23.27 77.80 -36.05
CA GLU F 922 -26.17 79.45 -34.35
CA ARG F 923 -26.39 82.29 -36.86
CA GLY F 924 -25.55 79.91 -39.67
CA GLN F 925 -28.67 78.18 -38.50
CA CYS F 926 -26.67 75.02 -38.40
CA ASP F 927 -28.30 74.14 -35.12
CA LEU F 928 -27.20 70.55 -35.06
CA GLU F 929 -23.61 71.70 -35.12
CA LEU F 930 -24.23 74.22 -32.38
CA ILE F 931 -25.59 71.56 -30.09
CA ASN F 932 -22.97 68.93 -30.61
CA VAL F 933 -20.23 71.45 -30.17
CA CYS F 934 -22.04 72.77 -27.12
CA ASN F 935 -22.05 69.26 -25.75
CA GLU F 936 -18.41 69.67 -25.01
CA ASN F 937 -19.14 73.05 -23.46
CA SER F 938 -22.06 75.43 -23.64
CA LEU F 939 -24.60 77.54 -21.85
CA PHE F 940 -27.77 75.96 -20.58
CA LYS F 941 -30.09 78.72 -21.67
CA SER F 942 -28.98 78.74 -25.27
CA LEU F 943 -29.14 74.98 -25.26
CA SER F 944 -32.80 75.00 -24.44
CA ARG F 945 -33.60 77.26 -27.36
CA TYR F 946 -31.40 75.66 -30.01
CA LEU F 947 -31.98 72.02 -29.20
CA VAL F 948 -35.53 72.32 -30.43
CA ARG F 949 -34.39 73.62 -33.79
CA ARG F 950 -32.14 70.59 -34.27
CA LYS F 951 -33.08 68.50 -37.27
CA ASP F 952 -31.77 65.18 -36.01
CA PRO F 953 -34.05 64.19 -33.23
CA GLU F 954 -31.45 61.65 -32.15
CA LEU F 955 -29.56 64.49 -30.57
CA TRP F 956 -32.38 64.78 -28.09
CA GLY F 957 -31.70 61.33 -26.79
CA SER F 958 -28.04 62.22 -26.79
CA VAL F 959 -28.65 65.39 -24.84
CA LEU F 960 -30.86 63.73 -22.28
CA LEU F 961 -28.05 61.33 -21.56
CA GLU F 962 -25.69 64.22 -21.40
CA SER F 963 -27.82 65.96 -18.84
CA ASN F 964 -28.49 63.01 -16.57
CA PRO F 965 -24.97 61.86 -15.96
CA TYR F 966 -23.91 65.40 -15.62
CA ARG F 967 -24.15 66.15 -12.00
CA ARG F 968 -26.44 68.93 -12.34
CA PRO F 969 -29.12 70.40 -10.81
CA LEU F 970 -32.86 71.33 -11.11
CA ILE F 971 -34.58 74.47 -10.29
CA ASP F 972 -35.41 77.15 -12.77
CA GLN F 973 -35.91 76.19 -16.34
CA VAL F 974 -33.77 73.11 -16.69
CA VAL F 975 -34.73 69.47 -16.88
CA GLN F 976 -38.40 70.11 -16.41
CA THR F 977 -38.58 73.03 -18.77
CA ALA F 978 -36.27 71.28 -21.19
CA LEU F 979 -38.28 68.13 -21.09
CA SER F 980 -41.35 70.06 -22.12
CA GLU F 981 -39.69 71.32 -25.26
CA THR F 982 -38.20 67.97 -26.13
CA GLN F 983 -41.17 66.35 -25.16
CA ASP F 984 -40.42 63.86 -28.01
CA PRO F 985 -38.76 62.27 -27.95
CA GLU F 986 -36.42 59.31 -26.29
CA GLU F 987 -33.36 57.68 -24.93
CA VAL F 988 -35.83 58.22 -22.29
CA SER F 989 -34.21 55.76 -19.94
CA VAL F 990 -31.02 57.79 -20.01
CA THR F 991 -32.74 60.76 -18.51
CA VAL F 992 -34.53 58.54 -16.03
CA LYS F 993 -31.39 56.74 -14.96
CA ALA F 994 -29.77 60.06 -14.21
CA PHE F 995 -32.70 61.19 -12.14
CA MET F 996 -32.84 58.04 -10.10
CA THR F 997 -29.20 58.03 -9.06
CA ALA F 998 -29.61 61.64 -8.09
CA ASP F 999 -32.43 60.41 -5.87
CA LEU F 1000 -34.34 63.00 -7.83
CA PRO F 1001 -37.45 60.85 -8.55
CA ASN F 1002 -40.10 62.82 -5.29
CA GLU F 1003 -39.76 64.33 -8.75
CA LEU F 1004 -39.68 61.01 -10.55
CA ILE F 1005 -43.18 60.29 -9.43
CA GLU F 1006 -44.27 63.76 -10.41
CA LEU F 1007 -43.09 63.43 -14.00
CA LEU F 1008 -44.61 60.00 -14.42
CA GLU F 1009 -47.97 61.29 -13.38
CA LYS F 1010 -47.76 63.73 -16.26
CA ILE F 1011 -46.51 61.08 -18.66
CA VAL F 1012 -49.62 58.96 -18.49
CA LEU F 1013 -51.83 61.65 -19.96
CA ASP F 1014 -49.18 63.09 -22.24
CA ASN F 1015 -49.50 61.70 -25.71
CA SER F 1016 -46.80 64.19 -26.58
CA VAL F 1017 -44.61 62.34 -24.17
CA PHE F 1018 -44.46 58.54 -24.38
CA SER F 1019 -47.98 57.28 -24.74
CA GLU F 1020 -49.47 55.59 -21.76
CA HIS F 1021 -48.18 52.09 -21.44
CA ARG F 1022 -48.34 49.27 -18.96
CA ASN F 1023 -44.81 49.81 -17.82
CA LEU F 1024 -45.44 53.32 -16.62
CA GLN F 1025 -48.61 52.44 -14.81
CA ASN F 1026 -46.82 49.54 -13.27
CA LEU F 1027 -43.99 51.63 -11.93
CA LEU F 1028 -46.12 54.49 -10.70
CA ILE F 1029 -48.23 52.37 -8.47
CA LEU F 1030 -45.18 50.67 -7.03
CA THR F 1031 -43.56 53.94 -6.26
CA ALA F 1032 -46.84 55.23 -4.97
CA ILE F 1033 -47.13 52.56 -2.36
CA LYS F 1034 -43.82 53.34 -0.73
CA ALA F 1035 -43.77 57.00 -1.73
CA ASP F 1036 -47.37 58.07 -1.27
CA ARG F 1037 -49.80 55.52 0.07
CA THR F 1038 -52.77 57.85 -0.21
CA ARG F 1039 -52.36 58.07 -3.96
CA VAL F 1040 -51.92 54.34 -4.28
CA MET F 1041 -55.65 53.76 -3.84
CA GLU F 1042 -56.86 56.29 -6.38
CA TYR F 1043 -54.36 55.12 -8.91
CA ILE F 1044 -55.41 51.48 -8.74
CA ASN F 1045 -58.99 52.17 -9.65
CA ARG F 1046 -57.80 54.22 -12.60
CA LEU F 1047 -55.00 51.69 -13.09
CA ASP F 1048 -56.76 49.16 -15.28
CA ASN F 1049 -53.91 47.78 -17.32
CA TYR F 1050 -51.27 47.06 -14.77
CA ASP F 1051 -49.10 44.03 -14.14
CA ALA F 1052 -51.12 43.09 -11.10
CA PRO F 1053 -48.79 40.63 -9.54
CA ASP F 1054 -46.26 43.41 -9.32
CA ILE F 1055 -48.64 45.65 -7.47
CA ALA F 1056 -49.67 42.99 -5.07
CA ASN F 1057 -46.27 42.18 -3.72
CA ILE F 1058 -45.76 45.90 -3.49
CA ALA F 1059 -48.93 46.44 -1.45
CA ILE F 1060 -48.21 43.46 0.71
CA SER F 1061 -44.93 44.99 1.58
CA ASN F 1062 -46.53 48.22 2.55
CA GLU F 1063 -49.57 47.06 4.52
CA LEU F 1064 -51.98 48.23 1.82
CA PHE F 1065 -54.69 45.83 3.09
CA GLU F 1066 -57.77 47.58 1.78
CA GLU F 1067 -56.12 48.16 -1.58
CA ALA F 1068 -54.79 44.64 -1.61
CA PHE F 1069 -58.30 43.33 -1.32
CA ALA F 1070 -59.32 45.44 -4.26
CA ILE F 1071 -56.62 44.05 -6.50
CA PHE F 1072 -57.10 40.52 -5.31
CA ARG F 1073 -60.72 41.05 -6.14
CA LYS F 1074 -60.05 42.23 -9.68
CA PHE F 1075 -57.25 39.73 -10.14
CA ASP F 1076 -59.96 37.28 -9.30
CA VAL F 1077 -57.93 35.65 -6.43
CA ASN F 1078 -60.73 34.58 -3.73
CA THR F 1079 -58.42 32.55 -1.52
CA SER F 1080 -56.23 35.59 -1.20
CA ALA F 1081 -59.14 37.83 -0.37
CA VAL F 1082 -60.18 35.64 2.51
CA GLN F 1083 -56.69 35.15 3.81
CA VAL F 1084 -56.08 38.86 3.80
CA LEU F 1085 -59.49 39.30 5.36
CA ILE F 1086 -58.48 37.12 8.22
CA GLU F 1087 -55.58 39.34 9.21
CA HIS F 1088 -57.48 42.58 8.92
CA ILE F 1089 -61.10 42.27 9.77
CA GLY F 1090 -62.77 43.22 6.55
CA ASN F 1091 -66.53 42.91 6.56
CA LEU F 1092 -68.74 40.07 7.68
CA ASP F 1093 -71.08 40.23 4.72
CA ARG F 1094 -68.42 40.02 2.06
CA ALA F 1095 -66.81 37.22 3.97
CA TYR F 1096 -69.89 35.11 3.60
CA GLU F 1097 -69.97 35.56 -0.14
CA PHE F 1098 -66.28 35.12 -0.92
CA ALA F 1099 -65.56 32.20 1.35
CA GLU F 1100 -67.68 29.90 -0.75
CA ARG F 1101 -65.78 30.81 -3.89
CA CYS F 1102 -62.55 29.76 -2.19
CA ASN F 1103 -60.95 26.83 -3.95
CA GLU F 1104 -59.16 25.39 -0.94
CA PRO F 1105 -61.62 23.84 1.40
CA ALA F 1106 -59.00 24.03 4.12
CA VAL F 1107 -59.79 27.69 4.36
CA TRP F 1108 -63.15 26.81 5.79
CA SER F 1109 -61.69 24.98 8.73
CA GLN F 1110 -59.18 27.75 9.23
CA LEU F 1111 -62.02 30.22 8.82
CA ALA F 1112 -64.14 28.45 11.40
CA LYS F 1113 -61.32 28.76 13.88
CA ALA F 1114 -60.93 32.44 13.13
CA GLN F 1115 -64.58 33.11 13.79
CA LEU F 1116 -64.40 30.85 16.75
CA GLN F 1117 -61.70 32.92 18.34
CA LYS F 1118 -63.00 36.29 17.24
CA GLY F 1119 -66.61 35.56 17.94
CA MET F 1120 -68.34 32.22 18.09
CA VAL F 1121 -71.77 33.71 18.27
CA LYS F 1122 -73.47 36.00 15.81
CA GLU F 1123 -70.73 35.21 13.37
CA ALA F 1124 -69.66 31.62 13.36
CA ILE F 1125 -73.23 30.43 13.38
CA ASP F 1126 -74.15 32.44 10.33
CA SER F 1127 -70.87 31.53 8.73
CA TYR F 1128 -71.38 27.86 9.35
CA ILE F 1129 -74.61 27.81 7.44
CA LYS F 1130 -72.86 29.10 4.35
CA ALA F 1131 -70.04 26.65 4.91
CA ASP F 1132 -68.36 24.31 5.77
CA ASP F 1133 -68.08 20.58 5.65
CA PRO F 1134 -66.86 18.84 6.47
CA SER F 1135 -67.52 16.33 9.37
CA SER F 1136 -65.44 17.09 12.42
CA TYR F 1137 -64.77 15.59 17.98
CA MET F 1138 -64.08 15.94 21.66
CA GLU F 1139 -63.37 19.63 21.52
CA VAL F 1140 -66.25 20.39 19.22
CA VAL F 1141 -68.70 18.81 21.60
CA GLN F 1142 -66.90 20.38 24.53
CA ALA F 1143 -67.37 23.78 22.99
CA ALA F 1144 -71.04 23.14 22.38
CA ASN F 1145 -71.72 22.15 25.93
CA THR F 1146 -69.91 25.07 27.50
CA SER F 1147 -71.90 27.43 25.35
CA GLY F 1148 -74.77 25.59 26.90
CA ASN F 1149 -76.33 25.04 23.54
CA TRP F 1150 -76.99 21.35 23.96
CA GLU F 1151 -80.08 21.66 21.87
CA GLU F 1152 -78.08 22.86 18.92
CA LEU F 1153 -75.36 20.29 19.26
CA VAL F 1154 -77.78 17.41 19.39
CA LYS F 1155 -79.49 18.91 16.37
CA TYR F 1156 -76.34 19.02 14.23
CA LEU F 1157 -75.27 15.54 15.17
CA GLN F 1158 -78.58 14.37 13.88
CA MET F 1159 -77.70 15.77 10.47
CA ALA F 1160 -74.07 14.71 10.75
CA ARG F 1161 -74.89 11.04 11.01
CA LYS F 1162 -76.15 10.99 7.49
CA LYS F 1163 -73.19 12.81 5.99
CA ALA F 1164 -70.51 10.78 7.62
CA ARG F 1165 -70.98 8.04 10.04
CA GLU F 1166 -68.31 7.16 12.32
CA SER F 1167 -67.80 7.08 15.61
CA TYR F 1168 -66.51 10.23 17.10
CA VAL F 1169 -69.53 12.19 15.98
CA GLU F 1170 -72.08 9.57 16.96
CA THR F 1171 -70.35 9.04 20.26
CA GLU F 1172 -70.60 12.77 20.79
CA LEU F 1173 -74.29 13.01 20.02
CA ILE F 1174 -75.18 10.32 22.45
CA PHE F 1175 -73.19 11.92 25.23
CA ALA F 1176 -74.86 15.22 24.60
CA LEU F 1177 -78.23 13.59 24.44
CA ALA F 1178 -77.85 12.11 27.85
CA LYS F 1179 -76.35 15.23 29.39
CA THR F 1180 -78.50 17.87 27.85
CA ASN F 1181 -81.39 16.30 29.64
CA ARG F 1182 -82.60 14.99 26.36
CA LEU F 1183 -82.45 11.44 27.58
CA ALA F 1184 -85.42 10.45 25.49
CA GLU F 1185 -83.36 11.02 22.38
CA LEU F 1186 -80.55 9.00 23.87
CA GLU F 1187 -82.49 5.76 23.75
CA GLU F 1188 -83.48 5.71 20.11
CA PHE F 1189 -80.11 6.92 19.03
CA ILE F 1190 -78.28 4.12 20.76
CA ASN F 1191 -80.41 1.58 19.06
CA GLY F 1192 -79.64 2.53 15.52
CA PRO F 1193 -76.03 3.44 15.68
CA ASN F 1194 -73.72 0.57 16.55
CA ASN F 1195 -70.82 2.75 15.54
CA ALA F 1196 -69.89 4.51 18.70
CA HIS F 1197 -67.44 4.01 21.46
CA ILE F 1198 -69.41 1.93 23.89
CA GLN F 1199 -67.24 2.48 26.90
CA GLN F 1200 -67.46 6.23 26.69
CA VAL F 1201 -71.16 6.10 26.03
CA GLY F 1202 -71.68 3.89 29.06
CA ASP F 1203 -69.76 6.20 31.34
CA ARG F 1204 -72.09 8.85 30.06
CA CYS F 1205 -75.25 6.89 30.90
CA TYR F 1206 -73.75 5.84 34.20
CA ASP F 1207 -73.68 9.39 35.41
CA GLU F 1208 -77.00 9.98 33.67
CA LYS F 1209 -78.83 7.19 35.48
CA MET F 1210 -79.89 5.54 32.25
CA TYR F 1211 -80.71 2.31 34.15
CA ASP F 1212 -83.42 1.29 31.69
CA ALA F 1213 -81.34 2.05 28.60
CA ALA F 1214 -78.07 0.38 29.72
CA LYS F 1215 -80.23 -2.58 30.75
CA LEU F 1216 -80.70 -3.19 27.02
CA LEU F 1217 -77.19 -2.10 26.05
CA TYR F 1218 -75.49 -4.43 28.52
CA ASN F 1219 -78.03 -7.04 27.38
CA ASN F 1220 -76.97 -7.29 23.72
CA VAL F 1221 -73.22 -6.92 24.38
CA SER F 1222 -74.15 -9.50 27.02
CA ASN F 1223 -72.03 -8.13 29.87
CA PHE F 1224 -74.15 -9.90 32.45
CA GLY F 1225 -71.73 -8.49 35.01
CA ARG F 1226 -73.53 -5.16 34.75
CA LEU F 1227 -76.76 -6.45 33.17
CA ALA F 1228 -77.51 -8.13 36.49
CA SER F 1229 -76.06 -5.23 38.44
CA THR F 1230 -78.39 -2.68 36.78
CA LEU F 1231 -81.41 -5.04 36.87
CA VAL F 1232 -81.09 -4.96 40.67
CA HIS F 1233 -80.49 -1.21 40.69
CA LEU F 1234 -83.85 -1.30 38.83
CA GLY F 1235 -85.73 -3.43 41.35
CA GLU F 1236 -86.14 -6.20 38.78
CA TYR F 1237 -84.72 -8.74 41.26
CA GLN F 1238 -85.85 -12.13 40.00
CA ALA F 1239 -84.34 -11.35 36.56
CA ALA F 1240 -81.17 -9.89 38.11
CA VAL F 1241 -80.59 -13.33 39.61
CA ASP F 1242 -80.68 -14.66 36.05
CA GLY F 1243 -78.03 -12.23 34.90
CA ALA F 1244 -75.88 -13.23 37.85
CA ARG F 1245 -76.30 -16.85 36.78
CA LYS F 1246 -75.19 -16.18 33.21
CA ALA F 1247 -72.49 -13.86 34.59
CA ASN F 1248 -71.28 -16.83 36.67
CA SER F 1249 -69.16 -14.64 38.96
CA THR F 1250 -68.73 -14.73 42.74
CA ARG F 1251 -68.17 -11.02 43.44
CA THR F 1252 -71.27 -10.68 41.28
CA TRP F 1253 -73.59 -12.99 43.23
CA LYS F 1254 -72.53 -10.98 46.29
CA GLU F 1255 -73.85 -7.72 44.79
CA VAL F 1256 -77.12 -9.39 43.77
CA CYS F 1257 -77.58 -11.50 46.90
CA PHE F 1258 -76.85 -8.61 49.25
CA ALA F 1259 -79.15 -6.22 47.42
CA CYS F 1260 -81.75 -9.00 46.99
CA VAL F 1261 -81.60 -9.05 50.82
CA ASP F 1262 -81.88 -5.29 51.24
CA GLY F 1263 -85.05 -5.57 49.16
CA LYS F 1264 -86.16 -8.29 51.55
CA GLU F 1265 -86.49 -10.81 48.70
CA PHE F 1266 -85.51 -14.01 50.43
CA ARG F 1267 -86.44 -17.15 48.48
CA LEU F 1268 -84.37 -15.37 45.83
CA ALA F 1269 -81.56 -14.12 48.08
CA GLN F 1270 -81.36 -17.75 49.20
CA MET F 1271 -80.89 -19.63 45.91
CA CYS F 1272 -78.80 -16.55 45.06
CA GLY F 1273 -76.83 -17.17 48.26
CA LEU F 1274 -76.15 -20.89 47.83
CA HIS F 1275 -73.63 -19.92 45.18
CA ILE F 1276 -71.60 -18.08 47.82
CA VAL F 1277 -71.55 -20.22 50.99
CA VAL F 1278 -69.57 -22.92 49.18
CA HIS F 1279 -66.76 -20.39 48.94
CA ALA F 1280 -23.81 93.97 -29.28
CA ASP F 1281 -20.77 95.15 -27.31
CA GLU F 1282 -22.07 98.66 -28.01
CA LEU F 1283 -25.89 98.40 -27.84
CA GLU F 1284 -26.01 99.05 -24.09
CA GLU F 1285 -24.02 102.29 -23.82
CA LEU F 1286 -26.04 103.62 -26.79
CA ILE F 1287 -29.28 102.91 -24.91
CA ASN F 1288 -28.09 103.97 -21.45
CA TYR F 1289 -27.11 107.26 -23.11
CA TYR F 1290 -30.46 107.93 -24.84
CA GLN F 1291 -32.04 107.01 -21.47
CA ASP F 1292 -30.48 109.50 -19.05
CA ARG F 1293 -30.92 112.26 -21.65
CA GLY F 1294 -34.53 111.17 -21.22
CA TYR F 1295 -35.04 110.66 -24.94
CA PHE F 1296 -36.88 107.38 -24.54
CA GLU F 1297 -39.33 108.33 -27.30
CA GLU F 1298 -36.68 108.58 -30.01
CA LEU F 1299 -34.60 105.66 -28.72
CA ILE F 1300 -37.58 103.38 -29.36
CA THR F 1301 -38.23 105.04 -32.74
CA MET F 1302 -34.75 104.09 -33.91
CA LEU F 1303 -34.90 100.50 -32.71
CA GLU F 1304 -38.22 100.47 -34.64
CA ALA F 1305 -36.11 100.69 -37.84
CA ALA F 1306 -33.05 98.72 -36.68
CA LEU F 1307 -35.21 95.61 -36.57
CA GLY F 1308 -35.12 95.74 -40.36
CA LEU F 1309 -31.31 95.81 -40.50
CA GLU F 1310 -29.69 92.67 -41.93
CA ARG F 1311 -27.37 92.61 -38.90
CA ALA F 1312 -30.24 92.89 -36.36
CA HIS F 1313 -29.57 90.82 -33.23
CA MET F 1314 -31.10 89.34 -30.08
CA GLY F 1315 -29.98 92.21 -27.85
CA MET F 1316 -32.03 94.59 -29.98
CA PHE F 1317 -35.33 92.70 -29.92
CA THR F 1318 -34.87 92.00 -26.19
CA GLU F 1319 -34.34 95.71 -25.50
CA LEU F 1320 -37.20 96.95 -27.62
CA ALA F 1321 -39.64 94.67 -25.81
CA ILE F 1322 -38.39 95.87 -22.41
CA LEU F 1323 -38.71 99.53 -23.45
CA TYR F 1324 -42.13 98.88 -25.01
CA SER F 1325 -43.33 97.43 -21.71
CA LYS F 1326 -42.59 100.52 -19.65
CA PHE F 1327 -43.28 103.08 -22.44
CA LYS F 1328 -45.70 101.58 -24.99
CA PRO F 1329 -47.46 98.54 -23.50
CA GLN F 1330 -49.97 98.35 -26.34
CA LYS F 1331 -47.08 97.53 -28.71
CA MET F 1332 -45.44 95.09 -26.25
CA ARG F 1333 -47.85 92.39 -27.46
CA GLU F 1334 -47.69 92.39 -31.28
CA HIS F 1335 -43.92 92.58 -30.75
CA LEU F 1336 -43.65 89.31 -28.83
CA GLU F 1337 -46.23 88.04 -31.30
CA LEU F 1338 -43.54 88.25 -34.03
CA PHE F 1339 -40.14 88.25 -32.32
CA TRP F 1340 -40.60 86.10 -29.21
CA SER F 1341 -38.09 83.65 -30.66
CA ARG F 1342 -35.39 86.26 -31.26
CA VAL F 1343 -35.29 87.53 -27.66
CA ASN F 1344 -33.89 86.64 -24.21
CA ILE F 1345 -37.14 85.40 -22.67
CA PRO F 1346 -36.23 85.40 -18.97
CA LYS F 1347 -35.33 89.10 -19.15
CA VAL F 1348 -38.48 90.06 -21.09
CA LEU F 1349 -40.58 88.20 -18.51
CA ARG F 1350 -39.11 89.94 -15.45
CA ALA F 1351 -39.98 93.04 -17.53
CA ALA F 1352 -43.72 92.30 -17.97
CA GLU F 1353 -43.87 90.97 -14.42
CA GLN F 1354 -42.69 94.41 -13.33
CA ALA F 1355 -45.09 96.00 -15.84
CA HIS F 1356 -48.19 93.93 -14.93
CA LEU F 1357 -48.82 92.93 -18.58
CA TRP F 1358 -50.47 89.67 -17.54
CA ALA F 1359 -51.93 88.86 -20.97
CA GLU F 1360 -48.43 88.89 -22.50
CA LEU F 1361 -46.80 87.23 -19.50
CA VAL F 1362 -48.97 84.18 -20.17
CA PHE F 1363 -47.97 84.26 -23.82
CA LEU F 1364 -44.27 83.98 -23.02
CA TYR F 1365 -44.68 81.71 -19.98
CA ASP F 1366 -46.46 79.58 -22.56
CA LYS F 1367 -43.71 79.69 -25.20
CA TYR F 1368 -40.91 79.37 -22.61
CA GLU F 1369 -42.81 76.22 -21.69
CA GLU F 1370 -43.20 77.40 -18.10
CA TYR F 1371 -46.82 76.15 -18.06
CA ASP F 1372 -47.32 76.05 -14.27
CA ASN F 1373 -46.67 79.81 -14.37
CA ALA F 1374 -48.96 80.54 -17.30
CA ILE F 1375 -51.79 78.87 -15.36
CA ILE F 1376 -51.03 80.45 -12.00
CA THR F 1377 -51.05 83.78 -13.87
CA MET F 1378 -54.28 83.26 -15.80
CA MET F 1379 -55.77 82.39 -12.42
CA ASN F 1380 -54.79 85.53 -10.45
CA HIS F 1381 -55.41 87.96 -13.32
CA PRO F 1382 -58.38 86.38 -15.14
CA THR F 1383 -59.83 89.53 -16.67
CA ASP F 1384 -56.54 90.16 -18.57
CA ALA F 1385 -54.84 86.78 -19.06
CA TRP F 1386 -57.50 84.07 -18.72
CA LYS F 1387 -58.91 82.61 -21.94
CA GLU F 1388 -61.23 79.56 -21.83
CA GLY F 1389 -59.63 77.70 -24.70
CA GLN F 1390 -55.97 78.04 -23.90
CA PHE F 1391 -56.58 77.28 -20.24
CA LYS F 1392 -57.84 73.86 -21.35
CA ASP F 1393 -54.65 73.39 -23.37
CA ILE F 1394 -51.99 74.57 -20.92
CA ILE F 1395 -53.50 73.10 -17.73
CA THR F 1396 -52.60 69.68 -19.14
CA LYS F 1397 -48.88 70.44 -19.59
CA VAL F 1398 -48.81 71.57 -15.93
CA ALA F 1399 -46.24 69.69 -13.84
CA ASN F 1400 -47.48 70.26 -10.31
CA VAL F 1401 -50.79 68.33 -10.47
CA GLU F 1402 -52.04 70.14 -7.38
CA LEU F 1403 -52.86 73.00 -9.73
CA TYR F 1404 -55.71 70.85 -11.02
CA TYR F 1405 -57.49 70.88 -7.68
CA ARG F 1406 -56.61 74.54 -7.38
CA ALA F 1407 -58.09 75.16 -10.83
CA ILE F 1408 -61.21 73.06 -10.17
CA GLN F 1409 -61.86 75.35 -7.23
CA PHE F 1410 -61.28 78.49 -9.30
CA TYR F 1411 -63.59 77.47 -12.15
CA LEU F 1412 -66.15 76.21 -9.66
CA GLU F 1413 -66.37 79.48 -7.74
CA PHE F 1414 -66.25 81.93 -10.68
CA LYS F 1415 -66.98 79.85 -13.85
CA PRO F 1416 -69.56 77.07 -13.20
CA LEU F 1417 -70.61 76.26 -16.76
CA LEU F 1418 -67.02 75.65 -17.82
CA LEU F 1419 -66.22 73.38 -14.85
CA ASN F 1420 -67.42 70.22 -16.54
CA ASP F 1421 -65.59 70.63 -19.85
CA LEU F 1422 -62.52 71.49 -17.75
CA LEU F 1423 -62.98 68.45 -15.62
CA MET F 1424 -63.07 66.31 -18.75
CA VAL F 1425 -59.52 67.39 -19.65
CA LEU F 1426 -58.25 66.94 -16.09
CA SER F 1427 -59.64 63.36 -15.88
CA PRO F 1428 -56.47 61.36 -16.78
CA ARG F 1429 -54.45 62.73 -13.86
CA LEU F 1430 -57.29 63.67 -11.53
CA ASP F 1431 -57.77 61.78 -8.23
CA HIS F 1432 -61.54 61.28 -8.72
CA THR F 1433 -62.15 60.19 -5.15
CA ARG F 1434 -60.44 63.36 -4.02
CA ALA F 1435 -62.42 65.31 -6.61
CA VAL F 1436 -65.79 63.89 -5.75
CA ASN F 1437 -65.18 64.37 -2.03
CA TYR F 1438 -64.56 68.10 -2.56
CA PHE F 1439 -67.64 68.64 -4.73
CA SER F 1440 -69.65 66.76 -2.12
CA LYS F 1441 -68.42 68.72 0.90
CA VAL F 1442 -69.03 71.78 -1.27
CA LYS F 1443 -72.52 70.36 -2.04
CA GLN F 1444 -72.08 70.84 -5.77
CA LEU F 1445 -72.45 67.26 -7.06
CA PRO F 1446 -75.49 68.01 -9.23
CA LEU F 1447 -73.32 70.34 -11.34
CA VAL F 1448 -70.56 67.88 -12.03
CA LYS F 1449 -72.97 65.17 -13.04
CA PRO F 1450 -71.71 65.01 -16.69
CA TYR F 1451 -68.23 64.40 -15.32
CA LEU F 1452 -69.41 61.81 -12.85
CA ARG F 1453 -71.00 59.71 -15.58
CA SER F 1454 -67.83 60.19 -17.67
CA VAL F 1455 -65.83 58.63 -14.83
CA GLN F 1456 -68.19 56.20 -13.11
CA ASN F 1457 -66.85 53.46 -15.38
CA HIS F 1458 -63.89 53.30 -12.94
CA ASN F 1459 -66.28 51.60 -10.48
CA ASN F 1460 -65.08 54.17 -8.01
CA LYS F 1461 -67.01 54.13 -4.71
CA SER F 1462 -67.43 57.80 -3.84
CA VAL F 1463 -68.40 58.16 -7.51
CA ASN F 1464 -71.20 55.57 -7.54
CA GLU F 1465 -72.52 56.56 -4.12
CA SER F 1466 -72.36 60.17 -5.21
CA LEU F 1467 -73.81 59.47 -8.61
CA ASN F 1468 -76.62 57.30 -7.23
CA ASN F 1469 -77.77 59.98 -4.78
CA LEU F 1470 -78.41 62.10 -7.86
CA PHE F 1471 -80.49 59.54 -9.72
CA ILE F 1472 -82.43 59.26 -6.51
CA THR F 1473 -83.11 62.96 -5.83
CA GLU F 1474 -84.08 63.26 -9.45
CA GLU F 1475 -86.34 60.22 -9.21
CA ASP F 1476 -84.43 58.58 -12.08
CA TYR F 1477 -84.88 54.89 -11.13
CA GLN F 1478 -84.02 53.38 -14.51
CA ALA F 1479 -80.66 55.12 -14.30
CA LEU F 1480 -80.22 53.94 -10.70
CA ARG F 1481 -80.99 50.37 -11.68
CA THR F 1482 -78.31 50.31 -14.37
CA SER F 1483 -75.79 51.99 -12.08
CA ILE F 1484 -76.18 49.41 -9.34
CA ASP F 1485 -76.08 46.80 -12.10
CA ALA F 1486 -73.01 47.88 -14.06
CA TYR F 1487 -70.94 49.18 -11.11
CA ASP F 1488 -70.93 47.39 -7.76
CA ASN F 1489 -68.68 49.44 -5.48
CA PHE F 1490 -71.24 50.83 -3.02
CA ASP F 1491 -73.08 50.07 0.23
CA ASN F 1492 -76.21 48.22 -0.96
CA ILE F 1493 -77.66 47.75 2.52
CA SER F 1494 -77.39 51.47 3.23
CA LEU F 1495 -79.04 52.15 -0.13
CA ALA F 1496 -81.47 49.32 0.43
CA GLN F 1497 -82.45 50.76 3.79
CA ARG F 1498 -82.62 54.29 2.45
CA LEU F 1499 -84.84 53.14 -0.45
CA GLU F 1500 -87.26 50.44 1.07
CA LYS F 1501 -89.68 52.74 2.70
CA HIS F 1502 -90.04 54.70 -0.54
CA GLU F 1503 -93.54 55.65 -1.63
CA LEU F 1504 -92.94 54.90 -5.30
CA ILE F 1505 -93.64 51.33 -6.40
CA GLU F 1506 -90.73 51.24 -8.82
CA PHE F 1507 -88.41 51.81 -5.89
CA ARG F 1508 -90.09 49.54 -3.37
CA ARG F 1509 -89.70 46.86 -6.03
CA ILE F 1510 -85.99 47.65 -6.25
CA ALA F 1511 -85.58 47.35 -2.51
CA ALA F 1512 -87.06 43.87 -2.71
CA TYR F 1513 -84.66 43.09 -5.54
CA LEU F 1514 -81.71 44.37 -3.43
CA PHE F 1515 -82.64 42.24 -0.40
CA LYS F 1516 -82.68 39.29 -2.96
CA GLY F 1517 -80.49 40.26 -6.11
CA ASN F 1518 -77.95 40.64 -3.44
CA ASN F 1519 -79.25 37.19 -2.74
CA ARG F 1520 -81.07 38.27 0.36
CA TRP F 1521 -84.00 36.08 -0.58
CA LYS F 1522 -85.46 36.08 2.94
CA GLN F 1523 -85.89 39.82 2.76
CA SER F 1524 -87.21 39.79 -0.74
CA VAL F 1525 -89.91 37.38 0.32
CA GLU F 1526 -90.84 39.32 3.42
CA LEU F 1527 -90.92 42.49 1.32
CA CYS F 1528 -93.05 40.69 -1.24
CA LYS F 1529 -95.41 39.70 1.55
CA LYS F 1530 -96.54 43.39 1.73
CA ASP F 1531 -96.71 43.39 -1.84
CA SER F 1532 -95.67 39.90 -1.97
CA LEU F 1533 -97.36 39.33 -5.33
CA TYR F 1534 -98.37 36.21 -7.17
CA LYS F 1535 -95.93 36.86 -9.97
CA ASP F 1536 -92.16 36.93 -9.26
CA ALA F 1537 -92.89 35.05 -6.09
CA MET F 1538 -93.34 32.00 -8.23
CA GLN F 1539 -90.20 32.78 -10.16
CA TYR F 1540 -87.75 33.46 -7.39
CA ALA F 1541 -89.12 31.01 -4.84
CA SER F 1542 -87.54 28.32 -6.96
CA GLU F 1543 -84.21 30.10 -6.70
CA SER F 1544 -84.79 30.24 -2.93
CA LYS F 1545 -81.94 28.69 -1.89
CA ASP F 1546 -84.02 27.58 1.10
CA THR F 1547 -86.47 25.02 -0.07
CA GLU F 1548 -88.15 24.83 3.28
CA LEU F 1549 -89.19 28.01 2.65
CA ALA F 1550 -91.21 25.92 0.21
CA GLU F 1551 -93.09 24.25 3.01
CA GLU F 1552 -93.39 27.54 4.82
CA LEU F 1553 -94.68 29.23 1.69
CA LEU F 1554 -97.14 26.50 0.89
CA GLN F 1555 -98.72 26.86 4.26
CA TRP F 1556 -98.63 30.62 4.05
CA PHE F 1557 -100.34 30.81 0.68
CA LEU F 1558 -103.00 28.38 1.67
CA GLN F 1559 -103.65 30.04 4.99
CA GLU F 1560 -103.28 33.61 3.88
CA GLU F 1561 -106.02 33.26 1.31
CA LYS F 1562 -104.10 31.48 -1.53
CA ARG F 1563 -105.66 31.28 -3.55
CA GLU F 1564 -104.46 27.87 -3.35
CA CYS F 1565 -106.58 25.56 -5.47
CA PHE F 1566 -105.75 27.31 -8.70
CA GLY F 1567 -102.15 28.00 -7.77
CA ALA F 1568 -101.85 24.36 -6.73
CA CYS F 1569 -102.77 23.26 -10.21
CA LEU F 1570 -100.18 25.51 -11.72
CA PHE F 1571 -97.79 24.64 -8.95
CA THR F 1572 -98.13 20.96 -9.74
CA CYS F 1573 -97.13 21.79 -13.27
CA TYR F 1574 -93.96 23.53 -12.18
CA ASP F 1575 -93.05 20.72 -10.02
CA LEU F 1576 -89.78 20.13 -10.97
CA LEU F 1577 -89.01 19.01 -6.52
CA ARG F 1578 -90.17 17.09 -3.15
CA PRO F 1579 -93.15 16.03 -1.58
CA ASP F 1580 -95.76 14.29 -1.43
CA VAL F 1581 -96.06 15.02 2.06
CA VAL F 1582 -97.86 18.15 0.98
CA LEU F 1583 -100.34 16.09 -0.95
CA GLU F 1584 -100.92 13.82 1.99
CA THR F 1585 -100.97 16.65 4.46
CA ALA F 1586 -103.35 18.61 2.30
CA TRP F 1587 -105.87 15.84 2.76
CA ARG F 1588 -105.82 16.60 6.46
CA HIS F 1589 -107.21 19.96 5.46
CA ASN F 1590 -110.05 20.13 3.03
CA ILE F 1591 -108.84 18.54 -0.19
CA MET F 1592 -111.34 20.49 -2.16
CA ASP F 1593 -108.35 22.74 -2.37
CA PHE F 1594 -106.21 19.82 -3.20
CA ALA F 1595 -107.38 19.50 -6.55
CA MET F 1596 -105.60 20.79 -8.88
CA PRO F 1597 -104.79 18.04 -10.95
CA TYR F 1598 -104.84 18.64 -14.17
CA PHE F 1599 -101.29 19.44 -14.40
CA ILE F 1600 -100.30 17.24 -11.67
CA GLN F 1601 -101.47 15.11 -14.66
CA VAL F 1602 -98.54 16.40 -16.70
CA MET F 1603 -96.11 15.23 -14.03
CA LYS F 1604 -97.77 11.88 -13.91
CA GLU F 1605 -97.40 11.61 -17.75
CA TYR F 1606 -93.73 12.27 -17.11
CA LEU F 1607 -93.35 9.36 -14.66
CA THR F 1608 -95.10 6.98 -16.94
CA LYS F 1609 -92.90 7.95 -19.83
CA VAL F 1610 -89.85 7.20 -17.64
CA ASP F 1611 -91.15 3.71 -16.77
CA LYS F 1612 -92.20 2.89 -20.26
CA LEU F 1613 -88.74 4.01 -21.21
CA ASP F 1614 -86.74 2.05 -18.64
CA ALA F 1615 -88.84 -0.91 -19.59
CA SER F 1616 -87.77 -0.79 -23.22
CA GLU F 1617 -84.22 -0.41 -21.92
CA SER F 1618 -84.26 -3.53 -19.69
CA LEU F 1619 -85.97 -5.49 -22.44
CA ARG F 1620 -83.27 -4.37 -24.91
CA LYS F 1621 -80.74 -5.81 -22.39
CA GLU F 1622 -82.54 -9.07 -21.76
CA GLU F 1623 -82.62 -9.51 -25.50
CA GLU F 1624 -78.81 -9.06 -25.41
CA GLN F 1625 -77.81 -11.41 -22.59
CA ALA F 1626 -80.27 -13.83 -24.09
CA THR F 1627 -78.72 -13.78 -27.53
CA GLU F 1628 -75.20 -14.10 -26.14
CA THR F 1629 -75.89 -17.10 -23.89
CA GLN F 1630 -77.32 -18.73 -26.90
CA MET G 1 167.34 118.22 -58.94
CA ALA G 2 164.10 116.48 -57.88
CA GLN G 3 161.56 119.12 -57.05
CA ILE G 4 158.56 117.80 -55.18
CA LEU G 5 158.68 115.29 -52.40
CA PRO G 6 156.81 112.16 -53.67
CA ILE G 7 156.85 110.27 -50.32
CA ARG G 8 156.36 111.06 -46.61
CA PHE G 9 159.02 109.86 -44.19
CA GLN G 10 157.51 109.78 -40.67
CA GLU G 11 158.89 108.70 -37.28
CA HIS G 12 156.02 107.26 -35.26
CA LEU G 13 157.85 106.75 -32.02
CA GLN G 14 161.36 106.59 -30.61
CA LEU G 15 161.73 103.47 -28.54
CA GLN G 16 164.37 104.62 -26.11
CA ASN G 17 161.90 107.36 -25.10
CA LEU G 18 159.96 104.43 -23.68
CA GLY G 19 163.10 103.67 -21.83
CA ILE G 20 163.85 100.47 -23.75
CA ASN G 21 167.34 99.06 -23.48
CA PRO G 22 168.84 99.54 -26.96
CA ALA G 23 170.56 96.22 -26.51
CA ASN G 24 167.10 94.81 -26.98
CA ILE G 25 166.19 96.56 -30.21
CA GLY G 26 167.21 93.80 -32.56
CA PHE G 27 166.07 90.94 -34.77
CA SER G 28 166.01 88.45 -31.98
CA THR G 29 164.53 90.54 -29.26
CA LEU G 30 162.23 92.83 -31.20
CA THR G 31 159.41 91.72 -33.44
CA MET G 32 156.88 93.54 -35.57
CA GLU G 33 154.27 91.14 -37.12
CA SER G 34 151.99 93.98 -38.12
CA ASP G 35 151.79 97.76 -37.65
CA LYS G 36 149.58 97.06 -34.61
CA PHE G 37 152.10 96.04 -31.94
CA ILE G 38 155.80 95.92 -31.33
CA CYS G 39 157.04 93.36 -28.87
CA ILE G 40 160.40 93.46 -27.07
CA ARG G 41 161.83 90.77 -24.79
CA GLU G 42 163.90 92.47 -21.99
CA LYS G 43 165.74 91.15 -18.91
CA VAL G 44 165.01 93.90 -16.45
CA GLY G 45 167.56 93.31 -13.79
CA GLU G 46 167.80 89.57 -13.42
CA GLN G 47 164.17 89.26 -14.53
CA ALA G 48 162.82 88.53 -17.97
CA GLN G 49 159.82 90.30 -19.39
CA VAL G 50 157.95 91.15 -22.55
CA VAL G 51 157.13 94.70 -23.41
CA ILE G 52 154.19 95.02 -25.77
CA ILE G 53 153.77 98.32 -27.51
CA ASP G 54 150.36 98.86 -29.01
CA MET G 55 150.87 101.27 -31.78
CA ASN G 56 147.55 102.78 -31.01
CA ASP G 57 148.77 104.38 -27.79
CA PRO G 58 152.48 103.72 -27.93
CA SER G 59 152.97 106.03 -25.01
CA ASN G 60 151.92 103.19 -22.80
CA PRO G 61 153.64 99.80 -23.20
CA ILE G 62 152.29 96.60 -21.48
CA ARG G 63 155.00 94.71 -19.58
CA ARG G 64 154.80 91.08 -18.33
CA PRO G 65 157.43 88.82 -16.78
CA ILE G 66 157.65 86.13 -19.31
CA SER G 67 160.63 83.97 -19.99
CA ALA G 68 160.45 82.96 -23.62
CA ASP G 69 163.01 82.14 -26.28
CA SER G 70 160.71 84.22 -28.45
CA ALA G 71 157.44 86.12 -28.56
CA ILE G 72 155.39 87.35 -31.48
CA MET G 73 152.04 89.11 -31.21
CA ASN G 74 148.94 88.51 -33.29
CA PRO G 75 148.68 90.76 -36.28
CA ALA G 76 145.47 92.09 -34.85
CA SER G 77 144.42 90.87 -31.48
CA LYS G 78 145.94 90.89 -28.04
CA VAL G 79 147.01 87.26 -28.45
CA ILE G 80 150.71 86.42 -28.16
CA ALA G 81 152.65 83.34 -29.17
CA LEU G 82 155.45 82.48 -26.75
CA LYS G 83 158.04 79.86 -27.42
CA ALA G 84 159.92 78.11 -24.64
CA GLY G 85 162.52 76.10 -26.47
CA LYS G 86 160.17 73.54 -28.01
CA THR G 87 156.98 74.24 -26.19
CA LEU G 88 154.92 76.69 -28.18
CA GLN G 89 152.16 78.53 -26.33
CA ILE G 90 149.46 80.95 -27.62
CA PHE G 91 148.29 83.10 -24.72
CA ASN G 92 145.61 85.77 -24.53
CA ILE G 93 147.39 88.89 -23.18
CA GLU G 94 144.00 90.62 -23.11
CA MET G 95 142.37 88.35 -20.54
CA LYS G 96 145.49 86.57 -19.35
CA SER G 97 144.09 83.15 -20.33
CA LYS G 98 146.17 80.43 -21.99
CA MET G 99 144.68 79.71 -25.37
CA LYS G 100 146.68 76.73 -26.60
CA ALA G 101 150.11 75.07 -26.56
CA HIS G 102 152.16 72.36 -28.24
CA THR G 103 155.57 70.86 -27.76
CA MET G 104 157.13 70.57 -31.13
CA THR G 105 159.26 67.48 -31.82
CA ASP G 106 162.08 69.55 -33.22
CA ASP G 107 162.86 73.18 -32.35
CA VAL G 108 161.05 75.90 -34.23
CA THR G 109 163.80 77.74 -35.91
CA PHE G 110 161.81 80.79 -37.05
CA TRP G 111 158.08 81.42 -36.77
CA LYS G 112 155.62 84.19 -37.61
CA TRP G 113 151.96 85.01 -37.82
CA ILE G 114 150.90 84.69 -41.46
CA SER G 115 147.43 85.83 -40.69
CA LEU G 116 144.90 86.86 -38.14
CA ASN G 117 144.98 83.38 -36.70
CA THR G 118 147.70 81.12 -38.01
CA VAL G 119 151.34 80.93 -36.96
CA ALA G 120 154.03 79.50 -39.26
CA LEU G 121 156.65 77.28 -37.59
CA VAL G 122 159.83 76.75 -39.43
CA THR G 123 161.74 73.74 -38.38
CA ASP G 124 165.12 72.72 -39.51
CA ASN G 125 163.34 70.47 -42.00
CA ALA G 126 159.81 71.67 -42.42
CA VAL G 127 157.35 74.52 -42.32
CA TYR G 128 154.01 73.95 -40.50
CA HIS G 129 151.03 76.20 -39.99
CA TRP G 130 149.30 76.30 -36.58
CA SER G 131 145.86 77.80 -36.24
CA MET G 132 145.24 79.57 -32.96
CA GLU G 133 141.76 78.13 -33.30
CA GLY G 134 140.49 75.01 -31.58
CA GLU G 135 142.21 71.87 -30.37
CA SER G 136 143.97 71.60 -33.75
CA GLN G 137 147.69 70.97 -33.86
CA PRO G 138 150.51 72.18 -36.21
CA VAL G 139 150.07 70.98 -39.82
CA LYS G 140 153.11 70.40 -42.04
CA MET G 141 152.76 72.31 -45.35
CA PHE G 142 156.00 71.26 -46.89
CA ASP G 143 159.57 70.17 -46.36
CA ARG G 144 162.46 72.54 -46.56
CA HIS G 145 164.14 72.48 -49.92
CA SER G 146 167.85 71.74 -49.83
CA SER G 147 169.12 74.97 -51.27
CA LEU G 148 168.23 76.43 -47.89
CA ALA G 149 170.29 73.99 -45.82
CA GLY G 150 172.28 75.73 -43.12
CA CYS G 151 170.68 79.09 -44.02
CA GLN G 152 169.84 81.74 -41.48
CA ILE G 153 166.04 81.84 -41.98
CA ILE G 154 164.98 85.48 -42.19
CA ASN G 155 161.42 85.39 -43.44
CA TYR G 156 158.35 83.43 -44.48
CA ARG G 157 155.50 84.77 -46.59
CA THR G 158 152.29 83.57 -48.17
CA ASP G 159 149.99 84.81 -50.88
CA ALA G 160 146.54 86.01 -49.74
CA LYS G 161 145.07 82.63 -50.44
CA GLN G 162 147.92 80.76 -48.75
CA LYS G 163 148.22 78.67 -51.84
CA TRP G 164 151.86 79.80 -52.52
CA LEU G 165 154.35 79.91 -49.65
CA LEU G 166 157.83 81.41 -49.70
CA LEU G 167 160.72 80.71 -47.33
CA THR G 168 163.91 82.84 -47.28
CA GLY G 169 167.24 82.39 -45.69
CA ILE G 170 170.64 84.00 -46.25
CA SER G 171 174.18 82.71 -46.24
CA ALA G 172 177.61 84.32 -46.12
CA GLN G 173 178.85 82.46 -49.05
CA GLN G 174 182.27 83.27 -50.18
CA ASN G 175 182.22 86.83 -48.79
CA ARG G 176 178.60 87.88 -49.84
CA VAL G 177 175.30 87.56 -48.04
CA VAL G 178 173.58 85.31 -50.48
CA GLY G 179 169.79 84.84 -50.13
CA ALA G 180 167.93 81.60 -50.75
CA MET G 181 164.21 81.40 -51.33
CA GLN G 182 161.98 78.36 -51.60
CA LEU G 183 158.68 79.01 -53.40
CA TYR G 184 156.29 76.12 -52.62
CA SER G 185 153.05 75.52 -54.50
CA VAL G 186 150.33 74.17 -52.26
CA ASP G 187 147.79 73.18 -54.88
CA ARG G 188 150.37 71.80 -57.34
CA LYS G 189 152.42 70.28 -54.49
CA VAL G 190 155.67 71.38 -56.21
CA SER G 191 158.42 73.59 -54.89
CA GLN G 192 161.23 75.60 -56.50
CA PRO G 193 164.38 77.41 -55.45
CA ILE G 194 165.02 81.10 -56.34
CA GLU G 195 167.95 83.30 -55.38
CA GLY G 196 166.31 86.19 -53.66
CA HIS G 197 166.85 88.65 -50.94
CA ALA G 198 163.43 90.09 -50.31
CA ALA G 199 159.95 89.52 -51.73
CA SER G 200 156.24 89.86 -51.23
CA PHE G 201 153.05 88.73 -53.05
CA ALA G 202 150.31 91.06 -54.28
CA GLN G 203 146.79 90.84 -55.69
CA PHE G 204 146.55 92.98 -58.79
CA LYS G 205 143.62 93.24 -61.15
CA MET G 206 145.13 94.01 -64.56
CA GLU G 207 143.65 96.54 -66.93
CA GLY G 208 140.87 94.70 -68.72
CA ASN G 209 140.61 91.56 -66.57
CA ALA G 210 137.89 90.81 -64.08
CA GLU G 211 139.98 88.93 -61.68
CA GLU G 212 142.98 89.89 -59.64
CA SER G 213 146.17 88.27 -60.58
CA THR G 214 148.36 87.01 -57.75
CA LEU G 215 151.80 88.39 -58.20
CA PHE G 216 155.03 87.42 -56.52
CA CYS G 217 157.64 90.12 -56.45
CA PHE G 218 161.16 89.57 -55.30
CA ALA G 219 164.48 91.33 -55.35
CA VAL G 220 168.05 90.24 -55.18
CA ARG G 221 171.55 91.41 -55.69
CA GLY G 222 173.51 88.73 -57.53
CA GLN G 223 176.68 88.63 -59.65
CA ALA G 224 174.75 90.45 -62.36
CA GLY G 225 173.75 93.08 -59.90
CA GLY G 226 170.45 93.61 -58.23
CA LYS G 227 167.22 93.00 -59.99
CA LEU G 228 163.59 93.04 -59.11
CA HIS G 229 161.18 90.52 -60.62
CA ILE G 230 157.39 90.73 -60.67
CA ILE G 231 155.71 87.56 -61.95
CA GLU G 232 152.18 86.13 -61.85
CA VAL G 233 151.99 82.98 -59.83
CA GLY G 234 149.80 80.04 -60.87
CA THR G 235 146.99 79.92 -63.48
CA PRO G 236 145.18 83.10 -64.40
CA PRO G 237 141.55 83.17 -63.41
CA THR G 238 139.69 81.77 -66.37
CA GLY G 239 139.10 84.61 -68.79
CA ASN G 240 142.04 86.68 -67.60
CA GLN G 241 144.82 87.78 -69.89
CA PRO G 242 148.02 86.73 -68.24
CA PHE G 243 150.28 89.27 -66.54
CA PRO G 244 153.56 89.68 -68.42
CA LYS G 245 156.39 88.75 -66.08
CA LYS G 246 158.66 91.78 -65.37
CA ALA G 247 162.31 92.32 -64.45
CA VAL G 248 163.98 95.60 -63.54
CA ASP G 249 167.36 96.22 -62.03
CA VAL G 250 167.65 97.79 -58.60
CA PHE G 251 170.50 100.25 -58.42
CA PHE G 252 173.17 100.40 -55.77
CA PRO G 253 175.49 103.36 -55.63
CA PRO G 254 179.25 102.83 -55.27
CA GLU G 255 179.03 104.17 -51.74
CA ALA G 256 176.47 101.40 -51.23
CA GLN G 257 179.38 98.98 -51.29
CA ASN G 258 177.91 95.71 -50.26
CA ASP G 259 174.31 96.68 -49.72
CA PHE G 260 171.53 94.22 -50.66
CA PRO G 261 167.72 93.97 -50.36
CA VAL G 262 166.37 93.31 -46.95
CA ALA G 263 162.64 94.06 -46.88
CA MET G 264 159.73 94.60 -49.23
CA GLN G 265 156.11 95.57 -48.85
CA ILE G 266 153.70 96.49 -51.57
CA SER G 267 150.93 99.03 -51.37
CA GLU G 268 147.78 97.50 -52.68
CA LYS G 269 146.21 100.90 -52.45
CA HIS G 270 148.76 102.44 -54.91
CA ASP G 271 150.35 99.37 -56.58
CA VAL G 272 153.80 100.48 -55.60
CA VAL G 273 156.56 98.23 -54.39
CA PHE G 274 158.58 99.45 -51.42
CA LEU G 275 162.07 98.00 -51.15
CA ILE G 276 164.46 98.62 -48.21
CA THR G 277 168.16 97.73 -48.42
CA LYS G 278 170.58 96.64 -45.70
CA TYR G 279 172.15 100.12 -45.46
CA GLY G 280 168.93 102.05 -44.99
CA TYR G 281 167.97 102.88 -48.61
CA ILE G 282 164.42 102.92 -49.93
CA HIS G 283 163.08 102.47 -53.46
CA LEU G 284 159.58 102.68 -54.82
CA TYR G 285 158.75 100.73 -57.98
CA ASP G 286 155.54 100.61 -59.97
CA LEU G 287 154.03 97.15 -59.35
CA GLU G 288 152.53 96.71 -62.79
CA THR G 289 155.57 97.74 -64.86
CA GLY G 290 158.45 97.60 -62.46
CA THR G 291 159.37 101.15 -63.29
CA CYS G 292 161.53 102.76 -60.61
CA ILE G 293 159.72 105.78 -59.25
CA TYR G 294 161.93 106.93 -56.39
CA MET G 295 165.07 106.11 -54.40
CA ASN G 296 166.71 107.73 -51.42
CA ARG G 297 168.27 106.98 -48.13
CA ILE G 298 166.22 107.31 -45.01
CA SER G 299 168.28 105.49 -42.40
CA GLY G 300 171.96 104.93 -41.81
CA GLU G 301 171.23 102.21 -39.34
CA THR G 302 169.51 99.05 -40.63
CA ILE G 303 165.71 98.73 -40.58
CA PHE G 304 165.70 95.15 -39.28
CA VAL G 305 161.97 94.58 -39.33
CA THR G 306 159.03 95.93 -41.26
CA ALA G 307 155.38 95.53 -42.10
CA PRO G 308 152.88 97.06 -44.26
CA HIS G 309 151.50 100.32 -42.83
CA GLU G 310 147.79 100.05 -43.22
CA ALA G 311 146.90 103.64 -42.48
CA THR G 312 148.99 104.97 -45.28
CA ALA G 313 149.37 101.92 -47.46
CA GLY G 314 153.11 102.25 -47.01
CA ILE G 315 155.84 100.56 -45.11
CA ILE G 316 156.76 100.87 -41.37
CA GLY G 317 159.84 99.41 -39.72
CA VAL G 318 162.22 99.79 -36.80
CA ASN G 319 165.96 100.37 -36.99
CA ARG G 320 168.83 99.90 -34.58
CA LYS G 321 168.44 103.32 -32.90
CA GLY G 322 164.90 102.46 -31.92
CA GLN G 323 163.28 104.61 -34.52
CA VAL G 324 159.93 103.32 -35.67
CA LEU G 325 159.98 104.82 -39.23
CA SER G 326 157.51 104.75 -42.02
CA VAL G 327 157.43 105.72 -45.73
CA CYS G 328 154.49 106.08 -48.07
CA VAL G 329 153.33 107.72 -51.32
CA GLU G 330 152.23 111.33 -50.85
CA GLU G 331 149.00 110.99 -52.81
CA GLU G 332 149.01 114.59 -53.69
CA ASN G 333 152.61 114.82 -54.96
CA ILE G 334 153.27 111.57 -56.83
CA ILE G 335 151.42 112.12 -60.10
CA PRO G 336 153.06 115.63 -60.36
CA TYR G 337 156.42 114.10 -59.43
CA ILE G 338 156.19 111.40 -62.15
CA THR G 339 155.18 114.06 -64.69
CA ASN G 340 157.73 116.76 -63.81
CA VAL G 341 160.68 115.10 -62.09
CA LEU G 342 160.39 111.67 -63.84
CA GLN G 343 159.17 113.42 -66.93
CA ASN G 344 157.05 110.39 -67.58
CA PRO G 345 153.50 111.68 -68.22
CA ASP G 346 152.40 108.39 -69.57
CA LEU G 347 153.25 106.51 -66.34
CA ALA G 348 151.71 109.50 -64.56
CA LEU G 349 148.34 109.36 -66.32
CA ARG G 350 148.16 105.60 -65.97
CA MET G 351 149.05 105.57 -62.36
CA ALA G 352 146.61 108.53 -61.89
CA VAL G 353 143.58 106.90 -63.48
CA ARG G 354 144.51 103.44 -62.22
CA ASN G 355 144.65 104.74 -58.69
CA ASN G 356 142.38 107.72 -58.80
CA LEU G 357 145.17 110.00 -57.72
CA ALA G 358 145.35 113.70 -58.55
CA GLY G 359 147.78 115.96 -60.31
CA ALA G 360 147.25 115.11 -63.94
CA GLU G 361 144.24 117.33 -64.55
CA GLU G 362 145.88 119.35 -67.35
CA LEU G 363 147.03 116.25 -69.15
CA PHE G 364 143.52 114.85 -69.00
CA ALA G 365 141.78 117.92 -70.33
CA ARG G 366 144.46 118.04 -73.03
CA LYS G 367 143.86 114.37 -73.86
CA PHE G 368 140.08 114.83 -73.93
CA ASN G 369 140.30 117.96 -76.03
CA ALA G 370 142.66 116.16 -78.38
CA LEU G 371 140.38 113.22 -78.97
CA PHE G 372 137.46 115.64 -79.46
CA ALA G 373 139.01 117.07 -82.64
CA GLN G 374 139.78 113.72 -84.12
CA GLY G 375 136.10 113.51 -83.24
CA ASN G 376 136.56 110.21 -81.43
CA TYR G 377 133.80 111.22 -79.11
CA SER G 378 133.89 107.69 -77.83
CA GLU G 379 137.51 107.73 -76.79
CA ALA G 380 137.04 111.29 -75.55
CA ALA G 381 134.19 110.15 -73.26
CA LYS G 382 136.14 107.21 -71.93
CA VAL G 383 138.73 109.75 -70.77
CA ALA G 384 136.19 112.03 -69.09
CA ALA G 385 134.46 109.07 -67.49
CA ASN G 386 137.67 107.66 -66.01
CA ALA G 387 139.91 110.64 -65.33
CA PRO G 388 140.30 110.91 -61.47
CA LYS G 389 138.48 112.96 -58.89
CA GLY G 390 135.71 113.68 -61.36
CA ILE G 391 137.75 116.29 -63.10
CA LEU G 392 135.85 115.96 -66.49
CA ARG G 393 132.47 114.63 -65.27
CA THR G 394 131.22 118.13 -65.61
CA PRO G 395 128.09 119.94 -66.90
CA ASP G 396 130.36 121.63 -69.28
CA THR G 397 131.54 118.25 -70.42
CA ILE G 398 127.90 117.30 -71.07
CA ARG G 399 127.39 120.68 -72.88
CA ARG G 400 130.35 119.79 -75.05
CA PHE G 401 128.92 116.45 -76.18
CA GLN G 402 125.47 117.97 -76.38
CA SER G 403 126.78 120.43 -78.98
CA VAL G 404 127.91 118.07 -81.70
CA PRO G 405 125.17 116.99 -84.09
CA ALA G 406 124.02 113.45 -84.58
CA GLN G 407 124.88 112.81 -88.25
CA PRO G 408 122.42 110.20 -89.63
CA GLY G 409 123.26 106.65 -88.56
CA GLN G 410 125.33 106.01 -85.39
CA THR G 411 124.57 107.14 -81.83
CA SER G 412 125.00 110.71 -80.49
CA PRO G 413 128.26 111.59 -78.80
CA LEU G 414 126.23 112.49 -75.75
CA LEU G 415 124.19 109.37 -75.65
CA GLN G 416 127.50 107.65 -76.28
CA TYR G 417 129.11 109.33 -73.24
CA PHE G 418 126.03 108.61 -71.08
CA GLY G 419 126.40 105.07 -72.26
CA ILE G 420 129.92 104.86 -70.85
CA LEU G 421 128.83 106.39 -67.61
CA LEU G 422 125.82 104.08 -67.22
CA ASP G 423 128.22 101.21 -67.69
CA GLN G 424 130.83 102.69 -65.45
CA GLY G 425 128.19 103.06 -62.79
CA GLN G 426 125.65 105.45 -61.31
CA LEU G 427 125.00 108.98 -62.68
CA ASN G 428 124.72 112.16 -60.50
CA LYS G 429 121.88 114.55 -60.16
CA TYR G 430 122.78 116.73 -63.15
CA GLU G 431 123.61 113.78 -65.40
CA SER G 432 120.47 111.93 -64.51
CA LEU G 433 118.46 115.05 -65.29
CA GLU G 434 120.21 115.57 -68.64
CA LEU G 435 119.82 111.91 -69.50
CA CYS G 436 116.15 111.75 -68.55
CA ARG G 437 114.81 115.05 -69.84
CA PRO G 438 114.69 114.02 -73.55
CA VAL G 439 113.68 110.35 -72.95
CA LEU G 440 110.77 111.58 -70.84
CA GLN G 441 109.61 113.69 -73.77
CA GLN G 442 110.01 110.73 -76.13
CA GLY G 443 107.33 108.89 -74.10
CA ARG G 444 109.95 106.39 -73.08
CA LYS G 445 108.69 105.35 -69.62
CA GLN G 446 109.89 101.83 -69.65
CA LEU G 447 113.49 103.01 -70.22
CA LEU G 448 113.67 105.34 -67.28
CA GLU G 449 111.89 102.59 -65.32
CA LYS G 450 114.79 100.21 -65.94
CA TRP G 451 117.42 102.85 -65.31
CA LEU G 452 115.63 103.44 -61.98
CA LYS G 453 115.29 99.79 -60.96
CA GLU G 454 118.81 98.89 -61.95
CA ASP G 455 119.44 101.79 -59.61
CA LYS G 456 121.43 103.86 -62.14
CA LEU G 457 119.91 107.36 -61.53
CA GLU G 458 120.47 109.55 -58.50
CA CYS G 459 117.69 110.16 -58.90
CA SER G 460 116.83 113.74 -58.00
CA GLU G 461 113.68 115.87 -57.55
CA GLU G 462 114.60 117.56 -60.83
CA LEU G 463 115.16 114.41 -62.93
CA GLY G 464 111.77 113.53 -61.55
CA ASP G 465 110.15 116.81 -62.54
CA LEU G 466 111.52 116.18 -66.03
CA VAL G 467 109.95 112.76 -66.12
CA LYS G 468 106.68 114.09 -64.68
CA SER G 469 106.53 116.11 -67.91
CA VAL G 470 106.23 112.79 -69.72
CA ASP G 471 105.20 110.20 -67.16
CA PRO G 472 103.83 111.64 -63.95
CA THR G 473 103.62 107.97 -62.91
CA LEU G 474 107.28 107.27 -63.74
CA ALA G 475 108.10 110.34 -61.60
CA LEU G 476 106.94 108.93 -58.22
CA SER G 477 109.45 106.23 -58.90
CA VAL G 478 112.43 108.66 -59.08
CA TYR G 479 111.06 110.87 -56.36
CA LEU G 480 110.49 107.94 -54.07
CA ARG G 481 114.24 107.37 -54.73
CA ALA G 482 115.10 110.99 -54.75
CA ASN G 483 114.13 114.01 -52.35
CA VAL G 484 111.09 112.12 -49.63
CA PRO G 485 110.85 116.95 -53.67
CA ASN G 486 107.53 115.71 -52.44
CA LYS G 487 105.71 118.95 -52.97
CA VAL G 488 106.92 119.21 -56.50
CA ILE G 489 105.92 115.68 -57.39
CA GLN G 490 102.41 116.09 -56.13
CA CYS G 491 102.13 119.35 -57.88
CA PHE G 492 102.30 118.73 -61.57
CA ALA G 493 101.17 115.24 -60.81
CA GLU G 494 97.58 116.13 -60.91
CA THR G 495 97.82 113.16 -63.14
CA GLY G 496 99.75 110.22 -61.83
CA GLN G 497 99.31 106.95 -60.07
CA VAL G 498 97.01 106.99 -57.11
CA GLN G 499 99.17 104.74 -54.99
CA LYS G 500 102.20 106.95 -55.27
CA ILE G 501 100.13 110.01 -54.57
CA VAL G 502 98.73 108.64 -51.37
CA LEU G 503 102.20 107.99 -50.01
CA TYR G 504 103.89 111.20 -51.11
CA ALA G 505 101.08 113.63 -50.39
CA LYS G 506 101.61 113.12 -46.68
CA LYS G 507 105.26 114.04 -47.02
CA VAL G 508 104.41 117.32 -48.74
CA GLY G 509 105.56 118.45 -48.50
CA TYR G 510 103.76 119.94 -49.62
CA THR G 511 100.20 119.67 -48.51
CA PRO G 512 98.63 121.47 -51.46
CA ASP G 513 99.79 118.63 -53.63
CA TRP G 514 97.22 116.54 -51.84
CA ILE G 515 94.45 118.88 -52.86
CA PHE G 516 95.79 118.77 -56.37
CA LEU G 517 95.90 115.01 -56.20
CA LEU G 518 92.31 114.81 -55.12
CA ARG G 519 91.29 116.85 -58.08
CA ASN G 520 93.05 114.44 -60.37
CA VAL G 521 91.47 111.47 -58.75
CA MET G 522 88.15 113.24 -58.91
CA ARG G 523 87.42 111.44 -63.85
CA ILE G 524 90.82 109.88 -63.87
CA SER G 525 92.33 106.44 -63.99
CA PRO G 526 90.86 106.00 -60.61
CA ASP G 527 87.11 105.71 -60.57
CA GLN G 528 84.33 104.87 -58.22
CA GLY G 529 84.33 101.51 -56.58
CA GLN G 530 87.44 100.31 -54.92
CA GLN G 531 90.18 102.25 -56.59
CA PHE G 532 92.67 104.93 -55.80
CA ALA G 533 89.84 107.40 -55.74
CA GLN G 534 88.53 106.79 -52.24
CA MET G 535 91.50 104.89 -50.96
CA LEU G 536 93.65 107.86 -51.81
CA VAL G 537 91.57 109.98 -49.53
CA GLN G 538 92.27 107.58 -46.72
CA ASP G 539 96.02 107.95 -46.72
CA GLU G 540 95.51 111.65 -47.20
CA GLU G 541 93.48 111.66 -44.03
CA PRO G 542 94.93 115.32 -42.93
CA LEU G 543 94.30 117.38 -45.59
CA ALA G 544 94.27 119.99 -48.30
CA ASP G 545 91.71 121.19 -49.77
CA ILE G 546 88.76 119.07 -48.72
CA THR G 547 86.54 121.10 -51.00
CA GLN G 548 89.05 120.59 -53.76
CA ILE G 549 88.95 116.85 -53.48
CA VAL G 550 85.19 116.76 -53.57
CA ASP G 551 85.02 119.31 -56.33
CA VAL G 552 87.09 117.05 -58.49
CA PHE G 553 84.90 114.08 -57.75
CA MET G 554 81.70 115.96 -58.43
CA GLU G 555 82.63 117.21 -61.88
CA TYR G 556 83.63 113.68 -62.80
CA ASN G 557 80.23 112.60 -61.50
CA LEU G 558 82.22 110.21 -59.35
CA ILE G 559 79.84 111.13 -56.55
CA GLN G 560 78.96 107.56 -55.78
CA GLN G 561 82.63 106.81 -55.19
CA CYS G 562 83.20 110.05 -53.37
CA THR G 563 80.56 109.17 -50.85
CA ALA G 564 82.04 105.70 -50.50
CA PHE G 565 85.49 106.96 -49.62
CA LEU G 566 84.14 109.51 -47.21
CA LEU G 567 82.75 106.63 -45.26
CA ASP G 568 86.31 105.39 -44.89
CA ALA G 569 87.48 108.83 -43.86
CA LEU G 570 85.31 108.97 -40.79
CA LYS G 571 87.03 105.89 -39.48
CA ASN G 572 90.39 107.55 -39.48
CA ASN G 573 90.02 109.25 -36.17
CA ARG G 574 92.83 111.71 -36.62
CA PRO G 575 92.16 112.25 -40.25
CA SER G 576 88.55 113.01 -39.49
CA GLU G 577 87.50 116.59 -39.86
CA GLY G 578 82.19 118.67 -38.23
CA PRO G 579 82.72 120.81 -41.24
CA LEU G 580 83.90 117.76 -43.10
CA GLN G 581 80.57 116.04 -42.73
CA THR G 582 78.73 119.19 -43.54
CA ARG G 583 80.68 119.79 -46.72
CA LEU G 584 80.45 116.19 -47.82
CA LEU G 585 76.71 116.06 -47.69
CA GLU G 586 76.44 119.38 -49.43
CA MET G 587 78.67 118.17 -52.20
CA ASN G 588 76.79 114.94 -52.36
CA LEU G 589 73.53 116.71 -52.88
CA MET G 590 74.63 118.43 -56.05
CA HIS G 591 77.18 115.78 -56.95
CA ALA G 592 75.26 112.58 -56.32
CA PRO G 593 72.02 112.59 -54.51
CA GLN G 594 71.94 108.83 -54.15
CA VAL G 595 74.77 109.06 -51.68
CA ALA G 596 73.20 112.00 -49.92
CA ASP G 597 70.60 110.01 -48.06
CA ALA G 598 72.91 107.25 -46.94
CA ILE G 599 75.32 109.76 -45.53
CA LEU G 600 72.45 111.24 -43.60
CA GLY G 601 71.91 107.92 -42.01
CA ASN G 602 75.58 107.27 -41.41
CA GLN G 603 76.67 110.46 -39.77
CA MET G 604 74.98 113.31 -41.41
CA PHE G 605 72.55 113.42 -38.62
CA THR G 606 74.79 113.66 -35.60
CA HIS G 607 77.76 115.59 -36.79
CA TYR G 608 76.61 117.94 -39.45
CA ASP G 609 75.57 121.56 -39.64
CA ARG G 610 71.94 120.61 -40.03
CA ALA G 611 70.70 124.02 -40.99
CA HIS G 612 73.18 124.28 -43.82
CA ILE G 613 72.42 120.86 -45.20
CA ALA G 614 68.74 121.50 -45.27
CA GLN G 615 69.03 124.60 -47.36
CA LEU G 616 71.18 122.65 -49.74
CA CYS G 617 68.66 119.82 -49.94
CA GLU G 618 65.87 122.28 -50.57
CA LYS G 619 67.62 123.55 -53.61
CA ALA G 620 68.42 119.93 -54.32
CA GLY G 621 64.82 118.78 -54.49
CA LEU G 622 65.92 116.09 -52.05
CA LEU G 623 62.62 116.40 -50.18
CA GLN G 624 62.49 112.74 -49.24
CA ARG G 625 65.73 113.31 -47.33
CA ALA G 626 64.69 116.81 -46.29
CA LEU G 627 61.90 115.27 -44.30
CA GLU G 628 64.44 113.05 -42.64
CA HIS G 629 66.53 116.01 -41.56
CA PHE G 630 63.52 117.95 -40.46
CA THR G 631 62.31 115.05 -38.47
CA ASP G 632 65.63 114.60 -36.67
CA LEU G 633 65.94 118.36 -36.46
CA TYR G 634 62.68 118.03 -34.58
CA ASP G 635 61.29 120.61 -36.86
CA ILE G 636 58.21 118.48 -37.36
CA LYS G 637 56.01 121.23 -38.67
CA ARG G 638 58.44 121.64 -41.54
CA ALA G 639 58.60 117.96 -42.22
CA VAL G 640 54.86 117.79 -42.56
CA VAL G 641 54.62 120.88 -44.70
CA HIS G 642 57.23 119.44 -47.02
CA THR G 643 55.49 116.11 -47.07
CA HIS G 644 52.40 117.96 -48.15
CA LEU G 645 53.98 119.25 -51.31
CA LEU G 646 55.48 115.91 -52.21
CA ASN G 647 53.85 112.87 -50.72
CA PRO G 648 55.41 111.55 -47.65
CA GLU G 649 55.46 107.99 -46.45
CA TRP G 650 52.27 106.75 -44.86
CA LEU G 651 53.72 105.56 -41.57
CA VAL G 652 55.78 108.68 -41.00
CA ASN G 653 52.83 110.94 -41.57
CA TYR G 654 50.97 109.47 -38.65
CA PHE G 655 53.85 109.80 -36.24
CA GLY G 656 55.11 113.22 -37.27
CA SER G 657 51.78 114.98 -37.51
CA LEU G 658 51.09 114.47 -33.85
CA SER G 659 54.57 115.65 -33.07
CA VAL G 660 53.58 118.89 -34.68
CA GLU G 661 52.60 120.44 -31.40
CA ASP G 662 53.29 123.81 -32.84
CA SER G 663 50.60 124.06 -35.42
CA LEU G 664 47.14 122.72 -34.81
CA GLU G 665 46.09 124.14 -38.16
CA CYS G 666 48.36 121.73 -39.88
CA LEU G 667 46.00 119.03 -38.76
CA ARG G 668 43.09 120.66 -40.53
CA ALA G 669 45.29 121.33 -43.52
CA MET G 670 46.30 117.70 -43.53
CA LEU G 671 42.77 116.41 -43.43
CA SER G 672 41.93 118.40 -46.50
CA ALA G 673 44.94 117.01 -48.31
CA ASN G 674 44.16 113.54 -47.08
CA ILE G 675 40.62 113.74 -48.23
CA ARG G 676 41.87 114.05 -51.75
CA GLN G 677 44.82 111.77 -52.13
CA ASN G 678 43.31 108.94 -50.18
CA LEU G 679 40.03 108.32 -48.42
CA GLN G 680 41.34 105.36 -46.51
CA ILE G 681 44.28 107.23 -45.13
CA CYS G 682 42.02 109.96 -43.87
CA VAL G 683 39.99 107.71 -41.63
CA GLN G 684 43.06 106.28 -39.95
CA VAL G 685 44.74 109.66 -39.80
CA ALA G 686 41.62 111.22 -38.36
CA SER G 687 41.85 109.04 -35.30
CA LYS G 688 45.26 110.35 -34.16
CA TYR G 689 43.70 112.67 -33.88
CA HIS G 690 41.93 115.84 -33.73
CA GLU G 691 43.11 119.11 -31.96
CA GLN G 692 39.94 120.33 -33.10
CA LEU G 693 36.79 122.39 -33.69
CA SER G 694 37.49 123.10 -37.28
CA THR G 695 34.36 122.25 -36.64
CA GLN G 696 32.46 123.46 -39.72
CA SER G 697 35.60 123.83 -41.76
CA LEU G 698 36.61 120.37 -40.75
CA ILE G 699 33.38 118.89 -42.00
CA GLU G 700 33.31 121.03 -45.09
CA LEU G 701 36.70 119.60 -45.95
CA PHE G 702 35.42 116.08 -45.47
CA GLU G 703 32.55 116.63 -47.83
CA SER G 704 34.63 117.97 -50.70
CA PHE G 705 36.85 114.92 -50.41
CA LYS G 706 33.60 113.05 -50.63
CA SER G 707 34.60 111.10 -47.61
CA PHE G 708 31.11 111.21 -46.20
CA GLU G 709 31.53 107.78 -44.72
CA GLY G 710 34.73 108.63 -42.91
CA LEU G 711 33.50 111.94 -41.57
CA PHE G 712 30.56 110.13 -40.06
CA TYR G 713 32.80 107.45 -38.63
CA PHE G 714 35.15 110.00 -37.06
CA LEU G 715 32.37 111.86 -35.34
CA GLY G 716 31.22 108.54 -34.05
CA SER G 717 34.46 108.15 -32.14
CA ILE G 718 34.53 111.70 -30.87
CA VAL G 719 31.10 111.43 -29.34
CA ASN G 720 32.39 108.76 -27.02
CA PHE G 721 34.58 111.30 -25.34
CA SER G 722 33.22 114.59 -24.11
CA GLN G 723 32.07 116.67 -27.00
CA ASP G 724 30.04 117.27 -27.75
CA PRO G 725 26.67 117.25 -29.31
CA ASP G 726 28.21 118.48 -32.53
CA VAL G 727 29.78 115.10 -33.01
CA HIS G 728 26.61 113.11 -32.43
CA PHE G 729 24.87 115.57 -34.68
CA LYS G 730 27.35 115.09 -37.49
CA TYR G 731 27.46 111.32 -37.09
CA ILE G 732 23.76 110.86 -37.57
CA GLN G 733 23.72 113.15 -40.56
CA ALA G 734 26.52 111.23 -42.20
CA ALA G 735 24.92 107.97 -41.26
CA CYS G 736 21.77 108.90 -43.05
CA LYS G 737 23.41 109.31 -46.42
CA THR G 738 26.31 106.96 -45.71
CA GLY G 739 24.62 104.07 -43.94
CA GLN G 740 20.91 104.18 -43.27
CA ILE G 741 20.92 101.01 -41.22
CA LYS G 742 23.21 102.63 -38.66
CA GLU G 743 21.02 105.71 -38.56
CA VAL G 744 18.36 103.99 -36.47
CA GLU G 745 20.46 102.50 -33.71
CA ARG G 746 22.32 105.71 -33.25
CA ILE G 747 19.22 107.81 -32.77
CA CYS G 748 17.98 105.26 -30.33
CA ARG G 749 20.83 105.91 -27.93
CA GLU G 750 22.03 109.33 -29.17
CA SER G 751 18.77 111.17 -29.78
CA ASN G 752 19.18 113.08 -26.53
CA CYS G 753 22.47 114.70 -27.40
CA TYR G 754 21.88 115.80 -30.96
CA ASP G 755 20.33 118.97 -32.41
CA PRO G 756 17.09 117.32 -33.44
CA GLU G 757 15.96 119.86 -35.98
CA ARG G 758 18.98 119.23 -38.10
CA VAL G 759 18.70 115.47 -37.71
CA LYS G 760 15.23 115.73 -39.09
CA ASN G 761 16.12 117.75 -42.13
CA PHE G 762 18.69 115.11 -42.89
CA LEU G 763 16.17 112.31 -42.43
CA LYS G 764 13.67 114.07 -44.64
CA GLU G 765 16.10 114.13 -47.50
CA ALA G 766 17.06 110.62 -46.49
CA LYS G 767 13.57 109.19 -46.82
CA LEU G 768 14.38 107.74 -43.41
CA THR G 769 10.65 107.80 -42.61
CA ASP G 770 10.73 105.04 -40.06
CA GLN G 771 13.28 107.03 -38.05
CA LEU G 772 11.74 110.44 -38.69
CA PRO G 773 8.70 109.68 -36.70
CA LEU G 774 10.87 108.31 -33.97
CA ILE G 775 12.48 111.69 -33.60
CA ILE G 776 9.31 113.60 -34.29
CA VAL G 777 7.49 111.57 -31.70
CA CYS G 778 10.36 111.69 -29.27
CA ASP G 779 12.60 114.67 -29.01
CA ARG G 780 10.46 116.59 -31.40
CA PHE G 781 8.93 116.18 -29.47
CA ASP G 782 7.26 117.13 -32.70
CA PHE G 783 4.60 114.49 -32.68
CA VAL G 784 2.78 116.12 -35.53
CA HIS G 785 5.83 115.74 -37.71
CA ASP G 786 6.36 112.14 -36.83
CA LEU G 787 2.83 111.24 -37.76
CA VAL G 788 2.97 112.89 -41.13
CA LEU G 789 6.18 111.00 -41.71
CA TYR G 790 4.50 107.81 -40.53
CA LEU G 791 1.87 108.39 -43.14
CA TYR G 792 4.69 108.15 -45.59
CA ARG G 793 5.61 104.85 -43.93
CA ASN G 794 5.92 103.53 -40.37
CA ASN G 795 4.70 100.89 -37.94
CA LEU G 796 1.18 100.62 -36.60
CA GLN G 797 1.96 100.29 -32.92
CA LYS G 798 3.98 103.46 -32.54
CA TYR G 799 1.44 105.04 -34.80
CA ILE G 800 -1.38 104.33 -32.42
CA GLU G 801 0.46 105.96 -29.53
CA ILE G 802 1.88 109.06 -31.25
CA TYR G 803 -1.31 109.84 -33.09
CA VAL G 804 -3.05 110.75 -29.87
CA GLN G 805 -0.30 113.07 -28.70
CA LYS G 806 -0.49 115.02 -31.91
CA VAL G 807 -4.19 116.82 -37.10
CA ASN G 808 -7.83 119.26 -39.40
CA PRO G 809 -9.28 116.21 -37.82
CA SER G 810 -9.77 114.71 -41.25
CA ARG G 811 -6.27 113.44 -40.68
CA LEU G 812 -7.78 111.16 -38.14
CA PRO G 813 -9.76 109.42 -40.82
CA VAL G 814 -6.80 109.32 -43.11
CA VAL G 815 -4.81 107.80 -40.31
CA ILE G 816 -7.37 105.20 -39.45
CA GLY G 817 -7.35 104.03 -43.01
CA GLY G 818 -3.59 104.06 -43.02
CA LEU G 819 -3.33 101.86 -39.99
CA LEU G 820 -5.98 99.52 -41.29
CA ASP G 821 -4.75 99.42 -44.86
CA VAL G 822 -1.13 99.20 -43.97
CA ASP G 823 -0.26 96.17 -42.02
CA CYS G 824 -0.58 98.06 -38.80
CA SER G 825 -1.68 95.69 -36.14
CA GLU G 826 -5.35 95.64 -35.45
CA ASP G 827 -4.33 96.10 -31.88
CA VAL G 828 -2.23 99.00 -33.03
CA ILE G 829 -5.23 100.30 -34.88
CA LYS G 830 -7.34 99.83 -31.80
CA ASN G 831 -4.72 101.50 -29.69
CA LEU G 832 -4.70 104.37 -32.12
CA ILE G 833 -8.45 104.47 -32.41
CA LEU G 834 -11.82 106.77 -31.81
CA VAL G 835 -10.16 110.07 -32.51
CA VAL G 836 -9.96 109.09 -36.14
CA ARG G 837 -13.63 108.29 -36.33
CA GLY G 838 -14.48 111.60 -34.80
CA GLN G 839 121.39 142.64 26.29
CA PHE G 840 122.02 142.90 22.63
CA SER G 841 123.40 140.52 20.09
CA THR G 842 122.97 137.50 18.98
CA ASP G 843 122.99 135.39 15.88
CA GLU G 844 125.80 133.32 17.30
CA LEU G 845 123.79 132.51 20.35
CA VAL G 846 120.83 131.55 18.22
CA ALA G 847 122.87 129.45 15.85
CA GLU G 848 124.37 127.53 18.71
CA VAL G 849 121.00 126.97 20.31
CA GLU G 850 119.37 125.83 17.11
CA LYS G 851 121.72 123.05 16.09
CA ARG G 852 121.73 121.90 19.67
CA ASN G 853 117.98 121.51 19.32
CA ARG G 854 118.18 123.87 22.28
CA LEU G 855 114.06 124.05 20.98
CA LYS G 856 111.91 124.03 24.07
CA LEU G 857 114.30 126.48 25.77
CA LEU G 858 115.24 128.32 22.61
CA LEU G 859 111.72 129.58 22.24
CA PRO G 860 111.83 131.21 25.63
CA TRP G 861 115.14 132.95 25.08
CA LEU G 862 113.85 134.53 21.92
CA GLU G 863 110.92 135.63 23.96
CA ALA G 864 113.26 137.85 25.97
CA ARG G 865 115.36 138.97 23.03
CA ILE G 866 112.39 140.65 21.40
CA HIS G 867 112.53 143.25 24.12
CA GLU G 868 116.07 144.18 23.14
CA GLY G 869 116.25 147.40 21.17
CA CYS G 870 118.80 145.64 18.99
CA GLU G 871 116.04 143.20 18.04
CA GLU G 872 114.11 141.54 13.54
CA PRO G 873 111.22 139.84 11.89
CA ALA G 874 113.46 136.93 11.13
CA THR G 875 113.51 136.13 14.79
CA HIS G 876 109.80 136.50 15.27
CA ASN G 877 109.01 134.29 12.36
CA ALA G 878 111.43 131.68 13.55
CA LEU G 879 110.08 131.66 17.08
CA ALA G 880 106.50 131.14 16.09
CA LYS G 881 107.30 128.26 13.82
CA ILE G 882 109.38 126.59 16.47
CA TYR G 883 106.60 127.44 18.87
CA ILE G 884 104.24 125.65 16.52
CA ASP G 885 105.86 122.59 18.00
CA SER G 886 104.87 123.76 21.48
CA ASN G 887 101.35 124.83 20.60
CA ASN G 888 100.25 126.73 23.67
CA ASN G 889 102.77 129.52 23.20
CA PRO G 890 102.02 130.29 19.61
CA GLU G 891 98.65 131.86 20.18
CA ARG G 892 100.00 134.56 22.46
CA PHE G 893 102.98 134.97 20.21
CA LEU G 894 101.01 135.90 17.14
CA ARG G 895 98.98 138.19 19.29
CA GLU G 896 102.13 139.75 20.61
CA ASN G 897 104.07 140.47 17.47
CA PRO G 898 102.73 141.57 14.20
CA TYR G 899 106.16 141.56 12.61
CA TYR G 900 106.31 138.06 11.26
CA ASP G 901 106.60 136.72 7.73
CA SER G 902 103.31 136.05 9.00
CA ARG G 903 103.54 133.61 6.15
CA VAL G 904 106.09 131.52 7.94
CA VAL G 905 104.21 131.54 11.20
CA GLY G 906 101.03 130.50 9.51
CA LYS G 907 102.48 127.39 7.97
CA TYR G 908 103.77 126.48 11.37
CA CYS G 909 100.39 127.20 12.91
CA GLU G 910 98.80 125.16 10.17
CA LYS G 911 100.40 122.11 11.63
CA ARG G 912 99.08 123.29 14.97
CA ASP G 913 95.60 124.42 15.94
CA PRO G 914 93.64 126.73 13.79
CA HIS G 915 92.47 129.09 16.52
CA LEU G 916 95.63 131.11 16.33
CA ALA G 917 95.57 130.85 12.57
CA CYS G 918 92.34 132.75 12.41
CA VAL G 919 93.91 135.52 14.43
CA ALA G 920 96.89 135.75 12.13
CA TYR G 921 94.82 135.49 8.99
CA GLU G 922 92.74 138.26 10.43
CA ARG G 923 95.71 140.53 11.06
CA GLY G 924 97.32 139.36 7.85
CA GLN G 925 94.19 140.74 6.32
CA CYS G 926 93.83 137.48 4.54
CA ASP G 927 90.13 137.51 5.32
CA LEU G 928 89.18 134.76 2.92
CA GLU G 929 91.46 132.42 4.80
CA LEU G 930 90.07 133.49 8.13
CA ILE G 931 86.56 132.67 7.06
CA ASN G 932 87.20 129.32 5.50
CA VAL G 933 89.23 128.23 8.46
CA CYS G 934 86.51 129.59 10.72
CA ASN G 935 84.04 127.46 8.84
CA GLU G 936 85.43 124.49 10.63
CA ASN G 937 85.25 126.39 13.89
CA SER G 938 84.90 130.04 14.76
CA LEU G 939 83.11 132.74 16.69
CA PHE G 940 79.94 134.21 15.33
CA LYS G 941 80.74 137.80 16.13
CA SER G 942 84.06 137.84 14.36
CA LEU G 943 82.46 136.06 11.46
CA SER G 944 80.04 138.85 10.91
CA ARG G 945 82.81 141.41 10.70
CA TYR G 946 85.30 139.49 8.57
CA LEU G 947 82.90 137.91 6.10
CA VAL G 948 82.22 141.30 4.59
CA ARG G 949 85.90 141.90 3.95
CA ARG G 950 86.15 138.64 2.02
CA LYS G 951 87.15 139.13 -1.60
CA ASP G 952 85.49 136.04 -3.01
CA PRO G 953 81.82 136.69 -2.80
CA GLU G 954 81.25 132.99 -3.36
CA LEU G 955 82.11 132.46 0.26
CA TRP G 956 78.93 134.28 1.13
CA GLY G 957 76.88 131.63 -0.56
CA SER G 958 79.04 129.08 1.17
CA VAL G 959 78.51 130.68 4.54
CA LEU G 960 74.78 130.98 4.13
CA LEU G 961 74.65 127.28 3.53
CA GLU G 962 76.86 126.76 6.50
CA SER G 963 74.52 128.72 8.71
CA ASN G 964 71.26 127.19 7.59
CA PRO G 965 72.07 123.54 8.07
CA TYR G 966 73.76 124.38 11.27
CA ARG G 967 71.15 124.02 13.89
CA ARG G 968 71.41 127.39 15.14
CA PRO G 969 69.51 129.95 16.39
CA LEU G 970 68.27 133.57 15.86
CA ILE G 971 68.04 136.36 18.23
CA ASP G 972 70.64 139.05 18.61
CA GLN G 973 72.75 139.91 15.64
CA VAL G 974 72.83 136.67 13.71
CA VAL G 975 71.04 135.66 10.56
CA GLN G 976 69.11 138.88 10.27
CA THR G 977 72.02 141.12 11.06
CA ALA G 978 74.32 138.97 8.98
CA LEU G 979 71.97 139.01 6.06
CA SER G 980 72.04 142.76 6.06
CA GLU G 981 75.78 142.85 5.66
CA THR G 982 75.83 140.17 3.03
CA GLN G 983 72.96 141.53 1.51
CA ASP G 984 74.52 140.39 -1.83
CA PRO G 985 74.65 138.21 -2.52
CA GLU G 986 73.34 134.35 -3.15
CA GLU G 987 73.13 130.66 -2.72
CA VAL G 988 70.11 132.27 -1.47
CA SER G 989 68.11 129.08 -1.52
CA VAL G 990 70.54 127.51 0.90
CA THR G 991 69.75 130.04 3.54
CA VAL G 992 66.05 129.73 2.79
CA LYS G 993 66.06 125.96 2.94
CA ALA G 994 67.63 126.11 6.35
CA PHE G 995 65.04 128.57 7.59
CA MET G 996 62.12 126.54 6.33
CA THR G 997 63.12 123.28 7.98
CA ALA G 998 63.63 125.20 11.17
CA ASP G 999 60.03 126.31 10.73
CA LEU G 1000 61.64 129.70 11.01
CA PRO G 1001 59.79 131.36 8.07
CA ASN G 1002 56.77 133.67 10.70
CA GLU G 1003 60.22 135.07 9.93
CA LEU G 1004 60.29 133.79 6.38
CA ILE G 1005 57.41 136.01 5.49
CA GLU G 1006 59.03 138.92 7.25
CA LEU G 1007 62.24 138.72 5.25
CA LEU G 1008 60.44 138.34 1.97
CA GLU G 1009 58.49 141.47 2.58
CA LYS G 1010 61.81 143.28 2.83
CA ILE G 1011 63.19 141.55 -0.23
CA VAL G 1012 60.68 142.98 -2.65
CA LEU G 1013 61.80 146.54 -2.08
CA ASP G 1014 65.43 145.70 -1.56
CA ASN G 1015 67.39 146.15 -4.73
CA SER G 1016 70.40 145.43 -2.56
CA VAL G 1017 68.88 142.06 -1.94
CA PHE G 1018 67.59 140.07 -4.91
CA SER G 1019 65.61 142.40 -7.09
CA GLU G 1020 61.90 142.00 -7.06
CA HIS G 1021 60.88 139.09 -9.16
CA ARG G 1022 57.75 137.14 -9.93
CA ASN G 1023 58.83 134.20 -7.84
CA LEU G 1024 59.02 136.20 -4.65
CA GLN G 1025 55.71 137.88 -5.16
CA ASN G 1026 54.23 134.53 -5.97
CA LEU G 1027 55.44 132.93 -2.79
CA LEU G 1028 54.59 135.80 -0.50
CA ILE G 1029 50.97 135.88 -1.42
CA LEU G 1030 50.69 132.14 -1.01
CA THR G 1031 52.22 132.27 2.40
CA ALA G 1032 50.13 135.28 3.20
CA ILE G 1033 46.90 133.48 2.61
CA LYS G 1034 47.58 130.74 5.09
CA ALA G 1035 49.87 132.81 7.31
CA ASP G 1036 48.17 136.20 7.37
CA ARG G 1037 44.90 136.55 5.50
CA THR G 1038 44.58 140.23 6.26
CA ARG G 1039 47.77 140.99 4.37
CA VAL G 1040 46.72 138.82 1.47
CA MET G 1041 44.31 141.47 0.22
CA GLU G 1042 46.69 144.42 0.31
CA TYR G 1043 49.39 142.43 -1.33
CA ILE G 1044 47.28 141.39 -4.30
CA ASN G 1045 46.49 144.92 -5.32
CA ARG G 1046 50.18 145.75 -5.14
CA LEU G 1047 50.92 142.30 -6.56
CA ASP G 1048 50.71 143.04 -10.27
CA ASN G 1049 53.13 140.53 -11.69
CA TYR G 1050 52.18 137.33 -9.99
CA ASP G 1051 51.55 133.85 -11.32
CA ALA G 1052 47.83 134.24 -10.84
CA PRO G 1053 46.78 130.66 -11.14
CA ASP G 1054 48.99 129.94 -8.17
CA ILE G 1055 47.29 132.56 -6.07
CA ALA G 1056 43.86 131.43 -6.99
CA ASN G 1057 44.17 127.87 -5.86
CA ILE G 1058 45.75 129.27 -2.74
CA ALA G 1059 42.84 131.62 -2.05
CA ILE G 1060 40.31 128.96 -2.85
CA SER G 1061 41.90 126.81 -0.24
CA ASN G 1062 41.65 129.51 2.33
CA GLU G 1063 38.17 130.90 1.72
CA LEU G 1064 39.53 134.18 0.36
CA PHE G 1065 36.24 134.86 -1.51
CA GLU G 1066 36.44 138.62 -1.82
CA GLU G 1067 40.07 138.43 -2.85
CA ALA G 1068 39.33 135.56 -5.18
CA PHE G 1069 36.85 137.69 -7.01
CA ALA G 1070 39.46 140.39 -7.40
CA ILE G 1071 41.96 138.03 -8.99
CA PHE G 1072 39.37 136.32 -11.13
CA ARG G 1073 38.44 139.79 -12.24
CA LYS G 1074 41.97 140.76 -13.22
CA PHE G 1075 42.71 137.31 -14.59
CA ASP G 1076 39.73 138.08 -16.74
CA VAL G 1077 37.85 134.83 -15.73
CA ASN G 1078 33.96 135.89 -15.77
CA THR G 1079 32.59 132.38 -15.38
CA SER G 1080 34.65 132.03 -12.24
CA ALA G 1081 33.49 135.35 -10.89
CA VAL G 1082 29.87 134.34 -11.17
CA GLN G 1083 30.38 130.88 -9.79
CA VAL G 1084 32.20 132.28 -6.79
CA LEU G 1085 29.48 134.89 -6.52
CA ILE G 1086 26.90 132.21 -6.23
CA GLU G 1087 28.47 130.70 -3.14
CA HIS G 1088 29.06 133.98 -1.38
CA ILE G 1089 26.50 136.57 -2.16
CA GLY G 1090 28.53 139.27 -3.78
CA ASN G 1091 26.54 142.19 -5.09
CA LEU G 1092 23.45 142.27 -7.23
CA ASP G 1093 24.63 145.06 -9.50
CA ARG G 1094 27.91 143.45 -10.46
CA ALA G 1095 26.10 140.21 -11.01
CA TYR G 1096 24.01 141.77 -13.70
CA GLU G 1097 27.05 143.03 -15.57
CA PHE G 1098 29.28 139.98 -15.30
CA ALA G 1099 26.71 137.33 -16.00
CA GLU G 1100 26.35 138.45 -19.58
CA ARG G 1101 30.08 138.17 -20.16
CA CYS G 1102 29.93 134.54 -19.06
CA ASN G 1103 30.90 132.19 -21.85
CA GLU G 1104 28.89 129.20 -20.70
CA PRO G 1105 25.23 129.82 -21.20
CA ALA G 1106 24.52 127.07 -18.73
CA VAL G 1107 25.42 129.50 -16.02
CA TRP G 1108 22.30 131.45 -16.83
CA SER G 1109 20.02 128.55 -16.09
CA GLN G 1110 22.00 127.77 -12.98
CA LEU G 1111 21.90 131.46 -12.13
CA ALA G 1112 18.16 131.62 -12.59
CA LYS G 1113 17.76 128.84 -10.11
CA ALA G 1114 20.02 130.57 -7.64
CA GLN G 1115 17.99 133.74 -7.77
CA LEU G 1116 14.88 131.67 -7.73
CA GLN G 1117 15.82 130.08 -4.45
CA LYS G 1118 17.39 133.16 -2.89
CA GLY G 1119 14.78 135.55 -4.09
CA MET G 1120 12.45 135.24 -7.03
CA VAL G 1121 11.23 138.78 -6.76
CA LYS G 1122 13.20 141.98 -6.94
CA GLU G 1123 16.12 139.97 -8.17
CA ALA G 1124 15.20 137.26 -10.61
CA ILE G 1125 12.93 139.58 -12.53
CA ASP G 1126 15.65 142.15 -13.04
CA SER G 1127 18.13 139.42 -13.72
CA TYR G 1128 15.92 137.81 -16.30
CA ILE G 1129 15.79 140.94 -18.37
CA LYS G 1130 19.53 140.96 -18.70
CA ALA G 1131 19.52 137.26 -19.42
CA ASP G 1132 18.74 134.46 -20.22
CA ASP G 1133 17.47 132.36 -23.06
CA PRO G 1134 16.73 130.27 -23.56
CA SER G 1135 13.16 128.79 -23.97
CA SER G 1136 12.13 126.67 -21.02
CA TYR G 1137 7.59 123.91 -18.73
CA MET G 1138 5.23 122.56 -16.12
CA GLU G 1139 7.18 123.88 -13.19
CA VAL G 1140 7.84 127.23 -14.76
CA VAL G 1141 4.16 127.82 -15.29
CA GLN G 1142 3.43 126.38 -11.88
CA ALA G 1143 5.75 128.89 -10.32
CA ALA G 1144 4.15 131.74 -12.22
CA ASN G 1145 0.67 130.87 -11.09
CA THR G 1146 1.54 130.45 -7.44
CA SER G 1147 3.18 133.85 -7.46
CA GLY G 1148 -0.18 134.87 -8.78
CA ASN G 1149 1.41 136.75 -11.60
CA TRP G 1150 -0.73 135.31 -14.34
CA GLU G 1151 -0.52 138.55 -16.20
CA GLU G 1152 3.22 138.28 -16.44
CA LEU G 1153 3.27 134.66 -17.43
CA VAL G 1154 0.81 135.14 -20.24
CA LYS G 1155 2.90 138.10 -21.34
CA TYR G 1156 6.15 136.12 -21.61
CA LEU G 1157 4.54 133.24 -23.40
CA GLN G 1158 3.42 135.70 -25.98
CA MET G 1159 7.05 136.57 -26.66
CA ALA G 1160 8.20 132.98 -26.26
CA ARG G 1161 6.12 131.73 -29.14
CA LYS G 1162 8.18 133.66 -31.59
CA LYS G 1163 11.54 132.54 -30.23
CA ALA G 1164 10.78 128.87 -30.05
CA ARG G 1165 7.57 127.25 -30.87
CA GLU G 1166 6.79 124.01 -29.45
CA SER G 1167 4.47 122.69 -27.45
CA TYR G 1168 5.24 122.84 -23.82
CA VAL G 1169 5.39 126.61 -23.84
CA GLU G 1170 2.34 127.12 -26.00
CA THR G 1171 0.43 124.57 -23.98
CA GLU G 1172 1.40 126.53 -20.90
CA LEU G 1173 0.28 129.87 -22.22
CA ILE G 1174 -3.13 128.61 -23.11
CA PHE G 1175 -3.64 127.07 -19.71
CA ALA G 1176 -2.64 130.28 -18.04
CA LEU G 1177 -4.84 132.26 -20.33
CA ALA G 1178 -7.88 130.32 -19.36
CA LYS G 1179 -7.07 130.26 -15.66
CA THR G 1180 -5.89 133.77 -15.16
CA ASN G 1181 -9.31 134.88 -16.14
CA ARG G 1182 -7.92 136.05 -19.39
CA LEU G 1183 -10.21 133.83 -21.34
CA ALA G 1184 -10.46 136.30 -24.16
CA GLU G 1185 -6.83 135.71 -24.96
CA LEU G 1186 -7.40 131.98 -24.82
CA GLU G 1187 -9.58 131.97 -27.91
CA GLU G 1188 -7.28 133.71 -30.36
CA PHE G 1189 -4.30 131.83 -29.09
CA ILE G 1190 -5.86 128.47 -29.70
CA ASN G 1191 -6.63 129.35 -33.23
CA GLY G 1192 -3.14 130.13 -34.34
CA PRO G 1193 -1.12 127.58 -32.53
CA ASN G 1194 -1.80 124.01 -33.55
CA ASN G 1195 1.29 123.00 -31.66
CA ALA G 1196 0.03 122.30 -28.20
CA HIS G 1197 -1.09 119.31 -26.28
CA ILE G 1198 -4.78 119.25 -27.01
CA GLN G 1199 -5.79 116.96 -24.22
CA GLN G 1200 -4.23 119.09 -21.55
CA VAL G 1201 -5.60 122.24 -23.10
CA GLY G 1202 -9.08 120.76 -23.15
CA ASP G 1203 -8.96 119.75 -19.52
CA ARG G 1204 -8.06 123.35 -18.91
CA CYS G 1205 -11.06 124.72 -20.81
CA TYR G 1206 -13.28 122.11 -19.27
CA ASP G 1207 -12.75 123.54 -15.83
CA GLU G 1208 -12.80 127.01 -17.35
CA LYS G 1209 -16.22 126.64 -18.93
CA MET G 1210 -14.94 127.51 -22.38
CA TYR G 1211 -18.10 126.04 -23.97
CA ASP G 1212 -17.97 128.39 -26.95
CA ALA G 1213 -14.25 127.87 -27.57
CA ALA G 1214 -14.16 124.05 -27.27
CA LYS G 1215 -17.23 124.06 -29.53
CA LEU G 1216 -14.83 125.10 -32.30
CA LEU G 1217 -11.90 123.02 -31.04
CA TYR G 1218 -13.92 119.80 -30.89
CA ASN G 1219 -15.35 120.86 -34.27
CA ASN G 1220 -12.09 120.82 -36.29
CA VAL G 1221 -10.61 117.76 -34.54
CA SER G 1222 -14.14 116.51 -35.24
CA ASN G 1223 -14.73 114.73 -31.93
CA PHE G 1224 -18.50 114.90 -32.38
CA GLY G 1225 -18.70 112.96 -29.13
CA ARG G 1226 -18.04 116.19 -27.25
CA LEU G 1227 -18.93 118.60 -30.08
CA ALA G 1228 -22.55 117.51 -29.63
CA SER G 1229 -22.14 117.29 -25.87
CA THR G 1230 -20.99 120.92 -25.57
CA LEU G 1231 -23.51 122.17 -28.18
CA VAL G 1232 -26.24 120.96 -25.81
CA HIS G 1233 -24.45 122.37 -22.77
CA LEU G 1234 -24.72 125.57 -24.88
CA GLY G 1235 -28.45 125.38 -25.57
CA GLU G 1236 -27.79 124.97 -29.30
CA TYR G 1237 -30.03 121.88 -29.38
CA GLN G 1238 -30.98 121.41 -33.03
CA ALA G 1239 -27.27 121.45 -33.99
CA ALA G 1240 -26.30 119.20 -31.09
CA VAL G 1241 -28.57 116.59 -32.67
CA ASP G 1242 -26.41 116.91 -35.77
CA GLY G 1243 -23.23 116.26 -33.83
CA ALA G 1244 -24.85 113.22 -32.26
CA ARG G 1245 -25.69 112.02 -35.76
CA LYS G 1246 -22.12 112.37 -37.01
CA ALA G 1247 -20.90 110.98 -33.67
CA ASN G 1248 -23.11 107.92 -34.37
CA SER G 1249 -22.94 106.70 -30.77
CA THR G 1250 -25.68 105.32 -28.51
CA ARG G 1251 -24.45 106.56 -25.13
CA THR G 1252 -24.17 109.84 -27.01
CA TRP G 1253 -27.76 110.06 -28.29
CA LYS G 1254 -28.78 109.42 -24.68
CA GLU G 1255 -26.96 112.54 -23.45
CA VAL G 1256 -28.46 114.65 -26.25
CA CYS G 1257 -31.95 113.14 -26.16
CA PHE G 1258 -32.23 113.39 -22.39
CA ALA G 1259 -31.00 116.98 -22.29
CA CYS G 1260 -33.08 117.82 -25.38
CA VAL G 1261 -35.97 116.66 -23.15
CA ASP G 1262 -34.92 118.69 -20.14
CA GLY G 1263 -34.97 121.69 -22.47
CA LYS G 1264 -38.48 120.60 -23.46
CA GLU G 1265 -37.46 120.35 -27.13
CA PHE G 1266 -39.60 117.47 -28.28
CA ARG G 1267 -39.83 117.14 -32.06
CA LEU G 1268 -36.05 117.03 -31.67
CA ALA G 1269 -35.89 114.76 -28.60
CA GLN G 1270 -38.12 112.47 -30.66
CA MET G 1271 -36.10 111.98 -33.87
CA CYS G 1272 -33.18 112.06 -31.42
CA GLY G 1273 -34.92 109.30 -29.48
CA LEU G 1274 -35.75 106.97 -32.35
CA HIS G 1275 -32.08 106.08 -32.45
CA ILE G 1276 -32.36 104.65 -28.92
CA VAL G 1277 -35.64 102.70 -28.69
CA VAL G 1278 -34.37 100.17 -31.23
CA HIS G 1279 -31.77 99.21 -28.65
CA ALA G 1280 95.87 142.36 25.09
CA ASP G 1281 96.33 139.95 28.01
CA GLU G 1282 97.65 142.98 29.91
CA LEU G 1283 95.53 145.94 28.70
CA GLU G 1284 92.84 145.40 31.36
CA GLU G 1285 94.93 145.34 34.55
CA LEU G 1286 96.74 148.45 33.26
CA ILE G 1287 93.41 150.25 32.87
CA ASN G 1288 91.76 148.91 36.05
CA TYR G 1289 94.85 150.20 37.87
CA TYR G 1290 94.80 153.76 36.40
CA GLN G 1291 91.07 153.70 37.21
CA ASP G 1292 90.98 153.05 40.97
CA ARG G 1293 93.86 155.51 41.43
CA GLY G 1294 91.31 157.79 39.81
CA TYR G 1295 93.72 158.93 37.12
CA PHE G 1296 91.18 158.67 34.33
CA GLU G 1297 92.47 161.87 32.76
CA GLU G 1298 95.98 160.54 32.11
CA LEU G 1299 94.83 157.01 31.24
CA ILE G 1300 92.93 158.47 28.28
CA THR G 1301 95.88 160.72 27.39
CA MET G 1302 98.12 157.69 26.97
CA LEU G 1303 95.67 155.68 24.90
CA GLU G 1304 95.51 158.88 22.81
CA ALA G 1305 99.09 158.11 21.71
CA ALA G 1306 98.92 154.30 21.76
CA LEU G 1307 96.51 154.46 18.84
CA GLY G 1308 99.52 155.43 16.76
CA LEU G 1309 101.54 152.38 17.81
CA GLU G 1310 102.18 149.84 15.06
CA ARG G 1311 100.97 147.10 17.44
CA ALA G 1312 97.71 148.94 18.31
CA HIS G 1313 94.80 146.52 18.75
CA MET G 1314 91.02 146.21 19.02
CA GLY G 1315 91.01 146.16 22.83
CA MET G 1316 92.60 149.61 22.80
CA PHE G 1317 90.15 151.35 20.47
CA THR G 1318 87.23 149.64 22.24
CA GLU G 1319 88.45 150.92 25.61
CA LEU G 1320 89.18 154.44 24.50
CA ALA G 1321 85.66 154.81 23.13
CA ILE G 1322 84.13 153.51 26.38
CA LEU G 1323 86.27 155.90 28.46
CA TYR G 1324 85.51 158.79 26.09
CA SER G 1325 81.80 158.17 26.56
CA LYS G 1326 81.81 158.60 30.33
CA PHE G 1327 84.66 161.18 30.46
CA LYS G 1328 84.82 163.08 27.14
CA PRO G 1329 81.58 162.61 25.19
CA GLN G 1330 82.45 165.30 22.67
CA LYS G 1331 85.38 163.14 21.49
CA MET G 1332 83.30 159.90 21.54
CA ARG G 1333 81.95 160.83 18.10
CA GLU G 1334 84.97 161.69 15.91
CA HIS G 1335 86.51 158.56 17.44
CA LEU G 1336 83.84 156.17 16.15
CA GLU G 1337 83.95 158.29 13.00
CA LEU G 1338 87.47 156.90 12.35
CA PHE G 1339 87.83 153.67 14.31
CA TRP G 1340 84.35 152.14 14.36
CA SER G 1341 85.71 149.22 12.35
CA ARG G 1342 88.56 148.48 14.76
CA VAL G 1343 86.35 148.10 17.86
CA ASN G 1344 84.02 145.60 19.60
CA ILE G 1345 80.72 147.25 18.62
CA PRO G 1346 78.34 145.53 21.03
CA LYS G 1347 80.41 146.71 24.00
CA VAL G 1348 80.74 150.28 22.70
CA LEU G 1349 76.97 150.40 22.18
CA ARG G 1350 76.03 149.28 25.71
CA ALA G 1351 78.46 152.11 26.61
CA ALA G 1352 76.65 154.92 24.73
CA GLU G 1353 73.30 153.44 25.74
CA GLN G 1354 74.43 153.93 29.32
CA ALA G 1355 75.83 157.37 28.39
CA HIS G 1356 72.76 158.62 26.47
CA LEU G 1357 74.85 159.59 23.39
CA TRP G 1358 71.92 159.01 21.05
CA ALA G 1359 73.52 160.70 18.02
CA GLU G 1360 76.44 158.23 18.14
CA LEU G 1361 74.26 155.27 19.10
CA VAL G 1362 72.47 155.68 15.76
CA PHE G 1363 75.81 155.86 13.99
CA LEU G 1364 76.90 152.47 15.29
CA TYR G 1365 73.44 150.85 15.22
CA ASP G 1366 73.69 151.91 11.60
CA LYS G 1367 77.13 150.39 10.93
CA TYR G 1368 76.40 147.27 12.99
CA GLU G 1369 73.47 146.98 10.57
CA GLU G 1370 70.99 146.97 13.46
CA TYR G 1371 68.65 149.29 11.49
CA ASP G 1372 65.47 148.66 13.49
CA ASN G 1373 67.37 150.06 16.48
CA ALA G 1374 68.80 153.08 14.67
CA ILE G 1375 65.23 154.05 13.72
CA ILE G 1376 63.65 153.36 17.10
CA THR G 1377 66.43 155.54 18.54
CA MET G 1378 66.12 158.44 16.09
CA MET G 1379 62.41 158.34 16.99
CA ASN G 1380 62.66 158.61 20.79
CA HIS G 1381 65.54 161.11 20.79
CA PRO G 1382 64.85 163.21 17.69
CA THR G 1383 66.57 166.41 18.77
CA ASP G 1384 69.92 164.52 19.08
CA ALA G 1385 69.76 161.54 16.72
CA TRP G 1386 67.10 162.25 14.09
CA LYS G 1387 68.28 163.51 10.70
CA GLU G 1388 65.82 163.84 7.78
CA GLY G 1389 68.08 162.34 5.15
CA GLN G 1390 69.41 159.29 6.93
CA PHE G 1391 65.98 158.45 8.30
CA LYS G 1392 64.83 158.04 4.69
CA ASP G 1393 67.77 155.70 4.07
CA ILE G 1394 67.68 153.49 7.15
CA ILE G 1395 63.88 153.15 7.46
CA THR G 1396 64.02 151.04 4.30
CA LYS G 1397 66.52 148.48 5.67
CA VAL G 1398 64.19 148.04 8.68
CA ALA G 1399 63.09 144.43 9.21
CA ASN G 1400 59.98 144.82 11.33
CA VAL G 1401 57.70 146.60 8.83
CA GLU G 1402 55.43 147.74 11.64
CA LEU G 1403 57.99 150.48 12.23
CA TYR G 1404 56.71 152.08 9.02
CA TYR G 1405 53.27 152.68 10.48
CA ARG G 1406 54.96 153.73 13.69
CA ALA G 1407 57.13 156.17 11.75
CA ILE G 1408 54.23 157.48 9.63
CA GLN G 1409 52.58 158.42 12.91
CA PHE G 1410 55.72 160.07 14.26
CA TYR G 1411 56.37 162.19 11.15
CA LEU G 1412 52.67 163.01 10.92
CA GLU G 1413 52.41 164.35 14.46
CA PHE G 1414 55.71 166.26 14.64
CA LYS G 1415 56.96 166.63 11.01
CA PRO G 1416 54.06 167.17 8.54
CA LEU G 1417 55.95 168.55 5.55
CA LEU G 1418 58.30 165.56 5.49
CA LEU G 1419 55.49 162.99 5.72
CA ASN G 1420 54.92 162.80 1.98
CA ASP G 1421 58.53 162.37 0.90
CA LEU G 1422 58.79 159.75 3.64
CA LEU G 1423 55.69 158.01 2.44
CA MET G 1424 57.20 157.83 -1.04
CA VAL G 1425 60.08 155.70 0.28
CA LEU G 1426 57.78 153.49 2.37
CA SER G 1427 55.49 152.76 -0.62
CA PRO G 1428 56.94 149.38 -1.77
CA ARG G 1429 56.24 147.66 1.56
CA LEU G 1430 53.42 149.87 2.81
CA ASP G 1431 49.89 148.43 3.16
CA HIS G 1432 48.19 151.40 1.42
CA THR G 1433 44.71 150.41 2.50
CA ARG G 1434 45.97 150.33 6.05
CA ALA G 1435 47.77 153.62 5.46
CA VAL G 1436 44.85 155.45 3.92
CA ASN G 1437 42.49 154.22 6.63
CA TYR G 1438 44.72 155.73 9.33
CA PHE G 1439 45.09 159.11 7.59
CA SER G 1440 41.31 159.12 7.12
CA LYS G 1441 40.40 158.32 10.72
CA VAL G 1442 43.01 160.94 11.60
CA LYS G 1443 41.30 163.28 9.08
CA GLN G 1444 44.58 164.14 7.40
CA LEU G 1445 43.95 162.96 3.82
CA PRO G 1446 44.41 166.41 2.27
CA LEU G 1447 48.05 166.37 3.43
CA VAL G 1448 48.95 163.02 1.94
CA LYS G 1449 47.44 163.89 -1.40
CA PRO G 1450 50.82 163.73 -3.29
CA TYR G 1451 51.24 160.20 -1.96
CA LEU G 1452 47.70 159.21 -2.84
CA ARG G 1453 48.17 160.15 -6.47
CA SER G 1454 51.54 158.34 -6.42
CA VAL G 1455 49.70 155.17 -5.39
CA GLN G 1456 46.24 155.43 -6.90
CA ASN G 1457 47.54 153.53 -9.93
CA HIS G 1458 47.05 150.38 -7.79
CA ASN G 1459 43.30 150.85 -8.34
CA ASN G 1460 43.02 150.52 -4.59
CA LYS G 1461 39.52 151.21 -3.25
CA SER G 1462 40.12 153.21 -0.07
CA VAL G 1463 42.61 155.13 -2.21
CA ASN G 1464 40.21 156.13 -5.00
CA GLU G 1465 37.33 156.83 -2.62
CA SER G 1466 39.70 158.81 -0.47
CA LEU G 1467 41.32 160.54 -3.40
CA ASN G 1468 37.99 161.38 -5.06
CA ASN G 1469 36.62 163.05 -1.91
CA LEU G 1470 39.53 165.44 -2.28
CA PHE G 1471 38.90 166.33 -5.90
CA ILE G 1472 35.36 166.97 -4.80
CA THR G 1473 35.99 169.21 -1.78
CA GLU G 1474 38.42 171.11 -3.94
CA GLU G 1475 35.90 171.36 -6.75
CA ASP G 1476 38.38 169.71 -9.13
CA TYR G 1477 35.95 167.96 -11.51
CA GLN G 1478 38.36 167.36 -14.39
CA ALA G 1479 40.55 165.43 -11.97
CA LEU G 1480 37.54 163.53 -10.66
CA ARG G 1481 36.46 162.62 -14.16
CA THR G 1482 39.83 161.08 -15.00
CA SER G 1483 39.99 159.27 -11.68
CA ILE G 1484 36.64 157.56 -12.16
CA ASP G 1485 37.76 156.88 -15.72
CA ALA G 1486 41.23 155.41 -15.18
CA TYR G 1487 40.51 153.61 -11.87
CA ASP G 1488 37.20 151.82 -11.28
CA ASN G 1489 37.39 150.41 -7.75
CA PHE G 1490 34.79 152.58 -5.98
CA ASP G 1491 31.07 152.85 -5.21
CA ASN G 1492 29.69 154.79 -8.20
CA ILE G 1493 26.11 154.84 -6.93
CA SER G 1494 27.20 156.33 -3.62
CA LEU G 1495 29.25 158.91 -5.52
CA ALA G 1496 26.47 159.31 -8.05
CA GLN G 1497 23.98 159.96 -5.27
CA ARG G 1498 26.35 162.25 -3.42
CA LEU G 1499 27.02 164.26 -6.61
CA GLU G 1500 23.57 164.47 -8.48
CA LYS G 1501 22.05 167.20 -6.46
CA HIS G 1502 25.17 169.34 -6.96
CA GLU G 1503 24.65 172.97 -7.87
CA LEU G 1504 27.48 173.06 -10.41
CA ILE G 1505 26.54 172.11 -13.97
CA GLU G 1506 29.79 170.30 -14.62
CA PHE G 1507 28.92 167.93 -11.81
CA ARG G 1508 25.23 167.49 -12.55
CA ARG G 1509 26.39 166.50 -16.03
CA ILE G 1510 28.70 163.92 -14.50
CA ALA G 1511 25.91 162.47 -12.43
CA ALA G 1512 23.93 161.97 -15.62
CA TYR G 1513 26.98 160.33 -17.18
CA LEU G 1514 27.33 158.01 -14.13
CA PHE G 1515 23.67 156.89 -14.25
CA LYS G 1516 24.44 156.09 -17.99
CA GLY G 1517 28.33 155.62 -18.46
CA ASN G 1518 27.68 153.03 -15.91
CA ASN G 1519 25.12 152.15 -18.49
CA ARG G 1520 22.27 153.39 -16.39
CA TRP G 1521 20.65 154.94 -19.43
CA LYS G 1522 17.23 155.21 -17.80
CA GLN G 1523 18.66 157.52 -15.18
CA SER G 1524 20.70 159.49 -17.62
CA VAL G 1525 17.57 160.22 -19.62
CA GLU G 1526 15.50 161.15 -16.59
CA LEU G 1527 18.36 163.37 -15.43
CA CYS G 1528 18.56 164.87 -18.89
CA LYS G 1529 14.84 165.58 -18.69
CA LYS G 1530 15.62 168.34 -16.10
CA ASP G 1531 18.30 169.41 -18.23
CA SER G 1532 17.50 166.82 -20.67
CA LEU G 1533 19.02 168.80 -23.55
CA TYR G 1534 18.68 168.52 -27.28
CA LYS G 1535 22.31 167.57 -27.72
CA ASP G 1536 23.65 164.34 -26.16
CA ALA G 1537 20.10 163.15 -25.96
CA MET G 1538 20.29 162.52 -29.67
CA GLN G 1539 23.64 160.85 -29.29
CA TYR G 1540 22.98 158.46 -26.46
CA ALA G 1541 19.36 157.67 -27.23
CA SER G 1542 20.68 155.57 -30.06
CA GLU G 1543 22.84 153.66 -27.60
CA SER G 1544 19.71 153.24 -25.47
CA LYS G 1545 19.69 149.84 -25.22
CA ASP G 1546 15.92 150.20 -24.93
CA THR G 1547 14.58 151.22 -28.26
CA GLU G 1548 11.09 151.64 -26.93
CA LEU G 1549 12.33 154.26 -25.18
CA ALA G 1550 12.38 155.49 -28.76
CA GLU G 1551 8.62 155.46 -28.93
CA GLU G 1552 8.40 156.91 -25.47
CA LEU G 1553 10.86 159.63 -26.37
CA LEU G 1554 9.16 160.48 -29.61
CA GLN G 1555 5.93 161.08 -27.83
CA TRP G 1556 7.65 162.98 -25.07
CA PHE G 1557 9.48 165.35 -27.37
CA LEU G 1558 6.42 166.04 -29.41
CA GLN G 1559 4.22 166.55 -26.39
CA GLU G 1560 6.71 168.35 -24.21
CA GLU G 1561 7.18 171.11 -26.77
CA LYS G 1562 9.60 169.36 -29.22
CA ARG G 1563 10.31 171.07 -31.00
CA GLU G 1564 9.37 168.29 -33.14
CA CYS G 1565 9.01 169.42 -36.73
CA PHE G 1566 12.61 170.47 -37.04
CA GLY G 1567 13.96 167.62 -34.95
CA ALA G 1568 11.84 165.25 -37.03
CA CYS G 1569 13.61 166.36 -40.15
CA LEU G 1570 16.97 165.77 -38.58
CA PHE G 1571 15.66 162.63 -36.95
CA THR G 1572 14.62 161.25 -40.31
CA CYS G 1573 18.17 161.77 -41.45
CA TYR G 1574 19.60 159.76 -38.58
CA ASP G 1575 17.24 157.04 -39.20
CA LEU G 1576 19.36 154.29 -39.28
CA LEU G 1577 15.86 151.93 -37.32
CA ARG G 1578 11.91 151.04 -37.15
CA PRO G 1579 8.81 152.53 -37.89
CA ASP G 1580 6.70 153.76 -39.88
CA VAL G 1581 4.17 153.47 -37.37
CA VAL G 1582 5.37 156.81 -36.13
CA LEU G 1583 4.79 158.31 -39.53
CA GLU G 1584 1.32 156.86 -39.72
CA THR G 1585 0.55 157.70 -36.13
CA ALA G 1586 1.82 161.22 -36.57
CA TRP G 1587 -0.90 161.76 -39.14
CA ARG G 1588 -3.41 161.14 -36.39
CA HIS G 1589 -1.98 164.25 -34.81
CA ASN G 1590 -1.44 167.30 -36.90
CA ILE G 1591 1.00 166.33 -39.66
CA MET G 1592 2.07 169.89 -40.03
CA ASP G 1593 4.61 168.64 -37.58
CA PHE G 1594 5.13 165.60 -39.68
CA ALA G 1595 7.00 167.28 -42.21
CA MET G 1596 10.21 167.07 -42.08
CA PRO G 1597 11.08 165.56 -45.14
CA TYR G 1598 13.77 166.74 -46.57
CA PHE G 1599 16.03 164.29 -45.07
CA ILE G 1600 13.53 161.65 -44.89
CA GLN G 1601 14.39 162.32 -48.58
CA VAL G 1602 17.93 161.09 -47.96
CA MET G 1603 16.61 157.81 -46.59
CA LYS G 1604 14.34 157.44 -49.54
CA GLU G 1605 17.37 157.99 -51.88
CA TYR G 1606 18.96 155.16 -49.95
CA LEU G 1607 16.08 152.73 -50.63
CA THR G 1608 16.01 153.55 -54.27
CA LYS G 1609 19.72 152.98 -54.60
CA VAL G 1610 19.23 149.53 -53.01
CA ASP G 1611 16.51 148.60 -55.53
CA LYS G 1612 18.35 149.95 -58.49
CA LEU G 1613 21.24 147.92 -57.21
CA ASP G 1614 19.47 144.62 -56.63
CA ALA G 1615 17.96 145.09 -60.04
CA SER G 1616 21.33 145.23 -61.76
CA GLU G 1617 22.24 142.17 -59.71
CA SER G 1618 19.24 140.03 -60.78
CA LEU G 1619 19.72 141.17 -64.37
CA ARG G 1620 23.41 140.15 -64.19
CA LYS G 1621 22.14 136.68 -63.09
CA GLU G 1622 19.45 136.34 -65.72
CA GLU G 1623 22.11 137.16 -68.25
CA GLU G 1624 24.11 134.24 -66.77
CA GLN G 1625 21.48 131.50 -66.63
CA ALA G 1626 20.43 132.67 -70.05
CA THR G 1627 23.87 132.32 -71.57
CA GLU G 1628 24.41 128.91 -69.99
CA THR G 1629 21.12 127.36 -71.17
CA GLN G 1630 22.07 128.50 -74.57
CA MET H 1 23.25 1.92 9.61
CA ALA H 2 23.16 3.60 6.16
CA GLN H 3 21.42 6.90 6.51
CA ILE H 4 20.43 8.43 3.19
CA LEU H 5 18.96 6.55 0.31
CA PRO H 6 21.49 6.79 -2.60
CA ILE H 7 19.27 5.18 -5.26
CA ARG H 8 15.59 5.29 -6.32
CA PHE H 9 13.77 1.99 -6.73
CA GLN H 10 10.68 2.56 -8.93
CA GLU H 11 7.99 0.22 -10.28
CA HIS H 12 6.89 1.54 -13.67
CA LEU H 13 4.09 -0.87 -14.30
CA GLN H 14 2.72 -4.18 -13.08
CA LEU H 15 2.13 -6.46 -16.03
CA GLN H 16 -0.68 -8.55 -14.66
CA ASN H 17 -2.63 -5.29 -14.30
CA LEU H 18 -2.59 -5.38 -18.08
CA GLY H 19 -4.09 -8.77 -17.68
CA ILE H 20 -1.05 -10.64 -18.98
CA ASN H 21 -0.87 -14.36 -18.28
CA PRO H 22 2.00 -14.73 -15.79
CA ALA H 23 2.91 -17.93 -17.57
CA ASN H 24 4.09 -15.63 -20.31
CA ILE H 25 6.34 -13.37 -18.25
CA GLY H 26 9.57 -15.17 -18.90
CA PHE H 27 12.84 -15.23 -20.84
CA SER H 28 11.34 -16.96 -23.80
CA THR H 29 8.07 -15.17 -24.05
CA LEU H 30 8.98 -11.71 -22.80
CA THR H 31 11.61 -9.46 -24.31
CA MET H 32 12.90 -6.01 -23.46
CA GLU H 33 15.44 -4.73 -26.10
CA SER H 34 15.25 -1.19 -24.79
CA ASP H 35 13.25 0.79 -22.21
CA LYS H 36 10.90 1.74 -25.06
CA PHE H 37 8.78 -1.41 -25.50
CA ILE H 38 8.11 -4.71 -23.85
CA CYS H 39 6.89 -7.50 -26.05
CA ILE H 40 5.06 -10.62 -24.86
CA ARG H 41 4.06 -13.61 -27.00
CA GLU H 42 0.70 -15.04 -25.66
CA LYS H 43 -1.63 -17.83 -26.85
CA VAL H 44 -4.97 -16.30 -26.08
CA GLY H 45 -7.27 -19.25 -26.18
CA GLU H 46 -6.03 -21.39 -29.01
CA GLN H 47 -4.72 -18.28 -30.77
CA ALA H 48 -1.23 -16.85 -30.74
CA GLN H 49 -0.55 -13.16 -30.47
CA VAL H 50 2.05 -10.56 -29.62
CA VAL H 51 1.37 -7.93 -27.06
CA ILE H 52 3.52 -4.85 -27.49
CA ILE H 53 3.73 -2.51 -24.56
CA ASP H 54 5.03 0.92 -25.42
CA MET H 55 6.51 2.23 -22.27
CA ASN H 56 5.33 5.64 -23.19
CA ASP H 57 1.68 4.81 -22.54
CA PRO H 58 1.92 1.38 -21.00
CA SER H 59 -1.73 1.57 -20.11
CA ASN H 60 -2.49 0.61 -23.65
CA PRO H 61 -0.79 -2.47 -25.15
CA ILE H 62 -0.94 -3.25 -28.93
CA ARG H 63 -2.00 -6.85 -29.65
CA ARG H 64 -1.61 -8.74 -32.95
CA PRO H 65 -2.18 -12.38 -33.85
CA ILE H 66 1.23 -13.44 -34.81
CA SER H 67 2.60 -16.92 -34.60
CA ALA H 68 6.34 -16.60 -34.08
CA ASP H 69 8.97 -18.66 -32.34
CA SER H 70 10.17 -15.27 -31.17
CA ALA H 71 9.62 -11.54 -31.43
CA ILE H 72 11.86 -8.63 -30.50
CA MET H 73 11.04 -4.97 -31.05
CA ASN H 74 13.31 -2.26 -32.37
CA PRO H 75 15.10 -0.35 -29.69
CA ALA H 76 13.41 2.75 -30.93
CA SER H 77 10.90 2.40 -33.68
CA LYS H 78 7.71 0.46 -34.16
CA VAL H 79 9.54 -2.17 -36.18
CA ILE H 80 9.46 -5.78 -34.95
CA ALA H 81 11.57 -8.77 -35.86
CA LEU H 82 9.62 -12.01 -35.94
CA LYS H 83 11.19 -15.39 -36.29
CA ALA H 84 9.31 -18.38 -37.65
CA GLY H 85 11.70 -21.24 -37.09
CA LYS H 86 14.27 -20.25 -39.71
CA THR H 87 12.48 -17.55 -41.56
CA LEU H 88 13.36 -14.21 -40.05
CA GLN H 89 11.04 -11.31 -40.83
CA ILE H 90 11.32 -7.56 -39.97
CA PHE H 91 7.84 -6.04 -40.06
CA ASN H 92 6.68 -2.48 -39.53
CA ILE H 93 4.07 -2.67 -36.75
CA GLU H 94 3.43 1.05 -37.26
CA MET H 95 2.15 0.80 -40.82
CA LYS H 96 1.67 -2.95 -40.96
CA SER H 97 4.05 -3.30 -43.92
CA LYS H 98 6.59 -6.11 -44.23
CA MET H 99 10.03 -4.58 -44.30
CA LYS H 100 12.30 -7.53 -45.02
CA ALA H 101 12.80 -11.27 -44.46
CA HIS H 102 15.36 -14.04 -44.78
CA THR H 103 15.38 -17.77 -44.27
CA MET H 104 18.49 -18.60 -42.39
CA THR H 105 20.32 -21.81 -43.33
CA ASP H 106 20.58 -22.89 -39.74
CA ASP H 107 18.24 -21.89 -36.91
CA VAL H 108 18.88 -18.65 -35.11
CA THR H 109 19.51 -19.73 -31.60
CA PHE H 110 19.35 -16.30 -29.93
CA TRP H 111 19.01 -12.89 -31.54
CA LYS H 112 18.72 -9.26 -30.45
CA TRP H 113 18.76 -5.72 -31.70
CA ILE H 114 22.23 -4.31 -31.13
CA SER H 115 21.22 -0.94 -32.42
CA LEU H 116 18.61 1.23 -33.96
CA ASN H 117 18.75 -0.87 -37.08
CA THR H 118 20.75 -4.04 -36.85
CA VAL H 119 19.70 -7.41 -35.45
CA ALA H 120 22.26 -9.97 -34.22
CA LEU H 121 21.55 -13.60 -35.13
CA VAL H 122 23.30 -16.20 -33.13
CA THR H 123 23.52 -19.53 -34.79
CA ASP H 124 24.81 -22.68 -33.34
CA ASN H 125 28.10 -21.85 -35.04
CA ALA H 126 28.15 -18.18 -35.86
CA VAL H 127 26.97 -14.68 -35.06
CA TYR H 128 25.72 -12.50 -37.96
CA HIS H 129 24.45 -8.94 -38.04
CA TRP H 130 21.41 -8.09 -40.18
CA SER H 131 20.62 -4.48 -41.01
CA MET H 132 16.94 -3.69 -41.24
CA GLU H 133 18.02 -1.40 -44.06
CA GLY H 134 17.82 -2.24 -47.75
CA GLU H 135 17.97 -5.48 -49.66
CA SER H 136 21.06 -6.48 -47.64
CA GLN H 137 21.25 -9.91 -46.11
CA PRO H 138 22.74 -11.24 -42.79
CA VAL H 139 26.54 -10.79 -42.57
CA LYS H 140 28.65 -13.24 -40.54
CA MET H 141 30.87 -11.35 -38.03
CA PHE H 142 32.55 -14.33 -36.52
CA ASP H 143 32.35 -17.99 -35.63
CA ARG H 144 31.41 -19.20 -32.22
CA HIS H 145 34.39 -20.02 -30.10
CA SER H 146 34.44 -23.54 -28.71
CA SER H 147 34.34 -22.72 -25.04
CA LEU H 148 30.71 -21.87 -25.70
CA ALA H 149 29.76 -25.21 -27.22
CA GLY H 150 26.48 -26.54 -25.87
CA CYS H 151 25.97 -23.33 -23.84
CA GLN H 152 22.59 -21.77 -23.24
CA ILE H 153 23.18 -18.43 -25.01
CA ILE H 154 21.90 -15.66 -22.75
CA ASN H 155 23.24 -12.45 -24.24
CA TYR H 156 25.15 -10.66 -26.97
CA ARG H 157 26.64 -7.19 -26.68
CA THR H 158 28.72 -4.78 -28.70
CA ASP H 159 30.77 -1.70 -27.97
CA ALA H 160 29.39 1.61 -29.33
CA LYS H 161 31.52 1.27 -32.41
CA GLN H 162 30.62 -2.39 -32.94
CA LYS H 163 34.29 -3.11 -33.19
CA TRP H 164 34.27 -5.49 -30.15
CA LEU H 165 31.50 -8.08 -29.82
CA LEU H 166 30.76 -10.25 -26.80
CA LEU H 167 28.77 -13.49 -26.69
CA THR H 168 27.66 -15.12 -23.39
CA GLY H 169 26.26 -18.46 -22.55
CA ILE H 170 25.93 -20.41 -19.31
CA SER H 171 26.29 -24.05 -18.39
CA ALA H 172 25.35 -26.16 -15.40
CA GLN H 173 28.73 -27.59 -15.03
CA GLN H 174 29.25 -29.85 -12.17
CA ASN H 175 26.50 -28.30 -10.02
CA ARG H 176 27.18 -24.52 -10.76
CA VAL H 177 25.84 -22.23 -13.45
CA VAL H 178 29.07 -21.45 -15.14
CA GLY H 179 29.14 -18.55 -17.67
CA ALA H 180 31.14 -18.50 -20.87
CA MET H 181 31.93 -15.33 -22.79
CA GLN H 182 33.56 -14.93 -26.18
CA LEU H 183 35.07 -11.49 -26.76
CA TYR H 184 35.68 -11.05 -30.52
CA SER H 185 37.81 -8.27 -32.00
CA VAL H 186 36.47 -7.07 -35.32
CA ASP H 187 39.37 -4.93 -36.43
CA ARG H 188 42.06 -7.35 -35.17
CA LYS H 189 40.02 -10.38 -36.30
CA VAL H 190 40.96 -12.24 -33.09
CA SER H 191 38.70 -13.70 -30.44
CA GLN H 192 39.20 -14.77 -26.82
CA PRO H 193 37.33 -16.71 -24.15
CA ILE H 194 36.56 -15.23 -20.69
CA GLU H 195 34.63 -16.78 -17.82
CA GLY H 196 31.94 -14.27 -17.17
CA HIS H 197 28.41 -14.00 -16.03
CA ALA H 198 27.39 -10.51 -17.02
CA ALA H 199 29.10 -7.59 -18.78
CA SER H 200 28.67 -4.37 -20.68
CA PHE H 201 30.94 -1.92 -22.55
CA ALA H 202 31.21 1.79 -21.79
CA GLN H 203 32.75 4.93 -23.30
CA PHE H 204 34.67 6.78 -20.63
CA LYS H 205 36.85 9.83 -21.12
CA MET H 206 39.55 9.58 -18.44
CA GLU H 207 40.71 12.55 -16.42
CA GLY H 208 43.23 14.31 -18.61
CA ASN H 209 42.60 12.55 -21.94
CA ALA H 210 40.80 14.00 -24.90
CA GLU H 211 39.30 10.85 -26.12
CA GLU H 212 36.91 8.41 -24.57
CA SER H 213 38.29 5.07 -23.73
CA THR H 214 36.15 2.06 -24.58
CA LEU H 215 35.82 -0.07 -21.54
CA PHE H 216 34.55 -3.59 -21.17
CA CYS H 217 33.22 -4.45 -17.76
CA PHE H 218 32.26 -7.92 -16.73
CA ALA H 219 31.41 -9.83 -13.61
CA VAL H 220 31.53 -13.42 -12.59
CA ARG H 221 31.34 -15.68 -9.65
CA GLY H 222 34.04 -18.35 -9.94
CA GLN H 223 35.85 -20.67 -7.51
CA ALA H 224 37.63 -17.62 -6.14
CA GLY H 225 34.36 -15.91 -5.62
CA GLY H 226 32.76 -13.19 -7.61
CA LYS H 227 34.78 -10.44 -9.13
CA LEU H 228 34.13 -7.51 -11.38
CA HIS H 229 36.67 -6.46 -14.01
CA ILE H 230 36.81 -3.15 -15.84
CA ILE H 231 39.38 -3.07 -18.66
CA GLU H 232 40.06 -0.83 -21.65
CA VAL H 233 39.55 -2.62 -24.90
CA GLY H 234 41.83 -2.06 -27.90
CA THR H 235 44.38 0.75 -28.51
CA PRO H 236 43.97 4.05 -26.73
CA PRO H 237 43.22 6.96 -28.98
CA THR H 238 46.57 8.38 -29.92
CA GLY H 239 47.60 10.76 -27.17
CA ASN H 240 45.52 9.10 -24.48
CA GLN H 241 47.00 7.72 -21.30
CA PRO H 242 45.80 4.18 -21.00
CA PHE H 243 43.08 3.23 -18.53
CA PRO H 244 44.45 1.03 -15.76
CA LYS H 245 42.60 -2.27 -15.83
CA LYS H 246 40.57 -2.80 -12.59
CA ALA H 247 39.33 -5.79 -10.59
CA VAL H 248 37.06 -5.72 -7.56
CA ASP H 249 35.28 -8.55 -5.86
CA VAL H 250 31.48 -8.65 -5.80
CA PHE H 251 30.16 -9.85 -2.49
CA PHE H 252 27.57 -12.52 -1.95
CA PRO H 253 26.09 -13.03 1.48
CA PRO H 254 25.81 -16.54 2.94
CA GLU H 255 22.06 -16.34 2.50
CA ALA H 256 22.87 -15.66 -1.15
CA GLN H 257 23.81 -19.32 -1.40
CA ASN H 258 24.31 -19.92 -5.05
CA ASP H 259 23.59 -16.50 -6.44
CA PHE H 260 25.60 -15.21 -9.43
CA PRO H 261 25.62 -12.17 -11.77
CA VAL H 262 22.86 -12.00 -14.27
CA ALA H 263 22.65 -8.49 -15.72
CA MET H 264 24.71 -5.32 -15.99
CA GLN H 265 24.13 -1.85 -17.34
CA ILE H 266 26.31 1.15 -16.90
CA SER H 267 25.21 4.73 -16.52
CA GLU H 268 27.19 6.87 -18.88
CA LYS H 269 25.61 9.85 -17.22
CA HIS H 270 27.09 8.94 -13.76
CA ASP H 271 29.81 6.37 -14.61
CA VAL H 272 28.29 3.84 -12.31
CA VAL H 273 28.01 0.14 -12.99
CA PHE H 274 24.72 -1.51 -12.11
CA LEU H 275 24.90 -5.23 -11.45
CA ILE H 276 21.86 -7.49 -10.80
CA THR H 277 22.26 -11.02 -9.42
CA LYS H 278 20.14 -14.13 -9.99
CA TYR H 279 18.38 -13.75 -6.59
CA GLY H 280 17.29 -10.14 -7.04
CA TYR H 281 20.28 -8.24 -5.56
CA ILE H 282 21.62 -4.98 -6.93
CA HIS H 283 25.08 -3.41 -6.65
CA LEU H 284 26.40 -0.08 -7.85
CA TYR H 285 30.11 0.22 -8.57
CA ASP H 286 32.12 3.25 -9.62
CA LEU H 287 33.08 2.68 -13.27
CA GLU H 288 36.45 4.36 -13.10
CA THR H 289 37.75 2.70 -9.92
CA GLY H 290 35.50 -0.26 -9.40
CA THR H 291 34.73 0.92 -5.91
CA CYS H 292 31.51 -0.61 -4.56
CA ILE H 293 29.10 2.18 -3.75
CA TYR H 294 25.92 0.36 -2.78
CA MET H 295 24.32 -3.09 -2.47
CA ASN H 296 20.85 -4.21 -1.49
CA ARG H 297 18.11 -6.53 -2.48
CA ILE H 298 15.25 -5.22 -4.50
CA SER H 299 13.54 -8.37 -5.76
CA GLY H 300 13.06 -11.87 -4.44
CA GLU H 301 12.00 -13.08 -7.84
CA THR H 302 14.58 -12.96 -10.65
CA ILE H 303 14.84 -9.92 -12.94
CA PHE H 304 15.16 -11.95 -16.15
CA VAL H 305 15.63 -9.09 -18.55
CA THR H 306 16.95 -5.56 -18.37
CA ALA H 307 18.05 -2.53 -20.30
CA PRO H 308 19.50 0.76 -19.66
CA HIS H 309 16.90 3.30 -18.47
CA GLU H 310 17.54 6.36 -20.51
CA ALA H 311 15.39 8.77 -18.55
CA THR H 312 17.28 8.19 -15.38
CA ALA H 313 20.53 6.76 -16.65
CA GLY H 314 19.80 3.69 -14.58
CA ILE H 315 18.65 0.18 -15.11
CA ILE H 316 15.09 -1.15 -15.80
CA GLY H 317 14.06 -4.78 -15.88
CA VAL H 318 11.14 -7.16 -15.43
CA ASN H 319 10.89 -9.99 -12.93
CA ARG H 320 8.76 -13.10 -12.66
CA LYS H 321 5.83 -11.36 -10.91
CA GLY H 322 5.47 -9.00 -13.82
CA GLN H 323 6.99 -6.05 -12.08
CA VAL H 324 8.75 -3.67 -14.40
CA LEU H 325 11.34 -2.28 -11.91
CA SER H 326 14.01 0.29 -12.22
CA VAL H 327 16.98 1.54 -10.13
CA CYS H 328 19.09 4.64 -10.55
CA VAL H 329 21.40 7.06 -8.69
CA GLU H 330 19.51 9.70 -6.73
CA GLU H 331 21.59 12.63 -7.98
CA GLU H 332 20.88 14.61 -4.90
CA ASN H 333 21.76 11.91 -2.33
CA ILE H 334 24.78 10.08 -3.73
CA ILE H 335 27.61 12.53 -3.07
CA PRO H 336 26.29 12.96 0.57
CA TYR H 337 25.93 9.18 0.84
CA ILE H 338 29.55 8.53 -0.28
CA THR H 339 30.77 11.19 2.14
CA ASN H 340 28.72 10.23 5.21
CA VAL H 341 27.73 6.59 4.90
CA LEU H 342 30.76 5.43 2.80
CA GLN H 343 32.89 7.92 4.64
CA ASN H 344 34.85 8.31 1.47
CA PRO H 345 35.06 12.07 0.78
CA ASP H 346 37.70 11.60 -1.79
CA LEU H 347 35.53 9.34 -3.97
CA ALA H 348 32.73 11.81 -3.20
CA LEU H 349 34.55 14.91 -4.44
CA ARG H 350 35.81 13.11 -7.52
CA MET H 351 32.52 11.67 -8.44
CA ALA H 352 30.97 15.12 -7.68
CA VAL H 353 33.23 17.16 -9.93
CA ARG H 354 33.50 14.40 -12.52
CA ASN H 355 29.75 14.28 -12.80
CA ASN H 356 28.70 17.70 -11.71
CA LEU H 357 26.63 16.29 -8.91
CA ALA H 358 25.83 18.15 -5.70
CA GLY H 359 26.36 17.57 -2.02
CA ALA H 360 30.04 18.27 -1.58
CA GLU H 361 29.79 22.05 -1.28
CA GLU H 362 31.40 22.20 2.19
CA LEU H 363 34.29 20.01 1.13
CA PHE H 364 34.92 22.24 -1.86
CA ALA H 365 34.92 25.51 0.04
CA ARG H 366 37.18 23.80 2.58
CA LYS H 367 39.50 22.63 -0.20
CA PHE H 368 39.54 26.07 -1.84
CA ASN H 369 40.13 27.85 1.43
CA ALA H 370 42.91 25.39 2.22
CA LEU H 371 44.77 25.94 -1.00
CA PHE H 372 44.34 29.72 -0.53
CA ALA H 373 46.54 29.73 2.57
CA GLN H 374 49.27 27.68 1.00
CA GLY H 375 48.74 30.51 -1.45
CA ASN H 376 48.46 28.12 -4.38
CA TYR H 377 46.06 30.53 -5.97
CA SER H 378 46.37 28.44 -9.07
CA GLU H 379 45.23 25.20 -7.51
CA ALA H 380 42.65 27.16 -5.53
CA ALA H 381 41.18 28.55 -8.78
CA LYS H 382 41.11 25.18 -10.47
CA VAL H 383 38.88 24.06 -7.61
CA ALA H 384 36.52 27.03 -7.87
CA ALA H 385 36.39 26.70 -11.64
CA ASN H 386 35.49 23.00 -11.54
CA ALA H 387 33.51 22.49 -8.35
CA PRO H 388 29.89 21.57 -9.39
CA LYS H 389 26.78 23.64 -9.80
CA GLY H 390 28.85 26.82 -9.79
CA ILE H 391 29.22 26.72 -6.08
CA LEU H 392 32.52 28.80 -6.06
CA ARG H 393 32.14 30.76 -9.33
CA THR H 394 31.04 33.64 -7.22
CA PRO H 395 31.60 37.42 -7.03
CA ASP H 396 32.94 36.82 -3.64
CA THR H 397 35.34 34.32 -5.15
CA ILE H 398 36.50 37.04 -7.55
CA ARG H 399 36.75 39.52 -4.59
CA ARG H 400 38.94 36.97 -2.87
CA PHE H 401 41.44 36.72 -5.73
CA GLN H 402 41.15 40.43 -6.34
CA SER H 403 42.41 41.06 -2.80
CA VAL H 404 45.81 39.41 -2.96
CA PRO H 405 48.55 41.64 -4.33
CA ALA H 406 50.54 40.92 -7.45
CA GLN H 407 54.10 40.57 -6.08
CA PRO H 408 56.56 41.60 -8.84
CA GLY H 409 57.03 38.90 -11.48
CA GLN H 410 54.33 36.24 -12.05
CA THR H 411 50.68 36.78 -12.96
CA SER H 412 47.94 37.97 -10.54
CA PRO H 413 45.88 35.32 -8.77
CA LEU H 414 42.83 36.92 -10.33
CA LEU H 415 44.15 37.05 -13.82
CA GLN H 416 45.29 33.52 -13.11
CA TYR H 417 41.74 32.44 -12.13
CA PHE H 418 40.23 34.27 -15.13
CA GLY H 419 42.78 32.39 -17.16
CA ILE H 420 41.42 29.06 -15.98
CA LEU H 421 37.89 30.14 -16.61
CA LEU H 422 38.64 31.45 -20.12
CA ASP H 423 40.17 28.06 -20.84
CA GLN H 424 37.39 26.18 -19.16
CA GLY H 425 34.95 28.10 -21.30
CA GLN H 426 32.72 31.16 -21.41
CA LEU H 427 32.51 33.75 -18.57
CA ASN H 428 29.22 35.16 -17.14
CA LYS H 429 28.04 38.70 -16.97
CA TYR H 430 29.80 39.59 -13.72
CA GLU H 431 33.02 37.83 -14.65
CA SER H 432 33.16 39.39 -18.06
CA LEU H 433 32.66 42.80 -16.49
CA GLU H 434 35.39 42.22 -13.89
CA LEU H 435 37.71 40.87 -16.55
CA CYS H 436 37.09 43.70 -18.98
CA ARG H 437 36.94 46.74 -16.72
CA PRO H 438 40.75 47.01 -16.15
CA VAL H 439 41.79 45.92 -19.70
CA LEU H 440 39.50 48.59 -21.11
CA GLN H 441 41.33 51.18 -19.04
CA GLN H 442 44.69 49.79 -20.16
CA GLY H 443 43.75 50.76 -23.75
CA ARG H 444 43.74 47.11 -24.63
CA LYS H 445 41.11 46.99 -27.41
CA GLN H 446 42.56 44.22 -29.42
CA LEU H 447 42.41 41.88 -26.38
CA LEU H 448 38.74 42.35 -25.63
CA GLU H 449 38.21 42.10 -29.41
CA LYS H 450 39.63 38.58 -29.42
CA TRP H 451 37.83 37.55 -26.27
CA LEU H 452 34.65 38.74 -28.03
CA LYS H 453 35.28 37.00 -31.35
CA GLU H 454 36.38 33.77 -29.79
CA ASP H 455 33.01 34.24 -28.14
CA LYS H 456 34.35 34.08 -24.55
CA LEU H 457 32.39 37.01 -22.95
CA GLU H 458 28.71 37.07 -22.13
CA CYS H 459 28.94 39.79 -23.01
CA SER H 460 26.66 42.15 -21.10
CA GLU H 461 25.52 45.79 -21.34
CA GLU H 462 27.74 46.48 -18.34
CA LEU H 463 30.93 44.83 -19.62
CA GLY H 464 30.21 46.98 -22.62
CA ASP H 465 29.80 50.18 -20.62
CA LEU H 466 33.17 49.36 -19.05
CA VAL H 467 34.77 49.00 -22.44
CA LYS H 468 33.05 52.15 -23.74
CA SER H 469 35.15 53.90 -21.07
CA VAL H 470 38.20 52.82 -23.06
CA ASP H 471 37.01 51.91 -26.52
CA PRO H 472 33.56 53.19 -27.37
CA THR H 473 34.16 51.33 -30.66
CA LEU H 474 35.04 48.04 -28.92
CA ALA H 475 31.77 48.49 -26.97
CA LEU H 476 29.35 48.13 -29.93
CA SER H 477 30.98 44.78 -30.38
CA VAL H 478 29.99 43.51 -26.89
CA TYR H 479 26.64 45.27 -26.97
CA LEU H 480 25.84 43.85 -30.36
CA ARG H 481 26.49 40.52 -28.54
CA ALA H 482 24.95 41.62 -25.34
CA ASN H 483 21.57 43.51 -24.47
CA VAL H 484 20.03 44.61 -28.55
CA PRO H 485 21.68 47.99 -23.49
CA ASN H 486 21.24 49.95 -26.67
CA LYS H 487 20.44 53.20 -25.00
CA VAL H 488 23.48 52.97 -22.82
CA ILE H 489 25.82 52.21 -25.69
CA GLN H 490 24.67 55.15 -27.73
CA CYS H 491 24.91 57.35 -24.75
CA PHE H 492 28.50 57.58 -23.74
CA ALA H 493 29.32 56.64 -27.26
CA GLU H 494 29.22 60.14 -28.47
CA THR H 495 32.47 58.87 -29.75
CA GLY H 496 32.43 55.52 -31.43
CA GLN H 497 32.22 53.92 -34.81
CA VAL H 498 29.63 55.33 -37.13
CA GLN H 499 28.55 51.98 -38.48
CA LYS H 500 27.72 50.58 -35.07
CA ILE H 501 25.92 53.73 -34.13
CA VAL H 502 23.65 53.63 -37.12
CA LEU H 503 22.53 50.11 -36.28
CA TYR H 504 22.10 50.51 -32.53
CA ALA H 505 20.57 53.96 -32.47
CA LYS H 506 17.38 52.56 -33.97
CA LYS H 507 17.13 50.00 -31.19
CA VAL H 508 17.37 52.69 -28.53
CA GLY H 509 16.61 52.24 -27.14
CA TYR H 510 17.09 54.72 -26.55
CA THR H 511 16.36 57.39 -29.08
CA PRO H 512 18.36 60.16 -27.44
CA ASP H 513 21.46 58.16 -28.15
CA TRP H 514 20.84 58.95 -31.78
CA ILE H 515 20.92 62.65 -31.10
CA PHE H 516 24.09 62.12 -29.14
CA LEU H 517 25.49 60.11 -32.00
CA LEU H 518 24.77 62.84 -34.47
CA ARG H 519 26.66 65.29 -32.35
CA ASN H 520 29.65 63.02 -32.37
CA VAL H 521 29.51 62.56 -36.08
CA MET H 522 29.07 66.27 -36.44
CA ARG H 523 34.33 66.91 -36.33
CA ILE H 524 34.84 63.27 -35.68
CA SER H 525 36.32 60.30 -37.43
CA PRO H 526 33.51 60.68 -39.84
CA ASP H 527 33.78 63.69 -42.06
CA GLN H 528 32.12 65.18 -45.08
CA GLY H 529 32.05 63.19 -48.25
CA GLN H 530 30.91 59.64 -48.11
CA GLN H 531 31.47 58.62 -44.55
CA PHE H 532 29.52 57.71 -41.50
CA ALA H 533 28.55 61.32 -41.16
CA GLN H 534 25.71 61.46 -43.65
CA MET H 535 25.19 57.76 -43.97
CA LEU H 536 24.63 57.59 -40.27
CA VAL H 537 21.75 60.00 -40.64
CA GLN H 538 20.19 57.67 -43.14
CA ASP H 539 19.85 54.69 -40.86
CA GLU H 540 18.76 57.07 -38.15
CA GLU H 541 15.99 58.20 -40.42
CA PRO H 542 13.38 58.60 -37.28
CA LEU H 543 14.96 60.67 -35.06
CA ALA H 544 16.32 62.50 -32.07
CA ASP H 545 17.27 65.54 -31.98
CA ILE H 546 17.35 66.78 -35.56
CA THR H 547 18.67 70.10 -34.35
CA GLN H 548 21.27 68.24 -32.35
CA ILE H 549 22.59 66.40 -35.33
CA VAL H 550 22.88 69.55 -37.39
CA ASP H 551 24.33 71.49 -34.50
CA VAL H 552 27.13 69.01 -34.29
CA PHE H 553 27.80 69.23 -37.98
CA MET H 554 27.80 72.99 -38.02
CA GLU H 555 30.35 73.48 -35.27
CA TYR H 556 32.62 71.06 -37.05
CA ASN H 557 32.05 73.15 -40.18
CA LEU H 558 31.02 69.85 -41.73
CA ILE H 559 28.20 71.80 -43.36
CA GLN H 560 29.05 70.60 -46.84
CA GLN H 561 28.65 67.02 -45.65
CA CYS H 562 25.61 67.81 -43.60
CA THR H 563 23.82 69.13 -46.63
CA ALA H 564 24.90 66.08 -48.59
CA PHE H 565 23.39 63.63 -46.13
CA LEU H 566 20.20 65.59 -45.82
CA LEU H 567 19.71 64.95 -49.49
CA ASP H 568 19.73 61.26 -48.67
CA ALA H 569 17.30 61.81 -45.82
CA LEU H 570 14.57 63.13 -48.04
CA LYS H 571 14.58 59.89 -49.94
CA ASN H 572 13.73 57.88 -46.88
CA ASN H 573 10.03 58.43 -47.06
CA ARG H 574 9.28 57.38 -43.53
CA PRO H 575 12.36 58.89 -42.10
CA SER H 576 11.54 62.17 -43.74
CA GLU H 577 10.42 64.94 -41.46
CA GLY H 578 8.32 70.16 -43.32
CA PRO H 579 10.13 71.35 -40.30
CA LEU H 580 13.04 69.16 -41.28
CA GLN H 581 13.58 71.04 -44.49
CA THR H 582 13.08 74.34 -42.78
CA ARG H 583 15.62 73.58 -40.08
CA LEU H 584 18.13 72.18 -42.52
CA LEU H 585 18.26 75.24 -44.66
CA GLU H 586 18.46 77.47 -41.64
CA MET H 587 21.37 75.49 -40.30
CA ASN H 588 22.94 75.49 -43.71
CA LEU H 589 22.82 79.23 -43.90
CA MET H 590 24.93 79.77 -40.83
CA HIS H 591 26.74 76.44 -41.12
CA ALA H 592 27.60 76.34 -44.80
CA PRO H 593 26.12 78.74 -47.22
CA GLN H 594 27.36 76.86 -50.23
CA VAL H 595 24.89 74.11 -49.49
CA ALA H 596 22.15 76.60 -48.76
CA ASP H 597 21.42 77.44 -52.36
CA ALA H 598 21.44 73.89 -53.64
CA ILE H 599 18.99 72.84 -50.98
CA LEU H 600 16.77 75.66 -52.13
CA GLY H 601 16.75 74.14 -55.52
CA ASN H 602 16.29 70.61 -54.29
CA GLN H 603 13.42 70.98 -51.91
CA MET H 604 13.79 74.15 -50.03
CA PHE H 605 11.33 75.73 -52.30
CA THR H 606 8.39 73.39 -52.08
CA HIS H 607 8.51 72.06 -48.57
CA TYR H 608 10.00 74.72 -46.41
CA ASP H 609 8.71 77.45 -44.15
CA ARG H 610 9.63 80.11 -46.66
CA ALA H 611 9.13 83.06 -44.38
CA HIS H 612 11.45 81.62 -41.79
CA ILE H 613 14.18 80.81 -44.26
CA ALA H 614 14.15 84.24 -45.72
CA GLN H 615 14.74 85.94 -42.42
CA LEU H 616 17.62 83.60 -41.85
CA CYS H 617 19.09 84.36 -45.27
CA GLU H 618 18.77 88.06 -44.66
CA LYS H 619 20.91 87.79 -41.61
CA ALA H 620 23.04 85.42 -43.65
CA GLY H 621 23.85 87.92 -46.38
CA LEU H 622 22.70 85.19 -48.74
CA LEU H 623 21.03 87.78 -50.98
CA GLN H 624 21.72 85.87 -54.19
CA ARG H 625 19.60 83.06 -52.73
CA ALA H 626 17.24 85.51 -51.04
CA LEU H 627 16.21 86.72 -54.45
CA GLU H 628 15.53 83.14 -55.40
CA HIS H 629 13.20 82.66 -52.46
CA PHE H 630 11.53 85.97 -53.00
CA THR H 631 10.99 85.17 -56.60
CA ASP H 632 9.40 81.79 -55.84
CA LEU H 633 7.61 83.38 -52.91
CA TYR H 634 6.21 85.61 -55.61
CA ASP H 635 7.26 88.51 -53.54
CA ILE H 636 8.75 90.13 -56.61
CA LYS H 637 8.89 93.62 -55.21
CA ARG H 638 11.20 92.31 -52.52
CA ALA H 639 13.35 90.45 -54.95
CA VAL H 640 13.92 93.60 -56.95
CA VAL H 641 14.57 95.75 -53.94
CA HIS H 642 17.15 93.27 -52.76
CA THR H 643 18.68 93.07 -56.19
CA HIS H 644 19.02 96.80 -56.03
CA LEU H 645 21.27 96.71 -53.01
CA LEU H 646 23.41 93.96 -54.40
CA ASN H 647 23.42 93.52 -58.13
CA PRO H 648 21.12 90.95 -59.46
CA GLU H 649 21.52 88.91 -62.57
CA TRP H 650 20.76 90.67 -65.82
CA LEU H 651 18.20 88.23 -67.18
CA VAL H 652 16.27 87.96 -63.95
CA ASN H 653 15.99 91.68 -63.60
CA TYR H 654 14.04 91.96 -66.81
CA PHE H 655 11.58 89.25 -65.92
CA GLY H 656 11.02 90.10 -62.28
CA SER H 657 10.65 93.84 -62.63
CA LEU H 658 7.58 93.47 -64.76
CA SER H 659 6.21 90.98 -62.31
CA VAL H 660 6.38 93.75 -59.78
CA GLU H 661 2.79 94.74 -60.37
CA ASP H 662 2.65 96.12 -56.91
CA SER H 663 5.00 99.00 -57.18
CA LEU H 664 5.18 101.13 -60.28
CA GLU H 665 7.67 103.36 -58.50
CA CYS H 666 10.15 100.54 -58.46
CA LEU H 667 10.37 100.99 -62.18
CA ARG H 668 11.42 104.60 -61.83
CA ALA H 669 13.75 103.64 -59.03
CA MET H 670 15.23 100.97 -61.23
CA LEU H 671 15.85 103.28 -64.12
CA SER H 672 17.85 105.55 -61.91
CA ALA H 673 19.92 102.66 -60.68
CA ASN H 674 20.30 101.34 -64.18
CA ILE H 675 21.44 104.66 -65.48
CA ARG H 676 24.43 104.41 -63.24
CA GLN H 677 25.59 100.85 -63.25
CA ASN H 678 25.08 100.33 -66.94
CA LEU H 679 23.90 102.47 -69.82
CA GLN H 680 23.35 99.51 -72.08
CA ILE H 681 21.16 97.71 -69.62
CA CYS H 682 18.99 100.75 -69.24
CA VAL H 683 18.00 100.91 -72.86
CA GLN H 684 16.93 97.29 -72.94
CA VAL H 685 15.29 97.54 -69.55
CA ALA H 686 13.49 100.69 -70.58
CA SER H 687 11.62 98.83 -73.26
CA LYS H 688 9.86 96.39 -70.88
CA TYR H 689 8.72 98.82 -70.06
CA HIS H 690 7.34 101.89 -68.66
CA GLU H 691 4.30 102.18 -66.23
CA GLN H 692 4.98 105.69 -66.57
CA LEU H 693 4.80 109.50 -66.47
CA SER H 694 7.71 109.93 -64.21
CA THR H 695 7.65 112.03 -66.77
CA GLN H 696 10.02 114.82 -65.69
CA SER H 697 11.57 112.74 -62.97
CA LEU H 698 12.05 109.96 -65.44
CA ILE H 699 13.96 112.17 -67.82
CA GLU H 700 15.88 113.89 -65.05
CA LEU H 701 17.09 110.48 -63.99
CA PHE H 702 18.20 109.69 -67.53
CA GLU H 703 20.23 112.84 -67.76
CA SER H 704 22.19 112.29 -64.55
CA PHE H 705 23.09 108.84 -65.77
CA LYS H 706 24.22 110.68 -68.85
CA SER H 707 22.25 108.29 -70.92
CA PHE H 708 21.10 111.02 -73.24
CA GLU H 709 21.18 108.67 -76.17
CA GLY H 710 19.02 106.05 -74.50
CA LEU H 711 16.49 108.51 -73.16
CA PHE H 712 16.01 109.80 -76.67
CA TYR H 713 15.72 106.29 -78.04
CA PHE H 714 13.13 105.29 -75.44
CA LEU H 715 10.92 108.25 -76.17
CA GLY H 716 11.20 107.31 -79.79
CA SER H 717 9.47 104.02 -79.08
CA ILE H 718 6.83 105.50 -76.83
CA VAL H 719 5.73 107.97 -79.45
CA ASN H 720 4.67 105.11 -81.66
CA PHE H 721 1.98 104.22 -79.20
CA SER H 722 -0.45 106.78 -77.90
CA GLN H 723 1.36 109.35 -75.86
CA ASP H 724 1.89 111.50 -76.20
CA PRO H 725 3.46 114.64 -77.41
CA ASP H 726 5.79 114.55 -74.46
CA VAL H 727 7.58 111.63 -75.98
CA HIS H 728 8.04 113.19 -79.40
CA PHE H 729 9.12 116.33 -77.63
CA LYS H 730 11.75 114.51 -75.60
CA TYR H 731 12.96 112.45 -78.55
CA ILE H 732 13.78 115.43 -80.69
CA GLN H 733 15.53 117.18 -77.84
CA ALA H 734 17.69 114.16 -77.18
CA ALA H 735 18.27 113.70 -80.87
CA CYS H 736 19.66 117.16 -81.16
CA LYS H 737 22.46 116.61 -78.69
CA THR H 738 22.66 112.85 -79.20
CA GLY H 739 22.36 112.50 -82.96
CA GLN H 740 21.88 115.56 -85.10
CA ILE H 741 21.34 113.58 -88.27
CA LYS H 742 18.24 111.98 -86.79
CA GLU H 743 16.96 115.36 -85.67
CA VAL H 744 15.90 116.34 -89.18
CA GLU H 745 13.93 113.30 -90.23
CA ARG H 746 12.08 113.25 -86.99
CA ILE H 747 10.91 116.84 -87.23
CA CYS H 748 9.83 116.15 -90.75
CA ARG H 749 7.25 113.61 -89.63
CA GLU H 750 6.88 114.55 -85.94
CA SER H 751 6.82 118.34 -86.05
CA ASN H 752 3.06 118.34 -85.62
CA CYS H 753 2.99 116.53 -82.30
CA TYR H 754 5.79 118.26 -80.44
CA ASP H 755 5.85 121.43 -78.34
CA PRO H 756 7.64 123.53 -80.92
CA GLU H 757 8.92 126.25 -78.64
CA ARG H 758 10.97 123.78 -76.71
CA VAL H 759 12.20 122.05 -79.84
CA LYS H 760 13.51 125.36 -81.00
CA ASN H 761 15.38 126.20 -77.83
CA PHE H 762 17.05 122.84 -78.17
CA LEU H 763 17.93 123.49 -81.81
CA LYS H 764 19.32 126.89 -80.97
CA GLU H 765 21.77 125.41 -78.55
CA ALA H 766 22.27 122.65 -81.07
CA LYS H 767 23.33 124.94 -83.90
CA LEU H 768 20.81 122.89 -85.85
CA THR H 769 20.25 125.91 -88.09
CA ASP H 770 19.08 123.98 -91.10
CA GLN H 771 16.31 122.44 -89.00
CA LEU H 772 15.54 125.58 -86.99
CA PRO H 773 14.19 127.39 -89.94
CA LEU H 774 12.20 124.36 -90.86
CA ILE H 775 10.36 124.63 -87.58
CA ILE H 776 10.34 128.39 -87.56
CA VAL H 777 8.93 128.43 -91.05
CA CYS H 778 6.53 125.61 -90.34
CA ASP H 779 4.95 125.16 -86.98
CA ARG H 780 6.40 128.37 -85.79
CA PHE H 781 4.90 129.11 -87.64
CA ASP H 782 7.50 131.59 -86.58
CA PHE H 783 8.72 132.51 -90.02
CA VAL H 784 10.70 135.40 -88.68
CA HIS H 785 12.70 133.05 -86.51
CA ASP H 786 13.39 130.63 -89.29
CA LEU H 787 14.78 133.33 -91.50
CA VAL H 788 17.13 134.67 -88.90
CA LEU H 789 18.30 131.13 -88.41
CA TYR H 790 18.65 130.72 -92.16
CA LEU H 791 20.90 133.72 -92.13
CA TYR H 792 23.08 131.68 -89.89
CA ARG H 793 22.92 128.94 -92.52
CA ASN H 794 20.24 127.34 -94.70
CA ASN H 795 19.19 126.59 -98.27
CA LEU H 796 18.25 129.18 -100.85
CA GLN H 797 15.02 127.65 -102.08
CA LYS H 798 13.25 127.47 -98.76
CA TYR H 799 14.76 130.83 -98.06
CA ILE H 800 13.03 132.41 -101.00
CA GLU H 801 9.64 131.13 -99.87
CA ILE H 802 9.83 131.80 -96.12
CA TYR H 803 11.33 135.24 -96.54
CA VAL H 804 8.12 136.57 -97.99
CA GLN H 805 5.94 135.20 -95.22
CA LYS H 806 8.05 136.93 -92.63
CA VAL H 807 12.17 141.94 -91.28
CA ASN H 808 13.40 146.66 -90.51
CA PRO H 809 13.32 146.06 -94.18
CA SER H 810 17.09 146.37 -94.29
CA ARG H 811 16.94 142.67 -93.59
CA LEU H 812 15.65 142.31 -97.09
CA PRO H 813 18.91 143.62 -98.44
CA VAL H 814 20.90 141.50 -96.07
CA VAL H 815 18.89 138.53 -97.22
CA ILE H 816 19.33 139.23 -100.89
CA GLY H 817 23.04 139.29 -100.41
CA GLY H 818 22.86 136.14 -98.37
CA LEU H 819 21.03 134.24 -101.04
CA LEU H 820 23.31 135.54 -103.73
CA ASP H 821 26.53 135.13 -101.80
CA VAL H 822 25.64 131.80 -100.37
CA ASP H 823 25.10 129.17 -102.94
CA CYS H 824 21.41 129.77 -102.91
CA SER H 825 20.05 129.03 -106.28
CA GLU H 826 19.60 131.97 -108.54
CA ASP H 827 16.12 130.66 -109.00
CA VAL H 828 15.86 130.57 -105.25
CA ILE H 829 17.13 134.09 -105.16
CA LYS H 830 14.65 135.08 -107.82
CA ASN H 831 11.91 133.30 -105.95
CA LEU H 832 12.89 135.18 -102.85
CA ILE H 833 13.31 138.45 -104.66
CA LEU H 834 11.95 142.34 -104.96
CA VAL H 835 11.12 142.72 -101.31
CA VAL H 836 14.81 142.74 -100.57
CA ARG H 837 15.49 145.47 -103.06
CA GLY H 838 12.77 147.57 -101.59
CA GLN H 839 -62.09 36.96 -28.65
CA PHE H 840 -58.90 37.25 -26.75
CA SER H 841 -55.67 35.37 -26.83
CA THR H 842 -53.38 34.42 -28.93
CA ASP H 843 -49.67 33.93 -29.35
CA GLU H 844 -50.22 30.25 -29.95
CA LEU H 845 -52.57 30.97 -32.78
CA VAL H 846 -50.09 33.38 -34.29
CA ALA H 847 -47.16 31.05 -33.89
CA GLU H 848 -49.01 28.28 -35.63
CA VAL H 849 -50.08 30.55 -38.45
CA GLU H 850 -46.62 31.96 -38.98
CA LYS H 851 -44.64 28.77 -39.45
CA ARG H 852 -47.40 27.51 -41.66
CA ASN H 853 -46.75 30.55 -43.82
CA ARG H 854 -50.43 31.00 -43.05
CA LEU H 855 -49.14 34.82 -44.62
CA LYS H 856 -51.83 36.05 -46.95
CA LEU H 857 -54.50 34.94 -44.46
CA LEU H 858 -52.46 35.66 -41.37
CA LEU H 859 -52.47 39.34 -42.16
CA PRO H 860 -56.24 39.42 -42.14
CA TRP H 861 -56.64 37.60 -38.86
CA LEU H 862 -54.37 40.08 -37.16
CA GLU H 863 -56.54 42.73 -38.66
CA ALA H 864 -59.40 41.49 -36.49
CA ARG H 865 -57.30 40.84 -33.41
CA ILE H 866 -56.40 44.49 -33.10
CA HIS H 867 -59.96 45.16 -32.10
CA GLU H 868 -59.62 42.82 -29.14
CA GLY H 869 -59.19 44.65 -25.86
CA CYS H 870 -56.61 42.02 -25.01
CA GLU H 871 -54.59 43.31 -27.97
CA GLU H 872 -49.72 44.96 -28.55
CA PRO H 873 -47.38 46.86 -30.76
CA ALA H 874 -45.56 43.64 -31.48
CA THR H 875 -48.55 42.52 -33.43
CA HIS H 876 -48.97 45.74 -35.32
CA ASN H 877 -45.37 45.84 -36.31
CA ALA H 878 -45.47 42.25 -37.45
CA LEU H 879 -48.59 42.73 -39.50
CA ALA H 880 -47.31 45.68 -41.45
CA LYS H 881 -44.08 43.98 -42.34
CA ILE H 882 -45.88 40.89 -43.50
CA TYR H 883 -48.27 43.21 -45.24
CA ILE H 884 -45.30 44.75 -46.96
CA ASP H 885 -45.42 41.56 -48.97
CA SER H 886 -49.02 42.34 -49.93
CA ASN H 887 -48.51 46.01 -50.67
CA ASN H 888 -52.04 47.32 -50.97
CA ASN H 889 -52.91 46.68 -47.35
CA PRO H 890 -49.93 48.37 -45.81
CA GLU H 891 -50.96 51.90 -46.63
CA ARG H 892 -54.21 51.69 -44.73
CA PHE H 893 -52.48 49.81 -41.98
CA LEU H 894 -49.99 52.51 -41.18
CA ARG H 895 -52.82 54.96 -41.34
CA GLU H 896 -54.82 52.83 -38.97
CA ASN H 897 -52.36 52.15 -36.21
CA PRO H 898 -49.79 54.45 -34.85
CA TYR H 899 -48.50 51.85 -32.44
CA TYR H 900 -45.82 50.22 -34.48
CA ASP H 901 -42.07 49.97 -34.02
CA SER H 902 -42.80 52.17 -36.75
CA ARG H 903 -39.19 51.28 -37.40
CA VAL H 904 -40.06 47.75 -38.30
CA VAL H 905 -42.94 48.73 -40.53
CA GLY H 906 -40.82 51.22 -42.36
CA LYS H 907 -38.19 48.72 -43.36
CA TYR H 908 -40.95 46.52 -44.65
CA CYS H 909 -42.48 49.46 -46.48
CA GLU H 910 -39.07 50.30 -47.84
CA LYS H 911 -39.19 47.13 -49.86
CA ARG H 912 -42.66 48.22 -50.91
CA ASP H 913 -43.84 51.54 -52.30
CA PRO H 914 -42.76 54.76 -50.77
CA HIS H 915 -46.18 56.42 -50.66
CA LEU H 916 -47.01 54.80 -47.36
CA ALA H 917 -43.48 55.42 -46.18
CA CYS H 918 -43.99 59.14 -46.40
CA VAL H 919 -47.05 58.82 -44.23
CA ALA H 920 -45.19 56.86 -41.59
CA TYR H 921 -42.15 59.05 -41.71
CA GLU H 922 -44.51 61.93 -41.26
CA ARG H 923 -46.18 60.45 -38.20
CA GLY H 924 -42.84 59.11 -37.01
CA GLN H 925 -41.89 62.73 -37.06
CA CYS H 926 -38.89 61.73 -39.06
CA ASP H 927 -39.45 64.72 -41.30
CA LEU H 928 -36.08 64.60 -42.98
CA GLU H 929 -36.90 61.14 -44.24
CA LEU H 930 -40.30 62.22 -45.43
CA ILE H 931 -38.82 64.98 -47.52
CA ASN H 932 -36.03 63.05 -49.12
CA VAL H 933 -38.36 60.23 -49.99
CA CYS H 934 -40.84 62.78 -51.26
CA ASN H 935 -38.13 64.15 -53.48
CA GLU H 936 -38.57 61.16 -55.67
CA ASN H 937 -42.32 61.65 -55.56
CA SER H 938 -44.61 63.61 -53.31
CA LEU H 939 -47.42 66.11 -52.95
CA PHE H 940 -46.64 69.79 -53.02
CA LYS H 941 -48.91 70.75 -50.17
CA SER H 942 -47.48 68.30 -47.70
CA LEU H 943 -44.03 69.31 -48.81
CA SER H 944 -44.60 72.87 -47.78
CA ARG H 945 -45.61 71.85 -44.29
CA TYR H 946 -42.99 69.20 -43.61
CA LEU H 947 -39.97 70.88 -45.15
CA VAL H 948 -40.00 73.44 -42.38
CA ARG H 949 -39.83 70.76 -39.71
CA ARG H 950 -36.73 69.27 -41.32
CA LYS H 951 -33.70 69.35 -39.05
CA ASP H 952 -31.05 69.47 -41.74
CA PRO H 953 -31.34 72.85 -43.29
CA GLU H 954 -29.25 71.58 -46.18
CA LEU H 955 -32.36 69.90 -47.48
CA TRP H 956 -33.75 73.34 -48.13
CA GLY H 957 -31.02 74.06 -50.61
CA SER H 958 -31.61 70.63 -52.03
CA VAL H 959 -35.31 71.25 -52.38
CA LEU H 960 -34.90 74.63 -53.98
CA LEU H 961 -32.79 72.99 -56.63
CA GLU H 962 -35.38 70.31 -56.96
CA SER H 963 -38.09 72.85 -57.55
CA ASN H 964 -36.27 75.04 -60.04
CA PRO H 965 -35.23 72.44 -62.54
CA TYR H 966 -38.56 70.84 -62.22
CA ARG H 967 -40.65 72.36 -64.87
CA ARG H 968 -43.22 73.60 -62.66
CA PRO H 969 -45.33 76.26 -62.21
CA LEU H 970 -46.31 79.22 -59.93
CA ILE H 971 -49.62 80.36 -58.84
CA ASP H 972 -51.20 79.45 -55.57
CA GLN H 973 -48.98 78.66 -52.65
CA VAL H 974 -45.87 77.33 -54.34
CA VAL H 975 -42.51 78.93 -54.86
CA GLN H 976 -43.51 82.23 -53.35
CA THR H 977 -45.30 80.73 -50.40
CA ALA H 978 -42.63 78.11 -50.02
CA LEU H 979 -39.87 80.66 -50.14
CA SER H 980 -41.46 82.49 -47.26
CA GLU H 981 -41.31 79.45 -45.05
CA THR H 982 -37.80 78.56 -46.05
CA GLN H 983 -36.85 81.95 -45.98
CA ASP H 984 -33.42 80.69 -44.75
CA PRO H 985 -31.88 79.61 -46.07
CA GLU H 986 -29.64 78.91 -49.46
CA GLU H 987 -28.47 77.14 -52.52
CA VAL H 988 -30.13 80.26 -53.38
CA SER H 989 -28.66 80.36 -56.85
CA VAL H 990 -30.30 77.06 -57.65
CA THR H 991 -33.72 78.51 -57.16
CA VAL H 992 -32.74 81.62 -59.08
CA LYS H 993 -31.29 79.69 -61.98
CA ALA H 994 -34.53 77.81 -62.32
CA PHE H 995 -36.56 80.99 -62.31
CA MET H 996 -34.44 82.67 -64.93
CA THR H 997 -34.60 79.88 -67.50
CA ALA H 998 -38.33 79.81 -66.97
CA ASP H 999 -38.22 83.49 -67.88
CA LEU H 1000 -39.97 83.79 -64.56
CA PRO H 1001 -37.91 86.74 -63.18
CA ASN H 1002 -41.13 89.95 -64.04
CA GLU H 1003 -41.18 87.89 -60.86
CA LEU H 1004 -37.43 87.84 -60.44
CA ILE H 1005 -37.41 91.56 -59.97
CA GLU H 1006 -40.30 91.32 -57.56
CA LEU H 1007 -38.56 88.89 -55.24
CA LEU H 1008 -35.33 90.83 -55.26
CA GLU H 1009 -37.12 93.94 -54.16
CA LYS H 1010 -38.25 92.00 -51.10
CA ILE H 1011 -34.82 90.54 -50.53
CA VAL H 1012 -33.11 93.83 -49.88
CA LEU H 1013 -35.18 94.56 -46.80
CA ASP H 1014 -35.47 90.97 -45.69
CA ASN H 1015 -32.87 90.14 -43.10
CA SER H 1016 -34.68 86.84 -42.86
CA VAL H 1017 -33.75 86.31 -46.45
CA PHE H 1018 -30.16 86.96 -47.54
CA SER H 1019 -29.08 90.21 -46.00
CA GLU H 1020 -28.75 93.13 -48.30
CA HIS H 1021 -25.57 92.92 -50.25
CA ARG H 1022 -23.93 94.73 -53.11
CA ASN H 1023 -24.65 91.96 -55.54
CA LEU H 1024 -28.37 92.20 -55.13
CA GLN H 1025 -28.45 95.94 -55.44
CA ASN H 1026 -26.25 95.65 -58.45
CA LEU H 1027 -28.52 93.24 -60.22
CA LEU H 1028 -31.76 94.95 -59.36
CA ILE H 1029 -30.79 98.23 -60.89
CA LEU H 1030 -29.58 96.52 -64.03
CA THR H 1031 -32.79 94.64 -64.40
CA ALA H 1032 -34.69 97.77 -63.53
CA ILE H 1033 -33.24 99.71 -66.40
CA LYS H 1034 -34.37 97.28 -69.05
CA ALA H 1035 -37.35 95.98 -67.10
CA ASP H 1036 -38.75 99.10 -65.47
CA ARG H 1037 -37.06 102.39 -66.24
CA THR H 1038 -39.27 104.37 -63.91
CA ARG H 1039 -38.03 102.40 -60.93
CA VAL H 1040 -34.43 102.75 -62.03
CA MET H 1041 -34.30 106.34 -60.83
CA GLU H 1042 -35.73 105.81 -57.37
CA TYR H 1043 -33.53 102.83 -56.81
CA ILE H 1044 -30.32 104.66 -57.61
CA ASN H 1045 -30.83 107.28 -54.97
CA ARG H 1046 -31.51 104.55 -52.44
CA LEU H 1047 -28.82 102.46 -54.11
CA ASP H 1048 -25.74 103.70 -52.27
CA ASN H 1049 -23.52 100.67 -52.35
CA TYR H 1050 -23.68 99.54 -55.90
CA ASP H 1051 -20.98 98.58 -58.37
CA ALA H 1052 -21.41 101.82 -60.26
CA PRO H 1053 -19.59 100.97 -63.40
CA ASP H 1054 -22.08 98.19 -63.89
CA ILE H 1055 -25.01 100.54 -63.61
CA ALA H 1056 -23.54 103.04 -65.95
CA ASN H 1057 -23.08 100.78 -68.90
CA ILE H 1058 -26.56 99.57 -68.18
CA ALA H 1059 -28.05 103.07 -68.21
CA ILE H 1060 -26.07 104.02 -71.28
CA SER H 1061 -27.63 101.11 -73.04
CA ASN H 1062 -31.07 102.19 -72.10
CA GLU H 1063 -30.94 105.94 -72.67
CA LEU H 1064 -31.14 106.70 -68.96
CA PHE H 1065 -29.58 110.16 -69.50
CA GLU H 1066 -30.88 111.95 -66.42
CA GLU H 1067 -30.04 108.98 -64.23
CA ALA H 1068 -26.69 108.59 -65.92
CA PHE H 1069 -25.81 112.11 -64.95
CA ALA H 1070 -26.71 111.33 -61.37
CA ILE H 1071 -24.39 108.34 -61.21
CA PHE H 1072 -21.63 110.07 -63.07
CA ARG H 1073 -22.01 112.80 -60.53
CA LYS H 1074 -21.71 110.49 -57.55
CA PHE H 1075 -19.06 108.40 -59.25
CA ASP H 1076 -17.28 111.69 -59.44
CA VAL H 1077 -16.75 111.46 -63.28
CA ASN H 1078 -16.98 115.28 -64.54
CA THR H 1079 -15.80 114.61 -68.08
CA SER H 1080 -18.59 112.11 -68.42
CA ALA H 1081 -21.15 114.50 -67.05
CA VAL H 1082 -20.30 117.10 -69.63
CA GLN H 1083 -20.13 114.67 -72.50
CA VAL H 1084 -23.51 113.27 -71.61
CA LEU H 1085 -24.73 116.83 -71.17
CA ILE H 1086 -23.75 117.61 -74.69
CA GLU H 1087 -25.99 114.94 -76.17
CA HIS H 1088 -28.98 115.76 -74.05
CA ILE H 1089 -29.25 119.39 -73.15
CA GLY H 1090 -29.00 119.31 -69.42
CA ASN H 1091 -28.95 122.71 -67.78
CA LEU H 1092 -26.89 125.76 -68.55
CA ASP H 1093 -26.07 126.59 -64.96
CA ARG H 1094 -24.67 123.20 -64.06
CA ALA H 1095 -22.73 123.19 -67.28
CA TYR H 1096 -20.84 126.25 -66.19
CA GLU H 1097 -19.82 124.68 -62.91
CA PHE H 1098 -18.90 121.21 -64.12
CA ALA H 1099 -17.02 122.18 -67.25
CA GLU H 1100 -14.23 123.71 -65.24
CA ARG H 1101 -13.76 120.54 -63.24
CA CYS H 1102 -13.23 118.63 -66.47
CA ASN H 1103 -9.76 117.16 -66.67
CA GLU H 1104 -9.46 117.14 -70.45
CA PRO H 1105 -9.09 120.63 -71.73
CA ALA H 1106 -10.14 119.39 -75.14
CA VAL H 1107 -13.66 119.34 -73.84
CA TRP H 1108 -13.59 123.10 -73.72
CA SER H 1109 -12.95 123.43 -77.42
CA GLN H 1110 -15.53 120.78 -78.13
CA LEU H 1111 -17.84 122.57 -75.71
CA ALA H 1112 -17.32 125.89 -77.40
CA LYS H 1113 -18.38 124.36 -80.67
CA ALA H 1114 -21.45 122.86 -79.08
CA GLN H 1115 -22.56 126.19 -77.72
CA LEU H 1116 -21.59 127.77 -80.95
CA GLN H 1117 -23.94 125.57 -82.89
CA LYS H 1118 -26.71 125.47 -80.33
CA GLY H 1119 -26.52 129.12 -79.46
CA MET H 1120 -23.60 131.48 -79.82
CA VAL H 1121 -25.27 134.24 -77.90
CA LYS H 1122 -26.54 134.22 -74.36
CA GLU H 1123 -24.72 130.97 -73.86
CA ALA H 1124 -21.33 130.85 -75.48
CA ILE H 1125 -20.46 134.28 -74.20
CA ASP H 1126 -21.20 133.38 -70.61
CA SER H 1127 -19.56 130.04 -71.10
CA TYR H 1128 -16.44 131.59 -72.52
CA ILE H 1129 -15.86 133.66 -69.45
CA LYS H 1130 -15.76 130.56 -67.30
CA ALA H 1131 -13.55 128.86 -69.84
CA ASP H 1132 -11.61 128.27 -72.07
CA ASP H 1133 -8.10 128.81 -73.26
CA PRO H 1134 -6.74 128.48 -75.04
CA SER H 1135 -5.57 130.83 -77.93
CA SER H 1136 -7.32 130.07 -81.19
CA TYR H 1137 -8.02 132.10 -86.56
CA MET H 1138 -9.70 132.92 -89.83
CA GLU H 1139 -13.00 131.38 -88.90
CA VAL H 1140 -13.01 132.80 -85.42
CA VAL H 1141 -12.61 136.31 -86.75
CA GLN H 1142 -15.06 135.56 -89.51
CA ALA H 1143 -17.64 134.57 -86.95
CA ALA H 1144 -17.04 137.70 -84.94
CA ASN H 1145 -17.53 139.99 -87.88
CA THR H 1146 -20.71 138.36 -89.11
CA SER H 1147 -22.19 138.70 -85.66
CA GLY H 1148 -21.26 142.29 -86.19
CA ASN H 1149 -19.57 142.42 -82.85
CA TRP H 1150 -16.38 144.01 -84.04
CA GLU H 1151 -16.06 145.82 -80.78
CA GLU H 1152 -15.90 142.57 -78.89
CA LEU H 1153 -13.50 140.89 -81.24
CA VAL H 1154 -11.04 143.75 -81.11
CA LYS H 1155 -11.37 143.66 -77.35
CA TYR H 1156 -10.46 139.99 -77.01
CA LEU H 1157 -7.54 140.23 -79.36
CA GLN H 1158 -6.19 142.89 -77.13
CA MET H 1159 -6.11 140.40 -74.28
CA ALA H 1160 -5.02 137.55 -76.53
CA ARG H 1161 -1.79 139.22 -77.51
CA LYS H 1162 -0.47 138.91 -74.02
CA LYS H 1163 -1.39 135.26 -73.59
CA ALA H 1164 0.02 134.03 -76.83
CA ARG H 1165 1.59 136.06 -79.46
CA GLU H 1166 1.70 134.84 -82.87
CA SER H 1167 0.55 135.75 -85.85
CA TYR H 1168 -2.84 134.50 -86.71
CA VAL H 1169 -4.41 136.26 -83.77
CA GLU H 1170 -2.53 139.51 -84.20
CA THR H 1171 -3.20 139.46 -87.90
CA GLU H 1172 -6.86 139.04 -87.07
CA LEU H 1173 -7.01 141.93 -84.64
CA ILE H 1174 -5.51 144.32 -87.08
CA PHE H 1175 -7.92 143.34 -89.80
CA ALA H 1176 -10.83 143.80 -87.48
CA LEU H 1177 -9.48 147.09 -86.28
CA ALA H 1178 -9.40 148.50 -89.74
CA LYS H 1179 -12.76 147.08 -90.74
CA THR H 1180 -14.74 147.74 -87.65
CA ASN H 1181 -14.16 151.38 -88.27
CA ARG H 1182 -11.77 151.41 -85.41
CA LEU H 1183 -8.96 152.59 -87.58
CA ALA H 1184 -7.43 154.57 -84.79
CA GLU H 1185 -6.64 151.37 -82.99
CA LEU H 1186 -5.17 149.95 -86.16
CA GLU H 1187 -2.25 152.36 -86.17
CA GLU H 1188 -0.89 151.76 -82.70
CA PHE H 1189 -1.37 148.06 -83.01
CA ILE H 1190 0.66 147.79 -86.16
CA ASN H 1191 3.52 149.56 -84.56
CA GLY H 1192 4.04 147.21 -81.70
CA PRO H 1193 3.38 143.88 -83.22
CA ASN H 1194 5.83 142.86 -85.91
CA ASN H 1195 4.39 139.38 -85.73
CA ALA H 1196 1.60 139.45 -88.24
CA HIS H 1197 1.17 138.54 -91.84
CA ILE H 1198 2.03 141.75 -93.57
CA GLN H 1199 0.51 140.93 -96.90
CA GLN H 1200 -2.87 140.18 -95.45
CA VAL H 1201 -2.73 143.21 -93.22
CA GLY H 1202 -1.89 145.42 -96.18
CA ASP H 1203 -4.77 144.12 -98.25
CA ARG H 1204 -6.88 145.06 -95.27
CA CYS H 1205 -5.58 148.64 -95.11
CA TYR H 1206 -5.78 148.92 -98.87
CA ASP H 1207 -9.52 148.53 -98.80
CA GLU H 1208 -9.61 150.61 -95.62
CA LYS H 1209 -7.84 153.61 -97.14
CA MET H 1210 -5.14 153.61 -94.49
CA TYR H 1211 -2.94 155.83 -96.69
CA ASP H 1212 -1.23 157.46 -93.72
CA ALA H 1213 -0.63 154.18 -91.89
CA ALA H 1214 0.70 152.13 -94.85
CA LYS H 1215 2.89 155.14 -95.62
CA LEU H 1216 4.86 154.17 -92.51
CA LEU H 1217 4.45 150.42 -92.99
CA TYR H 1218 5.75 150.48 -96.56
CA ASN H 1219 8.44 152.85 -95.25
CA ASN H 1220 10.13 150.46 -92.78
CA VAL H 1221 9.76 147.34 -94.96
CA SER H 1222 11.09 149.83 -97.53
CA ASN H 1223 8.85 148.81 -100.44
CA PHE H 1224 9.38 152.16 -102.14
CA GLY H 1225 7.25 150.75 -104.95
CA ARG H 1226 4.17 151.46 -102.87
CA LEU H 1227 5.76 153.95 -100.45
CA ALA H 1228 5.98 156.37 -103.37
CA SER H 1229 2.66 155.22 -104.75
CA THR H 1230 0.80 156.00 -101.50
CA LEU H 1231 2.75 159.25 -100.91
CA VAL H 1232 1.25 160.51 -104.19
CA HIS H 1233 -2.18 159.13 -103.31
CA LEU H 1234 -1.60 161.36 -100.23
CA GLY H 1235 -0.72 164.54 -102.10
CA GLU H 1236 2.80 164.48 -100.65
CA TYR H 1237 4.27 164.84 -104.16
CA GLN H 1238 7.82 166.09 -103.64
CA ALA H 1239 8.50 163.16 -101.27
CA ALA H 1240 6.77 160.67 -103.56
CA VAL H 1241 9.41 161.56 -106.14
CA ASP H 1242 11.98 160.48 -103.58
CA GLY H 1243 10.35 157.12 -103.09
CA ALA H 1244 10.27 156.65 -106.86
CA ARG H 1245 13.99 157.43 -106.89
CA LYS H 1246 14.81 154.82 -104.25
CA ALA H 1247 12.31 152.47 -105.93
CA ASN H 1248 14.33 152.93 -109.14
CA SER H 1249 11.57 151.49 -111.34
CA THR H 1250 10.23 152.69 -114.68
CA ARG H 1251 6.58 151.64 -114.38
CA THR H 1252 6.90 153.41 -111.03
CA TRP H 1253 8.13 156.78 -112.31
CA LYS H 1254 5.19 156.64 -114.70
CA GLU H 1255 2.68 156.44 -111.83
CA VAL H 1256 4.39 159.30 -109.97
CA CYS H 1257 5.11 161.47 -113.01
CA PHE H 1258 1.60 161.12 -114.40
CA ALA H 1259 -0.05 161.86 -111.06
CA CYS H 1260 2.51 164.62 -110.37
CA VAL H 1261 1.11 166.06 -113.64
CA ASP H 1262 -2.54 165.62 -112.67
CA GLY H 1263 -1.68 167.62 -109.55
CA LYS H 1264 -0.15 170.21 -111.88
CA GLU H 1265 3.23 169.92 -110.14
CA PHE H 1266 5.58 170.49 -113.03
CA ARG H 1267 9.16 171.23 -111.96
CA LEU H 1268 8.67 167.92 -110.18
CA ALA H 1269 6.84 166.07 -112.97
CA GLN H 1270 9.77 167.18 -115.11
CA MET H 1271 12.78 165.84 -113.20
CA CYS H 1272 10.40 162.95 -112.50
CA GLY H 1273 9.88 162.67 -116.25
CA LEU H 1274 13.49 162.74 -117.38
CA HIS H 1275 13.78 159.20 -116.06
CA ILE H 1276 11.20 158.07 -118.61
CA VAL H 1277 11.97 159.82 -121.93
CA VAL H 1278 15.26 157.95 -122.20
CA HIS H 1279 13.20 154.79 -122.52
CA ALA H 1280 -59.68 58.59 -42.04
CA ASP H 1281 -61.33 56.45 -44.71
CA GLU H 1282 -64.39 56.51 -42.43
CA LEU H 1283 -64.43 60.00 -40.87
CA GLU H 1284 -66.47 61.50 -43.72
CA GLU H 1285 -69.44 59.11 -43.86
CA LEU H 1286 -69.66 59.38 -40.06
CA ILE H 1287 -69.92 63.16 -40.32
CA ASN H 1288 -72.15 63.29 -43.41
CA TYR H 1289 -74.50 60.99 -41.47
CA TYR H 1290 -74.66 63.09 -38.26
CA GLN H 1291 -75.19 66.06 -40.60
CA ASP H 1292 -78.32 65.11 -42.55
CA ARG H 1293 -79.90 63.82 -39.34
CA GLY H 1294 -79.28 67.42 -38.36
CA TYR H 1295 -77.42 66.46 -35.19
CA PHE H 1296 -74.65 69.00 -35.69
CA GLU H 1297 -74.64 69.81 -31.98
CA GLU H 1298 -73.66 66.31 -30.88
CA LEU H 1299 -71.33 65.67 -33.83
CA ILE H 1300 -69.17 68.56 -32.62
CA THR H 1301 -69.46 67.36 -29.01
CA MET H 1302 -67.91 64.03 -29.95
CA LEU H 1303 -65.08 65.48 -31.98
CA GLU H 1304 -64.51 67.63 -28.86
CA ALA H 1305 -63.36 64.41 -27.13
CA ALA H 1306 -61.80 62.64 -30.12
CA LEU H 1307 -59.11 65.31 -30.18
CA GLY H 1308 -57.77 63.63 -27.04
CA LEU H 1309 -57.54 60.20 -28.67
CA GLU H 1310 -54.01 58.91 -29.22
CA ARG H 1311 -54.97 58.11 -32.84
CA ALA H 1312 -56.37 61.62 -33.52
CA HIS H 1313 -55.61 62.79 -37.06
CA MET H 1314 -55.56 65.77 -39.42
CA GLY H 1315 -58.98 65.03 -40.90
CA MET H 1316 -60.48 65.42 -37.43
CA PHE H 1317 -58.99 68.81 -36.54
CA THR H 1318 -59.73 70.08 -40.06
CA GLU H 1319 -63.38 69.05 -39.72
CA LEU H 1320 -63.88 70.42 -36.24
CA ALA H 1321 -62.63 73.83 -37.32
CA ILE H 1322 -64.95 73.86 -40.34
CA LEU H 1323 -67.96 72.87 -38.18
CA TYR H 1324 -66.98 75.40 -35.52
CA SER H 1325 -66.97 78.14 -38.13
CA LYS H 1326 -70.56 77.62 -39.24
CA PHE H 1327 -71.90 76.50 -35.81
CA LYS H 1328 -69.70 77.94 -33.03
CA PRO H 1329 -67.57 80.80 -34.39
CA GLN H 1330 -66.46 81.89 -30.92
CA LYS H 1331 -64.62 78.56 -30.56
CA MET H 1332 -63.20 78.69 -34.13
CA ARG H 1333 -60.41 80.92 -32.85
CA GLU H 1334 -58.94 79.22 -29.75
CA HIS H 1335 -59.08 76.06 -31.89
CA LEU H 1336 -56.78 77.36 -34.63
CA GLU H 1337 -54.82 78.93 -31.78
CA LEU H 1338 -53.82 75.39 -30.70
CA PHE H 1339 -54.26 73.09 -33.70
CA TRP H 1340 -53.49 75.25 -36.73
CA SER H 1341 -50.51 73.01 -37.46
CA ARG H 1342 -52.52 69.78 -37.41
CA VAL H 1343 -55.07 70.87 -40.04
CA ASN H 1344 -55.49 71.26 -43.83
CA ILE H 1345 -55.13 75.05 -43.97
CA PRO H 1346 -56.48 75.75 -47.46
CA LYS H 1347 -59.77 74.04 -46.58
CA VAL H 1348 -60.11 75.79 -43.22
CA LEU H 1349 -59.51 79.13 -44.94
CA ARG H 1350 -62.19 78.69 -47.62
CA ALA H 1351 -64.30 77.90 -44.53
CA ALA H 1352 -63.69 81.19 -42.66
CA GLU H 1353 -63.84 83.09 -45.94
CA GLN H 1354 -67.34 81.70 -46.32
CA ALA H 1355 -68.01 82.43 -42.62
CA HIS H 1356 -66.64 86.01 -42.59
CA LEU H 1357 -64.36 85.30 -39.58
CA TRP H 1358 -61.86 87.93 -40.70
CA ALA H 1359 -59.90 88.00 -37.42
CA GLU H 1360 -59.11 84.27 -37.77
CA LEU H 1361 -58.63 84.44 -41.54
CA VAL H 1362 -55.69 86.79 -40.92
CA PHE H 1363 -54.31 84.40 -38.34
CA LEU H 1364 -54.12 81.52 -40.81
CA TYR H 1365 -53.22 83.64 -43.85
CA ASP H 1366 -50.39 84.65 -41.55
CA LYS H 1367 -49.31 81.11 -40.61
CA TYR H 1368 -49.83 79.78 -44.15
CA GLU H 1369 -47.38 82.55 -45.01
CA GLU H 1370 -49.88 84.10 -47.44
CA TYR H 1371 -48.96 87.59 -46.19
CA ASP H 1372 -50.35 89.60 -49.11
CA ASN H 1373 -53.74 88.14 -48.17
CA ALA H 1374 -53.43 88.79 -44.44
CA ILE H 1375 -52.80 92.46 -45.25
CA ILE H 1376 -55.51 92.82 -47.90
CA THR H 1377 -57.87 91.30 -45.30
CA MET H 1378 -56.85 93.47 -42.35
CA MET H 1379 -57.44 96.38 -44.75
CA ASN H 1380 -61.01 95.60 -45.85
CA HIS H 1381 -62.19 94.42 -42.42
CA PRO H 1382 -60.23 96.64 -40.02
CA THR H 1383 -62.63 96.59 -37.10
CA ASP H 1384 -62.28 92.76 -36.86
CA ALA H 1385 -58.88 91.83 -38.30
CA TRP H 1386 -56.67 94.94 -38.20
CA LYS H 1387 -54.19 95.21 -35.33
CA GLU H 1388 -51.56 97.99 -35.29
CA GLY H 1389 -48.65 95.83 -34.22
CA GLN H 1390 -49.03 92.84 -36.50
CA PHE H 1391 -49.78 95.06 -39.48
CA LYS H 1392 -46.28 96.51 -39.04
CA ASP H 1393 -44.87 92.97 -39.00
CA ILE H 1394 -46.73 91.35 -41.90
CA ILE H 1395 -46.70 94.33 -44.29
CA THR H 1396 -42.95 93.74 -44.61
CA LYS H 1397 -43.24 90.10 -45.73
CA VAL H 1398 -45.67 91.28 -48.44
CA ALA H 1399 -44.58 90.29 -51.97
CA ASN H 1400 -46.52 92.71 -54.13
CA VAL H 1401 -44.89 96.00 -53.06
CA GLU H 1402 -47.82 97.96 -54.46
CA LEU H 1403 -49.62 97.06 -51.26
CA TYR H 1404 -47.32 99.55 -49.52
CA TYR H 1405 -48.73 102.48 -51.45
CA ARG H 1406 -52.16 100.98 -50.97
CA ALA H 1407 -51.52 100.73 -47.22
CA ILE H 1408 -50.02 104.24 -46.99
CA GLN H 1409 -53.30 105.49 -48.40
CA PHE H 1410 -55.37 103.42 -45.97
CA TYR H 1411 -53.48 104.52 -42.87
CA LEU H 1412 -53.43 108.09 -44.12
CA GLU H 1413 -57.19 108.32 -44.59
CA PHE H 1414 -58.31 106.45 -41.44
CA LYS H 1415 -55.24 106.27 -39.12
CA PRO H 1416 -53.08 109.46 -39.34
CA LEU H 1417 -51.04 109.11 -36.15
CA LEU H 1418 -49.85 105.65 -37.14
CA LEU H 1419 -48.84 106.68 -40.67
CA ASN H 1420 -45.35 107.77 -39.70
CA ASP H 1421 -44.36 104.70 -37.69
CA LEU H 1422 -45.76 102.65 -40.57
CA LEU H 1423 -43.79 104.62 -43.09
CA MET H 1424 -40.63 103.91 -41.11
CA VAL H 1425 -41.06 100.17 -41.68
CA LEU H 1426 -41.94 100.61 -45.36
CA SER H 1427 -38.80 102.74 -46.01
CA PRO H 1428 -36.41 100.03 -47.36
CA ARG H 1429 -38.67 99.13 -50.30
CA LEU H 1430 -40.60 102.38 -50.60
CA ASP H 1431 -40.15 104.58 -53.71
CA HIS H 1432 -39.73 107.83 -51.70
CA THR H 1433 -40.13 110.08 -54.72
CA ARG H 1434 -43.38 108.30 -55.46
CA ALA H 1435 -44.31 108.55 -51.78
CA VAL H 1436 -43.54 112.20 -51.38
CA ASN H 1437 -45.37 113.08 -54.59
CA TYR H 1438 -48.56 111.45 -53.27
CA PHE H 1439 -48.42 113.16 -49.87
CA SER H 1440 -47.82 116.44 -51.68
CA LYS H 1441 -50.70 116.14 -54.15
CA VAL H 1442 -52.73 115.08 -51.11
CA LYS H 1443 -51.34 118.17 -49.29
CA GLN H 1444 -50.33 116.15 -46.26
CA LEU H 1445 -46.55 116.77 -46.13
CA PRO H 1446 -46.63 118.40 -42.69
CA LEU H 1447 -47.82 115.08 -41.22
CA VAL H 1448 -45.12 112.93 -42.70
CA LYS H 1449 -42.38 115.27 -41.59
CA PRO H 1450 -40.77 112.68 -39.20
CA TYR H 1451 -40.50 110.31 -42.15
CA LEU H 1452 -39.13 112.96 -44.46
CA ARG H 1453 -36.25 113.74 -42.12
CA SER H 1454 -35.69 109.97 -41.70
CA VAL H 1455 -35.22 109.72 -45.48
CA GLN H 1456 -33.79 113.07 -46.55
CA ASN H 1457 -30.31 111.58 -46.16
CA HIS H 1458 -30.91 110.01 -49.60
CA ASN H 1459 -30.43 113.52 -51.05
CA ASN H 1460 -33.67 112.88 -52.86
CA LYS H 1461 -35.02 115.93 -54.71
CA SER H 1462 -38.75 115.84 -54.09
CA VAL H 1463 -37.74 115.10 -50.49
CA ASN H 1464 -35.53 118.15 -49.97
CA GLU H 1465 -37.83 120.48 -51.87
CA SER H 1466 -40.73 119.08 -49.92
CA LEU H 1467 -38.88 119.12 -46.64
CA ASN H 1468 -37.57 122.67 -47.16
CA ASN H 1469 -41.05 124.07 -47.81
CA LEU H 1470 -41.86 122.89 -44.31
CA PHE H 1471 -38.92 124.56 -42.60
CA ILE H 1472 -40.02 127.65 -44.44
CA THR H 1473 -43.72 127.68 -43.54
CA GLU H 1474 -42.69 126.98 -39.99
CA GLU H 1475 -40.11 129.76 -40.09
CA ASP H 1476 -37.38 127.28 -39.11
CA TYR H 1477 -34.38 128.91 -40.83
CA GLN H 1478 -31.64 127.12 -38.91
CA ALA H 1479 -33.11 123.84 -40.11
CA LEU H 1480 -33.36 125.19 -43.66
CA ARG H 1481 -29.75 126.29 -43.60
CA THR H 1482 -28.51 122.83 -42.65
CA SER H 1483 -30.77 121.17 -45.19
CA ILE H 1484 -29.46 123.22 -48.08
CA ASP H 1485 -26.00 122.60 -46.66
CA ALA H 1486 -26.04 118.84 -46.12
CA TYR H 1487 -28.25 117.92 -49.12
CA ASP H 1488 -27.87 119.70 -52.47
CA ASN H 1489 -30.50 118.18 -54.76
CA PHE H 1490 -32.89 121.13 -55.17
CA ASP H 1491 -33.53 124.26 -57.24
CA ASN H 1492 -31.57 126.96 -55.39
CA ILE H 1493 -32.56 129.77 -57.74
CA SER H 1494 -36.24 128.96 -57.28
CA LEU H 1495 -35.69 128.89 -53.52
CA ALA H 1496 -33.44 131.91 -53.74
CA GLN H 1497 -36.11 133.82 -55.62
CA ARG H 1498 -38.87 132.63 -53.32
CA LEU H 1499 -36.84 133.66 -50.25
CA GLU H 1500 -35.07 137.04 -51.22
CA LYS H 1501 -37.98 139.31 -50.73
CA HIS H 1502 -38.57 137.85 -47.26
CA GLU H 1503 -39.25 140.28 -44.44
CA LEU H 1504 -37.11 138.41 -41.91
CA ILE H 1505 -33.44 139.40 -41.79
CA GLU H 1506 -32.25 135.87 -41.17
CA PHE H 1507 -33.75 134.89 -44.50
CA ARG H 1508 -32.73 137.92 -46.52
CA ARG H 1509 -29.21 137.10 -45.33
CA ILE H 1510 -29.63 133.56 -46.62
CA ALA H 1511 -30.77 134.80 -50.00
CA ALA H 1512 -27.57 136.81 -50.24
CA TYR H 1513 -25.61 133.72 -49.25
CA LEU H 1514 -27.42 131.68 -51.97
CA PHE H 1515 -26.67 134.23 -54.72
CA LYS H 1516 -22.98 133.90 -53.50
CA GLY H 1517 -22.53 130.45 -51.61
CA ASN H 1518 -23.74 129.22 -54.88
CA ASN H 1519 -20.90 131.43 -55.94
CA ARG H 1520 -23.21 134.07 -57.31
CA TRP H 1521 -21.01 136.78 -55.86
CA LYS H 1522 -22.44 139.50 -58.10
CA GLN H 1523 -25.85 138.95 -56.57
CA SER H 1524 -24.56 138.68 -53.07
CA VAL H 1525 -22.91 142.06 -53.43
CA GLU H 1526 -25.95 143.70 -54.98
CA LEU H 1527 -28.07 142.19 -52.20
CA CYS H 1528 -25.56 143.43 -49.66
CA LYS H 1529 -25.87 146.88 -51.18
CA LYS H 1530 -29.41 147.12 -49.66
CA ASP H 1531 -28.06 145.80 -46.61
CA SER H 1532 -24.72 145.63 -48.08
CA LEU H 1533 -23.01 145.88 -44.70
CA TYR H 1534 -19.50 146.73 -43.68
CA LYS H 1535 -18.87 143.28 -42.28
CA ASP H 1536 -18.98 140.23 -44.60
CA ALA H 1537 -18.49 142.59 -47.48
CA MET H 1538 -14.90 142.82 -46.45
CA GLN H 1539 -14.69 139.08 -46.06
CA TYR H 1540 -16.23 137.89 -49.29
CA ALA H 1541 -15.03 140.70 -51.53
CA SER H 1542 -11.65 139.06 -51.34
CA GLU H 1543 -13.17 135.82 -52.57
CA SER H 1544 -14.77 137.85 -55.37
CA LYS H 1545 -13.57 136.12 -58.03
CA ASP H 1546 -13.81 139.43 -59.89
CA THR H 1547 -11.16 141.70 -58.58
CA GLU H 1548 -12.37 144.60 -60.63
CA LEU H 1549 -15.12 144.54 -58.63
CA ALA H 1550 -12.39 145.79 -56.33
CA GLU H 1551 -12.04 148.99 -58.29
CA GLU H 1552 -15.78 149.24 -58.62
CA LEU H 1553 -16.23 148.71 -54.91
CA LEU H 1554 -13.55 151.17 -53.95
CA GLN H 1555 -15.28 153.86 -55.90
CA TRP H 1556 -18.65 152.84 -54.60
CA PHE H 1557 -17.64 152.92 -50.94
CA LEU H 1558 -15.94 156.24 -51.29
CA GLN H 1559 -18.78 157.79 -53.22
CA GLU H 1560 -21.63 156.18 -51.35
CA GLU H 1561 -20.50 157.63 -48.05
CA LYS H 1562 -17.65 155.19 -47.14
CA ARG H 1563 -16.79 155.78 -44.81
CA GLU H 1564 -13.65 155.58 -46.60
CA CYS H 1565 -10.84 157.12 -44.58
CA PHE H 1566 -11.18 154.66 -41.74
CA GLY H 1567 -11.94 151.71 -43.97
CA ALA H 1568 -8.97 152.70 -46.11
CA CYS H 1569 -6.68 152.34 -43.15
CA LEU H 1570 -8.01 148.92 -42.39
CA PHE H 1571 -8.12 148.14 -46.08
CA THR H 1572 -4.44 148.96 -46.41
CA CYS H 1573 -3.79 146.45 -43.69
CA TYR H 1574 -5.62 143.69 -45.53
CA ASP H 1575 -3.81 144.42 -48.61
CA LEU H 1576 -2.69 141.27 -49.54
CA LEU H 1577 -3.31 142.68 -53.94
CA ARG H 1578 -2.90 145.53 -56.77
CA PRO H 1579 -2.70 149.04 -57.03
CA ASP H 1580 -1.32 151.81 -56.48
CA VAL H 1581 -3.35 153.33 -58.99
CA VAL H 1582 -5.94 153.76 -56.29
CA LEU H 1583 -3.44 155.63 -54.18
CA GLU H 1584 -2.51 157.86 -57.06
CA THR H 1585 -6.08 158.27 -58.20
CA ALA H 1586 -7.20 159.05 -54.68
CA TRP H 1587 -4.98 162.10 -54.76
CA ARG H 1588 -7.09 163.39 -57.60
CA HIS H 1589 -9.89 163.44 -55.09
CA ASN H 1590 -9.31 164.91 -51.71
CA ILE H 1591 -6.52 162.88 -50.09
CA MET H 1592 -7.72 163.84 -46.68
CA ASP H 1593 -9.54 160.60 -47.20
CA PHE H 1594 -6.39 159.03 -48.42
CA ALA H 1595 -4.89 158.77 -45.21
CA MET H 1596 -5.08 155.94 -43.70
CA PRO H 1597 -1.70 155.02 -43.21
CA TYR H 1598 -1.03 153.61 -40.35
CA PHE H 1599 -1.46 150.20 -41.56
CA ILE H 1600 -0.40 150.94 -44.97
CA GLN H 1601 2.62 151.24 -42.60
CA VAL H 1602 2.40 147.52 -41.88
CA MET H 1603 2.61 146.74 -45.58
CA LYS H 1604 5.55 149.02 -45.96
CA GLU H 1605 7.28 147.18 -43.03
CA TYR H 1606 6.66 144.06 -45.06
CA LEU H 1607 8.42 145.39 -48.18
CA THR H 1608 11.38 146.54 -46.22
CA LYS H 1609 11.74 143.19 -44.55
CA VAL H 1610 11.77 141.57 -48.01
CA ASP H 1611 14.58 143.88 -49.22
CA LYS H 1612 16.61 143.56 -46.09
CA LEU H 1613 16.15 139.86 -46.56
CA ASP H 1614 17.10 139.59 -50.24
CA ALA H 1615 20.07 141.74 -49.40
CA SER H 1616 21.40 139.29 -46.85
CA GLU H 1617 20.79 136.59 -49.46
CA SER H 1618 22.80 138.25 -52.26
CA LEU H 1619 25.56 139.09 -49.79
CA ARG H 1620 25.64 135.43 -48.66
CA LYS H 1621 26.16 134.56 -52.37
CA GLU H 1622 28.81 137.16 -53.08
CA GLU H 1623 30.64 135.80 -50.09
CA GLU H 1624 30.42 132.37 -51.79
CA GLN H 1625 31.57 133.18 -55.32
CA ALA H 1626 34.23 135.30 -53.68
CA THR H 1627 35.59 132.50 -51.54
CA GLU H 1628 35.58 130.04 -54.44
CA THR H 1629 37.45 132.26 -56.91
CA GLN H 1630 40.00 132.67 -54.27
CA MET I 1 20.32 65.71 -187.59
CA ALA I 2 22.74 67.04 -184.93
CA GLN I 3 21.10 69.93 -183.18
CA ILE I 4 23.49 72.01 -181.11
CA LEU I 5 26.94 73.00 -182.16
CA PRO I 6 29.38 71.31 -179.70
CA ILE I 7 32.55 73.06 -180.96
CA ARG I 8 33.58 76.57 -182.09
CA PHE I 9 35.40 76.88 -185.41
CA GLN I 10 37.25 80.24 -185.47
CA GLU I 11 39.55 81.87 -188.04
CA HIS I 12 42.10 83.97 -186.15
CA LEU I 13 43.78 85.56 -189.10
CA GLN I 14 44.11 85.20 -192.85
CA LEU I 15 47.76 85.25 -193.80
CA GLN I 16 47.50 86.67 -197.27
CA ASN I 17 45.85 89.71 -195.66
CA LEU I 18 49.32 90.26 -194.25
CA GLY I 19 50.44 90.12 -197.80
CA ILE I 20 52.30 86.83 -197.44
CA ASN I 21 53.23 85.01 -200.61
CA PRO I 22 51.04 81.87 -200.59
CA ALA I 23 53.97 80.01 -202.07
CA ASN I 24 55.45 80.37 -198.62
CA ILE I 25 52.55 78.97 -196.61
CA GLY I 26 53.81 75.44 -196.34
CA PHE I 27 55.47 72.81 -194.18
CA SER I 28 58.94 73.91 -195.07
CA THR I 29 58.51 77.62 -195.01
CA LEU I 30 55.89 78.05 -192.30
CA THR I 31 56.23 76.88 -188.72
CA MET I 32 53.97 77.04 -185.70
CA GLU I 33 55.73 75.74 -182.51
CA SER I 34 53.06 77.18 -180.26
CA ASP I 35 49.95 79.36 -180.57
CA LYS I 36 52.21 82.33 -179.76
CA PHE I 37 54.01 82.98 -183.05
CA ILE I 38 53.92 81.94 -186.66
CA CYS I 39 57.13 82.20 -188.59
CA ILE I 40 57.44 82.34 -192.39
CA ARG I 41 60.66 82.33 -194.41
CA GLU I 42 60.15 84.52 -197.57
CA LYS I 43 62.48 85.61 -200.40
CA VAL I 44 61.25 89.13 -200.97
CA GLY I 45 62.65 89.96 -204.34
CA GLU I 46 66.08 88.42 -204.40
CA GLN I 47 66.32 88.84 -200.63
CA ALA I 48 65.58 86.32 -197.91
CA GLN I 49 63.75 87.21 -194.75
CA VAL I 50 61.81 85.84 -191.83
CA VAL I 51 58.40 87.12 -191.01
CA ILE I 52 57.41 86.57 -187.41
CA ILE I 53 53.78 86.88 -186.58
CA ASP I 54 53.06 87.30 -182.90
CA MET I 55 49.61 86.00 -182.42
CA ASN I 56 49.05 88.64 -179.83
CA ASP I 57 48.92 91.45 -182.40
CA PRO I 58 48.96 89.54 -185.65
CA SER I 59 48.19 92.73 -187.48
CA ASN I 60 51.83 93.60 -187.21
CA PRO I 61 54.44 91.03 -188.34
CA ILE I 62 58.20 91.45 -187.56
CA ARG I 63 60.39 91.01 -190.65
CA ARG I 64 64.17 90.41 -190.70
CA PRO I 65 66.53 89.54 -193.54
CA ILE I 66 67.76 86.20 -192.48
CA SER I 67 68.98 83.48 -194.75
CA ALA I 68 68.26 80.21 -193.01
CA ASP I 69 67.47 76.71 -194.18
CA SER I 70 64.94 76.86 -191.37
CA ALA I 71 63.62 78.96 -188.51
CA ILE I 72 61.48 78.03 -185.54
CA MET I 73 60.46 80.38 -182.75
CA ASN I 74 60.45 79.71 -179.03
CA PRO I 75 57.14 78.47 -177.73
CA ALA I 76 57.02 81.48 -175.53
CA SER I 77 59.74 84.01 -175.86
CA LYS I 78 61.10 86.15 -178.66
CA VAL I 79 63.98 83.73 -179.16
CA ILE I 80 64.39 82.10 -182.58
CA ALA I 81 66.40 79.11 -183.68
CA LEU I 82 67.91 79.51 -187.14
CA LYS I 83 69.60 76.74 -189.02
CA ALA I 84 72.15 77.39 -191.72
CA GLY I 85 72.77 73.97 -193.17
CA LYS I 86 74.64 72.51 -190.21
CA THR I 87 75.24 75.55 -188.11
CA LEU I 88 72.44 75.92 -185.63
CA GLN I 89 71.99 79.33 -184.02
CA ILE I 90 69.63 80.50 -181.23
CA PHE I 91 69.17 84.26 -181.52
CA ASN I 92 67.24 86.71 -179.39
CA ILE I 93 64.87 88.50 -181.80
CA GLU I 94 63.79 90.71 -178.90
CA MET I 95 67.16 92.35 -178.27
CA LYS I 96 68.88 91.23 -181.46
CA SER I 97 71.64 89.43 -179.52
CA LYS I 98 73.03 86.03 -180.52
CA MET I 99 72.33 83.61 -177.71
CA LYS I 100 74.16 80.48 -178.79
CA ALA I 101 75.21 78.37 -181.78
CA HIS I 102 76.59 74.98 -182.75
CA THR I 103 77.70 73.30 -185.93
CA MET I 104 76.24 69.88 -185.94
CA THR I 105 78.40 67.06 -187.34
CA ASP I 106 75.59 65.78 -189.49
CA ASP I 107 72.68 67.83 -190.83
CA VAL I 108 69.65 68.32 -188.64
CA THR I 109 66.91 66.73 -190.60
CA PHE I 110 63.96 68.02 -188.56
CA TRP I 111 64.00 70.02 -185.34
CA LYS I 112 61.48 71.62 -182.98
CA TRP I 113 61.12 73.28 -179.64
CA ILE I 114 59.90 70.67 -177.16
CA SER I 115 59.67 73.20 -174.41
CA LEU I 116 60.23 76.69 -173.23
CA ASN I 117 63.95 76.20 -173.63
CA THR I 118 65.01 73.05 -175.38
CA VAL I 119 65.19 72.34 -179.10
CA ALA I 120 65.08 68.78 -180.48
CA LEU I 121 67.46 68.05 -183.37
CA VAL I 122 66.70 65.06 -185.46
CA THR I 123 69.60 63.74 -187.40
CA ASP I 124 69.57 61.04 -189.92
CA ASN I 125 70.66 58.73 -187.10
CA ALA I 126 69.86 60.36 -183.81
CA VAL I 127 67.68 62.74 -181.85
CA TYR I 128 69.44 65.25 -179.52
CA HIS I 129 68.04 67.89 -177.19
CA TRP I 130 69.72 71.31 -177.04
CA SER I 131 68.98 73.65 -174.17
CA MET I 132 68.96 77.31 -175.09
CA GLU I 133 70.52 77.77 -171.67
CA GLY I 134 74.22 78.20 -170.98
CA GLU I 135 77.31 77.02 -172.79
CA SER I 136 75.81 73.53 -172.99
CA GLN I 137 75.86 71.66 -176.26
CA PRO I 138 73.37 69.23 -177.96
CA VAL I 139 72.86 65.99 -175.98
CA LYS I 140 71.98 62.74 -177.79
CA MET I 141 68.86 61.14 -176.27
CA PHE I 142 68.68 58.14 -178.48
CA ASP I 143 69.42 56.65 -181.87
CA ARG I 144 66.88 56.43 -184.59
CA HIS I 145 65.21 53.07 -184.74
CA SER I 146 65.44 51.32 -188.09
CA SER I 147 61.77 51.16 -188.92
CA LEU I 148 62.12 54.85 -189.60
CA ALA I 149 64.94 54.55 -192.12
CA GLY I 150 64.38 56.71 -195.18
CA CYS I 151 61.21 58.18 -193.62
CA GLN I 152 60.11 61.76 -194.12
CA ILE I 153 60.28 62.91 -190.47
CA ILE I 154 57.10 64.85 -189.71
CA ASN I 155 57.06 65.24 -185.95
CA TYR I 156 58.72 64.72 -182.58
CA ARG I 157 56.94 64.81 -179.23
CA THR I 158 57.69 64.28 -175.57
CA ASP I 159 55.66 63.63 -172.46
CA ALA I 160 55.54 66.47 -169.90
CA LYS I 161 58.41 64.93 -168.01
CA GLN I 162 60.46 64.28 -171.14
CA LYS I 163 60.87 60.73 -169.99
CA TRP I 164 59.12 59.26 -173.10
CA LEU I 165 59.99 60.61 -176.54
CA LEU I 166 58.21 59.86 -179.81
CA LEU I 167 59.53 60.27 -183.35
CA THR I 168 57.27 60.03 -186.44
CA GLY I 169 57.97 59.74 -190.07
CA ILE I 170 55.87 58.69 -193.06
CA SER I 171 56.56 56.69 -196.19
CA ALA I 172 54.76 56.16 -199.47
CA GLN I 173 54.93 52.49 -199.24
CA GLN I 174 53.27 50.61 -201.95
CA ASN I 175 50.76 53.36 -202.77
CA ARG I 176 49.81 54.45 -199.14
CA VAL I 177 51.32 57.06 -196.85
CA VAL I 178 52.43 54.77 -194.10
CA GLY I 179 53.49 56.34 -190.77
CA ALA I 180 56.30 55.10 -188.57
CA MET I 181 56.69 56.03 -184.94
CA GLN I 182 59.53 55.30 -182.55
CA LEU I 183 58.56 55.49 -178.87
CA TYR I 184 61.77 55.73 -176.79
CA SER I 185 61.86 55.25 -173.02
CA VAL I 186 64.41 57.49 -171.36
CA ASP I 187 64.42 55.97 -167.91
CA ARG I 188 64.22 52.36 -169.13
CA LYS I 189 66.58 53.09 -172.04
CA VAL I 190 64.42 50.95 -174.37
CA SER I 191 62.71 51.92 -177.59
CA GLN I 192 59.86 50.44 -179.64
CA PRO I 193 58.32 50.85 -183.08
CA ILE I 194 54.60 51.60 -183.59
CA GLU I 195 52.71 52.20 -186.82
CA GLY I 196 51.14 55.54 -186.26
CA HIS I 197 50.11 58.63 -188.07
CA ALA I 198 49.56 61.17 -185.34
CA ALA I 199 49.87 61.15 -181.54
CA SER I 200 50.25 63.18 -178.40
CA PHE I 201 50.83 62.49 -174.68
CA ALA I 202 48.58 63.69 -171.86
CA GLN I 203 48.58 63.87 -168.07
CA PHE I 204 45.32 62.49 -166.75
CA LYS I 205 44.39 61.91 -163.14
CA MET I 206 41.99 58.95 -163.17
CA GLU I 207 38.87 58.82 -161.05
CA GLY I 208 40.03 57.67 -157.66
CA ASN I 209 43.81 58.03 -158.06
CA ALA I 210 45.94 60.74 -156.53
CA GLU I 211 48.43 60.95 -159.27
CA GLU I 212 48.12 61.81 -162.91
CA SER I 213 48.73 59.04 -165.30
CA THR I 214 50.84 59.84 -168.35
CA LEU I 215 48.98 58.75 -171.40
CA PHE I 216 50.19 58.34 -174.95
CA CYS I 217 47.49 58.61 -177.55
CA PHE I 218 48.06 57.86 -181.17
CA ALA I 219 46.07 57.31 -184.31
CA VAL I 220 46.65 55.52 -187.55
CA ARG I 221 44.94 54.25 -190.60
CA GLY I 222 46.24 50.78 -191.41
CA GLN I 223 44.97 47.79 -193.42
CA ALA I 224 42.38 47.25 -190.70
CA GLY I 225 41.30 50.81 -191.01
CA GLY I 226 42.00 53.70 -188.75
CA LYS I 227 42.15 53.31 -185.04
CA LEU I 228 42.97 55.47 -182.10
CA HIS I 229 44.83 54.07 -179.09
CA ILE I 230 45.09 55.64 -175.65
CA ILE I 231 47.53 53.84 -173.34
CA GLU I 232 49.27 54.65 -170.06
CA VAL I 233 53.00 54.89 -170.46
CA GLY I 234 55.41 53.58 -167.82
CA THR I 235 54.69 52.58 -164.19
CA PRO I 236 51.69 54.04 -162.42
CA PRO I 237 52.53 56.31 -159.52
CA THR I 238 52.67 54.05 -156.52
CA GLY I 239 49.14 53.67 -155.21
CA ASN I 240 47.48 54.40 -158.54
CA GLN I 241 45.13 51.98 -160.21
CA PRO I 242 46.39 51.53 -163.70
CA PHE I 243 44.63 53.15 -166.66
CA PRO I 244 43.02 50.55 -168.90
CA LYS I 245 44.53 50.83 -172.36
CA LYS I 246 41.88 51.90 -174.95
CA ALA I 247 41.36 51.43 -178.69
CA VAL I 248 38.66 52.98 -180.84
CA ASP I 249 38.38 53.12 -184.58
CA VAL I 250 38.48 56.44 -186.38
CA PHE I 251 36.04 56.59 -189.23
CA PHE I 252 36.76 57.69 -192.76
CA PRO I 253 33.91 58.24 -195.17
CA PRO I 254 34.07 56.78 -198.68
CA GLU I 255 34.50 60.29 -200.04
CA ALA I 256 37.50 60.44 -197.70
CA GLN I 257 39.25 58.12 -200.12
CA ASN I 258 42.79 58.01 -198.96
CA ASP I 259 42.63 60.32 -195.98
CA PHE I 260 44.72 59.55 -192.89
CA PRO I 261 45.56 61.19 -189.51
CA VAL I 262 47.85 64.13 -189.64
CA ALA I 263 47.69 66.02 -186.34
CA MET I 264 46.52 65.56 -182.77
CA GLN I 265 46.29 67.76 -179.71
CA ILE I 266 44.57 66.99 -176.49
CA SER I 267 42.75 69.41 -174.25
CA GLU I 268 43.92 68.92 -170.73
CA LYS I 269 41.20 71.31 -169.68
CA HIS I 270 38.42 69.05 -171.11
CA ASP I 271 40.19 65.67 -171.62
CA VAL I 272 39.20 65.59 -175.24
CA VAL I 273 41.40 64.40 -178.07
CA PHE I 274 41.40 66.51 -181.21
CA LEU I 275 42.36 64.68 -184.39
CA ILE I 276 42.83 66.34 -187.82
CA THR I 277 43.06 64.29 -191.02
CA LYS I 278 44.95 64.98 -194.25
CA TYR I 279 41.77 66.15 -196.05
CA GLY I 280 40.69 68.69 -193.46
CA TYR I 281 38.44 66.58 -191.18
CA ILE I 282 38.28 66.97 -187.41
CA HIS I 283 37.25 64.50 -184.70
CA LEU I 284 36.88 64.91 -180.98
CA TYR I 285 37.29 61.84 -178.79
CA ASP I 286 36.91 61.50 -175.04
CA LEU I 287 40.43 60.99 -173.65
CA GLU I 288 39.46 58.65 -170.84
CA THR I 289 37.23 56.28 -172.83
CA GLY I 290 38.08 56.96 -176.43
CA THR I 291 34.45 57.58 -177.20
CA CYS I 292 33.97 59.58 -180.39
CA ILE I 293 32.13 62.77 -179.54
CA TYR I 294 32.12 64.70 -182.81
CA MET I 295 33.35 64.63 -186.42
CA ASN I 296 33.05 67.10 -189.27
CA ARG I 297 35.00 68.73 -191.98
CA ILE I 298 36.38 72.18 -191.41
CA SER I 299 38.89 72.59 -194.21
CA GLY I 300 39.20 71.33 -197.75
CA GLU I 301 42.81 72.33 -197.89
CA THR I 302 45.24 70.54 -195.54
CA ILE I 303 46.02 71.95 -192.09
CA PHE I 304 49.78 71.33 -192.33
CA VAL I 305 50.73 72.51 -188.87
CA THR I 306 49.03 72.78 -185.52
CA ALA I 307 49.46 73.38 -181.83
CA PRO I 308 47.46 73.36 -178.79
CA HIS I 309 45.39 76.56 -178.38
CA GLU I 310 45.92 77.60 -174.82
CA ALA I 311 43.19 80.20 -174.62
CA THR I 312 40.50 77.75 -175.47
CA ALA I 313 42.16 74.47 -174.67
CA GLY I 314 41.60 73.49 -178.27
CA ILE I 315 43.60 73.14 -181.41
CA ILE I 316 44.90 75.87 -183.80
CA GLY I 317 46.55 75.27 -187.15
CA VAL I 318 47.22 76.82 -190.55
CA ASN I 319 46.16 75.44 -193.91
CA ARG I 320 47.29 76.00 -197.48
CA LYS I 321 45.08 79.06 -198.08
CA GLY I 322 46.72 80.85 -195.20
CA GLN I 323 43.86 80.43 -192.83
CA VAL I 324 44.90 80.25 -189.21
CA LEU I 325 41.97 78.10 -187.92
CA SER I 326 41.09 76.84 -184.53
CA VAL I 327 38.57 74.38 -183.01
CA CYS I 328 37.58 73.86 -179.40
CA VAL I 329 34.79 72.51 -177.15
CA GLU I 330 31.96 74.98 -176.64
CA GLU I 331 31.79 74.55 -172.86
CA GLU I 332 28.21 75.52 -172.79
CA ASN I 333 26.97 73.18 -175.56
CA ILE I 334 28.91 69.94 -175.14
CA ILE I 335 27.19 68.32 -172.15
CA PRO I 336 23.76 69.09 -173.82
CA TYR I 337 25.11 67.78 -177.13
CA ILE I 338 26.30 64.47 -175.60
CA THR I 339 22.94 64.09 -173.85
CA ASN I 340 20.62 65.02 -176.74
CA VAL I 341 22.49 64.43 -179.99
CA LEU I 342 24.78 61.59 -178.74
CA GLN I 343 21.99 60.42 -176.50
CA ASN I 344 24.64 59.36 -174.07
CA PRO I 345 23.67 60.86 -170.68
CA ASP I 346 26.11 58.72 -168.87
CA LEU I 347 29.11 60.06 -170.81
CA ALA I 348 27.46 63.47 -170.38
CA LEU I 349 27.21 63.36 -166.60
CA ARG I 350 30.72 61.97 -166.27
CA MET I 351 32.28 64.47 -168.56
CA ALA I 352 30.17 67.18 -166.77
CA VAL I 353 31.27 66.37 -163.24
CA ARG I 354 34.78 65.40 -164.32
CA ASN I 355 35.21 68.75 -166.00
CA ASN I 356 32.81 70.94 -164.13
CA LEU I 357 30.93 71.74 -167.29
CA ALA I 358 27.27 72.71 -167.41
CA GLY I 359 24.16 71.38 -169.07
CA ALA I 360 23.35 68.33 -167.03
CA GLU I 361 21.49 70.07 -164.23
CA GLU I 362 18.23 68.13 -164.72
CA LEU I 363 20.02 64.81 -164.79
CA PHE I 364 21.77 65.67 -161.54
CA ALA I 365 18.68 66.74 -159.65
CA ARG I 366 17.02 63.58 -160.99
CA LYS I 367 19.96 61.46 -159.82
CA PHE I 368 20.00 63.13 -156.41
CA ASN I 369 16.25 62.82 -155.98
CA ALA I 370 16.49 59.19 -157.02
CA LEU I 371 19.12 58.27 -154.48
CA PHE I 372 17.11 60.17 -151.81
CA ALA I 373 14.23 57.69 -152.03
CA GLN I 374 16.42 54.66 -151.84
CA GLY I 375 17.48 56.72 -148.85
CA ASN I 376 21.14 56.46 -149.76
CA TYR I 377 21.65 59.87 -148.28
CA SER I 378 25.33 59.22 -148.61
CA GLU I 379 25.31 58.62 -152.32
CA ALA I 380 22.78 61.43 -152.68
CA ALA I 381 25.18 63.86 -150.95
CA LYS I 382 28.14 62.77 -153.03
CA VAL I 383 26.08 63.84 -156.06
CA ALA I 384 25.15 67.24 -154.63
CA ALA I 385 28.70 67.82 -153.48
CA ASN I 386 30.20 67.07 -156.89
CA ALA I 387 27.59 68.09 -159.44
CA PRO I 388 29.04 71.11 -161.40
CA LYS I 389 28.63 74.83 -160.98
CA GLY I 390 27.22 74.30 -157.49
CA ILE I 391 23.88 73.33 -158.84
CA LEU I 392 22.88 71.25 -155.70
CA ARG I 393 25.04 72.94 -153.02
CA THR I 394 21.94 74.79 -152.02
CA PRO I 395 20.16 75.84 -148.80
CA ASP I 396 17.30 73.83 -150.01
CA THR I 397 19.64 70.89 -150.35
CA ILE I 398 20.64 71.39 -146.71
CA ARG I 399 16.90 71.73 -145.76
CA ARG I 400 16.34 68.41 -147.50
CA PHE I 401 18.96 66.55 -145.46
CA GLN I 402 17.96 68.46 -142.37
CA SER I 403 14.45 67.01 -142.68
CA VAL I 404 15.18 63.32 -142.42
CA PRO I 405 15.39 62.01 -138.86
CA ALA I 406 18.45 60.46 -137.33
CA GLN I 407 17.26 56.90 -136.54
CA PRO I 408 19.25 55.60 -133.53
CA GLY I 409 22.76 54.47 -134.47
CA GLN I 410 24.49 55.86 -137.60
CA THR I 411 25.19 59.51 -138.45
CA SER I 412 22.59 62.05 -139.67
CA PRO I 413 22.17 62.49 -143.41
CA LEU I 414 23.00 66.14 -142.88
CA LEU I 415 26.05 65.60 -140.82
CA GLN I 416 26.87 62.98 -143.44
CA TYR I 417 26.55 65.52 -146.28
CA PHE I 418 28.55 68.14 -144.31
CA GLY I 419 31.11 65.41 -143.89
CA ILE I 420 31.48 65.03 -147.63
CA LEU I 421 31.71 68.75 -148.10
CA LEU I 422 34.32 69.19 -145.34
CA ASP I 423 36.35 66.53 -147.10
CA GLN I 424 35.72 67.95 -150.51
CA GLY I 425 36.91 71.29 -149.23
CA GLN I 426 35.80 74.58 -147.72
CA LEU I 427 32.14 75.37 -146.85
CA ASN I 428 30.35 78.67 -147.74
CA LYS I 429 28.74 81.18 -145.49
CA TYR I 430 25.36 79.45 -145.25
CA GLU I 431 26.85 75.98 -144.86
CA SER I 432 29.28 77.08 -142.22
CA LEU I 433 26.42 78.70 -140.32
CA GLU I 434 24.22 75.59 -140.58
CA LEU I 435 27.14 73.38 -139.57
CA CYS I 436 28.15 75.52 -136.63
CA ARG I 437 24.83 76.55 -135.14
CA PRO I 438 24.08 73.18 -133.43
CA VAL I 439 27.73 72.37 -132.46
CA LEU I 440 27.95 75.77 -130.79
CA GLN I 441 24.93 74.88 -128.69
CA GLN I 442 26.42 71.49 -127.86
CA GLY I 443 29.30 73.32 -126.10
CA ARG I 444 31.63 71.93 -128.70
CA LYS I 445 34.27 74.69 -128.89
CA GLN I 446 37.23 72.57 -129.70
CA LEU I 447 35.47 71.23 -132.83
CA LEU I 448 34.71 74.57 -134.38
CA GLU I 449 38.24 75.56 -133.35
CA LYS I 450 39.70 72.82 -135.54
CA TRP I 451 37.33 73.48 -138.40
CA LEU I 452 38.53 77.11 -138.17
CA LYS I 453 42.25 76.37 -138.00
CA GLU I 454 42.16 73.77 -140.72
CA ASP I 455 40.57 76.71 -142.49
CA LYS I 456 37.35 74.86 -143.42
CA LEU I 457 34.74 77.57 -142.57
CA GLU I 458 34.08 80.75 -144.49
CA CYS I 459 33.72 81.82 -141.86
CA SER I 460 31.07 84.54 -141.73
CA GLU I 461 29.79 87.12 -139.22
CA GLU I 462 26.70 84.93 -138.84
CA LEU I 463 28.46 81.60 -138.24
CA GLY I 464 30.29 83.64 -135.66
CA ASP I 465 27.15 85.01 -134.05
CA LEU I 466 25.97 81.41 -133.81
CA VAL I 467 29.14 80.38 -132.06
CA LYS I 468 29.03 83.45 -129.80
CA SER I 469 25.81 81.87 -128.49
CA VAL I 470 27.97 79.03 -127.20
CA ASP I 471 31.53 80.27 -127.12
CA PRO I 472 31.88 84.03 -127.31
CA THR I 473 35.62 83.26 -127.25
CA LEU I 474 35.41 80.80 -130.19
CA ALA I 475 33.55 83.59 -132.05
CA LEU I 476 36.45 86.08 -132.27
CA SER I 477 38.23 83.30 -134.05
CA VAL I 478 35.63 83.08 -136.88
CA TYR I 479 35.07 86.82 -136.93
CA LEU I 480 38.77 87.50 -137.12
CA ARG I 481 38.50 85.22 -140.20
CA ALA I 482 35.18 86.53 -141.28
CA ASN I 483 33.71 90.21 -141.60
CA VAL I 484 36.99 92.71 -139.82
CA PRO I 485 30.94 91.82 -138.33
CA ASN I 486 33.00 93.56 -135.72
CA LYS I 487 30.13 95.36 -134.12
CA VAL I 488 28.16 92.18 -133.78
CA ILE I 489 31.00 90.25 -132.22
CA GLN I 490 31.66 92.85 -129.58
CA CYS I 491 28.01 93.07 -128.87
CA PHE I 492 26.89 89.80 -127.46
CA ALA I 493 30.44 89.24 -126.47
CA GLU I 494 30.08 91.00 -123.24
CA THR I 495 31.66 87.76 -122.30
CA GLY I 496 34.60 86.68 -124.36
CA GLN I 497 38.35 86.75 -124.42
CA VAL I 498 39.93 90.03 -123.56
CA GLN I 499 42.60 89.81 -126.20
CA LYS I 500 40.13 89.40 -129.02
CA ILE I 501 38.01 92.19 -127.68
CA VAL I 502 40.84 94.65 -127.61
CA LEU I 503 41.59 94.05 -131.26
CA TYR I 504 38.04 93.98 -132.60
CA ALA I 505 36.58 96.79 -130.53
CA LYS I 506 38.64 99.29 -132.49
CA LYS I 507 37.21 97.99 -135.74
CA VAL I 508 33.64 98.46 -134.52
CA GLY I 509 32.61 98.73 -135.77
CA TYR I 510 31.00 99.24 -133.79
CA THR I 511 32.19 101.42 -130.99
CA PRO I 512 29.48 100.53 -128.49
CA ASP I 513 30.87 97.04 -128.44
CA TRP I 514 33.84 98.52 -126.67
CA ILE I 515 31.65 99.89 -123.92
CA PHE I 516 30.01 96.53 -123.68
CA LEU I 517 33.40 94.89 -123.56
CA LEU I 518 34.51 97.08 -120.72
CA ARG I 519 31.50 96.08 -118.74
CA ASN I 520 32.37 92.45 -119.21
CA VAL I 521 35.93 93.00 -118.20
CA MET I 522 34.71 95.00 -115.26
CA ARG I 523 34.17 90.56 -112.44
CA ILE I 524 35.11 88.47 -115.39
CA SER I 525 37.91 86.18 -116.43
CA PRO I 526 40.01 89.25 -116.45
CA ASP I 527 40.75 90.63 -113.04
CA GLN I 528 42.90 93.23 -111.41
CA GLY I 529 46.63 92.98 -111.80
CA GLN I 530 48.03 92.49 -115.22
CA GLN I 531 45.21 90.98 -117.18
CA PHE I 532 42.89 91.84 -119.98
CA ALA I 533 41.09 94.17 -117.63
CA GLN I 534 43.38 97.17 -117.82
CA MET I 535 45.25 96.12 -120.91
CA LEU I 536 41.98 95.96 -122.75
CA VAL I 537 41.39 99.59 -121.96
CA GLN I 538 44.70 100.42 -123.55
CA ASP I 539 43.89 99.10 -127.00
CA GLU I 540 40.47 100.63 -126.64
CA GLU I 541 42.13 103.95 -126.08
CA PRO I 542 39.21 105.94 -128.14
CA LEU I 543 36.27 105.03 -126.64
CA ALA I 544 32.76 104.09 -125.72
CA ASP I 545 31.36 104.51 -122.89
CA ILE I 546 34.08 105.54 -120.46
CA THR I 547 31.53 105.56 -117.67
CA GLN I 548 30.43 102.12 -118.79
CA ILE I 549 33.86 100.66 -118.51
CA VAL I 550 34.39 102.05 -115.04
CA ASP I 551 30.91 101.10 -113.95
CA VAL I 552 31.67 97.53 -114.78
CA PHE I 553 34.90 97.62 -112.85
CA MET I 554 33.35 99.21 -109.81
CA GLU I 555 30.56 96.68 -109.35
CA TYR I 556 33.14 93.94 -109.58
CA ASN I 557 35.11 95.82 -106.95
CA LEU I 558 37.94 95.62 -109.45
CA ILE I 559 38.68 99.23 -108.52
CA GLN I 560 42.31 98.54 -107.74
CA GLN I 561 42.76 97.20 -111.26
CA CYS I 562 40.66 99.91 -112.79
CA THR I 563 42.90 102.55 -111.35
CA ALA I 564 45.94 100.63 -112.56
CA PHE I 565 44.79 100.55 -116.16
CA LEU I 566 43.78 104.17 -116.13
CA LEU I 567 47.39 104.94 -115.44
CA ASP I 568 48.20 103.24 -118.72
CA ALA I 569 45.47 105.18 -120.48
CA LEU I 570 47.01 108.54 -119.78
CA LYS I 571 50.10 107.47 -121.63
CA ASN I 572 48.20 106.89 -124.82
CA ASN I 573 48.25 110.46 -125.97
CA ARG I 574 45.52 110.11 -128.54
CA PRO I 575 43.49 107.76 -126.49
CA SER I 576 43.61 110.13 -123.58
CA GLU I 577 40.42 111.92 -122.75
CA GLY I 578 39.98 116.29 -118.76
CA PRO I 579 36.67 114.67 -118.18
CA LEU I 580 38.38 111.32 -118.25
CA GLN I 581 40.48 112.15 -115.24
CA THR I 582 37.56 113.70 -113.49
CA ARG I 583 35.36 110.67 -114.00
CA LEU I 584 38.07 108.24 -113.05
CA LEU I 585 38.73 109.76 -109.70
CA GLU I 586 35.04 110.02 -108.99
CA MET I 587 34.57 106.38 -109.81
CA ASN I 588 37.60 105.52 -107.76
CA LEU I 589 36.20 107.23 -104.73
CA MET I 590 33.12 105.07 -104.56
CA HIS I 591 34.74 102.10 -106.30
CA ALA I 592 38.09 101.90 -104.57
CA PRO I 593 39.31 104.63 -102.36
CA GLN I 594 42.80 103.22 -102.13
CA VAL I 595 43.36 104.15 -105.75
CA ALA I 596 41.74 107.53 -105.26
CA ASP I 597 44.67 109.12 -103.52
CA ALA I 598 47.33 107.81 -105.87
CA ILE I 599 45.43 109.14 -108.83
CA LEU I 600 45.36 112.48 -107.12
CA GLY I 601 49.07 112.42 -107.02
CA ASN I 602 49.46 111.15 -110.54
CA GLN I 603 47.24 113.48 -112.45
CA MET I 604 44.19 114.17 -110.48
CA PHE I 605 45.66 117.40 -109.43
CA THR I 606 46.54 119.01 -112.72
CA HIS I 607 43.92 117.78 -115.09
CA TYR I 608 40.79 117.21 -113.13
CA ASP I 609 37.62 119.14 -112.40
CA ARG I 610 38.75 119.83 -108.86
CA ALA I 611 35.46 121.14 -107.62
CA HIS I 612 33.64 118.03 -108.74
CA ILE I 613 36.14 115.67 -107.21
CA ALA I 614 36.01 117.36 -103.88
CA GLN I 615 32.29 117.03 -103.54
CA LEU I 616 32.66 113.38 -104.36
CA CYS I 617 35.40 112.93 -101.76
CA GLU I 618 33.30 114.68 -99.16
CA LYS I 619 30.57 112.14 -99.61
CA ALA I 620 33.36 109.60 -99.76
CA GLY I 621 34.75 110.37 -96.32
CA LEU I 622 38.08 110.62 -98.12
CA LEU I 623 39.06 113.57 -95.90
CA GLN I 624 42.75 112.68 -95.87
CA ARG I 625 42.68 113.16 -99.66
CA ALA I 626 40.19 116.01 -99.40
CA LEU I 627 42.81 117.99 -97.56
CA GLU I 628 45.20 117.27 -100.38
CA HIS I 629 42.81 118.66 -102.96
CA PHE I 630 41.96 121.63 -100.83
CA THR I 631 45.58 122.36 -100.33
CA ASP I 632 46.36 122.24 -104.04
CA LEU I 633 43.09 124.03 -104.72
CA TYR I 634 44.65 126.65 -102.49
CA ASP I 635 41.51 126.60 -100.50
CA ILE I 636 43.57 126.44 -97.33
CA LYS I 637 40.81 127.55 -95.00
CA ARG I 638 38.85 124.50 -96.07
CA ALA I 639 41.79 122.19 -95.65
CA VAL I 640 42.25 123.34 -92.09
CA VAL I 641 38.59 123.16 -91.24
CA HIS I 642 38.48 119.62 -92.54
CA THR I 643 41.63 118.74 -90.68
CA HIS I 644 39.90 119.97 -87.59
CA LEU I 645 37.14 117.43 -87.81
CA LEU I 646 39.49 114.58 -88.54
CA ASN I 647 43.05 115.02 -87.43
CA PRO I 648 45.41 116.22 -90.01
CA GLU I 649 49.09 115.50 -90.26
CA TRP I 650 51.31 117.45 -87.92
CA LEU I 651 53.65 118.95 -90.48
CA VAL I 652 50.89 120.02 -92.85
CA ASN I 653 49.01 121.78 -90.10
CA TYR I 654 51.86 124.15 -89.51
CA PHE I 655 52.29 125.07 -93.13
CA GLY I 656 48.64 125.34 -94.13
CA SER I 657 47.40 127.29 -91.14
CA LEU I 658 49.58 130.22 -91.99
CA SER I 659 48.45 130.00 -95.56
CA VAL I 660 44.99 130.60 -94.25
CA GLU I 661 45.22 134.31 -94.84
CA ASP I 662 41.50 134.46 -95.14
CA SER I 663 40.46 133.59 -91.65
CA LEU I 664 42.36 134.84 -88.65
CA GLU I 665 39.73 133.26 -86.44
CA CYS I 666 40.81 129.87 -87.60
CA LEU I 667 43.98 130.45 -85.69
CA ARG I 668 42.10 130.96 -82.47
CA ALA I 669 39.90 128.03 -83.27
CA MET I 670 42.97 125.95 -83.92
CA LEU I 671 44.60 126.84 -80.64
CA SER I 672 41.56 125.65 -78.78
CA ALA I 673 41.61 122.38 -80.66
CA ASN I 674 45.32 122.07 -80.18
CA ILE I 675 45.07 122.65 -76.50
CA ARG I 676 43.06 119.51 -76.23
CA GLN I 677 44.53 116.99 -78.57
CA ASN I 678 48.11 117.82 -77.78
CA LEU I 679 49.86 120.25 -75.46
CA GLN I 680 53.16 119.87 -77.21
CA ILE I 681 51.76 120.65 -80.59
CA CYS I 682 50.20 123.81 -79.27
CA VAL I 683 53.45 125.36 -78.17
CA GLN I 684 55.08 124.81 -81.53
CA VAL I 685 51.96 125.82 -83.39
CA ALA I 686 51.62 128.93 -81.27
CA SER I 687 54.89 130.25 -82.56
CA LYS I 688 53.81 130.41 -86.22
CA TYR I 689 52.09 132.32 -85.11
CA HIS I 690 49.57 134.60 -83.80
CA GLU I 691 47.34 137.04 -85.88
CA GLN I 692 46.14 137.95 -82.62
CA LEU I 693 44.45 139.70 -79.68
CA SER I 694 42.13 136.90 -78.92
CA THR I 695 43.56 138.26 -76.25
CA GLN I 696 41.34 137.14 -73.37
CA SER I 697 39.70 134.44 -75.40
CA LEU I 698 43.09 133.25 -76.46
CA ILE I 699 44.25 132.86 -72.89
CA GLU I 700 40.96 131.42 -71.74
CA LEU I 701 41.41 128.73 -74.35
CA PHE I 702 44.91 127.99 -73.10
CA GLU I 703 43.72 127.53 -69.57
CA SER I 704 40.98 125.03 -70.38
CA PHE I 705 43.52 122.97 -72.28
CA LYS I 706 45.49 123.24 -69.09
CA SER I 707 48.44 124.33 -71.08
CA PHE I 708 49.42 126.89 -68.50
CA GLU I 709 53.07 126.32 -69.21
CA GLY I 710 52.73 126.86 -72.94
CA LEU I 711 50.57 129.94 -72.63
CA PHE I 712 53.20 131.48 -70.43
CA TYR I 713 55.95 130.49 -72.84
CA PHE I 714 54.10 131.96 -75.82
CA LEU I 715 53.58 135.31 -74.16
CA GLY I 716 57.24 135.24 -73.37
CA SER I 717 58.04 135.29 -77.07
CA ILE I 718 55.46 137.90 -77.94
CA VAL I 719 56.83 140.36 -75.43
CA ASN I 720 60.07 140.46 -77.34
CA PHE I 721 58.30 142.09 -80.22
CA SER I 722 56.12 145.12 -79.76
CA GLN I 723 53.13 144.25 -77.68
CA ASP I 724 52.51 144.73 -75.59
CA PRO I 725 52.24 144.84 -71.88
CA ASP I 726 49.53 142.23 -72.06
CA VAL I 727 52.09 139.66 -73.01
CA HIS I 728 54.51 140.48 -70.22
CA PHE I 729 51.54 140.53 -67.90
CA LYS I 730 50.39 137.08 -68.97
CA TYR I 731 53.89 135.61 -68.93
CA ILE I 732 54.55 136.50 -65.34
CA GLN I 733 51.18 135.20 -64.26
CA ALA I 734 51.79 131.90 -65.97
CA ALA I 735 55.29 131.79 -64.66
CA CYS I 736 54.06 132.04 -61.12
CA LYS I 737 51.97 128.91 -61.27
CA THR I 738 54.00 127.23 -64.01
CA GLY I 739 57.57 127.98 -62.97
CA GLN I 740 58.24 130.03 -59.88
CA ILE I 741 61.96 130.21 -60.48
CA LYS I 742 61.39 132.07 -63.73
CA GLU I 743 58.99 134.44 -62.02
CA VAL I 744 61.79 136.36 -60.34
CA GLU I 745 64.10 137.03 -63.26
CA ARG I 746 61.23 138.13 -65.40
CA ILE I 747 59.97 140.72 -62.94
CA CYS I 748 63.48 141.96 -62.61
CA ARG I 749 63.63 143.03 -66.24
CA GLU I 750 59.89 143.15 -67.09
CA SER I 751 58.40 144.81 -64.02
CA ASN I 752 58.12 148.10 -65.88
CA CYS I 753 55.89 146.85 -68.66
CA TYR I 754 53.38 144.77 -66.74
CA ASP I 755 50.14 145.69 -64.98
CA PRO I 756 51.53 145.42 -61.48
CA GLU I 757 48.29 145.02 -59.62
CA ARG I 758 47.51 141.84 -61.44
CA VAL I 759 51.04 140.53 -61.06
CA LYS I 760 50.64 140.94 -57.35
CA ASN I 761 47.37 139.10 -57.07
CA PHE I 762 49.04 136.26 -58.89
CA LEU I 763 52.03 136.34 -56.56
CA LYS I 764 49.79 136.39 -53.52
CA GLU I 765 48.14 133.18 -54.56
CA ALA I 766 51.59 131.99 -55.57
CA LYS I 767 53.15 132.47 -52.15
CA LEU I 768 55.85 134.19 -54.17
CA THR I 769 56.63 136.32 -51.12
CA ASP I 770 60.21 137.05 -52.01
CA GLN I 771 59.04 138.53 -55.31
CA LEU I 772 55.92 140.21 -53.93
CA PRO I 773 57.88 142.65 -51.92
CA LEU I 774 60.05 143.31 -54.90
CA ILE I 775 57.02 144.53 -56.78
CA ILE I 776 55.41 146.12 -53.78
CA VAL I 777 58.61 147.96 -53.02
CA CYS I 778 59.23 148.80 -56.65
CA ASP I 779 56.43 149.49 -59.02
CA ARG I 780 53.94 149.34 -56.25
CA PHE I 781 55.36 151.29 -55.60
CA ASP I 782 53.27 149.82 -52.86
CA PHE I 783 55.96 149.70 -50.23
CA VAL I 784 53.46 148.91 -47.54
CA HIS I 785 52.42 145.79 -49.38
CA ASP I 786 55.94 144.61 -49.94
CA LEU I 787 56.77 144.87 -46.28
CA VAL I 788 53.76 142.91 -45.15
CA LEU I 789 54.78 140.29 -47.67
CA TYR I 790 58.34 140.43 -46.38
CA LEU I 791 56.98 139.68 -42.97
CA TYR I 792 55.74 136.50 -44.51
CA ARG I 793 59.28 135.92 -45.76
CA ASN I 794 62.01 138.01 -47.40
CA ASN I 795 65.60 139.21 -47.08
CA LEU I 796 66.88 141.55 -44.41
CA GLN I 797 68.73 144.01 -46.61
CA LYS I 798 65.86 144.97 -48.85
CA TYR I 799 63.76 144.91 -45.74
CA ILE I 800 65.81 147.61 -44.09
CA GLU I 801 65.43 149.90 -47.09
CA ILE I 802 61.74 149.41 -47.91
CA TYR I 803 60.62 149.57 -44.32
CA VAL I 804 61.48 153.25 -44.13
CA GLN I 805 59.62 154.15 -47.30
CA LYS I 806 56.47 152.57 -45.96
CA VAL I 807 53.01 150.77 -40.62
CA ASN I 808 50.28 151.52 -36.56
CA PRO I 809 53.88 151.93 -35.64
CA SER I 810 53.72 148.72 -33.67
CA ARG I 811 54.64 147.20 -36.99
CA LEU I 812 58.00 148.76 -36.49
CA PRO I 813 58.58 146.63 -33.44
CA VAL I 814 57.26 143.58 -35.18
CA VAL I 815 59.62 144.31 -38.02
CA ILE I 816 62.63 144.81 -35.83
CA GLY I 817 62.05 141.45 -34.31
CA GLY I 818 61.55 139.95 -37.71
CA LEU I 819 64.82 141.23 -39.02
CA LEU I 820 66.64 140.17 -35.90
CA ASP I 821 64.96 136.81 -35.54
CA VAL I 822 65.11 135.98 -39.17
CA ASP I 823 68.55 135.78 -40.52
CA CYS I 824 68.38 139.33 -41.71
CA SER I 825 71.80 140.78 -41.60
CA GLU I 826 72.62 142.78 -38.56
CA ASP I 827 73.70 145.42 -40.99
CA VAL I 828 70.34 144.99 -42.65
CA ILE I 829 68.74 145.33 -39.28
CA LYS I 830 70.81 148.39 -38.57
CA ASN I 831 69.95 149.79 -41.95
CA LEU I 832 66.33 149.19 -41.21
CA ILE I 833 66.57 150.49 -37.69
CA LEU I 834 65.25 153.37 -35.06
CA VAL I 835 61.80 153.67 -36.54
CA VAL I 836 61.01 150.27 -35.15
CA ARG I 837 62.09 151.20 -31.68
CA GLY I 838 59.96 154.27 -31.79
CA GLN I 839 42.91 162.87 -182.77
CA PHE I 840 40.95 159.83 -181.85
CA SER I 841 41.74 156.18 -181.88
CA THR I 842 43.96 154.07 -180.80
CA ASP I 843 44.43 150.62 -179.37
CA GLU I 844 46.54 149.67 -182.33
CA LEU I 845 48.88 152.53 -181.69
CA VAL I 846 49.16 151.57 -178.07
CA ALA I 847 49.69 147.91 -178.77
CA GLU I 848 52.49 148.70 -181.17
CA VAL I 849 54.11 151.06 -178.72
CA GLU I 850 53.90 148.64 -175.82
CA LYS I 851 55.60 145.62 -177.32
CA ARG I 852 58.22 147.92 -178.71
CA ASN I 853 58.88 148.97 -175.13
CA ARG I 854 58.10 152.32 -176.71
CA LEU I 855 57.88 153.01 -172.46
CA LYS I 856 59.55 156.31 -171.76
CA LEU I 857 57.85 157.83 -174.82
CA LEU I 858 54.69 155.80 -174.53
CA LEU I 859 53.85 157.49 -171.28
CA PRO I 860 53.92 160.89 -172.91
CA TRP I 861 51.72 159.94 -175.82
CA LEU I 862 49.06 158.67 -173.48
CA GLU I 863 49.38 161.96 -171.75
CA ALA I 864 48.03 163.64 -174.87
CA ARG I 865 45.44 161.00 -175.65
CA ILE I 866 43.60 161.66 -172.42
CA HIS I 867 42.51 164.96 -173.88
CA GLU I 868 40.80 163.19 -176.76
CA GLY I 869 37.05 163.05 -176.38
CA CYS I 870 37.30 159.50 -177.66
CA GLU I 871 39.38 158.71 -174.56
CA GLU I 872 39.05 155.15 -170.83
CA PRO I 873 40.18 154.22 -167.40
CA ALA I 874 42.13 151.36 -168.88
CA THR I 875 44.48 153.89 -170.37
CA HIS I 876 44.84 155.92 -167.23
CA ASN I 877 45.58 152.92 -165.13
CA ALA I 878 48.13 151.68 -167.63
CA LEU I 879 49.88 155.01 -167.84
CA ALA I 880 50.36 155.41 -164.14
CA LYS I 881 51.77 151.96 -163.70
CA ILE I 882 54.19 152.47 -166.55
CA TYR I 883 54.87 155.87 -165.07
CA ILE I 884 55.69 154.13 -161.83
CA ASP I 885 58.86 153.24 -163.66
CA SER I 886 59.51 156.93 -164.28
CA ASN I 887 58.62 158.14 -160.80
CA ASN I 888 58.45 161.88 -161.22
CA ASN I 889 55.46 161.80 -163.54
CA PRO I 890 53.26 159.60 -161.45
CA GLU I 891 52.55 162.13 -158.75
CA ARG I 892 51.02 164.63 -161.11
CA PHE I 893 49.27 161.86 -162.93
CA LEU I 894 47.32 160.63 -159.95
CA ARG I 895 46.52 164.20 -159.17
CA GLU I 896 45.33 164.70 -162.71
CA ASN I 897 43.05 161.78 -163.24
CA PRO I 898 40.77 160.22 -160.77
CA TYR I 899 39.63 157.60 -163.22
CA TYR I 900 42.08 154.84 -162.53
CA ASP I 901 41.65 151.31 -161.23
CA SER I 902 43.23 153.33 -158.71
CA ARG I 903 44.08 149.85 -157.57
CA VAL I 904 46.41 149.29 -160.45
CA VAL I 905 48.10 152.63 -160.08
CA GLY I 906 48.64 152.08 -156.42
CA LYS I 907 50.53 148.85 -156.85
CA TYR I 908 52.70 150.61 -159.35
CA CYS I 909 53.18 153.51 -156.97
CA GLU I 910 53.95 151.04 -154.24
CA LYS I 911 57.11 150.15 -156.04
CA ARG I 912 57.72 153.87 -156.31
CA ASP I 913 57.61 156.55 -153.64
CA PRO I 914 54.83 156.69 -151.16
CA HIS I 915 54.14 160.40 -151.40
CA LEU I 916 51.87 159.92 -154.36
CA ALA I 917 50.41 156.85 -152.74
CA CYS I 918 49.06 158.88 -149.90
CA VAL I 919 47.32 161.13 -152.37
CA ALA I 920 45.70 158.23 -154.14
CA TYR I 921 44.80 156.45 -150.96
CA GLU I 922 43.25 159.69 -149.88
CA ARG I 923 41.15 160.06 -153.01
CA GLY I 924 40.53 156.32 -153.06
CA GLN I 925 39.02 157.00 -149.71
CA CYS I 926 41.16 154.23 -148.39
CA ASP I 927 41.94 156.34 -145.36
CA LEU I 928 43.41 153.56 -143.29
CA GLU I 929 46.04 153.05 -145.94
CA LEU I 930 46.77 156.74 -146.14
CA ILE I 931 47.45 156.91 -142.44
CA ASN I 932 49.63 153.87 -142.11
CA VAL I 933 51.68 154.90 -145.08
CA CYS I 934 51.84 158.41 -143.65
CA ASN I 935 53.18 156.92 -140.47
CA GLU I 936 56.44 156.42 -142.22
CA ASN I 937 56.24 159.95 -143.54
CA SER I 938 53.45 162.47 -143.89
CA LEU I 939 52.17 165.95 -143.27
CA PHE I 940 50.66 166.81 -139.93
CA LYS I 941 47.74 168.78 -141.28
CA SER I 942 46.49 166.07 -143.58
CA LEU I 943 46.95 163.59 -140.79
CA SER I 944 44.54 165.42 -138.59
CA ARG I 945 41.84 165.32 -141.21
CA TYR I 946 42.26 161.76 -142.45
CA LEU I 947 42.85 160.02 -139.14
CA VAL I 948 39.27 160.66 -138.17
CA ARG I 949 37.98 158.96 -141.29
CA ARG I 950 39.95 155.82 -140.47
CA LYS I 951 37.77 152.79 -139.93
CA ASP I 952 40.07 150.90 -137.60
CA PRO I 953 40.05 152.83 -134.41
CA GLU I 954 43.14 150.91 -133.37
CA LEU I 955 45.13 153.20 -135.60
CA TRP I 956 44.33 155.98 -133.21
CA GLY I 957 46.17 154.25 -130.44
CA SER I 958 48.92 153.58 -132.90
CA VAL I 959 49.09 157.20 -133.94
CA LEU I 960 49.11 158.51 -130.40
CA LEU I 961 52.13 156.38 -129.74
CA GLU I 962 53.65 157.62 -132.93
CA SER I 963 53.20 161.19 -131.87
CA ASN I 964 54.47 160.90 -128.33
CA PRO I 965 57.80 159.29 -128.97
CA TYR I 966 58.29 161.53 -131.89
CA ARG I 967 60.12 164.47 -130.55
CA ARG I 968 57.67 166.93 -131.57
CA PRO I 969 56.21 169.85 -130.56
CA LEU I 970 52.93 171.60 -129.50
CA ILE I 971 51.56 174.85 -130.50
CA ASP I 972 49.02 175.35 -133.22
CA GLN I 973 46.66 172.56 -133.99
CA VAL I 974 48.64 169.50 -133.00
CA VAL I 975 48.34 167.25 -130.01
CA GLN I 976 45.60 169.28 -128.40
CA THR I 977 43.62 169.77 -131.55
CA ALA I 978 44.29 166.22 -132.61
CA LEU I 979 43.24 164.85 -129.28
CA SER I 980 39.92 166.56 -129.63
CA GLU I 981 39.18 164.79 -132.88
CA THR I 982 40.36 161.45 -131.64
CA GLN I 983 38.84 162.01 -128.52
CA ASP I 984 38.14 158.22 -128.47
CA PRO I 985 39.74 156.61 -128.13
CA GLU I 986 43.05 154.86 -126.37
CA GLU I 987 46.52 153.58 -126.07
CA VAL I 988 46.04 156.52 -123.96
CA SER I 989 49.09 155.81 -121.88
CA VAL I 990 51.26 156.02 -124.95
CA THR I 991 50.32 159.61 -125.51
CA VAL I 992 50.72 160.34 -121.83
CA LYS I 993 54.11 158.72 -121.59
CA ALA I 994 55.32 160.87 -124.42
CA PHE I 995 54.03 164.01 -122.79
CA MET I 996 55.62 163.25 -119.45
CA THR I 997 59.13 162.65 -120.77
CA ALA I 998 58.80 165.87 -122.70
CA ASP I 999 58.07 167.46 -119.34
CA LEU I 1000 55.00 168.61 -121.19
CA PRO I 1001 52.44 167.78 -118.43
CA ASN I 1002 51.96 172.13 -116.95
CA GLU I 1003 49.95 170.80 -119.88
CA LEU I 1004 49.47 167.36 -118.39
CA ILE I 1005 47.47 168.83 -115.58
CA GLU I 1006 45.48 170.91 -118.01
CA LEU I 1007 44.35 167.95 -120.09
CA LEU I 1008 43.44 165.89 -117.07
CA GLU I 1009 41.19 168.61 -115.80
CA LYS I 1010 39.28 168.31 -119.06
CA ILE I 1011 39.27 164.53 -118.92
CA VAL I 1012 37.23 164.28 -115.76
CA LEU I 1013 34.21 165.93 -117.30
CA ASP I 1014 34.72 164.50 -120.75
CA ASN I 1015 32.64 161.41 -121.26
CA SER I 1016 33.87 161.60 -124.82
CA VAL I 1017 37.33 161.15 -123.43
CA PHE I 1018 37.92 158.39 -120.87
CA SER I 1019 35.12 158.53 -118.38
CA GLU I 1020 35.96 159.84 -114.98
CA HIS I 1021 37.72 157.23 -112.96
CA ARG I 1022 39.50 156.97 -109.66
CA ASN I 1023 42.89 156.86 -111.26
CA LEU I 1024 42.53 160.23 -112.89
CA GLN I 1025 41.24 161.91 -109.81
CA ASN I 1026 44.01 160.32 -107.87
CA LEU I 1027 46.71 161.62 -110.14
CA LEU I 1028 45.31 165.10 -110.54
CA ILE I 1029 45.29 165.85 -106.89
CA LEU I 1030 48.82 164.57 -106.50
CA THR I 1031 50.04 166.71 -109.30
CA ALA I 1032 47.99 169.57 -107.98
CA ILE I 1033 49.73 169.56 -104.64
CA LYS I 1034 53.19 169.99 -106.08
CA ALA I 1035 52.06 171.80 -109.22
CA ASP I 1036 49.32 174.08 -107.98
CA ARG I 1037 48.58 174.07 -104.27
CA THR I 1038 45.70 176.50 -104.58
CA ARG I 1039 43.78 174.07 -106.76
CA VAL I 1040 44.52 171.18 -104.45
CA MET I 1041 41.92 172.38 -101.95
CA GLU I 1042 39.06 172.87 -104.38
CA TYR I 1043 39.73 169.57 -106.00
CA ILE I 1044 39.58 167.59 -102.79
CA ASN I 1045 36.10 168.71 -101.93
CA ARG I 1046 34.98 167.77 -105.43
CA LEU I 1047 37.29 164.76 -105.25
CA ASP I 1048 35.01 162.24 -103.59
CA ASN I 1049 36.28 158.99 -105.00
CA TYR I 1050 39.98 159.23 -104.58
CA ASP I 1051 42.55 156.84 -103.18
CA ALA I 1052 42.90 158.88 -100.03
CA PRO I 1053 46.04 157.41 -98.68
CA ASP I 1054 47.75 158.55 -101.84
CA ILE I 1055 46.59 162.10 -101.37
CA ALA I 1056 47.61 162.22 -97.79
CA ASN I 1057 51.23 161.35 -98.26
CA ILE I 1058 51.19 163.83 -101.07
CA ALA I 1059 49.79 166.63 -98.91
CA ILE I 1060 52.11 165.77 -96.06
CA SER I 1061 54.98 166.22 -98.41
CA ASN I 1062 53.78 169.60 -99.45
CA GLU I 1063 52.71 171.15 -96.15
CA LEU I 1064 49.03 171.04 -97.09
CA PHE I 1065 48.00 171.18 -93.39
CA GLU I 1066 44.52 172.58 -93.74
CA GLU I 1067 43.76 170.23 -96.59
CA ALA I 1068 45.34 167.36 -94.75
CA PHE I 1069 42.95 167.89 -91.91
CA ALA I 1070 40.06 167.78 -94.33
CA ILE I 1071 41.11 164.42 -95.76
CA PHE I 1072 41.98 162.98 -92.40
CA ARG I 1073 38.53 164.07 -91.37
CA LYS I 1074 36.79 162.33 -94.26
CA PHE I 1075 39.13 159.36 -94.09
CA ASP I 1076 37.86 159.19 -90.56
CA VAL I 1077 41.42 159.25 -89.02
CA ASN I 1078 40.95 161.25 -85.55
CA THR I 1079 44.41 160.50 -84.18
CA SER I 1080 45.87 162.00 -87.32
CA ALA I 1081 43.69 165.07 -87.06
CA VAL I 1082 44.91 165.83 -83.60
CA GLN I 1083 48.53 165.12 -84.35
CA VAL I 1084 48.42 167.42 -87.34
CA LEU I 1085 46.56 169.91 -85.20
CA ILE I 1086 49.39 169.94 -82.76
CA GLU I 1087 51.92 171.07 -85.33
CA HIS I 1088 49.74 173.74 -86.84
CA ILE I 1089 47.42 175.34 -84.40
CA GLY I 1090 44.05 174.49 -85.80
CA ASN I 1091 41.13 175.59 -83.68
CA LEU I 1092 40.48 175.16 -80.00
CA ASP I 1093 36.86 174.18 -80.38
CA ARG I 1094 37.42 171.37 -82.82
CA ALA I 1095 40.27 170.16 -80.71
CA TYR I 1096 37.94 169.57 -77.82
CA GLU I 1097 35.61 167.47 -79.91
CA PHE I 1098 38.14 165.38 -81.82
CA ALA I 1099 40.50 164.62 -78.98
CA GLU I 1100 37.94 162.46 -77.27
CA ARG I 1101 37.46 160.38 -80.39
CA CYS I 1102 41.17 159.63 -80.43
CA ASN I 1103 41.87 155.94 -79.98
CA GLU I 1104 45.29 156.30 -78.38
CA PRO I 1105 44.97 157.63 -74.91
CA ALA I 1106 48.61 158.60 -75.04
CA VAL I 1107 47.56 161.51 -77.17
CA TRP I 1108 45.87 163.02 -74.17
CA SER I 1109 49.05 163.19 -72.16
CA GLN I 1110 50.90 164.50 -75.18
CA LEU I 1111 48.02 166.90 -75.72
CA ALA I 1112 48.15 168.11 -72.16
CA LYS I 1113 51.79 168.95 -72.59
CA ALA I 1114 51.08 170.81 -75.80
CA GLN I 1115 48.48 172.97 -74.15
CA LEU I 1116 50.70 173.29 -71.17
CA GLN I 1117 53.47 174.78 -73.25
CA LYS I 1118 51.26 176.80 -75.56
CA GLY I 1119 48.93 178.01 -72.89
CA MET I 1120 48.18 176.46 -69.54
CA VAL I 1121 45.33 178.79 -68.82
CA LYS I 1122 42.17 179.34 -70.79
CA GLU I 1123 43.02 176.27 -72.77
CA ALA I 1124 44.43 173.46 -70.73
CA ILE I 1125 41.80 173.90 -68.07
CA ASP I 1126 38.95 173.61 -70.52
CA SER I 1127 40.76 170.81 -72.29
CA TYR I 1128 41.29 168.91 -69.08
CA ILE I 1129 37.62 168.76 -68.37
CA LYS I 1130 36.97 167.03 -71.64
CA ALA I 1131 39.92 164.75 -71.03
CA ASP I 1132 42.14 163.13 -69.77
CA ASP I 1133 42.86 160.42 -67.29
CA PRO I 1134 44.58 159.36 -66.25
CA SER I 1135 46.16 159.77 -62.71
CA SER I 1136 49.50 161.55 -62.83
CA TYR I 1137 53.53 163.90 -59.42
CA MET I 1138 56.19 166.28 -58.24
CA GLU I 1139 56.10 168.44 -61.32
CA VAL I 1140 52.36 168.47 -61.54
CA VAL I 1141 52.05 169.80 -58.02
CA GLN I 1142 54.96 172.12 -58.65
CA ALA I 1143 53.15 173.60 -61.59
CA ALA I 1144 49.98 174.05 -59.60
CA ASN I 1145 51.69 175.92 -56.82
CA THR I 1146 53.60 178.28 -59.08
CA SER I 1147 50.38 179.18 -60.83
CA GLY I 1148 49.31 179.94 -57.32
CA ASN I 1149 46.18 177.94 -57.75
CA TRP I 1150 46.49 175.95 -54.56
CA GLU I 1151 42.75 175.88 -54.25
CA GLU I 1152 42.41 174.08 -57.54
CA LEU I 1153 45.16 171.61 -56.88
CA VAL I 1154 43.77 170.58 -53.54
CA LYS I 1155 40.41 170.24 -55.22
CA TYR I 1156 41.63 167.82 -57.90
CA LEU I 1157 43.57 165.71 -55.47
CA GLN I 1158 40.37 165.24 -53.60
CA MET I 1159 38.83 163.67 -56.69
CA ALA I 1160 42.04 161.86 -57.60
CA ARG I 1161 42.13 159.84 -54.44
CA LYS I 1162 39.05 157.96 -55.46
CA LYS I 1163 40.24 157.19 -58.97
CA ALA I 1164 43.65 155.94 -58.07
CA ARG I 1165 45.13 155.82 -54.69
CA GLU I 1166 48.71 155.77 -54.30
CA SER I 1167 51.08 157.66 -52.92
CA TYR I 1168 52.48 160.31 -55.12
CA VAL I 1169 49.12 161.97 -55.55
CA GLU I 1170 48.09 161.71 -51.92
CA THR I 1171 51.48 162.90 -50.81
CA GLU I 1172 51.02 165.86 -53.11
CA LEU I 1173 47.61 166.80 -51.82
CA ILE I 1174 48.76 166.87 -48.25
CA PHE I 1175 51.72 169.05 -49.07
CA ALA I 1176 49.50 171.46 -50.91
CA LEU I 1177 47.00 171.44 -48.13
CA ALA I 1178 49.54 172.53 -45.62
CA LYS I 1179 51.15 175.10 -47.87
CA THR I 1180 48.12 176.65 -49.43
CA ASN I 1181 47.13 177.75 -45.99
CA ARG I 1182 44.45 175.17 -46.03
CA LEU I 1183 45.84 173.50 -42.96
CA ALA I 1184 42.42 172.49 -41.77
CA GLU I 1185 42.12 170.15 -44.70
CA LEU I 1186 45.54 168.77 -43.94
CA GLU I 1187 44.45 167.18 -40.70
CA GLU I 1188 41.51 165.13 -41.92
CA PHE I 1189 43.37 164.07 -45.00
CA ILE I 1190 46.27 162.66 -43.07
CA ASN I 1191 43.98 160.58 -40.98
CA GLY I 1192 42.36 158.66 -43.76
CA PRO I 1193 45.17 158.12 -46.14
CA ASN I 1194 47.96 155.94 -44.81
CA ASN I 1195 49.32 155.74 -48.32
CA ALA I 1196 51.65 158.66 -48.53
CA HIS I 1197 55.30 159.26 -48.07
CA ILE I 1198 55.48 160.12 -44.42
CA GLN I 1199 58.90 161.68 -44.45
CA GLN I 1200 58.01 164.15 -47.14
CA VAL I 1201 54.71 164.93 -45.51
CA GLY I 1202 56.43 165.59 -42.21
CA ASP I 1203 58.94 167.96 -43.73
CA ARG I 1204 55.92 169.74 -45.09
CA CYS I 1205 54.23 170.06 -41.69
CA TYR I 1206 57.52 170.97 -40.09
CA ASP I 1207 57.73 174.14 -42.10
CA GLU I 1208 53.98 174.56 -41.71
CA LYS I 1209 54.04 174.48 -37.92
CA MET I 1210 51.54 171.65 -37.74
CA TYR I 1211 52.53 170.97 -34.10
CA ASP I 1212 49.10 169.63 -33.19
CA ALA I 1213 48.80 167.42 -36.27
CA ALA I 1214 52.30 165.87 -36.17
CA LYS I 1215 51.66 165.29 -32.45
CA LEU I 1216 49.19 162.63 -33.57
CA LEU I 1217 51.23 161.50 -36.59
CA TYR I 1218 54.39 160.94 -34.56
CA ASN I 1219 52.13 159.32 -31.97
CA ASN I 1220 50.84 156.40 -34.09
CA VAL I 1221 54.14 155.78 -35.90
CA SER I 1222 55.38 156.07 -32.31
CA ASN I 1223 58.52 158.10 -33.00
CA PHE I 1224 58.63 159.32 -29.41
CA GLY I 1225 61.84 161.09 -30.40
CA ARG I 1226 59.75 163.80 -32.03
CA LEU I 1227 56.46 163.02 -30.25
CA ALA I 1228 58.08 164.31 -27.06
CA SER I 1229 59.92 167.04 -28.95
CA THR I 1230 56.70 168.49 -30.41
CA LEU I 1231 54.73 168.01 -27.15
CA VAL I 1232 57.21 170.42 -25.54
CA HIS I 1233 57.11 172.76 -28.53
CA LEU I 1234 53.37 172.66 -27.68
CA GLY I 1235 53.70 173.52 -23.99
CA GLU I 1236 52.29 170.11 -23.03
CA TYR I 1237 55.27 169.51 -20.72
CA GLN I 1238 54.16 166.79 -18.33
CA ALA I 1239 53.22 164.56 -21.29
CA ALA I 1240 56.40 165.44 -23.19
CA VAL I 1241 58.29 163.89 -20.27
CA ASP I 1242 56.34 160.72 -20.98
CA GLY I 1243 57.37 160.69 -24.61
CA ALA I 1244 60.97 161.17 -23.55
CA ARG I 1245 60.57 158.18 -21.25
CA LYS I 1246 59.25 155.93 -24.01
CA ALA I 1247 61.83 157.45 -26.37
CA ASN I 1248 64.49 156.38 -23.84
CA SER I 1249 67.17 158.59 -25.38
CA THR I 1250 69.75 160.84 -23.71
CA ARG I 1251 70.02 163.61 -26.30
CA THR I 1252 66.24 163.52 -26.05
CA TRP I 1253 65.92 164.03 -22.28
CA LYS I 1254 68.25 167.00 -22.79
CA GLU I 1255 65.80 168.69 -25.19
CA VAL I 1256 62.87 168.04 -22.84
CA CYS I 1257 64.69 168.81 -19.59
CA PHE I 1258 66.20 172.03 -20.90
CA ALA I 1259 62.92 173.27 -22.35
CA CYS I 1260 61.04 172.03 -19.26
CA VAL I 1261 63.44 174.42 -17.46
CA ASP I 1262 62.86 177.32 -19.82
CA GLY I 1263 59.17 176.89 -19.04
CA LYS I 1264 60.14 176.98 -15.37
CA GLU I 1265 58.58 173.56 -14.76
CA PHE I 1266 60.88 172.17 -12.12
CA ARG I 1267 59.49 169.11 -10.34
CA LEU I 1268 59.28 167.87 -13.93
CA ALA I 1269 62.65 169.19 -15.15
CA GLN I 1270 64.03 167.39 -12.09
CA MET I 1271 62.76 163.82 -12.57
CA CYS I 1272 63.43 164.62 -16.23
CA GLY I 1273 66.97 165.59 -15.23
CA LEU I 1274 67.84 162.57 -13.10
CA HIS I 1275 68.13 160.62 -16.34
CA ILE I 1276 71.01 162.86 -17.41
CA VAL I 1277 73.25 163.46 -14.37
CA VAL I 1278 74.17 159.77 -14.28
CA HIS I 1279 75.87 160.34 -17.63
CA ALA I 1280 45.84 171.96 -159.07
CA ASP I 1281 49.22 172.98 -160.49
CA GLU I 1282 47.24 175.36 -162.71
CA LEU I 1283 44.34 176.61 -160.52
CA GLU I 1284 46.36 179.53 -159.12
CA GLU I 1285 47.58 181.21 -162.33
CA LEU I 1286 44.03 180.88 -163.69
CA ILE I 1287 42.68 182.75 -160.66
CA ASN I 1288 45.50 185.30 -160.36
CA TYR I 1289 44.79 186.11 -164.00
CA TYR I 1290 40.99 186.61 -163.65
CA GLN I 1291 41.87 188.72 -160.58
CA ASP I 1292 44.15 191.43 -161.99
CA ARG I 1293 41.83 191.77 -165.00
CA GLY I 1294 39.40 192.56 -162.19
CA TYR I 1295 36.88 189.99 -163.37
CA PHE I 1296 36.18 188.67 -159.90
CA GLU I 1297 32.46 188.38 -160.68
CA GLU I 1298 32.92 185.86 -163.49
CA LEU I 1299 35.79 184.00 -161.81
CA ILE I 1300 33.41 183.09 -158.98
CA THR I 1301 30.64 182.24 -161.48
CA MET I 1302 32.86 179.62 -163.11
CA LEU I 1303 34.00 178.03 -159.88
CA GLU I 1304 30.25 177.90 -159.11
CA ALA I 1305 29.99 175.26 -161.87
CA ALA I 1306 33.40 173.60 -161.42
CA LEU I 1307 32.25 172.33 -158.05
CA GLY I 1308 30.07 169.92 -160.01
CA LEU I 1309 32.98 168.55 -162.04
CA GLU I 1310 33.92 164.94 -161.27
CA ARG I 1311 37.56 166.05 -160.93
CA ALA I 1312 36.74 168.89 -158.47
CA HIS I 1313 39.43 169.28 -155.82
CA MET I 1314 40.31 170.86 -152.47
CA GLY I 1315 42.07 173.85 -154.03
CA MET I 1316 38.81 174.80 -155.73
CA PHE I 1317 36.52 174.72 -152.69
CA THR I 1318 39.21 176.50 -150.62
CA GLU I 1319 39.45 179.27 -153.22
CA LEU I 1320 35.74 179.73 -153.70
CA ALA I 1321 35.24 180.22 -149.98
CA ILE I 1322 38.03 182.80 -149.82
CA LEU I 1323 36.59 184.71 -152.80
CA TYR I 1324 33.08 184.46 -151.38
CA SER I 1325 34.29 186.02 -148.14
CA LYS I 1326 35.62 189.20 -149.74
CA PHE I 1327 33.03 189.36 -152.59
CA LYS I 1328 29.84 187.54 -151.53
CA PRO I 1329 29.79 187.06 -147.74
CA GLN I 1330 26.16 185.96 -147.71
CA LYS I 1331 27.18 182.87 -149.71
CA MET I 1332 30.32 182.23 -147.58
CA ARG I 1333 28.11 180.47 -145.03
CA GLU I 1334 25.99 177.93 -146.94
CA HIS I 1335 29.25 177.09 -148.71
CA LEU I 1336 31.11 176.03 -145.57
CA GLU I 1337 27.81 174.47 -144.54
CA LEU I 1338 28.30 171.90 -147.37
CA PHE I 1339 31.99 171.82 -148.24
CA TRP I 1340 33.81 172.55 -144.98
CA SER I 1341 35.32 169.07 -145.15
CA ARG I 1342 36.70 169.50 -148.67
CA VAL I 1343 38.71 172.66 -147.90
CA ASN I 1344 41.99 173.82 -146.30
CA ILE I 1345 40.51 175.11 -143.04
CA PRO I 1346 43.41 177.19 -141.73
CA LYS I 1347 43.46 179.26 -144.92
CA VAL I 1348 39.66 179.75 -144.98
CA LEU I 1349 39.80 180.89 -141.35
CA ARG I 1350 42.50 183.54 -141.86
CA ALA I 1351 40.10 184.59 -144.65
CA ALA I 1352 37.00 185.11 -142.46
CA GLU I 1353 39.18 186.58 -139.72
CA GLN I 1354 40.22 189.19 -142.26
CA ALA I 1355 36.58 189.49 -143.41
CA HIS I 1356 34.99 189.75 -139.94
CA LEU I 1357 32.49 186.93 -140.65
CA TRP I 1358 32.32 185.97 -136.98
CA ALA I 1359 29.26 183.72 -137.32
CA GLU I 1360 31.12 181.51 -139.83
CA LEU I 1361 34.45 181.77 -138.02
CA VAL I 1362 32.81 180.03 -135.05
CA PHE I 1363 31.44 177.37 -137.36
CA LEU I 1364 34.88 176.41 -138.63
CA TYR I 1365 36.71 176.98 -135.32
CA ASP I 1366 34.11 174.50 -134.14
CA LYS I 1367 34.72 171.90 -136.86
CA TYR I 1368 38.50 172.39 -136.80
CA GLU I 1369 38.04 171.51 -133.12
CA GLU I 1370 39.67 174.78 -132.05
CA TYR I 1371 37.02 175.22 -129.32
CA ASP I 1372 38.87 177.79 -127.19
CA ASN I 1373 38.74 180.04 -130.26
CA ALA I 1374 35.07 179.42 -131.04
CA ILE I 1375 34.24 180.55 -127.50
CA ILE I 1376 36.58 183.53 -127.39
CA THR I 1377 34.94 184.58 -130.69
CA MET I 1378 31.32 184.10 -129.63
CA MET I 1379 32.28 186.23 -126.62
CA ASN I 1380 33.71 189.29 -128.43
CA HIS I 1381 31.15 189.28 -131.24
CA PRO I 1382 27.98 188.06 -129.51
CA THR I 1383 25.43 189.71 -131.78
CA ASP I 1384 26.81 187.76 -134.79
CA ALA I 1385 28.41 184.56 -133.44
CA TRP I 1386 26.93 183.87 -129.99
CA LYS I 1387 24.14 181.29 -129.78
CA GLU I 1388 22.85 180.11 -126.38
CA GLY I 1389 22.70 176.43 -127.23
CA GLN I 1390 26.03 175.90 -128.92
CA PHE I 1391 27.82 177.99 -126.31
CA LYS I 1392 26.70 175.39 -123.74
CA ASP I 1393 28.12 172.64 -125.98
CA ILE I 1394 31.48 174.10 -126.97
CA ILE I 1395 32.40 175.70 -123.63
CA THR I 1396 32.81 172.17 -122.29
CA LYS I 1397 35.38 171.08 -124.92
CA VAL I 1398 37.41 174.19 -124.00
CA ALA I 1399 40.99 173.39 -122.94
CA ASN I 1400 41.98 176.49 -121.02
CA VAL I 1401 39.57 176.24 -118.06
CA GLU I 1402 40.12 179.90 -117.25
CA LEU I 1403 37.64 180.60 -120.03
CA TYR I 1404 34.94 179.30 -117.68
CA TYR I 1405 35.50 182.11 -115.20
CA ARG I 1406 35.81 184.48 -118.14
CA ALA I 1407 32.50 183.18 -119.50
CA ILE I 1408 30.76 183.26 -116.10
CA GLN I 1409 31.61 186.95 -116.02
CA PHE I 1410 30.36 187.54 -119.56
CA TYR I 1411 27.02 185.80 -119.04
CA LEU I 1412 26.65 187.46 -115.65
CA GLU I 1413 27.10 190.99 -116.97
CA PHE I 1414 25.07 190.69 -120.21
CA LYS I 1415 22.95 187.49 -119.87
CA PRO I 1416 21.72 186.94 -116.27
CA LEU I 1417 18.93 184.44 -116.88
CA LEU I 1418 21.24 182.10 -118.74
CA LEU I 1419 23.97 182.21 -116.08
CA ASN I 1420 22.52 179.38 -114.02
CA ASP I 1421 21.95 176.88 -116.81
CA LEU I 1422 25.49 177.75 -117.97
CA LEU I 1423 26.86 177.23 -114.52
CA MET I 1424 25.27 173.78 -114.44
CA VAL I 1425 27.38 172.70 -117.43
CA LEU I 1426 30.57 174.27 -116.03
CA SER I 1427 30.15 172.46 -112.66
CA PRO I 1428 32.44 169.42 -113.24
CA ARG I 1429 35.56 171.53 -113.83
CA LEU I 1430 34.52 174.67 -111.96
CA ASP I 1431 36.39 175.70 -108.78
CA HIS I 1432 33.19 176.35 -106.77
CA THR I 1433 34.99 178.15 -103.95
CA ARG I 1434 36.52 180.43 -106.56
CA ALA I 1435 33.11 180.76 -108.21
CA VAL I 1436 31.17 181.54 -105.08
CA ASN I 1437 33.77 184.06 -103.94
CA TYR I 1438 33.37 186.02 -107.20
CA PHE I 1439 29.56 186.06 -107.09
CA SER I 1440 29.79 187.18 -103.47
CA LYS I 1441 32.25 190.04 -104.05
CA VAL I 1442 30.01 190.90 -106.99
CA LYS I 1443 27.01 190.66 -104.59
CA GLN I 1444 25.08 188.41 -106.95
CA LEU I 1445 24.60 185.29 -104.81
CA PRO I 1446 20.79 185.46 -104.87
CA LEU I 1447 20.88 184.90 -108.65
CA VAL I 1448 23.06 181.82 -108.59
CA LYS I 1449 20.97 180.18 -105.92
CA PRO I 1450 19.85 177.26 -108.20
CA TYR I 1451 23.51 176.52 -108.83
CA LEU I 1452 24.44 176.79 -105.19
CA ARG I 1453 21.90 174.15 -104.20
CA SER I 1454 23.10 172.01 -107.13
CA VAL I 1455 26.61 172.10 -105.64
CA GLN I 1456 26.12 172.41 -101.89
CA ASN I 1457 26.28 168.61 -101.68
CA HIS I 1458 30.09 169.04 -101.87
CA ASN I 1459 29.91 170.33 -98.27
CA ASN I 1460 31.92 173.25 -99.53
CA LYS I 1461 32.35 176.04 -96.95
CA SER I 1462 31.94 179.23 -98.95
CA VAL I 1463 28.96 177.43 -100.49
CA ASN I 1464 27.13 176.64 -97.25
CA GLU I 1465 27.95 179.99 -95.67
CA SER I 1466 26.87 181.68 -98.86
CA LEU I 1467 23.81 179.50 -99.27
CA ASN I 1468 22.75 179.90 -95.63
CA ASN I 1469 22.85 183.70 -95.80
CA LEU I 1470 20.21 183.35 -98.49
CA PHE I 1471 17.86 181.15 -96.51
CA ILE I 1472 18.26 183.72 -93.79
CA THR I 1473 17.55 186.90 -95.78
CA GLU I 1474 14.60 185.09 -97.26
CA GLU I 1475 13.43 183.99 -93.83
CA ASP I 1476 13.50 180.35 -94.98
CA TYR I 1477 14.27 178.63 -91.65
CA GLN I 1478 13.21 175.11 -92.62
CA ALA I 1479 15.72 175.25 -95.44
CA LEU I 1480 18.37 176.62 -93.08
CA ARG I 1481 17.74 173.85 -90.60
CA THR I 1482 18.30 171.13 -93.20
CA SER I 1483 21.37 172.87 -94.56
CA ILE I 1484 23.09 173.04 -91.19
CA ASP I 1485 21.96 169.46 -90.69
CA ALA I 1486 23.05 167.83 -93.95
CA TYR I 1487 26.23 169.90 -94.50
CA ASP I 1488 28.49 170.87 -91.60
CA ASN I 1489 31.30 172.95 -93.11
CA PHE I 1490 30.51 176.38 -91.64
CA ASP I 1491 31.08 178.61 -88.61
CA ASN I 1492 28.20 177.69 -86.28
CA ILE I 1493 29.18 180.13 -83.55
CA SER I 1494 29.21 183.01 -86.02
CA LEU I 1495 25.82 181.87 -87.30
CA ALA I 1496 24.68 181.15 -83.77
CA GLN I 1497 25.66 184.66 -82.70
CA ARG I 1498 24.18 186.24 -85.80
CA LEU I 1499 20.88 184.35 -85.26
CA GLU I 1500 20.29 184.35 -81.37
CA LYS I 1501 18.97 187.82 -81.04
CA HIS I 1502 16.46 187.17 -83.84
CA GLU I 1503 12.91 188.32 -83.28
CA LEU I 1504 11.33 185.21 -84.82
CA ILE I 1505 10.69 182.34 -82.42
CA GLU I 1506 11.58 179.69 -84.96
CA PHE I 1507 15.06 181.17 -85.13
CA ARG I 1508 15.58 181.86 -81.45
CA ARG I 1509 14.73 178.18 -80.99
CA ILE I 1510 17.41 177.28 -83.53
CA ALA I 1511 19.99 179.36 -81.72
CA ALA I 1512 19.24 177.39 -78.58
CA TYR I 1513 19.60 174.18 -80.57
CA LEU I 1514 22.98 175.40 -81.95
CA PHE I 1515 24.37 176.24 -78.49
CA LYS I 1516 23.29 172.60 -77.58
CA GLY I 1517 23.01 170.45 -80.90
CA ASN I 1518 26.53 171.55 -81.15
CA ASN I 1519 26.47 170.12 -77.68
CA ARG I 1520 26.68 173.50 -76.07
CA TRP I 1521 24.14 172.44 -73.46
CA LYS I 1522 25.07 175.22 -71.04
CA GLN I 1523 24.03 177.79 -73.61
CA SER I 1524 20.93 175.95 -74.62
CA VAL I 1525 19.79 175.96 -71.01
CA GLU I 1526 20.59 179.61 -70.46
CA LEU I 1527 18.78 180.41 -73.70
CA CYS I 1528 15.87 178.27 -72.58
CA LYS I 1529 15.81 180.25 -69.34
CA LYS I 1530 14.43 183.26 -71.34
CA ASP I 1531 12.19 180.99 -72.98
CA SER I 1532 13.48 178.20 -71.04
CA LEU I 1533 10.25 176.22 -71.40
CA TYR I 1534 8.86 173.26 -69.54
CA LYS I 1535 9.04 171.03 -72.57
CA ASP I 1536 12.43 170.23 -74.18
CA ALA I 1537 14.02 171.27 -70.93
CA MET I 1538 12.88 167.97 -69.54
CA GLN I 1539 14.10 166.15 -72.60
CA TYR I 1540 17.58 167.56 -72.98
CA ALA I 1541 18.38 168.03 -69.31
CA SER I 1542 18.79 164.29 -69.18
CA GLU I 1543 21.32 164.50 -72.01
CA SER I 1544 23.05 167.24 -69.99
CA LYS I 1545 26.17 165.88 -69.81
CA ASP I 1546 26.45 167.78 -66.53
CA THR I 1547 24.22 166.15 -64.03
CA GLU I 1548 24.89 168.79 -61.44
CA LEU I 1549 23.21 170.89 -63.50
CA ALA I 1550 20.50 168.59 -62.16
CA GLU I 1551 20.92 169.94 -58.67
CA GLU I 1552 21.23 173.43 -60.02
CA LEU I 1553 18.10 173.00 -62.10
CA LEU I 1554 16.11 171.49 -59.30
CA GLN I 1555 16.79 174.48 -57.14
CA TRP I 1556 16.15 176.86 -59.98
CA PHE I 1557 12.77 175.39 -60.89
CA LEU I 1558 11.63 175.31 -57.33
CA GLN I 1559 12.82 178.82 -56.60
CA GLU I 1560 11.90 180.38 -59.90
CA GLU I 1561 8.25 179.44 -59.51
CA LYS I 1562 8.38 175.72 -60.56
CA ARG I 1563 5.98 174.82 -60.60
CA GLU I 1564 7.59 172.23 -58.66
CA CYS I 1565 5.03 170.03 -56.94
CA PHE I 1566 3.50 168.83 -60.18
CA GLY I 1567 6.79 168.65 -62.02
CA ALA I 1568 8.21 166.75 -59.06
CA CYS I 1569 5.60 164.08 -59.48
CA LEU I 1570 6.41 163.71 -63.13
CA PHE I 1571 10.09 164.09 -62.36
CA THR I 1572 9.92 161.20 -59.92
CA CYS I 1573 8.50 159.13 -62.72
CA TYR I 1574 11.38 159.90 -65.03
CA ASP I 1575 13.81 159.09 -62.43
CA LEU I 1576 15.94 156.92 -64.09
CA LEU I 1577 19.35 158.79 -61.53
CA ARG I 1578 20.71 160.08 -57.95
CA PRO I 1579 19.46 161.42 -54.94
CA ASP I 1580 17.73 161.25 -52.31
CA VAL I 1581 19.45 164.12 -51.02
CA VAL I 1582 16.89 166.16 -52.88
CA LEU I 1583 14.12 164.38 -51.08
CA GLU I 1584 15.75 164.94 -47.74
CA THR I 1585 16.72 168.49 -48.57
CA ALA I 1586 13.24 169.25 -49.82
CA TRP I 1587 11.96 168.55 -46.34
CA ARG I 1588 14.05 171.44 -45.14
CA HIS I 1589 11.85 173.55 -47.34
CA ASN I 1590 8.14 173.09 -47.21
CA ILE I 1591 7.45 169.49 -48.23
CA MET I 1592 4.00 170.40 -49.32
CA ASP I 1593 5.88 170.76 -52.54
CA PHE I 1594 7.55 167.49 -51.91
CA ALA I 1595 4.70 165.51 -52.70
CA MET I 1596 4.54 164.24 -55.65
CA PRO I 1597 4.37 160.77 -55.07
CA TYR I 1598 2.35 159.10 -57.02
CA PHE I 1599 4.91 158.25 -59.48
CA ILE I 1600 7.64 158.19 -57.08
CA GLN I 1601 5.28 155.22 -56.41
CA VAL I 1602 6.20 153.74 -59.78
CA MET I 1603 9.88 153.84 -58.87
CA LYS I 1604 9.17 152.23 -55.57
CA GLU I 1605 7.24 149.43 -57.42
CA TYR I 1606 10.42 149.01 -59.42
CA LEU I 1607 12.63 148.50 -56.33
CA THR I 1608 10.27 146.02 -54.84
CA LYS I 1609 10.15 144.03 -58.03
CA VAL I 1610 13.98 143.88 -57.97
CA ASP I 1611 14.01 142.54 -54.39
CA LYS I 1612 11.24 140.09 -54.94
CA LEU I 1613 13.25 139.02 -57.95
CA ASP I 1614 16.65 138.65 -56.30
CA ALA I 1615 14.90 136.77 -53.57
CA SER I 1616 13.58 134.13 -55.94
CA GLU I 1617 17.10 133.99 -57.36
CA SER I 1618 18.88 133.34 -54.03
CA LEU I 1619 16.20 130.83 -53.08
CA ARG I 1620 16.71 129.04 -56.42
CA LYS I 1621 20.43 128.82 -55.45
CA GLU I 1622 19.89 127.65 -51.89
CA GLU I 1623 17.69 124.95 -53.33
CA GLU I 1624 20.69 123.99 -55.53
CA GLN I 1625 23.50 123.88 -52.99
CA ALA I 1626 21.06 122.13 -50.72
CA THR I 1627 20.25 119.39 -53.20
CA GLU I 1628 23.91 118.85 -54.05
CA THR I 1629 25.15 118.51 -50.46
CA GLN I 1630 22.51 115.97 -50.02
CA PRO J 1 -9.46 -103.29 41.34
CA ARG J 2 -12.90 -103.71 43.00
CA THR J 3 -13.28 -107.18 44.59
CA ILE J 4 -15.63 -107.88 47.53
CA ALA J 5 -12.38 -108.58 49.44
CA GLU J 6 -11.63 -104.84 49.82
CA MET J 7 -14.34 -104.82 52.51
CA ARG J 8 -13.18 -107.76 54.69
CA LYS J 9 -9.89 -105.80 54.58
CA GLU J 10 -11.01 -104.61 58.03
CA GLU J 11 -11.51 -108.08 59.54
CA MET J 12 -7.79 -108.75 58.92
CA ALA J 13 -6.97 -105.53 60.81
CA LYS J 14 -9.53 -106.43 63.51
CA GLU J 15 -6.83 -108.40 65.35
CA MET J 16 -3.31 -108.71 63.88
CA ASP J 17 -2.49 -111.09 66.74
CA PRO J 18 0.97 -112.68 65.99
CA GLU J 19 -0.88 -116.02 65.66
CA LYS J 20 -3.31 -114.85 62.96
CA LEU J 21 -0.45 -113.32 60.99
CA LYS J 22 0.53 -116.92 60.15
CA ILE J 23 -2.81 -117.27 58.32
CA LEU J 24 -2.18 -114.22 56.10
CA GLU J 25 1.00 -116.02 54.94
CA TRP J 26 -0.90 -119.27 54.37
CA ILE J 27 -3.62 -117.80 52.12
CA GLU J 28 -1.18 -115.69 50.05
CA GLY J 29 0.70 -118.92 49.42
CA LYS J 30 -1.95 -120.37 47.06
CA GLU J 31 -5.55 -119.19 47.55
CA ARG J 32 -6.31 -121.06 44.31
CA ASN J 33 -5.44 -124.67 45.23
CA ILE J 34 -8.22 -125.93 47.52
CA ARG J 35 -6.55 -129.37 47.50
CA ALA J 36 -3.63 -127.85 49.46
CA LEU J 37 -5.60 -125.31 51.56
CA LEU J 38 -7.53 -128.13 53.32
CA SER J 39 -4.40 -130.35 53.34
CA THR J 40 -2.19 -127.55 54.74
CA MET J 41 -4.67 -125.86 57.10
CA HIS J 42 -3.23 -127.87 60.02
CA THR J 43 -0.16 -125.60 59.95
CA VAL J 44 -2.44 -122.67 60.99
CA LEU J 45 -5.11 -124.02 63.40
CA TRP J 46 -5.48 -123.02 67.05
CA ALA J 47 -3.48 -124.90 69.70
CA GLY J 48 -5.96 -127.46 71.10
CA GLU J 49 -7.64 -129.13 68.11
CA THR J 50 -6.17 -132.66 68.12
CA LYS J 51 -8.93 -134.44 66.13
CA TRP J 52 -7.74 -133.08 62.77
CA LYS J 53 -5.92 -135.83 60.83
CA PRO J 54 -3.58 -134.06 58.33
CA VAL J 55 -4.29 -135.11 54.72
CA GLY J 56 -1.30 -136.69 53.00
CA MET J 57 -0.67 -134.49 49.91
CA ALA J 58 -0.83 -137.84 48.05
CA ASP J 59 -4.39 -138.43 49.36
CA LEU J 60 -5.90 -135.60 47.25
CA VAL J 61 -5.34 -136.74 43.63
CA THR J 62 -9.13 -137.07 43.05
CA PRO J 63 -12.23 -134.92 43.89
CA GLU J 64 -13.81 -137.72 45.97
CA GLN J 65 -10.78 -137.25 48.24
CA VAL J 66 -11.24 -133.45 48.38
CA LYS J 67 -15.05 -133.17 48.50
CA LYS J 68 -15.10 -135.97 51.09
CA VAL J 69 -12.61 -134.17 53.37
CA TYR J 70 -13.89 -130.65 52.56
CA ARG J 71 -16.92 -131.73 54.62
CA LYS J 72 -14.86 -132.59 57.74
CA ALA J 73 -12.52 -129.61 57.26
CA VAL J 74 -15.66 -127.49 57.68
CA LEU J 75 -16.51 -129.39 60.89
CA VAL J 76 -13.16 -128.26 62.33
CA VAL J 77 -14.39 -124.63 62.19
CA HIS J 78 -18.12 -125.15 62.78
CA PRO J 79 -19.39 -122.00 64.64
CA ASP J 80 -20.47 -124.02 67.70
CA LYS J 81 -16.76 -124.85 68.32
CA ALA J 82 -15.76 -121.22 67.56
CA THR J 83 -18.43 -119.38 69.58
CA GLY J 84 -16.88 -116.60 71.69
CA GLN J 85 -13.77 -118.84 71.90
CA PRO J 86 -10.23 -117.30 71.92
CA TYR J 87 -9.90 -118.59 68.30
CA GLU J 88 -13.38 -117.32 67.30
CA GLN J 89 -11.80 -114.95 64.73
CA TYR J 90 -9.83 -117.86 63.19
CA ALA J 91 -12.99 -119.73 62.11
CA LYS J 92 -14.35 -116.79 60.07
CA MET J 93 -10.95 -116.51 58.37
CA ILE J 94 -10.50 -120.22 57.44
CA PHE J 95 -14.28 -120.92 57.24
CA MET J 96 -14.79 -118.52 54.32
CA GLU J 97 -11.43 -119.21 52.63
CA LEU J 98 -12.23 -122.95 52.51
CA ASN J 99 -15.53 -121.93 50.84
CA ASP J 100 -13.79 -119.31 48.64
CA ALA J 101 -11.38 -121.53 46.64
CA TRP J 102 -14.07 -124.25 46.70
CA SER J 103 -16.12 -122.09 44.30
CA GLU J 104 -13.07 -122.01 42.01
CA PHE J 105 -12.25 -125.70 42.62
CA GLU J 106 -15.43 -126.47 40.67
CA ASN J 107 -14.06 -124.60 37.64
CA GLN J 108 -10.33 -125.04 38.39
CA GLY J 109 -10.63 -128.56 39.91
CA GLN J 110 -12.80 -130.20 37.21
CA LYS J 111 -9.66 -130.25 35.02
CA PRO J 112 -6.38 -132.28 34.78
CA LEU J 113 -4.74 -131.19 38.15
CA TYR J 114 -1.54 -133.32 38.35
CA PRO K 1 41.69 -43.72 75.66
CA ARG K 2 39.80 -41.62 78.25
CA THR K 3 36.37 -40.53 76.95
CA ILE K 4 33.42 -39.72 79.24
CA ALA K 5 31.81 -42.81 77.59
CA GLU K 6 33.94 -45.21 79.71
CA MET K 7 31.57 -44.33 82.60
CA ARG K 8 28.18 -44.93 80.94
CA LYS K 9 29.82 -48.29 80.11
CA GLU K 10 27.77 -49.51 83.10
CA GLU K 11 24.39 -48.27 81.80
CA MET K 12 24.82 -50.58 78.79
CA ALA K 13 25.45 -53.49 81.20
CA LYS K 14 22.53 -52.33 83.39
CA GLU K 15 20.15 -54.40 81.24
CA MET K 16 21.44 -56.33 78.20
CA ASP K 17 17.83 -57.22 77.40
CA PRO K 18 17.77 -58.86 73.89
CA GLU K 19 15.76 -55.80 72.73
CA LYS K 20 18.33 -53.21 73.82
CA LEU K 21 21.11 -55.22 72.16
CA LYS K 22 19.63 -54.01 68.85
CA ILE K 23 20.49 -50.44 69.91
CA LEU K 24 24.17 -51.26 70.51
CA GLU K 25 24.27 -52.40 66.85
CA TRP K 26 22.49 -49.25 65.68
CA ILE K 27 24.89 -46.77 67.35
CA GLU K 28 28.06 -48.65 66.29
CA GLY K 29 26.71 -48.39 62.74
CA LYS K 30 27.37 -44.65 62.43
CA GLU K 31 27.37 -42.59 65.66
CA ARG K 32 28.65 -39.71 63.49
CA ASN K 33 25.76 -39.21 61.02
CA ILE K 34 22.94 -37.54 62.94
CA ARG K 35 20.97 -37.31 59.65
CA ALA K 36 20.68 -41.12 59.68
CA LEU K 37 20.44 -41.68 63.47
CA LEU K 38 17.13 -39.74 63.62
CA SER K 39 16.04 -41.19 60.24
CA THR K 40 16.93 -44.78 61.30
CA MET K 41 15.90 -44.66 64.98
CA HIS K 42 12.52 -46.22 64.05
CA THR K 43 14.30 -49.57 63.58
CA VAL K 44 15.08 -49.57 67.35
CA LEU K 45 12.11 -47.99 69.19
CA TRP K 46 9.85 -49.79 71.68
CA ALA K 47 6.84 -51.71 70.38
CA GLY K 48 3.91 -49.31 70.87
CA GLU K 49 5.02 -45.91 69.54
CA THR K 50 2.95 -45.51 66.33
CA LYS K 51 3.11 -41.68 66.03
CA TRP K 52 6.69 -41.69 64.69
CA LYS K 53 6.67 -41.00 60.93
CA PRO K 54 9.95 -42.46 59.51
CA VAL K 55 12.03 -39.82 57.71
CA GLY K 56 12.67 -40.66 54.05
CA MET K 57 16.50 -40.73 53.74
CA ALA K 58 15.84 -38.28 50.85
CA ASP K 59 14.10 -35.85 53.26
CA LEU K 60 17.35 -34.96 55.11
CA VAL K 61 19.51 -33.27 52.43
CA THR K 62 19.37 -29.91 54.32
CA PRO K 63 19.74 -28.83 58.02
CA GLU K 64 16.23 -27.33 58.10
CA GLN K 65 15.06 -30.91 57.52
CA VAL K 66 17.27 -32.27 60.32
CA LYS K 67 16.98 -29.49 62.93
CA LYS K 68 13.21 -29.41 62.28
CA VAL K 69 12.81 -33.16 62.90
CA TYR K 70 15.51 -33.35 65.62
CA ARG K 71 12.93 -31.45 67.71
CA LYS K 72 10.18 -34.09 67.24
CA ALA K 73 12.64 -37.00 67.49
CA VAL K 74 13.32 -35.68 71.01
CA LEU K 75 9.57 -35.65 71.73
CA VAL K 76 9.49 -39.39 71.00
CA VAL K 77 11.73 -39.98 74.06
CA HIS K 78 10.57 -37.11 76.30
CA PRO K 79 10.97 -38.37 79.95
CA ASP K 80 7.23 -38.03 80.65
CA LYS K 81 6.60 -40.82 78.08
CA ALA K 82 9.55 -42.84 79.47
CA THR K 83 8.86 -42.50 83.21
CA GLY K 84 9.10 -45.87 84.97
CA GLN K 85 7.87 -47.40 81.67
CA PRO K 86 9.17 -50.83 80.47
CA TYR K 87 11.21 -48.88 77.85
CA GLU K 88 12.42 -46.29 80.40
CA GLN K 89 16.04 -47.39 79.82
CA TYR K 90 15.63 -46.93 76.04
CA ALA K 91 14.99 -43.18 76.31
CA LYS K 92 18.26 -42.49 78.18
CA MET K 93 20.09 -44.48 75.48
CA ILE K 94 18.55 -42.78 72.41
CA PHE K 95 17.89 -39.45 74.21
CA MET K 96 21.61 -38.78 74.80
CA GLU K 97 22.82 -40.31 71.52
CA LEU K 98 20.51 -38.00 69.55
CA ASN K 99 22.10 -35.13 71.53
CA ASP K 100 25.62 -36.64 71.18
CA ALA K 101 26.03 -36.62 67.37
CA TRP K 102 24.03 -33.37 67.30
CA SER K 103 27.03 -31.65 68.93
CA GLU K 104 29.15 -33.00 66.07
CA PHE K 105 26.47 -32.30 63.45
CA GLU K 106 27.17 -28.60 64.07
CA ASN K 107 30.83 -29.12 63.11
CA GLN K 108 30.36 -32.16 60.82
CA GLY K 109 26.95 -31.07 59.39
CA GLN K 110 27.80 -27.44 58.50
CA LYS K 111 29.78 -28.86 55.55
CA PRO K 112 29.04 -30.41 52.08
CA LEU K 113 27.28 -33.67 53.25
CA TYR K 114 26.12 -35.31 49.96
CA PRO L 1 49.52 -130.34 92.41
CA ARG L 2 48.63 -130.87 96.10
CA THR L 3 50.37 -128.30 98.36
CA ILE L 4 49.00 -127.23 101.76
CA ALA L 5 48.57 -123.81 100.07
CA GLU L 6 45.43 -124.97 98.20
CA MET L 7 43.62 -124.62 101.54
CA ARG L 8 44.67 -121.07 102.53
CA LYS L 9 43.37 -120.32 99.01
CA GLU L 10 40.26 -119.16 100.89
CA GLU L 11 42.05 -116.71 103.20
CA MET L 12 43.17 -114.77 100.10
CA ALA L 13 39.52 -114.61 98.97
CA LYS L 14 38.44 -113.72 102.53
CA GLU L 15 39.02 -110.03 101.73
CA MET L 16 40.38 -108.97 98.33
CA ASP L 17 40.55 -105.41 99.66
CA PRO L 18 42.46 -103.26 97.07
CA GLU L 19 45.19 -102.86 99.72
CA LYS L 20 45.79 -106.60 100.25
CA LEU L 21 45.94 -107.12 96.49
CA LYS L 22 49.35 -105.42 96.66
CA ILE L 23 50.55 -108.31 98.86
CA LEU L 24 49.54 -110.97 96.30
CA GLU L 25 51.86 -109.14 93.86
CA TRP L 26 54.66 -108.98 96.42
CA ILE L 27 54.72 -112.72 97.24
CA GLU L 28 54.46 -113.84 93.59
CA GLY L 29 57.51 -111.66 92.97
CA LYS L 30 59.93 -114.00 94.77
CA GLU L 31 58.49 -116.21 97.55
CA ARG L 32 61.91 -117.92 97.58
CA ASN L 33 64.24 -115.04 98.57
CA ILE L 34 63.67 -114.40 102.29
CA ARG L 35 66.50 -111.81 102.17
CA ALA L 36 64.28 -109.63 99.94
CA LEU L 37 60.88 -110.50 101.48
CA LEU L 38 61.90 -108.99 104.85
CA SER L 39 63.84 -106.18 103.08
CA THR L 40 60.89 -105.39 100.74
CA MET L 41 57.97 -105.97 103.13
CA HIS L 42 57.86 -102.20 103.85
CA THR L 43 56.28 -101.69 100.40
CA VAL L 44 53.20 -103.64 101.64
CA LEU L 45 52.64 -102.81 105.34
CA TRP L 46 49.60 -101.00 106.74
CA ALA L 47 49.57 -97.20 106.84
CA GLY L 48 50.60 -96.33 110.42
CA GLU L 49 53.64 -98.48 111.25
CA THR L 50 56.51 -95.94 111.34
CA LYS L 51 58.96 -97.93 113.52
CA TRP L 52 60.02 -100.23 110.66
CA LYS L 53 63.48 -99.23 109.39
CA PRO L 54 63.76 -100.52 105.77
CA VAL L 55 66.74 -102.86 105.31
CA GLY L 56 69.22 -101.63 102.70
CA MET L 57 69.40 -104.47 100.11
CA ALA L 58 73.18 -104.19 100.75
CA ASP L 59 72.63 -104.94 104.48
CA LEU L 60 71.60 -108.60 103.84
CA VAL L 61 74.75 -110.19 102.34
CA THR L 62 75.15 -112.49 105.40
CA PRO L 63 72.75 -114.66 107.53
CA GLU L 64 73.60 -112.74 110.73
CA GLN L 65 72.01 -109.77 108.94
CA VAL L 66 68.91 -111.78 107.97
CA LYS L 67 68.40 -113.91 111.09
CA LYS L 68 69.02 -110.80 113.21
CA VAL L 69 66.34 -108.77 111.38
CA TYR L 70 63.98 -111.74 110.81
CA ARG L 71 63.41 -111.46 114.58
CA LYS L 72 62.30 -107.78 114.42
CA ALA L 73 60.37 -108.29 111.15
CA VAL L 74 58.26 -110.75 113.17
CA LEU L 75 57.75 -108.10 115.88
CA VAL L 76 56.18 -105.84 113.23
CA VAL L 77 53.32 -108.38 112.85
CA HIS L 78 53.16 -109.75 116.41
CA PRO L 79 49.45 -110.71 117.03
CA ASP L 80 49.11 -108.24 119.91
CA LYS L 81 49.61 -105.38 117.37
CA ALA L 82 47.26 -107.12 114.88
CA THR L 83 44.42 -108.10 117.22
CA GLY L 84 41.03 -107.18 115.74
CA GLN L 85 42.85 -104.25 114.06
CA PRO L 86 41.83 -103.06 110.53
CA TYR L 87 45.08 -104.72 109.29
CA GLU L 88 44.48 -107.91 111.32
CA GLN L 89 44.28 -109.96 108.09
CA TYR L 90 47.63 -108.52 106.91
CA ALA L 91 49.58 -110.06 109.81
CA LYS L 92 48.42 -113.63 109.04
CA MET L 93 49.45 -113.07 105.41
CA ILE L 94 52.96 -111.65 106.04
CA PHE L 95 53.42 -113.50 109.39
CA MET L 96 53.29 -116.95 107.74
CA GLU L 97 55.06 -115.94 104.52
CA LEU L 98 58.04 -114.63 106.53
CA ASN L 99 58.06 -118.06 108.24
CA ASP L 100 57.45 -119.88 104.93
CA ALA L 101 60.56 -118.86 102.93
CA TRP L 102 62.51 -118.96 106.22
CA SER L 103 62.15 -122.76 106.16
CA GLU L 104 63.68 -122.70 102.67
CA PHE L 105 66.26 -120.03 103.60
CA GLU L 106 67.88 -122.72 105.78
CA ASN L 107 68.32 -124.95 102.71
CA GLN L 108 68.42 -122.21 100.05
CA GLY L 109 70.27 -119.61 102.23
CA GLN L 110 73.08 -121.83 103.58
CA LYS L 111 74.65 -121.59 100.09
CA PRO L 112 76.59 -118.97 98.00
CA LEU L 113 73.76 -116.32 97.58
CA TYR L 114 75.51 -113.41 95.78
CA PRO M 1 -5.62 -15.27 4.84
CA ARG M 2 -7.58 -12.97 7.21
CA THR M 3 -7.62 -9.36 5.93
CA ILE M 4 -10.38 -6.85 6.81
CA ALA M 5 -11.16 -7.02 3.05
CA GLU M 6 -12.91 -10.41 3.41
CA MET M 7 -15.83 -8.45 4.93
CA ARG M 8 -16.33 -5.76 2.25
CA LYS M 9 -16.41 -8.84 -0.03
CA GLU M 10 -20.20 -8.32 0.18
CA GLU M 11 -20.17 -4.67 -0.97
CA MET M 12 -18.63 -5.84 -4.27
CA ALA M 13 -21.49 -8.36 -4.64
CA LYS M 14 -24.01 -5.68 -3.56
CA GLU M 15 -24.30 -4.56 -7.20
CA MET M 16 -22.20 -6.20 -9.92
CA ASP M 17 -23.59 -3.63 -12.37
CA PRO M 18 -21.59 -3.95 -15.67
CA GLU M 19 -20.27 -0.43 -14.95
CA LYS M 20 -18.82 -1.24 -11.52
CA LEU M 21 -17.16 -4.37 -12.93
CA LYS M 22 -14.72 -1.96 -14.62
CA ILE M 23 -13.59 -0.84 -11.15
CA LEU M 24 -12.76 -4.40 -10.01
CA GLU M 25 -10.38 -4.53 -13.01
CA TRP M 26 -8.88 -1.14 -12.13
CA ILE M 27 -8.02 -1.98 -8.51
CA GLU M 28 -6.59 -5.44 -9.31
CA GLY M 29 -4.33 -3.65 -11.77
CA LYS M 30 -2.14 -2.05 -9.08
CA GLU M 31 -3.76 -1.40 -5.67
CA ARG M 32 -0.23 -0.50 -4.49
CA ASN M 33 0.62 2.52 -6.70
CA ILE M 34 -1.42 5.46 -5.38
CA ARG M 35 0.34 7.70 -7.94
CA ALA M 36 -1.46 5.80 -10.72
CA LEU M 37 -4.77 5.10 -8.89
CA LEU M 38 -5.53 8.85 -8.64
CA SER M 39 -4.02 9.46 -12.12
CA THR M 40 -6.01 6.57 -13.69
CA MET M 41 -9.29 6.90 -11.75
CA HIS M 42 -10.76 8.93 -14.64
CA THR M 43 -11.06 5.67 -16.64
CA VAL M 44 -13.64 4.46 -14.07
CA LEU M 45 -15.73 7.47 -12.92
CA TRP M 46 -19.47 7.91 -13.51
CA ALA M 47 -20.65 9.49 -16.77
CA GLY M 48 -21.31 13.15 -15.84
CA GLU M 49 -18.27 14.35 -13.85
CA THR M 50 -16.53 16.76 -16.26
CA LYS M 51 -14.55 18.82 -13.69
CA TRP M 52 -11.90 16.11 -13.20
CA LYS M 53 -8.68 17.09 -15.00
CA PRO M 54 -6.74 13.83 -15.69
CA VAL M 55 -3.25 13.89 -14.16
CA GLY M 56 -0.48 13.47 -16.73
CA MET M 57 1.47 10.36 -15.57
CA ALA M 58 4.48 12.71 -15.84
CA ASP M 59 2.89 15.12 -13.30
CA LEU M 60 3.29 12.67 -10.36
CA VAL M 61 7.09 12.28 -10.00
CA THR M 62 7.01 13.97 -6.53
CA PRO M 63 4.78 13.69 -3.40
CA GLU M 64 3.80 17.37 -3.56
CA GLN M 65 2.16 16.42 -6.88
CA VAL M 66 0.38 13.42 -5.33
CA LYS M 67 -0.57 14.81 -1.89
CA LYS M 68 -1.72 18.02 -3.61
CA VAL M 69 -4.03 16.15 -6.03
CA TYR M 70 -5.03 13.42 -3.52
CA ARG M 71 -6.98 16.26 -1.87
CA LYS M 72 -9.00 17.10 -5.01
CA ALA M 73 -9.37 13.43 -6.02
CA VAL M 74 -11.23 13.06 -2.70
CA LEU M 75 -13.45 16.03 -3.61
CA VAL M 76 -14.55 14.12 -6.73
CA VAL M 77 -16.19 11.48 -4.47
CA HIS M 78 -17.20 13.67 -1.50
CA PRO M 79 -20.42 12.09 -0.02
CA ASP M 80 -22.49 15.20 -0.73
CA LYS M 81 -21.99 14.56 -4.49
CA ALA M 82 -22.65 10.81 -3.99
CA THR M 83 -25.71 10.98 -1.73
CA GLY M 84 -28.44 8.62 -2.96
CA GLN M 85 -27.10 9.30 -6.49
CA PRO M 86 -27.08 6.51 -9.16
CA TYR M 87 -23.27 6.36 -8.63
CA GLU M 88 -23.58 6.41 -4.81
CA GLN M 89 -21.98 2.93 -4.62
CA TYR M 90 -19.02 4.10 -6.74
CA ALA M 91 -17.88 6.68 -4.15
CA LYS M 92 -17.57 4.11 -1.34
CA MET M 93 -15.51 1.93 -3.70
CA ILE M 94 -13.07 4.61 -4.93
CA PHE M 95 -13.32 6.73 -1.73
CA MET M 96 -11.81 3.99 0.46
CA GLU M 97 -9.38 2.65 -2.16
CA LEU M 98 -7.87 6.13 -2.59
CA ASN M 99 -7.44 6.12 1.23
CA ASP M 100 -6.25 2.49 1.23
CA ALA M 101 -3.09 2.75 -0.91
CA TRP M 102 -2.51 6.21 0.61
CA SER M 103 -1.68 4.47 3.90
CA GLU M 104 0.91 2.43 1.99
CA PHE M 105 2.06 5.42 -0.08
CA GLU M 106 3.50 6.81 3.17
CA ASN M 107 5.68 3.69 3.55
CA GLN M 108 5.91 2.74 -0.15
CA GLY M 109 5.98 6.36 -1.50
CA GLN M 110 8.64 7.82 0.84
CA LYS M 111 11.21 5.88 -1.23
CA PRO M 112 12.89 6.16 -4.70
CA LEU M 113 9.76 5.59 -6.95
CA TYR M 114 11.08 6.14 -10.52
CA PRO N 1 -52.40 -78.20 -35.93
CA ARG N 2 -55.87 -78.30 -34.33
CA THR N 3 -55.66 -78.41 -30.50
CA ILE N 4 -58.44 -77.13 -28.21
CA ALA N 5 -55.81 -74.52 -27.17
CA GLU N 6 -56.33 -72.50 -30.39
CA MET N 7 -59.58 -71.27 -28.79
CA ARG N 8 -58.28 -70.10 -25.38
CA LYS N 9 -55.82 -68.18 -27.61
CA GLU N 10 -58.20 -65.26 -26.92
CA GLU N 11 -58.05 -65.50 -23.11
CA MET N 12 -54.29 -64.83 -23.32
CA ALA N 13 -55.03 -61.71 -25.41
CA LYS N 14 -57.87 -60.76 -23.02
CA GLU N 15 -55.35 -58.91 -20.83
CA MET N 16 -51.63 -58.91 -21.71
CA ASP N 17 -50.99 -57.08 -18.43
CA PRO N 18 -47.16 -56.99 -17.86
CA GLU N 19 -47.77 -59.23 -14.83
CA LYS N 20 -49.56 -62.01 -16.74
CA LEU N 21 -46.83 -61.97 -19.39
CA LYS N 22 -44.64 -63.67 -16.76
CA ILE N 23 -47.06 -66.62 -16.83
CA LEU N 24 -46.75 -67.11 -20.60
CA GLU N 25 -42.99 -67.53 -19.99
CA TRP N 26 -43.60 -69.98 -17.14
CA ILE N 27 -45.87 -72.35 -19.08
CA GLU N 28 -43.68 -72.36 -22.23
CA GLY N 29 -40.83 -73.40 -19.93
CA LYS N 30 -42.15 -76.93 -19.38
CA GLU N 31 -45.92 -77.47 -19.69
CA ARG N 32 -45.13 -81.21 -19.42
CA ASN N 33 -43.53 -81.45 -15.94
CA ILE N 34 -46.35 -81.09 -13.41
CA ARG N 35 -43.81 -81.75 -10.62
CA ALA N 36 -42.16 -78.40 -11.47
CA LEU N 37 -45.30 -76.44 -12.46
CA LEU N 38 -46.73 -76.76 -8.92
CA SER N 39 -43.23 -76.37 -7.39
CA THR N 40 -42.45 -73.28 -9.53
CA MET N 41 -45.88 -71.62 -9.59
CA HIS N 42 -44.81 -69.36 -6.67
CA THR N 43 -42.66 -67.38 -9.14
CA VAL N 44 -45.90 -66.27 -10.90
CA LEU N 45 -48.63 -65.80 -8.26
CA TRP N 46 -50.29 -62.49 -7.40
CA ALA N 47 -48.69 -60.19 -4.82
CA GLY N 48 -50.58 -60.94 -1.58
CA GLU N 49 -50.78 -64.73 -1.25
CA THR N 50 -48.39 -65.49 1.65
CA LYS N 51 -49.82 -68.90 2.68
CA TRP N 52 -48.17 -70.75 -0.21
CA LYS N 53 -45.16 -72.73 1.06
CA PRO N 54 -42.82 -73.27 -1.97
CA VAL N 55 -42.13 -76.96 -2.60
CA GLY N 56 -38.44 -77.85 -2.42
CA MET N 57 -37.63 -79.38 -5.85
CA ALA N 58 -36.26 -82.27 -3.75
CA ASP N 59 -39.70 -82.77 -2.13
CA LEU N 60 -41.32 -84.06 -5.37
CA VAL N 61 -39.43 -87.32 -6.10
CA THR N 62 -42.62 -89.40 -5.55
CA PRO N 63 -46.32 -89.07 -6.61
CA GLU N 64 -47.53 -88.99 -2.99
CA GLN N 65 -45.56 -85.73 -2.79
CA VAL N 66 -47.13 -84.37 -5.99
CA LYS N 67 -50.73 -85.64 -5.65
CA LYS N 68 -50.69 -84.53 -1.99
CA VAL N 69 -49.60 -80.97 -2.88
CA TYR N 70 -51.58 -80.81 -6.16
CA ARG N 71 -54.61 -80.66 -3.85
CA LYS N 72 -53.36 -77.55 -1.95
CA ALA N 73 -51.97 -75.93 -5.11
CA VAL N 74 -55.58 -75.99 -6.33
CA LEU N 75 -56.72 -74.33 -3.09
CA VAL N 76 -54.40 -71.41 -3.88
CA VAL N 77 -56.56 -70.62 -6.97
CA HIS N 78 -59.98 -71.77 -5.71
CA PRO N 79 -62.59 -69.50 -7.46
CA ASP N 80 -63.85 -68.11 -4.14
CA LYS N 81 -60.41 -66.46 -3.63
CA ALA N 82 -60.35 -65.34 -7.30
CA THR N 83 -63.90 -63.98 -7.63
CA GLY N 84 -63.91 -60.55 -9.32
CA GLN N 85 -60.47 -60.03 -7.69
CA PRO N 86 -57.70 -58.06 -9.53
CA TYR N 87 -56.00 -61.46 -10.10
CA GLU N 88 -59.25 -63.17 -11.19
CA GLN N 89 -57.77 -63.83 -14.65
CA TYR N 90 -54.68 -65.47 -13.09
CA ALA N 91 -56.70 -68.30 -11.50
CA LYS N 92 -58.23 -69.43 -14.82
CA MET N 93 -54.72 -69.44 -16.32
CA ILE N 94 -52.95 -71.45 -13.56
CA PHE N 95 -56.13 -73.34 -12.50
CA MET N 96 -56.48 -75.10 -15.89
CA GLU N 97 -52.72 -75.49 -16.52
CA LEU N 98 -52.31 -77.30 -13.18
CA ASN N 99 -55.14 -79.60 -14.38
CA ASP N 100 -53.69 -79.79 -17.92
CA ALA N 101 -50.29 -81.37 -17.24
CA TRP N 102 -51.94 -83.39 -14.45
CA SER N 103 -53.76 -85.38 -17.15
CA GLU N 104 -50.35 -86.12 -18.69
CA PHE N 105 -48.69 -86.66 -15.29
CA GLU N 106 -50.81 -89.83 -15.05
CA ASN N 107 -49.25 -91.14 -18.28
CA GLN N 108 -45.93 -89.24 -18.08
CA GLY N 109 -45.60 -89.41 -14.25
CA GLN N 110 -46.32 -93.14 -13.73
CA LYS N 111 -42.82 -93.79 -15.13
CA PRO N 112 -39.15 -93.48 -13.92
CA LEU N 113 -38.95 -89.61 -13.57
CA TYR N 114 -35.47 -89.01 -12.05
CA PRO O 1 -26.43 6.75 -75.48
CA ARG O 2 -29.61 8.87 -75.94
CA THR O 3 -32.41 6.85 -77.59
CA ILE O 4 -36.12 7.65 -77.12
CA ALA O 5 -36.22 4.23 -75.36
CA GLU O 6 -34.61 5.67 -72.18
CA MET O 7 -38.03 7.22 -71.45
CA ARG O 8 -40.29 4.15 -71.84
CA LYS O 9 -37.73 2.68 -69.38
CA GLU O 10 -40.46 3.46 -66.81
CA GLU O 11 -43.26 1.54 -68.56
CA MET O 12 -41.17 -1.64 -68.15
CA ALA O 13 -40.90 -0.89 -64.41
CA LYS O 14 -44.60 0.01 -64.29
CA GLU O 15 -45.43 -3.66 -63.66
CA MET O 16 -42.66 -6.29 -63.59
CA ASP O 17 -45.38 -8.95 -63.27
CA PRO O 18 -43.70 -12.41 -63.70
CA GLU O 19 -45.73 -12.76 -66.93
CA LYS O 20 -44.45 -9.56 -68.56
CA LEU O 21 -40.88 -10.52 -67.68
CA LYS O 22 -41.19 -13.15 -70.44
CA ILE O 23 -41.64 -10.27 -72.93
CA LEU O 24 -38.39 -8.55 -71.89
CA GLU O 25 -36.63 -11.83 -72.81
CA TRP O 26 -38.47 -12.03 -76.13
CA ILE O 27 -37.54 -8.54 -77.36
CA GLU O 28 -33.88 -8.79 -76.27
CA GLY O 29 -33.75 -11.98 -78.35
CA LYS O 30 -33.88 -10.17 -81.70
CA GLU O 31 -35.61 -6.75 -81.79
CA ARG O 32 -34.28 -6.48 -85.37
CA ASN O 33 -36.01 -9.43 -87.09
CA ILE O 34 -39.66 -8.45 -87.56
CA ARG O 35 -40.19 -11.72 -89.48
CA ALA O 36 -39.59 -13.62 -86.21
CA LEU O 37 -41.16 -11.10 -83.77
CA LEU O 38 -44.62 -11.56 -85.37
CA SER O 39 -43.95 -15.30 -85.90
CA THR O 40 -42.76 -15.78 -82.28
CA MET O 41 -45.12 -13.39 -80.48
CA HIS O 42 -47.43 -16.34 -79.66
CA THR O 43 -44.90 -17.47 -77.03
CA VAL O 44 -45.67 -14.25 -75.06
CA LEU O 45 -49.39 -13.44 -75.48
CA TRP O 46 -51.96 -13.40 -72.67
CA ALA O 47 -53.72 -16.64 -71.73
CA GLY O 48 -57.08 -16.46 -73.56
CA GLU O 49 -56.33 -15.39 -77.15
CA THR O 50 -57.02 -18.56 -79.18
CA LYS O 51 -57.63 -16.93 -82.60
CA TRP O 52 -53.92 -16.35 -83.26
CA LYS O 53 -52.63 -18.90 -85.80
CA PRO O 54 -48.82 -19.19 -85.25
CA VAL O 55 -46.86 -18.40 -88.43
CA GLY O 56 -44.68 -21.28 -89.60
CA MET O 57 -41.12 -19.83 -89.68
CA ALA O 58 -41.13 -21.17 -93.27
CA ASP O 59 -44.18 -18.99 -94.11
CA LEU O 60 -42.19 -15.71 -93.88
CA VAL O 61 -39.61 -15.98 -96.71
CA THR O 62 -41.22 -13.03 -98.58
CA PRO O 63 -42.57 -9.55 -97.58
CA GLU O 64 -46.08 -10.36 -98.86
CA GLN O 65 -46.09 -13.00 -96.11
CA VAL O 66 -44.89 -10.52 -93.47
CA LYS O 67 -46.80 -7.37 -94.49
CA LYS O 68 -49.92 -9.51 -94.94
CA VAL O 69 -49.67 -10.97 -91.41
CA TYR O 70 -48.28 -7.78 -89.80
CA ARG O 71 -51.82 -6.46 -90.37
CA LYS O 72 -53.50 -9.28 -88.38
CA ALA O 73 -50.74 -9.35 -85.74
CA VAL O 74 -51.80 -5.74 -85.04
CA LEU O 75 -55.44 -6.87 -84.73
CA VAL O 76 -54.38 -9.22 -81.92
CA VAL O 77 -53.43 -6.15 -79.80
CA HIS O 78 -55.98 -3.62 -81.09
CA PRO O 79 -56.77 -1.25 -78.13
CA ASP O 80 -60.45 -2.24 -78.09
CA LYS O 81 -59.39 -5.79 -77.05
CA ALA O 82 -56.84 -4.35 -74.56
CA THR O 83 -58.98 -1.66 -72.92
CA GLY O 84 -58.68 -1.78 -69.12
CA GLN O 85 -58.15 -5.57 -69.54
CA PRO O 86 -55.75 -7.50 -67.22
CA TYR O 87 -53.36 -7.66 -70.23
CA GLU O 88 -53.85 -3.97 -71.11
CA GLN O 89 -50.13 -3.30 -70.43
CA TYR O 90 -49.14 -6.15 -72.79
CA ALA O 91 -50.68 -4.46 -75.86
CA LYS O 92 -48.63 -1.27 -75.45
CA MET O 93 -45.49 -3.42 -75.14
CA ILE O 94 -46.06 -5.65 -78.20
CA PHE O 95 -48.11 -3.02 -80.11
CA MET O 96 -45.16 -0.59 -80.34
CA GLU O 97 -42.45 -3.25 -80.73
CA LEU O 98 -44.28 -4.71 -83.75
CA ASN O 99 -44.27 -1.16 -85.15
CA ASP O 100 -40.66 -0.55 -84.02
CA ALA O 101 -38.82 -3.25 -86.01
CA TRP O 102 -41.31 -2.68 -88.84
CA SER O 103 -39.66 0.70 -89.44
CA GLU O 104 -36.34 -1.15 -89.75
CA PHE O 105 -37.88 -4.03 -91.73
CA GLU O 106 -38.33 -1.49 -94.57
CA ASN O 107 -34.56 -0.83 -94.58
CA GLN O 108 -33.41 -4.20 -93.17
CA GLY O 109 -36.15 -6.31 -94.89
CA GLN O 110 -35.86 -4.91 -98.45
CA LYS O 111 -32.63 -6.94 -98.75
CA PRO O 112 -31.60 -10.63 -99.24
CA LEU O 113 -32.90 -12.07 -95.84
CA TYR O 114 -32.29 -15.85 -96.17
CA PRO P 1 94.91 112.31 -68.94
CA ARG P 2 94.55 116.10 -68.51
CA THR P 3 93.62 117.80 -71.81
CA ILE P 4 91.75 121.14 -71.98
CA ALA P 5 88.96 119.02 -73.58
CA GLU P 6 87.89 117.60 -70.18
CA MET P 7 86.27 121.01 -69.56
CA ARG P 8 84.21 121.40 -72.76
CA LYS P 9 82.99 117.92 -71.73
CA GLU P 10 79.97 119.88 -70.40
CA GLU P 11 79.18 121.67 -73.69
CA MET P 12 78.60 118.23 -75.28
CA ALA P 13 76.16 117.41 -72.45
CA LYS P 14 74.59 120.89 -72.74
CA GLU P 15 72.22 119.53 -75.42
CA MET P 16 72.47 115.90 -76.58
CA ASP P 17 69.82 116.71 -79.20
CA PRO P 18 69.57 113.68 -81.61
CA GLU P 19 70.91 116.02 -84.33
CA LYS P 20 74.09 117.01 -82.48
CA LEU P 21 74.79 113.35 -81.67
CA LYS P 22 75.71 113.01 -85.37
CA ILE P 23 78.56 115.48 -84.76
CA LEU P 24 80.06 113.42 -81.91
CA GLU P 25 80.31 110.55 -84.44
CA TRP P 26 81.88 112.82 -87.06
CA ILE P 27 84.70 114.15 -84.85
CA GLU P 28 85.57 110.73 -83.37
CA GLY P 29 85.94 109.54 -86.96
CA LYS P 30 89.19 111.45 -87.58
CA GLU P 31 89.79 114.62 -85.52
CA ARG P 32 93.30 114.59 -87.02
CA ASN P 33 92.59 114.97 -90.76
CA ILE P 34 91.55 118.59 -91.32
CA ARG P 35 91.42 117.87 -95.09
CA ALA P 36 88.44 115.56 -94.45
CA LEU P 37 86.81 117.50 -91.56
CA LEU P 38 86.16 120.52 -93.84
CA SER P 39 85.37 118.20 -96.80
CA THR P 40 82.99 116.04 -94.72
CA MET P 41 81.39 118.72 -92.52
CA HIS P 42 78.43 118.92 -94.95
CA THR P 43 77.20 115.57 -93.56
CA VAL P 44 76.61 117.33 -90.17
CA LEU P 45 75.41 120.91 -90.86
CA TRP P 46 72.00 122.31 -89.94
CA ALA P 47 69.10 121.86 -92.36
CA GLY P 48 68.92 125.19 -94.24
CA GLU P 49 72.48 126.06 -95.29
CA THR P 50 72.42 125.54 -99.09
CA LYS P 51 75.42 127.76 -100.02
CA TRP P 52 77.99 125.17 -98.90
CA LYS P 53 79.55 123.49 -101.96
CA PRO P 54 80.90 120.07 -100.77
CA VAL P 55 84.63 119.69 -101.46
CA GLY P 56 85.45 116.73 -103.72
CA MET P 57 87.86 114.57 -101.64
CA ALA P 58 90.07 114.84 -104.76
CA ASP P 59 90.09 118.67 -104.45
CA LEU P 60 92.22 118.64 -101.26
CA VAL P 61 95.56 117.11 -102.37
CA THR P 62 97.40 120.43 -101.69
CA PRO P 63 97.37 123.03 -98.83
CA GLU P 64 96.30 125.84 -101.19
CA GLN P 65 93.11 123.79 -101.61
CA VAL P 66 92.67 123.38 -97.84
CA LYS P 67 93.79 126.81 -96.58
CA LYS P 68 91.72 128.41 -99.36
CA VAL P 69 88.54 126.55 -98.34
CA TYR P 70 89.28 126.60 -94.58
CA ARG P 71 88.50 130.32 -94.91
CA LYS P 72 85.00 129.75 -96.39
CA ALA P 73 84.30 126.77 -94.12
CA VAL P 74 84.70 129.28 -91.27
CA LEU P 75 82.21 131.62 -92.99
CA VAL P 76 79.61 128.82 -92.83
CA VAL P 77 79.69 129.04 -89.00
CA HIS P 78 80.45 132.77 -88.55
CA PRO P 79 78.74 133.83 -85.24
CA ASP P 80 76.48 136.35 -87.02
CA LYS P 81 74.77 133.41 -88.80
CA ALA P 82 74.70 131.40 -85.54
CA THR P 83 73.47 134.09 -83.15
CA GLY P 84 70.64 132.79 -80.94
CA GLN P 85 69.69 130.55 -83.92
CA PRO P 86 68.30 126.99 -83.35
CA TYR P 87 71.75 125.73 -84.54
CA GLU P 88 73.67 128.24 -82.38
CA GLN P 89 75.26 125.34 -80.43
CA TYR P 90 76.41 123.69 -83.68
CA ALA P 91 78.70 126.61 -84.63
CA LYS P 92 80.68 126.45 -81.36
CA MET P 93 81.12 122.70 -81.93
CA ILE P 94 82.30 122.83 -85.58
CA PHE P 95 83.82 126.35 -85.26
CA MET P 96 86.44 125.23 -82.72
CA GLU P 97 86.99 121.75 -84.19
CA LEU P 98 87.83 123.29 -87.59
CA ASN P 99 90.35 125.46 -85.68
CA ASP P 100 91.51 122.50 -83.54
CA ALA P 101 92.86 120.14 -86.22
CA TRP P 102 94.04 123.21 -88.16
CA SER P 103 96.68 123.73 -85.46
CA GLU P 104 97.81 120.14 -86.10
CA PHE P 105 97.42 120.47 -89.88
CA GLU P 106 100.40 122.86 -89.74
CA ASN P 107 102.54 120.10 -88.17
CA GLN P 108 100.67 117.09 -89.59
CA GLY P 109 99.77 118.71 -92.98
CA GLN P 110 103.23 120.11 -93.90
CA LYS P 111 104.24 116.50 -94.68
CA PRO P 112 103.63 113.91 -97.49
CA LEU P 113 99.80 113.37 -96.98
CA TYR P 114 98.82 111.03 -99.87
CA PRO Q 1 38.23 61.98 -29.76
CA ARG Q 2 36.27 64.12 -27.24
CA THR Q 3 38.58 66.38 -25.20
CA ILE Q 4 37.44 69.66 -23.61
CA ALA Q 5 39.91 71.25 -26.10
CA GLU Q 6 37.47 70.80 -29.02
CA MET Q 7 35.54 73.77 -27.54
CA ARG Q 8 38.39 76.30 -27.14
CA LYS Q 9 38.96 75.39 -30.82
CA GLU Q 10 37.09 78.68 -31.44
CA GLU Q 11 39.35 80.86 -29.28
CA MET Q 12 42.26 79.93 -31.58
CA ALA Q 13 40.15 81.04 -34.58
CA LYS Q 14 39.04 84.16 -32.67
CA GLU Q 15 42.14 85.99 -33.95
CA MET Q 16 44.71 84.17 -36.12
CA ASP Q 17 46.87 87.32 -35.94
CA PRO Q 18 50.33 86.45 -37.46
CA GLU Q 19 51.76 87.01 -33.94
CA LYS Q 20 49.51 84.46 -32.19
CA LEU Q 21 50.28 81.90 -34.89
CA LYS Q 22 53.74 81.64 -33.27
CA ILE Q 23 52.02 80.35 -30.11
CA LEU Q 24 50.22 77.52 -31.94
CA GLU Q 25 53.71 76.34 -33.03
CA TRP Q 26 55.06 76.66 -29.48
CA ILE Q 27 52.36 74.53 -27.80
CA GLU Q 28 52.42 71.79 -30.48
CA GLY Q 29 56.15 71.56 -29.83
CA LYS Q 30 55.75 69.90 -26.41
CA GLU Q 31 52.53 70.60 -24.48
CA ARG Q 32 53.73 67.90 -22.05
CA ASN Q 33 57.00 69.38 -20.73
CA ILE Q 34 56.04 72.20 -18.34
CA ARG Q 35 59.76 72.64 -17.53
CA ALA Q 36 60.30 73.88 -21.11
CA LEU Q 37 56.95 75.68 -21.61
CA LEU Q 38 57.77 78.18 -18.81
CA SER Q 39 61.46 78.23 -19.85
CA THR Q 40 60.59 78.77 -23.56
CA MET Q 41 57.55 81.05 -23.20
CA HIS Q 42 59.81 84.11 -23.72
CA THR Q 43 60.01 83.20 -27.44
CA VAL Q 44 56.24 83.95 -27.70
CA LEU Q 45 55.42 86.89 -25.36
CA TRP Q 46 54.16 90.30 -26.49
CA ALA Q 47 56.68 92.99 -27.46
CA GLY Q 48 57.00 95.15 -24.33
CA GLU Q 49 57.42 92.78 -21.37
CA THR Q 50 61.09 93.28 -20.35
CA LYS Q 51 60.85 92.04 -16.73
CA TRP Q 52 60.79 88.36 -17.73
CA LYS Q 53 64.20 86.77 -17.02
CA PRO Q 54 64.50 83.69 -19.34
CA VAL Q 55 65.10 80.48 -17.37
CA GLY Q 56 68.34 78.74 -18.32
CA MET Q 57 67.26 75.23 -19.46
CA ALA Q 58 69.87 74.08 -16.89
CA ASP Q 59 67.99 75.92 -14.10
CA LEU Q 60 64.99 73.51 -14.19
CA VAL Q 61 66.49 70.13 -13.14
CA THR Q 62 64.39 70.12 -9.91
CA PRO Q 63 60.71 70.92 -9.03
CA GLU Q 64 61.72 73.68 -6.59
CA GLN Q 65 63.11 75.41 -9.68
CA VAL Q 66 59.89 74.87 -11.65
CA LYS Q 67 57.26 75.41 -8.93
CA LYS Q 68 59.20 78.48 -7.78
CA VAL Q 69 59.22 80.04 -11.27
CA TYR Q 70 55.75 78.74 -12.26
CA ARG Q 71 54.52 81.34 -9.73
CA LYS Q 72 56.27 84.27 -11.47
CA ALA Q 73 55.49 82.93 -14.97
CA VAL Q 74 51.84 83.33 -13.93
CA LEU Q 75 52.53 86.92 -12.85
CA VAL Q 76 53.68 87.69 -16.40
CA VAL Q 77 50.11 87.01 -17.64
CA HIS Q 78 48.12 88.15 -14.59
CA PRO Q 79 44.75 89.52 -15.95
CA ASP Q 80 45.41 93.01 -14.57
CA LYS Q 81 48.35 93.32 -17.04
CA ALA Q 82 46.24 91.76 -19.83
CA THR Q 83 42.99 93.69 -19.36
CA GLY Q 84 41.67 95.01 -22.69
CA GLN Q 85 45.35 95.26 -23.76
CA PRO Q 86 46.39 94.52 -27.40
CA TYR Q 87 47.84 91.22 -26.07
CA GLU Q 88 44.75 90.44 -23.97
CA GLN Q 89 44.10 87.29 -26.04
CA TYR Q 90 47.69 86.10 -25.44
CA ALA Q 91 47.22 85.81 -21.66
CA LYS Q 92 44.24 83.43 -21.96
CA MET Q 93 46.30 81.29 -24.34
CA ILE Q 94 49.50 81.05 -22.24
CA PHE Q 95 47.67 81.46 -18.89
CA MET Q 96 45.70 78.22 -19.30
CA GLU Q 97 48.47 76.28 -21.08
CA LEU Q 98 50.86 76.98 -18.18
CA ASN Q 99 48.12 75.59 -15.91
CA ASP Q 100 47.35 72.72 -18.34
CA ALA Q 101 50.71 70.90 -18.40
CA TRP Q 102 51.12 71.81 -14.70
CA SER Q 103 48.33 69.33 -13.93
CA GLU Q 104 50.36 66.70 -15.80
CA PHE Q 105 53.67 67.91 -14.33
CA GLU Q 106 52.39 66.56 -10.99
CA ASN Q 107 52.02 63.07 -12.52
CA GLN Q 108 54.67 63.41 -15.26
CA GLY Q 109 57.10 65.61 -13.24
CA GLN Q 110 57.19 63.58 -9.98
CA LYS Q 111 59.36 61.06 -11.88
CA PRO Q 112 63.02 60.80 -13.10
CA LEU Q 113 62.97 63.66 -15.75
CA TYR Q 114 66.61 63.86 -16.95
CA PRO R 1 30.17 83.93 -117.21
CA ARG R 2 27.05 86.16 -117.37
CA THR R 3 24.18 84.71 -115.30
CA ILE R 4 21.39 86.84 -113.79
CA ALA R 5 22.89 85.72 -110.43
CA GLU R 6 25.81 88.18 -110.75
CA MET R 7 23.29 90.90 -109.80
CA ARG R 8 21.76 89.36 -106.65
CA LYS R 9 25.45 89.07 -105.69
CA GLU R 10 24.70 92.21 -103.65
CA GLU R 11 21.74 90.76 -101.71
CA MET R 12 24.13 88.14 -100.27
CA ALA R 13 26.45 90.98 -99.15
CA LYS R 14 23.43 92.97 -97.88
CA GLU R 15 23.73 91.18 -94.52
CA MET R 16 26.37 88.47 -93.98
CA ASP R 17 24.82 87.84 -90.55
CA PRO R 18 26.45 84.63 -89.10
CA GLU R 19 22.98 83.00 -89.39
CA LYS R 20 22.53 83.66 -93.12
CA LEU R 21 26.04 82.34 -93.79
CA LYS R 22 24.57 78.89 -93.08
CA ILE R 23 22.30 79.36 -96.12
CA LEU R 24 25.22 80.07 -98.48
CA GLU R 25 26.58 76.65 -97.44
CA TRP R 26 23.19 75.00 -97.98
CA ILE R 27 22.66 76.24 -101.55
CA GLU R 28 26.25 75.49 -102.68
CA GLY R 29 25.62 71.95 -101.44
CA LYS R 30 23.25 71.04 -104.30
CA GLU R 31 21.30 73.90 -105.93
CA ARG R 32 20.20 71.30 -108.51
CA ASN R 33 18.28 68.78 -106.37
CA ILE R 34 14.96 70.43 -105.47
CA ARG R 35 13.91 67.15 -103.75
CA ALA R 36 16.61 67.78 -101.12
CA LEU R 37 16.41 71.61 -100.98
CA LEU R 38 12.81 71.47 -99.69
CA SER R 39 13.61 68.36 -97.58
CA THR R 40 16.76 69.97 -96.09
CA MET R 41 15.58 73.59 -95.76
CA HIS R 42 14.69 72.93 -92.09
CA THR R 43 18.43 72.99 -91.28
CA VAL R 44 18.47 76.71 -92.27
CA LEU R 45 15.14 78.29 -91.19
CA TRP R 46 14.76 81.03 -88.58
CA ALA R 47 14.43 80.06 -84.91
CA GLY R 48 10.67 80.17 -84.24
CA GLU R 49 8.97 78.31 -87.11
CA THR R 50 7.73 75.08 -85.46
CA LYS R 51 4.97 74.18 -87.98
CA TRP R 52 7.44 72.85 -90.57
CA LYS R 53 7.35 69.03 -90.60
CA PRO R 54 10.73 67.86 -92.04
CA VAL R 55 10.29 65.65 -95.12
CA GLY R 56 11.79 62.17 -94.70
CA MET R 57 14.33 61.86 -97.56
CA ALA R 58 12.41 58.63 -98.31
CA ASP R 59 9.16 60.63 -98.77
CA LEU R 60 10.36 62.30 -102.02
CA VAL R 61 10.79 59.38 -104.46
CA THR R 62 7.93 60.72 -106.68
CA PRO R 63 6.92 64.19 -108.03
CA GLU R 64 3.50 64.04 -106.31
CA GLN R 65 5.53 64.05 -103.09
CA VAL R 66 7.65 67.01 -104.19
CA LYS R 67 5.04 69.15 -106.01
CA LYS R 68 2.63 68.50 -103.11
CA VAL R 69 5.14 69.72 -100.49
CA TYR R 70 6.69 72.43 -102.71
CA ARG R 71 3.36 74.19 -102.16
CA LYS R 72 3.63 74.16 -98.33
CA ALA R 73 7.39 74.86 -98.40
CA VAL R 74 6.40 78.12 -100.12
CA LEU R 75 3.88 78.83 -97.34
CA VAL R 76 6.74 78.71 -94.83
CA VAL R 77 8.26 81.82 -96.49
CA HIS R 78 5.08 83.58 -97.65
CA PRO R 79 5.84 87.38 -97.54
CA ASP R 80 3.10 88.03 -94.97
CA LYS R 81 5.11 85.93 -92.44
CA ALA R 82 8.37 87.63 -93.56
CA THR R 83 7.22 91.26 -93.64
CA GLY R 84 9.73 93.53 -91.87
CA GLN R 85 10.48 90.52 -89.61
CA PRO R 86 14.06 89.88 -88.30
CA TYR R 87 14.20 86.98 -90.84
CA GLU R 88 12.71 89.07 -93.67
CA GLN R 89 15.95 88.67 -95.68
CA TYR R 90 15.79 84.87 -95.26
CA ALA R 91 12.50 84.55 -97.19
CA LYS R 92 13.87 86.27 -100.32
CA MET R 93 16.88 83.93 -100.18
CA ILE R 94 14.97 80.62 -99.76
CA PHE R 95 11.80 81.88 -101.55
CA MET R 96 13.62 82.35 -104.89
CA GLU R 97 15.95 79.34 -104.51
CA LEU R 98 12.96 77.03 -104.00
CA ASN R 99 11.57 78.53 -107.24
CA ASP R 100 15.01 78.41 -108.94
CA ALA R 101 15.73 74.66 -108.88
CA TRP R 102 11.98 74.07 -109.40
CA SER R 103 12.41 75.40 -112.95
CA GLU R 104 15.15 72.78 -113.43
CA PHE R 105 13.21 70.09 -111.55
CA GLU R 106 10.79 70.12 -114.50
CA ASN R 107 13.66 69.23 -116.88
CA GLN R 108 15.92 67.47 -114.34
CA GLY R 109 13.08 65.88 -112.27
CA GLN R 110 10.98 64.43 -115.15
CA LYS R 111 13.69 61.74 -115.45
CA PRO R 112 14.80 58.57 -113.54
CA LEU R 113 16.00 60.24 -110.24
CA TYR R 114 16.88 57.26 -107.97
#